data_9C1X
#
_entry.id   9C1X
#
_cell.length_a   1.00
_cell.length_b   1.00
_cell.length_c   1.00
_cell.angle_alpha   90.00
_cell.angle_beta   90.00
_cell.angle_gamma   90.00
#
_symmetry.space_group_name_H-M   'P 1'
#
_entity_poly.entity_id   1
_entity_poly.type   'polypeptide(L)'
_entity_poly.pdbx_seq_one_letter_code
;MMSREADHTIKGFLYQFNKTLNSILSSTDQDEIQIEGIIEDIDIKNSNITNAIQCKYHESKVRHNLSDIYKPILQMLLHF
LENDSLNIKYALYAYFPNEQVGVKEVTKSQIEEILSSSNFDYISKYISKIKPPKEQIIKELLGKTSKTTEDKTRIKKYYE
TSKLETIVDIDKFLRDHFVFEIGLSYEELMNETKNLLMKEGFSLEDVKDLFYPNSIQYIAELSILPEAEKRISSKNKLID
YLKGNKKTAMSRWTSEVLTRKQLLKVRKNQLVPSLNINSRSRYFIIDPDTIDNFDDEFILFVKDYLDKYNSKIKLHTETP
CFILKTDVNNLSEYHKRFVSRNIQIITGYIGDTFYFKEFNKEPKRIIKDNWVEFKARISCNSDEVIKCINYKKCDDLYIV
GGVDVSLLDTADVNIENLEINNFRELKYLLSMLKEI
;
_entity_poly.pdbx_strand_id   A,B,C,D,E,F,G,H,I,J,K,L
#
# COMPACT_ATOMS: atom_id res chain seq x y z
N MET A 1 64.82 -6.73 -12.06
CA MET A 1 65.89 -5.80 -11.62
C MET A 1 65.33 -4.40 -11.39
N MET A 2 65.04 -4.09 -10.13
CA MET A 2 64.50 -2.78 -9.79
C MET A 2 65.52 -1.68 -10.06
N SER A 3 65.03 -0.54 -10.51
CA SER A 3 65.92 0.59 -10.80
C SER A 3 66.54 1.12 -9.51
N ARG A 4 67.78 1.63 -9.65
CA ARG A 4 68.48 2.15 -8.48
C ARG A 4 67.75 3.35 -7.89
N GLU A 5 67.03 4.12 -8.71
CA GLU A 5 66.25 5.23 -8.18
C GLU A 5 65.15 4.74 -7.26
N ALA A 6 64.51 3.61 -7.60
CA ALA A 6 63.50 3.04 -6.72
C ALA A 6 64.10 2.64 -5.38
N ASP A 7 65.30 2.04 -5.40
CA ASP A 7 65.96 1.68 -4.16
C ASP A 7 66.32 2.91 -3.34
N HIS A 8 66.76 3.97 -4.01
CA HIS A 8 67.06 5.22 -3.31
C HIS A 8 65.81 5.78 -2.64
N THR A 9 64.68 5.77 -3.35
CA THR A 9 63.43 6.26 -2.78
C THR A 9 62.99 5.39 -1.60
N ILE A 10 63.16 4.08 -1.72
CA ILE A 10 62.79 3.17 -0.63
C ILE A 10 63.65 3.46 0.60
N LYS A 11 64.95 3.66 0.40
CA LYS A 11 65.83 3.98 1.52
C LYS A 11 65.48 5.33 2.14
N GLY A 12 65.11 6.30 1.31
CA GLY A 12 64.66 7.57 1.84
C GLY A 12 63.41 7.44 2.69
N PHE A 13 62.46 6.62 2.24
CA PHE A 13 61.28 6.36 3.05
C PHE A 13 61.64 5.62 4.34
N LEU A 14 62.65 4.74 4.30
CA LEU A 14 63.10 4.08 5.51
C LEU A 14 63.69 5.08 6.50
N TYR A 15 64.49 6.02 6.00
CA TYR A 15 65.04 7.06 6.88
C TYR A 15 63.93 7.93 7.44
N GLN A 16 62.91 8.22 6.63
CA GLN A 16 61.75 8.95 7.14
C GLN A 16 61.02 8.14 8.20
N PHE A 17 60.98 6.82 8.06
CA PHE A 17 60.40 5.99 9.10
C PHE A 17 61.19 6.13 10.40
N ASN A 18 62.52 6.13 10.29
CA ASN A 18 63.35 6.31 11.49
C ASN A 18 63.08 7.66 12.15
N LYS A 19 62.99 8.72 11.34
CA LYS A 19 62.71 10.04 11.89
C LYS A 19 61.33 10.08 12.55
N THR A 20 60.34 9.45 11.92
CA THR A 20 59.00 9.41 12.50
C THR A 20 58.99 8.66 13.81
N LEU A 21 59.72 7.54 13.89
CA LEU A 21 59.81 6.80 15.15
C LEU A 21 60.47 7.65 16.23
N ASN A 22 61.54 8.35 15.88
CA ASN A 22 62.19 9.23 16.86
C ASN A 22 61.23 10.31 17.34
N SER A 23 60.47 10.91 16.43
CA SER A 23 59.52 11.95 16.81
C SER A 23 58.42 11.38 17.72
N ILE A 24 57.90 10.21 17.38
CA ILE A 24 56.84 9.61 18.18
C ILE A 24 57.36 9.29 19.58
N LEU A 25 58.56 8.72 19.67
CA LEU A 25 59.14 8.43 20.98
C LEU A 25 59.34 9.71 21.78
N SER A 26 59.86 10.76 21.13
CA SER A 26 60.15 12.00 21.84
C SER A 26 58.87 12.67 22.34
N SER A 27 57.90 12.85 21.44
CA SER A 27 56.65 13.53 21.78
C SER A 27 56.92 14.93 22.34
N THR A 28 58.05 15.52 21.96
CA THR A 28 58.43 16.86 22.39
C THR A 28 59.07 17.57 21.20
N ASP A 29 59.70 18.72 21.46
CA ASP A 29 60.37 19.47 20.41
C ASP A 29 61.31 18.57 19.64
N GLN A 30 61.07 18.44 18.34
CA GLN A 30 61.75 17.48 17.49
C GLN A 30 62.45 18.19 16.34
N ASP A 31 63.39 17.47 15.72
CA ASP A 31 64.20 18.01 14.63
C ASP A 31 63.34 18.64 13.54
N GLU A 32 63.95 19.50 12.73
CA GLU A 32 63.26 20.25 11.69
C GLU A 32 63.44 19.50 10.36
N ILE A 33 62.43 18.74 9.97
CA ILE A 33 62.50 17.95 8.74
C ILE A 33 62.13 18.82 7.56
N GLN A 34 63.00 18.88 6.56
CA GLN A 34 62.72 19.54 5.30
C GLN A 34 63.05 18.58 4.16
N ILE A 35 62.09 18.38 3.26
CA ILE A 35 62.26 17.44 2.16
C ILE A 35 63.26 17.99 1.15
N GLU A 36 63.71 17.15 0.23
CA GLU A 36 64.69 17.51 -0.77
C GLU A 36 64.18 17.17 -2.17
N GLY A 37 64.53 18.00 -3.14
CA GLY A 37 64.17 17.75 -4.52
C GLY A 37 65.26 17.00 -5.28
N ILE A 38 65.68 15.86 -4.76
CA ILE A 38 66.74 15.08 -5.39
C ILE A 38 66.21 13.92 -6.23
N ILE A 39 64.94 13.56 -6.08
CA ILE A 39 64.39 12.46 -6.87
C ILE A 39 64.42 12.81 -8.36
N GLU A 40 64.10 14.05 -8.70
CA GLU A 40 64.33 14.59 -10.03
C GLU A 40 64.70 16.07 -9.89
N ASP A 41 64.98 16.71 -11.03
CA ASP A 41 65.35 18.13 -11.05
C ASP A 41 64.08 18.98 -10.95
N ILE A 42 63.52 19.00 -9.75
CA ILE A 42 62.29 19.76 -9.52
C ILE A 42 62.58 21.26 -9.61
N ASP A 43 63.74 21.69 -9.15
CA ASP A 43 64.13 23.10 -9.13
C ASP A 43 63.15 23.90 -8.27
N ILE A 44 63.07 23.51 -7.00
CA ILE A 44 62.17 24.18 -6.06
C ILE A 44 62.66 25.59 -5.74
N LYS A 45 63.93 25.89 -6.04
CA LYS A 45 64.52 27.20 -5.73
C LYS A 45 64.54 27.45 -4.22
N ASN A 46 64.98 26.43 -3.49
CA ASN A 46 65.11 26.50 -2.05
C ASN A 46 66.53 26.16 -1.63
N SER A 47 66.95 26.69 -0.49
CA SER A 47 68.32 26.55 0.00
C SER A 47 68.44 25.60 1.18
N ASN A 48 67.53 25.65 2.13
CA ASN A 48 67.63 24.88 3.38
C ASN A 48 67.28 23.42 3.10
N ILE A 49 68.23 22.70 2.52
CA ILE A 49 68.14 21.26 2.32
C ILE A 49 69.36 20.63 2.99
N THR A 50 69.12 19.73 3.93
CA THR A 50 70.19 19.08 4.67
C THR A 50 70.09 17.56 4.65
N ASN A 51 68.88 17.01 4.68
CA ASN A 51 68.71 15.56 4.73
C ASN A 51 69.30 14.90 3.50
N ALA A 52 68.69 15.13 2.34
CA ALA A 52 69.15 14.58 1.06
C ALA A 52 69.58 13.12 1.21
N ILE A 53 68.63 12.30 1.64
CA ILE A 53 68.89 10.90 1.94
C ILE A 53 68.75 10.09 0.65
N GLN A 54 69.84 9.45 0.24
CA GLN A 54 69.86 8.67 -1.00
C GLN A 54 70.64 7.37 -0.78
N CYS A 55 70.37 6.68 0.33
CA CYS A 55 71.08 5.44 0.63
C CYS A 55 70.68 4.35 -0.35
N LYS A 56 71.49 3.29 -0.39
CA LYS A 56 71.19 2.10 -1.18
C LYS A 56 71.98 0.94 -0.60
N TYR A 57 71.40 -0.25 -0.69
CA TYR A 57 71.96 -1.41 -0.02
C TYR A 57 72.11 -2.57 -1.01
N HIS A 58 73.02 -3.49 -0.68
CA HIS A 58 73.27 -4.68 -1.47
C HIS A 58 73.11 -5.93 -0.62
N GLU A 59 73.47 -7.09 -1.18
CA GLU A 59 73.44 -8.32 -0.41
C GLU A 59 74.49 -8.26 0.70
N SER A 60 74.14 -8.82 1.86
CA SER A 60 75.02 -8.83 3.02
C SER A 60 75.31 -10.28 3.41
N LYS A 61 76.59 -10.58 3.65
CA LYS A 61 77.02 -11.92 4.04
C LYS A 61 77.52 -11.97 5.47
N VAL A 62 78.49 -11.14 5.83
CA VAL A 62 78.92 -11.02 7.22
C VAL A 62 79.78 -9.77 7.36
N ARG A 63 79.66 -9.09 8.49
CA ARG A 63 80.50 -7.92 8.80
C ARG A 63 80.30 -6.89 7.67
N HIS A 64 81.35 -6.17 7.28
CA HIS A 64 81.29 -5.22 6.18
C HIS A 64 82.46 -5.48 5.24
N ASN A 65 82.34 -4.97 4.03
CA ASN A 65 83.35 -5.15 3.00
C ASN A 65 83.62 -3.82 2.31
N LEU A 66 84.83 -3.68 1.77
CA LEU A 66 85.13 -2.51 0.96
C LEU A 66 84.20 -2.41 -0.25
N SER A 67 83.60 -3.53 -0.66
CA SER A 67 82.66 -3.56 -1.76
C SER A 67 81.24 -3.20 -1.33
N ASP A 68 81.07 -2.66 -0.13
CA ASP A 68 79.75 -2.26 0.35
C ASP A 68 79.41 -0.82 -0.01
N ILE A 69 80.33 -0.09 -0.65
CA ILE A 69 80.08 1.26 -1.14
C ILE A 69 80.44 1.29 -2.62
N TYR A 70 79.56 1.86 -3.43
CA TYR A 70 79.66 1.78 -4.88
C TYR A 70 79.32 3.15 -5.47
N LYS A 71 79.07 3.17 -6.78
CA LYS A 71 78.66 4.35 -7.55
C LYS A 71 77.73 5.27 -6.77
N PRO A 72 76.74 4.74 -6.01
CA PRO A 72 75.95 5.62 -5.15
C PRO A 72 76.79 6.66 -4.43
N ILE A 73 77.99 6.26 -4.01
CA ILE A 73 78.97 7.24 -3.54
C ILE A 73 79.24 8.26 -4.64
N LEU A 74 79.51 7.77 -5.85
CA LEU A 74 79.74 8.67 -6.97
C LEU A 74 78.49 9.47 -7.31
N GLN A 75 77.31 8.88 -7.11
CA GLN A 75 76.08 9.64 -7.35
C GLN A 75 75.97 10.82 -6.39
N MET A 76 76.26 10.60 -5.11
CA MET A 76 76.27 11.70 -4.17
C MET A 76 77.35 12.72 -4.54
N LEU A 77 78.51 12.24 -4.99
CA LEU A 77 79.59 13.15 -5.38
C LEU A 77 79.16 14.06 -6.52
N LEU A 78 78.50 13.50 -7.53
CA LEU A 78 78.06 14.32 -8.66
C LEU A 78 76.88 15.20 -8.27
N HIS A 79 76.01 14.74 -7.38
CA HIS A 79 74.92 15.58 -6.91
C HIS A 79 75.43 16.76 -6.08
N PHE A 80 76.62 16.64 -5.49
CA PHE A 80 77.20 17.80 -4.81
C PHE A 80 77.42 18.94 -5.79
N LEU A 81 77.90 18.63 -6.99
CA LEU A 81 78.03 19.62 -8.05
C LEU A 81 76.62 19.97 -8.55
N GLU A 82 76.12 21.12 -8.09
CA GLU A 82 74.78 21.57 -8.44
C GLU A 82 74.86 22.88 -9.20
N ASN A 83 73.87 23.11 -10.06
CA ASN A 83 73.89 24.30 -10.90
C ASN A 83 73.86 25.58 -10.05
N ASP A 84 73.05 25.59 -8.99
CA ASP A 84 72.98 26.74 -8.11
C ASP A 84 73.87 26.61 -6.87
N SER A 85 74.40 25.42 -6.61
CA SER A 85 75.38 25.21 -5.54
C SER A 85 74.81 25.63 -4.19
N LEU A 86 73.76 24.93 -3.77
CA LEU A 86 73.10 25.14 -2.49
C LEU A 86 73.41 23.98 -1.55
N ASN A 87 72.82 24.03 -0.35
CA ASN A 87 73.00 22.98 0.64
C ASN A 87 72.38 21.69 0.14
N ILE A 88 73.22 20.72 -0.22
CA ILE A 88 72.76 19.43 -0.73
C ILE A 88 73.42 18.33 0.09
N LYS A 89 73.69 18.62 1.36
CA LYS A 89 74.45 17.69 2.20
C LYS A 89 73.77 16.34 2.25
N TYR A 90 74.53 15.28 1.98
CA TYR A 90 74.01 13.92 1.86
C TYR A 90 74.34 13.11 3.12
N ALA A 91 73.70 11.93 3.21
CA ALA A 91 73.91 11.04 4.33
C ALA A 91 73.68 9.61 3.87
N LEU A 92 74.46 8.68 4.43
CA LEU A 92 74.38 7.27 4.12
C LEU A 92 74.11 6.47 5.39
N TYR A 93 73.18 5.52 5.31
CA TYR A 93 72.73 4.75 6.46
C TYR A 93 72.60 3.27 6.10
N ALA A 94 73.52 2.75 5.30
CA ALA A 94 73.45 1.36 4.88
C ALA A 94 73.62 0.42 6.07
N TYR A 95 72.94 -0.71 6.01
CA TYR A 95 72.98 -1.68 7.08
C TYR A 95 74.28 -2.48 7.07
N PHE A 96 74.67 -2.96 8.25
CA PHE A 96 75.85 -3.80 8.40
C PHE A 96 75.63 -4.76 9.57
N PRO A 97 75.56 -6.08 9.34
CA PRO A 97 75.30 -7.00 10.45
C PRO A 97 76.25 -6.84 11.62
N ASN A 98 77.55 -6.95 11.37
CA ASN A 98 78.58 -6.87 12.42
C ASN A 98 79.54 -5.75 12.04
N GLU A 99 79.22 -4.54 12.46
CA GLU A 99 80.05 -3.37 12.17
C GLU A 99 80.01 -2.41 13.34
N GLN A 100 81.16 -1.80 13.62
CA GLN A 100 81.25 -0.77 14.65
C GLN A 100 80.37 0.42 14.27
N VAL A 101 79.37 0.72 15.08
CA VAL A 101 78.42 1.79 14.76
C VAL A 101 79.16 3.12 14.87
N GLY A 102 79.44 3.74 13.74
CA GLY A 102 80.14 5.02 13.74
C GLY A 102 80.32 5.51 12.33
N VAL A 103 80.89 6.70 12.22
CA VAL A 103 81.12 7.33 10.93
C VAL A 103 82.40 6.77 10.32
N LYS A 104 82.51 6.86 8.99
CA LYS A 104 83.67 6.36 8.27
C LYS A 104 84.87 7.31 8.34
N GLU A 105 84.70 8.49 8.94
CA GLU A 105 85.77 9.48 9.02
C GLU A 105 86.09 10.02 7.63
N VAL A 106 86.67 11.22 7.56
CA VAL A 106 86.86 11.92 6.30
C VAL A 106 88.32 11.89 5.90
N THR A 107 89.05 10.87 6.33
CA THR A 107 90.44 10.73 5.95
C THR A 107 90.58 10.70 4.43
N LYS A 108 91.49 11.51 3.90
CA LYS A 108 91.61 11.64 2.45
C LYS A 108 92.14 10.37 1.80
N SER A 109 93.02 9.64 2.48
CA SER A 109 93.60 8.44 1.88
C SER A 109 92.54 7.40 1.56
N GLN A 110 91.63 7.16 2.51
CA GLN A 110 90.56 6.19 2.27
C GLN A 110 89.66 6.62 1.12
N ILE A 111 89.32 7.91 1.07
CA ILE A 111 88.45 8.41 0.01
C ILE A 111 89.12 8.25 -1.35
N GLU A 112 90.41 8.58 -1.43
CA GLU A 112 91.13 8.44 -2.69
C GLU A 112 91.23 6.98 -3.11
N GLU A 113 91.47 6.08 -2.14
CA GLU A 113 91.48 4.66 -2.46
C GLU A 113 90.13 4.21 -2.99
N ILE A 114 89.04 4.72 -2.40
CA ILE A 114 87.70 4.39 -2.87
C ILE A 114 87.49 4.92 -4.29
N LEU A 115 88.08 6.08 -4.60
CA LEU A 115 87.95 6.65 -5.93
C LEU A 115 88.53 5.75 -7.00
N SER A 116 89.41 4.82 -6.63
CA SER A 116 90.03 3.89 -7.57
C SER A 116 89.23 2.59 -7.69
N SER A 117 87.93 2.72 -7.95
CA SER A 117 87.10 1.52 -8.11
C SER A 117 87.48 0.75 -9.37
N SER A 118 87.74 1.48 -10.46
CA SER A 118 88.17 0.87 -11.72
C SER A 118 87.12 -0.12 -12.25
N ASN A 119 85.95 0.42 -12.55
CA ASN A 119 84.88 -0.34 -13.19
C ASN A 119 84.34 0.45 -14.37
N PHE A 120 84.14 -0.24 -15.50
CA PHE A 120 83.71 0.46 -16.70
C PHE A 120 82.34 1.11 -16.52
N ASP A 121 81.41 0.41 -15.86
CA ASP A 121 80.11 1.00 -15.63
C ASP A 121 80.23 2.32 -14.88
N TYR A 122 80.95 2.32 -13.76
CA TYR A 122 81.14 3.54 -12.99
C TYR A 122 81.90 4.59 -13.80
N ILE A 123 82.93 4.16 -14.52
CA ILE A 123 83.77 5.10 -15.25
C ILE A 123 82.96 5.83 -16.31
N SER A 124 82.15 5.09 -17.07
CA SER A 124 81.43 5.64 -18.20
C SER A 124 80.08 6.24 -17.83
N LYS A 125 79.57 5.97 -16.62
CA LYS A 125 78.26 6.51 -16.24
C LYS A 125 78.37 7.96 -15.78
N TYR A 126 79.18 8.21 -14.76
CA TYR A 126 79.27 9.54 -14.16
C TYR A 126 80.68 10.03 -13.90
N ILE A 127 81.68 9.13 -13.82
CA ILE A 127 83.04 9.58 -13.51
C ILE A 127 83.56 10.51 -14.60
N SER A 128 83.19 10.22 -15.86
CA SER A 128 83.66 11.06 -16.96
C SER A 128 83.25 12.51 -16.77
N LYS A 129 82.01 12.74 -16.34
CA LYS A 129 81.57 14.10 -16.06
C LYS A 129 82.34 14.70 -14.89
N ILE A 130 82.58 13.91 -13.85
CA ILE A 130 83.31 14.40 -12.68
C ILE A 130 84.73 14.81 -13.08
N LYS A 131 85.40 13.96 -13.87
CA LYS A 131 86.76 14.22 -14.32
C LYS A 131 86.75 14.46 -15.82
N PRO A 132 86.77 15.71 -16.28
CA PRO A 132 86.84 15.98 -17.72
C PRO A 132 88.10 15.37 -18.30
N PRO A 133 87.99 14.36 -19.17
CA PRO A 133 89.19 13.75 -19.75
C PRO A 133 89.86 14.71 -20.71
N LYS A 134 91.16 14.91 -20.52
CA LYS A 134 91.91 15.77 -21.43
C LYS A 134 91.85 15.25 -22.86
N GLU A 135 91.60 13.95 -23.03
CA GLU A 135 91.41 13.37 -24.34
C GLU A 135 89.99 13.67 -24.83
N GLN A 136 89.89 14.53 -25.85
CA GLN A 136 88.59 14.74 -26.48
C GLN A 136 88.08 13.48 -27.17
N ILE A 137 88.98 12.53 -27.45
CA ILE A 137 88.56 11.25 -28.01
C ILE A 137 87.60 10.55 -27.06
N ILE A 138 87.91 10.55 -25.77
CA ILE A 138 87.04 9.94 -24.78
C ILE A 138 85.65 10.54 -24.86
N LYS A 139 85.58 11.87 -24.87
CA LYS A 139 84.30 12.57 -24.85
C LYS A 139 83.50 12.27 -26.12
N GLU A 140 84.16 12.33 -27.28
CA GLU A 140 83.42 12.17 -28.53
C GLU A 140 83.00 10.72 -28.75
N LEU A 141 83.78 9.75 -28.26
CA LEU A 141 83.33 8.36 -28.36
C LEU A 141 82.23 8.06 -27.33
N LEU A 142 82.23 8.76 -26.19
CA LEU A 142 81.14 8.61 -25.24
C LEU A 142 79.86 9.23 -25.79
N GLY A 143 79.98 10.30 -26.57
CA GLY A 143 78.80 10.93 -27.14
C GLY A 143 78.17 10.20 -28.30
N LYS A 144 78.90 9.25 -28.89
CA LYS A 144 78.36 8.47 -30.01
C LYS A 144 77.51 7.30 -29.56
N THR A 145 77.44 7.02 -28.27
CA THR A 145 76.63 5.91 -27.74
C THR A 145 76.98 4.60 -28.44
N SER A 146 78.28 4.38 -28.63
CA SER A 146 78.76 3.15 -29.28
C SER A 146 80.13 2.82 -28.71
N LYS A 147 80.24 1.68 -28.04
CA LYS A 147 81.48 1.26 -27.41
C LYS A 147 81.61 -0.26 -27.54
N THR A 148 82.84 -0.75 -27.41
CA THR A 148 83.15 -2.16 -27.51
C THR A 148 84.11 -2.55 -26.39
N THR A 149 84.44 -3.83 -26.33
CA THR A 149 85.33 -4.32 -25.27
C THR A 149 86.68 -3.64 -25.34
N GLU A 150 87.24 -3.50 -26.56
CA GLU A 150 88.50 -2.79 -26.70
C GLU A 150 88.38 -1.36 -26.20
N ASP A 151 87.22 -0.73 -26.42
CA ASP A 151 87.02 0.62 -25.90
C ASP A 151 87.07 0.65 -24.39
N LYS A 152 86.43 -0.32 -23.73
CA LYS A 152 86.50 -0.37 -22.27
C LYS A 152 87.93 -0.58 -21.81
N THR A 153 88.67 -1.47 -22.47
CA THR A 153 90.04 -1.75 -22.06
C THR A 153 90.91 -0.51 -22.20
N ARG A 154 90.81 0.19 -23.34
CA ARG A 154 91.65 1.36 -23.57
C ARG A 154 91.26 2.50 -22.63
N ILE A 155 89.97 2.65 -22.32
CA ILE A 155 89.55 3.66 -21.36
C ILE A 155 90.13 3.33 -19.99
N LYS A 156 90.08 2.06 -19.60
CA LYS A 156 90.62 1.66 -18.30
C LYS A 156 92.13 1.91 -18.23
N LYS A 157 92.85 1.60 -19.31
CA LYS A 157 94.29 1.87 -19.31
C LYS A 157 94.57 3.36 -19.27
N TYR A 158 93.77 4.17 -19.97
CA TYR A 158 93.96 5.61 -19.94
C TYR A 158 93.72 6.16 -18.54
N TYR A 159 92.72 5.65 -17.84
CA TYR A 159 92.36 6.14 -16.52
C TYR A 159 93.18 5.50 -15.40
N GLU A 160 93.93 4.44 -15.68
CA GLU A 160 94.71 3.74 -14.66
C GLU A 160 96.18 4.17 -14.68
N THR A 161 96.85 3.97 -15.81
CA THR A 161 98.25 4.37 -15.91
C THR A 161 98.40 5.88 -16.09
N SER A 162 97.41 6.54 -16.68
CA SER A 162 97.46 7.96 -16.92
C SER A 162 96.30 8.68 -16.24
N LYS A 163 96.05 8.34 -14.97
CA LYS A 163 94.96 8.96 -14.23
C LYS A 163 94.97 10.48 -14.40
N LEU A 164 93.79 11.06 -14.45
CA LEU A 164 93.62 12.49 -14.70
C LEU A 164 93.50 13.24 -13.37
N GLU A 165 93.41 14.57 -13.47
CA GLU A 165 93.19 15.45 -12.33
C GLU A 165 91.84 16.12 -12.49
N THR A 166 91.00 16.00 -11.47
CA THR A 166 89.67 16.57 -11.54
C THR A 166 89.73 18.09 -11.46
N ILE A 167 88.67 18.74 -11.98
CA ILE A 167 88.59 20.19 -11.99
C ILE A 167 87.99 20.75 -10.71
N VAL A 168 87.39 19.91 -9.86
CA VAL A 168 86.78 20.37 -8.62
C VAL A 168 87.82 20.32 -7.51
N ASP A 169 87.68 21.21 -6.54
CA ASP A 169 88.60 21.27 -5.40
C ASP A 169 88.54 19.97 -4.63
N ILE A 170 89.63 19.20 -4.67
CA ILE A 170 89.64 17.88 -4.02
C ILE A 170 89.46 18.02 -2.52
N ASP A 171 90.14 19.00 -1.91
CA ASP A 171 90.08 19.16 -0.47
C ASP A 171 88.65 19.42 0.00
N LYS A 172 87.96 20.35 -0.66
CA LYS A 172 86.57 20.63 -0.30
C LYS A 172 85.61 19.56 -0.79
N PHE A 173 85.92 18.91 -1.91
CA PHE A 173 85.00 17.97 -2.53
C PHE A 173 84.99 16.60 -1.85
N LEU A 174 85.96 16.32 -0.97
CA LEU A 174 86.06 15.01 -0.33
C LEU A 174 86.23 15.09 1.19
N ARG A 175 85.99 16.25 1.79
CA ARG A 175 86.15 16.39 3.24
C ARG A 175 84.93 16.96 3.93
N ASP A 176 84.22 17.89 3.30
CA ASP A 176 83.12 18.59 3.96
C ASP A 176 81.78 17.89 3.77
N HIS A 177 81.41 17.60 2.52
CA HIS A 177 80.09 17.06 2.24
C HIS A 177 79.97 15.61 2.70
N PHE A 178 78.73 15.14 2.77
CA PHE A 178 78.41 13.74 3.03
C PHE A 178 78.69 13.34 4.47
N VAL A 179 77.82 12.49 5.03
CA VAL A 179 78.03 11.84 6.31
C VAL A 179 77.64 10.38 6.15
N PHE A 180 78.23 9.52 7.00
CA PHE A 180 77.97 8.10 6.96
C PHE A 180 77.72 7.56 8.35
N GLU A 181 76.87 6.55 8.43
CA GLU A 181 76.59 5.88 9.70
C GLU A 181 76.11 4.46 9.39
N ILE A 182 76.23 3.58 10.38
CA ILE A 182 75.85 2.19 10.21
C ILE A 182 74.34 2.05 10.36
N GLY A 183 73.70 1.43 9.38
CA GLY A 183 72.27 1.26 9.39
C GLY A 183 71.82 0.11 10.29
N LEU A 184 70.50 -0.04 10.36
CA LEU A 184 69.87 -1.09 11.15
C LEU A 184 68.94 -1.90 10.28
N SER A 185 68.80 -3.18 10.61
CA SER A 185 67.96 -4.09 9.83
C SER A 185 66.51 -3.68 9.98
N TYR A 186 65.96 -3.05 8.93
CA TYR A 186 64.57 -2.61 8.99
C TYR A 186 63.61 -3.79 9.03
N GLU A 187 64.00 -4.93 8.48
CA GLU A 187 63.17 -6.13 8.60
C GLU A 187 62.98 -6.51 10.07
N GLU A 188 64.02 -6.32 10.88
CA GLU A 188 63.95 -6.56 12.31
C GLU A 188 63.65 -5.30 13.11
N LEU A 189 63.43 -4.17 12.45
CA LEU A 189 63.11 -2.92 13.12
C LEU A 189 61.66 -2.51 12.98
N MET A 190 60.97 -2.94 11.92
CA MET A 190 59.57 -2.57 11.75
C MET A 190 58.69 -3.24 12.81
N ASN A 191 59.05 -4.46 13.23
CA ASN A 191 58.32 -5.10 14.32
C ASN A 191 58.46 -4.29 15.62
N GLU A 192 59.67 -3.81 15.91
CA GLU A 192 59.87 -2.96 17.08
C GLU A 192 59.09 -1.65 16.93
N THR A 193 59.05 -1.10 15.72
CA THR A 193 58.26 0.11 15.48
C THR A 193 56.79 -0.14 15.77
N LYS A 194 56.25 -1.26 15.31
CA LYS A 194 54.86 -1.60 15.59
C LYS A 194 54.64 -1.77 17.10
N ASN A 195 55.57 -2.45 17.77
CA ASN A 195 55.42 -2.65 19.21
C ASN A 195 55.41 -1.32 19.96
N LEU A 196 56.32 -0.42 19.59
CA LEU A 196 56.34 0.90 20.22
C LEU A 196 55.07 1.69 19.92
N LEU A 197 54.58 1.59 18.69
CA LEU A 197 53.36 2.30 18.32
C LEU A 197 52.18 1.88 19.19
N MET A 198 52.20 0.66 19.72
CA MET A 198 51.16 0.21 20.63
C MET A 198 51.48 0.59 22.07
N LYS A 199 51.77 1.87 22.27
CA LYS A 199 51.96 2.44 23.60
C LYS A 199 50.67 3.02 24.16
N GLU A 200 49.88 3.63 23.29
CA GLU A 200 48.56 4.14 23.66
C GLU A 200 47.53 3.05 23.39
N GLY A 201 46.25 3.42 23.45
CA GLY A 201 45.19 2.46 23.20
C GLY A 201 45.17 1.99 21.75
N PHE A 202 44.81 2.89 20.84
CA PHE A 202 44.76 2.61 19.40
C PHE A 202 44.02 1.29 19.21
N SER A 203 44.51 0.36 18.39
CA SER A 203 43.86 -0.92 18.18
C SER A 203 44.91 -1.93 17.72
N LEU A 204 44.47 -3.07 17.22
CA LEU A 204 45.37 -4.13 16.78
C LEU A 204 45.80 -3.94 15.33
N GLU A 205 44.85 -3.91 14.40
CA GLU A 205 45.15 -3.77 12.99
C GLU A 205 45.10 -2.32 12.50
N ASP A 206 44.43 -1.44 13.25
CA ASP A 206 44.40 -0.04 12.85
C ASP A 206 45.79 0.58 12.88
N VAL A 207 46.67 0.06 13.75
CA VAL A 207 48.04 0.55 13.79
C VAL A 207 48.74 0.30 12.47
N LYS A 208 48.58 -0.90 11.91
CA LYS A 208 49.24 -1.24 10.66
C LYS A 208 48.54 -0.64 9.45
N ASP A 209 47.21 -0.49 9.49
CA ASP A 209 46.46 -0.07 8.32
C ASP A 209 46.27 1.43 8.26
N LEU A 210 45.89 2.05 9.38
CA LEU A 210 45.44 3.43 9.39
C LEU A 210 46.41 4.38 10.10
N PHE A 211 46.86 4.05 11.30
CA PHE A 211 47.62 4.99 12.10
C PHE A 211 49.06 5.17 11.61
N TYR A 212 49.86 4.10 11.63
CA TYR A 212 51.24 4.24 11.22
C TYR A 212 51.38 4.84 9.83
N PRO A 213 50.59 4.45 8.84
CA PRO A 213 50.58 5.21 7.59
C PRO A 213 50.23 6.67 7.79
N ASN A 214 49.35 6.99 8.73
CA ASN A 214 49.04 8.39 8.98
C ASN A 214 50.29 9.15 9.43
N SER A 215 51.05 8.57 10.35
CA SER A 215 52.28 9.23 10.80
C SER A 215 53.29 9.35 9.66
N ILE A 216 53.44 8.28 8.87
CA ILE A 216 54.42 8.30 7.79
C ILE A 216 54.05 9.37 6.76
N GLN A 217 52.78 9.43 6.37
CA GLN A 217 52.37 10.43 5.39
C GLN A 217 52.41 11.83 5.97
N TYR A 218 52.16 11.98 7.28
CA TYR A 218 52.28 13.29 7.90
C TYR A 218 53.72 13.78 7.82
N ILE A 219 54.69 12.91 8.13
CA ILE A 219 56.08 13.34 8.02
C ILE A 219 56.45 13.59 6.57
N ALA A 220 55.89 12.82 5.64
CA ALA A 220 56.18 13.03 4.22
C ALA A 220 55.68 14.40 3.75
N GLU A 221 54.47 14.77 4.14
CA GLU A 221 53.83 16.00 3.68
C GLU A 221 54.12 17.19 4.58
N LEU A 222 54.86 17.00 5.67
CA LEU A 222 55.14 18.11 6.57
C LEU A 222 55.83 19.26 5.87
N SER A 223 56.62 18.99 4.82
CA SER A 223 57.40 20.02 4.16
C SER A 223 57.22 20.02 2.64
N ILE A 224 56.09 19.53 2.15
CA ILE A 224 55.85 19.53 0.70
C ILE A 224 55.32 20.88 0.21
N LEU A 225 54.77 21.70 1.09
CA LEU A 225 54.19 22.96 0.66
C LEU A 225 55.29 23.94 0.23
N PRO A 226 54.99 24.85 -0.69
CA PRO A 226 56.03 25.80 -1.13
C PRO A 226 56.59 26.64 0.01
N GLU A 227 55.77 27.01 0.99
CA GLU A 227 56.23 27.85 2.07
C GLU A 227 57.33 27.16 2.87
N ALA A 228 58.36 27.93 3.25
CA ALA A 228 59.49 27.39 3.99
C ALA A 228 59.27 27.40 5.50
N GLU A 229 58.16 27.98 5.98
CA GLU A 229 57.86 28.01 7.40
C GLU A 229 56.99 26.84 7.84
N LYS A 230 56.66 25.92 6.93
CA LYS A 230 55.84 24.77 7.27
C LYS A 230 56.64 23.65 7.94
N ARG A 231 57.96 23.75 7.95
CA ARG A 231 58.79 22.75 8.62
C ARG A 231 58.88 22.98 10.13
N ILE A 232 58.37 24.10 10.63
CA ILE A 232 58.47 24.41 12.04
C ILE A 232 57.71 23.37 12.85
N SER A 233 58.42 22.66 13.72
CA SER A 233 57.83 21.64 14.58
C SER A 233 58.02 22.06 16.03
N SER A 234 56.94 22.02 16.80
CA SER A 234 56.95 22.41 18.20
C SER A 234 56.36 21.29 19.05
N LYS A 235 56.63 21.35 20.35
CA LYS A 235 56.13 20.34 21.26
C LYS A 235 54.60 20.30 21.27
N ASN A 236 53.97 21.48 21.28
CA ASN A 236 52.51 21.53 21.36
C ASN A 236 51.88 20.82 20.16
N LYS A 237 52.36 21.12 18.95
CA LYS A 237 51.80 20.50 17.76
C LYS A 237 52.00 18.98 17.78
N LEU A 238 53.19 18.53 18.18
CA LEU A 238 53.46 17.10 18.17
C LEU A 238 52.59 16.36 19.18
N ILE A 239 52.43 16.92 20.38
CA ILE A 239 51.56 16.28 21.36
C ILE A 239 50.11 16.32 20.90
N ASP A 240 49.70 17.40 20.22
CA ASP A 240 48.35 17.47 19.69
C ASP A 240 48.11 16.39 18.66
N TYR A 241 49.09 16.15 17.78
CA TYR A 241 48.97 15.13 16.74
C TYR A 241 49.45 13.78 17.23
N LEU A 242 48.97 13.36 18.40
CA LEU A 242 49.17 12.01 18.91
C LEU A 242 47.88 11.38 19.41
N LYS A 243 47.00 12.18 20.02
CA LYS A 243 45.68 11.71 20.43
C LYS A 243 44.60 12.76 20.20
N GLY A 244 44.86 13.75 19.35
CA GLY A 244 43.89 14.79 19.07
C GLY A 244 42.56 14.20 18.64
N ASN A 245 42.56 13.53 17.48
CA ASN A 245 41.38 12.80 17.01
C ASN A 245 41.65 11.31 16.93
N LYS A 246 42.65 10.89 16.13
CA LYS A 246 43.04 9.50 16.04
C LYS A 246 41.85 8.54 15.99
N LYS A 247 40.80 8.91 15.26
CA LYS A 247 39.64 8.05 15.07
C LYS A 247 39.49 7.64 13.61
N THR A 248 39.40 8.62 12.70
CA THR A 248 39.44 8.34 11.27
C THR A 248 40.85 8.49 10.70
N ALA A 249 41.72 9.23 11.39
CA ALA A 249 43.12 9.48 11.09
C ALA A 249 43.33 10.45 9.93
N MET A 250 42.29 10.78 9.16
CA MET A 250 42.38 11.75 8.07
C MET A 250 43.69 11.64 7.32
N SER A 251 44.15 10.42 7.07
CA SER A 251 45.44 10.20 6.42
C SER A 251 45.29 10.30 4.91
N ARG A 252 46.44 10.40 4.23
CA ARG A 252 46.47 10.63 2.79
C ARG A 252 47.10 9.50 2.00
N TRP A 253 48.02 8.73 2.58
CA TRP A 253 48.71 7.68 1.84
C TRP A 253 49.32 6.68 2.80
N THR A 254 49.63 5.50 2.26
CA THR A 254 50.45 4.51 2.93
C THR A 254 51.76 4.34 2.17
N SER A 255 52.86 4.22 2.91
CA SER A 255 54.16 4.03 2.27
C SER A 255 54.20 2.66 1.59
N GLU A 256 54.63 2.66 0.34
CA GLU A 256 54.70 1.44 -0.45
C GLU A 256 55.92 0.62 -0.08
N VAL A 257 55.91 -0.64 -0.51
CA VAL A 257 57.03 -1.55 -0.31
C VAL A 257 57.36 -1.64 1.17
N LEU A 258 56.43 -2.17 1.95
CA LEU A 258 56.69 -2.54 3.34
C LEU A 258 56.61 -4.04 3.53
N THR A 259 55.46 -4.64 3.25
CA THR A 259 55.37 -6.07 2.94
C THR A 259 54.72 -6.29 1.58
N ARG A 260 53.51 -5.77 1.38
CA ARG A 260 52.81 -5.79 0.10
C ARG A 260 53.08 -7.10 -0.65
N LYS A 261 52.67 -8.19 -0.01
CA LYS A 261 53.03 -9.52 -0.50
C LYS A 261 52.29 -9.82 -1.80
N GLN A 262 52.92 -9.50 -2.93
CA GLN A 262 52.35 -9.73 -4.25
C GLN A 262 51.11 -8.85 -4.48
N LEU A 263 50.77 -8.02 -3.50
CA LEU A 263 49.55 -7.22 -3.53
C LEU A 263 49.52 -6.40 -2.24
N LEU A 264 48.64 -5.40 -2.21
CA LEU A 264 48.47 -4.61 -1.00
C LEU A 264 47.72 -5.42 0.05
N LYS A 265 48.14 -5.27 1.30
CA LYS A 265 47.82 -6.25 2.34
C LYS A 265 47.02 -5.61 3.47
N VAL A 266 46.48 -6.48 4.31
CA VAL A 266 45.94 -6.15 5.63
C VAL A 266 44.70 -5.26 5.55
N ARG A 267 44.83 -4.10 4.92
CA ARG A 267 43.76 -3.10 4.98
C ARG A 267 42.45 -3.64 4.43
N LYS A 268 42.50 -4.65 3.58
CA LYS A 268 41.26 -5.28 3.14
C LYS A 268 40.50 -5.87 4.33
N ASN A 269 41.21 -6.53 5.24
CA ASN A 269 40.59 -7.09 6.43
C ASN A 269 40.04 -6.01 7.35
N GLN A 270 40.40 -4.75 7.13
CA GLN A 270 39.88 -3.63 7.88
C GLN A 270 38.55 -3.12 7.33
N LEU A 271 38.05 -3.72 6.25
CA LEU A 271 36.82 -3.23 5.61
C LEU A 271 35.68 -4.23 5.66
N VAL A 272 35.81 -5.32 6.42
CA VAL A 272 34.67 -6.19 6.66
C VAL A 272 33.50 -5.39 7.23
N PRO A 273 33.67 -4.56 8.26
CA PRO A 273 32.68 -3.54 8.56
C PRO A 273 32.90 -2.34 7.65
N SER A 274 31.99 -1.38 7.74
CA SER A 274 32.03 -0.14 6.98
C SER A 274 31.79 -0.34 5.50
N LEU A 275 31.62 -1.57 5.04
CA LEU A 275 31.25 -1.87 3.65
C LEU A 275 30.06 -2.78 3.54
N ASN A 276 29.94 -3.77 4.45
CA ASN A 276 28.77 -4.65 4.43
C ASN A 276 27.51 -3.87 4.72
N ILE A 277 27.58 -2.89 5.61
CA ILE A 277 26.41 -2.08 5.92
C ILE A 277 25.84 -1.50 4.65
N ASN A 278 24.52 -1.50 4.54
CA ASN A 278 23.82 -1.11 3.33
C ASN A 278 23.27 0.32 3.42
N SER A 279 23.78 1.12 4.35
CA SER A 279 23.42 2.53 4.44
C SER A 279 24.64 3.42 4.32
N ARG A 280 25.72 2.92 3.73
CA ARG A 280 26.96 3.66 3.54
C ARG A 280 27.10 4.02 2.06
N SER A 281 27.09 5.31 1.76
CA SER A 281 27.28 5.78 0.39
C SER A 281 28.77 5.91 0.10
N ARG A 282 29.44 4.75 0.11
CA ARG A 282 30.87 4.64 -0.08
C ARG A 282 31.38 5.59 -1.15
N TYR A 283 32.43 6.34 -0.85
CA TYR A 283 33.09 7.19 -1.83
C TYR A 283 34.58 6.85 -1.94
N PHE A 284 35.15 7.27 -3.08
CA PHE A 284 36.52 6.98 -3.45
C PHE A 284 37.26 8.27 -3.77
N ILE A 285 38.59 8.20 -3.67
CA ILE A 285 39.50 9.14 -4.31
C ILE A 285 40.54 8.27 -5.01
N ILE A 286 40.71 8.47 -6.32
CA ILE A 286 41.55 7.59 -7.11
C ILE A 286 42.52 8.42 -7.93
N ASP A 287 43.68 7.84 -8.24
CA ASP A 287 44.75 8.50 -8.99
C ASP A 287 45.19 7.59 -10.14
N PRO A 288 44.41 7.53 -11.21
CA PRO A 288 44.75 6.63 -12.34
C PRO A 288 45.69 7.21 -13.37
N ASP A 289 46.06 8.49 -13.30
CA ASP A 289 47.02 9.00 -14.27
C ASP A 289 48.31 8.18 -14.26
N THR A 290 48.73 7.72 -13.08
CA THR A 290 49.85 6.79 -13.00
C THR A 290 49.43 5.39 -13.42
N ILE A 291 48.15 5.04 -13.22
CA ILE A 291 47.67 3.71 -13.59
C ILE A 291 47.83 3.49 -15.08
N ASP A 292 48.33 2.31 -15.44
CA ASP A 292 48.42 1.92 -16.83
C ASP A 292 47.08 1.36 -17.30
N ASN A 293 47.01 1.08 -18.60
CA ASN A 293 45.87 0.43 -19.24
C ASN A 293 44.54 0.84 -18.62
N PHE A 294 44.35 2.14 -18.43
CA PHE A 294 43.08 2.68 -17.94
C PHE A 294 42.11 2.99 -19.06
N ASP A 295 42.47 2.69 -20.31
CA ASP A 295 41.64 3.05 -21.45
C ASP A 295 40.51 2.08 -21.68
N ASP A 296 40.63 0.83 -21.23
CA ASP A 296 39.61 -0.17 -21.47
C ASP A 296 39.17 -0.86 -20.17
N GLU A 297 40.11 -1.03 -19.25
CA GLU A 297 39.94 -1.91 -18.10
C GLU A 297 38.98 -1.36 -17.05
N PHE A 298 38.43 -0.16 -17.26
CA PHE A 298 37.66 0.49 -16.21
C PHE A 298 36.26 -0.12 -16.05
N ILE A 299 35.49 -0.13 -17.14
CA ILE A 299 34.05 -0.34 -17.01
C ILE A 299 33.73 -1.77 -16.59
N LEU A 300 34.48 -2.76 -17.03
CA LEU A 300 34.19 -4.13 -16.64
C LEU A 300 34.18 -4.28 -15.12
N PHE A 301 35.20 -3.73 -14.47
CA PHE A 301 35.30 -3.88 -13.02
C PHE A 301 34.47 -2.84 -12.27
N VAL A 302 34.17 -1.68 -12.88
CA VAL A 302 33.11 -0.84 -12.34
C VAL A 302 31.81 -1.62 -12.26
N LYS A 303 31.49 -2.37 -13.32
CA LYS A 303 30.33 -3.26 -13.30
C LYS A 303 30.46 -4.30 -12.19
N ASP A 304 31.63 -4.92 -12.08
CA ASP A 304 31.75 -5.98 -11.08
C ASP A 304 31.58 -5.44 -9.67
N TYR A 305 31.93 -4.18 -9.44
CA TYR A 305 31.65 -3.54 -8.17
C TYR A 305 30.16 -3.24 -8.02
N LEU A 306 29.55 -2.70 -9.07
CA LEU A 306 28.17 -2.24 -8.97
C LEU A 306 27.21 -3.40 -8.77
N ASP A 307 27.30 -4.42 -9.62
CA ASP A 307 26.39 -5.56 -9.52
C ASP A 307 26.44 -6.21 -8.15
N LYS A 308 27.40 -5.85 -7.31
CA LYS A 308 27.48 -6.32 -5.93
C LYS A 308 27.03 -5.29 -4.90
N TYR A 309 27.35 -4.01 -5.10
CA TYR A 309 27.13 -3.01 -4.08
C TYR A 309 25.91 -2.14 -4.30
N ASN A 310 25.35 -2.11 -5.50
CA ASN A 310 24.08 -1.41 -5.71
C ASN A 310 23.17 -2.19 -6.64
N SER A 311 23.13 -3.51 -6.50
CA SER A 311 22.26 -4.33 -7.33
C SER A 311 20.93 -4.63 -6.62
N LYS A 312 21.01 -5.26 -5.46
CA LYS A 312 19.81 -5.64 -4.72
C LYS A 312 18.92 -4.44 -4.45
N ILE A 313 17.66 -4.72 -4.13
CA ILE A 313 16.66 -3.68 -3.94
C ILE A 313 16.57 -3.27 -2.48
N LYS A 314 16.15 -4.21 -1.63
CA LYS A 314 15.76 -3.84 -0.27
C LYS A 314 16.96 -3.35 0.54
N LEU A 315 18.04 -4.12 0.55
CA LEU A 315 19.10 -3.89 1.52
C LEU A 315 20.02 -2.74 1.07
N HIS A 316 20.74 -2.93 -0.03
CA HIS A 316 21.68 -1.92 -0.50
C HIS A 316 20.94 -0.67 -0.92
N THR A 317 21.22 0.45 -0.26
CA THR A 317 20.45 1.67 -0.45
C THR A 317 21.29 2.93 -0.64
N GLU A 318 22.57 2.80 -1.00
CA GLU A 318 23.42 3.97 -1.19
C GLU A 318 24.30 3.77 -2.42
N THR A 319 24.72 4.88 -3.02
CA THR A 319 25.27 4.88 -4.37
C THR A 319 26.78 5.06 -4.34
N PRO A 320 27.56 4.03 -4.66
CA PRO A 320 29.02 4.17 -4.68
C PRO A 320 29.48 5.16 -5.74
N CYS A 321 30.63 5.81 -5.48
CA CYS A 321 31.17 6.77 -6.43
C CYS A 321 32.60 6.41 -6.81
N PHE A 322 33.16 7.25 -7.67
CA PHE A 322 34.53 7.10 -8.16
C PHE A 322 35.08 8.49 -8.49
N ILE A 323 35.79 9.08 -7.52
CA ILE A 323 36.55 10.29 -7.76
C ILE A 323 37.96 9.87 -8.15
N LEU A 324 38.25 9.91 -9.45
CA LEU A 324 39.50 9.42 -9.99
C LEU A 324 40.22 10.55 -10.71
N LYS A 325 41.52 10.69 -10.43
CA LYS A 325 42.33 11.71 -11.07
C LYS A 325 42.55 11.35 -12.53
N THR A 326 41.67 11.84 -13.39
CA THR A 326 41.79 11.60 -14.82
C THR A 326 41.03 12.70 -15.54
N ASP A 327 41.36 12.89 -16.81
CA ASP A 327 40.84 14.03 -17.56
C ASP A 327 39.32 14.05 -17.55
N VAL A 328 38.76 15.20 -17.91
CA VAL A 328 37.32 15.34 -18.06
C VAL A 328 36.83 14.48 -19.22
N ASN A 329 37.31 14.77 -20.43
CA ASN A 329 36.79 14.08 -21.61
C ASN A 329 37.19 12.62 -21.63
N ASN A 330 38.29 12.26 -20.97
CA ASN A 330 38.64 10.84 -20.86
C ASN A 330 37.59 10.10 -20.05
N LEU A 331 37.13 10.70 -18.95
CA LEU A 331 36.01 10.14 -18.20
C LEU A 331 34.74 10.12 -19.06
N SER A 332 34.51 11.18 -19.83
CA SER A 332 33.30 11.23 -20.66
C SER A 332 33.29 10.08 -21.66
N GLU A 333 34.43 9.79 -22.29
CA GLU A 333 34.50 8.67 -23.22
C GLU A 333 34.40 7.34 -22.49
N TYR A 334 35.01 7.24 -21.30
CA TYR A 334 34.81 6.06 -20.48
C TYR A 334 33.33 5.81 -20.27
N HIS A 335 32.55 6.88 -20.14
CA HIS A 335 31.11 6.77 -20.05
C HIS A 335 30.48 6.36 -21.37
N LYS A 336 30.88 7.02 -22.47
CA LYS A 336 30.31 6.69 -23.77
C LYS A 336 30.40 5.20 -24.04
N ARG A 337 31.54 4.60 -23.72
CA ARG A 337 31.72 3.17 -23.89
C ARG A 337 31.31 2.38 -22.66
N PHE A 338 30.45 2.95 -21.81
CA PHE A 338 30.14 2.32 -20.55
C PHE A 338 28.90 1.43 -20.62
N VAL A 339 27.89 1.85 -21.38
CA VAL A 339 26.65 1.08 -21.48
C VAL A 339 26.89 -0.29 -22.10
N SER A 340 28.05 -0.49 -22.73
CA SER A 340 28.31 -1.75 -23.43
C SER A 340 27.71 -2.92 -22.68
N ARG A 341 28.04 -3.07 -21.39
CA ARG A 341 27.52 -4.15 -20.58
C ARG A 341 26.32 -3.73 -19.75
N ASN A 342 25.75 -2.56 -20.04
CA ASN A 342 24.43 -2.14 -19.54
C ASN A 342 24.39 -2.06 -18.02
N ILE A 343 25.19 -1.14 -17.47
CA ILE A 343 25.19 -0.88 -16.04
C ILE A 343 24.60 0.48 -15.70
N GLN A 344 24.50 1.39 -16.65
CA GLN A 344 23.79 2.65 -16.46
C GLN A 344 24.24 3.37 -15.20
N ILE A 345 25.54 3.66 -15.13
CA ILE A 345 26.04 4.51 -14.06
C ILE A 345 25.53 5.92 -14.30
N ILE A 346 25.71 6.77 -13.31
CA ILE A 346 25.43 8.19 -13.43
C ILE A 346 26.75 8.90 -13.15
N THR A 347 27.53 9.16 -14.22
CA THR A 347 28.82 9.80 -14.04
C THR A 347 28.67 11.05 -13.18
N GLY A 348 27.64 11.84 -13.46
CA GLY A 348 27.39 13.05 -12.69
C GLY A 348 28.27 14.17 -13.16
N TYR A 349 29.47 13.83 -13.60
CA TYR A 349 30.31 14.82 -14.26
C TYR A 349 29.83 15.01 -15.69
N ILE A 350 29.30 13.95 -16.30
CA ILE A 350 28.52 14.02 -17.54
C ILE A 350 29.14 15.00 -18.54
N GLY A 351 30.19 14.55 -19.22
CA GLY A 351 30.82 15.32 -20.28
C GLY A 351 31.89 16.30 -19.81
N ASP A 352 31.49 17.47 -19.32
CA ASP A 352 32.45 18.50 -18.94
C ASP A 352 32.17 19.09 -17.56
N THR A 353 30.89 19.13 -17.19
CA THR A 353 30.45 19.79 -15.97
C THR A 353 30.52 18.83 -14.80
N PHE A 354 29.96 19.24 -13.66
CA PHE A 354 29.86 18.34 -12.50
C PHE A 354 28.55 18.65 -11.79
N TYR A 355 27.53 17.86 -12.10
CA TYR A 355 26.23 17.98 -11.45
C TYR A 355 26.20 16.92 -10.35
N PHE A 356 26.60 17.33 -9.14
CA PHE A 356 26.83 16.36 -8.08
C PHE A 356 25.56 15.70 -7.58
N LYS A 357 24.39 16.17 -8.01
CA LYS A 357 23.17 15.44 -7.74
C LYS A 357 23.38 13.96 -7.99
N GLU A 358 23.74 13.61 -9.23
CA GLU A 358 24.15 12.25 -9.51
C GLU A 358 25.29 11.84 -8.60
N PHE A 359 26.19 12.77 -8.28
CA PHE A 359 27.30 12.43 -7.39
C PHE A 359 26.81 12.03 -6.01
N ASN A 360 25.60 12.42 -5.62
CA ASN A 360 25.12 12.10 -4.28
C ASN A 360 23.67 11.61 -4.20
N LYS A 361 22.80 11.92 -5.16
CA LYS A 361 21.39 11.65 -5.00
C LYS A 361 21.14 10.14 -4.93
N GLU A 362 20.13 9.76 -4.14
CA GLU A 362 19.87 8.35 -3.92
C GLU A 362 19.00 7.78 -5.05
N PRO A 363 19.14 6.50 -5.36
CA PRO A 363 18.26 5.87 -6.34
C PRO A 363 16.96 5.41 -5.69
N LYS A 364 16.04 4.98 -6.54
CA LYS A 364 14.78 4.41 -6.11
C LYS A 364 14.65 3.00 -6.64
N ARG A 365 14.01 2.13 -5.85
CA ARG A 365 14.01 0.71 -6.09
C ARG A 365 12.60 0.15 -6.28
N ILE A 366 12.51 -0.88 -7.10
CA ILE A 366 11.31 -1.69 -7.26
C ILE A 366 11.63 -3.09 -6.76
N ILE A 367 10.92 -3.52 -5.71
CA ILE A 367 11.23 -4.81 -5.09
C ILE A 367 10.84 -5.96 -6.01
N LYS A 368 9.70 -5.83 -6.70
CA LYS A 368 9.21 -6.93 -7.53
C LYS A 368 10.03 -7.08 -8.80
N ASP A 369 10.40 -5.97 -9.44
CA ASP A 369 11.10 -6.00 -10.71
C ASP A 369 12.61 -6.05 -10.56
N ASN A 370 13.15 -5.86 -9.37
CA ASN A 370 14.58 -5.96 -9.12
C ASN A 370 15.36 -4.98 -9.98
N TRP A 371 15.06 -3.70 -9.80
CA TRP A 371 15.69 -2.66 -10.60
C TRP A 371 16.10 -1.45 -9.77
N VAL A 372 17.24 -0.86 -10.13
CA VAL A 372 17.82 0.27 -9.44
C VAL A 372 18.64 1.09 -10.45
N GLU A 373 18.37 2.39 -10.53
CA GLU A 373 18.92 3.19 -11.63
C GLU A 373 20.37 3.57 -11.39
N PHE A 374 20.64 4.35 -10.36
CA PHE A 374 21.96 4.93 -10.17
C PHE A 374 22.90 3.89 -9.59
N LYS A 375 23.11 2.80 -10.30
CA LYS A 375 23.83 1.69 -9.72
C LYS A 375 25.22 2.12 -9.25
N ALA A 376 25.79 3.15 -9.85
CA ALA A 376 26.89 3.91 -9.25
C ALA A 376 27.14 5.15 -10.10
N ARG A 377 28.25 5.83 -9.82
CA ARG A 377 28.59 7.11 -10.43
C ARG A 377 30.10 7.16 -10.66
N ILE A 378 30.52 8.12 -11.47
CA ILE A 378 31.95 8.33 -11.74
C ILE A 378 32.17 9.80 -12.07
N SER A 379 33.15 10.42 -11.40
CA SER A 379 33.52 11.80 -11.71
C SER A 379 35.01 11.95 -11.49
N CYS A 380 35.60 12.91 -12.20
CA CYS A 380 37.02 13.17 -12.02
C CYS A 380 37.27 13.83 -10.66
N ASN A 381 38.55 13.93 -10.31
CA ASN A 381 38.97 14.48 -9.02
C ASN A 381 39.33 15.95 -9.20
N SER A 382 38.31 16.79 -9.20
CA SER A 382 38.43 18.18 -9.57
C SER A 382 37.80 19.05 -8.50
N ASP A 383 37.89 20.36 -8.71
CA ASP A 383 37.14 21.29 -7.88
C ASP A 383 35.65 21.11 -8.15
N GLU A 384 34.84 21.39 -7.12
CA GLU A 384 33.42 21.11 -7.00
C GLU A 384 33.15 19.64 -6.69
N VAL A 385 34.17 18.77 -6.71
CA VAL A 385 33.99 17.34 -6.44
C VAL A 385 34.51 17.00 -5.05
N ILE A 386 35.80 17.20 -4.81
CA ILE A 386 36.34 17.04 -3.46
C ILE A 386 35.67 18.00 -2.50
N LYS A 387 35.07 19.08 -2.99
CA LYS A 387 34.17 19.87 -2.15
C LYS A 387 32.98 19.02 -1.71
N CYS A 388 32.38 18.28 -2.64
CA CYS A 388 31.46 17.23 -2.23
C CYS A 388 32.29 16.09 -1.68
N ILE A 389 31.65 14.97 -1.35
CA ILE A 389 32.08 14.16 -0.23
C ILE A 389 31.80 15.00 1.02
N ASN A 390 31.03 16.08 0.85
CA ASN A 390 30.60 16.94 1.94
C ASN A 390 29.11 17.20 1.83
N TYR A 391 28.60 17.23 0.60
CA TYR A 391 27.15 17.25 0.37
C TYR A 391 26.56 16.17 1.25
N LYS A 392 26.92 14.94 0.95
CA LYS A 392 26.69 13.78 1.78
C LYS A 392 28.08 13.33 2.19
N LYS A 393 28.58 13.87 3.30
CA LYS A 393 29.95 13.57 3.69
C LYS A 393 29.91 12.11 4.07
N CYS A 394 29.92 11.28 3.03
CA CYS A 394 29.46 9.92 3.11
C CYS A 394 30.25 9.12 4.13
N ASP A 395 29.72 7.97 4.44
CA ASP A 395 30.17 7.17 5.57
C ASP A 395 31.47 6.47 5.29
N ASP A 396 32.18 6.74 4.22
CA ASP A 396 33.47 6.09 4.01
C ASP A 396 34.17 6.77 2.85
N LEU A 397 35.51 6.71 2.87
CA LEU A 397 36.34 7.34 1.83
C LEU A 397 37.60 6.53 1.64
N TYR A 398 37.71 5.86 0.49
CA TYR A 398 38.88 5.06 0.14
C TYR A 398 39.75 5.85 -0.83
N ILE A 399 40.86 6.38 -0.34
CA ILE A 399 41.72 7.23 -1.15
C ILE A 399 42.90 6.40 -1.65
N VAL A 400 43.41 6.76 -2.82
CA VAL A 400 44.48 6.05 -3.49
C VAL A 400 45.61 7.03 -3.74
N GLY A 401 46.77 6.75 -3.17
CA GLY A 401 47.93 7.58 -3.43
C GLY A 401 47.84 8.92 -2.73
N GLY A 402 46.84 9.71 -3.10
CA GLY A 402 46.68 11.06 -2.60
C GLY A 402 46.74 12.09 -3.71
N VAL A 403 45.60 12.68 -4.02
CA VAL A 403 45.47 13.61 -5.14
C VAL A 403 45.30 15.04 -4.65
N ASP A 404 44.21 15.32 -3.93
CA ASP A 404 43.85 16.68 -3.57
C ASP A 404 43.36 16.72 -2.13
N VAL A 405 43.54 17.88 -1.50
CA VAL A 405 43.00 18.13 -0.16
C VAL A 405 42.18 19.39 -0.07
N SER A 406 42.38 20.38 -0.95
CA SER A 406 41.66 21.64 -0.83
C SER A 406 40.17 21.43 -1.03
N LEU A 407 39.39 22.07 -0.17
CA LEU A 407 37.92 21.95 -0.14
C LEU A 407 37.47 20.57 0.33
N LEU A 408 38.39 19.69 0.75
CA LEU A 408 38.01 18.32 1.09
C LEU A 408 37.09 18.29 2.30
N ASP A 409 37.40 19.07 3.34
CA ASP A 409 36.54 19.17 4.51
C ASP A 409 36.42 17.81 5.22
N THR A 410 37.58 17.27 5.60
CA THR A 410 37.63 15.98 6.30
C THR A 410 37.30 16.21 7.76
N ALA A 411 36.05 15.94 8.13
CA ALA A 411 35.61 16.06 9.51
C ALA A 411 35.05 14.70 9.95
N ASP A 412 35.93 13.84 10.42
CA ASP A 412 35.57 12.55 11.01
C ASP A 412 34.65 11.76 10.08
N VAL A 413 35.16 11.44 8.90
CA VAL A 413 34.54 10.49 7.98
C VAL A 413 35.63 9.57 7.47
N ASN A 414 35.51 8.28 7.82
CA ASN A 414 36.62 7.35 7.75
C ASN A 414 37.39 7.46 6.44
N ILE A 415 38.67 7.83 6.54
CA ILE A 415 39.56 7.92 5.38
C ILE A 415 40.54 6.74 5.46
N GLU A 416 40.55 5.93 4.42
CA GLU A 416 41.38 4.73 4.34
C GLU A 416 42.37 4.87 3.21
N ASN A 417 43.66 4.74 3.54
CA ASN A 417 44.75 4.92 2.59
C ASN A 417 44.84 3.71 1.65
N LEU A 418 45.32 3.97 0.44
CA LEU A 418 45.45 2.89 -0.53
C LEU A 418 46.49 3.30 -1.57
N GLU A 419 47.24 2.32 -2.07
CA GLU A 419 48.28 2.57 -3.06
C GLU A 419 48.20 1.49 -4.13
N ILE A 420 47.91 1.89 -5.36
CA ILE A 420 47.68 0.96 -6.45
C ILE A 420 48.48 1.41 -7.67
N ASN A 421 48.79 0.45 -8.54
CA ASN A 421 49.46 0.74 -9.80
C ASN A 421 48.59 0.48 -11.02
N ASN A 422 47.59 -0.39 -10.91
CA ASN A 422 46.62 -0.58 -11.98
C ASN A 422 45.23 -0.67 -11.37
N PHE A 423 44.22 -0.36 -12.19
CA PHE A 423 42.88 -0.05 -11.67
C PHE A 423 42.24 -1.25 -10.99
N ARG A 424 42.22 -2.41 -11.67
CA ARG A 424 41.51 -3.57 -11.17
C ARG A 424 41.79 -3.85 -9.70
N GLU A 425 42.93 -3.41 -9.17
CA GLU A 425 43.27 -3.72 -7.79
C GLU A 425 42.18 -3.29 -6.82
N LEU A 426 41.45 -2.21 -7.15
CA LEU A 426 40.36 -1.75 -6.30
C LEU A 426 39.51 -2.93 -5.83
N LYS A 427 39.28 -3.90 -6.73
CA LYS A 427 38.42 -5.02 -6.40
C LYS A 427 38.93 -5.74 -5.15
N TYR A 428 40.19 -6.16 -5.16
CA TYR A 428 40.74 -6.88 -4.03
C TYR A 428 40.93 -5.99 -2.83
N LEU A 429 40.77 -4.68 -3.03
CA LEU A 429 40.84 -3.69 -1.97
C LEU A 429 39.45 -3.24 -1.55
N LEU A 430 38.41 -3.77 -2.20
CA LEU A 430 37.03 -3.63 -1.78
C LEU A 430 36.36 -4.98 -1.56
N SER A 431 37.11 -6.07 -1.63
CA SER A 431 36.67 -7.41 -1.25
C SER A 431 35.49 -7.88 -2.10
N MET A 432 35.75 -8.07 -3.40
CA MET A 432 34.86 -8.81 -4.27
C MET A 432 35.56 -9.86 -5.13
N LEU A 433 36.87 -9.74 -5.35
CA LEU A 433 37.63 -10.69 -6.15
C LEU A 433 38.62 -11.43 -5.26
N LYS A 434 38.87 -12.70 -5.61
CA LYS A 434 39.81 -13.51 -4.83
C LYS A 434 41.23 -13.00 -4.99
N GLU A 435 41.59 -12.58 -6.20
CA GLU A 435 42.93 -12.07 -6.50
C GLU A 435 42.86 -10.55 -6.68
N ILE A 436 44.03 -9.96 -6.94
CA ILE A 436 44.14 -8.52 -7.10
C ILE A 436 43.15 -8.00 -8.13
N MET B 1 52.20 4.82 34.14
CA MET B 1 52.31 5.30 35.56
C MET B 1 51.11 6.18 35.92
N MET B 2 50.20 5.62 36.70
CA MET B 2 49.00 6.34 37.11
C MET B 2 49.35 7.40 38.15
N SER B 3 48.68 8.54 38.08
CA SER B 3 48.96 9.63 38.99
C SER B 3 48.68 9.23 40.44
N ARG B 4 49.52 9.70 41.35
CA ARG B 4 49.33 9.36 42.76
C ARG B 4 48.09 10.04 43.34
N GLU B 5 47.72 11.22 42.83
CA GLU B 5 46.49 11.86 43.31
C GLU B 5 45.27 11.02 42.97
N ALA B 6 45.27 10.38 41.81
CA ALA B 6 44.17 9.48 41.46
C ALA B 6 44.10 8.31 42.44
N ASP B 7 45.26 7.76 42.82
CA ASP B 7 45.27 6.69 43.82
C ASP B 7 44.74 7.18 45.16
N HIS B 8 45.10 8.41 45.54
CA HIS B 8 44.58 8.98 46.78
C HIS B 8 43.07 9.11 46.72
N THR B 9 42.54 9.56 45.58
CA THR B 9 41.08 9.65 45.42
C THR B 9 40.43 8.27 45.51
N ILE B 10 41.07 7.26 44.92
CA ILE B 10 40.54 5.91 44.97
C ILE B 10 40.50 5.41 46.41
N LYS B 11 41.57 5.66 47.17
CA LYS B 11 41.58 5.23 48.58
C LYS B 11 40.53 5.98 49.38
N GLY B 12 40.35 7.27 49.11
CA GLY B 12 39.29 8.01 49.78
C GLY B 12 37.91 7.45 49.48
N PHE B 13 37.66 7.10 48.22
CA PHE B 13 36.40 6.47 47.86
C PHE B 13 36.24 5.13 48.56
N LEU B 14 37.31 4.35 48.67
CA LEU B 14 37.25 3.06 49.34
C LEU B 14 36.91 3.23 50.82
N TYR B 15 37.49 4.23 51.47
CA TYR B 15 37.18 4.45 52.88
C TYR B 15 35.78 5.03 53.06
N GLN B 16 35.29 5.79 52.08
CA GLN B 16 33.88 6.15 52.06
C GLN B 16 33.01 4.90 51.98
N PHE B 17 33.40 3.95 51.13
CA PHE B 17 32.66 2.68 51.06
C PHE B 17 32.63 2.00 52.42
N ASN B 18 33.78 1.97 53.09
CA ASN B 18 33.87 1.32 54.39
C ASN B 18 32.98 2.00 55.42
N LYS B 19 32.98 3.34 55.43
CA LYS B 19 32.10 4.08 56.34
C LYS B 19 30.64 3.78 56.04
N THR B 20 30.28 3.71 54.75
CA THR B 20 28.92 3.38 54.38
C THR B 20 28.54 1.99 54.86
N LEU B 21 29.44 1.02 54.71
CA LEU B 21 29.17 -0.32 55.19
C LEU B 21 29.00 -0.35 56.70
N ASN B 22 29.84 0.40 57.42
CA ASN B 22 29.70 0.47 58.88
C ASN B 22 28.35 1.06 59.26
N SER B 23 27.93 2.13 58.58
CA SER B 23 26.63 2.73 58.87
C SER B 23 25.49 1.74 58.60
N ILE B 24 25.58 1.01 57.48
CA ILE B 24 24.55 0.03 57.15
C ILE B 24 24.49 -1.06 58.20
N LEU B 25 25.66 -1.54 58.63
CA LEU B 25 25.69 -2.55 59.69
C LEU B 25 25.06 -2.02 60.96
N SER B 26 25.34 -0.77 61.32
CA SER B 26 24.76 -0.19 62.52
C SER B 26 23.28 0.12 62.30
N SER B 27 22.97 0.98 61.32
CA SER B 27 21.60 1.40 61.04
C SER B 27 20.95 2.01 62.28
N THR B 28 21.75 2.66 63.12
CA THR B 28 21.28 3.34 64.31
C THR B 28 22.06 4.64 64.45
N ASP B 29 21.98 5.26 65.63
CA ASP B 29 22.73 6.48 65.88
C ASP B 29 24.22 6.21 65.62
N GLN B 30 24.77 6.84 64.59
CA GLN B 30 26.12 6.57 64.14
C GLN B 30 26.87 7.88 63.96
N ASP B 31 28.19 7.79 64.04
CA ASP B 31 29.04 8.97 63.97
C ASP B 31 28.79 9.76 62.69
N GLU B 32 29.20 11.03 62.72
CA GLU B 32 29.07 11.90 61.56
C GLU B 32 30.18 11.65 60.56
N ILE B 33 29.85 11.73 59.27
CA ILE B 33 30.79 11.56 58.18
C ILE B 33 30.86 12.86 57.40
N GLN B 34 32.07 13.39 57.25
CA GLN B 34 32.29 14.66 56.55
C GLN B 34 33.39 14.46 55.52
N ILE B 35 33.18 15.03 54.33
CA ILE B 35 34.15 14.93 53.27
C ILE B 35 35.33 15.87 53.55
N GLU B 36 36.45 15.59 52.90
CA GLU B 36 37.67 16.39 53.04
C GLU B 36 37.97 17.08 51.73
N GLY B 37 38.17 18.40 51.79
CA GLY B 37 38.47 19.18 50.61
C GLY B 37 39.96 19.31 50.36
N ILE B 38 40.67 18.18 50.44
CA ILE B 38 42.13 18.18 50.25
C ILE B 38 42.51 17.69 48.86
N ILE B 39 41.56 17.30 48.03
CA ILE B 39 41.88 16.86 46.67
C ILE B 39 42.44 18.03 45.86
N GLU B 40 41.92 19.24 46.08
CA GLU B 40 42.51 20.46 45.55
C GLU B 40 42.26 21.58 46.55
N ASP B 41 42.95 22.71 46.32
CA ASP B 41 42.86 23.88 47.20
C ASP B 41 41.56 24.63 46.92
N ILE B 42 40.45 23.95 47.21
CA ILE B 42 39.14 24.56 47.02
C ILE B 42 38.94 25.73 47.99
N ASP B 43 39.49 25.61 49.19
CA ASP B 43 39.38 26.65 50.21
C ASP B 43 37.91 26.89 50.59
N ILE B 44 37.25 25.82 51.05
CA ILE B 44 35.88 25.92 51.48
C ILE B 44 35.75 26.72 52.77
N LYS B 45 36.85 26.95 53.48
CA LYS B 45 36.84 27.68 54.74
C LYS B 45 36.04 26.93 55.80
N ASN B 46 36.40 25.66 56.00
CA ASN B 46 35.78 24.81 57.00
C ASN B 46 36.86 24.23 57.91
N SER B 47 36.49 23.99 59.17
CA SER B 47 37.42 23.52 60.18
C SER B 47 37.10 22.13 60.70
N ASN B 48 35.83 21.74 60.74
CA ASN B 48 35.42 20.45 61.30
C ASN B 48 35.64 19.36 60.26
N ILE B 49 36.91 19.10 59.97
CA ILE B 49 37.34 18.05 59.05
C ILE B 49 38.41 17.22 59.75
N THR B 50 38.21 15.91 59.79
CA THR B 50 39.12 15.02 60.51
C THR B 50 39.63 13.90 59.62
N ASN B 51 38.81 13.47 58.65
CA ASN B 51 39.18 12.34 57.80
C ASN B 51 40.45 12.67 57.01
N ALA B 52 40.38 13.64 56.11
CA ALA B 52 41.52 14.09 55.33
C ALA B 52 42.31 12.89 54.78
N ILE B 53 41.65 12.14 53.89
CA ILE B 53 42.21 10.91 53.36
C ILE B 53 43.06 11.22 52.14
N GLN B 54 44.34 10.84 52.21
CA GLN B 54 45.26 10.95 51.08
C GLN B 54 46.14 9.71 51.01
N CYS B 55 45.51 8.54 51.20
CA CYS B 55 46.25 7.29 51.36
C CYS B 55 46.62 6.70 50.00
N LYS B 56 47.52 5.72 50.04
CA LYS B 56 47.94 5.02 48.82
C LYS B 56 48.44 3.64 49.22
N TYR B 57 48.38 2.72 48.26
CA TYR B 57 48.78 1.33 48.46
C TYR B 57 49.80 0.93 47.40
N HIS B 58 50.75 0.09 47.80
CA HIS B 58 51.83 -0.36 46.93
C HIS B 58 51.91 -1.88 46.98
N GLU B 59 52.86 -2.43 46.24
CA GLU B 59 53.02 -3.88 46.16
C GLU B 59 53.43 -4.45 47.51
N SER B 60 52.84 -5.58 47.87
CA SER B 60 53.15 -6.29 49.10
C SER B 60 53.34 -7.77 48.78
N LYS B 61 54.36 -8.37 49.39
CA LYS B 61 54.70 -9.76 49.14
C LYS B 61 54.44 -10.65 50.35
N VAL B 62 55.06 -10.33 51.49
CA VAL B 62 54.84 -11.08 52.73
C VAL B 62 55.06 -10.15 53.90
N ARG B 63 54.11 -10.12 54.83
CA ARG B 63 54.21 -9.33 56.06
C ARG B 63 54.45 -7.86 55.65
N HIS B 64 55.19 -7.11 56.47
CA HIS B 64 55.48 -5.72 56.20
C HIS B 64 56.96 -5.46 56.44
N ASN B 65 57.47 -4.42 55.79
CA ASN B 65 58.86 -4.00 55.91
C ASN B 65 58.90 -2.49 56.14
N LEU B 66 60.07 -2.00 56.52
CA LEU B 66 60.24 -0.57 56.77
C LEU B 66 59.97 0.26 55.51
N SER B 67 60.06 -0.35 54.33
CA SER B 67 59.82 0.34 53.07
C SER B 67 58.39 0.21 52.58
N ASP B 68 57.43 0.05 53.48
CA ASP B 68 56.02 -0.07 53.11
C ASP B 68 55.28 1.26 53.17
N ILE B 69 55.96 2.35 53.52
CA ILE B 69 55.34 3.67 53.60
C ILE B 69 56.17 4.64 52.79
N TYR B 70 55.66 5.04 51.62
CA TYR B 70 56.38 5.86 50.67
C TYR B 70 56.03 7.33 50.86
N LYS B 71 56.38 8.16 49.86
CA LYS B 71 56.19 9.61 49.82
C LYS B 71 54.88 10.08 50.45
N PRO B 72 53.73 9.42 50.19
CA PRO B 72 52.48 9.86 50.81
C PRO B 72 52.63 10.26 52.27
N ILE B 73 53.55 9.62 53.00
CA ILE B 73 53.83 10.04 54.37
C ILE B 73 54.28 11.50 54.38
N LEU B 74 55.25 11.83 53.53
CA LEU B 74 55.74 13.21 53.47
C LEU B 74 54.69 14.15 52.93
N GLN B 75 53.84 13.69 52.00
CA GLN B 75 52.75 14.52 51.52
C GLN B 75 51.83 14.92 52.66
N MET B 76 51.46 13.95 53.51
CA MET B 76 50.63 14.25 54.66
C MET B 76 51.37 15.17 55.63
N LEU B 77 52.67 14.94 55.82
CA LEU B 77 53.45 15.76 56.73
C LEU B 77 53.44 17.23 56.29
N LEU B 78 53.63 17.49 54.99
CA LEU B 78 53.53 18.85 54.50
C LEU B 78 52.10 19.38 54.63
N HIS B 79 51.10 18.57 54.31
CA HIS B 79 49.72 19.01 54.41
C HIS B 79 49.34 19.35 55.85
N PHE B 80 50.08 18.83 56.83
CA PHE B 80 49.81 19.21 58.22
C PHE B 80 50.03 20.70 58.42
N LEU B 81 51.10 21.26 57.85
CA LEU B 81 51.39 22.69 57.97
C LEU B 81 50.63 23.45 56.88
N GLU B 82 49.31 23.47 57.04
CA GLU B 82 48.45 24.18 56.10
C GLU B 82 48.59 25.68 56.27
N ASN B 83 48.27 26.42 55.21
CA ASN B 83 48.36 27.87 55.27
C ASN B 83 47.42 28.44 56.33
N ASP B 84 46.20 27.92 56.41
CA ASP B 84 45.25 28.38 57.42
C ASP B 84 45.46 27.71 58.77
N SER B 85 46.22 26.62 58.81
CA SER B 85 46.52 25.92 60.06
C SER B 85 45.24 25.54 60.81
N LEU B 86 44.42 24.73 60.15
CA LEU B 86 43.17 24.24 60.70
C LEU B 86 43.30 22.75 61.00
N ASN B 87 42.20 22.15 61.45
CA ASN B 87 42.18 20.72 61.78
C ASN B 87 42.36 19.93 60.50
N ILE B 88 43.56 19.39 60.30
CA ILE B 88 43.92 18.68 59.08
C ILE B 88 44.49 17.31 59.44
N LYS B 89 44.05 16.76 60.57
CA LYS B 89 44.58 15.48 61.01
C LYS B 89 44.36 14.42 59.93
N TYR B 90 45.40 13.65 59.63
CA TYR B 90 45.39 12.68 58.56
C TYR B 90 45.24 11.27 59.10
N ALA B 91 44.98 10.32 58.20
CA ALA B 91 44.77 8.93 58.58
C ALA B 91 45.40 8.03 57.53
N LEU B 92 45.68 6.79 57.96
CA LEU B 92 46.28 5.79 57.08
C LEU B 92 45.63 4.43 57.38
N TYR B 93 45.11 3.80 56.32
CA TYR B 93 44.42 2.52 56.44
C TYR B 93 44.84 1.58 55.32
N ALA B 94 46.12 1.57 55.00
CA ALA B 94 46.63 0.71 53.94
C ALA B 94 46.54 -0.76 54.34
N TYR B 95 46.44 -1.62 53.34
CA TYR B 95 46.30 -3.06 53.56
C TYR B 95 47.67 -3.71 53.75
N PHE B 96 47.69 -4.77 54.56
CA PHE B 96 48.88 -5.56 54.79
C PHE B 96 48.49 -7.03 54.84
N PRO B 97 49.22 -7.93 54.17
CA PRO B 97 48.82 -9.35 54.15
C PRO B 97 48.79 -9.98 55.54
N ASN B 98 49.91 -9.92 56.26
CA ASN B 98 50.04 -10.56 57.56
C ASN B 98 50.71 -9.58 58.51
N GLU B 99 49.95 -9.03 59.44
CA GLU B 99 50.49 -8.08 60.40
C GLU B 99 49.50 -7.92 61.55
N GLN B 100 50.03 -7.72 62.76
CA GLN B 100 49.18 -7.45 63.90
C GLN B 100 48.40 -6.16 63.67
N VAL B 101 47.09 -6.24 63.83
CA VAL B 101 46.22 -5.09 63.56
C VAL B 101 46.35 -4.10 64.70
N GLY B 102 46.88 -2.93 64.41
CA GLY B 102 47.04 -1.89 65.42
C GLY B 102 47.69 -0.66 64.83
N VAL B 103 47.73 0.39 65.64
CA VAL B 103 48.33 1.65 65.21
C VAL B 103 49.85 1.55 65.26
N LYS B 104 50.51 2.40 64.49
CA LYS B 104 51.96 2.43 64.43
C LYS B 104 52.60 3.11 65.65
N GLU B 105 51.79 3.57 66.59
CA GLU B 105 52.28 4.23 67.80
C GLU B 105 52.90 5.57 67.44
N VAL B 106 52.85 6.53 68.38
CA VAL B 106 53.28 7.90 68.11
C VAL B 106 54.67 8.17 68.70
N THR B 107 55.47 7.12 68.91
CA THR B 107 56.82 7.31 69.44
C THR B 107 57.63 8.18 68.50
N LYS B 108 58.37 9.13 69.08
CA LYS B 108 59.16 10.06 68.28
C LYS B 108 60.30 9.35 67.56
N SER B 109 60.90 8.35 68.21
CA SER B 109 62.09 7.71 67.64
C SER B 109 61.77 7.02 66.31
N GLN B 110 60.65 6.30 66.25
CA GLN B 110 60.32 5.58 65.03
C GLN B 110 60.07 6.55 63.87
N ILE B 111 59.31 7.62 64.12
CA ILE B 111 59.03 8.58 63.06
C ILE B 111 60.30 9.29 62.64
N GLU B 112 61.17 9.60 63.60
CA GLU B 112 62.45 10.24 63.25
C GLU B 112 63.30 9.33 62.38
N GLU B 113 63.35 8.03 62.71
CA GLU B 113 64.10 7.10 61.89
C GLU B 113 63.50 7.00 60.50
N ILE B 114 62.17 7.01 60.41
CA ILE B 114 61.51 6.98 59.10
C ILE B 114 61.85 8.24 58.30
N LEU B 115 61.99 9.37 58.99
CA LEU B 115 62.23 10.64 58.30
C LEU B 115 63.51 10.63 57.49
N SER B 116 64.46 9.74 57.81
CA SER B 116 65.72 9.65 57.07
C SER B 116 65.54 8.81 55.81
N SER B 117 64.63 9.27 54.95
CA SER B 117 64.34 8.55 53.71
C SER B 117 65.53 8.62 52.75
N SER B 118 66.11 9.81 52.58
CA SER B 118 67.27 10.02 51.73
C SER B 118 66.98 9.56 50.29
N ASN B 119 66.00 10.19 49.68
CA ASN B 119 65.63 9.94 48.30
C ASN B 119 65.52 11.26 47.56
N PHE B 120 66.16 11.35 46.39
CA PHE B 120 66.13 12.61 45.65
C PHE B 120 64.72 12.97 45.21
N ASP B 121 63.93 11.99 44.77
CA ASP B 121 62.57 12.27 44.35
C ASP B 121 61.79 12.94 45.48
N TYR B 122 61.83 12.34 46.67
CA TYR B 122 61.09 12.89 47.80
C TYR B 122 61.62 14.27 48.17
N ILE B 123 62.95 14.43 48.18
CA ILE B 123 63.55 15.69 48.61
C ILE B 123 63.16 16.81 47.65
N SER B 124 63.30 16.56 46.34
CA SER B 124 62.95 17.56 45.36
C SER B 124 61.45 17.79 45.28
N LYS B 125 60.64 16.85 45.77
CA LYS B 125 59.19 17.01 45.70
C LYS B 125 58.63 17.70 46.93
N TYR B 126 58.83 17.12 48.12
CA TYR B 126 58.16 17.64 49.30
C TYR B 126 59.08 17.91 50.48
N ILE B 127 60.09 17.07 50.71
CA ILE B 127 60.89 17.21 51.94
C ILE B 127 61.63 18.55 51.94
N SER B 128 62.06 19.02 50.77
CA SER B 128 62.79 20.28 50.70
C SER B 128 62.00 21.41 51.33
N LYS B 129 60.67 21.37 51.25
CA LYS B 129 59.85 22.41 51.85
C LYS B 129 59.75 22.26 53.35
N ILE B 130 59.89 21.04 53.89
CA ILE B 130 59.79 20.85 55.34
C ILE B 130 60.88 21.62 56.04
N LYS B 131 62.13 21.47 55.59
CA LYS B 131 63.26 22.15 56.19
C LYS B 131 63.68 23.31 55.31
N PRO B 132 63.48 24.55 55.72
CA PRO B 132 63.90 25.70 54.90
C PRO B 132 65.39 25.63 54.62
N PRO B 133 65.80 25.52 53.35
CA PRO B 133 67.25 25.42 53.06
C PRO B 133 67.98 26.71 53.37
N LYS B 134 68.77 26.71 54.44
CA LYS B 134 69.56 27.88 54.79
C LYS B 134 70.66 28.13 53.76
N GLU B 135 71.24 27.05 53.22
CA GLU B 135 72.16 27.16 52.10
C GLU B 135 71.35 27.22 50.81
N GLN B 136 71.31 28.40 50.19
CA GLN B 136 70.45 28.62 49.03
C GLN B 136 70.92 27.89 47.78
N ILE B 137 72.07 27.21 47.84
CA ILE B 137 72.57 26.47 46.69
C ILE B 137 71.58 25.41 46.23
N ILE B 138 70.62 25.06 47.08
CA ILE B 138 69.59 24.08 46.72
C ILE B 138 68.29 24.75 46.34
N LYS B 139 67.89 25.82 47.04
CA LYS B 139 66.66 26.52 46.68
C LYS B 139 66.78 27.14 45.29
N GLU B 140 67.94 27.73 44.98
CA GLU B 140 68.13 28.30 43.66
C GLU B 140 68.05 27.23 42.57
N LEU B 141 68.67 26.08 42.81
CA LEU B 141 68.59 24.98 41.84
C LEU B 141 67.15 24.49 41.68
N LEU B 142 66.42 24.39 42.79
CA LEU B 142 65.02 23.97 42.71
C LEU B 142 64.20 24.96 41.88
N GLY B 143 64.42 26.26 42.09
CA GLY B 143 63.77 27.27 41.28
C GLY B 143 64.37 27.45 39.92
N LYS B 144 65.53 26.84 39.65
CA LYS B 144 66.15 26.93 38.33
C LYS B 144 65.43 26.07 37.30
N THR B 145 64.69 25.05 37.74
CA THR B 145 64.05 24.10 36.83
C THR B 145 65.06 23.35 35.98
N SER B 146 66.27 23.17 36.51
CA SER B 146 67.33 22.47 35.79
C SER B 146 68.33 21.94 36.81
N LYS B 147 68.48 20.62 36.89
CA LYS B 147 69.38 19.99 37.83
C LYS B 147 70.08 18.83 37.14
N THR B 148 71.24 18.46 37.66
CA THR B 148 72.08 17.41 37.11
C THR B 148 72.37 16.37 38.19
N THR B 149 73.05 15.29 37.79
CA THR B 149 73.40 14.23 38.73
C THR B 149 74.29 14.77 39.85
N GLU B 150 75.23 15.64 39.50
CA GLU B 150 76.08 16.25 40.53
C GLU B 150 75.22 17.01 41.54
N ASP B 151 74.17 17.69 41.08
CA ASP B 151 73.30 18.43 41.99
C ASP B 151 72.53 17.47 42.89
N LYS B 152 72.06 16.33 42.36
CA LYS B 152 71.38 15.36 43.20
C LYS B 152 72.33 14.82 44.27
N THR B 153 73.56 14.50 43.89
CA THR B 153 74.53 14.03 44.87
C THR B 153 74.82 15.10 45.91
N ARG B 154 74.90 16.36 45.48
CA ARG B 154 75.15 17.45 46.41
C ARG B 154 74.00 17.58 47.41
N ILE B 155 72.77 17.47 46.94
CA ILE B 155 71.61 17.51 47.84
C ILE B 155 71.65 16.35 48.82
N LYS B 156 71.99 15.16 48.32
CA LYS B 156 72.05 13.99 49.20
C LYS B 156 73.11 14.18 50.27
N LYS B 157 74.29 14.69 49.91
CA LYS B 157 75.32 14.95 50.90
C LYS B 157 74.88 16.03 51.88
N TYR B 158 74.20 17.06 51.38
CA TYR B 158 73.71 18.13 52.25
C TYR B 158 72.73 17.61 53.29
N TYR B 159 71.85 16.70 52.88
CA TYR B 159 70.84 16.15 53.77
C TYR B 159 71.30 14.90 54.52
N GLU B 160 72.52 14.42 54.26
CA GLU B 160 73.03 13.22 54.92
C GLU B 160 73.95 13.55 56.10
N THR B 161 75.02 14.30 55.84
CA THR B 161 75.97 14.65 56.87
C THR B 161 75.76 16.06 57.43
N SER B 162 75.14 16.95 56.66
CA SER B 162 74.88 18.32 57.08
C SER B 162 73.41 18.52 57.43
N LYS B 163 72.82 17.52 58.09
CA LYS B 163 71.41 17.56 58.48
C LYS B 163 71.03 18.95 59.00
N LEU B 164 69.94 19.48 58.48
CA LEU B 164 69.46 20.82 58.82
C LEU B 164 68.31 20.72 59.82
N GLU B 165 68.16 21.79 60.62
CA GLU B 165 67.14 21.84 61.65
C GLU B 165 65.87 22.48 61.11
N THR B 166 64.75 21.78 61.23
CA THR B 166 63.49 22.27 60.72
C THR B 166 62.97 23.43 61.59
N ILE B 167 62.00 24.16 61.04
CA ILE B 167 61.38 25.27 61.76
C ILE B 167 60.08 24.86 62.44
N VAL B 168 59.54 23.69 62.15
CA VAL B 168 58.30 23.22 62.75
C VAL B 168 58.64 22.48 64.04
N ASP B 169 57.73 22.56 65.01
CA ASP B 169 57.91 21.86 66.29
C ASP B 169 57.83 20.36 66.04
N ILE B 170 58.99 19.68 66.12
CA ILE B 170 59.04 18.26 65.78
C ILE B 170 58.16 17.46 66.73
N ASP B 171 58.21 17.77 68.03
CA ASP B 171 57.44 17.03 69.00
C ASP B 171 55.96 16.99 68.63
N LYS B 172 55.38 18.16 68.34
CA LYS B 172 54.00 18.23 67.89
C LYS B 172 53.83 17.78 66.45
N PHE B 173 54.91 17.68 65.69
CA PHE B 173 54.82 17.37 64.27
C PHE B 173 54.82 15.87 63.98
N LEU B 174 55.22 15.04 64.96
CA LEU B 174 55.27 13.59 64.79
C LEU B 174 54.37 12.84 65.77
N ARG B 175 53.74 13.51 66.72
CA ARG B 175 53.01 12.85 67.79
C ARG B 175 51.50 13.10 67.71
N ASP B 176 51.07 14.36 67.73
CA ASP B 176 49.64 14.65 67.85
C ASP B 176 48.89 14.28 66.58
N HIS B 177 49.42 14.67 65.43
CA HIS B 177 48.71 14.47 64.17
C HIS B 177 48.90 13.04 63.66
N PHE B 178 48.14 12.71 62.61
CA PHE B 178 48.24 11.44 61.90
C PHE B 178 47.70 10.29 62.73
N VAL B 179 46.99 9.37 62.09
CA VAL B 179 46.47 8.16 62.73
C VAL B 179 46.65 6.99 61.77
N PHE B 180 47.00 5.84 62.33
CA PHE B 180 47.31 4.66 61.52
C PHE B 180 46.48 3.47 61.99
N GLU B 181 46.14 2.61 61.03
CA GLU B 181 45.45 1.37 61.33
C GLU B 181 45.64 0.42 60.15
N ILE B 182 45.68 -0.87 60.44
CA ILE B 182 45.94 -1.87 59.41
C ILE B 182 44.68 -2.07 58.58
N GLY B 183 44.82 -1.95 57.26
CA GLY B 183 43.71 -2.09 56.34
C GLY B 183 43.44 -3.53 55.96
N LEU B 184 42.49 -3.69 55.04
CA LEU B 184 42.09 -4.99 54.53
C LEU B 184 42.03 -4.95 53.01
N SER B 185 42.21 -6.10 52.39
CA SER B 185 42.19 -6.21 50.94
C SER B 185 40.76 -6.01 50.45
N TYR B 186 40.48 -4.81 49.92
CA TYR B 186 39.13 -4.51 49.45
C TYR B 186 38.75 -5.32 48.23
N GLU B 187 39.73 -5.82 47.47
CA GLU B 187 39.42 -6.60 46.28
C GLU B 187 38.60 -7.84 46.64
N GLU B 188 39.01 -8.55 47.69
CA GLU B 188 38.22 -9.67 48.19
C GLU B 188 37.11 -9.22 49.12
N LEU B 189 37.16 -7.97 49.61
CA LEU B 189 36.14 -7.47 50.50
C LEU B 189 34.89 -7.00 49.75
N MET B 190 34.97 -6.81 48.44
CA MET B 190 33.77 -6.45 47.68
C MET B 190 32.73 -7.56 47.76
N ASN B 191 33.17 -8.81 47.68
CA ASN B 191 32.23 -9.92 47.79
C ASN B 191 31.56 -9.94 49.15
N GLU B 192 32.33 -9.71 50.22
CA GLU B 192 31.74 -9.66 51.56
C GLU B 192 30.76 -8.50 51.68
N THR B 193 31.10 -7.35 51.11
CA THR B 193 30.18 -6.21 51.15
C THR B 193 28.89 -6.53 50.43
N LYS B 194 28.98 -7.14 49.24
CA LYS B 194 27.77 -7.51 48.51
C LYS B 194 26.94 -8.51 49.28
N ASN B 195 27.59 -9.51 49.90
CA ASN B 195 26.86 -10.49 50.69
C ASN B 195 26.15 -9.84 51.86
N LEU B 196 26.83 -8.92 52.56
CA LEU B 196 26.21 -8.22 53.68
C LEU B 196 25.02 -7.40 53.21
N LEU B 197 25.17 -6.70 52.08
CA LEU B 197 24.05 -5.92 51.55
C LEU B 197 22.88 -6.82 51.17
N MET B 198 23.14 -8.09 50.87
CA MET B 198 22.08 -9.03 50.52
C MET B 198 21.44 -9.57 51.79
N LYS B 199 20.75 -8.66 52.50
CA LYS B 199 20.04 -8.99 53.72
C LYS B 199 18.54 -8.83 53.57
N GLU B 200 18.08 -7.72 52.98
CA GLU B 200 16.67 -7.52 52.68
C GLU B 200 16.35 -8.22 51.37
N GLY B 201 15.16 -7.94 50.82
CA GLY B 201 14.76 -8.54 49.56
C GLY B 201 15.74 -8.21 48.45
N PHE B 202 15.79 -6.93 48.06
CA PHE B 202 16.70 -6.47 47.02
C PHE B 202 16.60 -7.39 45.81
N SER B 203 17.73 -7.73 45.19
CA SER B 203 17.76 -8.67 44.07
C SER B 203 19.18 -9.21 43.96
N LEU B 204 19.46 -9.94 42.88
CA LEU B 204 20.78 -10.53 42.70
C LEU B 204 21.75 -9.52 42.10
N GLU B 205 21.48 -9.04 40.89
CA GLU B 205 22.38 -8.11 40.22
C GLU B 205 22.27 -6.70 40.77
N ASP B 206 21.08 -6.30 41.23
CA ASP B 206 20.90 -4.94 41.72
C ASP B 206 21.82 -4.65 42.90
N VAL B 207 22.17 -5.66 43.69
CA VAL B 207 23.09 -5.46 44.79
C VAL B 207 24.45 -4.98 44.28
N LYS B 208 24.75 -5.26 43.02
CA LYS B 208 26.00 -4.85 42.39
C LYS B 208 25.77 -3.80 41.30
N ASP B 209 24.54 -3.36 41.09
CA ASP B 209 24.24 -2.41 40.02
C ASP B 209 23.47 -1.19 40.50
N LEU B 210 22.58 -1.36 41.48
CA LEU B 210 21.61 -0.32 41.83
C LEU B 210 21.78 0.20 43.26
N PHE B 211 21.80 -0.69 44.26
CA PHE B 211 21.72 -0.23 45.64
C PHE B 211 23.07 0.19 46.19
N TYR B 212 24.13 -0.54 45.87
CA TYR B 212 25.45 -0.13 46.33
C TYR B 212 25.81 1.26 45.84
N PRO B 213 25.63 1.59 44.57
CA PRO B 213 25.86 2.99 44.15
C PRO B 213 24.97 3.98 44.87
N ASN B 214 23.72 3.61 45.17
CA ASN B 214 22.86 4.49 45.97
C ASN B 214 23.54 4.83 47.29
N SER B 215 23.97 3.81 48.03
CA SER B 215 24.57 4.06 49.33
C SER B 215 25.85 4.89 49.20
N ILE B 216 26.70 4.54 48.23
CA ILE B 216 27.97 5.24 48.07
C ILE B 216 27.74 6.71 47.78
N GLN B 217 26.89 7.00 46.80
CA GLN B 217 26.65 8.38 46.41
C GLN B 217 25.93 9.15 47.51
N TYR B 218 25.02 8.50 48.24
CA TYR B 218 24.35 9.19 49.34
C TYR B 218 25.36 9.60 50.40
N ILE B 219 26.26 8.70 50.79
CA ILE B 219 27.27 9.06 51.77
C ILE B 219 28.17 10.16 51.23
N ALA B 220 28.56 10.06 49.96
CA ALA B 220 29.47 11.05 49.39
C ALA B 220 28.83 12.44 49.33
N GLU B 221 27.56 12.52 49.00
CA GLU B 221 26.86 13.79 48.84
C GLU B 221 26.22 14.28 50.12
N LEU B 222 26.25 13.50 51.20
CA LEU B 222 25.68 13.96 52.46
C LEU B 222 26.32 15.25 52.94
N SER B 223 27.61 15.46 52.63
CA SER B 223 28.36 16.59 53.17
C SER B 223 29.01 17.43 52.05
N ILE B 224 28.34 17.56 50.91
CA ILE B 224 28.86 18.40 49.83
C ILE B 224 28.21 19.77 49.78
N LEU B 225 27.06 19.96 50.43
CA LEU B 225 26.39 21.24 50.40
C LEU B 225 27.20 22.28 51.19
N PRO B 226 27.13 23.56 50.80
CA PRO B 226 27.89 24.58 51.53
C PRO B 226 27.55 24.64 53.01
N GLU B 227 26.29 24.44 53.37
CA GLU B 227 25.88 24.54 54.76
C GLU B 227 26.55 23.45 55.59
N ALA B 228 27.03 23.82 56.78
CA ALA B 228 27.70 22.90 57.68
C ALA B 228 26.74 22.18 58.62
N GLU B 229 25.46 22.57 58.64
CA GLU B 229 24.47 21.95 59.51
C GLU B 229 23.73 20.79 58.84
N LYS B 230 24.02 20.51 57.57
CA LYS B 230 23.35 19.43 56.86
C LYS B 230 23.99 18.06 57.12
N ARG B 231 25.11 18.02 57.85
CA ARG B 231 25.80 16.77 58.11
C ARG B 231 25.19 15.96 59.25
N ILE B 232 24.21 16.52 59.96
CA ILE B 232 23.61 15.81 61.08
C ILE B 232 22.96 14.53 60.58
N SER B 233 23.31 13.41 61.20
CA SER B 233 22.75 12.10 60.85
C SER B 233 22.26 11.42 62.12
N SER B 234 21.10 10.76 62.01
CA SER B 234 20.50 10.08 63.15
C SER B 234 19.97 8.72 62.68
N LYS B 235 19.49 7.94 63.65
CA LYS B 235 18.97 6.62 63.34
C LYS B 235 17.75 6.72 62.41
N ASN B 236 16.86 7.66 62.68
CA ASN B 236 15.66 7.80 61.87
C ASN B 236 16.01 8.09 60.41
N LYS B 237 16.92 9.03 60.19
CA LYS B 237 17.34 9.35 58.83
C LYS B 237 17.99 8.15 58.16
N LEU B 238 18.85 7.43 58.90
CA LEU B 238 19.52 6.28 58.32
C LEU B 238 18.52 5.22 57.87
N ILE B 239 17.55 4.91 58.73
CA ILE B 239 16.56 3.90 58.34
C ILE B 239 15.70 4.40 57.20
N ASP B 240 15.32 5.67 57.20
CA ASP B 240 14.47 6.20 56.15
C ASP B 240 15.17 6.13 54.79
N TYR B 241 16.45 6.48 54.75
CA TYR B 241 17.21 6.43 53.50
C TYR B 241 17.74 5.04 53.19
N LEU B 242 17.67 4.10 54.14
CA LEU B 242 18.08 2.73 53.89
C LEU B 242 16.95 1.88 53.31
N LYS B 243 15.73 2.08 53.79
CA LYS B 243 14.59 1.34 53.25
C LYS B 243 13.37 2.26 53.10
N GLY B 244 13.56 3.46 52.56
CA GLY B 244 12.46 4.35 52.30
C GLY B 244 11.70 3.98 51.04
N ASN B 245 12.38 4.02 49.90
CA ASN B 245 11.81 3.62 48.62
C ASN B 245 12.52 2.41 48.03
N LYS B 246 13.82 2.53 47.75
CA LYS B 246 14.66 1.41 47.33
C LYS B 246 13.97 0.48 46.34
N LYS B 247 13.25 1.06 45.36
CA LYS B 247 12.73 0.31 44.22
C LYS B 247 13.42 0.76 42.94
N THR B 248 13.35 2.06 42.64
CA THR B 248 14.25 2.70 41.69
C THR B 248 15.27 3.58 42.38
N ALA B 249 14.93 4.13 43.55
CA ALA B 249 15.86 4.81 44.43
C ALA B 249 16.41 6.10 43.84
N MET B 250 15.95 6.48 42.64
CA MET B 250 16.50 7.64 41.95
C MET B 250 18.02 7.56 41.93
N SER B 251 18.51 6.38 41.57
CA SER B 251 19.92 6.00 41.77
C SER B 251 20.80 6.74 40.78
N ARG B 252 21.29 7.91 41.17
CA ARG B 252 22.13 8.70 40.28
C ARG B 252 23.39 7.93 39.90
N TRP B 253 24.28 7.73 40.85
CA TRP B 253 25.57 7.11 40.58
C TRP B 253 25.43 5.59 40.48
N THR B 254 26.35 4.97 39.75
CA THR B 254 26.20 3.57 39.38
C THR B 254 27.44 2.70 39.60
N SER B 255 28.63 3.29 39.51
CA SER B 255 29.87 2.51 39.54
C SER B 255 30.68 2.86 40.78
N GLU B 256 31.82 2.18 40.94
CA GLU B 256 32.67 2.34 42.11
C GLU B 256 34.09 1.91 41.75
N VAL B 257 34.94 1.76 42.76
CA VAL B 257 36.30 1.24 42.56
C VAL B 257 36.15 -0.23 42.16
N LEU B 258 36.20 -0.48 40.86
CA LEU B 258 35.93 -1.80 40.30
C LEU B 258 36.61 -1.83 38.93
N THR B 259 36.24 -2.79 38.10
CA THR B 259 36.72 -2.84 36.71
C THR B 259 36.15 -1.70 35.85
N ARG B 260 35.53 -0.70 36.49
CA ARG B 260 35.04 0.48 35.79
C ARG B 260 36.22 1.28 35.26
N LYS B 261 36.61 1.02 34.02
CA LYS B 261 37.70 1.75 33.39
C LYS B 261 37.66 1.52 31.89
N GLN B 262 37.80 2.59 31.11
CA GLN B 262 37.55 2.50 29.67
C GLN B 262 36.19 1.84 29.48
N LEU B 263 36.17 0.55 29.15
CA LEU B 263 34.90 -0.16 29.12
C LEU B 263 34.31 -0.20 30.52
N LEU B 264 33.03 0.10 30.63
CA LEU B 264 32.34 0.06 31.91
C LEU B 264 31.70 -1.29 32.15
N LYS B 265 31.71 -1.72 33.41
CA LYS B 265 30.91 -2.83 33.88
C LYS B 265 29.99 -2.30 34.98
N VAL B 266 29.03 -3.13 35.38
CA VAL B 266 28.01 -2.76 36.37
C VAL B 266 27.01 -1.84 35.70
N ARG B 267 25.82 -2.36 35.39
CA ARG B 267 24.80 -1.61 34.67
C ARG B 267 25.31 -1.19 33.30
N LYS B 268 25.97 -2.13 32.62
CA LYS B 268 26.41 -1.97 31.24
C LYS B 268 25.40 -2.51 30.25
N ASN B 269 24.72 -3.60 30.60
CA ASN B 269 23.74 -4.26 29.74
C ASN B 269 22.35 -4.31 30.34
N GLN B 270 22.23 -4.24 31.67
CA GLN B 270 20.93 -4.34 32.32
C GLN B 270 20.04 -3.15 32.02
N LEU B 271 20.58 -2.08 31.44
CA LEU B 271 19.77 -0.92 31.11
C LEU B 271 18.84 -1.16 29.92
N VAL B 272 18.96 -2.31 29.26
CA VAL B 272 18.20 -2.54 28.04
C VAL B 272 16.70 -2.38 28.26
N PRO B 273 16.09 -2.95 29.29
CA PRO B 273 14.67 -2.71 29.53
C PRO B 273 14.35 -1.22 29.57
N SER B 274 13.30 -0.83 28.85
CA SER B 274 12.95 0.56 28.65
C SER B 274 13.89 1.22 27.65
N LEU B 275 14.93 0.50 27.23
CA LEU B 275 15.84 0.95 26.18
C LEU B 275 15.68 0.15 24.90
N ASN B 276 15.35 -1.14 25.00
CA ASN B 276 14.83 -1.86 23.84
C ASN B 276 13.40 -1.45 23.56
N ILE B 277 12.58 -1.31 24.60
CA ILE B 277 11.18 -0.93 24.44
C ILE B 277 11.13 0.29 23.55
N ASN B 278 10.36 0.21 22.48
CA ASN B 278 10.31 1.24 21.46
C ASN B 278 9.47 2.44 21.86
N SER B 279 9.10 2.55 23.13
CA SER B 279 8.26 3.63 23.63
C SER B 279 8.90 4.29 24.84
N ARG B 280 10.21 4.57 24.76
CA ARG B 280 10.90 5.33 25.78
C ARG B 280 11.81 6.36 25.11
N SER B 281 12.09 7.43 25.84
CA SER B 281 12.77 8.62 25.34
C SER B 281 14.00 8.93 26.18
N ARG B 282 14.95 8.00 26.22
CA ARG B 282 16.09 8.12 27.11
C ARG B 282 16.82 9.44 26.86
N TYR B 283 17.17 10.12 27.93
CA TYR B 283 17.92 11.37 27.85
C TYR B 283 19.38 11.14 28.17
N PHE B 284 20.16 12.23 28.12
CA PHE B 284 21.59 12.16 28.42
C PHE B 284 22.03 13.48 29.00
N ILE B 285 22.46 13.47 30.26
CA ILE B 285 23.02 14.64 30.92
C ILE B 285 24.49 14.32 31.21
N ILE B 286 25.40 15.01 30.52
CA ILE B 286 26.83 14.75 30.61
C ILE B 286 27.57 16.07 30.53
N ASP B 287 28.90 16.01 30.65
CA ASP B 287 29.76 17.20 30.60
C ASP B 287 31.01 16.86 29.79
N PRO B 288 31.36 17.67 28.78
CA PRO B 288 32.46 17.30 27.88
C PRO B 288 33.82 17.81 28.34
N ASP B 289 33.85 18.82 29.20
CA ASP B 289 35.14 19.34 29.65
C ASP B 289 35.99 18.23 30.26
N THR B 290 35.37 17.30 30.96
CA THR B 290 36.07 16.08 31.35
C THR B 290 36.43 15.25 30.13
N ILE B 291 35.53 15.20 29.14
CA ILE B 291 35.81 14.48 27.91
C ILE B 291 36.90 15.21 27.12
N ASP B 292 37.54 14.48 26.20
CA ASP B 292 38.68 14.98 25.45
C ASP B 292 38.36 15.31 24.00
N ASN B 293 37.79 14.35 23.26
CA ASN B 293 37.65 14.48 21.80
C ASN B 293 36.23 14.92 21.48
N PHE B 294 36.01 16.25 21.49
CA PHE B 294 34.73 16.84 21.13
C PHE B 294 34.98 18.08 20.27
N ASP B 295 35.19 17.89 18.98
CA ASP B 295 35.12 19.00 18.03
C ASP B 295 34.15 18.64 16.91
N ASP B 296 34.31 17.42 16.39
CA ASP B 296 33.34 16.82 15.49
C ASP B 296 33.15 15.34 15.73
N GLU B 297 33.98 14.70 16.55
CA GLU B 297 33.94 13.25 16.68
C GLU B 297 32.69 12.77 17.40
N PHE B 298 32.12 13.61 18.27
CA PHE B 298 30.95 13.18 19.02
C PHE B 298 29.81 12.80 18.10
N ILE B 299 29.68 13.50 16.95
CA ILE B 299 28.61 13.18 16.02
C ILE B 299 28.67 11.71 15.64
N LEU B 300 29.87 11.14 15.56
CA LEU B 300 30.00 9.72 15.23
C LEU B 300 29.15 8.89 16.17
N PHE B 301 29.30 9.09 17.48
CA PHE B 301 28.45 8.36 18.42
C PHE B 301 26.99 8.61 18.08
N VAL B 302 26.62 9.89 17.93
CA VAL B 302 25.26 10.23 17.54
C VAL B 302 24.81 9.29 16.43
N LYS B 303 25.60 9.22 15.34
CA LYS B 303 25.24 8.38 14.21
C LYS B 303 24.74 7.02 14.67
N ASP B 304 25.60 6.24 15.34
CA ASP B 304 25.22 4.86 15.59
C ASP B 304 24.29 4.75 16.79
N TYR B 305 24.19 5.79 17.61
CA TYR B 305 23.11 5.84 18.58
C TYR B 305 21.79 6.13 17.90
N LEU B 306 21.82 6.87 16.81
CA LEU B 306 20.63 7.29 16.11
C LEU B 306 20.23 6.32 15.01
N ASP B 307 21.07 5.33 14.71
CA ASP B 307 20.75 4.27 13.77
C ASP B 307 20.28 3.00 14.45
N LYS B 308 20.19 2.97 15.78
CA LYS B 308 19.64 1.83 16.50
C LYS B 308 18.39 2.20 17.29
N TYR B 309 18.44 3.17 18.19
CA TYR B 309 17.34 3.48 19.07
C TYR B 309 16.35 4.45 18.47
N ASN B 310 16.54 4.85 17.22
CA ASN B 310 15.45 5.46 16.47
C ASN B 310 15.45 4.95 15.04
N SER B 311 16.00 3.75 14.83
CA SER B 311 15.94 3.01 13.58
C SER B 311 14.88 1.92 13.71
N LYS B 312 14.84 1.00 12.74
CA LYS B 312 13.78 0.01 12.67
C LYS B 312 12.43 0.70 12.81
N ILE B 313 12.18 1.59 11.86
CA ILE B 313 11.26 2.70 12.06
C ILE B 313 9.82 2.25 12.22
N LYS B 314 9.53 0.96 12.01
CA LYS B 314 8.16 0.48 12.19
C LYS B 314 7.75 0.54 13.67
N LEU B 315 8.69 0.35 14.59
CA LEU B 315 8.38 0.25 16.00
C LEU B 315 8.85 1.43 16.84
N HIS B 316 9.94 2.09 16.46
CA HIS B 316 10.54 3.13 17.29
C HIS B 316 9.76 4.43 17.15
N THR B 317 9.14 4.86 18.24
CA THR B 317 8.26 6.02 18.26
C THR B 317 8.88 7.22 18.95
N GLU B 318 9.38 7.06 20.17
CA GLU B 318 9.92 8.15 20.95
C GLU B 318 11.33 8.50 20.47
N THR B 319 11.87 9.58 21.03
CA THR B 319 13.12 10.15 20.56
C THR B 319 14.11 10.37 21.71
N PRO B 320 15.40 10.21 21.46
CA PRO B 320 16.40 10.55 22.49
C PRO B 320 16.71 12.04 22.46
N CYS B 321 17.66 12.43 23.31
CA CYS B 321 18.16 13.80 23.30
C CYS B 321 19.36 13.89 24.24
N PHE B 322 20.25 14.83 23.94
CA PHE B 322 21.54 14.96 24.62
C PHE B 322 21.58 16.28 25.39
N ILE B 323 21.87 16.20 26.69
CA ILE B 323 22.20 17.37 27.50
C ILE B 323 23.68 17.25 27.86
N LEU B 324 24.54 17.83 27.04
CA LEU B 324 25.98 17.77 27.24
C LEU B 324 26.50 19.16 27.55
N LYS B 325 27.23 19.29 28.66
CA LYS B 325 27.56 20.60 29.23
C LYS B 325 28.76 21.24 28.52
N THR B 326 28.66 21.37 27.19
CA THR B 326 29.76 22.00 26.46
C THR B 326 29.69 23.52 26.56
N ASP B 327 28.67 24.12 25.96
CA ASP B 327 28.45 25.57 25.92
C ASP B 327 27.23 25.84 25.06
N VAL B 328 26.80 27.10 24.98
CA VAL B 328 25.80 27.48 23.99
C VAL B 328 26.46 27.71 22.63
N ASN B 329 27.52 28.51 22.60
CA ASN B 329 28.17 28.83 21.34
C ASN B 329 28.96 27.65 20.80
N ASN B 330 29.72 26.97 21.66
CA ASN B 330 30.49 25.82 21.19
C ASN B 330 29.59 24.81 20.51
N LEU B 331 28.35 24.65 21.00
CA LEU B 331 27.40 23.79 20.32
C LEU B 331 27.21 24.23 18.88
N SER B 332 27.07 25.55 18.65
CA SER B 332 27.08 26.07 17.29
C SER B 332 28.39 25.74 16.60
N GLU B 333 29.52 25.98 17.28
CA GLU B 333 30.82 25.57 16.77
C GLU B 333 30.99 24.06 16.81
N TYR B 334 30.08 23.35 17.48
CA TYR B 334 29.93 21.91 17.32
C TYR B 334 28.71 21.54 16.51
N HIS B 335 27.82 22.51 16.23
CA HIS B 335 26.70 22.23 15.35
C HIS B 335 27.20 21.72 14.00
N LYS B 336 28.35 22.23 13.54
CA LYS B 336 28.83 22.06 12.17
C LYS B 336 28.64 20.64 11.64
N ARG B 337 29.26 19.66 12.27
CA ARG B 337 29.46 18.37 11.62
C ARG B 337 28.28 17.43 11.82
N PHE B 338 27.07 17.99 12.00
CA PHE B 338 25.91 17.16 12.27
C PHE B 338 25.33 16.54 11.01
N VAL B 339 24.87 17.37 10.08
CA VAL B 339 24.27 16.79 8.87
C VAL B 339 25.42 16.53 7.92
N SER B 340 26.19 15.50 8.23
CA SER B 340 27.40 15.15 7.50
C SER B 340 27.41 13.66 7.20
N ARG B 341 26.94 12.86 8.15
CA ARG B 341 26.98 11.41 8.05
C ARG B 341 25.59 10.80 8.19
N ASN B 342 24.60 11.41 7.54
CA ASN B 342 23.27 10.81 7.37
C ASN B 342 22.48 10.77 8.68
N ILE B 343 22.68 11.76 9.54
CA ILE B 343 21.91 11.89 10.77
C ILE B 343 21.54 13.35 10.96
N GLN B 344 20.27 13.60 11.29
CA GLN B 344 19.80 14.93 11.64
C GLN B 344 19.38 14.98 13.10
N ILE B 345 19.68 16.10 13.76
CA ILE B 345 19.37 16.32 15.16
C ILE B 345 18.92 17.76 15.33
N ILE B 346 18.31 18.05 16.48
CA ILE B 346 17.90 19.42 16.83
C ILE B 346 18.91 20.00 17.80
N THR B 347 19.26 21.27 17.59
CA THR B 347 20.28 21.91 18.42
C THR B 347 19.86 21.98 19.88
N GLY B 348 18.56 22.03 20.15
CA GLY B 348 18.05 22.20 21.50
C GLY B 348 18.05 23.66 21.89
N TYR B 349 19.14 24.36 21.61
CA TYR B 349 19.21 25.80 21.84
C TYR B 349 18.73 26.60 20.64
N ILE B 350 19.20 26.26 19.44
CA ILE B 350 18.84 27.01 18.24
C ILE B 350 19.39 28.42 18.41
N GLY B 351 20.65 28.53 18.86
CA GLY B 351 21.30 29.81 18.96
C GLY B 351 21.85 30.12 20.34
N ASP B 352 21.49 31.27 20.88
CA ASP B 352 21.94 31.71 22.19
C ASP B 352 20.86 31.57 23.26
N THR B 353 19.78 30.85 22.96
CA THR B 353 18.65 30.72 23.88
C THR B 353 18.23 29.26 23.95
N PHE B 354 18.42 28.64 25.11
CA PHE B 354 17.93 27.28 25.31
C PHE B 354 16.43 27.23 25.10
N TYR B 355 15.96 26.13 24.51
CA TYR B 355 14.55 25.97 24.21
C TYR B 355 14.04 24.71 24.87
N PHE B 356 12.84 24.81 25.45
CA PHE B 356 12.38 23.82 26.40
C PHE B 356 11.80 22.59 25.72
N LYS B 357 10.90 22.79 24.76
CA LYS B 357 9.99 21.74 24.33
C LYS B 357 10.13 21.32 22.88
N GLU B 358 10.61 22.19 21.99
CA GLU B 358 11.13 21.67 20.72
C GLU B 358 12.21 20.65 21.01
N PHE B 359 12.88 20.81 22.14
CA PHE B 359 13.79 19.82 22.70
C PHE B 359 13.07 18.55 23.13
N ASN B 360 11.76 18.45 22.90
CA ASN B 360 11.00 17.28 23.32
C ASN B 360 9.92 16.81 22.37
N LYS B 361 9.66 17.48 21.24
CA LYS B 361 8.53 17.09 20.42
C LYS B 361 8.72 15.68 19.87
N GLU B 362 7.70 15.15 19.20
CA GLU B 362 7.70 13.77 18.78
C GLU B 362 8.09 13.68 17.32
N PRO B 363 9.23 13.08 16.97
CA PRO B 363 9.50 12.83 15.54
C PRO B 363 8.72 11.61 15.09
N LYS B 364 7.65 11.81 14.35
CA LYS B 364 6.75 10.70 14.06
C LYS B 364 7.40 9.77 13.04
N ARG B 365 7.67 8.55 13.47
CA ARG B 365 8.29 7.53 12.64
C ARG B 365 7.55 7.34 11.33
N ILE B 366 8.23 6.80 10.32
CA ILE B 366 7.67 6.54 9.00
C ILE B 366 7.80 5.06 8.70
N ILE B 367 6.75 4.49 8.12
CA ILE B 367 6.69 3.04 7.94
C ILE B 367 7.27 2.60 6.60
N LYS B 368 6.95 3.32 5.53
CA LYS B 368 7.30 2.88 4.18
C LYS B 368 8.61 3.48 3.67
N ASP B 369 9.29 4.31 4.47
CA ASP B 369 10.51 4.96 4.02
C ASP B 369 11.68 4.86 4.99
N ASN B 370 11.46 4.36 6.21
CA ASN B 370 12.52 4.23 7.21
C ASN B 370 13.18 5.58 7.49
N TRP B 371 12.38 6.48 8.06
CA TRP B 371 12.91 7.78 8.47
C TRP B 371 12.21 8.28 9.72
N VAL B 372 12.94 9.09 10.48
CA VAL B 372 12.43 9.81 11.65
C VAL B 372 12.89 11.26 11.54
N GLU B 373 12.09 12.16 12.12
CA GLU B 373 12.26 13.58 11.86
C GLU B 373 13.45 14.19 12.60
N PHE B 374 13.93 13.55 13.65
CA PHE B 374 15.25 13.84 14.17
C PHE B 374 15.70 12.59 14.93
N LYS B 375 16.57 11.80 14.31
CA LYS B 375 16.93 10.53 14.91
C LYS B 375 17.29 10.68 16.39
N ALA B 376 17.71 11.87 16.79
CA ALA B 376 17.89 12.24 18.19
C ALA B 376 18.05 13.76 18.22
N ARG B 377 18.44 14.29 19.38
CA ARG B 377 18.52 15.72 19.55
C ARG B 377 19.65 16.06 20.52
N ILE B 378 20.09 17.31 20.48
CA ILE B 378 21.14 17.78 21.36
C ILE B 378 20.66 19.00 22.12
N SER B 379 21.30 19.22 23.28
CA SER B 379 21.16 20.42 24.06
C SER B 379 22.30 20.42 25.07
N CYS B 380 22.70 21.60 25.52
CA CYS B 380 23.67 21.69 26.58
C CYS B 380 22.96 21.88 27.92
N ASN B 381 23.74 21.83 28.99
CA ASN B 381 23.17 21.78 30.33
C ASN B 381 22.75 23.15 30.81
N SER B 382 21.93 23.84 30.02
CA SER B 382 21.49 25.18 30.37
C SER B 382 20.88 25.19 31.75
N ASP B 383 21.52 25.87 32.70
CA ASP B 383 21.02 25.90 34.08
C ASP B 383 19.51 26.09 34.08
N GLU B 384 19.02 26.77 33.04
CA GLU B 384 17.60 26.81 32.74
C GLU B 384 17.18 25.56 31.98
N VAL B 385 17.56 24.37 32.47
CA VAL B 385 17.13 23.10 31.90
C VAL B 385 16.62 22.24 33.06
N ILE B 386 15.32 22.33 33.33
CA ILE B 386 14.65 21.29 34.08
C ILE B 386 13.72 20.63 33.09
N LYS B 387 14.23 19.68 32.31
CA LYS B 387 13.46 19.15 31.19
C LYS B 387 13.60 17.67 30.97
N CYS B 388 14.61 17.00 31.51
CA CYS B 388 14.60 15.54 31.49
C CYS B 388 13.40 15.00 32.24
N ILE B 389 12.97 15.72 33.26
CA ILE B 389 12.08 15.18 34.27
C ILE B 389 10.68 15.77 34.13
N ASN B 390 10.34 16.27 32.94
CA ASN B 390 8.97 16.69 32.64
C ASN B 390 8.39 15.94 31.44
N TYR B 391 9.03 15.98 30.28
CA TYR B 391 8.43 15.52 29.03
C TYR B 391 9.10 14.26 28.55
N LYS B 392 8.27 13.25 28.21
CA LYS B 392 8.78 11.95 27.80
C LYS B 392 9.94 11.64 28.71
N LYS B 393 9.75 11.90 30.00
CA LYS B 393 10.83 12.22 30.92
C LYS B 393 11.64 10.96 31.19
N CYS B 394 12.49 10.63 30.22
CA CYS B 394 13.70 9.85 30.39
C CYS B 394 13.54 8.75 31.43
N ASP B 395 12.57 7.87 31.17
CA ASP B 395 12.32 6.75 32.06
C ASP B 395 13.58 5.96 32.36
N ASP B 396 14.64 6.13 31.57
CA ASP B 396 16.00 5.80 31.98
C ASP B 396 16.92 6.98 31.71
N LEU B 397 17.93 7.11 32.56
CA LEU B 397 18.95 8.14 32.42
C LEU B 397 20.35 7.53 32.42
N TYR B 398 21.27 8.27 31.82
CA TYR B 398 22.66 7.82 31.69
C TYR B 398 23.53 9.07 31.73
N ILE B 399 23.97 9.42 32.93
CA ILE B 399 24.86 10.55 33.15
C ILE B 399 26.28 10.00 33.23
N VAL B 400 27.25 10.91 33.08
CA VAL B 400 28.67 10.55 33.15
C VAL B 400 29.28 11.25 34.36
N GLY B 401 29.73 10.45 35.33
CA GLY B 401 30.52 10.97 36.44
C GLY B 401 29.69 11.77 37.42
N GLY B 402 29.20 12.92 36.96
CA GLY B 402 28.40 13.80 37.80
C GLY B 402 28.32 15.17 37.18
N VAL B 403 27.11 15.75 37.17
CA VAL B 403 26.84 17.01 36.48
C VAL B 403 25.83 17.77 37.33
N ASP B 404 25.62 19.04 37.01
CA ASP B 404 24.68 19.88 37.75
C ASP B 404 23.37 19.16 37.97
N VAL B 405 23.05 18.92 39.24
CA VAL B 405 21.83 18.20 39.62
C VAL B 405 20.78 19.13 40.21
N SER B 406 21.14 20.35 40.56
CA SER B 406 20.18 21.28 41.14
C SER B 406 19.03 21.53 40.18
N LEU B 407 17.91 21.99 40.75
CA LEU B 407 16.73 22.39 40.00
C LEU B 407 15.95 21.20 39.42
N LEU B 408 16.49 19.99 39.54
CA LEU B 408 15.84 18.84 38.92
C LEU B 408 14.59 18.42 39.69
N ASP B 409 13.57 18.01 38.95
CA ASP B 409 12.35 17.48 39.57
C ASP B 409 12.63 16.14 40.25
N THR B 410 13.56 15.35 39.70
CA THR B 410 13.92 14.02 40.20
C THR B 410 12.69 13.21 40.58
N ALA B 411 11.61 13.39 39.84
CA ALA B 411 10.34 12.73 40.12
C ALA B 411 10.02 11.76 39.00
N ASP B 412 9.75 10.50 39.36
CA ASP B 412 9.22 9.50 38.44
C ASP B 412 10.26 8.99 37.45
N VAL B 413 11.45 9.57 37.46
CA VAL B 413 12.46 9.30 36.44
C VAL B 413 13.56 8.45 37.07
N ASN B 414 13.88 7.34 36.41
CA ASN B 414 14.95 6.46 36.88
C ASN B 414 16.27 7.13 36.55
N ILE B 415 16.64 8.11 37.38
CA ILE B 415 17.88 8.85 37.17
C ILE B 415 19.07 7.94 37.45
N GLU B 416 20.07 7.98 36.56
CA GLU B 416 21.24 7.14 36.68
C GLU B 416 22.44 7.89 36.12
N ASN B 417 23.64 7.40 36.42
CA ASN B 417 24.87 8.12 36.08
C ASN B 417 26.00 7.11 35.90
N LEU B 418 26.47 6.96 34.66
CA LEU B 418 27.55 6.03 34.31
C LEU B 418 28.72 6.85 33.78
N GLU B 419 29.82 6.87 34.53
CA GLU B 419 30.94 7.75 34.19
C GLU B 419 31.72 7.24 32.98
N ILE B 420 32.24 8.18 32.19
CA ILE B 420 32.98 7.90 30.98
C ILE B 420 34.13 8.89 30.85
N ASN B 421 34.89 8.73 29.77
CA ASN B 421 35.91 9.69 29.34
C ASN B 421 35.85 9.96 27.85
N ASN B 422 35.13 9.14 27.07
CA ASN B 422 34.88 9.40 25.66
C ASN B 422 33.59 8.66 25.29
N PHE B 423 33.18 8.82 24.03
CA PHE B 423 31.88 8.35 23.58
C PHE B 423 31.87 6.89 23.18
N ARG B 424 33.04 6.33 22.83
CA ARG B 424 33.10 4.93 22.43
C ARG B 424 32.63 4.02 23.56
N GLU B 425 33.04 4.33 24.79
CA GLU B 425 32.56 3.61 25.96
C GLU B 425 31.15 4.03 26.36
N LEU B 426 30.76 5.26 26.02
CA LEU B 426 29.38 5.68 26.25
C LEU B 426 28.41 4.79 25.50
N LYS B 427 28.73 4.47 24.24
CA LYS B 427 27.94 3.50 23.51
C LYS B 427 27.70 2.25 24.35
N TYR B 428 28.77 1.59 24.78
CA TYR B 428 28.61 0.31 25.45
C TYR B 428 27.94 0.47 26.80
N LEU B 429 27.95 1.68 27.37
CA LEU B 429 26.99 1.97 28.43
C LEU B 429 25.57 1.82 27.89
N LEU B 430 25.34 2.29 26.67
CA LEU B 430 24.08 2.08 25.98
C LEU B 430 24.05 0.78 25.19
N SER B 431 25.17 0.05 25.15
CA SER B 431 25.23 -1.33 24.68
C SER B 431 24.89 -1.54 23.20
N MET B 432 25.67 -0.95 22.29
CA MET B 432 25.71 -1.42 20.91
C MET B 432 27.08 -1.86 20.46
N LEU B 433 28.12 -1.09 20.79
CA LEU B 433 29.47 -1.46 20.40
C LEU B 433 29.91 -2.69 21.18
N LYS B 434 30.48 -3.66 20.48
CA LYS B 434 30.73 -4.97 21.08
C LYS B 434 31.65 -4.86 22.29
N GLU B 435 32.71 -4.06 22.17
CA GLU B 435 33.66 -3.82 23.25
C GLU B 435 33.80 -2.32 23.47
N ILE B 436 34.56 -1.96 24.51
CA ILE B 436 34.87 -0.57 24.82
C ILE B 436 33.67 0.35 24.60
N MET C 1 -22.37 4.23 -59.62
CA MET C 1 -23.15 3.40 -60.57
C MET C 1 -22.80 1.92 -60.40
N MET C 2 -23.60 1.22 -59.60
CA MET C 2 -23.37 -0.20 -59.37
C MET C 2 -23.58 -1.00 -60.64
N SER C 3 -22.79 -2.06 -60.80
CA SER C 3 -22.92 -2.92 -61.96
C SER C 3 -24.28 -3.62 -61.96
N ARG C 4 -24.81 -3.84 -63.17
CA ARG C 4 -26.11 -4.49 -63.29
C ARG C 4 -26.09 -5.91 -62.74
N GLU C 5 -24.92 -6.54 -62.73
CA GLU C 5 -24.82 -7.88 -62.15
C GLU C 5 -25.11 -7.88 -60.66
N ALA C 6 -24.66 -6.83 -59.95
CA ALA C 6 -24.97 -6.73 -58.53
C ALA C 6 -26.47 -6.57 -58.30
N ASP C 7 -27.14 -5.77 -59.14
CA ASP C 7 -28.58 -5.64 -59.03
C ASP C 7 -29.27 -6.97 -59.31
N HIS C 8 -28.79 -7.71 -60.30
CA HIS C 8 -29.36 -9.03 -60.60
C HIS C 8 -29.20 -9.96 -59.41
N THR C 9 -28.02 -9.94 -58.77
CA THR C 9 -27.79 -10.79 -57.61
C THR C 9 -28.72 -10.40 -56.46
N ILE C 10 -28.90 -9.10 -56.24
CA ILE C 10 -29.78 -8.64 -55.16
C ILE C 10 -31.22 -9.08 -55.43
N LYS C 11 -31.67 -8.95 -56.69
CA LYS C 11 -33.03 -9.34 -57.02
C LYS C 11 -33.22 -10.86 -56.85
N GLY C 12 -32.22 -11.64 -57.25
CA GLY C 12 -32.29 -13.08 -57.01
C GLY C 12 -32.34 -13.39 -55.52
N PHE C 13 -31.57 -12.65 -54.72
CA PHE C 13 -31.56 -12.88 -53.28
C PHE C 13 -32.93 -12.57 -52.68
N LEU C 14 -33.58 -11.50 -53.14
CA LEU C 14 -34.91 -11.21 -52.60
C LEU C 14 -35.96 -12.20 -53.10
N TYR C 15 -35.81 -12.70 -54.33
CA TYR C 15 -36.69 -13.78 -54.77
C TYR C 15 -36.54 -15.01 -53.87
N GLN C 16 -35.29 -15.33 -53.50
CA GLN C 16 -35.07 -16.44 -52.59
C GLN C 16 -35.55 -16.10 -51.19
N PHE C 17 -35.53 -14.82 -50.81
CA PHE C 17 -36.16 -14.40 -49.57
C PHE C 17 -37.64 -14.76 -49.57
N ASN C 18 -38.32 -14.46 -50.68
CA ASN C 18 -39.74 -14.80 -50.79
C ASN C 18 -39.95 -16.30 -50.73
N LYS C 19 -39.10 -17.06 -51.42
CA LYS C 19 -39.21 -18.52 -51.37
C LYS C 19 -39.03 -19.04 -49.95
N THR C 20 -38.04 -18.50 -49.24
CA THR C 20 -37.80 -18.92 -47.85
C THR C 20 -38.98 -18.57 -46.96
N LEU C 21 -39.55 -17.38 -47.14
CA LEU C 21 -40.71 -16.99 -46.34
C LEU C 21 -41.88 -17.94 -46.60
N ASN C 22 -42.12 -18.28 -47.87
CA ASN C 22 -43.20 -19.20 -48.18
C ASN C 22 -42.96 -20.57 -47.57
N SER C 23 -41.72 -21.06 -47.65
CA SER C 23 -41.39 -22.36 -47.07
C SER C 23 -41.57 -22.34 -45.56
N ILE C 24 -41.12 -21.27 -44.90
CA ILE C 24 -41.27 -21.18 -43.44
C ILE C 24 -42.75 -21.16 -43.07
N LEU C 25 -43.56 -20.41 -43.81
CA LEU C 25 -45.00 -20.42 -43.55
C LEU C 25 -45.57 -21.81 -43.73
N SER C 26 -45.16 -22.52 -44.78
CA SER C 26 -45.65 -23.87 -45.00
C SER C 26 -45.09 -24.83 -43.95
N SER C 27 -43.77 -24.79 -43.73
CA SER C 27 -43.09 -25.67 -42.78
C SER C 27 -43.32 -27.15 -43.10
N THR C 28 -43.66 -27.46 -44.35
CA THR C 28 -43.92 -28.82 -44.78
C THR C 28 -43.25 -29.02 -46.14
N ASP C 29 -43.58 -30.13 -46.79
CA ASP C 29 -42.98 -30.44 -48.08
C ASP C 29 -43.20 -29.30 -49.08
N GLN C 30 -42.13 -28.91 -49.77
CA GLN C 30 -42.19 -27.82 -50.74
C GLN C 30 -41.58 -28.27 -52.06
N ASP C 31 -41.42 -27.33 -53.00
CA ASP C 31 -40.85 -27.64 -54.29
C ASP C 31 -39.36 -27.96 -54.14
N GLU C 32 -38.73 -28.34 -55.25
CA GLU C 32 -37.31 -28.69 -55.27
C GLU C 32 -36.53 -27.46 -55.75
N ILE C 33 -36.14 -26.62 -54.79
CA ILE C 33 -35.39 -25.41 -55.11
C ILE C 33 -33.97 -25.78 -55.51
N GLN C 34 -33.51 -25.26 -56.64
CA GLN C 34 -32.18 -25.53 -57.16
C GLN C 34 -31.50 -24.21 -57.53
N ILE C 35 -30.19 -24.14 -57.29
CA ILE C 35 -29.45 -22.94 -57.65
C ILE C 35 -29.37 -22.80 -59.17
N GLU C 36 -29.00 -21.59 -59.60
CA GLU C 36 -28.88 -21.26 -61.02
C GLU C 36 -27.46 -20.79 -61.31
N GLY C 37 -26.84 -21.39 -62.33
CA GLY C 37 -25.50 -21.01 -62.72
C GLY C 37 -25.49 -19.95 -63.80
N ILE C 38 -26.12 -18.82 -63.54
CA ILE C 38 -26.22 -17.74 -64.52
C ILE C 38 -25.32 -16.55 -64.20
N ILE C 39 -24.72 -16.50 -63.00
CA ILE C 39 -23.86 -15.39 -62.65
C ILE C 39 -22.64 -15.34 -63.56
N GLU C 40 -22.08 -16.51 -63.89
CA GLU C 40 -21.08 -16.62 -64.94
C GLU C 40 -21.27 -17.96 -65.64
N ASP C 41 -20.47 -18.19 -66.69
CA ASP C 41 -20.55 -19.42 -67.48
C ASP C 41 -19.82 -20.54 -66.74
N ILE C 42 -20.41 -20.96 -65.62
CA ILE C 42 -19.82 -22.03 -64.82
C ILE C 42 -19.89 -23.35 -65.57
N ASP C 43 -20.98 -23.57 -66.32
CA ASP C 43 -21.19 -24.81 -67.06
C ASP C 43 -21.23 -26.01 -66.11
N ILE C 44 -22.20 -25.96 -65.19
CA ILE C 44 -22.36 -27.04 -64.22
C ILE C 44 -22.81 -28.33 -64.89
N LYS C 45 -23.42 -28.25 -66.07
CA LYS C 45 -23.90 -29.42 -66.80
C LYS C 45 -24.95 -30.18 -65.99
N ASN C 46 -25.79 -29.44 -65.27
CA ASN C 46 -26.90 -30.00 -64.51
C ASN C 46 -28.19 -29.66 -65.24
N SER C 47 -28.95 -30.69 -65.62
CA SER C 47 -30.15 -30.49 -66.43
C SER C 47 -31.31 -29.91 -65.62
N ASN C 48 -31.35 -30.19 -64.32
CA ASN C 48 -32.49 -29.79 -63.49
C ASN C 48 -32.29 -28.36 -62.96
N ILE C 49 -32.40 -27.41 -63.88
CA ILE C 49 -32.35 -25.99 -63.57
C ILE C 49 -33.62 -25.35 -64.12
N THR C 50 -34.37 -24.70 -63.24
CA THR C 50 -35.65 -24.11 -63.63
C THR C 50 -35.76 -22.63 -63.25
N ASN C 51 -35.27 -22.23 -62.08
CA ASN C 51 -35.49 -20.88 -61.59
C ASN C 51 -34.86 -19.84 -62.52
N ALA C 52 -33.53 -19.84 -62.63
CA ALA C 52 -32.79 -18.89 -63.45
C ALA C 52 -33.34 -17.47 -63.27
N ILE C 53 -33.17 -16.96 -62.05
CA ILE C 53 -33.71 -15.67 -61.65
C ILE C 53 -32.62 -14.61 -61.82
N GLN C 54 -32.89 -13.62 -62.67
CA GLN C 54 -31.93 -12.55 -62.97
C GLN C 54 -32.67 -11.22 -63.07
N CYS C 55 -33.57 -10.96 -62.14
CA CYS C 55 -34.44 -9.78 -62.22
C CYS C 55 -33.65 -8.51 -61.97
N LYS C 56 -34.23 -7.38 -62.39
CA LYS C 56 -33.67 -6.07 -62.09
C LYS C 56 -34.81 -5.08 -61.93
N TYR C 57 -34.58 -4.05 -61.13
CA TYR C 57 -35.59 -3.06 -60.80
C TYR C 57 -35.04 -1.66 -60.99
N HIS C 58 -35.91 -0.71 -61.33
CA HIS C 58 -35.51 0.65 -61.58
C HIS C 58 -36.42 1.64 -60.84
N GLU C 59 -36.25 2.93 -61.09
CA GLU C 59 -37.03 3.93 -60.40
C GLU C 59 -38.51 3.81 -60.77
N SER C 60 -39.37 4.05 -59.79
CA SER C 60 -40.82 4.03 -59.98
C SER C 60 -41.42 5.27 -59.34
N LYS C 61 -42.38 5.89 -60.04
CA LYS C 61 -43.01 7.12 -59.58
C LYS C 61 -44.47 6.92 -59.22
N VAL C 62 -45.29 6.45 -60.14
CA VAL C 62 -46.69 6.13 -59.86
C VAL C 62 -47.14 5.04 -60.83
N ARG C 63 -47.76 4.00 -60.29
CA ARG C 63 -48.32 2.91 -61.10
C ARG C 63 -47.18 2.35 -61.98
N HIS C 64 -47.50 1.91 -63.19
CA HIS C 64 -46.52 1.34 -64.10
C HIS C 64 -46.57 2.06 -65.43
N ASN C 65 -45.46 1.98 -66.16
CA ASN C 65 -45.37 2.59 -67.48
C ASN C 65 -44.57 1.65 -68.39
N LEU C 66 -44.79 1.80 -69.70
CA LEU C 66 -44.05 0.98 -70.66
C LEU C 66 -42.55 1.24 -70.59
N SER C 67 -42.15 2.38 -70.03
CA SER C 67 -40.74 2.73 -69.88
C SER C 67 -40.12 2.12 -68.61
N ASP C 68 -40.80 1.19 -67.95
CA ASP C 68 -40.28 0.52 -66.78
C ASP C 68 -39.62 -0.81 -67.10
N ILE C 69 -39.54 -1.18 -68.38
CA ILE C 69 -38.94 -2.44 -68.81
C ILE C 69 -37.72 -2.09 -69.67
N TYR C 70 -36.59 -2.72 -69.36
CA TYR C 70 -35.29 -2.26 -69.84
C TYR C 70 -34.46 -3.48 -70.27
N LYS C 71 -33.16 -3.26 -70.43
CA LYS C 71 -32.27 -4.25 -71.05
C LYS C 71 -32.35 -5.65 -70.45
N PRO C 72 -32.39 -5.84 -69.11
CA PRO C 72 -32.34 -7.20 -68.56
C PRO C 72 -33.17 -8.22 -69.32
N ILE C 73 -34.32 -7.79 -69.84
CA ILE C 73 -35.15 -8.69 -70.63
C ILE C 73 -34.36 -9.21 -71.83
N LEU C 74 -33.60 -8.34 -72.47
CA LEU C 74 -32.79 -8.77 -73.61
C LEU C 74 -31.71 -9.76 -73.19
N GLN C 75 -31.11 -9.54 -72.01
CA GLN C 75 -30.13 -10.48 -71.50
C GLN C 75 -30.76 -11.86 -71.30
N MET C 76 -31.96 -11.91 -70.72
CA MET C 76 -32.64 -13.19 -70.57
C MET C 76 -32.96 -13.79 -71.94
N LEU C 77 -33.34 -12.96 -72.90
CA LEU C 77 -33.65 -13.44 -74.23
C LEU C 77 -32.44 -14.12 -74.86
N LEU C 78 -31.26 -13.50 -74.74
CA LEU C 78 -30.05 -14.16 -75.25
C LEU C 78 -29.74 -15.43 -74.46
N HIS C 79 -29.88 -15.38 -73.14
CA HIS C 79 -29.61 -16.57 -72.33
C HIS C 79 -30.53 -17.72 -72.70
N PHE C 80 -31.71 -17.44 -73.25
CA PHE C 80 -32.58 -18.52 -73.74
C PHE C 80 -31.90 -19.31 -74.85
N LEU C 81 -31.07 -18.66 -75.65
CA LEU C 81 -30.31 -19.33 -76.70
C LEU C 81 -28.96 -19.79 -76.15
N GLU C 82 -29.03 -20.64 -75.12
CA GLU C 82 -27.83 -21.15 -74.50
C GLU C 82 -27.11 -22.12 -75.41
N ASN C 83 -25.80 -22.27 -75.18
CA ASN C 83 -25.00 -23.17 -76.02
C ASN C 83 -25.50 -24.60 -75.93
N ASP C 84 -25.85 -25.06 -74.73
CA ASP C 84 -26.34 -26.41 -74.54
C ASP C 84 -27.85 -26.54 -74.75
N SER C 85 -28.56 -25.43 -74.94
CA SER C 85 -30.00 -25.44 -75.16
C SER C 85 -30.71 -26.19 -74.01
N LEU C 86 -30.54 -25.64 -72.82
CA LEU C 86 -31.06 -26.24 -71.59
C LEU C 86 -32.20 -25.39 -71.04
N ASN C 87 -32.87 -25.94 -70.03
CA ASN C 87 -33.98 -25.24 -69.38
C ASN C 87 -33.42 -24.06 -68.60
N ILE C 88 -33.58 -22.86 -69.17
CA ILE C 88 -33.06 -21.64 -68.57
C ILE C 88 -34.19 -20.62 -68.47
N LYS C 89 -35.42 -21.12 -68.28
CA LYS C 89 -36.57 -20.23 -68.24
C LYS C 89 -36.39 -19.18 -67.16
N TYR C 90 -36.61 -17.92 -67.52
CA TYR C 90 -36.40 -16.80 -66.63
C TYR C 90 -37.73 -16.33 -66.04
N ALA C 91 -37.67 -15.29 -65.21
CA ALA C 91 -38.86 -14.75 -64.56
C ALA C 91 -38.61 -13.27 -64.27
N LEU C 92 -39.69 -12.57 -63.95
CA LEU C 92 -39.60 -11.17 -63.55
C LEU C 92 -40.52 -10.92 -62.36
N TYR C 93 -40.02 -10.18 -61.38
CA TYR C 93 -40.72 -9.88 -60.14
C TYR C 93 -40.62 -8.40 -59.81
N ALA C 94 -40.83 -7.55 -60.82
CA ALA C 94 -40.67 -6.12 -60.65
C ALA C 94 -41.79 -5.53 -59.81
N TYR C 95 -41.44 -4.61 -58.93
CA TYR C 95 -42.42 -3.91 -58.11
C TYR C 95 -43.02 -2.73 -58.87
N PHE C 96 -44.20 -2.30 -58.42
CA PHE C 96 -44.86 -1.13 -58.95
C PHE C 96 -45.71 -0.53 -57.84
N PRO C 97 -45.77 0.79 -57.72
CA PRO C 97 -46.62 1.38 -56.66
C PRO C 97 -48.05 0.89 -56.69
N ASN C 98 -48.63 0.75 -57.87
CA ASN C 98 -49.99 0.25 -58.04
C ASN C 98 -50.06 -0.52 -59.35
N GLU C 99 -50.48 -1.78 -59.27
CA GLU C 99 -50.51 -2.62 -60.46
C GLU C 99 -51.30 -3.90 -60.15
N GLN C 100 -52.02 -4.39 -61.15
CA GLN C 100 -52.74 -5.65 -61.04
C GLN C 100 -51.74 -6.79 -60.87
N VAL C 101 -51.73 -7.42 -59.70
CA VAL C 101 -50.78 -8.50 -59.44
C VAL C 101 -51.11 -9.68 -60.33
N GLY C 102 -50.15 -10.07 -61.17
CA GLY C 102 -50.36 -11.17 -62.08
C GLY C 102 -49.25 -11.23 -63.10
N VAL C 103 -49.49 -12.05 -64.13
CA VAL C 103 -48.52 -12.23 -65.20
C VAL C 103 -48.83 -11.25 -66.32
N LYS C 104 -47.82 -11.01 -67.16
CA LYS C 104 -47.94 -10.07 -68.28
C LYS C 104 -48.57 -10.72 -69.51
N GLU C 105 -48.94 -11.99 -69.43
CA GLU C 105 -49.51 -12.72 -70.56
C GLU C 105 -48.45 -12.92 -71.64
N VAL C 106 -48.56 -14.01 -72.40
CA VAL C 106 -47.54 -14.38 -73.37
C VAL C 106 -47.95 -13.99 -74.80
N THR C 107 -48.84 -13.01 -74.93
CA THR C 107 -49.26 -12.57 -76.26
C THR C 107 -48.06 -12.06 -77.05
N LYS C 108 -48.00 -12.43 -78.33
CA LYS C 108 -46.88 -12.03 -79.18
C LYS C 108 -46.84 -10.52 -79.36
N SER C 109 -48.00 -9.88 -79.45
CA SER C 109 -48.05 -8.44 -79.73
C SER C 109 -47.36 -7.64 -78.64
N GLN C 110 -47.61 -7.97 -77.38
CA GLN C 110 -47.02 -7.22 -76.28
C GLN C 110 -45.50 -7.33 -76.28
N ILE C 111 -44.98 -8.53 -76.48
CA ILE C 111 -43.53 -8.72 -76.47
C ILE C 111 -42.90 -8.05 -77.69
N GLU C 112 -43.59 -8.11 -78.83
CA GLU C 112 -43.07 -7.42 -80.02
C GLU C 112 -43.01 -5.92 -79.81
N GLU C 113 -44.06 -5.35 -79.19
CA GLU C 113 -44.05 -3.92 -78.90
C GLU C 113 -42.93 -3.58 -77.92
N ILE C 114 -42.71 -4.42 -76.91
CA ILE C 114 -41.64 -4.17 -75.94
C ILE C 114 -40.29 -4.20 -76.65
N LEU C 115 -40.11 -5.13 -77.59
CA LEU C 115 -38.83 -5.28 -78.26
C LEU C 115 -38.46 -4.07 -79.11
N SER C 116 -39.43 -3.24 -79.49
CA SER C 116 -39.18 -2.09 -80.35
C SER C 116 -38.74 -0.88 -79.52
N SER C 117 -37.67 -1.08 -78.75
CA SER C 117 -37.14 0.00 -77.92
C SER C 117 -36.41 1.04 -78.77
N SER C 118 -35.61 0.58 -79.74
CA SER C 118 -34.87 1.47 -80.64
C SER C 118 -33.93 2.39 -79.84
N ASN C 119 -32.98 1.76 -79.16
CA ASN C 119 -31.94 2.46 -78.42
C ASN C 119 -30.58 1.90 -78.80
N PHE C 120 -29.60 2.79 -78.96
CA PHE C 120 -28.28 2.35 -79.40
C PHE C 120 -27.63 1.42 -78.37
N ASP C 121 -27.80 1.71 -77.09
CA ASP C 121 -27.19 0.86 -76.07
C ASP C 121 -27.65 -0.58 -76.22
N TYR C 122 -28.97 -0.79 -76.28
CA TYR C 122 -29.50 -2.14 -76.42
C TYR C 122 -29.09 -2.76 -77.75
N ILE C 123 -29.10 -1.97 -78.82
CA ILE C 123 -28.77 -2.49 -80.14
C ILE C 123 -27.33 -3.00 -80.16
N SER C 124 -26.41 -2.22 -79.60
CA SER C 124 -24.99 -2.55 -79.64
C SER C 124 -24.57 -3.52 -78.55
N LYS C 125 -25.38 -3.73 -77.52
CA LYS C 125 -24.99 -4.61 -76.43
C LYS C 125 -25.47 -6.05 -76.64
N TYR C 126 -26.79 -6.25 -76.78
CA TYR C 126 -27.35 -7.60 -76.78
C TYR C 126 -28.28 -7.85 -77.96
N ILE C 127 -28.96 -6.81 -78.44
CA ILE C 127 -29.95 -7.02 -79.50
C ILE C 127 -29.29 -7.42 -80.80
N SER C 128 -28.13 -6.85 -81.10
CA SER C 128 -27.48 -7.12 -82.38
C SER C 128 -27.21 -8.60 -82.57
N LYS C 129 -26.96 -9.34 -81.49
CA LYS C 129 -26.71 -10.78 -81.60
C LYS C 129 -27.94 -11.53 -82.06
N ILE C 130 -29.13 -11.07 -81.66
CA ILE C 130 -30.37 -11.78 -82.03
C ILE C 130 -30.54 -11.79 -83.54
N LYS C 131 -30.34 -10.65 -84.18
CA LYS C 131 -30.53 -10.53 -85.63
C LYS C 131 -29.18 -10.38 -86.32
N PRO C 132 -28.68 -11.40 -87.00
CA PRO C 132 -27.43 -11.23 -87.77
C PRO C 132 -27.58 -10.11 -88.78
N PRO C 133 -26.75 -9.07 -88.69
CA PRO C 133 -26.93 -7.92 -89.60
C PRO C 133 -26.69 -8.29 -91.05
N LYS C 134 -27.74 -8.23 -91.88
CA LYS C 134 -27.58 -8.49 -93.30
C LYS C 134 -26.66 -7.48 -93.96
N GLU C 135 -26.55 -6.27 -93.40
CA GLU C 135 -25.56 -5.30 -93.83
C GLU C 135 -24.27 -5.56 -93.04
N GLN C 136 -23.27 -6.14 -93.71
CA GLN C 136 -22.03 -6.50 -93.03
C GLN C 136 -21.33 -5.28 -92.44
N ILE C 137 -21.64 -4.08 -92.93
CA ILE C 137 -21.05 -2.87 -92.36
C ILE C 137 -21.46 -2.72 -90.90
N ILE C 138 -22.70 -3.10 -90.58
CA ILE C 138 -23.19 -2.98 -89.20
C ILE C 138 -22.33 -3.83 -88.27
N LYS C 139 -22.13 -5.10 -88.63
CA LYS C 139 -21.30 -5.98 -87.79
C LYS C 139 -19.85 -5.52 -87.77
N GLU C 140 -19.34 -5.03 -88.91
CA GLU C 140 -17.96 -4.56 -88.94
C GLU C 140 -17.76 -3.40 -87.97
N LEU C 141 -18.71 -2.46 -87.94
CA LEU C 141 -18.60 -1.35 -86.99
C LEU C 141 -18.79 -1.83 -85.55
N LEU C 142 -19.72 -2.77 -85.34
CA LEU C 142 -19.96 -3.26 -83.99
C LEU C 142 -18.72 -3.94 -83.41
N GLY C 143 -18.04 -4.75 -84.21
CA GLY C 143 -16.89 -5.48 -83.76
C GLY C 143 -15.59 -4.71 -83.73
N LYS C 144 -15.60 -3.45 -84.17
CA LYS C 144 -14.39 -2.64 -84.19
C LYS C 144 -14.10 -1.96 -82.86
N THR C 145 -15.04 -2.02 -81.90
CA THR C 145 -14.87 -1.39 -80.59
C THR C 145 -14.63 0.11 -80.71
N SER C 146 -15.18 0.72 -81.77
CA SER C 146 -15.03 2.16 -81.98
C SER C 146 -16.15 2.61 -82.90
N LYS C 147 -17.06 3.42 -82.38
CA LYS C 147 -18.23 3.87 -83.13
C LYS C 147 -18.43 5.36 -82.90
N THR C 148 -19.04 6.02 -83.88
CA THR C 148 -19.29 7.46 -83.86
C THR C 148 -20.79 7.72 -83.92
N THR C 149 -21.15 9.00 -83.82
CA THR C 149 -22.56 9.37 -83.84
C THR C 149 -23.23 8.99 -85.16
N GLU C 150 -22.52 9.20 -86.28
CA GLU C 150 -23.07 8.82 -87.58
C GLU C 150 -23.32 7.31 -87.63
N ASP C 151 -22.43 6.52 -87.04
CA ASP C 151 -22.64 5.07 -87.00
C ASP C 151 -23.89 4.73 -86.21
N LYS C 152 -24.11 5.37 -85.07
CA LYS C 152 -25.31 5.10 -84.28
C LYS C 152 -26.56 5.47 -85.07
N THR C 153 -26.54 6.63 -85.74
CA THR C 153 -27.70 7.04 -86.53
C THR C 153 -27.97 6.05 -87.65
N ARG C 154 -26.91 5.60 -88.34
CA ARG C 154 -27.09 4.66 -89.43
C ARG C 154 -27.66 3.33 -88.93
N ILE C 155 -27.14 2.84 -87.80
CA ILE C 155 -27.65 1.59 -87.25
C ILE C 155 -29.12 1.74 -86.86
N LYS C 156 -29.46 2.85 -86.22
CA LYS C 156 -30.85 3.07 -85.82
C LYS C 156 -31.77 3.12 -87.03
N LYS C 157 -31.35 3.84 -88.08
CA LYS C 157 -32.17 3.92 -89.28
C LYS C 157 -32.33 2.56 -89.93
N TYR C 158 -31.24 1.78 -90.00
CA TYR C 158 -31.32 0.47 -90.63
C TYR C 158 -32.22 -0.47 -89.85
N TYR C 159 -32.15 -0.42 -88.52
CA TYR C 159 -32.97 -1.31 -87.69
C TYR C 159 -34.37 -0.78 -87.44
N GLU C 160 -34.69 0.44 -87.90
CA GLU C 160 -36.02 1.01 -87.74
C GLU C 160 -36.86 0.81 -88.99
N THR C 161 -36.39 1.28 -90.13
CA THR C 161 -37.14 1.16 -91.38
C THR C 161 -36.84 -0.13 -92.13
N SER C 162 -35.62 -0.63 -92.05
CA SER C 162 -35.21 -1.88 -92.67
C SER C 162 -35.11 -3.01 -91.66
N LYS C 163 -36.05 -3.07 -90.73
CA LYS C 163 -36.06 -4.09 -89.68
C LYS C 163 -35.67 -5.45 -90.23
N LEU C 164 -34.72 -6.09 -89.56
CA LEU C 164 -34.19 -7.37 -90.00
C LEU C 164 -35.09 -8.51 -89.52
N GLU C 165 -34.84 -9.70 -90.08
CA GLU C 165 -35.56 -10.92 -89.72
C GLU C 165 -34.62 -11.78 -88.87
N THR C 166 -35.04 -12.08 -87.65
CA THR C 166 -34.21 -12.88 -86.76
C THR C 166 -34.19 -14.34 -87.20
N ILE C 167 -33.13 -15.04 -86.79
CA ILE C 167 -32.95 -16.44 -87.16
C ILE C 167 -33.59 -17.40 -86.16
N VAL C 168 -34.08 -16.90 -85.03
CA VAL C 168 -34.71 -17.74 -84.01
C VAL C 168 -36.21 -17.75 -84.25
N ASP C 169 -36.84 -18.87 -83.88
CA ASP C 169 -38.29 -19.01 -84.04
C ASP C 169 -38.99 -18.02 -83.12
N ILE C 170 -39.62 -17.00 -83.71
CA ILE C 170 -40.24 -15.95 -82.91
C ILE C 170 -41.39 -16.52 -82.08
N ASP C 171 -42.18 -17.42 -82.67
CA ASP C 171 -43.34 -17.95 -81.96
C ASP C 171 -42.92 -18.68 -80.68
N LYS C 172 -41.88 -19.51 -80.77
CA LYS C 172 -41.39 -20.25 -79.62
C LYS C 172 -40.47 -19.41 -78.73
N PHE C 173 -40.05 -18.23 -79.17
CA PHE C 173 -39.07 -17.43 -78.45
C PHE C 173 -39.70 -16.37 -77.55
N LEU C 174 -40.97 -16.02 -77.77
CA LEU C 174 -41.64 -15.01 -76.97
C LEU C 174 -42.91 -15.54 -76.31
N ARG C 175 -43.18 -16.84 -76.39
CA ARG C 175 -44.41 -17.42 -75.86
C ARG C 175 -44.15 -18.43 -74.76
N ASP C 176 -43.24 -19.38 -74.98
CA ASP C 176 -43.02 -20.45 -74.01
C ASP C 176 -42.10 -20.01 -72.88
N HIS C 177 -40.96 -19.43 -73.22
CA HIS C 177 -39.97 -19.06 -72.22
C HIS C 177 -40.36 -17.77 -71.51
N PHE C 178 -39.74 -17.56 -70.34
CA PHE C 178 -39.91 -16.34 -69.56
C PHE C 178 -41.29 -16.25 -68.92
N VAL C 179 -41.34 -15.75 -67.68
CA VAL C 179 -42.59 -15.52 -66.97
C VAL C 179 -42.48 -14.16 -66.29
N PHE C 180 -43.64 -13.61 -65.93
CA PHE C 180 -43.71 -12.30 -65.30
C PHE C 180 -44.60 -12.38 -64.06
N GLU C 181 -44.27 -11.54 -63.08
CA GLU C 181 -45.08 -11.40 -61.87
C GLU C 181 -44.78 -10.06 -61.24
N ILE C 182 -45.71 -9.59 -60.42
CA ILE C 182 -45.62 -8.28 -59.78
C ILE C 182 -44.99 -8.45 -58.40
N GLY C 183 -43.94 -7.68 -58.13
CA GLY C 183 -43.23 -7.76 -56.87
C GLY C 183 -43.89 -6.94 -55.77
N LEU C 184 -43.21 -6.90 -54.63
CA LEU C 184 -43.69 -6.19 -53.46
C LEU C 184 -42.59 -5.28 -52.93
N SER C 185 -43.02 -4.24 -52.20
CA SER C 185 -42.08 -3.29 -51.60
C SER C 185 -41.33 -3.99 -50.47
N TYR C 186 -40.04 -4.27 -50.68
CA TYR C 186 -39.27 -5.01 -49.70
C TYR C 186 -38.88 -4.17 -48.48
N GLU C 187 -38.82 -2.85 -48.62
CA GLU C 187 -38.51 -2.00 -47.48
C GLU C 187 -39.51 -2.21 -46.34
N GLU C 188 -40.73 -2.64 -46.66
CA GLU C 188 -41.72 -3.01 -45.66
C GLU C 188 -41.93 -4.52 -45.55
N LEU C 189 -41.68 -5.27 -46.63
CA LEU C 189 -41.77 -6.72 -46.56
C LEU C 189 -40.75 -7.29 -45.59
N MET C 190 -39.59 -6.65 -45.46
CA MET C 190 -38.62 -7.05 -44.45
C MET C 190 -39.26 -7.08 -43.07
N ASN C 191 -39.84 -5.95 -42.65
CA ASN C 191 -40.44 -5.89 -41.32
C ASN C 191 -41.64 -6.80 -41.21
N GLU C 192 -42.42 -6.93 -42.29
CA GLU C 192 -43.56 -7.83 -42.26
C GLU C 192 -43.12 -9.27 -41.99
N THR C 193 -42.09 -9.72 -42.70
CA THR C 193 -41.59 -11.09 -42.50
C THR C 193 -40.96 -11.24 -41.13
N LYS C 194 -40.27 -10.22 -40.64
CA LYS C 194 -39.68 -10.31 -39.30
C LYS C 194 -40.76 -10.45 -38.24
N ASN C 195 -41.84 -9.68 -38.37
CA ASN C 195 -42.96 -9.82 -37.44
C ASN C 195 -43.61 -11.19 -37.57
N LEU C 196 -43.74 -11.69 -38.80
CA LEU C 196 -44.33 -13.00 -39.01
C LEU C 196 -43.50 -14.09 -38.33
N LEU C 197 -42.18 -14.00 -38.42
CA LEU C 197 -41.31 -15.01 -37.85
C LEU C 197 -41.29 -15.01 -36.33
N MET C 198 -41.90 -14.00 -35.69
CA MET C 198 -41.98 -13.98 -34.24
C MET C 198 -43.01 -15.01 -33.77
N LYS C 199 -42.70 -16.29 -34.02
CA LYS C 199 -43.60 -17.39 -33.68
C LYS C 199 -42.97 -18.34 -32.67
N GLU C 200 -41.76 -18.81 -32.94
CA GLU C 200 -41.02 -19.63 -31.99
C GLU C 200 -40.38 -18.73 -30.93
N GLY C 201 -39.52 -19.30 -30.10
CA GLY C 201 -38.84 -18.50 -29.09
C GLY C 201 -37.96 -17.44 -29.70
N PHE C 202 -36.89 -17.87 -30.38
CA PHE C 202 -35.92 -16.98 -31.03
C PHE C 202 -35.60 -15.85 -30.03
N SER C 203 -35.71 -14.59 -30.43
CA SER C 203 -35.50 -13.47 -29.50
C SER C 203 -36.00 -12.21 -30.19
N LEU C 204 -35.91 -11.08 -29.47
CA LEU C 204 -36.40 -9.82 -30.01
C LEU C 204 -35.63 -9.39 -31.25
N GLU C 205 -34.30 -9.50 -31.21
CA GLU C 205 -33.46 -9.08 -32.32
C GLU C 205 -32.77 -10.24 -33.03
N ASP C 206 -32.64 -11.40 -32.38
CA ASP C 206 -32.06 -12.55 -33.06
C ASP C 206 -32.91 -12.97 -34.25
N VAL C 207 -34.22 -12.73 -34.18
CA VAL C 207 -35.08 -12.99 -35.34
C VAL C 207 -34.62 -12.15 -36.52
N LYS C 208 -34.33 -10.88 -36.29
CA LYS C 208 -33.94 -9.98 -37.36
C LYS C 208 -32.50 -10.23 -37.82
N ASP C 209 -31.64 -10.75 -36.95
CA ASP C 209 -30.22 -10.83 -37.25
C ASP C 209 -29.58 -12.17 -36.91
N LEU C 210 -30.37 -13.18 -36.54
CA LEU C 210 -29.81 -14.49 -36.21
C LEU C 210 -30.57 -15.68 -36.78
N PHE C 211 -31.82 -15.51 -37.23
CA PHE C 211 -32.60 -16.64 -37.71
C PHE C 211 -32.97 -16.51 -39.18
N TYR C 212 -33.64 -15.42 -39.56
CA TYR C 212 -34.18 -15.30 -40.91
C TYR C 212 -33.13 -15.51 -41.99
N PRO C 213 -31.97 -14.86 -41.96
CA PRO C 213 -30.96 -15.13 -43.01
C PRO C 213 -30.47 -16.56 -43.02
N ASN C 214 -30.41 -17.20 -41.85
CA ASN C 214 -29.98 -18.60 -41.80
C ASN C 214 -30.99 -19.49 -42.52
N SER C 215 -32.28 -19.26 -42.28
CA SER C 215 -33.30 -19.97 -43.04
C SER C 215 -33.18 -19.65 -44.53
N ILE C 216 -32.91 -18.38 -44.85
CA ILE C 216 -32.72 -18.01 -46.25
C ILE C 216 -31.67 -18.92 -46.89
N GLN C 217 -30.45 -18.87 -46.35
CA GLN C 217 -29.35 -19.62 -46.98
C GLN C 217 -29.60 -21.12 -46.94
N TYR C 218 -30.26 -21.63 -45.90
CA TYR C 218 -30.67 -23.03 -45.92
C TYR C 218 -31.56 -23.31 -47.11
N ILE C 219 -32.36 -22.32 -47.54
CA ILE C 219 -33.24 -22.49 -48.69
C ILE C 219 -32.67 -21.84 -49.95
N ALA C 220 -31.40 -21.44 -49.91
CA ALA C 220 -30.71 -20.85 -51.05
C ALA C 220 -29.53 -21.69 -51.51
N GLU C 221 -28.72 -22.18 -50.56
CA GLU C 221 -27.68 -23.16 -50.84
C GLU C 221 -28.17 -24.58 -50.65
N LEU C 222 -29.47 -24.82 -50.87
CA LEU C 222 -30.04 -26.14 -50.63
C LEU C 222 -29.31 -27.22 -51.42
N SER C 223 -28.98 -26.93 -52.68
CA SER C 223 -28.24 -27.84 -53.53
C SER C 223 -27.11 -27.06 -54.20
N ILE C 224 -25.97 -26.99 -53.52
CA ILE C 224 -24.78 -26.34 -54.06
C ILE C 224 -23.65 -27.32 -54.32
N LEU C 225 -23.76 -28.55 -53.85
CA LEU C 225 -22.74 -29.55 -54.12
C LEU C 225 -22.81 -30.00 -55.58
N PRO C 226 -21.74 -30.61 -56.08
CA PRO C 226 -21.75 -31.06 -57.49
C PRO C 226 -22.91 -32.01 -57.80
N GLU C 227 -23.28 -32.86 -56.85
CA GLU C 227 -24.39 -33.78 -57.06
C GLU C 227 -25.70 -33.00 -57.20
N ALA C 228 -26.53 -33.43 -58.15
CA ALA C 228 -27.82 -32.80 -58.39
C ALA C 228 -28.95 -33.42 -57.58
N GLU C 229 -28.69 -34.49 -56.83
CA GLU C 229 -29.70 -35.15 -56.02
C GLU C 229 -29.75 -34.63 -54.59
N LYS C 230 -28.89 -33.68 -54.23
CA LYS C 230 -28.90 -33.13 -52.87
C LYS C 230 -30.04 -32.17 -52.63
N ARG C 231 -30.79 -31.79 -53.69
CA ARG C 231 -31.90 -30.86 -53.52
C ARG C 231 -33.11 -31.51 -52.84
N ILE C 232 -33.11 -32.84 -52.68
CA ILE C 232 -34.27 -33.51 -52.11
C ILE C 232 -34.49 -33.00 -50.69
N SER C 233 -35.69 -32.49 -50.43
CA SER C 233 -36.06 -31.99 -49.12
C SER C 233 -37.45 -32.50 -48.76
N SER C 234 -37.64 -32.85 -47.49
CA SER C 234 -38.90 -33.37 -46.97
C SER C 234 -39.35 -32.52 -45.79
N LYS C 235 -40.54 -32.81 -45.28
CA LYS C 235 -41.07 -32.07 -44.15
C LYS C 235 -40.18 -32.23 -42.92
N ASN C 236 -39.70 -33.45 -42.69
CA ASN C 236 -38.86 -33.70 -41.52
C ASN C 236 -37.60 -32.84 -41.54
N LYS C 237 -36.92 -32.80 -42.70
CA LYS C 237 -35.71 -32.01 -42.80
C LYS C 237 -35.99 -30.53 -42.60
N LEU C 238 -37.09 -30.04 -43.18
CA LEU C 238 -37.42 -28.63 -43.06
C LEU C 238 -37.73 -28.25 -41.61
N ILE C 239 -38.51 -29.08 -40.91
CA ILE C 239 -38.78 -28.77 -39.51
C ILE C 239 -37.51 -28.86 -38.68
N ASP C 240 -36.63 -29.82 -39.01
CA ASP C 240 -35.38 -29.96 -38.27
C ASP C 240 -34.51 -28.71 -38.43
N TYR C 241 -34.38 -28.22 -39.66
CA TYR C 241 -33.50 -27.10 -39.95
C TYR C 241 -34.19 -25.75 -39.81
N LEU C 242 -35.48 -25.73 -39.45
CA LEU C 242 -36.09 -24.48 -39.01
C LEU C 242 -35.60 -24.14 -37.61
N LYS C 243 -35.92 -25.01 -36.65
CA LYS C 243 -35.38 -24.93 -35.30
C LYS C 243 -35.00 -26.28 -34.71
N GLY C 244 -35.49 -27.39 -35.26
CA GLY C 244 -35.26 -28.70 -34.66
C GLY C 244 -33.80 -29.04 -34.49
N ASN C 245 -33.09 -29.25 -35.59
CA ASN C 245 -31.65 -29.47 -35.51
C ASN C 245 -30.93 -28.16 -35.23
N LYS C 246 -30.97 -27.24 -36.20
CA LYS C 246 -30.20 -26.00 -36.21
C LYS C 246 -29.36 -25.79 -34.94
N LYS C 247 -29.57 -24.68 -34.26
CA LYS C 247 -28.72 -24.29 -33.14
C LYS C 247 -29.37 -23.07 -32.52
N THR C 248 -28.61 -22.26 -31.79
CA THR C 248 -28.92 -20.83 -31.72
C THR C 248 -29.15 -20.29 -33.13
N ALA C 249 -28.82 -21.10 -34.14
CA ALA C 249 -29.34 -20.98 -35.50
C ALA C 249 -28.50 -20.07 -36.37
N MET C 250 -27.28 -19.75 -35.94
CA MET C 250 -26.28 -19.21 -36.86
C MET C 250 -26.54 -17.72 -37.09
N SER C 251 -25.55 -17.00 -37.59
CA SER C 251 -25.73 -15.60 -38.00
C SER C 251 -25.31 -15.51 -39.47
N ARG C 252 -26.27 -15.77 -40.35
CA ARG C 252 -26.02 -15.74 -41.79
C ARG C 252 -26.19 -14.34 -42.34
N TRP C 253 -25.46 -14.06 -43.42
CA TRP C 253 -25.53 -12.78 -44.10
C TRP C 253 -26.97 -12.34 -44.30
N THR C 254 -27.34 -11.22 -43.66
CA THR C 254 -28.72 -10.76 -43.68
C THR C 254 -29.05 -10.06 -45.00
N SER C 255 -28.08 -9.34 -45.57
CA SER C 255 -28.29 -8.54 -46.78
C SER C 255 -29.35 -7.46 -46.52
N GLU C 256 -29.06 -6.61 -45.55
CA GLU C 256 -29.92 -5.49 -45.20
C GLU C 256 -29.37 -4.19 -45.79
N VAL C 257 -30.15 -3.13 -45.64
CA VAL C 257 -29.75 -1.81 -46.14
C VAL C 257 -29.87 -0.71 -45.10
N LEU C 258 -30.61 -0.91 -44.01
CA LEU C 258 -30.74 0.15 -43.01
C LEU C 258 -29.47 0.26 -42.16
N THR C 259 -29.11 -0.81 -41.48
CA THR C 259 -27.99 -0.82 -40.55
C THR C 259 -26.80 -1.65 -41.02
N ARG C 260 -27.04 -2.74 -41.76
CA ARG C 260 -25.94 -3.59 -42.20
C ARG C 260 -24.94 -2.81 -43.06
N LYS C 261 -25.34 -1.70 -43.64
CA LYS C 261 -24.47 -0.91 -44.50
C LYS C 261 -23.21 -0.50 -43.73
N GLN C 262 -22.06 -1.05 -44.14
CA GLN C 262 -20.74 -0.81 -43.56
C GLN C 262 -20.57 -1.42 -42.17
N LEU C 263 -21.62 -2.00 -41.58
CA LEU C 263 -21.50 -2.64 -40.27
C LEU C 263 -22.71 -3.51 -39.99
N LEU C 264 -22.48 -4.76 -39.58
CA LEU C 264 -23.57 -5.70 -39.40
C LEU C 264 -24.48 -5.30 -38.24
N LYS C 265 -25.62 -5.96 -38.17
CA LYS C 265 -26.64 -5.70 -37.16
C LYS C 265 -26.37 -6.64 -35.98
N VAL C 266 -27.35 -6.86 -35.11
CA VAL C 266 -27.16 -7.37 -33.76
C VAL C 266 -26.38 -8.68 -33.72
N ARG C 267 -26.13 -9.28 -34.88
CA ARG C 267 -25.29 -10.49 -34.89
C ARG C 267 -24.02 -10.26 -34.10
N LYS C 268 -23.39 -9.11 -34.29
CA LYS C 268 -22.16 -8.80 -33.57
C LYS C 268 -22.43 -8.47 -32.12
N ASN C 269 -23.50 -7.71 -31.84
CA ASN C 269 -23.83 -7.37 -30.47
C ASN C 269 -24.12 -8.61 -29.65
N GLN C 270 -24.70 -9.63 -30.28
CA GLN C 270 -24.93 -10.91 -29.61
C GLN C 270 -23.63 -11.63 -29.30
N LEU C 271 -22.52 -11.25 -29.94
CA LEU C 271 -21.26 -11.94 -29.73
C LEU C 271 -20.54 -11.48 -28.47
N VAL C 272 -20.93 -10.36 -27.88
CA VAL C 272 -20.39 -10.00 -26.57
C VAL C 272 -20.59 -11.13 -25.57
N PRO C 273 -21.77 -11.73 -25.46
CA PRO C 273 -21.85 -13.07 -24.87
C PRO C 273 -21.07 -14.06 -25.71
N SER C 274 -20.44 -15.02 -25.04
CA SER C 274 -19.48 -15.97 -25.61
C SER C 274 -18.12 -15.32 -25.79
N LEU C 275 -17.93 -14.09 -25.33
CA LEU C 275 -16.65 -13.39 -25.40
C LEU C 275 -16.18 -12.87 -24.05
N ASN C 276 -17.12 -12.44 -23.18
CA ASN C 276 -16.72 -11.86 -21.91
C ASN C 276 -16.04 -12.89 -21.02
N ILE C 277 -16.54 -14.13 -21.03
CA ILE C 277 -16.05 -15.12 -20.07
C ILE C 277 -14.58 -15.41 -20.34
N ASN C 278 -13.77 -15.33 -19.28
CA ASN C 278 -12.33 -15.40 -19.41
C ASN C 278 -11.85 -16.76 -19.90
N SER C 279 -12.62 -17.82 -19.66
CA SER C 279 -12.19 -19.19 -19.95
C SER C 279 -12.68 -19.67 -21.31
N ARG C 280 -12.77 -18.77 -22.28
CA ARG C 280 -13.27 -19.08 -23.61
C ARG C 280 -12.19 -18.85 -24.65
N SER C 281 -12.00 -19.83 -25.53
CA SER C 281 -11.11 -19.70 -26.68
C SER C 281 -11.96 -19.44 -27.92
N ARG C 282 -11.75 -18.29 -28.55
CA ARG C 282 -12.56 -17.86 -29.69
C ARG C 282 -11.76 -18.04 -30.98
N TYR C 283 -12.40 -18.61 -32.00
CA TYR C 283 -11.75 -18.91 -33.27
C TYR C 283 -12.51 -18.28 -34.42
N PHE C 284 -11.80 -18.08 -35.53
CA PHE C 284 -12.28 -17.25 -36.62
C PHE C 284 -11.97 -17.92 -37.95
N ILE C 285 -12.69 -17.48 -38.99
CA ILE C 285 -12.35 -17.80 -40.38
C ILE C 285 -12.33 -16.49 -41.15
N ILE C 286 -11.21 -16.25 -41.85
CA ILE C 286 -10.98 -15.02 -42.58
C ILE C 286 -10.59 -15.37 -44.01
N ASP C 287 -11.19 -14.68 -44.98
CA ASP C 287 -10.96 -14.91 -46.40
C ASP C 287 -10.59 -13.59 -47.05
N PRO C 288 -9.39 -13.07 -46.77
CA PRO C 288 -8.98 -11.77 -47.30
C PRO C 288 -8.81 -11.75 -48.80
N ASP C 289 -9.07 -12.86 -49.50
CA ASP C 289 -9.18 -12.78 -50.95
C ASP C 289 -10.26 -11.77 -51.35
N THR C 290 -11.22 -11.52 -50.46
CA THR C 290 -12.25 -10.51 -50.66
C THR C 290 -12.07 -9.29 -49.77
N ILE C 291 -11.54 -9.45 -48.54
CA ILE C 291 -11.35 -8.30 -47.68
C ILE C 291 -10.42 -7.30 -48.36
N ASP C 292 -10.73 -6.03 -48.20
CA ASP C 292 -9.88 -4.98 -48.74
C ASP C 292 -8.69 -4.74 -47.82
N ASN C 293 -7.56 -4.36 -48.41
CA ASN C 293 -6.35 -3.99 -47.69
C ASN C 293 -6.13 -4.82 -46.44
N PHE C 294 -6.24 -6.14 -46.56
CA PHE C 294 -5.84 -7.04 -45.49
C PHE C 294 -4.34 -7.25 -45.43
N ASP C 295 -3.60 -6.76 -46.41
CA ASP C 295 -2.16 -7.01 -46.44
C ASP C 295 -1.44 -6.25 -45.34
N ASP C 296 -1.97 -5.12 -44.92
CA ASP C 296 -1.30 -4.27 -43.94
C ASP C 296 -2.17 -3.94 -42.75
N GLU C 297 -3.47 -3.75 -42.94
CA GLU C 297 -4.37 -3.35 -41.86
C GLU C 297 -4.61 -4.46 -40.85
N PHE C 298 -4.18 -5.68 -41.14
CA PHE C 298 -4.31 -6.76 -40.17
C PHE C 298 -3.59 -6.41 -38.87
N ILE C 299 -2.36 -5.94 -38.98
CA ILE C 299 -1.45 -5.88 -37.83
C ILE C 299 -1.91 -4.83 -36.83
N LEU C 300 -2.28 -3.65 -37.30
CA LEU C 300 -2.53 -2.52 -36.41
C LEU C 300 -3.68 -2.83 -35.45
N PHE C 301 -4.89 -3.03 -35.98
CA PHE C 301 -5.99 -3.25 -35.07
C PHE C 301 -6.19 -4.72 -34.71
N VAL C 302 -5.41 -5.66 -35.26
CA VAL C 302 -5.32 -6.94 -34.57
C VAL C 302 -4.56 -6.77 -33.27
N LYS C 303 -3.52 -5.92 -33.27
CA LYS C 303 -2.91 -5.53 -32.00
C LYS C 303 -3.94 -4.84 -31.11
N ASP C 304 -4.75 -3.96 -31.70
CA ASP C 304 -5.80 -3.29 -30.92
C ASP C 304 -6.70 -4.30 -30.21
N TYR C 305 -7.24 -5.27 -30.97
CA TYR C 305 -8.09 -6.29 -30.38
C TYR C 305 -7.34 -7.11 -29.34
N LEU C 306 -6.11 -7.50 -29.67
CA LEU C 306 -5.34 -8.43 -28.87
C LEU C 306 -4.81 -7.79 -27.59
N ASP C 307 -4.82 -6.47 -27.51
CA ASP C 307 -4.53 -5.76 -26.26
C ASP C 307 -5.75 -5.04 -25.70
N LYS C 308 -6.94 -5.25 -26.28
CA LYS C 308 -8.19 -4.88 -25.62
C LYS C 308 -8.80 -6.06 -24.87
N TYR C 309 -9.16 -7.13 -25.58
CA TYR C 309 -9.78 -8.27 -24.91
C TYR C 309 -8.77 -9.18 -24.24
N ASN C 310 -7.48 -8.92 -24.36
CA ASN C 310 -6.49 -9.75 -23.71
C ASN C 310 -5.42 -8.90 -23.05
N SER C 311 -5.85 -7.77 -22.47
CA SER C 311 -4.96 -6.92 -21.69
C SER C 311 -5.00 -7.27 -20.21
N LYS C 312 -6.20 -7.32 -19.63
CA LYS C 312 -6.34 -7.76 -18.25
C LYS C 312 -5.71 -9.14 -18.11
N ILE C 313 -4.64 -9.21 -17.33
CA ILE C 313 -3.84 -10.43 -17.28
C ILE C 313 -4.37 -11.41 -16.24
N LYS C 314 -4.94 -10.93 -15.15
CA LYS C 314 -5.42 -11.81 -14.09
C LYS C 314 -6.78 -12.41 -14.39
N LEU C 315 -7.66 -11.68 -15.07
CA LEU C 315 -8.99 -12.18 -15.37
C LEU C 315 -8.98 -13.10 -16.58
N HIS C 316 -8.59 -12.57 -17.74
CA HIS C 316 -8.60 -13.37 -18.97
C HIS C 316 -7.63 -14.53 -18.84
N THR C 317 -7.97 -15.64 -19.51
CA THR C 317 -7.16 -16.85 -19.43
C THR C 317 -6.91 -17.54 -20.76
N GLU C 318 -7.48 -17.09 -21.87
CA GLU C 318 -7.38 -17.79 -23.15
C GLU C 318 -7.03 -16.79 -24.26
N THR C 319 -7.05 -17.27 -25.50
CA THR C 319 -6.46 -16.57 -26.63
C THR C 319 -7.43 -16.54 -27.81
N PRO C 320 -7.63 -15.38 -28.46
CA PRO C 320 -8.39 -15.38 -29.72
C PRO C 320 -7.66 -16.08 -30.85
N CYS C 321 -8.26 -16.12 -32.04
CA CYS C 321 -7.64 -16.74 -33.19
C CYS C 321 -8.13 -16.06 -34.46
N PHE C 322 -7.36 -16.23 -35.53
CA PHE C 322 -7.62 -15.57 -36.81
C PHE C 322 -7.07 -16.46 -37.92
N ILE C 323 -7.94 -16.93 -38.81
CA ILE C 323 -7.53 -17.79 -39.92
C ILE C 323 -7.84 -17.07 -41.22
N LEU C 324 -6.81 -16.61 -41.91
CA LEU C 324 -6.95 -15.84 -43.14
C LEU C 324 -6.88 -16.77 -44.34
N LYS C 325 -6.70 -16.21 -45.54
CA LYS C 325 -6.66 -16.99 -46.78
C LYS C 325 -5.92 -16.14 -47.80
N THR C 326 -4.69 -16.51 -48.11
CA THR C 326 -3.83 -15.81 -49.06
C THR C 326 -2.64 -16.73 -49.33
N ASP C 327 -1.63 -16.20 -50.02
CA ASP C 327 -0.44 -16.99 -50.30
C ASP C 327 0.24 -17.40 -48.99
N VAL C 328 1.29 -18.21 -49.12
CA VAL C 328 2.03 -18.70 -47.96
C VAL C 328 3.24 -17.85 -47.62
N ASN C 329 3.70 -16.99 -48.53
CA ASN C 329 4.74 -16.03 -48.24
C ASN C 329 4.19 -14.69 -47.77
N ASN C 330 2.98 -14.34 -48.20
CA ASN C 330 2.37 -13.11 -47.71
C ASN C 330 2.12 -13.19 -46.21
N LEU C 331 1.89 -14.39 -45.67
CA LEU C 331 1.82 -14.53 -44.22
C LEU C 331 3.19 -14.31 -43.58
N SER C 332 4.27 -14.71 -44.26
CA SER C 332 5.58 -14.34 -43.76
C SER C 332 5.73 -12.83 -43.69
N GLU C 333 5.28 -12.13 -44.73
CA GLU C 333 5.31 -10.67 -44.71
C GLU C 333 4.51 -10.12 -43.54
N TYR C 334 3.33 -10.68 -43.32
CA TYR C 334 2.53 -10.27 -42.16
C TYR C 334 3.34 -10.43 -40.89
N HIS C 335 3.74 -11.66 -40.57
CA HIS C 335 4.53 -11.93 -39.37
C HIS C 335 5.67 -10.92 -39.22
N LYS C 336 6.32 -10.57 -40.33
CA LYS C 336 7.35 -9.53 -40.31
C LYS C 336 6.75 -8.28 -39.71
N ARG C 337 5.75 -7.72 -40.39
CA ARG C 337 5.22 -6.42 -39.97
C ARG C 337 4.55 -6.48 -38.62
N PHE C 338 4.27 -7.70 -38.13
CA PHE C 338 3.77 -7.89 -36.78
C PHE C 338 4.85 -7.68 -35.73
N VAL C 339 5.98 -8.38 -35.88
CA VAL C 339 7.01 -8.36 -34.84
C VAL C 339 7.43 -6.91 -34.56
N SER C 340 7.01 -6.00 -35.44
CA SER C 340 7.19 -4.57 -35.23
C SER C 340 6.60 -4.06 -33.94
N ARG C 341 5.27 -4.18 -33.81
CA ARG C 341 4.50 -3.32 -32.92
C ARG C 341 4.33 -3.87 -31.51
N ASN C 342 5.24 -4.73 -31.06
CA ASN C 342 5.19 -5.27 -29.70
C ASN C 342 3.88 -6.03 -29.46
N ILE C 343 3.58 -6.96 -30.36
CA ILE C 343 2.35 -7.74 -30.31
C ILE C 343 2.62 -9.20 -29.99
N GLN C 344 3.73 -9.76 -30.47
CA GLN C 344 4.16 -11.10 -30.11
C GLN C 344 3.08 -12.14 -30.44
N ILE C 345 2.85 -12.31 -31.74
CA ILE C 345 1.91 -13.31 -32.23
C ILE C 345 2.67 -14.53 -32.73
N ILE C 346 1.92 -15.58 -33.07
CA ILE C 346 2.44 -16.74 -33.78
C ILE C 346 1.45 -17.09 -34.88
N THR C 347 1.96 -17.80 -35.90
CA THR C 347 1.19 -18.07 -37.10
C THR C 347 0.93 -19.55 -37.36
N GLY C 348 1.84 -20.42 -36.94
CA GLY C 348 1.74 -21.83 -37.27
C GLY C 348 2.51 -22.15 -38.53
N TYR C 349 2.41 -21.27 -39.54
CA TYR C 349 3.27 -21.39 -40.71
C TYR C 349 4.69 -21.00 -40.37
N ILE C 350 4.90 -19.73 -40.03
CA ILE C 350 6.25 -19.20 -39.88
C ILE C 350 7.01 -19.54 -41.14
N GLY C 351 6.76 -18.78 -42.20
CA GLY C 351 7.34 -19.01 -43.51
C GLY C 351 6.53 -19.87 -44.46
N ASP C 352 6.55 -21.20 -44.33
CA ASP C 352 5.86 -22.04 -45.30
C ASP C 352 4.81 -22.95 -44.68
N THR C 353 5.16 -23.78 -43.71
CA THR C 353 4.41 -24.99 -43.40
C THR C 353 3.73 -24.89 -42.04
N PHE C 354 2.58 -25.56 -41.93
CA PHE C 354 1.74 -25.49 -40.74
C PHE C 354 2.10 -26.60 -39.77
N TYR C 355 2.36 -26.22 -38.53
CA TYR C 355 2.69 -27.15 -37.46
C TYR C 355 1.62 -26.94 -36.39
N PHE C 356 0.61 -27.80 -36.39
CA PHE C 356 -0.56 -27.56 -35.56
C PHE C 356 -0.24 -27.44 -34.07
N LYS C 357 1.01 -27.67 -33.65
CA LYS C 357 1.33 -27.46 -32.25
C LYS C 357 1.17 -26.00 -31.86
N GLU C 358 1.81 -25.09 -32.59
CA GLU C 358 1.60 -23.68 -32.31
C GLU C 358 0.13 -23.32 -32.36
N PHE C 359 -0.62 -23.97 -33.26
CA PHE C 359 -2.01 -23.64 -33.39
C PHE C 359 -2.86 -24.29 -32.31
N ASN C 360 -2.26 -25.15 -31.48
CA ASN C 360 -2.90 -25.75 -30.31
C ASN C 360 -2.44 -25.15 -28.99
N LYS C 361 -1.13 -24.96 -28.82
CA LYS C 361 -0.62 -24.57 -27.51
C LYS C 361 -1.26 -23.26 -27.05
N GLU C 362 -1.40 -23.12 -25.74
CA GLU C 362 -1.95 -21.91 -25.14
C GLU C 362 -0.84 -21.06 -24.55
N PRO C 363 -1.00 -19.74 -24.53
CA PRO C 363 0.02 -18.88 -23.91
C PRO C 363 -0.06 -18.94 -22.41
N LYS C 364 0.76 -18.12 -21.73
CA LYS C 364 0.71 -18.01 -20.29
C LYS C 364 0.37 -16.57 -19.91
N ARG C 365 0.27 -16.34 -18.60
CA ARG C 365 -0.13 -15.05 -18.06
C ARG C 365 0.65 -14.78 -16.79
N ILE C 366 0.73 -13.49 -16.44
CA ILE C 366 1.63 -13.01 -15.40
C ILE C 366 0.84 -12.16 -14.41
N ILE C 367 1.23 -12.25 -13.13
CA ILE C 367 0.54 -11.48 -12.10
C ILE C 367 1.17 -10.10 -11.95
N LYS C 368 2.49 -10.02 -11.96
CA LYS C 368 3.21 -8.78 -11.67
C LYS C 368 3.62 -8.03 -12.94
N ASP C 369 4.38 -8.68 -13.82
CA ASP C 369 4.82 -8.02 -15.04
C ASP C 369 3.66 -7.65 -15.95
N ASN C 370 2.51 -8.31 -15.81
CA ASN C 370 1.31 -7.97 -16.56
C ASN C 370 1.54 -8.10 -18.06
N TRP C 371 1.88 -9.32 -18.50
CA TRP C 371 2.21 -9.58 -19.89
C TRP C 371 1.62 -10.93 -20.31
N VAL C 372 1.13 -10.97 -21.55
CA VAL C 372 0.53 -12.16 -22.15
C VAL C 372 1.19 -12.38 -23.51
N GLU C 373 1.56 -13.63 -23.80
CA GLU C 373 2.54 -13.88 -24.87
C GLU C 373 1.93 -13.88 -26.27
N PHE C 374 1.08 -14.86 -26.56
CA PHE C 374 0.70 -15.18 -27.93
C PHE C 374 -0.76 -14.80 -28.11
N LYS C 375 -0.99 -13.54 -28.45
CA LYS C 375 -2.33 -13.00 -28.35
C LYS C 375 -3.28 -13.58 -29.39
N ALA C 376 -2.78 -14.13 -30.50
CA ALA C 376 -3.65 -14.60 -31.56
C ALA C 376 -2.93 -15.65 -32.39
N ARG C 377 -3.68 -16.28 -33.29
CA ARG C 377 -3.16 -17.30 -34.20
C ARG C 377 -3.52 -16.88 -35.61
N ILE C 378 -2.57 -17.01 -36.54
CA ILE C 378 -2.66 -16.40 -37.86
C ILE C 378 -2.20 -17.41 -38.90
N SER C 379 -3.11 -17.80 -39.79
CA SER C 379 -2.75 -18.72 -40.87
C SER C 379 -3.74 -18.57 -42.01
N CYS C 380 -3.34 -18.99 -43.20
CA CYS C 380 -4.22 -18.92 -44.35
C CYS C 380 -4.96 -20.25 -44.50
N ASN C 381 -6.28 -20.16 -44.65
CA ASN C 381 -7.14 -21.34 -44.67
C ASN C 381 -6.69 -22.32 -45.74
N SER C 382 -6.20 -23.48 -45.34
CA SER C 382 -5.54 -24.41 -46.25
C SER C 382 -5.38 -25.75 -45.52
N ASP C 383 -4.62 -26.66 -46.15
CA ASP C 383 -4.41 -27.98 -45.58
C ASP C 383 -3.75 -27.87 -44.20
N GLU C 384 -4.17 -28.74 -43.28
CA GLU C 384 -3.76 -28.65 -41.88
C GLU C 384 -4.25 -27.35 -41.27
N VAL C 385 -4.98 -26.54 -42.03
CA VAL C 385 -5.44 -25.24 -41.59
C VAL C 385 -6.94 -25.09 -41.70
N ILE C 386 -7.56 -25.61 -42.76
CA ILE C 386 -9.01 -25.74 -42.76
C ILE C 386 -9.42 -26.64 -41.60
N LYS C 387 -8.64 -27.68 -41.34
CA LYS C 387 -8.79 -28.56 -40.18
C LYS C 387 -8.77 -27.75 -38.88
N CYS C 388 -8.37 -26.49 -38.95
CA CYS C 388 -8.26 -25.70 -37.73
C CYS C 388 -9.58 -25.70 -36.99
N ILE C 389 -9.53 -25.22 -35.75
CA ILE C 389 -10.72 -25.00 -34.96
C ILE C 389 -11.18 -26.32 -34.34
N ASN C 390 -10.99 -27.43 -35.06
CA ASN C 390 -11.12 -28.74 -34.42
C ASN C 390 -9.90 -29.07 -33.58
N TYR C 391 -8.72 -28.53 -33.93
CA TYR C 391 -7.52 -28.81 -33.13
C TYR C 391 -7.80 -28.41 -31.70
N LYS C 392 -7.99 -27.10 -31.50
CA LYS C 392 -8.40 -26.54 -30.23
C LYS C 392 -9.92 -26.39 -30.23
N LYS C 393 -10.57 -26.87 -29.18
CA LYS C 393 -12.02 -26.86 -29.21
C LYS C 393 -12.48 -25.42 -29.12
N CYS C 394 -12.75 -24.82 -30.26
CA CYS C 394 -13.12 -23.42 -30.31
C CYS C 394 -14.37 -23.16 -29.47
N ASP C 395 -14.66 -21.88 -29.28
CA ASP C 395 -15.92 -21.44 -28.70
C ASP C 395 -16.71 -20.57 -29.66
N ASP C 396 -16.16 -20.25 -30.82
CA ASP C 396 -16.88 -19.52 -31.85
C ASP C 396 -16.25 -19.85 -33.20
N LEU C 397 -17.01 -19.59 -34.25
CA LEU C 397 -16.56 -19.82 -35.62
C LEU C 397 -16.99 -18.66 -36.50
N TYR C 398 -16.78 -17.43 -36.03
CA TYR C 398 -17.34 -16.28 -36.73
C TYR C 398 -16.62 -16.12 -38.06
N ILE C 399 -17.17 -16.70 -39.12
CA ILE C 399 -16.45 -16.77 -40.38
C ILE C 399 -16.64 -15.47 -41.14
N VAL C 400 -15.58 -15.04 -41.82
CA VAL C 400 -15.63 -13.89 -42.71
C VAL C 400 -15.88 -14.41 -44.12
N GLY C 401 -17.16 -14.52 -44.50
CA GLY C 401 -17.53 -15.07 -45.79
C GLY C 401 -17.71 -16.57 -45.78
N GLY C 402 -16.61 -17.32 -45.71
CA GLY C 402 -16.68 -18.77 -45.66
C GLY C 402 -16.42 -19.43 -46.99
N VAL C 403 -15.22 -19.97 -47.17
CA VAL C 403 -14.82 -20.53 -48.46
C VAL C 403 -15.22 -21.99 -48.59
N ASP C 404 -14.90 -22.81 -47.59
CA ASP C 404 -15.23 -24.23 -47.62
C ASP C 404 -15.47 -24.69 -46.20
N VAL C 405 -16.19 -25.81 -46.07
CA VAL C 405 -16.60 -26.30 -44.75
C VAL C 405 -15.99 -27.66 -44.50
N SER C 406 -15.73 -28.41 -45.57
CA SER C 406 -15.38 -29.82 -45.42
C SER C 406 -14.15 -30.00 -44.55
N LEU C 407 -14.17 -31.05 -43.74
CA LEU C 407 -13.05 -31.45 -42.89
C LEU C 407 -12.92 -30.52 -41.69
N LEU C 408 -13.73 -29.46 -41.65
CA LEU C 408 -13.68 -28.52 -40.53
C LEU C 408 -14.14 -29.16 -39.23
N ASP C 409 -14.86 -30.28 -39.31
CA ASP C 409 -15.48 -30.92 -38.14
C ASP C 409 -16.48 -29.97 -37.49
N THR C 410 -17.41 -29.47 -38.31
CA THR C 410 -18.41 -28.51 -37.87
C THR C 410 -19.56 -29.24 -37.20
N ALA C 411 -19.50 -29.33 -35.86
CA ALA C 411 -20.57 -29.97 -35.10
C ALA C 411 -20.53 -29.39 -33.68
N ASP C 412 -21.45 -28.49 -33.39
CA ASP C 412 -21.47 -27.71 -32.15
C ASP C 412 -20.20 -26.88 -31.96
N VAL C 413 -19.49 -26.61 -33.05
CA VAL C 413 -18.57 -25.49 -33.13
C VAL C 413 -19.35 -24.44 -33.92
N ASN C 414 -19.97 -23.51 -33.20
CA ASN C 414 -21.14 -22.81 -33.68
C ASN C 414 -20.85 -22.09 -34.98
N ILE C 415 -21.48 -22.54 -36.05
CA ILE C 415 -21.34 -21.91 -37.36
C ILE C 415 -22.14 -20.61 -37.37
N GLU C 416 -21.48 -19.54 -37.80
CA GLU C 416 -22.08 -18.21 -37.84
C GLU C 416 -21.29 -17.40 -38.86
N ASN C 417 -21.91 -16.36 -39.40
CA ASN C 417 -21.27 -15.55 -40.42
C ASN C 417 -21.07 -14.12 -39.91
N LEU C 418 -19.81 -13.72 -39.79
CA LEU C 418 -19.43 -12.32 -39.57
C LEU C 418 -18.64 -11.89 -40.81
N GLU C 419 -19.35 -11.48 -41.85
CA GLU C 419 -18.71 -11.05 -43.07
C GLU C 419 -18.38 -9.57 -42.99
N ILE C 420 -17.30 -9.19 -43.66
CA ILE C 420 -16.77 -7.83 -43.60
C ILE C 420 -16.16 -7.48 -44.96
N ASN C 421 -16.43 -6.26 -45.43
CA ASN C 421 -15.78 -5.77 -46.63
C ASN C 421 -14.34 -5.35 -46.34
N ASN C 422 -14.10 -4.81 -45.16
CA ASN C 422 -12.77 -4.43 -44.71
C ASN C 422 -12.50 -5.07 -43.35
N PHE C 423 -11.22 -5.28 -43.05
CA PHE C 423 -10.86 -6.07 -41.89
C PHE C 423 -11.19 -5.35 -40.58
N ARG C 424 -11.03 -4.02 -40.56
CA ARG C 424 -11.37 -3.24 -39.37
C ARG C 424 -12.78 -3.55 -38.89
N GLU C 425 -13.72 -3.73 -39.82
CA GLU C 425 -15.09 -3.98 -39.44
C GLU C 425 -15.19 -5.13 -38.45
N LEU C 426 -14.45 -6.22 -38.71
CA LEU C 426 -14.58 -7.38 -37.83
C LEU C 426 -14.27 -7.00 -36.39
N LYS C 427 -13.30 -6.12 -36.20
CA LYS C 427 -12.94 -5.72 -34.85
C LYS C 427 -14.09 -4.98 -34.18
N TYR C 428 -14.77 -4.09 -34.93
CA TYR C 428 -16.01 -3.53 -34.42
C TYR C 428 -17.02 -4.63 -34.16
N LEU C 429 -17.08 -5.62 -35.04
CA LEU C 429 -18.00 -6.73 -34.82
C LEU C 429 -17.68 -7.46 -33.53
N LEU C 430 -16.48 -7.27 -33.00
CA LEU C 430 -16.09 -7.85 -31.72
C LEU C 430 -16.13 -6.82 -30.59
N SER C 431 -16.75 -5.67 -30.82
CA SER C 431 -16.94 -4.64 -29.81
C SER C 431 -15.61 -4.07 -29.32
N MET C 432 -14.79 -3.63 -30.28
CA MET C 432 -13.55 -2.91 -29.97
C MET C 432 -13.80 -1.41 -29.88
N LEU C 433 -14.28 -0.82 -30.96
CA LEU C 433 -14.49 0.61 -31.04
C LEU C 433 -15.97 0.94 -30.95
N LYS C 434 -16.26 2.23 -30.76
CA LYS C 434 -17.65 2.67 -30.76
C LYS C 434 -18.29 2.45 -32.12
N GLU C 435 -17.56 2.72 -33.20
CA GLU C 435 -18.04 2.49 -34.55
C GLU C 435 -17.03 1.63 -35.31
N ILE C 436 -17.23 1.45 -36.61
CA ILE C 436 -16.29 0.68 -37.41
C ILE C 436 -14.91 1.31 -37.35
N MET D 1 47.41 -39.00 -45.52
CA MET D 1 48.39 -38.28 -46.37
C MET D 1 47.97 -36.83 -46.57
N MET D 2 48.51 -35.94 -45.74
CA MET D 2 48.18 -34.53 -45.83
C MET D 2 48.70 -33.94 -47.13
N SER D 3 47.96 -32.98 -47.67
CA SER D 3 48.37 -32.31 -48.90
C SER D 3 49.67 -31.55 -48.68
N ARG D 4 50.51 -31.54 -49.72
CA ARG D 4 51.81 -30.88 -49.60
C ARG D 4 51.65 -29.38 -49.37
N GLU D 5 50.56 -28.79 -49.85
CA GLU D 5 50.30 -27.38 -49.60
C GLU D 5 50.08 -27.13 -48.12
N ALA D 6 49.40 -28.05 -47.43
CA ALA D 6 49.21 -27.91 -45.99
C ALA D 6 50.54 -27.95 -45.25
N ASP D 7 51.44 -28.85 -45.66
CA ASP D 7 52.76 -28.90 -45.06
C ASP D 7 53.54 -27.62 -45.33
N HIS D 8 53.42 -27.08 -46.55
CA HIS D 8 54.07 -25.81 -46.86
C HIS D 8 53.56 -24.71 -45.96
N THR D 9 52.24 -24.64 -45.76
CA THR D 9 51.67 -23.62 -44.89
C THR D 9 52.13 -23.79 -43.45
N ILE D 10 52.21 -25.05 -42.98
CA ILE D 10 52.67 -25.30 -41.61
C ILE D 10 54.11 -24.85 -41.44
N LYS D 11 54.97 -25.16 -42.42
CA LYS D 11 56.35 -24.72 -42.35
C LYS D 11 56.44 -23.19 -42.40
N GLY D 12 55.60 -22.55 -43.20
CA GLY D 12 55.56 -21.11 -43.22
C GLY D 12 55.18 -20.52 -41.88
N PHE D 13 54.18 -21.11 -41.22
CA PHE D 13 53.80 -20.65 -39.88
C PHE D 13 54.95 -20.85 -38.90
N LEU D 14 55.66 -21.97 -39.00
CA LEU D 14 56.78 -22.23 -38.09
C LEU D 14 57.89 -21.19 -38.27
N TYR D 15 58.22 -20.87 -39.52
CA TYR D 15 59.26 -19.87 -39.74
C TYR D 15 58.76 -18.48 -39.38
N GLN D 16 57.45 -18.26 -39.49
CA GLN D 16 56.86 -17.04 -38.95
C GLN D 16 57.03 -16.98 -37.44
N PHE D 17 56.91 -18.13 -36.77
CA PHE D 17 57.18 -18.17 -35.34
C PHE D 17 58.62 -17.80 -35.04
N ASN D 18 59.55 -18.31 -35.85
CA ASN D 18 60.95 -17.93 -35.68
C ASN D 18 61.14 -16.43 -35.84
N LYS D 19 60.55 -15.85 -36.89
CA LYS D 19 60.66 -14.41 -37.11
C LYS D 19 60.07 -13.62 -35.94
N THR D 20 58.91 -14.06 -35.44
CA THR D 20 58.28 -13.38 -34.32
C THR D 20 59.15 -13.44 -33.08
N LEU D 21 59.76 -14.60 -32.82
CA LEU D 21 60.67 -14.70 -31.68
C LEU D 21 61.84 -13.76 -31.84
N ASN D 22 62.42 -13.70 -33.05
CA ASN D 22 63.55 -12.81 -33.28
C ASN D 22 63.17 -11.36 -33.05
N SER D 23 62.01 -10.95 -33.59
CA SER D 23 61.57 -9.57 -33.43
C SER D 23 61.29 -9.24 -31.97
N ILE D 24 60.66 -10.16 -31.25
CA ILE D 24 60.36 -9.92 -29.84
C ILE D 24 61.65 -9.80 -29.05
N LEU D 25 62.62 -10.66 -29.32
CA LEU D 25 63.90 -10.59 -28.63
C LEU D 25 64.59 -9.26 -28.91
N SER D 26 64.57 -8.82 -30.17
CA SER D 26 65.17 -7.54 -30.51
C SER D 26 64.42 -6.39 -29.82
N SER D 27 63.10 -6.35 -29.98
CA SER D 27 62.28 -5.30 -29.40
C SER D 27 62.80 -3.91 -29.79
N THR D 28 63.26 -3.79 -31.04
CA THR D 28 63.74 -2.52 -31.59
C THR D 28 63.33 -2.48 -33.05
N ASP D 29 63.89 -1.52 -33.79
CA ASP D 29 63.63 -1.41 -35.21
C ASP D 29 63.95 -2.74 -35.90
N GLN D 30 62.93 -3.42 -36.41
CA GLN D 30 63.07 -4.75 -36.98
C GLN D 30 62.73 -4.71 -38.46
N ASP D 31 63.40 -5.58 -39.22
CA ASP D 31 63.27 -5.58 -40.66
C ASP D 31 61.80 -5.74 -41.07
N GLU D 32 61.52 -5.40 -42.32
CA GLU D 32 60.19 -5.54 -42.89
C GLU D 32 60.00 -6.94 -43.45
N ILE D 33 58.82 -7.51 -43.17
CA ILE D 33 58.44 -8.81 -43.70
C ILE D 33 57.06 -8.65 -44.33
N GLN D 34 56.95 -8.99 -45.61
CA GLN D 34 55.70 -8.89 -46.36
C GLN D 34 55.20 -10.30 -46.66
N ILE D 35 53.91 -10.53 -46.41
CA ILE D 35 53.32 -11.84 -46.72
C ILE D 35 53.31 -12.06 -48.23
N GLU D 36 53.29 -13.34 -48.62
CA GLU D 36 53.36 -13.73 -50.01
C GLU D 36 52.04 -14.38 -50.43
N GLY D 37 51.56 -14.00 -51.62
CA GLY D 37 50.36 -14.58 -52.17
C GLY D 37 50.66 -15.79 -53.03
N ILE D 38 51.33 -16.78 -52.46
CA ILE D 38 51.74 -17.98 -53.19
C ILE D 38 50.85 -19.18 -52.89
N ILE D 39 49.97 -19.09 -51.89
CA ILE D 39 49.10 -20.23 -51.57
C ILE D 39 48.15 -20.51 -52.72
N GLU D 40 47.64 -19.46 -53.37
CA GLU D 40 46.92 -19.59 -54.64
C GLU D 40 47.24 -18.37 -55.50
N ASP D 41 46.70 -18.37 -56.72
CA ASP D 41 46.93 -17.28 -57.66
C ASP D 41 46.00 -16.12 -57.34
N ILE D 42 46.28 -15.49 -56.19
CA ILE D 42 45.49 -14.34 -55.76
C ILE D 42 45.70 -13.16 -56.71
N ASP D 43 46.91 -13.01 -57.23
CA ASP D 43 47.25 -11.91 -58.13
C ASP D 43 47.06 -10.56 -57.44
N ILE D 44 47.80 -10.37 -56.35
CA ILE D 44 47.73 -9.12 -55.61
C ILE D 44 48.29 -7.95 -56.41
N LYS D 45 49.11 -8.23 -57.43
CA LYS D 45 49.71 -7.20 -58.27
C LYS D 45 50.64 -6.30 -57.45
N ASN D 46 51.60 -6.94 -56.79
CA ASN D 46 52.64 -6.25 -56.03
C ASN D 46 53.99 -6.86 -56.36
N SER D 47 55.04 -6.05 -56.24
CA SER D 47 56.39 -6.43 -56.65
C SER D 47 57.31 -6.75 -55.49
N ASN D 48 57.28 -5.96 -54.41
CA ASN D 48 58.23 -6.09 -53.31
C ASN D 48 57.86 -7.33 -52.48
N ILE D 49 58.20 -8.50 -53.02
CA ILE D 49 58.03 -9.77 -52.33
C ILE D 49 59.35 -10.51 -52.39
N THR D 50 59.85 -10.92 -51.23
CA THR D 50 61.09 -11.70 -51.15
C THR D 50 61.01 -12.91 -50.23
N ASN D 51 60.10 -12.94 -49.26
CA ASN D 51 60.01 -14.06 -48.35
C ASN D 51 59.66 -15.34 -49.10
N ALA D 52 58.47 -15.39 -49.69
CA ALA D 52 57.98 -16.55 -50.43
C ALA D 52 58.34 -17.84 -49.69
N ILE D 53 57.84 -17.95 -48.46
CA ILE D 53 58.18 -19.06 -47.59
C ILE D 53 57.34 -20.26 -48.01
N GLN D 54 57.99 -21.28 -48.56
CA GLN D 54 57.33 -22.50 -49.00
C GLN D 54 58.16 -23.72 -48.61
N CYS D 55 58.68 -23.71 -47.38
CA CYS D 55 59.55 -24.77 -46.93
C CYS D 55 58.78 -26.08 -46.72
N LYS D 56 59.50 -27.19 -46.82
CA LYS D 56 58.92 -28.52 -46.65
C LYS D 56 59.85 -29.36 -45.79
N TYR D 57 59.27 -30.34 -45.11
CA TYR D 57 60.03 -31.25 -44.24
C TYR D 57 59.59 -32.68 -44.51
N HIS D 58 60.54 -33.61 -44.38
CA HIS D 58 60.29 -35.03 -44.57
C HIS D 58 61.05 -35.80 -43.50
N GLU D 59 60.96 -37.13 -43.57
CA GLU D 59 61.61 -37.97 -42.58
C GLU D 59 63.12 -37.87 -42.67
N SER D 60 63.78 -37.86 -41.51
CA SER D 60 65.23 -37.84 -41.42
C SER D 60 65.68 -38.93 -40.45
N LYS D 61 66.75 -39.64 -40.82
CA LYS D 61 67.25 -40.76 -40.04
C LYS D 61 68.59 -40.44 -39.38
N VAL D 62 69.59 -40.07 -40.15
CA VAL D 62 70.89 -39.63 -39.62
C VAL D 62 71.45 -38.56 -40.54
N ARG D 63 71.85 -37.43 -39.96
CA ARG D 63 72.49 -36.34 -40.71
C ARG D 63 71.54 -35.94 -41.84
N HIS D 64 72.06 -35.69 -43.04
CA HIS D 64 71.25 -35.30 -44.19
C HIS D 64 71.56 -36.23 -45.35
N ASN D 65 70.66 -36.24 -46.33
CA ASN D 65 70.81 -37.06 -47.53
C ASN D 65 70.54 -36.22 -48.77
N LEU D 66 71.16 -36.62 -49.88
CA LEU D 66 70.96 -35.91 -51.13
C LEU D 66 69.52 -35.98 -51.61
N SER D 67 68.75 -36.95 -51.14
CA SER D 67 67.37 -37.14 -51.54
C SER D 67 66.38 -36.40 -50.63
N ASP D 68 66.87 -35.59 -49.70
CA ASP D 68 66.01 -34.87 -48.77
C ASP D 68 65.44 -33.58 -49.36
N ILE D 69 65.84 -33.22 -50.57
CA ILE D 69 65.30 -32.06 -51.26
C ILE D 69 64.39 -32.59 -52.37
N TYR D 70 63.10 -32.59 -52.10
CA TYR D 70 62.12 -33.28 -52.92
C TYR D 70 61.50 -32.34 -53.96
N LYS D 71 60.41 -32.80 -54.57
CA LYS D 71 59.63 -32.11 -55.60
C LYS D 71 59.42 -30.63 -55.31
N PRO D 72 59.10 -30.22 -54.06
CA PRO D 72 58.91 -28.79 -53.79
C PRO D 72 59.97 -27.91 -54.41
N ILE D 73 61.18 -28.45 -54.59
CA ILE D 73 62.23 -27.70 -55.29
C ILE D 73 61.77 -27.34 -56.69
N LEU D 74 61.20 -28.31 -57.41
CA LEU D 74 60.71 -28.04 -58.75
C LEU D 74 59.52 -27.10 -58.72
N GLN D 75 58.66 -27.21 -57.69
CA GLN D 75 57.51 -26.32 -57.58
C GLN D 75 57.96 -24.87 -57.45
N MET D 76 58.89 -24.60 -56.54
CA MET D 76 59.40 -23.24 -56.40
C MET D 76 60.16 -22.80 -57.65
N LEU D 77 60.89 -23.73 -58.27
CA LEU D 77 61.64 -23.38 -59.48
C LEU D 77 60.71 -22.91 -60.58
N LEU D 78 59.57 -23.59 -60.77
CA LEU D 78 58.61 -23.14 -61.78
C LEU D 78 57.85 -21.90 -61.31
N HIS D 79 57.66 -21.74 -60.00
CA HIS D 79 57.07 -20.49 -59.50
C HIS D 79 57.98 -19.30 -59.76
N PHE D 80 59.28 -19.54 -59.95
CA PHE D 80 60.14 -18.46 -60.42
C PHE D 80 59.67 -17.94 -61.77
N LEU D 81 59.31 -18.84 -62.68
CA LEU D 81 58.80 -18.46 -64.00
C LEU D 81 57.29 -18.17 -63.92
N GLU D 82 56.97 -17.19 -63.08
CA GLU D 82 55.58 -16.77 -62.93
C GLU D 82 55.17 -15.88 -64.10
N ASN D 83 53.86 -15.80 -64.32
CA ASN D 83 53.35 -14.98 -65.42
C ASN D 83 53.71 -13.52 -65.23
N ASP D 84 53.56 -13.00 -64.01
CA ASP D 84 53.89 -11.60 -63.76
C ASP D 84 55.39 -11.35 -63.86
N SER D 85 56.21 -12.32 -63.44
CA SER D 85 57.66 -12.21 -63.51
C SER D 85 58.17 -11.05 -62.66
N LEU D 86 57.80 -11.09 -61.38
CA LEU D 86 58.24 -10.12 -60.39
C LEU D 86 59.14 -10.83 -59.36
N ASN D 87 59.51 -10.10 -58.32
CA ASN D 87 60.37 -10.66 -57.28
C ASN D 87 59.63 -11.77 -56.54
N ILE D 88 59.98 -13.02 -56.83
CA ILE D 88 59.30 -14.17 -56.25
C ILE D 88 60.36 -15.10 -55.66
N LYS D 89 61.47 -14.54 -55.21
CA LYS D 89 62.58 -15.36 -54.72
C LYS D 89 62.12 -16.17 -53.51
N TYR D 90 62.29 -17.49 -53.61
CA TYR D 90 61.84 -18.41 -52.58
C TYR D 90 62.97 -18.69 -51.60
N ALA D 91 62.66 -19.44 -50.54
CA ALA D 91 63.64 -19.80 -49.53
C ALA D 91 63.26 -21.14 -48.93
N LEU D 92 64.24 -21.81 -48.33
CA LEU D 92 64.06 -23.12 -47.71
C LEU D 92 64.67 -23.11 -46.32
N TYR D 93 63.96 -23.70 -45.37
CA TYR D 93 64.40 -23.77 -43.98
C TYR D 93 64.17 -25.16 -43.43
N ALA D 94 64.54 -26.18 -44.22
CA ALA D 94 64.36 -27.56 -43.79
C ALA D 94 65.29 -27.88 -42.61
N TYR D 95 64.75 -28.60 -41.64
CA TYR D 95 65.51 -28.97 -40.45
C TYR D 95 66.32 -30.24 -40.70
N PHE D 96 67.54 -30.27 -40.18
CA PHE D 96 68.42 -31.43 -40.27
C PHE D 96 68.99 -31.71 -38.88
N PRO D 97 68.91 -32.95 -38.39
CA PRO D 97 69.44 -33.22 -37.04
C PRO D 97 70.91 -32.85 -36.89
N ASN D 98 71.73 -33.10 -37.92
CA ASN D 98 73.14 -32.78 -37.89
C ASN D 98 73.55 -32.29 -39.28
N GLU D 99 73.91 -31.02 -39.38
CA GLU D 99 74.29 -30.44 -40.66
C GLU D 99 75.04 -29.14 -40.43
N GLN D 100 75.98 -28.86 -41.33
CA GLN D 100 76.70 -27.59 -41.30
C GLN D 100 75.72 -26.46 -41.61
N VAL D 101 75.44 -25.62 -40.62
CA VAL D 101 74.44 -24.57 -40.77
C VAL D 101 74.97 -23.56 -41.80
N GLY D 102 74.35 -23.53 -42.97
CA GLY D 102 74.78 -22.63 -44.02
C GLY D 102 73.96 -22.84 -45.27
N VAL D 103 74.38 -22.17 -46.34
CA VAL D 103 73.71 -22.25 -47.63
C VAL D 103 74.38 -23.34 -48.46
N LYS D 104 73.60 -23.93 -49.36
CA LYS D 104 74.12 -24.97 -50.25
C LYS D 104 74.85 -24.41 -51.46
N GLU D 105 75.02 -23.09 -51.54
CA GLU D 105 75.71 -22.45 -52.66
C GLU D 105 74.90 -22.61 -53.94
N VAL D 106 75.07 -21.69 -54.88
CA VAL D 106 74.24 -21.65 -56.08
C VAL D 106 75.05 -22.04 -57.30
N THR D 107 76.05 -22.90 -57.11
CA THR D 107 76.88 -23.33 -58.22
C THR D 107 76.03 -24.02 -59.29
N LYS D 108 76.42 -23.81 -60.55
CA LYS D 108 75.68 -24.43 -61.65
C LYS D 108 75.71 -25.94 -61.56
N SER D 109 76.88 -26.51 -61.24
CA SER D 109 77.00 -27.96 -61.20
C SER D 109 76.10 -28.56 -60.13
N GLN D 110 76.04 -27.93 -58.95
CA GLN D 110 75.23 -28.48 -57.86
C GLN D 110 73.76 -28.54 -58.24
N ILE D 111 73.23 -27.44 -58.78
CA ILE D 111 71.82 -27.40 -59.14
C ILE D 111 71.55 -28.34 -60.32
N GLU D 112 72.49 -28.41 -61.27
CA GLU D 112 72.31 -29.34 -62.38
C GLU D 112 72.22 -30.77 -61.90
N GLU D 113 73.09 -31.15 -60.96
CA GLU D 113 73.01 -32.49 -60.38
C GLU D 113 71.70 -32.69 -59.64
N ILE D 114 71.25 -31.67 -58.91
CA ILE D 114 69.98 -31.77 -58.20
C ILE D 114 68.84 -32.03 -59.18
N LEU D 115 68.88 -31.38 -60.34
CA LEU D 115 67.83 -31.56 -61.33
C LEU D 115 67.76 -33.00 -61.86
N SER D 116 68.81 -33.78 -61.66
CA SER D 116 68.88 -35.15 -62.20
C SER D 116 68.28 -36.14 -61.20
N SER D 117 67.03 -35.89 -60.81
CA SER D 117 66.33 -36.80 -59.91
C SER D 117 65.90 -38.07 -60.62
N SER D 118 65.44 -37.95 -61.87
CA SER D 118 65.00 -39.09 -62.66
C SER D 118 63.85 -39.83 -61.98
N ASN D 119 62.74 -39.12 -61.81
CA ASN D 119 61.51 -39.67 -61.23
C ASN D 119 60.35 -39.38 -62.18
N PHE D 120 59.51 -40.40 -62.42
CA PHE D 120 58.35 -40.18 -63.28
C PHE D 120 57.40 -39.17 -62.67
N ASP D 121 57.18 -39.24 -61.35
CA ASP D 121 56.31 -38.27 -60.70
C ASP D 121 56.82 -36.85 -60.95
N TYR D 122 58.11 -36.61 -60.70
CA TYR D 122 58.68 -35.30 -60.92
C TYR D 122 58.61 -34.90 -62.39
N ILE D 123 58.89 -35.86 -63.28
CA ILE D 123 58.91 -35.57 -64.71
C ILE D 123 57.53 -35.13 -65.18
N SER D 124 56.49 -35.84 -64.77
CA SER D 124 55.14 -35.64 -65.29
C SER D 124 54.32 -34.63 -64.50
N LYS D 125 54.79 -34.19 -63.33
CA LYS D 125 54.03 -33.23 -62.53
C LYS D 125 54.45 -31.79 -62.79
N TYR D 126 55.74 -31.48 -62.66
CA TYR D 126 56.20 -30.10 -62.69
C TYR D 126 57.37 -29.88 -63.64
N ILE D 127 58.17 -30.92 -63.88
CA ILE D 127 59.32 -30.77 -64.77
C ILE D 127 58.87 -30.56 -66.20
N SER D 128 57.78 -31.21 -66.61
CA SER D 128 57.34 -31.12 -67.99
C SER D 128 57.13 -29.68 -68.42
N LYS D 129 56.58 -28.85 -67.53
CA LYS D 129 56.38 -27.44 -67.87
C LYS D 129 57.71 -26.70 -68.00
N ILE D 130 58.73 -27.11 -67.24
CA ILE D 130 60.02 -26.45 -67.32
C ILE D 130 60.62 -26.60 -68.72
N LYS D 131 60.54 -27.81 -69.28
CA LYS D 131 61.11 -28.10 -70.59
C LYS D 131 59.98 -28.44 -71.55
N PRO D 132 59.51 -27.50 -72.37
CA PRO D 132 58.52 -27.85 -73.39
C PRO D 132 58.99 -29.01 -74.26
N PRO D 133 58.32 -30.15 -74.19
CA PRO D 133 58.82 -31.33 -74.92
C PRO D 133 58.83 -31.10 -76.42
N LYS D 134 60.02 -31.19 -77.02
CA LYS D 134 60.12 -31.19 -78.47
C LYS D 134 59.44 -32.42 -79.07
N GLU D 135 59.28 -33.47 -78.28
CA GLU D 135 58.50 -34.63 -78.70
C GLU D 135 57.02 -34.36 -78.44
N GLN D 136 56.22 -34.32 -79.51
CA GLN D 136 54.80 -34.04 -79.34
C GLN D 136 54.12 -35.09 -78.48
N ILE D 137 54.53 -36.35 -78.63
CA ILE D 137 53.86 -37.44 -77.93
C ILE D 137 53.88 -37.20 -76.43
N ILE D 138 54.97 -36.61 -75.93
CA ILE D 138 55.08 -36.35 -74.49
C ILE D 138 53.93 -35.47 -74.02
N LYS D 139 53.71 -34.35 -74.71
CA LYS D 139 52.66 -33.42 -74.30
C LYS D 139 51.27 -33.97 -74.61
N GLU D 140 51.12 -34.74 -75.69
CA GLU D 140 49.83 -35.37 -75.97
C GLU D 140 49.44 -36.30 -74.83
N LEU D 141 50.37 -37.12 -74.36
CA LEU D 141 50.06 -38.02 -73.25
C LEU D 141 49.89 -37.24 -71.94
N LEU D 142 50.64 -36.16 -71.75
CA LEU D 142 50.47 -35.34 -70.56
C LEU D 142 49.05 -34.77 -70.50
N GLY D 143 48.55 -34.29 -71.63
CA GLY D 143 47.18 -33.81 -71.69
C GLY D 143 46.13 -34.87 -71.87
N LYS D 144 46.54 -36.12 -72.08
CA LYS D 144 45.59 -37.22 -72.27
C LYS D 144 45.13 -37.82 -70.95
N THR D 145 45.86 -37.57 -69.86
CA THR D 145 45.52 -38.13 -68.54
C THR D 145 45.39 -39.65 -68.61
N SER D 146 46.32 -40.28 -69.33
CA SER D 146 46.33 -41.73 -69.46
C SER D 146 47.73 -42.18 -69.83
N LYS D 147 48.33 -43.02 -68.98
CA LYS D 147 49.69 -43.48 -69.20
C LYS D 147 49.84 -44.88 -68.63
N THR D 148 50.88 -45.59 -69.07
CA THR D 148 51.15 -46.95 -68.65
C THR D 148 52.63 -47.09 -68.33
N THR D 149 53.02 -48.26 -67.83
CA THR D 149 54.40 -48.48 -67.41
C THR D 149 55.36 -48.34 -68.59
N GLU D 150 54.99 -48.87 -69.76
CA GLU D 150 55.83 -48.72 -70.93
C GLU D 150 56.02 -47.24 -71.28
N ASP D 151 54.96 -46.44 -71.17
CA ASP D 151 55.08 -45.02 -71.43
C ASP D 151 56.06 -44.36 -70.46
N LYS D 152 55.97 -44.71 -69.17
CA LYS D 152 56.89 -44.14 -68.21
C LYS D 152 58.33 -44.51 -68.53
N THR D 153 58.57 -45.79 -68.85
CA THR D 153 59.94 -46.23 -69.15
C THR D 153 60.48 -45.54 -70.39
N ARG D 154 59.68 -45.45 -71.46
CA ARG D 154 60.18 -44.85 -72.68
C ARG D 154 60.38 -43.34 -72.52
N ILE D 155 59.53 -42.68 -71.72
CA ILE D 155 59.72 -41.26 -71.48
C ILE D 155 60.96 -41.03 -70.64
N LYS D 156 61.22 -41.91 -69.66
CA LYS D 156 62.46 -41.82 -68.90
C LYS D 156 63.67 -41.98 -69.81
N LYS D 157 63.61 -42.93 -70.73
CA LYS D 157 64.70 -43.10 -71.70
C LYS D 157 64.85 -41.85 -72.55
N TYR D 158 63.74 -41.27 -73.01
CA TYR D 158 63.80 -40.10 -73.86
C TYR D 158 64.42 -38.90 -73.13
N TYR D 159 64.06 -38.71 -71.86
CA TYR D 159 64.56 -37.59 -71.10
C TYR D 159 65.91 -37.86 -70.43
N GLU D 160 66.41 -39.10 -70.50
CA GLU D 160 67.72 -39.44 -69.95
C GLU D 160 68.78 -39.49 -71.04
N THR D 161 68.59 -40.33 -72.04
CA THR D 161 69.56 -40.43 -73.13
C THR D 161 69.48 -39.22 -74.06
N SER D 162 68.27 -38.79 -74.38
CA SER D 162 68.03 -37.65 -75.26
C SER D 162 67.58 -36.42 -74.47
N LYS D 163 68.19 -36.22 -73.30
CA LYS D 163 67.88 -35.08 -72.45
C LYS D 163 67.66 -33.81 -73.26
N LEU D 164 66.55 -33.13 -73.00
CA LEU D 164 66.17 -31.96 -73.76
C LEU D 164 66.90 -30.72 -73.25
N GLU D 165 66.70 -29.60 -73.94
CA GLU D 165 67.28 -28.32 -73.57
C GLU D 165 66.16 -27.37 -73.17
N THR D 166 66.31 -26.76 -71.99
CA THR D 166 65.28 -25.86 -71.48
C THR D 166 65.28 -24.55 -72.27
N ILE D 167 64.13 -23.85 -72.22
CA ILE D 167 63.98 -22.60 -72.94
C ILE D 167 64.33 -21.37 -72.11
N VAL D 168 64.57 -21.54 -70.81
CA VAL D 168 64.88 -20.43 -69.92
C VAL D 168 66.39 -20.38 -69.70
N ASP D 169 66.91 -19.16 -69.53
CA ASP D 169 68.34 -19.00 -69.29
C ASP D 169 68.74 -19.72 -68.01
N ILE D 170 69.64 -20.70 -68.14
CA ILE D 170 70.03 -21.51 -66.99
C ILE D 170 70.74 -20.65 -65.95
N ASP D 171 71.63 -19.76 -66.40
CA ASP D 171 72.40 -18.96 -65.45
C ASP D 171 71.48 -18.10 -64.58
N LYS D 172 70.59 -17.33 -65.22
CA LYS D 172 69.67 -16.50 -64.45
C LYS D 172 68.70 -17.36 -63.63
N PHE D 173 68.17 -18.42 -64.23
CA PHE D 173 67.23 -19.30 -63.56
C PHE D 173 67.86 -20.05 -62.38
N LEU D 174 69.18 -20.07 -62.28
CA LEU D 174 69.89 -20.90 -61.32
C LEU D 174 70.61 -20.11 -60.24
N ARG D 175 71.45 -19.14 -60.64
CA ARG D 175 72.34 -18.50 -59.68
C ARG D 175 71.64 -17.38 -58.92
N ASP D 176 71.03 -16.44 -59.63
CA ASP D 176 70.49 -15.25 -58.98
C ASP D 176 69.42 -15.61 -57.96
N HIS D 177 68.52 -16.53 -58.31
CA HIS D 177 67.38 -16.84 -57.47
C HIS D 177 67.73 -17.89 -56.43
N PHE D 178 66.79 -18.12 -55.51
CA PHE D 178 66.88 -19.19 -54.52
C PHE D 178 67.87 -18.86 -53.41
N VAL D 179 67.47 -19.09 -52.16
CA VAL D 179 68.34 -18.96 -51.00
C VAL D 179 68.04 -20.13 -50.07
N PHE D 180 69.10 -20.74 -49.53
CA PHE D 180 68.99 -21.94 -48.73
C PHE D 180 69.62 -21.74 -47.35
N GLU D 181 69.02 -22.36 -46.35
CA GLU D 181 69.54 -22.34 -44.99
C GLU D 181 69.02 -23.56 -44.26
N ILE D 182 69.75 -23.96 -43.22
CA ILE D 182 69.41 -25.15 -42.45
C ILE D 182 68.38 -24.77 -41.40
N GLY D 183 67.31 -25.57 -41.29
CA GLY D 183 66.27 -25.33 -40.32
C GLY D 183 66.64 -25.87 -38.95
N LEU D 184 65.67 -25.79 -38.04
CA LEU D 184 65.84 -26.23 -36.66
C LEU D 184 64.64 -27.07 -36.24
N SER D 185 64.86 -27.95 -35.27
CA SER D 185 63.78 -28.78 -34.75
C SER D 185 62.76 -27.90 -34.05
N TYR D 186 61.51 -27.96 -34.52
CA TYR D 186 60.46 -27.09 -33.99
C TYR D 186 59.72 -27.71 -32.81
N GLU D 187 59.65 -29.04 -32.75
CA GLU D 187 59.04 -29.68 -31.59
C GLU D 187 59.75 -29.28 -30.31
N GLU D 188 61.07 -29.11 -30.38
CA GLU D 188 61.85 -28.63 -29.25
C GLU D 188 61.96 -27.12 -29.20
N LEU D 189 61.51 -26.41 -30.24
CA LEU D 189 61.60 -24.96 -30.29
C LEU D 189 60.32 -24.27 -29.82
N MET D 190 59.17 -24.93 -29.87
CA MET D 190 57.95 -24.31 -29.36
C MET D 190 58.08 -24.03 -27.86
N ASN D 191 58.61 -24.99 -27.11
CA ASN D 191 58.81 -24.78 -25.68
C ASN D 191 59.78 -23.65 -25.41
N GLU D 192 60.87 -23.59 -26.18
CA GLU D 192 61.85 -22.51 -26.00
C GLU D 192 61.22 -21.16 -26.31
N THR D 193 60.43 -21.07 -27.37
CA THR D 193 59.75 -19.81 -27.70
C THR D 193 58.80 -19.41 -26.60
N LYS D 194 58.02 -20.35 -26.08
CA LYS D 194 57.08 -20.02 -25.01
C LYS D 194 57.81 -19.58 -23.75
N ASN D 195 58.91 -20.26 -23.40
CA ASN D 195 59.68 -19.87 -22.22
C ASN D 195 60.28 -18.49 -22.38
N LEU D 196 60.84 -18.20 -23.57
CA LEU D 196 61.39 -16.87 -23.81
C LEU D 196 60.30 -15.81 -23.78
N LEU D 197 59.09 -16.15 -24.21
CA LEU D 197 57.98 -15.21 -24.12
C LEU D 197 57.67 -14.85 -22.67
N MET D 198 57.97 -15.75 -21.74
CA MET D 198 57.70 -15.50 -20.33
C MET D 198 58.83 -14.69 -19.71
N LYS D 199 59.18 -13.56 -20.33
CA LYS D 199 60.16 -12.65 -19.77
C LYS D 199 59.53 -11.65 -18.80
N GLU D 200 58.32 -11.19 -19.12
CA GLU D 200 57.57 -10.30 -18.26
C GLU D 200 56.59 -11.11 -17.41
N GLY D 201 55.69 -10.41 -16.72
CA GLY D 201 54.73 -11.08 -15.85
C GLY D 201 53.95 -12.18 -16.56
N PHE D 202 53.10 -11.80 -17.50
CA PHE D 202 52.28 -12.76 -18.25
C PHE D 202 51.54 -13.63 -17.21
N SER D 203 51.26 -14.88 -17.56
CA SER D 203 50.64 -15.81 -16.62
C SER D 203 51.09 -17.22 -16.95
N LEU D 204 50.67 -18.17 -16.11
CA LEU D 204 51.13 -19.54 -16.26
C LEU D 204 50.68 -20.14 -17.59
N GLU D 205 49.43 -19.91 -17.98
CA GLU D 205 48.87 -20.48 -19.20
C GLU D 205 48.61 -19.45 -20.29
N ASP D 206 48.33 -18.20 -19.92
CA ASP D 206 47.97 -17.20 -20.91
C ASP D 206 49.08 -16.95 -21.92
N VAL D 207 50.34 -17.16 -21.54
CA VAL D 207 51.44 -16.90 -22.47
C VAL D 207 51.38 -17.89 -23.64
N LYS D 208 51.05 -19.15 -23.36
CA LYS D 208 50.82 -20.09 -24.46
C LYS D 208 49.49 -19.83 -25.15
N ASP D 209 48.44 -19.56 -24.37
CA ASP D 209 47.07 -19.68 -24.84
C ASP D 209 46.35 -18.36 -25.07
N LEU D 210 46.85 -17.25 -24.52
CA LEU D 210 46.12 -15.99 -24.58
C LEU D 210 46.87 -14.92 -25.36
N PHE D 211 48.17 -14.75 -25.12
CA PHE D 211 48.94 -13.70 -25.77
C PHE D 211 49.56 -14.16 -27.08
N TYR D 212 50.30 -15.26 -27.05
CA TYR D 212 50.96 -15.76 -28.25
C TYR D 212 50.02 -15.93 -29.43
N PRO D 213 48.80 -16.46 -29.26
CA PRO D 213 47.89 -16.54 -30.42
C PRO D 213 47.63 -15.19 -31.06
N ASN D 214 47.33 -14.16 -30.26
CA ASN D 214 47.06 -12.85 -30.83
C ASN D 214 48.32 -12.26 -31.45
N SER D 215 49.48 -12.48 -30.84
CA SER D 215 50.72 -11.99 -31.42
C SER D 215 50.99 -12.63 -32.78
N ILE D 216 50.79 -13.94 -32.88
CA ILE D 216 50.98 -14.63 -34.16
C ILE D 216 49.97 -14.12 -35.18
N GLN D 217 48.73 -13.90 -34.75
CA GLN D 217 47.70 -13.42 -35.65
C GLN D 217 48.07 -12.03 -36.19
N TYR D 218 48.59 -11.16 -35.32
CA TYR D 218 49.03 -9.84 -35.76
C TYR D 218 50.20 -9.94 -36.72
N ILE D 219 51.15 -10.84 -36.44
CA ILE D 219 52.28 -11.02 -37.34
C ILE D 219 51.79 -11.46 -38.72
N ALA D 220 50.76 -12.31 -38.74
CA ALA D 220 50.21 -12.77 -40.02
C ALA D 220 49.47 -11.65 -40.74
N GLU D 221 48.68 -10.85 -40.03
CA GLU D 221 47.85 -9.83 -40.63
C GLU D 221 48.56 -8.50 -40.83
N LEU D 222 49.83 -8.39 -40.44
CA LEU D 222 50.54 -7.13 -40.59
C LEU D 222 50.56 -6.65 -42.03
N SER D 223 50.52 -7.57 -43.00
CA SER D 223 50.67 -7.22 -44.41
C SER D 223 49.56 -7.82 -45.27
N ILE D 224 48.38 -8.04 -44.68
CA ILE D 224 47.25 -8.54 -45.47
C ILE D 224 46.43 -7.43 -46.10
N LEU D 225 46.58 -6.19 -45.64
CA LEU D 225 45.80 -5.10 -46.19
C LEU D 225 46.24 -4.80 -47.62
N PRO D 226 45.34 -4.32 -48.48
CA PRO D 226 45.74 -4.03 -49.87
C PRO D 226 46.87 -3.01 -49.96
N GLU D 227 46.90 -2.02 -49.07
CA GLU D 227 47.93 -1.00 -49.12
C GLU D 227 49.30 -1.62 -48.84
N ALA D 228 50.29 -1.20 -49.64
CA ALA D 228 51.65 -1.71 -49.50
C ALA D 228 52.50 -0.89 -48.53
N GLU D 229 51.99 0.25 -48.05
CA GLU D 229 52.74 1.09 -47.11
C GLU D 229 52.48 0.72 -45.66
N LYS D 230 51.55 -0.21 -45.39
CA LYS D 230 51.29 -0.63 -44.02
C LYS D 230 52.39 -1.51 -43.46
N ARG D 231 53.30 -2.00 -44.30
CA ARG D 231 54.37 -2.88 -43.86
C ARG D 231 55.40 -2.17 -42.99
N ILE D 232 55.38 -0.84 -42.94
CA ILE D 232 56.40 -0.11 -42.20
C ILE D 232 56.24 -0.40 -40.71
N SER D 233 57.34 -0.77 -40.07
CA SER D 233 57.37 -1.04 -38.64
C SER D 233 58.61 -0.40 -38.04
N SER D 234 58.48 0.05 -36.78
CA SER D 234 59.55 0.72 -36.08
C SER D 234 59.63 0.19 -34.65
N LYS D 235 60.64 0.65 -33.91
CA LYS D 235 60.79 0.22 -32.53
C LYS D 235 59.59 0.65 -31.68
N ASN D 236 59.11 1.89 -31.88
CA ASN D 236 57.97 2.36 -31.11
C ASN D 236 56.75 1.49 -31.36
N LYS D 237 56.47 1.17 -32.64
CA LYS D 237 55.34 0.31 -32.95
C LYS D 237 55.52 -1.08 -32.36
N LEU D 238 56.73 -1.63 -32.42
CA LEU D 238 56.97 -2.95 -31.87
C LEU D 238 56.70 -2.98 -30.38
N ILE D 239 57.21 -2.00 -29.63
CA ILE D 239 56.99 -1.98 -28.20
C ILE D 239 55.52 -1.73 -27.88
N ASP D 240 54.85 -0.88 -28.67
CA ASP D 240 53.44 -0.61 -28.43
C ASP D 240 52.59 -1.86 -28.62
N TYR D 241 52.87 -2.62 -29.68
CA TYR D 241 52.09 -3.82 -29.97
C TYR D 241 52.53 -5.04 -29.17
N LEU D 242 53.70 -4.98 -28.52
CA LEU D 242 54.16 -6.08 -27.68
C LEU D 242 53.83 -5.89 -26.21
N LYS D 243 53.71 -4.64 -25.74
CA LYS D 243 53.34 -4.38 -24.36
C LYS D 243 52.41 -3.18 -24.24
N GLY D 244 51.58 -2.93 -25.24
CA GLY D 244 50.65 -1.83 -25.17
C GLY D 244 49.70 -1.98 -24.00
N ASN D 245 48.82 -2.97 -24.06
CA ASN D 245 47.98 -3.37 -22.93
C ASN D 245 48.33 -4.76 -22.46
N LYS D 246 48.23 -5.76 -23.34
CA LYS D 246 48.69 -7.12 -23.09
C LYS D 246 48.43 -7.57 -21.66
N LYS D 247 47.17 -7.46 -21.25
CA LYS D 247 46.68 -8.05 -20.01
C LYS D 247 45.68 -9.16 -20.27
N THR D 248 44.61 -8.86 -21.01
CA THR D 248 43.74 -9.89 -21.56
C THR D 248 44.18 -10.32 -22.95
N ALA D 249 45.11 -9.59 -23.56
CA ALA D 249 45.66 -9.92 -24.88
C ALA D 249 44.66 -9.64 -25.99
N MET D 250 43.43 -9.26 -25.63
CA MET D 250 42.35 -9.15 -26.60
C MET D 250 42.35 -10.37 -27.53
N SER D 251 42.37 -11.55 -26.91
CA SER D 251 42.50 -12.80 -27.66
C SER D 251 41.56 -12.81 -28.83
N ARG D 252 42.09 -12.77 -30.06
CA ARG D 252 41.22 -12.60 -31.21
C ARG D 252 40.89 -13.93 -31.88
N TRP D 253 41.87 -14.54 -32.55
CA TRP D 253 41.54 -15.52 -33.57
C TRP D 253 42.75 -16.40 -33.82
N THR D 254 42.47 -17.59 -34.38
CA THR D 254 43.49 -18.62 -34.52
C THR D 254 44.02 -18.80 -35.92
N SER D 255 43.26 -18.45 -36.95
CA SER D 255 43.70 -18.65 -38.32
C SER D 255 44.09 -20.11 -38.57
N GLU D 256 43.22 -21.01 -38.11
CA GLU D 256 43.33 -22.46 -38.30
C GLU D 256 44.71 -23.03 -37.98
N VAL D 257 44.79 -24.36 -37.95
CA VAL D 257 45.99 -25.16 -37.65
C VAL D 257 46.71 -24.68 -36.40
N LEU D 258 47.20 -23.43 -36.38
CA LEU D 258 48.15 -23.04 -35.35
C LEU D 258 47.55 -23.17 -33.95
N THR D 259 46.31 -22.72 -33.76
CA THR D 259 45.57 -22.98 -32.54
C THR D 259 44.15 -23.41 -32.86
N ARG D 260 44.00 -24.24 -33.89
CA ARG D 260 42.72 -24.84 -34.27
C ARG D 260 42.92 -26.34 -34.34
N LYS D 261 42.49 -27.05 -33.29
CA LYS D 261 42.68 -28.50 -33.22
C LYS D 261 41.32 -29.19 -33.12
N GLN D 262 40.38 -28.78 -33.98
CA GLN D 262 39.03 -29.33 -33.98
C GLN D 262 38.34 -28.98 -32.66
N LEU D 263 38.76 -29.61 -31.57
CA LEU D 263 38.26 -29.23 -30.25
C LEU D 263 38.82 -27.88 -29.83
N LEU D 264 40.08 -27.61 -30.18
CA LEU D 264 40.77 -26.36 -29.86
C LEU D 264 41.08 -26.21 -28.38
N LYS D 265 40.58 -27.14 -27.55
CA LYS D 265 40.81 -27.10 -26.11
C LYS D 265 40.88 -25.65 -25.65
N VAL D 266 42.04 -25.23 -25.14
CA VAL D 266 42.35 -23.83 -24.84
C VAL D 266 41.11 -23.04 -24.45
N ARG D 267 40.41 -22.48 -25.43
CA ARG D 267 39.22 -21.68 -25.20
C ARG D 267 37.96 -22.51 -25.09
N LYS D 268 38.06 -23.81 -24.83
CA LYS D 268 36.87 -24.58 -24.54
C LYS D 268 36.29 -24.24 -23.17
N ASN D 269 37.03 -23.49 -22.34
CA ASN D 269 36.52 -23.06 -21.04
C ASN D 269 36.86 -21.60 -20.74
N GLN D 270 37.30 -20.82 -21.73
CA GLN D 270 37.54 -19.40 -21.49
C GLN D 270 36.26 -18.65 -21.19
N LEU D 271 35.12 -19.26 -21.50
CA LEU D 271 33.83 -18.62 -21.33
C LEU D 271 32.97 -19.30 -20.27
N VAL D 272 33.34 -20.48 -19.80
CA VAL D 272 32.57 -21.15 -18.75
C VAL D 272 32.46 -20.27 -17.52
N PRO D 273 33.53 -19.62 -17.03
CA PRO D 273 33.38 -18.79 -15.84
C PRO D 273 32.34 -17.70 -15.99
N SER D 274 32.19 -17.12 -17.18
CA SER D 274 31.16 -16.12 -17.42
C SER D 274 29.87 -16.74 -17.92
N LEU D 275 29.94 -17.83 -18.70
CA LEU D 275 28.72 -18.52 -19.10
C LEU D 275 27.96 -19.08 -17.91
N ASN D 276 28.63 -19.25 -16.77
CA ASN D 276 27.93 -19.58 -15.54
C ASN D 276 27.24 -18.38 -14.91
N ILE D 277 27.54 -17.16 -15.37
CA ILE D 277 26.79 -15.98 -14.97
C ILE D 277 25.49 -15.96 -15.77
N ASN D 278 24.45 -15.39 -15.16
CA ASN D 278 23.09 -15.53 -15.68
C ASN D 278 22.42 -14.18 -15.86
N SER D 279 23.18 -13.13 -16.13
CA SER D 279 22.57 -11.84 -16.49
C SER D 279 23.36 -11.12 -17.59
N ARG D 280 24.01 -11.88 -18.48
CA ARG D 280 24.77 -11.29 -19.59
C ARG D 280 24.23 -11.90 -20.89
N SER D 281 23.49 -11.11 -21.65
CA SER D 281 22.88 -11.57 -22.89
C SER D 281 23.96 -11.76 -23.95
N ARG D 282 24.38 -13.01 -24.16
CA ARG D 282 25.50 -13.25 -25.05
C ARG D 282 25.14 -12.79 -26.46
N TYR D 283 26.16 -12.80 -27.32
CA TYR D 283 25.97 -12.52 -28.74
C TYR D 283 26.95 -13.36 -29.52
N PHE D 284 26.54 -13.79 -30.71
CA PHE D 284 27.33 -14.71 -31.53
C PHE D 284 27.46 -14.16 -32.94
N ILE D 285 28.50 -14.61 -33.64
CA ILE D 285 28.62 -14.40 -35.08
C ILE D 285 29.13 -15.68 -35.71
N ILE D 286 28.21 -16.42 -36.33
CA ILE D 286 28.45 -17.77 -36.81
C ILE D 286 28.50 -17.71 -38.33
N ASP D 287 29.66 -18.01 -38.89
CA ASP D 287 29.79 -18.13 -40.35
C ASP D 287 29.00 -19.33 -40.83
N PRO D 288 27.88 -19.14 -41.53
CA PRO D 288 27.10 -20.31 -41.96
C PRO D 288 27.87 -21.25 -42.87
N ASP D 289 28.76 -20.73 -43.70
CA ASP D 289 29.50 -21.59 -44.61
C ASP D 289 30.33 -22.61 -43.84
N THR D 290 30.98 -22.19 -42.77
CA THR D 290 31.75 -23.12 -41.95
C THR D 290 30.82 -24.13 -41.27
N ILE D 291 29.86 -23.63 -40.49
CA ILE D 291 28.89 -24.48 -39.82
C ILE D 291 27.91 -24.98 -40.88
N ASP D 292 28.16 -26.19 -41.38
CA ASP D 292 27.39 -26.70 -42.51
C ASP D 292 26.01 -27.18 -42.06
N ASN D 293 25.10 -27.21 -43.03
CA ASN D 293 23.77 -27.79 -42.84
C ASN D 293 23.00 -27.06 -41.74
N PHE D 294 22.76 -25.77 -41.97
CA PHE D 294 21.81 -25.05 -41.12
C PHE D 294 20.37 -25.48 -41.39
N ASP D 295 20.13 -26.28 -42.43
CA ASP D 295 18.78 -26.72 -42.73
C ASP D 295 18.46 -28.07 -42.12
N ASP D 296 19.47 -28.90 -41.86
CA ASP D 296 19.25 -30.30 -41.51
C ASP D 296 19.60 -30.61 -40.07
N GLU D 297 20.85 -30.36 -39.65
CA GLU D 297 21.33 -30.75 -38.32
C GLU D 297 21.47 -29.56 -37.38
N PHE D 298 20.83 -28.45 -37.72
CA PHE D 298 20.79 -27.27 -36.86
C PHE D 298 19.66 -27.47 -35.86
N ILE D 299 19.31 -26.44 -35.10
CA ILE D 299 18.20 -26.49 -34.15
C ILE D 299 18.53 -27.39 -32.98
N LEU D 300 18.88 -28.65 -33.25
CA LEU D 300 19.24 -29.56 -32.16
C LEU D 300 20.32 -28.95 -31.29
N PHE D 301 21.36 -28.39 -31.91
CA PHE D 301 22.34 -27.62 -31.15
C PHE D 301 21.67 -26.50 -30.38
N VAL D 302 20.86 -25.68 -31.07
CA VAL D 302 20.15 -24.60 -30.41
C VAL D 302 19.22 -25.16 -29.34
N LYS D 303 18.60 -26.31 -29.62
CA LYS D 303 17.72 -26.93 -28.64
C LYS D 303 18.45 -27.18 -27.32
N ASP D 304 19.54 -27.95 -27.38
CA ASP D 304 20.24 -28.31 -26.16
C ASP D 304 20.88 -27.08 -25.50
N TYR D 305 21.36 -26.13 -26.32
CA TYR D 305 21.98 -24.94 -25.77
C TYR D 305 20.98 -24.12 -24.97
N LEU D 306 19.76 -23.94 -25.49
CA LEU D 306 18.71 -23.26 -24.74
C LEU D 306 18.29 -24.08 -23.53
N ASP D 307 18.20 -25.40 -23.68
CA ASP D 307 17.83 -26.25 -22.55
C ASP D 307 18.83 -26.12 -21.41
N LYS D 308 20.10 -25.85 -21.73
CA LYS D 308 21.12 -25.75 -20.70
C LYS D 308 21.35 -24.33 -20.20
N TYR D 309 21.03 -23.31 -20.99
CA TYR D 309 21.34 -21.94 -20.62
C TYR D 309 20.15 -21.00 -20.54
N ASN D 310 19.03 -21.32 -21.19
CA ASN D 310 17.83 -20.49 -21.07
C ASN D 310 16.61 -21.38 -20.86
N SER D 311 16.73 -22.34 -19.95
CA SER D 311 15.63 -23.22 -19.57
C SER D 311 15.13 -22.90 -18.17
N LYS D 312 16.01 -22.91 -17.17
CA LYS D 312 15.61 -22.54 -15.82
C LYS D 312 15.04 -21.13 -15.82
N ILE D 313 13.95 -20.95 -15.09
CA ILE D 313 13.17 -19.72 -15.19
C ILE D 313 13.57 -18.66 -14.18
N LYS D 314 14.32 -19.03 -13.14
CA LYS D 314 14.74 -18.10 -12.09
C LYS D 314 16.19 -17.65 -12.26
N LEU D 315 17.09 -18.58 -12.54
CA LEU D 315 18.50 -18.22 -12.68
C LEU D 315 18.75 -17.50 -14.00
N HIS D 316 18.43 -18.16 -15.11
CA HIS D 316 18.68 -17.58 -16.43
C HIS D 316 17.63 -16.53 -16.76
N THR D 317 18.08 -15.33 -17.07
CA THR D 317 17.18 -14.22 -17.36
C THR D 317 17.47 -13.50 -18.67
N GLU D 318 18.45 -13.98 -19.45
CA GLU D 318 18.82 -13.37 -20.72
C GLU D 318 18.72 -14.41 -21.82
N THR D 319 18.21 -14.00 -22.98
CA THR D 319 17.98 -14.92 -24.09
C THR D 319 19.06 -14.73 -25.15
N PRO D 320 20.02 -15.63 -25.27
CA PRO D 320 21.16 -15.38 -26.16
C PRO D 320 20.73 -15.17 -27.60
N CYS D 321 21.70 -14.78 -28.42
CA CYS D 321 21.48 -14.47 -29.83
C CYS D 321 22.19 -15.48 -30.72
N PHE D 322 21.85 -15.45 -32.00
CA PHE D 322 22.52 -16.26 -33.01
C PHE D 322 22.56 -15.47 -34.32
N ILE D 323 23.76 -15.19 -34.81
CA ILE D 323 23.98 -14.49 -36.07
C ILE D 323 24.42 -15.52 -37.10
N LEU D 324 23.74 -15.55 -38.25
CA LEU D 324 24.10 -16.44 -39.34
C LEU D 324 23.93 -15.73 -40.68
N LYS D 325 25.05 -15.56 -41.39
CA LYS D 325 25.27 -14.72 -42.57
C LYS D 325 24.46 -15.15 -43.79
N THR D 326 23.56 -16.12 -43.68
CA THR D 326 22.84 -16.61 -44.84
C THR D 326 21.86 -15.54 -45.35
N ASP D 327 21.05 -15.93 -46.33
CA ASP D 327 20.18 -14.99 -47.01
C ASP D 327 19.19 -14.35 -46.04
N VAL D 328 18.47 -13.33 -46.53
CA VAL D 328 17.45 -12.65 -45.74
C VAL D 328 16.13 -13.42 -45.75
N ASN D 329 15.82 -14.10 -46.84
CA ASN D 329 14.56 -14.85 -46.95
C ASN D 329 14.71 -16.30 -46.51
N ASN D 330 15.91 -16.75 -46.18
CA ASN D 330 16.13 -18.12 -45.75
C ASN D 330 15.80 -18.33 -44.28
N LEU D 331 15.62 -17.25 -43.52
CA LEU D 331 15.30 -17.38 -42.10
C LEU D 331 13.92 -17.98 -41.88
N SER D 332 13.01 -17.78 -42.83
CA SER D 332 11.70 -18.41 -42.73
C SER D 332 11.82 -19.93 -42.73
N GLU D 333 12.58 -20.47 -43.67
CA GLU D 333 12.77 -21.91 -43.78
C GLU D 333 13.70 -22.46 -42.71
N TYR D 334 14.52 -21.59 -42.11
CA TYR D 334 15.29 -22.01 -40.93
C TYR D 334 14.45 -22.04 -39.66
N HIS D 335 13.42 -21.20 -39.55
CA HIS D 335 12.65 -21.17 -38.31
C HIS D 335 11.35 -21.96 -38.33
N LYS D 336 10.83 -22.33 -39.51
CA LYS D 336 9.75 -23.31 -39.52
C LYS D 336 10.15 -24.53 -38.70
N ARG D 337 11.35 -25.05 -38.97
CA ARG D 337 11.85 -26.24 -38.32
C ARG D 337 12.06 -26.01 -36.83
N PHE D 338 12.50 -24.81 -36.46
CA PHE D 338 12.58 -24.46 -35.05
C PHE D 338 11.22 -24.57 -34.39
N VAL D 339 10.21 -23.94 -35.00
CA VAL D 339 8.83 -24.06 -34.51
C VAL D 339 8.49 -25.52 -34.27
N SER D 340 8.97 -26.40 -35.14
CA SER D 340 8.56 -27.80 -35.07
C SER D 340 8.70 -28.37 -33.67
N ARG D 341 9.88 -28.20 -33.06
CA ARG D 341 10.19 -28.88 -31.81
C ARG D 341 9.76 -28.10 -30.58
N ASN D 342 9.07 -26.96 -30.76
CA ASN D 342 8.70 -26.08 -29.65
C ASN D 342 9.94 -25.54 -28.94
N ILE D 343 10.78 -24.87 -29.73
CA ILE D 343 11.89 -24.07 -29.23
C ILE D 343 11.63 -22.66 -29.72
N GLN D 344 10.37 -22.25 -29.72
CA GLN D 344 9.95 -21.00 -30.33
C GLN D 344 10.92 -19.88 -29.99
N ILE D 345 11.55 -19.32 -31.02
CA ILE D 345 12.50 -18.23 -30.90
C ILE D 345 12.33 -17.32 -32.12
N ILE D 346 13.12 -16.27 -32.17
CA ILE D 346 12.90 -15.19 -33.12
C ILE D 346 14.08 -15.09 -34.07
N THR D 347 13.81 -14.55 -35.26
CA THR D 347 14.81 -14.40 -36.30
C THR D 347 15.27 -12.97 -36.50
N GLY D 348 14.57 -11.99 -35.96
CA GLY D 348 14.96 -10.61 -36.18
C GLY D 348 14.59 -10.09 -37.56
N TYR D 349 14.91 -10.86 -38.61
CA TYR D 349 14.57 -10.43 -39.96
C TYR D 349 13.12 -10.73 -40.29
N ILE D 350 12.79 -12.02 -40.34
CA ILE D 350 11.47 -12.52 -40.72
C ILE D 350 11.33 -12.50 -42.25
N GLY D 351 12.12 -11.65 -42.93
CA GLY D 351 12.28 -11.78 -44.36
C GLY D 351 12.41 -10.51 -45.18
N ASP D 352 11.88 -9.37 -44.72
CA ASP D 352 12.01 -8.13 -45.46
C ASP D 352 13.10 -7.22 -44.89
N THR D 353 13.08 -7.00 -43.58
CA THR D 353 14.08 -6.19 -42.89
C THR D 353 14.29 -6.82 -41.52
N PHE D 354 14.98 -6.10 -40.64
CA PHE D 354 15.44 -6.68 -39.37
C PHE D 354 14.58 -6.13 -38.23
N TYR D 355 13.46 -6.81 -37.96
CA TYR D 355 12.60 -6.48 -36.85
C TYR D 355 13.09 -7.25 -35.64
N PHE D 356 13.75 -6.57 -34.71
CA PHE D 356 14.54 -7.25 -33.69
C PHE D 356 14.31 -6.65 -32.31
N LYS D 357 13.05 -6.47 -31.93
CA LYS D 357 12.75 -6.18 -30.54
C LYS D 357 13.27 -7.29 -29.64
N GLU D 358 12.95 -8.55 -30.00
CA GLU D 358 13.36 -9.68 -29.19
C GLU D 358 14.86 -9.92 -29.23
N PHE D 359 15.59 -9.25 -30.12
CA PHE D 359 17.00 -9.57 -30.27
C PHE D 359 17.83 -9.02 -29.12
N ASN D 360 17.29 -8.09 -28.32
CA ASN D 360 17.86 -7.74 -27.03
C ASN D 360 16.79 -7.60 -25.95
N LYS D 361 15.54 -7.98 -26.25
CA LYS D 361 14.48 -7.92 -25.27
C LYS D 361 14.69 -8.97 -24.19
N GLU D 362 14.09 -8.70 -23.02
CA GLU D 362 14.12 -9.64 -21.92
C GLU D 362 12.84 -10.47 -21.96
N PRO D 363 12.89 -11.77 -22.27
CA PRO D 363 11.68 -12.57 -22.20
C PRO D 363 11.10 -12.58 -20.79
N LYS D 364 9.78 -12.53 -20.71
CA LYS D 364 9.12 -12.55 -19.41
C LYS D 364 9.18 -13.95 -18.81
N ARG D 365 9.27 -14.00 -17.48
CA ARG D 365 9.39 -15.25 -16.75
C ARG D 365 8.38 -15.30 -15.62
N ILE D 366 7.95 -16.50 -15.28
CA ILE D 366 6.94 -16.73 -14.24
C ILE D 366 7.45 -17.82 -13.30
N ILE D 367 7.28 -17.60 -11.99
CA ILE D 367 7.76 -18.58 -11.02
C ILE D 367 6.91 -19.85 -11.07
N LYS D 368 5.59 -19.70 -11.20
CA LYS D 368 4.67 -20.83 -11.09
C LYS D 368 4.48 -21.55 -12.43
N ASP D 369 4.38 -20.81 -13.52
CA ASP D 369 4.06 -21.40 -14.82
C ASP D 369 5.26 -22.10 -15.45
N ASN D 370 6.47 -21.80 -15.01
CA ASN D 370 7.69 -22.27 -15.67
C ASN D 370 7.64 -21.91 -17.17
N TRP D 371 7.63 -20.61 -17.42
CA TRP D 371 7.37 -20.07 -18.74
C TRP D 371 8.43 -19.05 -19.15
N VAL D 372 8.75 -19.07 -20.44
CA VAL D 372 9.62 -18.07 -21.07
C VAL D 372 9.38 -18.10 -22.57
N GLU D 373 9.23 -16.94 -23.20
CA GLU D 373 8.65 -16.92 -24.55
C GLU D 373 9.68 -17.23 -25.64
N PHE D 374 10.70 -16.39 -25.82
CA PHE D 374 11.75 -16.66 -26.81
C PHE D 374 13.04 -16.94 -26.07
N LYS D 375 13.31 -18.22 -25.85
CA LYS D 375 14.50 -18.63 -25.11
C LYS D 375 15.80 -18.37 -25.88
N ALA D 376 15.74 -17.93 -27.13
CA ALA D 376 16.94 -17.58 -27.88
C ALA D 376 16.50 -16.80 -29.12
N ARG D 377 17.43 -16.59 -30.04
CA ARG D 377 17.20 -15.73 -31.20
C ARG D 377 17.87 -16.34 -32.42
N ILE D 378 17.46 -15.84 -33.59
CA ILE D 378 18.15 -16.07 -34.85
C ILE D 378 18.29 -14.73 -35.55
N SER D 379 19.30 -14.64 -36.41
CA SER D 379 19.64 -13.38 -37.08
C SER D 379 20.68 -13.66 -38.15
N CYS D 380 21.19 -12.61 -38.77
CA CYS D 380 22.17 -12.73 -39.86
C CYS D 380 23.29 -11.72 -39.67
N ASN D 381 24.45 -12.06 -40.23
CA ASN D 381 25.61 -11.16 -40.22
C ASN D 381 25.42 -9.93 -41.07
N SER D 382 24.36 -9.86 -41.86
CA SER D 382 24.17 -8.73 -42.76
C SER D 382 24.05 -7.44 -41.96
N ASP D 383 24.58 -6.36 -42.52
CA ASP D 383 24.59 -5.07 -41.84
C ASP D 383 23.18 -4.58 -41.55
N GLU D 384 22.16 -5.32 -42.01
CA GLU D 384 20.79 -4.98 -41.68
C GLU D 384 20.70 -4.53 -40.24
N VAL D 385 21.15 -5.38 -39.31
CA VAL D 385 21.76 -4.91 -38.07
C VAL D 385 22.93 -5.82 -37.72
N ILE D 386 24.13 -5.41 -38.10
CA ILE D 386 25.35 -5.96 -37.52
C ILE D 386 25.88 -5.03 -36.43
N LYS D 387 25.17 -3.94 -36.15
CA LYS D 387 25.53 -2.98 -35.12
C LYS D 387 25.20 -3.46 -33.72
N CYS D 388 24.36 -4.49 -33.58
CA CYS D 388 23.82 -4.92 -32.29
C CYS D 388 24.50 -6.19 -31.80
N ILE D 389 25.80 -6.30 -32.00
CA ILE D 389 26.58 -7.43 -31.50
C ILE D 389 27.69 -6.90 -30.60
N ASN D 390 27.42 -5.82 -29.86
CA ASN D 390 28.46 -5.16 -29.08
C ASN D 390 28.10 -5.00 -27.60
N TYR D 391 27.06 -5.69 -27.12
CA TYR D 391 26.54 -5.41 -25.78
C TYR D 391 27.06 -6.31 -24.67
N LYS D 392 26.68 -7.58 -24.69
CA LYS D 392 26.69 -8.38 -23.47
C LYS D 392 27.25 -9.77 -23.72
N LYS D 393 28.41 -9.86 -24.35
CA LYS D 393 29.05 -11.15 -24.55
C LYS D 393 29.87 -11.56 -23.34
N CYS D 394 29.50 -11.07 -22.16
CA CYS D 394 30.26 -11.20 -20.92
C CYS D 394 31.72 -10.87 -21.15
N ASP D 395 32.56 -11.83 -21.52
CA ASP D 395 34.00 -11.58 -21.65
C ASP D 395 34.58 -12.26 -22.88
N ASP D 396 33.85 -12.27 -23.98
CA ASP D 396 34.30 -12.95 -25.20
C ASP D 396 33.50 -12.42 -26.38
N LEU D 397 33.69 -13.04 -27.55
CA LEU D 397 32.79 -12.88 -28.69
C LEU D 397 32.14 -14.19 -29.09
N TYR D 398 32.93 -15.26 -29.22
CA TYR D 398 32.53 -16.59 -29.68
C TYR D 398 32.36 -16.62 -31.19
N ILE D 399 32.76 -15.57 -31.92
CA ILE D 399 32.52 -15.47 -33.35
C ILE D 399 33.10 -16.69 -34.04
N VAL D 400 32.54 -17.05 -35.19
CA VAL D 400 32.98 -18.19 -35.99
C VAL D 400 33.54 -17.64 -37.29
N GLY D 401 34.86 -17.57 -37.39
CA GLY D 401 35.49 -17.21 -38.65
C GLY D 401 35.03 -15.87 -39.18
N GLY D 402 34.44 -15.90 -40.37
CA GLY D 402 34.13 -14.65 -41.07
C GLY D 402 33.13 -13.81 -40.30
N VAL D 403 33.22 -12.50 -40.52
CA VAL D 403 32.40 -11.54 -39.81
C VAL D 403 32.47 -10.16 -40.46
N ASP D 404 31.34 -9.45 -40.44
CA ASP D 404 31.29 -8.05 -40.86
C ASP D 404 31.74 -7.17 -39.70
N VAL D 405 33.06 -7.23 -39.44
CA VAL D 405 33.62 -6.56 -38.26
C VAL D 405 33.27 -5.08 -38.26
N SER D 406 33.71 -4.36 -39.29
CA SER D 406 33.68 -2.91 -39.27
C SER D 406 32.38 -2.38 -38.67
N LEU D 407 32.51 -1.32 -37.87
CA LEU D 407 31.38 -0.74 -37.13
C LEU D 407 30.82 -1.74 -36.13
N LEU D 408 31.68 -2.16 -35.19
CA LEU D 408 31.33 -3.12 -34.17
C LEU D 408 31.55 -2.63 -32.74
N ASP D 409 32.58 -1.83 -32.49
CA ASP D 409 32.83 -1.25 -31.16
C ASP D 409 33.02 -2.37 -30.12
N THR D 410 34.15 -3.06 -30.26
CA THR D 410 34.46 -4.24 -29.46
C THR D 410 35.01 -3.90 -28.07
N ALA D 411 34.83 -2.67 -27.59
CA ALA D 411 35.31 -2.32 -26.27
C ALA D 411 34.51 -3.03 -25.18
N ASP D 412 35.12 -3.13 -24.01
CA ASP D 412 34.49 -3.74 -22.84
C ASP D 412 34.36 -5.26 -23.00
N VAL D 413 33.41 -5.72 -23.80
CA VAL D 413 33.23 -7.14 -24.07
C VAL D 413 34.56 -7.70 -24.55
N ASN D 414 35.11 -8.69 -23.84
CA ASN D 414 36.53 -8.99 -23.90
C ASN D 414 36.96 -9.74 -25.16
N ILE D 415 36.03 -10.18 -25.99
CA ILE D 415 36.30 -10.57 -27.37
C ILE D 415 36.90 -11.97 -27.51
N GLU D 416 36.29 -12.77 -28.39
CA GLU D 416 36.81 -14.08 -28.76
C GLU D 416 36.18 -14.49 -30.09
N ASN D 417 36.90 -14.33 -31.20
CA ASN D 417 36.42 -14.82 -32.50
C ASN D 417 37.30 -16.00 -32.94
N LEU D 418 36.76 -17.21 -32.78
CA LEU D 418 37.40 -18.46 -33.19
C LEU D 418 36.50 -19.16 -34.20
N GLU D 419 37.09 -19.64 -35.29
CA GLU D 419 36.30 -20.35 -36.29
C GLU D 419 36.02 -21.78 -35.84
N ILE D 420 34.85 -22.28 -36.25
CA ILE D 420 34.37 -23.61 -35.90
C ILE D 420 33.85 -24.29 -37.15
N ASN D 421 34.00 -25.61 -37.20
CA ASN D 421 33.63 -26.37 -38.39
C ASN D 421 32.13 -26.71 -38.42
N ASN D 422 31.65 -27.45 -37.43
CA ASN D 422 30.32 -28.03 -37.50
C ASN D 422 29.49 -27.66 -36.28
N PHE D 423 28.17 -27.61 -36.51
CA PHE D 423 27.22 -27.16 -35.49
C PHE D 423 27.49 -27.78 -34.13
N ARG D 424 27.97 -29.01 -34.09
CA ARG D 424 28.22 -29.69 -32.83
C ARG D 424 29.54 -29.27 -32.19
N GLU D 425 30.31 -28.38 -32.83
CA GLU D 425 31.56 -27.89 -32.28
C GLU D 425 31.46 -26.45 -31.77
N LEU D 426 30.31 -25.81 -31.88
CA LEU D 426 30.04 -24.68 -31.00
C LEU D 426 29.73 -25.18 -29.59
N LYS D 427 29.64 -26.49 -29.40
CA LYS D 427 29.42 -27.04 -28.08
C LYS D 427 30.68 -26.98 -27.22
N TYR D 428 31.86 -27.25 -27.80
CA TYR D 428 33.07 -27.15 -27.00
C TYR D 428 33.31 -25.72 -26.55
N LEU D 429 33.06 -24.74 -27.43
CA LEU D 429 33.06 -23.35 -27.00
C LEU D 429 31.94 -23.10 -25.99
N LEU D 430 30.70 -23.27 -26.42
CA LEU D 430 29.53 -23.10 -25.56
C LEU D 430 29.30 -24.38 -24.78
N SER D 431 29.79 -24.44 -23.55
CA SER D 431 29.75 -25.67 -22.78
C SER D 431 28.32 -25.91 -22.30
N MET D 432 27.48 -26.38 -23.24
CA MET D 432 26.14 -26.84 -22.89
C MET D 432 26.05 -28.35 -22.83
N LEU D 433 26.85 -29.05 -23.63
CA LEU D 433 26.87 -30.50 -23.66
C LEU D 433 28.32 -30.96 -23.55
N LYS D 434 28.58 -31.88 -22.62
CA LYS D 434 29.94 -32.31 -22.33
C LYS D 434 30.59 -33.08 -23.46
N GLU D 435 29.80 -33.53 -24.45
CA GLU D 435 30.32 -34.37 -25.52
C GLU D 435 29.89 -33.81 -26.86
N ILE D 436 30.39 -34.44 -27.92
CA ILE D 436 30.02 -34.08 -29.29
C ILE D 436 29.64 -35.35 -30.06
N MET E 1 7.17 41.18 -41.96
CA MET E 1 6.87 40.79 -43.37
C MET E 1 7.16 39.31 -43.60
N MET E 2 6.17 38.59 -44.09
CA MET E 2 6.31 37.15 -44.35
C MET E 2 7.03 36.95 -45.68
N SER E 3 8.06 36.09 -45.66
CA SER E 3 8.96 35.97 -46.80
C SER E 3 8.24 35.46 -48.04
N ARG E 4 8.69 35.94 -49.20
CA ARG E 4 8.10 35.50 -50.46
C ARG E 4 8.45 34.05 -50.77
N GLU E 5 9.62 33.59 -50.33
CA GLU E 5 9.99 32.19 -50.54
C GLU E 5 9.01 31.26 -49.82
N ALA E 6 8.48 31.68 -48.67
CA ALA E 6 7.45 30.90 -48.01
C ALA E 6 6.22 30.76 -48.90
N ASP E 7 5.80 31.85 -49.54
CA ASP E 7 4.69 31.76 -50.47
C ASP E 7 5.02 30.84 -51.63
N HIS E 8 6.25 30.92 -52.14
CA HIS E 8 6.66 30.05 -53.24
C HIS E 8 6.54 28.59 -52.86
N THR E 9 7.08 28.21 -51.69
CA THR E 9 7.03 26.81 -51.28
C THR E 9 5.59 26.38 -50.98
N ILE E 10 4.77 27.28 -50.43
CA ILE E 10 3.38 26.95 -50.17
C ILE E 10 2.65 26.67 -51.47
N LYS E 11 2.86 27.51 -52.48
CA LYS E 11 2.22 27.27 -53.77
C LYS E 11 2.72 25.98 -54.41
N GLY E 12 4.01 25.69 -54.27
CA GLY E 12 4.53 24.42 -54.79
C GLY E 12 3.86 23.23 -54.13
N PHE E 13 3.76 23.26 -52.80
CA PHE E 13 3.13 22.15 -52.10
C PHE E 13 1.63 22.07 -52.40
N LEU E 14 0.99 23.21 -52.70
CA LEU E 14 -0.43 23.18 -53.03
C LEU E 14 -0.66 22.60 -54.42
N TYR E 15 0.21 22.93 -55.37
CA TYR E 15 0.13 22.26 -56.67
C TYR E 15 0.44 20.77 -56.52
N GLN E 16 1.32 20.41 -55.59
CA GLN E 16 1.51 19.00 -55.27
C GLN E 16 0.23 18.37 -54.76
N PHE E 17 -0.51 19.10 -53.92
CA PHE E 17 -1.78 18.59 -53.42
C PHE E 17 -2.75 18.36 -54.58
N ASN E 18 -2.79 19.31 -55.52
CA ASN E 18 -3.67 19.16 -56.68
C ASN E 18 -3.28 17.94 -57.51
N LYS E 19 -1.97 17.75 -57.72
CA LYS E 19 -1.50 16.57 -58.45
C LYS E 19 -1.87 15.29 -57.71
N THR E 20 -1.76 15.30 -56.39
CA THR E 20 -2.14 14.14 -55.59
C THR E 20 -3.62 13.83 -55.76
N LEU E 21 -4.46 14.85 -55.73
CA LEU E 21 -5.90 14.64 -55.93
C LEU E 21 -6.18 14.09 -57.31
N ASN E 22 -5.50 14.63 -58.33
CA ASN E 22 -5.70 14.12 -59.70
C ASN E 22 -5.28 12.66 -59.81
N SER E 23 -4.14 12.30 -59.21
CA SER E 23 -3.69 10.91 -59.25
C SER E 23 -4.66 10.00 -58.52
N ILE E 24 -5.15 10.43 -57.35
CA ILE E 24 -6.11 9.63 -56.61
C ILE E 24 -7.37 9.41 -57.42
N LEU E 25 -7.87 10.46 -58.07
CA LEU E 25 -9.05 10.32 -58.91
C LEU E 25 -8.79 9.35 -60.05
N SER E 26 -7.61 9.46 -60.68
CA SER E 26 -7.26 8.55 -61.78
C SER E 26 -6.99 7.15 -61.24
N SER E 27 -6.00 7.01 -60.36
CA SER E 27 -5.64 5.73 -59.77
C SER E 27 -5.27 4.71 -60.84
N THR E 28 -4.65 5.17 -61.91
CA THR E 28 -4.20 4.31 -63.00
C THR E 28 -2.85 4.83 -63.48
N ASP E 29 -2.39 4.33 -64.62
CA ASP E 29 -1.13 4.77 -65.21
C ASP E 29 -1.12 6.29 -65.35
N GLN E 30 -0.24 6.95 -64.61
CA GLN E 30 -0.17 8.40 -64.58
C GLN E 30 1.29 8.84 -64.69
N ASP E 31 1.49 10.07 -65.19
CA ASP E 31 2.84 10.56 -65.44
C ASP E 31 3.65 10.58 -64.16
N GLU E 32 4.94 10.27 -64.29
CA GLU E 32 5.83 10.24 -63.14
C GLU E 32 5.93 11.62 -62.51
N ILE E 33 6.04 11.65 -61.18
CA ILE E 33 6.15 12.88 -60.41
C ILE E 33 7.59 13.03 -59.95
N GLN E 34 8.20 14.17 -60.26
CA GLN E 34 9.58 14.45 -59.89
C GLN E 34 9.63 15.78 -59.14
N ILE E 35 10.30 15.79 -57.98
CA ILE E 35 10.43 17.02 -57.21
C ILE E 35 11.47 17.93 -57.85
N GLU E 36 11.39 19.21 -57.51
CA GLU E 36 12.28 20.22 -58.04
C GLU E 36 13.18 20.76 -56.93
N GLY E 37 14.49 20.73 -57.16
CA GLY E 37 15.44 21.24 -56.19
C GLY E 37 15.81 22.68 -56.45
N ILE E 38 14.81 23.56 -56.46
CA ILE E 38 15.03 24.99 -56.71
C ILE E 38 14.80 25.85 -55.49
N ILE E 39 14.38 25.25 -54.36
CA ILE E 39 14.19 26.03 -53.15
C ILE E 39 15.52 26.59 -52.66
N GLU E 40 16.60 25.82 -52.84
CA GLU E 40 17.95 26.32 -52.63
C GLU E 40 18.87 25.67 -53.65
N ASP E 41 20.12 26.13 -53.69
CA ASP E 41 21.11 25.65 -54.65
C ASP E 41 21.66 24.30 -54.19
N ILE E 42 20.76 23.30 -54.23
CA ILE E 42 21.16 21.94 -53.86
C ILE E 42 22.12 21.37 -54.89
N ASP E 43 21.91 21.68 -56.17
CA ASP E 43 22.75 21.22 -57.27
C ASP E 43 22.74 19.69 -57.34
N ILE E 44 21.54 19.15 -57.56
CA ILE E 44 21.40 17.70 -57.72
C ILE E 44 22.07 17.23 -58.99
N LYS E 45 22.16 18.10 -60.00
CA LYS E 45 22.76 17.76 -61.29
C LYS E 45 21.96 16.66 -62.00
N ASN E 46 20.67 16.95 -62.19
CA ASN E 46 19.77 16.06 -62.90
C ASN E 46 19.06 16.83 -63.99
N SER E 47 18.65 16.11 -65.05
CA SER E 47 18.08 16.74 -66.23
C SER E 47 16.57 16.57 -66.34
N ASN E 48 16.01 15.49 -65.77
CA ASN E 48 14.59 15.20 -65.91
C ASN E 48 13.80 15.93 -64.83
N ILE E 49 13.74 17.26 -64.95
CA ILE E 49 12.96 18.11 -64.07
C ILE E 49 12.01 18.93 -64.94
N THR E 50 10.72 18.87 -64.61
CA THR E 50 9.69 19.55 -65.38
C THR E 50 8.89 20.56 -64.57
N ASN E 51 8.51 20.23 -63.34
CA ASN E 51 7.66 21.10 -62.55
C ASN E 51 8.35 22.43 -62.24
N ALA E 52 9.41 22.39 -61.43
CA ALA E 52 10.17 23.58 -61.09
C ALA E 52 9.25 24.72 -60.70
N ILE E 53 8.49 24.55 -59.62
CA ILE E 53 7.45 25.50 -59.24
C ILE E 53 8.02 26.54 -58.29
N GLN E 54 7.82 27.81 -58.63
CA GLN E 54 8.14 28.93 -57.74
C GLN E 54 7.03 29.97 -57.80
N CYS E 55 5.78 29.52 -57.79
CA CYS E 55 4.64 30.39 -57.98
C CYS E 55 4.27 31.11 -56.70
N LYS E 56 3.58 32.24 -56.85
CA LYS E 56 3.13 33.04 -55.73
C LYS E 56 1.72 33.55 -56.01
N TYR E 57 0.97 33.76 -54.93
CA TYR E 57 -0.38 34.30 -55.01
C TYR E 57 -0.46 35.62 -54.26
N HIS E 58 -1.26 36.54 -54.78
CA HIS E 58 -1.45 37.87 -54.21
C HIS E 58 -2.94 38.11 -53.96
N GLU E 59 -3.25 39.32 -53.52
CA GLU E 59 -4.64 39.68 -53.26
C GLU E 59 -5.41 39.84 -54.56
N SER E 60 -6.68 39.42 -54.54
CA SER E 60 -7.57 39.55 -55.69
C SER E 60 -8.89 40.15 -55.23
N LYS E 61 -9.38 41.15 -55.96
CA LYS E 61 -10.61 41.85 -55.61
C LYS E 61 -11.71 41.59 -56.63
N VAL E 62 -11.46 41.87 -57.91
CA VAL E 62 -12.43 41.62 -58.97
C VAL E 62 -11.68 41.22 -60.22
N ARG E 63 -12.06 40.08 -60.79
CA ARG E 63 -11.51 39.61 -62.07
C ARG E 63 -9.98 39.58 -61.95
N HIS E 64 -9.25 40.06 -62.96
CA HIS E 64 -7.80 40.06 -62.96
C HIS E 64 -7.30 41.43 -63.37
N ASN E 65 -6.02 41.67 -63.09
CA ASN E 65 -5.37 42.92 -63.45
C ASN E 65 -4.00 42.62 -64.04
N LEU E 66 -3.52 43.56 -64.88
CA LEU E 66 -2.18 43.41 -65.43
C LEU E 66 -1.11 43.42 -64.36
N SER E 67 -1.42 43.97 -63.17
CA SER E 67 -0.49 44.02 -62.05
C SER E 67 -0.70 42.86 -61.09
N ASP E 68 -1.24 41.74 -61.55
CA ASP E 68 -1.44 40.57 -60.71
C ASP E 68 -0.25 39.61 -60.72
N ILE E 69 0.77 39.88 -61.53
CA ILE E 69 1.97 39.06 -61.60
C ILE E 69 3.17 39.93 -61.25
N TYR E 70 3.70 39.72 -60.05
CA TYR E 70 4.80 40.52 -59.51
C TYR E 70 6.14 39.84 -59.79
N LYS E 71 7.18 40.28 -59.08
CA LYS E 71 8.57 39.84 -59.19
C LYS E 71 8.72 38.35 -59.49
N PRO E 72 7.96 37.44 -58.82
CA PRO E 72 8.12 36.01 -59.11
C PRO E 72 8.31 35.69 -60.58
N ILE E 73 7.63 36.41 -61.47
CA ILE E 73 7.84 36.20 -62.90
C ILE E 73 9.29 36.50 -63.26
N LEU E 74 9.84 37.60 -62.73
CA LEU E 74 11.22 37.95 -63.02
C LEU E 74 12.18 36.93 -62.39
N GLN E 75 11.83 36.40 -61.22
CA GLN E 75 12.66 35.36 -60.62
C GLN E 75 12.71 34.13 -61.52
N MET E 76 11.57 33.72 -62.06
CA MET E 76 11.56 32.61 -63.01
C MET E 76 12.37 32.94 -64.25
N LEU E 77 12.25 34.18 -64.73
CA LEU E 77 13.01 34.60 -65.91
C LEU E 77 14.50 34.45 -65.67
N LEU E 78 14.98 34.90 -64.50
CA LEU E 78 16.39 34.70 -64.17
C LEU E 78 16.73 33.22 -64.06
N HIS E 79 15.87 32.44 -63.40
CA HIS E 79 16.13 31.01 -63.26
C HIS E 79 16.19 30.29 -64.60
N PHE E 80 15.62 30.87 -65.65
CA PHE E 80 15.76 30.27 -66.98
C PHE E 80 17.22 30.24 -67.40
N LEU E 81 17.96 31.30 -67.11
CA LEU E 81 19.40 31.36 -67.38
C LEU E 81 20.18 30.74 -66.21
N GLU E 82 19.90 29.46 -65.96
CA GLU E 82 20.52 28.76 -64.86
C GLU E 82 22.01 28.54 -65.15
N ASN E 83 22.77 28.34 -64.07
CA ASN E 83 24.22 28.15 -64.22
C ASN E 83 24.53 26.93 -65.08
N ASP E 84 23.81 25.83 -64.84
CA ASP E 84 24.03 24.61 -65.60
C ASP E 84 23.15 24.51 -66.85
N SER E 85 22.05 25.28 -66.91
CA SER E 85 21.20 25.34 -68.09
C SER E 85 20.60 23.97 -68.42
N LEU E 86 19.98 23.36 -67.42
CA LEU E 86 19.23 22.12 -67.58
C LEU E 86 17.74 22.43 -67.60
N ASN E 87 16.93 21.38 -67.69
CA ASN E 87 15.48 21.55 -67.76
C ASN E 87 14.97 22.25 -66.50
N ILE E 88 14.53 23.50 -66.65
CA ILE E 88 14.03 24.29 -65.54
C ILE E 88 12.66 24.84 -65.91
N LYS E 89 11.92 24.10 -66.74
CA LYS E 89 10.64 24.58 -67.23
C LYS E 89 9.73 24.93 -66.06
N TYR E 90 9.21 26.15 -66.08
CA TYR E 90 8.39 26.67 -65.00
C TYR E 90 6.91 26.56 -65.36
N ALA E 91 6.06 26.98 -64.43
CA ALA E 91 4.61 26.94 -64.62
C ALA E 91 3.98 28.01 -63.74
N LEU E 92 2.73 28.35 -64.05
CA LEU E 92 1.97 29.31 -63.26
C LEU E 92 0.52 28.89 -63.23
N TYR E 93 -0.06 28.86 -62.02
CA TYR E 93 -1.42 28.38 -61.79
C TYR E 93 -2.16 29.31 -60.84
N ALA E 94 -2.02 30.61 -61.04
CA ALA E 94 -2.67 31.58 -60.17
C ALA E 94 -4.17 31.55 -60.34
N TYR E 95 -4.88 31.80 -59.23
CA TYR E 95 -6.33 31.78 -59.20
C TYR E 95 -6.89 33.20 -59.29
N PHE E 96 -7.98 33.34 -60.03
CA PHE E 96 -8.68 34.61 -60.17
C PHE E 96 -10.17 34.40 -59.97
N PRO E 97 -10.87 35.38 -59.37
CA PRO E 97 -12.32 35.22 -59.20
C PRO E 97 -13.06 34.98 -60.51
N ASN E 98 -12.66 35.66 -61.58
CA ASN E 98 -13.28 35.48 -62.89
C ASN E 98 -12.21 35.65 -63.94
N GLU E 99 -12.04 34.64 -64.80
CA GLU E 99 -11.01 34.68 -65.83
C GLU E 99 -11.23 33.53 -66.79
N GLN E 100 -10.90 33.76 -68.06
CA GLN E 100 -10.93 32.71 -69.07
C GLN E 100 -9.86 31.68 -68.75
N VAL E 101 -10.28 30.48 -68.35
CA VAL E 101 -9.33 29.44 -67.95
C VAL E 101 -8.51 29.03 -69.17
N GLY E 102 -7.20 29.18 -69.08
CA GLY E 102 -6.33 28.83 -70.18
C GLY E 102 -4.95 29.42 -69.98
N VAL E 103 -4.17 29.38 -71.06
CA VAL E 103 -2.80 29.89 -71.05
C VAL E 103 -2.81 31.33 -71.53
N LYS E 104 -1.79 32.09 -71.11
CA LYS E 104 -1.66 33.48 -71.48
C LYS E 104 -1.05 33.67 -72.87
N GLU E 105 -0.79 32.58 -73.59
CA GLU E 105 -0.20 32.63 -74.92
C GLU E 105 1.24 33.13 -74.83
N VAL E 106 2.08 32.72 -75.79
CA VAL E 106 3.50 33.02 -75.75
C VAL E 106 3.86 34.17 -76.67
N THR E 107 2.91 35.04 -76.99
CA THR E 107 3.20 36.18 -77.84
C THR E 107 4.26 37.07 -77.20
N LYS E 108 5.20 37.54 -78.03
CA LYS E 108 6.28 38.38 -77.52
C LYS E 108 5.79 39.73 -77.05
N SER E 109 4.77 40.30 -77.72
CA SER E 109 4.32 41.64 -77.39
C SER E 109 3.79 41.73 -75.97
N GLN E 110 2.98 40.75 -75.56
CA GLN E 110 2.40 40.79 -74.22
C GLN E 110 3.48 40.69 -73.15
N ILE E 111 4.42 39.76 -73.31
CA ILE E 111 5.48 39.60 -72.33
C ILE E 111 6.35 40.85 -72.28
N GLU E 112 6.66 41.43 -73.44
CA GLU E 112 7.46 42.65 -73.46
C GLU E 112 6.74 43.79 -72.75
N GLU E 113 5.42 43.91 -72.98
CA GLU E 113 4.65 44.94 -72.28
C GLU E 113 4.68 44.71 -70.77
N ILE E 114 4.55 43.44 -70.36
CA ILE E 114 4.62 43.12 -68.93
C ILE E 114 5.98 43.52 -68.37
N LEU E 115 7.04 43.33 -69.14
CA LEU E 115 8.39 43.61 -68.66
C LEU E 115 8.59 45.08 -68.35
N SER E 116 7.76 45.97 -68.91
CA SER E 116 7.92 47.41 -68.69
C SER E 116 7.24 47.84 -67.39
N SER E 117 7.59 47.20 -66.28
CA SER E 117 6.98 47.56 -65.00
C SER E 117 7.54 48.88 -64.48
N SER E 118 8.85 49.09 -64.62
CA SER E 118 9.50 50.32 -64.17
C SER E 118 9.31 50.51 -62.66
N ASN E 119 9.84 49.56 -61.90
CA ASN E 119 9.81 49.61 -60.44
C ASN E 119 11.23 49.41 -59.91
N PHE E 120 11.59 50.19 -58.89
CA PHE E 120 12.94 50.11 -58.36
C PHE E 120 13.21 48.75 -57.73
N ASP E 121 12.23 48.19 -57.03
CA ASP E 121 12.45 46.90 -56.38
C ASP E 121 12.88 45.85 -57.40
N TYR E 122 12.14 45.72 -58.50
CA TYR E 122 12.48 44.74 -59.51
C TYR E 122 13.84 45.04 -60.15
N ILE E 123 14.10 46.32 -60.41
CA ILE E 123 15.35 46.70 -61.06
C ILE E 123 16.55 46.33 -60.19
N SER E 124 16.47 46.63 -58.89
CA SER E 124 17.60 46.44 -57.99
C SER E 124 17.68 45.02 -57.43
N LYS E 125 16.64 44.21 -57.57
CA LYS E 125 16.68 42.85 -57.02
C LYS E 125 17.16 41.84 -58.05
N TYR E 126 16.45 41.69 -59.16
CA TYR E 126 16.74 40.64 -60.13
C TYR E 126 16.91 41.15 -61.55
N ILE E 127 16.17 42.18 -61.95
CA ILE E 127 16.21 42.62 -63.35
C ILE E 127 17.62 43.06 -63.73
N SER E 128 18.33 43.69 -62.80
CA SER E 128 19.69 44.16 -63.11
C SER E 128 20.58 43.03 -63.59
N LYS E 129 20.34 41.81 -63.11
CA LYS E 129 21.15 40.68 -63.55
C LYS E 129 20.90 40.37 -65.03
N ILE E 130 19.65 40.48 -65.48
CA ILE E 130 19.34 40.19 -66.88
C ILE E 130 20.09 41.15 -67.80
N LYS E 131 20.09 42.44 -67.46
CA LYS E 131 20.68 43.48 -68.31
C LYS E 131 21.89 44.08 -67.62
N PRO E 132 23.11 43.66 -67.95
CA PRO E 132 24.30 44.30 -67.38
C PRO E 132 24.56 45.64 -68.03
N PRO E 133 24.50 46.74 -67.26
CA PRO E 133 24.72 48.06 -67.87
C PRO E 133 26.16 48.20 -68.37
N LYS E 134 26.30 48.66 -69.62
CA LYS E 134 27.63 48.88 -70.16
C LYS E 134 28.39 49.91 -69.35
N GLU E 135 27.69 50.85 -68.73
CA GLU E 135 28.32 51.79 -67.82
C GLU E 135 28.61 51.12 -66.49
N GLN E 136 29.77 51.42 -65.92
CA GLN E 136 30.18 50.82 -64.65
C GLN E 136 29.60 51.54 -63.44
N ILE E 137 28.93 52.68 -63.63
CA ILE E 137 28.40 53.43 -62.49
C ILE E 137 27.31 52.62 -61.78
N ILE E 138 26.36 52.09 -62.55
CA ILE E 138 25.25 51.36 -61.96
C ILE E 138 25.76 50.08 -61.28
N LYS E 139 26.64 49.36 -61.96
CA LYS E 139 27.18 48.12 -61.38
C LYS E 139 27.95 48.42 -60.11
N GLU E 140 28.77 49.48 -60.11
CA GLU E 140 29.55 49.82 -58.93
C GLU E 140 28.65 50.20 -57.77
N LEU E 141 27.70 51.11 -57.99
CA LEU E 141 26.83 51.54 -56.91
C LEU E 141 25.99 50.37 -56.39
N LEU E 142 25.62 49.44 -57.26
CA LEU E 142 24.94 48.23 -56.80
C LEU E 142 25.86 47.39 -55.92
N GLY E 143 27.13 47.27 -56.31
CA GLY E 143 28.08 46.46 -55.56
C GLY E 143 28.64 47.13 -54.32
N LYS E 144 28.43 48.43 -54.15
CA LYS E 144 28.92 49.14 -52.98
C LYS E 144 27.93 49.14 -51.82
N THR E 145 26.73 48.61 -52.01
CA THR E 145 25.70 48.58 -50.97
C THR E 145 25.45 49.98 -50.41
N SER E 146 25.42 50.97 -51.29
CA SER E 146 25.18 52.35 -50.89
C SER E 146 24.37 53.02 -51.99
N LYS E 147 23.13 53.39 -51.67
CA LYS E 147 22.24 54.01 -52.65
C LYS E 147 21.32 54.99 -51.93
N THR E 148 20.81 55.95 -52.70
CA THR E 148 19.93 56.98 -52.17
C THR E 148 18.78 57.21 -53.15
N THR E 149 17.90 58.15 -52.81
CA THR E 149 16.76 58.43 -53.67
C THR E 149 17.19 58.93 -55.04
N GLU E 150 18.21 59.80 -55.07
CA GLU E 150 18.72 60.28 -56.35
C GLU E 150 19.24 59.14 -57.20
N ASP E 151 19.88 58.14 -56.56
CA ASP E 151 20.36 56.99 -57.31
C ASP E 151 19.20 56.21 -57.92
N LYS E 152 18.11 56.02 -57.17
CA LYS E 152 16.95 55.33 -57.72
C LYS E 152 16.36 56.10 -58.89
N THR E 153 16.26 57.43 -58.76
CA THR E 153 15.72 58.24 -59.85
C THR E 153 16.60 58.14 -61.08
N ARG E 154 17.92 58.19 -60.89
CA ARG E 154 18.84 58.08 -62.03
C ARG E 154 18.74 56.72 -62.69
N ILE E 155 18.62 55.65 -61.90
CA ILE E 155 18.47 54.32 -62.47
C ILE E 155 17.18 54.23 -63.28
N LYS E 156 16.09 54.77 -62.73
CA LYS E 156 14.82 54.73 -63.45
C LYS E 156 14.90 55.50 -64.75
N LYS E 157 15.51 56.69 -64.72
CA LYS E 157 15.66 57.48 -65.94
C LYS E 157 16.50 56.74 -66.97
N TYR E 158 17.61 56.13 -66.52
CA TYR E 158 18.47 55.41 -67.45
C TYR E 158 17.75 54.23 -68.08
N TYR E 159 16.97 53.50 -67.29
CA TYR E 159 16.29 52.31 -67.80
C TYR E 159 14.97 52.63 -68.48
N GLU E 160 14.51 53.89 -68.44
CA GLU E 160 13.27 54.29 -69.08
C GLU E 160 13.51 54.88 -70.47
N THR E 161 14.32 55.93 -70.55
CA THR E 161 14.59 56.61 -71.81
C THR E 161 15.81 56.03 -72.54
N SER E 162 16.73 55.40 -71.82
CA SER E 162 17.93 54.80 -72.40
C SER E 162 17.92 53.29 -72.20
N LYS E 163 16.76 52.66 -72.43
CA LYS E 163 16.64 51.22 -72.29
C LYS E 163 17.79 50.52 -73.02
N LEU E 164 18.44 49.60 -72.30
CA LEU E 164 19.61 48.89 -72.81
C LEU E 164 19.20 47.54 -73.37
N GLU E 165 20.14 46.92 -74.09
CA GLU E 165 19.91 45.63 -74.74
C GLU E 165 20.46 44.52 -73.86
N THR E 166 19.66 43.48 -73.66
CA THR E 166 20.06 42.36 -72.83
C THR E 166 21.00 41.43 -73.60
N ILE E 167 21.62 40.50 -72.88
CA ILE E 167 22.56 39.55 -73.46
C ILE E 167 21.94 38.18 -73.69
N VAL E 168 20.64 38.03 -73.45
CA VAL E 168 19.95 36.76 -73.62
C VAL E 168 19.06 36.84 -74.86
N ASP E 169 18.91 35.71 -75.54
CA ASP E 169 18.09 35.64 -76.73
C ASP E 169 16.63 35.87 -76.35
N ILE E 170 16.11 37.04 -76.70
CA ILE E 170 14.76 37.42 -76.27
C ILE E 170 13.73 36.48 -76.89
N ASP E 171 13.90 36.12 -78.16
CA ASP E 171 12.91 35.30 -78.84
C ASP E 171 12.73 33.96 -78.15
N LYS E 172 13.83 33.31 -77.79
CA LYS E 172 13.77 32.03 -77.09
C LYS E 172 13.46 32.18 -75.61
N PHE E 173 13.67 33.37 -75.05
CA PHE E 173 13.57 33.57 -73.61
C PHE E 173 12.13 33.78 -73.13
N LEU E 174 11.19 34.02 -74.05
CA LEU E 174 9.79 34.25 -73.67
C LEU E 174 8.82 33.35 -74.42
N ARG E 175 9.31 32.33 -75.12
CA ARG E 175 8.47 31.51 -75.99
C ARG E 175 8.48 30.02 -75.62
N ASP E 176 9.62 29.46 -75.28
CA ASP E 176 9.72 28.03 -75.03
C ASP E 176 9.48 27.68 -73.56
N HIS E 177 10.21 28.32 -72.65
CA HIS E 177 10.07 28.02 -71.24
C HIS E 177 8.74 28.55 -70.70
N PHE E 178 8.42 28.13 -69.48
CA PHE E 178 7.26 28.63 -68.74
C PHE E 178 5.94 28.13 -69.33
N VAL E 179 4.92 28.00 -68.49
CA VAL E 179 3.56 27.71 -68.92
C VAL E 179 2.62 28.40 -67.95
N PHE E 180 1.46 28.81 -68.46
CA PHE E 180 0.49 29.55 -67.68
C PHE E 180 -0.86 28.84 -67.67
N GLU E 181 -1.56 28.94 -66.54
CA GLU E 181 -2.88 28.35 -66.40
C GLU E 181 -3.58 29.05 -65.25
N ILE E 182 -4.90 28.97 -65.24
CA ILE E 182 -5.73 29.63 -64.23
C ILE E 182 -6.03 28.64 -63.11
N GLY E 183 -5.79 29.07 -61.88
CA GLY E 183 -5.97 28.21 -60.72
C GLY E 183 -7.33 28.37 -60.06
N LEU E 184 -7.44 27.79 -58.87
CA LEU E 184 -8.68 27.82 -58.10
C LEU E 184 -8.36 28.16 -56.64
N SER E 185 -9.33 28.75 -55.96
CA SER E 185 -9.15 29.11 -54.56
C SER E 185 -8.88 27.87 -53.73
N TYR E 186 -7.76 27.90 -52.98
CA TYR E 186 -7.34 26.71 -52.25
C TYR E 186 -8.15 26.52 -50.97
N GLU E 187 -8.54 27.62 -50.31
CA GLU E 187 -9.34 27.51 -49.10
C GLU E 187 -10.67 26.83 -49.40
N GLU E 188 -11.31 27.18 -50.52
CA GLU E 188 -12.54 26.50 -50.92
C GLU E 188 -12.25 25.11 -51.48
N LEU E 189 -11.07 24.91 -52.06
CA LEU E 189 -10.74 23.60 -52.63
C LEU E 189 -10.42 22.57 -51.56
N MET E 190 -10.10 23.00 -50.34
CA MET E 190 -9.86 22.03 -49.26
C MET E 190 -11.11 21.20 -49.00
N ASN E 191 -12.28 21.85 -48.97
CA ASN E 191 -13.52 21.12 -48.74
C ASN E 191 -13.77 20.10 -49.85
N GLU E 192 -13.54 20.50 -51.11
CA GLU E 192 -13.72 19.57 -52.22
C GLU E 192 -12.75 18.40 -52.11
N THR E 193 -11.49 18.67 -51.75
CA THR E 193 -10.51 17.61 -51.61
C THR E 193 -10.94 16.62 -50.53
N LYS E 194 -11.38 17.14 -49.37
CA LYS E 194 -11.81 16.26 -48.29
C LYS E 194 -13.04 15.46 -48.68
N ASN E 195 -13.98 16.08 -49.39
CA ASN E 195 -15.16 15.35 -49.85
C ASN E 195 -14.76 14.23 -50.81
N LEU E 196 -13.84 14.52 -51.74
CA LEU E 196 -13.43 13.52 -52.72
C LEU E 196 -12.69 12.36 -52.03
N LEU E 197 -11.81 12.66 -51.09
CA LEU E 197 -11.06 11.60 -50.42
C LEU E 197 -12.00 10.65 -49.67
N MET E 198 -12.98 11.20 -48.95
CA MET E 198 -13.84 10.40 -48.08
C MET E 198 -14.88 9.63 -48.91
N LYS E 199 -14.37 8.77 -49.79
CA LYS E 199 -15.19 7.88 -50.60
C LYS E 199 -14.98 6.41 -50.28
N GLU E 200 -13.74 6.01 -50.01
CA GLU E 200 -13.44 4.64 -49.62
C GLU E 200 -13.79 4.47 -48.14
N GLY E 201 -13.36 3.37 -47.54
CA GLY E 201 -13.63 3.11 -46.14
C GLY E 201 -13.28 4.30 -45.27
N PHE E 202 -11.98 4.58 -45.12
CA PHE E 202 -11.50 5.74 -44.36
C PHE E 202 -12.29 5.87 -43.06
N SER E 203 -12.50 7.09 -42.58
CA SER E 203 -13.29 7.35 -41.38
C SER E 203 -13.80 8.79 -41.47
N LEU E 204 -14.30 9.30 -40.35
CA LEU E 204 -14.88 10.64 -40.34
C LEU E 204 -13.80 11.72 -40.33
N GLU E 205 -12.95 11.73 -39.30
CA GLU E 205 -11.91 12.74 -39.16
C GLU E 205 -10.53 12.24 -39.58
N ASP E 206 -10.35 10.93 -39.77
CA ASP E 206 -9.04 10.42 -40.12
C ASP E 206 -8.60 10.90 -41.51
N VAL E 207 -9.54 11.18 -42.40
CA VAL E 207 -9.17 11.74 -43.71
C VAL E 207 -8.55 13.11 -43.54
N LYS E 208 -9.16 13.96 -42.70
CA LYS E 208 -8.63 15.29 -42.45
C LYS E 208 -7.37 15.24 -41.60
N ASP E 209 -7.17 14.18 -40.83
CA ASP E 209 -6.08 14.11 -39.87
C ASP E 209 -5.00 13.09 -40.22
N LEU E 210 -5.37 11.94 -40.78
CA LEU E 210 -4.44 10.84 -40.93
C LEU E 210 -4.22 10.43 -42.38
N PHE E 211 -5.28 10.23 -43.16
CA PHE E 211 -5.11 9.68 -44.50
C PHE E 211 -4.52 10.73 -45.45
N TYR E 212 -5.06 11.95 -45.43
CA TYR E 212 -4.55 12.99 -46.31
C TYR E 212 -3.07 13.25 -46.10
N PRO E 213 -2.58 13.39 -44.87
CA PRO E 213 -1.13 13.48 -44.70
C PRO E 213 -0.37 12.33 -45.32
N ASN E 214 -0.90 11.11 -45.20
CA ASN E 214 -0.21 9.96 -45.75
C ASN E 214 -0.10 10.07 -47.27
N SER E 215 -1.21 10.44 -47.92
CA SER E 215 -1.19 10.59 -49.37
C SER E 215 -0.20 11.68 -49.78
N ILE E 216 -0.24 12.83 -49.10
CA ILE E 216 0.61 13.94 -49.49
C ILE E 216 2.08 13.58 -49.30
N GLN E 217 2.41 12.97 -48.17
CA GLN E 217 3.80 12.64 -47.89
C GLN E 217 4.31 11.55 -48.82
N TYR E 218 3.46 10.57 -49.15
CA TYR E 218 3.85 9.57 -50.13
C TYR E 218 4.14 10.21 -51.49
N ILE E 219 3.28 11.14 -51.91
CA ILE E 219 3.51 11.83 -53.17
C ILE E 219 4.83 12.60 -53.13
N ALA E 220 5.08 13.29 -52.02
CA ALA E 220 6.32 14.08 -51.90
C ALA E 220 7.54 13.18 -51.95
N GLU E 221 7.52 12.08 -51.20
CA GLU E 221 8.70 11.23 -51.06
C GLU E 221 8.83 10.20 -52.17
N LEU E 222 7.86 10.14 -53.10
CA LEU E 222 8.00 9.21 -54.22
C LEU E 222 9.27 9.48 -55.02
N SER E 223 9.78 10.71 -55.00
CA SER E 223 10.95 11.06 -55.81
C SER E 223 11.97 11.87 -55.03
N ILE E 224 12.17 11.57 -53.74
CA ILE E 224 13.21 12.25 -52.97
C ILE E 224 14.53 11.49 -52.95
N LEU E 225 14.52 10.21 -53.31
CA LEU E 225 15.74 9.42 -53.29
C LEU E 225 16.70 9.92 -54.36
N PRO E 226 18.02 9.75 -54.13
CA PRO E 226 18.98 10.22 -55.15
C PRO E 226 18.77 9.57 -56.51
N GLU E 227 18.37 8.29 -56.53
CA GLU E 227 18.18 7.60 -57.80
C GLU E 227 17.06 8.24 -58.60
N ALA E 228 17.27 8.36 -59.90
CA ALA E 228 16.29 8.97 -60.81
C ALA E 228 15.25 7.98 -61.31
N GLU E 229 15.42 6.68 -61.06
CA GLU E 229 14.47 5.68 -61.50
C GLU E 229 13.42 5.35 -60.44
N LYS E 230 13.49 5.98 -59.27
CA LYS E 230 12.51 5.73 -58.22
C LYS E 230 11.16 6.38 -58.51
N ARG E 231 11.06 7.22 -59.54
CA ARG E 231 9.81 7.89 -59.87
C ARG E 231 8.88 7.01 -60.71
N ILE E 232 9.31 5.81 -61.09
CA ILE E 232 8.48 4.94 -61.91
C ILE E 232 7.24 4.53 -61.13
N SER E 233 6.07 4.76 -61.73
CA SER E 233 4.80 4.42 -61.13
C SER E 233 3.90 3.77 -62.17
N SER E 234 3.15 2.75 -61.75
CA SER E 234 2.21 2.04 -62.62
C SER E 234 0.86 2.00 -61.93
N LYS E 235 -0.14 1.44 -62.62
CA LYS E 235 -1.47 1.34 -62.05
C LYS E 235 -1.45 0.49 -60.78
N ASN E 236 -0.74 -0.65 -60.81
CA ASN E 236 -0.68 -1.51 -59.64
C ASN E 236 -0.06 -0.77 -58.46
N LYS E 237 1.05 -0.06 -58.70
CA LYS E 237 1.70 0.68 -57.63
C LYS E 237 0.80 1.80 -57.11
N LEU E 238 0.11 2.49 -58.03
CA LEU E 238 -0.73 3.63 -57.65
C LEU E 238 -2.04 3.21 -57.01
N ILE E 239 -2.41 1.92 -57.07
CA ILE E 239 -3.57 1.43 -56.33
C ILE E 239 -3.09 0.86 -55.00
N ASP E 240 -1.89 0.29 -55.00
CA ASP E 240 -1.31 -0.21 -53.74
C ASP E 240 -1.04 0.94 -52.79
N TYR E 241 -0.51 2.05 -53.29
CA TYR E 241 -0.26 3.23 -52.47
C TYR E 241 -1.52 4.06 -52.26
N LEU E 242 -2.62 3.71 -52.92
CA LEU E 242 -3.90 4.38 -52.71
C LEU E 242 -4.72 3.70 -51.64
N LYS E 243 -4.83 2.37 -51.69
CA LYS E 243 -5.63 1.61 -50.73
C LYS E 243 -4.89 0.33 -50.34
N GLY E 244 -3.59 0.45 -50.07
CA GLY E 244 -2.81 -0.69 -49.64
C GLY E 244 -2.85 -0.90 -48.14
N ASN E 245 -2.47 0.15 -47.39
CA ASN E 245 -2.53 0.12 -45.94
C ASN E 245 -3.56 1.10 -45.41
N LYS E 246 -3.41 2.40 -45.72
CA LYS E 246 -4.43 3.42 -45.46
C LYS E 246 -5.12 3.22 -44.12
N LYS E 247 -4.33 3.01 -43.10
CA LYS E 247 -4.77 3.20 -41.72
C LYS E 247 -3.84 4.13 -40.96
N THR E 248 -2.54 3.97 -41.16
CA THR E 248 -1.56 4.92 -40.67
C THR E 248 -0.61 5.28 -41.80
N ALA E 249 -0.35 4.32 -42.68
CA ALA E 249 0.34 4.54 -43.94
C ALA E 249 1.56 5.43 -43.80
N MET E 250 2.18 5.42 -42.62
CA MET E 250 3.44 6.13 -42.37
C MET E 250 3.28 7.64 -42.60
N SER E 251 2.40 8.24 -41.79
CA SER E 251 2.10 9.66 -41.88
C SER E 251 3.22 10.46 -41.20
N ARG E 252 4.24 10.79 -41.99
CA ARG E 252 5.44 11.42 -41.44
C ARG E 252 5.21 12.89 -41.09
N TRP E 253 4.51 13.63 -41.95
CA TRP E 253 4.47 15.08 -41.84
C TRP E 253 3.22 15.60 -42.56
N THR E 254 2.83 16.81 -42.20
CA THR E 254 1.82 17.58 -42.95
C THR E 254 2.39 18.93 -43.31
N SER E 255 2.24 19.31 -44.57
CA SER E 255 2.51 20.67 -45.02
C SER E 255 1.24 21.51 -45.07
N GLU E 256 0.09 20.86 -45.26
CA GLU E 256 -1.18 21.57 -45.37
C GLU E 256 -1.53 22.25 -44.06
N VAL E 257 -2.62 23.01 -44.06
CA VAL E 257 -3.04 23.75 -42.88
C VAL E 257 -4.54 23.63 -42.68
N LEU E 258 -4.95 22.73 -41.78
CA LEU E 258 -6.36 22.61 -41.42
C LEU E 258 -6.66 23.42 -40.17
N THR E 259 -5.99 23.11 -39.06
CA THR E 259 -6.00 23.94 -37.88
C THR E 259 -4.62 24.51 -37.57
N ARG E 260 -3.63 24.25 -38.41
CA ARG E 260 -2.24 24.55 -38.11
C ARG E 260 -1.93 26.05 -38.15
N LYS E 261 -2.83 26.88 -38.66
CA LYS E 261 -2.61 28.33 -38.71
C LYS E 261 -3.01 28.92 -37.36
N GLN E 262 -2.03 29.36 -36.58
CA GLN E 262 -2.23 29.98 -35.28
C GLN E 262 -2.88 29.04 -34.27
N LEU E 263 -3.01 27.75 -34.62
CA LEU E 263 -3.67 26.78 -33.76
C LEU E 263 -3.13 25.40 -34.10
N LEU E 264 -3.40 24.44 -33.21
CA LEU E 264 -3.07 23.04 -33.47
C LEU E 264 -4.21 22.13 -33.02
N LYS E 265 -5.44 22.55 -33.25
CA LYS E 265 -6.57 21.66 -33.01
C LYS E 265 -6.57 20.53 -34.04
N VAL E 266 -7.00 19.35 -33.58
CA VAL E 266 -6.94 18.08 -34.31
C VAL E 266 -5.54 17.82 -34.87
N ARG E 267 -4.56 18.64 -34.49
CA ARG E 267 -3.16 18.29 -34.68
C ARG E 267 -2.64 17.43 -33.55
N LYS E 268 -3.25 17.53 -32.37
CA LYS E 268 -2.96 16.67 -31.23
C LYS E 268 -4.08 15.68 -30.95
N ASN E 269 -5.34 16.07 -31.15
CA ASN E 269 -6.46 15.22 -30.77
C ASN E 269 -6.34 13.85 -31.43
N GLN E 270 -6.12 13.82 -32.74
CA GLN E 270 -5.95 12.54 -33.43
C GLN E 270 -4.76 11.78 -32.88
N LEU E 271 -3.76 12.49 -32.35
CA LEU E 271 -2.62 11.81 -31.75
C LEU E 271 -2.98 11.20 -30.40
N VAL E 272 -3.87 11.85 -29.65
CA VAL E 272 -4.13 11.43 -28.27
C VAL E 272 -4.56 9.97 -28.19
N PRO E 273 -5.48 9.48 -29.02
CA PRO E 273 -5.71 8.02 -29.06
C PRO E 273 -4.40 7.31 -29.34
N SER E 274 -4.15 6.24 -28.59
CA SER E 274 -2.91 5.48 -28.64
C SER E 274 -1.82 6.15 -27.83
N LEU E 275 -2.11 7.24 -27.12
CA LEU E 275 -1.17 7.87 -26.19
C LEU E 275 -1.55 7.66 -24.74
N ASN E 276 -2.85 7.66 -24.42
CA ASN E 276 -3.28 7.42 -23.05
C ASN E 276 -2.87 6.04 -22.58
N ILE E 277 -2.99 5.03 -23.45
CA ILE E 277 -2.83 3.65 -23.03
C ILE E 277 -1.48 3.47 -22.34
N ASN E 278 -1.51 2.71 -21.25
CA ASN E 278 -0.36 2.54 -20.38
C ASN E 278 0.66 1.55 -20.90
N SER E 279 0.30 0.73 -21.89
CA SER E 279 1.18 -0.29 -22.43
C SER E 279 1.83 0.14 -23.74
N ARG E 280 2.19 1.43 -23.86
CA ARG E 280 2.66 1.98 -25.11
C ARG E 280 3.92 2.80 -24.90
N SER E 281 4.75 2.83 -25.93
CA SER E 281 5.89 3.74 -26.03
C SER E 281 5.81 4.48 -27.35
N ARG E 282 6.10 5.78 -27.31
CA ARG E 282 5.91 6.67 -28.45
C ARG E 282 7.24 7.33 -28.77
N TYR E 283 7.87 6.87 -29.84
CA TYR E 283 9.19 7.38 -30.19
C TYR E 283 9.09 8.74 -30.89
N PHE E 284 10.25 9.36 -31.07
CA PHE E 284 10.36 10.69 -31.64
C PHE E 284 11.42 10.71 -32.74
N ILE E 285 11.23 11.62 -33.68
CA ILE E 285 12.24 11.96 -34.67
C ILE E 285 12.04 13.43 -35.00
N ILE E 286 13.10 14.24 -34.85
CA ILE E 286 13.05 15.67 -35.15
C ILE E 286 14.41 16.08 -35.70
N ASP E 287 14.47 17.25 -36.31
CA ASP E 287 15.71 17.81 -36.86
C ASP E 287 15.97 19.17 -36.24
N PRO E 288 17.03 19.34 -35.45
CA PRO E 288 17.19 20.63 -34.75
C PRO E 288 17.35 21.82 -35.69
N ASP E 289 17.95 21.62 -36.86
CA ASP E 289 18.31 22.75 -37.72
C ASP E 289 17.12 23.68 -37.95
N THR E 290 15.97 23.11 -38.31
CA THR E 290 14.80 23.92 -38.60
C THR E 290 14.14 24.49 -37.35
N ILE E 291 14.40 23.91 -36.18
CA ILE E 291 13.77 24.32 -34.93
C ILE E 291 14.83 25.00 -34.06
N ASP E 292 14.60 26.26 -33.75
CA ASP E 292 15.60 27.07 -33.04
C ASP E 292 15.60 26.74 -31.55
N ASN E 293 16.58 27.33 -30.86
CA ASN E 293 16.73 27.34 -29.40
C ASN E 293 16.65 25.95 -28.79
N PHE E 294 16.79 24.91 -29.61
CA PHE E 294 16.78 23.55 -29.11
C PHE E 294 18.01 23.27 -28.25
N ASP E 295 19.08 24.04 -28.43
CA ASP E 295 20.29 23.81 -27.65
C ASP E 295 20.05 24.07 -26.17
N ASP E 296 19.07 24.92 -25.84
CA ASP E 296 18.89 25.39 -24.47
C ASP E 296 17.53 25.08 -23.86
N GLU E 297 16.45 25.10 -24.65
CA GLU E 297 15.08 25.00 -24.13
C GLU E 297 14.50 23.61 -24.34
N PHE E 298 15.31 22.58 -24.20
CA PHE E 298 14.89 21.22 -24.49
C PHE E 298 14.51 20.42 -23.25
N ILE E 299 15.28 20.53 -22.16
CA ILE E 299 15.05 19.62 -21.05
C ILE E 299 13.90 20.11 -20.18
N LEU E 300 13.63 21.41 -20.17
CA LEU E 300 12.40 21.88 -19.55
C LEU E 300 11.21 21.09 -20.08
N PHE E 301 11.16 20.95 -21.40
CA PHE E 301 9.99 20.35 -22.03
C PHE E 301 10.07 18.83 -22.07
N VAL E 302 11.25 18.22 -22.10
CA VAL E 302 11.28 16.77 -21.89
C VAL E 302 10.74 16.46 -20.50
N LYS E 303 11.07 17.28 -19.51
CA LYS E 303 10.53 17.04 -18.16
C LYS E 303 9.02 17.28 -18.14
N ASP E 304 8.55 18.32 -18.80
CA ASP E 304 7.12 18.58 -18.83
C ASP E 304 6.36 17.43 -19.49
N TYR E 305 6.96 16.80 -20.49
CA TYR E 305 6.31 15.66 -21.14
C TYR E 305 6.39 14.41 -20.28
N LEU E 306 7.53 14.18 -19.64
CA LEU E 306 7.70 13.02 -18.78
C LEU E 306 6.75 13.05 -17.60
N ASP E 307 6.57 14.22 -16.98
CA ASP E 307 5.69 14.30 -15.82
C ASP E 307 4.21 14.35 -16.21
N LYS E 308 3.88 14.05 -17.46
CA LYS E 308 2.51 13.78 -17.86
C LYS E 308 2.30 12.40 -18.47
N TYR E 309 3.31 11.82 -19.13
CA TYR E 309 3.17 10.49 -19.70
C TYR E 309 4.18 9.49 -19.16
N ASN E 310 4.88 9.82 -18.08
CA ASN E 310 5.56 8.82 -17.29
C ASN E 310 5.46 9.18 -15.81
N SER E 311 4.36 9.84 -15.43
CA SER E 311 4.19 10.32 -14.06
C SER E 311 3.54 9.28 -13.16
N LYS E 312 2.34 8.84 -13.50
CA LYS E 312 1.67 7.83 -12.68
C LYS E 312 2.48 6.54 -12.70
N ILE E 313 2.75 6.01 -11.51
CA ILE E 313 3.65 4.87 -11.39
C ILE E 313 2.92 3.54 -11.59
N LYS E 314 1.69 3.41 -11.12
CA LYS E 314 0.98 2.14 -11.19
C LYS E 314 0.50 1.82 -12.60
N LEU E 315 -0.03 2.81 -13.32
CA LEU E 315 -0.68 2.53 -14.60
C LEU E 315 0.35 2.36 -15.72
N HIS E 316 1.11 3.40 -16.02
CA HIS E 316 2.02 3.38 -17.16
C HIS E 316 3.04 2.25 -17.02
N THR E 317 3.62 1.85 -18.14
CA THR E 317 4.57 0.74 -18.15
C THR E 317 5.82 0.98 -18.98
N GLU E 318 5.82 1.85 -19.98
CA GLU E 318 6.94 2.00 -20.91
C GLU E 318 7.47 3.44 -20.86
N THR E 319 8.49 3.70 -21.68
CA THR E 319 9.27 4.92 -21.59
C THR E 319 9.44 5.57 -22.95
N PRO E 320 9.19 6.89 -23.10
CA PRO E 320 9.19 7.51 -24.43
C PRO E 320 10.56 7.92 -24.94
N CYS E 321 10.61 8.64 -26.06
CA CYS E 321 11.86 8.97 -26.72
C CYS E 321 11.85 10.39 -27.26
N PHE E 322 13.06 10.90 -27.55
CA PHE E 322 13.25 12.23 -28.14
C PHE E 322 14.53 12.20 -28.98
N ILE E 323 14.37 11.95 -30.28
CA ILE E 323 15.48 12.00 -31.23
C ILE E 323 15.45 13.33 -31.95
N LEU E 324 16.60 14.01 -31.96
CA LEU E 324 16.84 15.11 -32.88
C LEU E 324 18.11 14.84 -33.67
N LYS E 325 18.12 15.27 -34.93
CA LYS E 325 19.29 15.12 -35.80
C LYS E 325 20.32 16.19 -35.41
N THR E 326 20.76 16.09 -34.16
CA THR E 326 21.76 17.00 -33.60
C THR E 326 23.15 16.45 -33.95
N ASP E 327 24.19 16.97 -33.30
CA ASP E 327 25.54 16.48 -33.52
C ASP E 327 25.79 15.27 -32.64
N VAL E 328 27.05 14.84 -32.57
CA VAL E 328 27.45 13.67 -31.80
C VAL E 328 27.66 14.00 -30.33
N ASN E 329 28.42 15.06 -30.04
CA ASN E 329 28.71 15.43 -28.65
C ASN E 329 27.74 16.47 -28.10
N ASN E 330 27.10 17.24 -28.98
CA ASN E 330 26.06 18.15 -28.52
C ASN E 330 25.06 17.41 -27.64
N LEU E 331 24.84 16.13 -27.91
CA LEU E 331 24.04 15.31 -26.99
C LEU E 331 24.76 15.12 -25.66
N SER E 332 26.09 15.13 -25.65
CA SER E 332 26.80 15.07 -24.37
C SER E 332 26.58 16.34 -23.55
N GLU E 333 26.58 17.50 -24.21
CA GLU E 333 26.24 18.72 -23.48
C GLU E 333 24.79 18.70 -23.03
N TYR E 334 23.89 18.20 -23.88
CA TYR E 334 22.52 17.98 -23.43
C TYR E 334 22.46 17.12 -22.19
N HIS E 335 23.20 16.00 -22.17
CA HIS E 335 23.21 15.14 -21.00
C HIS E 335 23.80 15.86 -19.80
N LYS E 336 24.74 16.79 -20.03
CA LYS E 336 25.13 17.71 -18.96
C LYS E 336 23.87 18.31 -18.37
N ARG E 337 23.17 19.05 -19.22
CA ARG E 337 22.10 19.93 -18.76
C ARG E 337 20.85 19.17 -18.31
N PHE E 338 20.77 17.86 -18.57
CA PHE E 338 19.61 17.09 -18.10
C PHE E 338 19.62 16.95 -16.58
N VAL E 339 20.70 16.39 -16.03
CA VAL E 339 20.82 16.18 -14.60
C VAL E 339 20.54 17.47 -13.85
N SER E 340 20.75 18.60 -14.52
CA SER E 340 20.54 19.91 -13.91
C SER E 340 19.25 19.94 -13.11
N ARG E 341 18.12 19.75 -13.78
CA ARG E 341 16.84 19.79 -13.09
C ARG E 341 16.43 18.41 -12.58
N ASN E 342 17.29 17.41 -12.72
CA ASN E 342 17.06 16.07 -12.19
C ASN E 342 15.82 15.43 -12.82
N ILE E 343 15.86 15.31 -14.14
CA ILE E 343 14.81 14.63 -14.89
C ILE E 343 15.24 13.24 -15.32
N GLN E 344 16.44 12.81 -14.93
CA GLN E 344 16.86 11.42 -14.95
C GLN E 344 16.46 10.70 -16.24
N ILE E 345 17.04 11.16 -17.34
CA ILE E 345 16.85 10.52 -18.64
C ILE E 345 17.80 9.34 -18.77
N ILE E 346 17.57 8.52 -19.79
CA ILE E 346 18.53 7.50 -20.23
C ILE E 346 18.78 7.78 -21.71
N THR E 347 19.81 8.59 -21.98
CA THR E 347 19.96 9.22 -23.29
C THR E 347 19.77 8.23 -24.43
N GLY E 348 20.65 7.23 -24.50
CA GLY E 348 20.65 6.32 -25.64
C GLY E 348 21.92 6.47 -26.46
N TYR E 349 22.42 7.69 -26.54
CA TYR E 349 23.54 8.03 -27.42
C TYR E 349 24.85 8.19 -26.67
N ILE E 350 24.88 8.96 -25.59
CA ILE E 350 26.07 9.18 -24.78
C ILE E 350 27.28 9.50 -25.68
N GLY E 351 27.36 10.75 -26.14
CA GLY E 351 28.61 11.31 -26.61
C GLY E 351 29.03 10.93 -28.01
N ASP E 352 29.53 9.72 -28.19
CA ASP E 352 30.08 9.29 -29.47
C ASP E 352 29.43 8.03 -30.02
N THR E 353 29.26 7.01 -29.19
CA THR E 353 28.64 5.77 -29.62
C THR E 353 27.12 5.92 -29.52
N PHE E 354 26.39 4.83 -29.75
CA PHE E 354 24.95 4.82 -29.47
C PHE E 354 24.55 3.38 -29.13
N TYR E 355 24.53 3.07 -27.85
CA TYR E 355 24.13 1.74 -27.38
C TYR E 355 22.64 1.83 -27.07
N PHE E 356 21.83 1.23 -27.95
CA PHE E 356 20.40 1.48 -27.93
C PHE E 356 19.68 0.81 -26.76
N LYS E 357 20.36 -0.01 -25.96
CA LYS E 357 19.68 -0.56 -24.80
C LYS E 357 19.20 0.57 -23.89
N GLU E 358 20.00 1.62 -23.76
CA GLU E 358 19.49 2.87 -23.20
C GLU E 358 18.29 3.35 -24.01
N PHE E 359 18.33 3.16 -25.32
CA PHE E 359 17.34 3.72 -26.22
C PHE E 359 16.01 2.99 -26.20
N ASN E 360 15.93 1.79 -25.62
CA ASN E 360 14.67 1.05 -25.63
C ASN E 360 14.32 0.33 -24.34
N LYS E 361 15.25 0.15 -23.41
CA LYS E 361 14.98 -0.74 -22.29
C LYS E 361 13.86 -0.19 -21.42
N GLU E 362 12.89 -1.05 -21.11
CA GLU E 362 11.76 -0.65 -20.28
C GLU E 362 12.22 -0.54 -18.83
N PRO E 363 12.14 0.64 -18.21
CA PRO E 363 12.47 0.72 -16.78
C PRO E 363 11.41 0.04 -15.95
N LYS E 364 11.55 0.09 -14.63
CA LYS E 364 10.58 -0.52 -13.73
C LYS E 364 9.91 0.56 -12.91
N ARG E 365 8.79 0.21 -12.28
CA ARG E 365 7.92 1.16 -11.61
C ARG E 365 7.58 0.67 -10.22
N ILE E 366 7.52 1.61 -9.28
CA ILE E 366 7.45 1.30 -7.86
C ILE E 366 5.99 1.21 -7.44
N ILE E 367 5.76 0.54 -6.32
CA ILE E 367 4.42 0.46 -5.74
C ILE E 367 4.18 1.56 -4.71
N LYS E 368 5.16 1.81 -3.83
CA LYS E 368 5.00 2.75 -2.73
C LYS E 368 5.78 4.04 -2.91
N ASP E 369 7.09 3.96 -3.23
CA ASP E 369 7.87 5.17 -3.42
C ASP E 369 7.37 5.99 -4.61
N ASN E 370 6.71 5.35 -5.57
CA ASN E 370 6.11 6.06 -6.71
C ASN E 370 7.17 6.84 -7.49
N TRP E 371 8.12 6.10 -8.08
CA TRP E 371 9.13 6.71 -8.92
C TRP E 371 9.50 5.73 -10.04
N VAL E 372 9.84 6.29 -11.19
CA VAL E 372 10.27 5.53 -12.35
C VAL E 372 11.71 5.92 -12.69
N GLU E 373 12.54 4.91 -12.93
CA GLU E 373 13.98 5.11 -12.97
C GLU E 373 14.45 5.89 -14.19
N PHE E 374 14.26 5.33 -15.39
CA PHE E 374 14.67 5.99 -16.62
C PHE E 374 13.48 6.79 -17.13
N LYS E 375 13.42 8.05 -16.73
CA LYS E 375 12.25 8.86 -17.04
C LYS E 375 12.03 8.96 -18.54
N ALA E 376 13.11 8.96 -19.33
CA ALA E 376 12.99 9.03 -20.78
C ALA E 376 14.36 8.91 -21.45
N ARG E 377 14.40 8.91 -22.78
CA ARG E 377 15.62 8.79 -23.54
C ARG E 377 15.74 9.94 -24.54
N ILE E 378 16.98 10.23 -24.93
CA ILE E 378 17.29 11.29 -25.88
C ILE E 378 18.49 10.86 -26.71
N SER E 379 18.31 10.80 -28.04
CA SER E 379 19.37 10.35 -28.94
C SER E 379 19.36 11.21 -30.19
N CYS E 380 20.10 10.77 -31.20
CA CYS E 380 20.22 11.47 -32.47
C CYS E 380 20.16 10.49 -33.63
N ASN E 381 19.78 11.00 -34.80
CA ASN E 381 19.77 10.18 -36.01
C ASN E 381 21.16 9.68 -36.33
N SER E 382 21.28 8.37 -36.54
CA SER E 382 22.54 7.79 -37.00
C SER E 382 22.35 6.30 -37.22
N ASP E 383 23.17 5.74 -38.09
CA ASP E 383 23.28 4.29 -38.14
C ASP E 383 23.50 3.77 -36.73
N GLU E 384 22.88 2.64 -36.42
CA GLU E 384 22.75 2.10 -35.08
C GLU E 384 21.64 2.82 -34.30
N VAL E 385 21.06 3.89 -34.84
CA VAL E 385 19.91 4.54 -34.19
C VAL E 385 18.67 4.33 -35.02
N ILE E 386 18.67 4.87 -36.25
CA ILE E 386 17.49 4.72 -37.09
C ILE E 386 17.39 3.28 -37.55
N LYS E 387 18.53 2.62 -37.75
CA LYS E 387 18.56 1.19 -37.94
C LYS E 387 18.16 0.45 -36.68
N CYS E 388 18.21 1.11 -35.54
CA CYS E 388 17.48 0.71 -34.35
C CYS E 388 16.12 1.41 -34.41
N ILE E 389 15.37 1.44 -33.30
CA ILE E 389 13.96 1.82 -33.33
C ILE E 389 13.22 0.68 -34.03
N ASN E 390 13.66 0.35 -35.24
CA ASN E 390 13.28 -0.91 -35.87
C ASN E 390 13.50 -2.09 -34.93
N TYR E 391 14.32 -1.92 -33.90
CA TYR E 391 14.49 -2.90 -32.83
C TYR E 391 13.16 -3.22 -32.19
N LYS E 392 12.58 -2.25 -31.48
CA LYS E 392 11.28 -2.37 -30.84
C LYS E 392 10.44 -1.25 -31.42
N LYS E 393 9.80 -1.54 -32.54
CA LYS E 393 9.17 -0.48 -33.32
C LYS E 393 7.98 -0.01 -32.49
N CYS E 394 8.30 0.82 -31.51
CA CYS E 394 7.34 1.17 -30.48
C CYS E 394 6.12 1.84 -31.12
N ASP E 395 5.00 1.74 -30.41
CA ASP E 395 3.69 1.78 -31.02
C ASP E 395 3.40 3.08 -31.77
N ASP E 396 4.34 4.03 -31.76
CA ASP E 396 4.19 5.20 -32.59
C ASP E 396 5.56 5.78 -32.92
N LEU E 397 5.60 6.53 -34.02
CA LEU E 397 6.76 7.32 -34.42
C LEU E 397 6.26 8.72 -34.73
N TYR E 398 6.14 9.56 -33.71
CA TYR E 398 5.75 10.95 -33.87
C TYR E 398 6.97 11.74 -34.32
N ILE E 399 6.95 12.24 -35.56
CA ILE E 399 8.14 12.83 -36.15
C ILE E 399 7.83 14.21 -36.70
N VAL E 400 8.87 15.05 -36.80
CA VAL E 400 8.77 16.40 -37.32
C VAL E 400 9.41 16.45 -38.70
N GLY E 401 8.63 16.81 -39.71
CA GLY E 401 9.16 17.07 -41.03
C GLY E 401 9.59 15.82 -41.79
N GLY E 402 10.50 15.05 -41.19
CA GLY E 402 11.07 13.89 -41.84
C GLY E 402 12.57 14.04 -42.03
N VAL E 403 13.35 13.28 -41.28
CA VAL E 403 14.79 13.39 -41.29
C VAL E 403 15.42 12.35 -42.21
N ASP E 404 14.90 11.13 -42.21
CA ASP E 404 15.45 10.05 -43.02
C ASP E 404 14.33 9.09 -43.38
N VAL E 405 14.62 8.22 -44.36
CA VAL E 405 13.73 7.09 -44.62
C VAL E 405 14.55 5.80 -44.64
N SER E 406 15.83 5.92 -44.94
CA SER E 406 16.67 4.74 -45.07
C SER E 406 16.91 4.10 -43.72
N LEU E 407 16.94 2.77 -43.71
CA LEU E 407 17.18 1.97 -42.51
C LEU E 407 16.14 2.20 -41.43
N LEU E 408 15.08 2.95 -41.74
CA LEU E 408 14.05 3.24 -40.75
C LEU E 408 13.15 2.04 -40.53
N ASP E 409 12.85 1.30 -41.59
CA ASP E 409 11.94 0.16 -41.52
C ASP E 409 10.51 0.63 -41.21
N THR E 410 10.03 1.57 -42.00
CA THR E 410 8.67 2.08 -41.85
C THR E 410 7.69 0.99 -42.29
N ALA E 411 7.04 0.35 -41.32
CA ALA E 411 6.07 -0.69 -41.65
C ALA E 411 5.11 -0.86 -40.48
N ASP E 412 3.88 -0.37 -40.65
CA ASP E 412 2.77 -0.65 -39.75
C ASP E 412 2.89 0.05 -38.40
N VAL E 413 4.00 0.71 -38.12
CA VAL E 413 4.19 1.41 -36.85
C VAL E 413 3.82 2.87 -37.09
N ASN E 414 2.61 3.23 -36.69
CA ASN E 414 2.00 4.46 -37.16
C ASN E 414 2.97 5.62 -37.02
N ILE E 415 3.41 6.15 -38.14
CA ILE E 415 4.24 7.35 -38.15
C ILE E 415 3.30 8.54 -38.21
N GLU E 416 3.50 9.50 -37.31
CA GLU E 416 2.55 10.59 -37.10
C GLU E 416 3.24 11.92 -37.27
N ASN E 417 2.42 12.92 -37.58
CA ASN E 417 2.86 14.18 -38.16
C ASN E 417 3.10 15.22 -37.08
N LEU E 418 4.19 15.97 -37.22
CA LEU E 418 4.42 17.10 -36.32
C LEU E 418 5.14 18.19 -37.09
N GLU E 419 4.72 19.43 -36.86
CA GLU E 419 5.41 20.61 -37.37
C GLU E 419 5.69 21.53 -36.20
N ILE E 420 6.93 21.98 -36.08
CA ILE E 420 7.32 22.85 -34.99
C ILE E 420 8.36 23.84 -35.49
N ASN E 421 8.12 25.13 -35.23
CA ASN E 421 9.10 26.17 -35.52
C ASN E 421 9.95 26.48 -34.29
N ASN E 422 9.34 26.49 -33.12
CA ASN E 422 10.05 26.52 -31.85
C ASN E 422 9.69 25.29 -31.04
N PHE E 423 10.61 24.84 -30.19
CA PHE E 423 10.45 23.53 -29.57
C PHE E 423 9.19 23.47 -28.70
N ARG E 424 8.90 24.56 -27.97
CA ARG E 424 7.73 24.54 -27.10
C ARG E 424 6.46 24.19 -27.89
N GLU E 425 6.42 24.52 -29.17
CA GLU E 425 5.25 24.19 -29.99
C GLU E 425 4.98 22.69 -29.93
N LEU E 426 6.02 21.87 -30.09
CA LEU E 426 5.91 20.43 -29.96
C LEU E 426 4.96 20.05 -28.84
N LYS E 427 5.06 20.76 -27.70
CA LYS E 427 4.32 20.36 -26.52
C LYS E 427 2.85 20.12 -26.85
N TYR E 428 2.24 21.05 -27.57
CA TYR E 428 0.80 20.96 -27.77
C TYR E 428 0.45 19.68 -28.52
N LEU E 429 1.26 19.31 -29.52
CA LEU E 429 0.98 18.10 -30.28
C LEU E 429 0.91 16.86 -29.40
N LEU E 430 1.58 16.88 -28.25
CA LEU E 430 1.51 15.76 -27.32
C LEU E 430 0.79 16.12 -26.02
N SER E 431 0.11 17.26 -25.97
CA SER E 431 -0.74 17.62 -24.84
C SER E 431 0.02 17.63 -23.52
N MET E 432 1.35 17.68 -23.56
CA MET E 432 2.14 17.79 -22.34
C MET E 432 1.90 19.11 -21.63
N LEU E 433 1.25 20.07 -22.29
CA LEU E 433 0.82 21.30 -21.65
C LEU E 433 -0.43 21.78 -22.37
N LYS E 434 -1.28 22.50 -21.64
CA LYS E 434 -2.50 23.03 -22.23
C LYS E 434 -2.19 23.86 -23.47
N GLU E 435 -1.08 24.59 -23.45
CA GLU E 435 -0.63 25.40 -24.57
C GLU E 435 0.84 25.09 -24.85
N ILE E 436 1.35 25.68 -25.93
CA ILE E 436 2.73 25.48 -26.33
C ILE E 436 3.65 26.13 -25.31
N MET F 1 -21.32 55.15 40.99
CA MET F 1 -20.29 56.16 41.39
C MET F 1 -18.95 55.47 41.69
N MET F 2 -17.97 55.72 40.83
CA MET F 2 -16.65 55.14 41.00
C MET F 2 -15.79 56.01 41.90
N SER F 3 -14.89 55.37 42.63
CA SER F 3 -14.02 56.09 43.56
C SER F 3 -13.15 57.09 42.81
N ARG F 4 -12.90 58.24 43.45
CA ARG F 4 -12.09 59.27 42.82
C ARG F 4 -10.66 58.80 42.59
N GLU F 5 -10.19 57.84 43.40
CA GLU F 5 -8.84 57.32 43.20
C GLU F 5 -8.71 56.65 41.84
N ALA F 6 -9.75 55.94 41.41
CA ALA F 6 -9.72 55.32 40.09
C ALA F 6 -9.59 56.36 38.99
N ASP F 7 -10.33 57.46 39.10
CA ASP F 7 -10.22 58.53 38.10
C ASP F 7 -8.84 59.18 38.14
N HIS F 8 -8.29 59.36 39.35
CA HIS F 8 -6.94 59.89 39.47
C HIS F 8 -5.93 59.01 38.74
N THR F 9 -6.03 57.69 38.96
CA THR F 9 -5.13 56.76 38.30
C THR F 9 -5.35 56.77 36.79
N ILE F 10 -6.60 56.90 36.35
CA ILE F 10 -6.89 56.91 34.92
C ILE F 10 -6.26 58.11 34.25
N LYS F 11 -6.40 59.30 34.85
CA LYS F 11 -5.78 60.47 34.25
C LYS F 11 -4.27 60.45 34.42
N GLY F 12 -3.76 59.77 35.44
CA GLY F 12 -2.31 59.56 35.51
C GLY F 12 -1.81 58.73 34.35
N PHE F 13 -2.54 57.66 34.01
CA PHE F 13 -2.20 56.88 32.84
C PHE F 13 -2.35 57.70 31.56
N LEU F 14 -3.32 58.63 31.53
CA LEU F 14 -3.46 59.51 30.37
C LEU F 14 -2.24 60.42 30.23
N TYR F 15 -1.76 60.96 31.35
CA TYR F 15 -0.54 61.76 31.32
C TYR F 15 0.65 60.91 30.90
N GLN F 16 0.67 59.65 31.31
CA GLN F 16 1.69 58.71 30.82
C GLN F 16 1.58 58.54 29.31
N PHE F 17 0.36 58.49 28.78
CA PHE F 17 0.16 58.42 27.33
C PHE F 17 0.74 59.65 26.66
N ASN F 18 0.52 60.83 27.25
CA ASN F 18 1.08 62.05 26.71
C ASN F 18 2.61 62.01 26.72
N LYS F 19 3.20 61.52 27.80
CA LYS F 19 4.65 61.38 27.86
C LYS F 19 5.15 60.42 26.79
N THR F 20 4.45 59.31 26.58
CA THR F 20 4.85 58.36 25.56
C THR F 20 4.79 58.98 24.17
N LEU F 21 3.72 59.75 23.90
CA LEU F 21 3.61 60.43 22.61
C LEU F 21 4.74 61.43 22.43
N ASN F 22 5.07 62.19 23.48
CA ASN F 22 6.17 63.14 23.38
C ASN F 22 7.48 62.44 23.09
N SER F 23 7.74 61.32 23.78
CA SER F 23 8.97 60.57 23.54
C SER F 23 9.02 60.03 22.12
N ILE F 24 7.90 59.49 21.64
CA ILE F 24 7.88 58.95 20.27
C ILE F 24 8.13 60.06 19.26
N LEU F 25 7.49 61.22 19.45
CA LEU F 25 7.70 62.34 18.53
C LEU F 25 9.15 62.79 18.55
N SER F 26 9.74 62.89 19.74
CA SER F 26 11.15 63.27 19.83
C SER F 26 12.05 62.20 19.22
N SER F 27 11.85 60.94 19.63
CA SER F 27 12.65 59.82 19.15
C SER F 27 14.14 60.05 19.38
N THR F 28 14.48 60.83 20.42
CA THR F 28 15.85 61.12 20.77
C THR F 28 15.95 61.14 22.29
N ASP F 29 17.07 61.64 22.81
CA ASP F 29 17.27 61.72 24.25
C ASP F 29 16.11 62.45 24.91
N GLN F 30 15.38 61.75 25.76
CA GLN F 30 14.18 62.27 26.39
C GLN F 30 14.28 62.09 27.90
N ASP F 31 13.57 62.94 28.63
CA ASP F 31 13.62 62.94 30.08
C ASP F 31 13.39 61.53 30.63
N GLU F 32 13.94 61.27 31.81
CA GLU F 32 13.83 59.98 32.47
C GLU F 32 12.52 59.95 33.26
N ILE F 33 11.63 59.03 32.88
CA ILE F 33 10.33 58.90 33.53
C ILE F 33 10.48 58.01 34.76
N GLN F 34 10.00 58.51 35.90
CA GLN F 34 10.02 57.76 37.15
C GLN F 34 8.60 57.72 37.72
N ILE F 35 8.16 56.52 38.09
CA ILE F 35 6.81 56.37 38.64
C ILE F 35 6.72 57.01 40.02
N GLU F 36 5.49 57.25 40.46
CA GLU F 36 5.21 57.87 41.75
C GLU F 36 4.45 56.88 42.63
N GLY F 37 4.91 56.74 43.88
CA GLY F 37 4.26 55.85 44.83
C GLY F 37 3.21 56.55 45.66
N ILE F 38 2.20 57.09 45.02
CA ILE F 38 1.12 57.80 45.72
C ILE F 38 -0.19 57.05 45.71
N ILE F 39 -0.31 55.97 44.91
CA ILE F 39 -1.55 55.22 44.87
C ILE F 39 -1.84 54.58 46.23
N GLU F 40 -0.80 54.04 46.88
CA GLU F 40 -0.88 53.65 48.29
C GLU F 40 0.47 53.92 48.94
N ASP F 41 0.48 53.87 50.27
CA ASP F 41 1.70 54.12 51.05
C ASP F 41 2.61 52.91 50.94
N ILE F 42 3.13 52.70 49.73
CA ILE F 42 4.03 51.57 49.48
C ILE F 42 5.33 51.75 50.25
N ASP F 43 5.80 52.99 50.38
CA ASP F 43 7.06 53.30 51.06
C ASP F 43 8.23 52.57 50.38
N ILE F 44 8.43 52.93 49.11
CA ILE F 44 9.52 52.36 48.32
C ILE F 44 10.89 52.82 48.80
N LYS F 45 10.94 53.83 49.67
CA LYS F 45 12.20 54.39 50.16
C LYS F 45 12.97 55.05 49.00
N ASN F 46 12.29 55.96 48.33
CA ASN F 46 12.88 56.73 47.23
C ASN F 46 12.53 58.20 47.41
N SER F 47 13.38 59.05 46.85
CA SER F 47 13.21 60.49 46.95
C SER F 47 13.09 61.21 45.61
N ASN F 48 13.53 60.59 44.52
CA ASN F 48 13.49 61.24 43.19
C ASN F 48 12.12 60.98 42.55
N ILE F 49 11.11 61.64 43.12
CA ILE F 49 9.74 61.58 42.61
C ILE F 49 9.34 62.99 42.23
N THR F 50 8.99 63.19 40.97
CA THR F 50 8.66 64.52 40.46
C THR F 50 7.31 64.58 39.77
N ASN F 51 6.92 63.53 39.04
CA ASN F 51 5.65 63.56 38.32
C ASN F 51 4.48 63.68 39.27
N ALA F 52 4.27 62.68 40.11
CA ALA F 52 3.21 62.67 41.11
C ALA F 52 1.90 63.21 40.54
N ILE F 53 1.41 62.53 39.52
CA ILE F 53 0.19 62.93 38.82
C ILE F 53 -1.00 62.36 39.58
N GLN F 54 -1.82 63.24 40.15
CA GLN F 54 -3.06 62.89 40.84
C GLN F 54 -4.18 63.83 40.40
N CYS F 55 -4.29 64.01 39.09
CA CYS F 55 -5.21 64.98 38.52
C CYS F 55 -6.62 64.40 38.41
N LYS F 56 -7.61 65.29 38.29
CA LYS F 56 -9.00 64.91 38.22
C LYS F 56 -9.73 65.82 37.24
N TYR F 57 -10.81 65.29 36.65
CA TYR F 57 -11.63 66.03 35.71
C TYR F 57 -13.11 65.86 36.05
N HIS F 58 -13.89 66.90 35.78
CA HIS F 58 -15.33 66.88 35.94
C HIS F 58 -15.96 67.52 34.72
N GLU F 59 -17.30 67.57 34.72
CA GLU F 59 -18.02 68.11 33.57
C GLU F 59 -17.65 69.57 33.34
N SER F 60 -17.43 69.91 32.07
CA SER F 60 -17.11 71.27 31.65
C SER F 60 -18.10 71.71 30.58
N LYS F 61 -18.54 72.96 30.67
CA LYS F 61 -19.56 73.49 29.77
C LYS F 61 -19.02 74.57 28.84
N VAL F 62 -18.45 75.64 29.38
CA VAL F 62 -17.87 76.71 28.57
C VAL F 62 -16.77 77.39 29.37
N ARG F 63 -15.59 77.50 28.77
CA ARG F 63 -14.46 78.20 29.39
C ARG F 63 -14.18 77.56 30.75
N HIS F 64 -13.69 78.34 31.71
CA HIS F 64 -13.43 77.87 33.06
C HIS F 64 -14.07 78.84 34.06
N ASN F 65 -14.48 78.30 35.20
CA ASN F 65 -15.09 79.08 36.25
C ASN F 65 -14.52 78.66 37.59
N LEU F 66 -14.85 79.43 38.63
CA LEU F 66 -14.39 79.10 39.98
C LEU F 66 -14.99 77.80 40.50
N SER F 67 -16.01 77.26 39.84
CA SER F 67 -16.61 75.99 40.21
C SER F 67 -15.93 74.81 39.52
N ASP F 68 -14.67 74.97 39.11
CA ASP F 68 -13.90 73.90 38.50
C ASP F 68 -12.77 73.41 39.39
N ILE F 69 -12.62 73.95 40.59
CA ILE F 69 -11.63 73.52 41.56
C ILE F 69 -12.36 72.78 42.68
N TYR F 70 -11.85 71.62 43.06
CA TYR F 70 -12.58 70.72 43.95
C TYR F 70 -11.61 70.12 44.96
N LYS F 71 -12.08 69.07 45.64
CA LYS F 71 -11.32 68.43 46.71
C LYS F 71 -9.93 67.99 46.31
N PRO F 72 -9.69 67.41 45.11
CA PRO F 72 -8.34 66.94 44.75
C PRO F 72 -7.22 67.85 45.24
N ILE F 73 -7.44 69.16 45.19
CA ILE F 73 -6.45 70.11 45.70
C ILE F 73 -6.18 69.85 47.16
N LEU F 74 -7.22 69.64 47.96
CA LEU F 74 -7.03 69.42 49.39
C LEU F 74 -6.26 68.12 49.65
N GLN F 75 -6.60 67.05 48.94
CA GLN F 75 -5.91 65.79 49.20
C GLN F 75 -4.45 65.86 48.78
N MET F 76 -4.14 66.53 47.66
CA MET F 76 -2.74 66.71 47.30
C MET F 76 -2.03 67.61 48.31
N LEU F 77 -2.74 68.60 48.86
CA LEU F 77 -2.15 69.42 49.92
C LEU F 77 -1.77 68.58 51.12
N LEU F 78 -2.65 67.67 51.53
CA LEU F 78 -2.31 66.78 52.64
C LEU F 78 -1.17 65.84 52.27
N HIS F 79 -1.17 65.31 51.05
CA HIS F 79 -0.03 64.52 50.59
C HIS F 79 1.26 65.31 50.69
N PHE F 80 1.19 66.65 50.53
CA PHE F 80 2.35 67.49 50.76
C PHE F 80 2.98 67.19 52.12
N LEU F 81 2.14 67.00 53.14
CA LEU F 81 2.61 66.62 54.48
C LEU F 81 2.82 65.11 54.53
N GLU F 82 3.65 64.62 53.61
CA GLU F 82 3.93 63.19 53.54
C GLU F 82 4.67 62.72 54.79
N ASN F 83 4.49 61.44 55.13
CA ASN F 83 5.12 60.90 56.31
C ASN F 83 6.65 61.03 56.22
N ASP F 84 7.22 60.72 55.06
CA ASP F 84 8.65 60.89 54.85
C ASP F 84 9.04 62.30 54.46
N SER F 85 8.08 63.11 54.01
CA SER F 85 8.31 64.52 53.67
C SER F 85 9.53 64.67 52.74
N LEU F 86 9.44 64.01 51.59
CA LEU F 86 10.45 64.10 50.55
C LEU F 86 9.88 64.87 49.36
N ASN F 87 10.64 64.91 48.26
CA ASN F 87 10.19 65.61 47.07
C ASN F 87 8.83 65.09 46.64
N ILE F 88 7.81 65.95 46.73
CA ILE F 88 6.43 65.54 46.48
C ILE F 88 5.80 66.48 45.47
N LYS F 89 6.62 67.02 44.57
CA LYS F 89 6.15 67.98 43.58
C LYS F 89 4.95 67.44 42.82
N TYR F 90 3.79 68.07 43.00
CA TYR F 90 2.56 67.66 42.34
C TYR F 90 2.30 68.52 41.11
N ALA F 91 1.34 68.08 40.30
CA ALA F 91 0.98 68.79 39.08
C ALA F 91 -0.52 68.66 38.86
N LEU F 92 -1.09 69.65 38.18
CA LEU F 92 -2.51 69.66 37.82
C LEU F 92 -2.62 69.88 36.32
N TYR F 93 -3.42 69.05 35.66
CA TYR F 93 -3.57 69.05 34.21
C TYR F 93 -5.05 69.04 33.83
N ALA F 94 -5.82 69.88 34.50
CA ALA F 94 -7.26 69.95 34.22
C ALA F 94 -7.49 70.46 32.80
N TYR F 95 -8.51 69.91 32.14
CA TYR F 95 -8.85 70.26 30.77
C TYR F 95 -10.04 71.20 30.73
N PHE F 96 -9.98 72.17 29.81
CA PHE F 96 -11.08 73.08 29.57
C PHE F 96 -11.34 73.18 28.07
N PRO F 97 -12.61 73.30 27.65
CA PRO F 97 -12.89 73.31 26.20
C PRO F 97 -12.19 74.44 25.47
N ASN F 98 -12.46 75.68 25.89
CA ASN F 98 -11.89 76.88 25.26
C ASN F 98 -11.41 77.84 26.35
N GLU F 99 -10.16 77.68 26.76
CA GLU F 99 -9.58 78.54 27.78
C GLU F 99 -8.09 78.68 27.51
N GLN F 100 -7.53 79.79 28.01
CA GLN F 100 -6.10 80.02 27.86
C GLN F 100 -5.30 78.92 28.53
N VAL F 101 -4.22 78.51 27.88
CA VAL F 101 -3.37 77.43 28.36
C VAL F 101 -2.15 78.04 29.03
N GLY F 102 -1.87 77.62 30.25
CA GLY F 102 -0.73 78.14 30.99
C GLY F 102 -0.78 77.71 32.44
N VAL F 103 -0.02 78.40 33.26
CA VAL F 103 0.07 78.12 34.70
C VAL F 103 -0.80 79.11 35.44
N LYS F 104 -1.27 78.70 36.63
CA LYS F 104 -2.12 79.54 37.47
C LYS F 104 -1.34 80.47 38.38
N GLU F 105 0.00 80.48 38.27
CA GLU F 105 0.84 81.32 39.10
C GLU F 105 0.79 80.84 40.55
N VAL F 106 1.84 81.11 41.32
CA VAL F 106 1.98 80.54 42.66
C VAL F 106 1.79 81.60 43.73
N THR F 107 0.99 82.63 43.42
CA THR F 107 0.68 83.64 44.42
C THR F 107 -0.11 83.02 45.56
N LYS F 108 0.12 83.54 46.77
CA LYS F 108 -0.51 83.00 47.96
C LYS F 108 -2.03 83.13 47.91
N SER F 109 -2.53 84.31 47.52
CA SER F 109 -3.97 84.56 47.57
C SER F 109 -4.72 83.64 46.61
N GLN F 110 -4.17 83.43 45.40
CA GLN F 110 -4.91 82.69 44.38
C GLN F 110 -5.30 81.30 44.85
N ILE F 111 -4.58 80.75 45.82
CA ILE F 111 -4.99 79.50 46.46
C ILE F 111 -5.61 79.74 47.83
N GLU F 112 -5.31 80.87 48.48
CA GLU F 112 -5.86 81.15 49.80
C GLU F 112 -7.38 81.31 49.74
N GLU F 113 -7.87 82.15 48.82
CA GLU F 113 -9.32 82.29 48.70
C GLU F 113 -9.98 81.01 48.20
N ILE F 114 -9.24 80.15 47.50
CA ILE F 114 -9.79 78.87 47.10
C ILE F 114 -9.91 77.94 48.31
N LEU F 115 -9.00 78.05 49.27
CA LEU F 115 -9.01 77.14 50.41
C LEU F 115 -10.33 77.21 51.17
N SER F 116 -10.88 78.41 51.35
CA SER F 116 -12.10 78.60 52.12
C SER F 116 -13.32 78.19 51.28
N SER F 117 -13.38 76.90 50.94
CA SER F 117 -14.49 76.38 50.15
C SER F 117 -15.76 76.32 50.99
N SER F 118 -15.64 76.03 52.28
CA SER F 118 -16.78 75.97 53.18
C SER F 118 -17.77 74.88 52.75
N ASN F 119 -17.27 73.64 52.72
CA ASN F 119 -18.08 72.47 52.44
C ASN F 119 -17.82 71.42 53.52
N PHE F 120 -18.89 70.78 54.00
CA PHE F 120 -18.74 69.80 55.06
C PHE F 120 -17.88 68.62 54.61
N ASP F 121 -18.08 68.13 53.39
CA ASP F 121 -17.26 67.04 52.91
C ASP F 121 -15.78 67.42 52.95
N TYR F 122 -15.45 68.59 52.39
CA TYR F 122 -14.07 69.04 52.38
C TYR F 122 -13.56 69.26 53.80
N ILE F 123 -14.38 69.86 54.66
CA ILE F 123 -13.94 70.20 56.01
C ILE F 123 -13.62 68.93 56.80
N SER F 124 -14.50 67.93 56.73
CA SER F 124 -14.38 66.75 57.56
C SER F 124 -13.49 65.67 56.96
N LYS F 125 -13.20 65.73 55.66
CA LYS F 125 -12.36 64.71 55.04
C LYS F 125 -10.88 65.00 55.23
N TYR F 126 -10.42 66.18 54.83
CA TYR F 126 -8.99 66.47 54.82
C TYR F 126 -8.62 67.76 55.53
N ILE F 127 -9.48 68.79 55.46
CA ILE F 127 -9.11 70.09 56.03
C ILE F 127 -8.88 69.96 57.53
N SER F 128 -9.67 69.13 58.21
CA SER F 128 -9.55 69.00 59.66
C SER F 128 -8.15 68.55 60.06
N LYS F 129 -7.49 67.75 59.21
CA LYS F 129 -6.17 67.22 59.58
C LYS F 129 -5.10 68.30 59.47
N ILE F 130 -5.14 69.12 58.42
CA ILE F 130 -4.12 70.16 58.26
C ILE F 130 -4.27 71.23 59.33
N LYS F 131 -5.48 71.47 59.83
CA LYS F 131 -5.73 72.47 60.86
C LYS F 131 -6.20 71.77 62.13
N PRO F 132 -5.32 71.50 63.09
CA PRO F 132 -5.76 70.87 64.34
C PRO F 132 -6.49 71.89 65.21
N PRO F 133 -7.78 71.70 65.44
CA PRO F 133 -8.55 72.71 66.18
C PRO F 133 -8.25 72.69 67.67
N LYS F 134 -8.44 73.86 68.29
CA LYS F 134 -8.39 73.95 69.75
C LYS F 134 -9.68 73.46 70.40
N GLU F 135 -10.72 73.21 69.61
CA GLU F 135 -11.99 72.68 70.11
C GLU F 135 -11.86 71.16 70.12
N GLN F 136 -11.42 70.62 71.26
CA GLN F 136 -11.28 69.17 71.37
C GLN F 136 -12.61 68.45 71.20
N ILE F 137 -13.73 69.14 71.38
CA ILE F 137 -15.04 68.54 71.14
C ILE F 137 -15.16 68.15 69.68
N ILE F 138 -14.73 69.02 68.77
CA ILE F 138 -14.77 68.71 67.35
C ILE F 138 -13.87 67.52 67.04
N LYS F 139 -12.69 67.47 67.65
CA LYS F 139 -11.79 66.35 67.43
C LYS F 139 -12.41 65.04 67.88
N GLU F 140 -13.05 65.04 69.05
CA GLU F 140 -13.67 63.82 69.55
C GLU F 140 -14.88 63.43 68.70
N LEU F 141 -15.63 64.41 68.21
CA LEU F 141 -16.73 64.11 67.31
C LEU F 141 -16.22 63.46 66.03
N LEU F 142 -15.14 63.99 65.46
CA LEU F 142 -14.56 63.40 64.25
C LEU F 142 -14.06 62.00 64.52
N GLY F 143 -13.42 61.78 65.67
CA GLY F 143 -12.92 60.46 66.02
C GLY F 143 -13.99 59.47 66.42
N LYS F 144 -15.20 59.94 66.70
CA LYS F 144 -16.30 59.06 67.09
C LYS F 144 -17.07 58.52 65.89
N THR F 145 -16.77 58.98 64.68
CA THR F 145 -17.47 58.53 63.47
C THR F 145 -18.98 58.74 63.60
N SER F 146 -19.37 59.92 64.09
CA SER F 146 -20.78 60.24 64.26
C SER F 146 -20.94 61.76 64.21
N LYS F 147 -21.91 62.23 63.43
CA LYS F 147 -22.15 63.66 63.29
C LYS F 147 -23.63 63.86 62.93
N THR F 148 -24.09 65.09 63.14
CA THR F 148 -25.47 65.47 62.86
C THR F 148 -25.49 66.81 62.13
N THR F 149 -26.68 67.17 61.63
CA THR F 149 -26.81 68.39 60.85
C THR F 149 -26.42 69.62 61.68
N GLU F 150 -26.87 69.67 62.93
CA GLU F 150 -26.50 70.78 63.80
C GLU F 150 -24.98 70.84 63.99
N ASP F 151 -24.34 69.67 64.13
CA ASP F 151 -22.89 69.65 64.27
C ASP F 151 -22.21 70.21 63.03
N LYS F 152 -22.70 69.83 61.84
CA LYS F 152 -22.11 70.36 60.61
C LYS F 152 -22.30 71.88 60.53
N THR F 153 -23.48 72.37 60.89
CA THR F 153 -23.72 73.81 60.86
C THR F 153 -22.81 74.54 61.83
N ARG F 154 -22.63 73.99 63.04
CA ARG F 154 -21.75 74.62 64.01
C ARG F 154 -20.31 74.62 63.52
N ILE F 155 -19.84 73.51 62.95
CA ILE F 155 -18.47 73.46 62.45
C ILE F 155 -18.27 74.47 61.34
N LYS F 156 -19.25 74.59 60.43
CA LYS F 156 -19.16 75.58 59.38
C LYS F 156 -19.15 77.00 59.95
N LYS F 157 -19.92 77.23 61.01
CA LYS F 157 -19.91 78.53 61.66
C LYS F 157 -18.53 78.84 62.24
N TYR F 158 -17.92 77.87 62.90
CA TYR F 158 -16.58 78.08 63.44
C TYR F 158 -15.57 78.34 62.32
N TYR F 159 -15.69 77.62 61.21
CA TYR F 159 -14.77 77.78 60.10
C TYR F 159 -15.07 79.01 59.25
N GLU F 160 -16.20 79.68 59.49
CA GLU F 160 -16.60 80.84 58.70
C GLU F 160 -16.03 82.14 59.29
N THR F 161 -16.36 82.42 60.55
CA THR F 161 -15.92 83.64 61.21
C THR F 161 -14.82 83.41 62.23
N SER F 162 -14.72 82.20 62.79
CA SER F 162 -13.69 81.87 63.77
C SER F 162 -12.58 81.02 63.16
N LYS F 163 -12.21 81.32 61.91
CA LYS F 163 -11.17 80.58 61.22
C LYS F 163 -9.97 80.32 62.12
N LEU F 164 -9.47 79.09 62.08
CA LEU F 164 -8.36 78.66 62.90
C LEU F 164 -7.03 78.90 62.18
N GLU F 165 -5.93 78.68 62.91
CA GLU F 165 -4.59 78.83 62.38
C GLU F 165 -3.95 77.47 62.24
N THR F 166 -3.39 77.20 61.05
CA THR F 166 -2.76 75.91 60.79
C THR F 166 -1.38 75.84 61.44
N ILE F 167 -0.81 74.63 61.41
CA ILE F 167 0.51 74.39 62.00
C ILE F 167 1.60 74.27 60.95
N VAL F 168 1.30 74.52 59.68
CA VAL F 168 2.25 74.40 58.59
C VAL F 168 2.51 75.79 58.02
N ASP F 169 3.78 76.06 57.69
CA ASP F 169 4.16 77.35 57.13
C ASP F 169 3.41 77.59 55.82
N ILE F 170 2.50 78.55 55.82
CA ILE F 170 1.65 78.79 54.65
C ILE F 170 2.49 79.30 53.48
N ASP F 171 3.49 80.13 53.78
CA ASP F 171 4.29 80.72 52.70
C ASP F 171 4.99 79.65 51.88
N LYS F 172 5.56 78.64 52.54
CA LYS F 172 6.19 77.53 51.85
C LYS F 172 5.20 76.47 51.38
N PHE F 173 3.92 76.61 51.73
CA PHE F 173 2.94 75.57 51.50
C PHE F 173 2.16 75.76 50.19
N LEU F 174 2.08 76.98 49.67
CA LEU F 174 1.32 77.27 48.47
C LEU F 174 2.10 78.07 47.43
N ARG F 175 3.43 78.13 47.56
CA ARG F 175 4.25 78.94 46.67
C ARG F 175 5.31 78.16 45.93
N ASP F 176 5.99 77.22 46.60
CA ASP F 176 7.16 76.57 45.99
C ASP F 176 6.75 75.44 45.04
N HIS F 177 6.05 74.43 45.56
CA HIS F 177 5.76 73.23 44.79
C HIS F 177 4.51 73.46 43.93
N PHE F 178 3.99 72.39 43.34
CA PHE F 178 2.75 72.41 42.58
C PHE F 178 2.95 73.13 41.25
N VAL F 179 2.49 72.52 40.16
CA VAL F 179 2.54 73.11 38.83
C VAL F 179 1.17 72.92 38.18
N PHE F 180 0.66 73.98 37.57
CA PHE F 180 -0.66 73.99 36.95
C PHE F 180 -0.54 74.10 35.44
N GLU F 181 -1.40 73.37 34.74
CA GLU F 181 -1.42 73.42 33.29
C GLU F 181 -2.80 72.99 32.81
N ILE F 182 -3.16 73.43 31.61
CA ILE F 182 -4.46 73.12 31.02
C ILE F 182 -4.31 71.89 30.15
N GLY F 183 -5.20 70.91 30.37
CA GLY F 183 -5.14 69.66 29.65
C GLY F 183 -5.83 69.73 28.31
N LEU F 184 -5.93 68.55 27.67
CA LEU F 184 -6.54 68.41 26.36
C LEU F 184 -7.54 67.26 26.39
N SER F 185 -8.55 67.35 25.54
CA SER F 185 -9.57 66.31 25.45
C SER F 185 -8.96 65.05 24.87
N TYR F 186 -8.82 64.01 25.69
CA TYR F 186 -8.24 62.76 25.22
C TYR F 186 -9.16 62.02 24.27
N GLU F 187 -10.47 62.28 24.32
CA GLU F 187 -11.40 61.67 23.38
C GLU F 187 -11.03 62.03 21.96
N GLU F 188 -10.66 63.28 21.72
CA GLU F 188 -10.19 63.73 20.41
C GLU F 188 -8.67 63.63 20.27
N LEU F 189 -7.98 63.12 21.29
CA LEU F 189 -6.53 63.00 21.25
C LEU F 189 -6.05 61.58 20.96
N MET F 190 -6.85 60.56 21.28
CA MET F 190 -6.43 59.20 20.95
C MET F 190 -6.29 59.03 19.44
N ASN F 191 -7.23 59.58 18.67
CA ASN F 191 -7.15 59.49 17.22
C ASN F 191 -5.90 60.20 16.69
N GLU F 192 -5.60 61.38 17.24
CA GLU F 192 -4.40 62.11 16.82
C GLU F 192 -3.14 61.32 17.17
N THR F 193 -3.12 60.70 18.35
CA THR F 193 -1.97 59.88 18.74
C THR F 193 -1.78 58.71 17.79
N LYS F 194 -2.88 58.03 17.44
CA LYS F 194 -2.78 56.90 16.52
C LYS F 194 -2.32 57.35 15.14
N ASN F 195 -2.82 58.48 14.66
CA ASN F 195 -2.38 59.00 13.36
C ASN F 195 -0.90 59.34 13.40
N LEU F 196 -0.44 59.98 14.47
CA LEU F 196 0.97 60.33 14.59
C LEU F 196 1.85 59.09 14.62
N LEU F 197 1.43 58.06 15.37
CA LEU F 197 2.22 56.84 15.47
C LEU F 197 2.31 56.14 14.13
N MET F 198 1.27 56.23 13.31
CA MET F 198 1.22 55.55 12.01
C MET F 198 2.08 56.32 10.98
N LYS F 199 3.36 56.44 11.29
CA LYS F 199 4.32 57.07 10.39
C LYS F 199 5.10 56.05 9.57
N GLU F 200 5.34 54.86 10.10
CA GLU F 200 6.00 53.80 9.38
C GLU F 200 4.96 52.92 8.69
N GLY F 201 5.39 51.80 8.12
CA GLY F 201 4.47 50.89 7.47
C GLY F 201 3.53 50.22 8.47
N PHE F 202 4.09 49.35 9.31
CA PHE F 202 3.36 48.66 10.38
C PHE F 202 2.12 48.02 9.75
N SER F 203 0.92 48.27 10.26
CA SER F 203 -0.29 47.68 9.71
C SER F 203 -1.44 48.66 9.95
N LEU F 204 -2.67 48.18 9.83
CA LEU F 204 -3.85 49.03 10.02
C LEU F 204 -4.30 49.05 11.48
N GLU F 205 -4.56 47.87 12.06
CA GLU F 205 -5.04 47.77 13.42
C GLU F 205 -3.94 47.51 14.43
N ASP F 206 -2.87 46.82 14.03
CA ASP F 206 -1.77 46.57 14.95
C ASP F 206 -1.07 47.85 15.40
N VAL F 207 -1.14 48.91 14.59
CA VAL F 207 -0.63 50.20 15.06
C VAL F 207 -1.41 50.65 16.28
N LYS F 208 -2.73 50.48 16.25
CA LYS F 208 -3.54 50.77 17.43
C LYS F 208 -3.23 49.81 18.57
N ASP F 209 -3.02 48.53 18.25
CA ASP F 209 -2.99 47.48 19.25
C ASP F 209 -1.61 46.85 19.50
N LEU F 210 -0.67 46.97 18.59
CA LEU F 210 0.58 46.23 18.68
C LEU F 210 1.80 47.08 19.02
N PHE F 211 1.78 48.38 18.74
CA PHE F 211 2.93 49.24 18.98
C PHE F 211 2.62 50.35 19.98
N TYR F 212 1.50 51.04 19.85
CA TYR F 212 1.13 52.00 20.89
C TYR F 212 1.01 51.34 22.25
N PRO F 213 0.29 50.22 22.41
CA PRO F 213 0.19 49.60 23.74
C PRO F 213 1.53 49.12 24.28
N ASN F 214 2.42 48.59 23.43
CA ASN F 214 3.69 48.12 23.98
C ASN F 214 4.58 49.30 24.37
N SER F 215 4.51 50.40 23.63
CA SER F 215 5.18 51.62 24.06
C SER F 215 4.63 52.09 25.39
N ILE F 216 3.31 52.06 25.55
CA ILE F 216 2.69 52.45 26.83
C ILE F 216 3.21 51.57 27.95
N GLN F 217 3.22 50.26 27.74
CA GLN F 217 3.66 49.33 28.78
C GLN F 217 5.13 49.53 29.12
N TYR F 218 5.97 49.74 28.10
CA TYR F 218 7.39 49.96 28.35
C TYR F 218 7.61 51.24 29.13
N ILE F 219 6.91 52.32 28.78
CA ILE F 219 7.05 53.57 29.51
C ILE F 219 6.58 53.39 30.95
N ALA F 220 5.49 52.65 31.16
CA ALA F 220 4.98 52.43 32.51
C ALA F 220 5.95 51.62 33.34
N GLU F 221 6.56 50.59 32.76
CA GLU F 221 7.43 49.67 33.49
C GLU F 221 8.89 50.12 33.49
N LEU F 222 9.22 51.24 32.84
CA LEU F 222 10.60 51.69 32.80
C LEU F 222 11.16 51.93 34.20
N SER F 223 10.30 52.30 35.16
CA SER F 223 10.78 52.67 36.50
C SER F 223 10.06 51.89 37.60
N ILE F 224 9.53 50.70 37.31
CA ILE F 224 8.91 49.90 38.34
C ILE F 224 9.90 49.03 39.11
N LEU F 225 11.12 48.85 38.60
CA LEU F 225 12.09 48.02 39.28
C LEU F 225 12.53 48.71 40.59
N PRO F 226 12.89 47.91 41.61
CA PRO F 226 13.33 48.54 42.87
C PRO F 226 14.53 49.46 42.70
N GLU F 227 15.45 49.11 41.81
CA GLU F 227 16.65 49.93 41.61
C GLU F 227 16.28 51.29 41.03
N ALA F 228 16.90 52.33 41.56
CA ALA F 228 16.64 53.70 41.10
C ALA F 228 17.46 54.08 39.87
N GLU F 229 18.46 53.28 39.50
CA GLU F 229 19.28 53.57 38.34
C GLU F 229 18.72 52.97 37.05
N LYS F 230 17.60 52.23 37.13
CA LYS F 230 17.00 51.65 35.94
C LYS F 230 16.26 52.66 35.09
N ARG F 231 16.12 53.90 35.56
CA ARG F 231 15.40 54.93 34.81
C ARG F 231 16.26 55.59 33.74
N ILE F 232 17.53 55.19 33.60
CA ILE F 232 18.40 55.80 32.62
C ILE F 232 17.83 55.57 31.22
N SER F 233 17.60 56.66 30.50
CA SER F 233 17.08 56.59 29.13
C SER F 233 17.91 57.52 28.25
N SER F 234 18.25 57.02 27.06
CA SER F 234 19.06 57.77 26.11
C SER F 234 18.45 57.65 24.72
N LYS F 235 19.04 58.38 23.77
CA LYS F 235 18.54 58.32 22.40
C LYS F 235 18.68 56.92 21.82
N ASN F 236 19.81 56.26 22.11
CA ASN F 236 20.05 54.93 21.55
C ASN F 236 18.97 53.95 22.00
N LYS F 237 18.64 53.97 23.30
CA LYS F 237 17.62 53.06 23.81
C LYS F 237 16.24 53.40 23.24
N LEU F 238 15.93 54.69 23.12
CA LEU F 238 14.62 55.10 22.63
C LEU F 238 14.45 54.84 21.14
N ILE F 239 15.55 54.73 20.39
CA ILE F 239 15.44 54.30 19.00
C ILE F 239 15.45 52.78 18.89
N ASP F 240 16.17 52.09 19.80
CA ASP F 240 16.14 50.64 19.82
C ASP F 240 14.72 50.13 20.08
N TYR F 241 14.06 50.69 21.09
CA TYR F 241 12.64 50.43 21.29
C TYR F 241 11.77 51.46 20.59
N LEU F 242 12.10 51.81 19.36
CA LEU F 242 11.24 52.52 18.42
C LEU F 242 11.25 51.86 17.04
N LYS F 243 12.40 51.34 16.62
CA LYS F 243 12.51 50.63 15.35
C LYS F 243 13.41 49.40 15.44
N GLY F 244 13.96 49.08 16.59
CA GLY F 244 14.87 47.94 16.69
C GLY F 244 14.26 46.68 16.11
N ASN F 245 13.28 46.11 16.80
CA ASN F 245 12.40 45.11 16.20
C ASN F 245 11.03 45.71 15.87
N LYS F 246 10.30 46.15 16.90
CA LYS F 246 9.08 46.96 16.77
C LYS F 246 8.24 46.58 15.56
N LYS F 247 8.11 45.28 15.30
CA LYS F 247 7.13 44.75 14.36
C LYS F 247 6.17 43.77 15.02
N THR F 248 6.69 42.93 15.91
CA THR F 248 5.90 42.24 16.91
C THR F 248 6.15 42.80 18.31
N ALA F 249 7.42 42.91 18.69
CA ALA F 249 7.83 43.65 19.88
C ALA F 249 7.28 43.06 21.17
N MET F 250 6.57 41.94 21.07
CA MET F 250 5.98 41.29 22.23
C MET F 250 5.14 42.27 23.05
N SER F 251 4.08 42.77 22.42
CA SER F 251 3.21 43.76 23.05
C SER F 251 2.32 43.06 24.07
N ARG F 252 2.61 43.28 25.35
CA ARG F 252 2.05 42.44 26.41
C ARG F 252 0.58 42.80 26.69
N TRP F 253 0.34 44.02 27.15
CA TRP F 253 -1.00 44.46 27.56
C TRP F 253 -1.51 45.43 26.49
N THR F 254 -2.31 44.92 25.56
CA THR F 254 -2.76 45.68 24.40
C THR F 254 -4.23 46.08 24.45
N SER F 255 -5.13 45.12 24.65
CA SER F 255 -6.55 45.37 24.45
C SER F 255 -7.03 46.52 25.31
N GLU F 256 -7.52 47.58 24.64
CA GLU F 256 -7.98 48.79 25.32
C GLU F 256 -6.92 49.34 26.27
N VAL F 257 -5.66 48.92 26.08
CA VAL F 257 -4.61 49.17 27.04
C VAL F 257 -5.16 48.94 28.43
N LEU F 258 -5.69 50.00 29.04
CA LEU F 258 -6.14 49.96 30.43
C LEU F 258 -7.50 50.59 30.67
N THR F 259 -7.97 51.46 29.79
CA THR F 259 -9.28 52.10 29.98
C THR F 259 -10.39 51.10 29.67
N ARG F 260 -11.47 51.18 30.45
CA ARG F 260 -12.66 50.35 30.26
C ARG F 260 -13.76 51.25 29.71
N LYS F 261 -14.13 51.03 28.45
CA LYS F 261 -15.20 51.78 27.79
C LYS F 261 -16.26 50.78 27.34
N GLN F 262 -17.18 50.47 28.25
CA GLN F 262 -18.27 49.54 27.96
C GLN F 262 -17.72 48.24 27.36
N LEU F 263 -18.06 47.94 26.10
CA LEU F 263 -17.63 46.71 25.46
C LEU F 263 -16.24 46.90 24.84
N LEU F 264 -15.81 45.92 24.06
CA LEU F 264 -14.47 45.90 23.48
C LEU F 264 -14.59 45.44 22.03
N LYS F 265 -14.45 46.39 21.10
CA LYS F 265 -14.77 46.19 19.69
C LYS F 265 -13.50 46.25 18.85
N VAL F 266 -13.62 45.83 17.60
CA VAL F 266 -12.53 45.86 16.63
C VAL F 266 -11.41 44.94 17.08
N ARG F 267 -10.72 45.32 18.16
CA ARG F 267 -9.63 44.52 18.69
C ARG F 267 -10.11 43.19 19.28
N LYS F 268 -11.42 43.01 19.47
CA LYS F 268 -11.91 41.73 19.96
C LYS F 268 -11.85 40.65 18.88
N ASN F 269 -12.28 40.99 17.66
CA ASN F 269 -12.38 40.00 16.59
C ASN F 269 -11.07 39.74 15.87
N GLN F 270 -10.07 40.60 16.04
CA GLN F 270 -8.79 40.38 15.40
C GLN F 270 -8.07 39.17 15.94
N LEU F 271 -8.54 38.61 17.06
CA LEU F 271 -7.93 37.42 17.65
C LEU F 271 -8.37 36.14 16.97
N VAL F 272 -9.43 36.19 16.16
CA VAL F 272 -9.93 34.98 15.51
C VAL F 272 -8.89 34.35 14.59
N PRO F 273 -8.25 35.09 13.70
CA PRO F 273 -7.21 34.48 12.87
C PRO F 273 -6.12 33.86 13.73
N SER F 274 -5.62 32.71 13.27
CA SER F 274 -4.63 31.94 14.02
C SER F 274 -5.28 31.22 15.19
N LEU F 275 -6.58 31.49 15.41
CA LEU F 275 -7.39 30.80 16.39
C LEU F 275 -8.55 30.05 15.75
N ASN F 276 -9.13 30.60 14.69
CA ASN F 276 -10.04 29.82 13.85
C ASN F 276 -9.30 28.64 13.24
N ILE F 277 -8.08 28.87 12.76
CA ILE F 277 -7.25 27.78 12.29
C ILE F 277 -7.20 26.71 13.38
N ASN F 278 -7.56 25.50 13.01
CA ASN F 278 -7.79 24.44 13.97
C ASN F 278 -6.51 23.71 14.36
N SER F 279 -5.36 24.27 14.02
CA SER F 279 -4.06 23.70 14.39
C SER F 279 -3.20 24.74 15.09
N ARG F 280 -3.80 25.49 16.02
CA ARG F 280 -3.06 26.43 16.85
C ARG F 280 -3.53 26.33 18.29
N SER F 281 -2.65 26.73 19.19
CA SER F 281 -2.68 26.35 20.61
C SER F 281 -2.68 27.59 21.50
N ARG F 282 -3.67 28.46 21.29
CA ARG F 282 -3.71 29.75 21.98
C ARG F 282 -3.62 29.57 23.49
N TYR F 283 -2.90 30.47 24.15
CA TYR F 283 -2.72 30.43 25.60
C TYR F 283 -3.50 31.55 26.27
N PHE F 284 -3.56 31.47 27.60
CA PHE F 284 -4.32 32.42 28.42
C PHE F 284 -3.57 32.62 29.72
N ILE F 285 -2.92 33.78 29.88
CA ILE F 285 -2.21 34.13 31.10
C ILE F 285 -3.00 35.24 31.78
N ILE F 286 -3.85 34.87 32.74
CA ILE F 286 -4.74 35.82 33.39
C ILE F 286 -4.37 35.92 34.87
N ASP F 287 -5.06 36.80 35.59
CA ASP F 287 -4.91 36.92 37.04
C ASP F 287 -6.29 37.09 37.67
N PRO F 288 -6.73 36.17 38.51
CA PRO F 288 -8.11 36.21 39.00
C PRO F 288 -8.43 37.47 39.78
N ASP F 289 -7.44 38.08 40.44
CA ASP F 289 -7.71 39.29 41.20
C ASP F 289 -8.31 40.37 40.31
N THR F 290 -7.73 40.56 39.12
CA THR F 290 -8.35 41.44 38.14
C THR F 290 -9.70 40.91 37.69
N ILE F 291 -9.88 39.58 37.74
CA ILE F 291 -11.19 39.00 37.53
C ILE F 291 -12.02 39.18 38.80
N ASP F 292 -13.34 38.97 38.67
CA ASP F 292 -14.23 39.21 39.81
C ASP F 292 -14.27 38.00 40.74
N ASN F 293 -14.71 36.84 40.25
CA ASN F 293 -15.02 35.70 41.10
C ASN F 293 -14.20 34.49 40.72
N PHE F 294 -13.76 33.74 41.73
CA PHE F 294 -13.12 32.43 41.53
C PHE F 294 -13.49 31.61 42.76
N ASP F 295 -14.63 30.94 42.70
CA ASP F 295 -14.94 29.90 43.70
C ASP F 295 -15.45 28.62 43.08
N ASP F 296 -16.34 28.70 42.09
CA ASP F 296 -16.62 27.60 41.19
C ASP F 296 -16.90 28.06 39.76
N GLU F 297 -17.09 29.37 39.54
CA GLU F 297 -17.65 29.84 38.27
C GLU F 297 -16.71 29.58 37.10
N PHE F 298 -15.40 29.63 37.33
CA PHE F 298 -14.47 29.64 36.21
C PHE F 298 -14.63 28.40 35.35
N ILE F 299 -14.90 27.25 35.96
CA ILE F 299 -15.02 26.01 35.18
C ILE F 299 -16.10 26.16 34.13
N LEU F 300 -17.19 26.86 34.46
CA LEU F 300 -18.23 27.10 33.47
C LEU F 300 -17.62 27.71 32.22
N PHE F 301 -16.88 28.81 32.38
CA PHE F 301 -16.13 29.35 31.26
C PHE F 301 -15.36 28.26 30.55
N VAL F 302 -14.50 27.58 31.29
CA VAL F 302 -13.65 26.52 30.75
C VAL F 302 -14.52 25.68 29.82
N LYS F 303 -15.68 25.23 30.31
CA LYS F 303 -16.54 24.37 29.51
C LYS F 303 -16.80 25.00 28.15
N ASP F 304 -17.44 26.17 28.13
CA ASP F 304 -17.80 26.78 26.86
C ASP F 304 -16.58 27.04 25.99
N TYR F 305 -15.41 27.20 26.60
CA TYR F 305 -14.18 27.27 25.82
C TYR F 305 -13.77 25.88 25.35
N LEU F 306 -13.63 24.95 26.28
CA LEU F 306 -13.12 23.63 25.94
C LEU F 306 -14.02 22.92 24.95
N ASP F 307 -15.34 22.99 25.14
CA ASP F 307 -16.26 22.29 24.26
C ASP F 307 -16.16 22.79 22.83
N LYS F 308 -15.59 23.97 22.60
CA LYS F 308 -15.50 24.55 21.27
C LYS F 308 -14.17 24.27 20.58
N TYR F 309 -13.05 24.65 21.21
CA TYR F 309 -11.75 24.63 20.54
C TYR F 309 -11.00 23.34 20.74
N ASN F 310 -11.68 22.28 21.15
CA ASN F 310 -11.14 20.94 20.92
C ASN F 310 -12.26 19.98 20.53
N SER F 311 -13.32 20.51 19.92
CA SER F 311 -14.37 19.73 19.30
C SER F 311 -14.16 19.72 17.79
N LYS F 312 -15.13 19.17 17.04
CA LYS F 312 -14.95 18.93 15.62
C LYS F 312 -13.63 18.20 15.38
N ILE F 313 -13.62 16.97 15.90
CA ILE F 313 -12.37 16.30 16.26
C ILE F 313 -11.42 16.25 15.09
N LYS F 314 -11.92 15.88 13.91
CA LYS F 314 -11.05 15.75 12.74
C LYS F 314 -10.25 17.02 12.50
N LEU F 315 -10.82 18.19 12.81
CA LEU F 315 -10.19 19.46 12.49
C LEU F 315 -9.28 19.95 13.63
N HIS F 316 -9.83 20.08 14.83
CA HIS F 316 -9.08 20.64 15.96
C HIS F 316 -8.14 19.57 16.52
N THR F 317 -6.84 19.83 16.44
CA THR F 317 -5.82 18.91 16.91
C THR F 317 -4.90 19.51 17.98
N GLU F 318 -5.16 20.74 18.42
CA GLU F 318 -4.31 21.42 19.39
C GLU F 318 -5.14 21.82 20.61
N THR F 319 -4.56 21.64 21.79
CA THR F 319 -5.29 21.77 23.05
C THR F 319 -4.89 23.04 23.79
N PRO F 320 -5.76 24.04 23.88
CA PRO F 320 -5.39 25.28 24.58
C PRO F 320 -5.03 25.04 26.05
N CYS F 321 -4.61 26.09 26.74
CA CYS F 321 -4.24 26.00 28.14
C CYS F 321 -4.92 27.16 28.89
N PHE F 322 -4.52 27.32 30.16
CA PHE F 322 -5.06 28.38 30.99
C PHE F 322 -4.08 28.68 32.11
N ILE F 323 -3.56 29.90 32.14
CA ILE F 323 -2.68 30.38 33.20
C ILE F 323 -3.41 31.48 33.96
N LEU F 324 -3.73 31.22 35.23
CA LEU F 324 -4.41 32.19 36.07
C LEU F 324 -3.70 32.26 37.42
N LYS F 325 -3.53 33.47 37.94
CA LYS F 325 -2.70 33.69 39.12
C LYS F 325 -3.54 33.68 40.39
N THR F 326 -4.23 32.56 40.64
CA THR F 326 -4.86 32.42 41.94
C THR F 326 -3.85 31.95 42.98
N ASP F 327 -3.31 30.76 42.80
CA ASP F 327 -2.28 30.14 43.64
C ASP F 327 -1.80 28.92 42.88
N VAL F 328 -1.02 28.08 43.55
CA VAL F 328 -0.70 26.74 43.06
C VAL F 328 -1.61 25.70 43.69
N ASN F 329 -1.86 25.82 45.00
CA ASN F 329 -2.74 24.88 45.68
C ASN F 329 -4.20 25.18 45.36
N ASN F 330 -4.56 26.45 45.24
CA ASN F 330 -5.94 26.80 44.91
C ASN F 330 -6.33 26.33 43.52
N LEU F 331 -5.34 26.17 42.62
CA LEU F 331 -5.65 25.75 41.27
C LEU F 331 -6.27 24.36 41.25
N SER F 332 -5.67 23.42 41.99
CA SER F 332 -6.26 22.09 42.12
C SER F 332 -7.60 22.15 42.85
N GLU F 333 -7.87 23.25 43.55
CA GLU F 333 -9.19 23.44 44.15
C GLU F 333 -10.26 23.60 43.08
N TYR F 334 -9.88 23.80 41.82
CA TYR F 334 -10.78 23.58 40.70
C TYR F 334 -10.49 22.31 39.92
N HIS F 335 -9.30 21.73 40.04
CA HIS F 335 -9.03 20.55 39.24
C HIS F 335 -9.99 19.42 39.57
N LYS F 336 -10.58 19.45 40.76
CA LYS F 336 -11.60 18.47 41.09
C LYS F 336 -12.91 18.79 40.37
N ARG F 337 -13.30 20.07 40.33
CA ARG F 337 -14.54 20.45 39.64
C ARG F 337 -14.49 20.12 38.16
N PHE F 338 -13.30 19.93 37.59
CA PHE F 338 -13.18 19.88 36.14
C PHE F 338 -14.06 18.80 35.52
N VAL F 339 -14.34 17.74 36.27
CA VAL F 339 -15.18 16.64 35.74
C VAL F 339 -16.63 16.99 36.10
N SER F 340 -17.25 17.80 35.25
CA SER F 340 -18.66 18.14 35.40
C SER F 340 -19.43 18.27 34.09
N ARG F 341 -18.77 18.46 32.95
CA ARG F 341 -19.44 18.54 31.65
C ARG F 341 -18.68 17.69 30.63
N ASN F 342 -18.27 16.50 31.04
CA ASN F 342 -17.46 15.63 30.18
C ASN F 342 -16.18 16.33 29.76
N ILE F 343 -15.51 16.95 30.73
CA ILE F 343 -14.33 17.77 30.49
C ILE F 343 -13.16 17.20 31.28
N GLN F 344 -11.99 17.21 30.66
CA GLN F 344 -10.75 17.00 31.37
C GLN F 344 -9.76 18.07 30.93
N ILE F 345 -9.12 18.71 31.93
CA ILE F 345 -8.32 19.90 31.72
C ILE F 345 -7.24 19.91 32.80
N ILE F 346 -5.98 20.03 32.37
CA ILE F 346 -4.84 19.67 33.21
C ILE F 346 -4.42 20.86 34.07
N THR F 347 -4.24 20.60 35.37
CA THR F 347 -3.85 21.64 36.31
C THR F 347 -2.52 22.29 35.93
N GLY F 348 -1.64 21.55 35.28
CA GLY F 348 -0.30 22.05 35.00
C GLY F 348 0.60 21.82 36.19
N TYR F 349 0.19 22.33 37.35
CA TYR F 349 0.87 22.01 38.59
C TYR F 349 0.50 20.62 39.08
N ILE F 350 -0.73 20.19 38.80
CA ILE F 350 -1.11 18.81 39.06
C ILE F 350 -0.97 18.60 40.56
N GLY F 351 -1.27 19.65 41.33
CA GLY F 351 -0.89 19.69 42.73
C GLY F 351 -0.05 20.91 43.05
N ASP F 352 1.24 20.68 43.31
CA ASP F 352 2.14 21.74 43.74
C ASP F 352 3.49 21.63 43.04
N THR F 353 3.52 21.05 41.84
CA THR F 353 4.78 20.88 41.10
C THR F 353 4.46 20.99 39.60
N PHE F 354 4.63 22.18 39.06
CA PHE F 354 4.35 22.40 37.64
C PHE F 354 5.19 21.45 36.80
N TYR F 355 4.52 20.62 36.02
CA TYR F 355 5.17 19.69 35.11
C TYR F 355 5.05 20.27 33.70
N PHE F 356 6.20 20.64 33.14
CA PHE F 356 6.24 21.39 31.89
C PHE F 356 5.84 20.56 30.68
N LYS F 357 5.67 19.25 30.84
CA LYS F 357 5.27 18.43 29.70
C LYS F 357 3.80 18.61 29.36
N GLU F 358 2.92 18.22 30.27
CA GLU F 358 1.50 18.22 29.95
C GLU F 358 0.99 19.63 29.71
N PHE F 359 1.76 20.64 30.07
CA PHE F 359 1.37 22.00 29.74
C PHE F 359 1.64 22.35 28.29
N ASN F 360 2.27 21.45 27.53
CA ASN F 360 2.35 21.60 26.08
C ASN F 360 2.22 20.26 25.38
N LYS F 361 1.27 19.44 25.82
CA LYS F 361 1.02 18.18 25.12
C LYS F 361 0.12 18.43 23.92
N GLU F 362 0.41 17.74 22.83
CA GLU F 362 -0.50 17.66 21.70
C GLU F 362 -1.20 16.31 21.70
N PRO F 363 -2.30 16.19 22.42
CA PRO F 363 -3.07 14.94 22.38
C PRO F 363 -3.59 14.65 20.99
N LYS F 364 -3.63 13.37 20.64
CA LYS F 364 -4.23 12.93 19.39
C LYS F 364 -5.66 12.49 19.64
N ARG F 365 -6.40 12.31 18.54
CA ARG F 365 -7.84 12.44 18.55
C ARG F 365 -8.51 11.23 17.91
N ILE F 366 -9.85 11.21 18.00
CA ILE F 366 -10.69 10.18 17.41
C ILE F 366 -11.71 10.86 16.50
N ILE F 367 -11.85 10.36 15.28
CA ILE F 367 -12.81 10.95 14.36
C ILE F 367 -14.19 10.32 14.54
N LYS F 368 -14.22 9.01 14.81
CA LYS F 368 -15.50 8.29 14.82
C LYS F 368 -16.33 8.55 16.07
N ASP F 369 -15.69 8.84 17.21
CA ASP F 369 -16.38 8.89 18.49
C ASP F 369 -16.66 10.31 18.98
N ASN F 370 -16.16 11.34 18.30
CA ASN F 370 -16.32 12.72 18.74
C ASN F 370 -15.74 12.91 20.15
N TRP F 371 -14.43 12.68 20.26
CA TRP F 371 -13.75 12.76 21.55
C TRP F 371 -12.34 13.34 21.41
N VAL F 372 -11.93 14.06 22.44
CA VAL F 372 -10.56 14.52 22.62
C VAL F 372 -10.18 14.30 24.08
N GLU F 373 -8.95 13.87 24.33
CA GLU F 373 -8.63 13.37 25.67
C GLU F 373 -8.32 14.47 26.68
N PHE F 374 -8.18 15.72 26.24
CA PHE F 374 -8.43 16.84 27.13
C PHE F 374 -8.63 18.11 26.31
N LYS F 375 -9.80 18.71 26.47
CA LYS F 375 -10.18 19.81 25.60
C LYS F 375 -9.20 20.97 25.72
N ALA F 376 -8.73 21.27 26.92
CA ALA F 376 -7.69 22.27 27.13
C ALA F 376 -6.97 21.93 28.43
N ARG F 377 -6.20 22.89 28.95
CA ARG F 377 -5.46 22.67 30.18
C ARG F 377 -5.38 23.99 30.94
N ILE F 378 -4.91 23.91 32.18
CA ILE F 378 -4.91 25.06 33.08
C ILE F 378 -3.57 25.09 33.82
N SER F 379 -3.23 26.27 34.31
CA SER F 379 -1.95 26.52 34.97
C SER F 379 -2.07 27.83 35.74
N CYS F 380 -0.94 28.35 36.20
CA CYS F 380 -0.89 29.57 36.98
C CYS F 380 0.28 30.43 36.52
N ASN F 381 0.15 31.73 36.75
CA ASN F 381 1.15 32.72 36.32
C ASN F 381 2.31 32.76 37.30
N SER F 382 3.10 31.69 37.28
CA SER F 382 4.13 31.49 38.28
C SER F 382 5.50 31.78 37.69
N ASP F 383 6.44 32.07 38.59
CA ASP F 383 7.81 32.37 38.16
C ASP F 383 8.44 31.18 37.46
N GLU F 384 8.25 29.98 38.00
CA GLU F 384 8.77 28.77 37.37
C GLU F 384 7.78 28.19 36.37
N VAL F 385 7.24 29.06 35.52
CA VAL F 385 6.45 28.65 34.38
C VAL F 385 6.83 29.53 33.19
N ILE F 386 7.67 29.01 32.32
CA ILE F 386 8.00 29.66 31.06
C ILE F 386 7.71 28.62 29.97
N LYS F 387 6.48 28.59 29.50
CA LYS F 387 6.07 27.58 28.55
C LYS F 387 5.07 28.05 27.51
N CYS F 388 4.62 29.30 27.55
CA CYS F 388 3.80 29.77 26.43
C CYS F 388 4.63 29.81 25.16
N ILE F 389 5.96 29.79 25.27
CA ILE F 389 6.80 30.26 24.19
C ILE F 389 7.71 29.15 23.67
N ASN F 390 7.31 27.88 23.85
CA ASN F 390 8.18 26.76 23.54
C ASN F 390 7.56 25.56 22.84
N TYR F 391 6.24 25.45 22.70
CA TYR F 391 5.69 24.32 21.93
C TYR F 391 4.21 24.51 21.61
N LYS F 392 3.86 24.41 20.33
CA LYS F 392 2.58 24.92 19.86
C LYS F 392 2.34 26.20 20.65
N LYS F 393 3.38 27.01 20.67
CA LYS F 393 3.52 28.11 21.62
C LYS F 393 2.61 29.27 21.27
N CYS F 394 1.37 29.19 21.74
CA CYS F 394 0.47 30.33 21.78
C CYS F 394 0.67 31.24 20.57
N ASP F 395 0.44 30.70 19.37
CA ASP F 395 0.48 31.53 18.17
C ASP F 395 -0.27 32.83 18.35
N ASP F 396 -1.22 32.87 19.28
CA ASP F 396 -1.71 34.11 19.86
C ASP F 396 -1.62 33.99 21.38
N LEU F 397 -1.00 34.97 22.02
CA LEU F 397 -0.85 34.99 23.47
C LEU F 397 -1.88 35.94 24.05
N TYR F 398 -2.69 35.43 24.98
CA TYR F 398 -3.80 36.17 25.55
C TYR F 398 -3.59 36.31 27.04
N ILE F 399 -3.71 37.53 27.55
CA ILE F 399 -3.50 37.82 28.96
C ILE F 399 -4.61 38.76 29.43
N VAL F 400 -4.71 38.88 30.75
CA VAL F 400 -5.75 39.69 31.40
C VAL F 400 -5.07 40.64 32.38
N GLY F 401 -5.13 41.93 32.08
CA GLY F 401 -4.86 42.96 33.07
C GLY F 401 -3.40 43.12 33.46
N GLY F 402 -2.80 42.04 33.99
CA GLY F 402 -1.43 42.11 34.47
C GLY F 402 -0.81 40.73 34.47
N VAL F 403 0.52 40.71 34.51
CA VAL F 403 1.25 39.47 34.33
C VAL F 403 2.70 39.57 34.76
N ASP F 404 3.24 38.47 35.30
CA ASP F 404 4.68 38.29 35.42
C ASP F 404 5.28 38.13 34.02
N VAL F 405 5.95 39.16 33.53
CA VAL F 405 6.38 39.21 32.14
C VAL F 405 7.79 38.66 31.99
N SER F 406 8.62 38.87 32.99
CA SER F 406 10.03 38.53 32.88
C SER F 406 10.23 37.01 32.90
N LEU F 407 11.39 36.59 32.41
CA LEU F 407 11.88 35.24 32.35
C LEU F 407 11.28 34.43 31.18
N LEU F 408 10.34 35.00 30.43
CA LEU F 408 9.79 34.31 29.27
C LEU F 408 10.73 34.44 28.07
N ASP F 409 10.56 33.52 27.11
CA ASP F 409 11.38 33.57 25.89
C ASP F 409 11.04 34.81 25.07
N THR F 410 9.76 35.10 24.89
CA THR F 410 9.29 36.32 24.23
C THR F 410 9.93 36.48 22.84
N ALA F 411 9.53 35.58 21.95
CA ALA F 411 10.10 35.56 20.60
C ALA F 411 9.05 35.09 19.60
N ASP F 412 8.67 35.99 18.68
CA ASP F 412 7.72 35.67 17.60
C ASP F 412 6.50 34.91 18.13
N VAL F 413 5.72 35.57 18.98
CA VAL F 413 4.48 35.02 19.52
C VAL F 413 3.48 36.16 19.51
N ASN F 414 2.41 36.01 18.73
CA ASN F 414 1.51 37.15 18.48
C ASN F 414 0.77 37.45 19.77
N ILE F 415 1.43 38.25 20.61
CA ILE F 415 0.96 38.49 21.97
C ILE F 415 0.01 39.68 21.99
N GLU F 416 -1.14 39.48 22.63
CA GLU F 416 -2.10 40.54 22.85
C GLU F 416 -2.78 40.26 24.20
N ASN F 417 -3.72 41.13 24.58
CA ASN F 417 -4.36 41.07 25.89
C ASN F 417 -5.87 41.20 25.72
N LEU F 418 -6.58 40.92 26.81
CA LEU F 418 -7.97 41.34 26.97
C LEU F 418 -8.18 41.61 28.44
N GLU F 419 -8.47 42.86 28.79
CA GLU F 419 -8.62 43.26 30.18
C GLU F 419 -10.09 43.10 30.59
N ILE F 420 -10.33 42.25 31.59
CA ILE F 420 -11.68 41.83 31.96
C ILE F 420 -11.76 41.64 33.46
N ASN F 421 -13.01 41.66 33.95
CA ASN F 421 -13.30 41.34 35.34
C ASN F 421 -14.13 40.09 35.51
N ASN F 422 -14.68 39.53 34.43
CA ASN F 422 -15.51 38.35 34.49
C ASN F 422 -15.20 37.45 33.30
N PHE F 423 -15.51 36.17 33.46
CA PHE F 423 -15.31 35.20 32.39
C PHE F 423 -16.44 35.21 31.36
N ARG F 424 -17.59 35.80 31.69
CA ARG F 424 -18.64 35.95 30.70
C ARG F 424 -18.18 36.85 29.56
N GLU F 425 -17.59 38.00 29.89
CA GLU F 425 -16.99 38.84 28.87
C GLU F 425 -15.77 38.18 28.24
N LEU F 426 -15.11 37.26 28.95
CA LEU F 426 -14.03 36.51 28.32
C LEU F 426 -14.56 35.63 27.20
N LYS F 427 -15.69 34.95 27.43
CA LYS F 427 -16.35 34.23 26.34
C LYS F 427 -16.74 35.19 25.22
N TYR F 428 -17.37 36.32 25.60
CA TYR F 428 -17.80 37.29 24.59
C TYR F 428 -16.64 37.79 23.76
N LEU F 429 -15.43 37.84 24.32
CA LEU F 429 -14.28 38.34 23.59
C LEU F 429 -13.64 37.25 22.73
N LEU F 430 -13.57 36.03 23.25
CA LEU F 430 -13.05 34.90 22.49
C LEU F 430 -14.02 34.42 21.41
N SER F 431 -15.16 35.08 21.25
CA SER F 431 -16.15 34.73 20.23
C SER F 431 -16.79 33.37 20.50
N MET F 432 -17.30 33.20 21.73
CA MET F 432 -18.16 32.05 22.04
C MET F 432 -19.34 32.38 22.92
N LEU F 433 -19.51 33.62 23.37
CA LEU F 433 -20.73 34.07 24.03
C LEU F 433 -21.25 35.29 23.30
N LYS F 434 -22.54 35.27 22.96
CA LYS F 434 -23.09 36.31 22.10
C LYS F 434 -23.02 37.68 22.76
N GLU F 435 -23.31 37.76 24.05
CA GLU F 435 -23.39 39.02 24.76
C GLU F 435 -22.47 39.01 25.98
N ILE F 436 -22.47 40.12 26.71
CA ILE F 436 -21.64 40.34 27.90
C ILE F 436 -20.25 39.72 27.74
N MET G 1 10.87 -12.69 62.13
CA MET G 1 10.00 -12.46 63.32
C MET G 1 8.88 -11.48 62.99
N MET G 2 7.76 -12.02 62.53
CA MET G 2 6.62 -11.18 62.15
C MET G 2 6.01 -10.53 63.38
N SER G 3 5.39 -9.37 63.16
CA SER G 3 4.73 -8.65 64.24
C SER G 3 3.55 -9.46 64.77
N ARG G 4 3.32 -9.35 66.08
CA ARG G 4 2.25 -10.12 66.71
C ARG G 4 0.88 -9.66 66.26
N GLU G 5 0.74 -8.39 65.87
CA GLU G 5 -0.54 -7.90 65.36
C GLU G 5 -0.90 -8.59 64.04
N ALA G 6 0.10 -8.85 63.20
CA ALA G 6 -0.16 -9.61 61.98
C ALA G 6 -0.68 -11.00 62.29
N ASP G 7 -0.06 -11.67 63.28
CA ASP G 7 -0.54 -12.98 63.69
C ASP G 7 -1.96 -12.90 64.24
N HIS G 8 -2.27 -11.83 64.97
CA HIS G 8 -3.63 -11.64 65.45
C HIS G 8 -4.60 -11.52 64.29
N THR G 9 -4.21 -10.80 63.23
CA THR G 9 -5.05 -10.70 62.04
C THR G 9 -5.25 -12.06 61.38
N ILE G 10 -4.19 -12.86 61.27
CA ILE G 10 -4.33 -14.19 60.69
C ILE G 10 -5.27 -15.04 61.52
N LYS G 11 -5.16 -14.95 62.85
CA LYS G 11 -6.05 -15.74 63.71
C LYS G 11 -7.49 -15.24 63.61
N GLY G 12 -7.70 -13.94 63.44
CA GLY G 12 -9.03 -13.44 63.16
C GLY G 12 -9.58 -14.01 61.87
N PHE G 13 -8.73 -14.13 60.85
CA PHE G 13 -9.16 -14.78 59.61
C PHE G 13 -9.43 -16.26 59.83
N LEU G 14 -8.75 -16.90 60.78
CA LEU G 14 -9.07 -18.28 61.13
C LEU G 14 -10.47 -18.37 61.75
N TYR G 15 -10.78 -17.45 62.66
CA TYR G 15 -12.14 -17.39 63.18
C TYR G 15 -13.14 -17.15 62.07
N GLN G 16 -12.77 -16.32 61.09
CA GLN G 16 -13.63 -16.13 59.93
C GLN G 16 -13.78 -17.44 59.16
N PHE G 17 -12.72 -18.23 59.07
CA PHE G 17 -12.83 -19.55 58.46
C PHE G 17 -13.91 -20.36 59.15
N ASN G 18 -13.83 -20.46 60.48
CA ASN G 18 -14.79 -21.28 61.22
C ASN G 18 -16.21 -20.75 61.06
N LYS G 19 -16.39 -19.43 61.21
CA LYS G 19 -17.72 -18.85 61.11
C LYS G 19 -18.30 -19.01 59.72
N THR G 20 -17.47 -18.84 58.69
CA THR G 20 -17.92 -19.04 57.32
C THR G 20 -18.34 -20.48 57.08
N LEU G 21 -17.54 -21.44 57.57
CA LEU G 21 -17.93 -22.84 57.41
C LEU G 21 -19.26 -23.12 58.09
N ASN G 22 -19.44 -22.61 59.31
CA ASN G 22 -20.70 -22.81 60.02
C ASN G 22 -21.87 -22.20 59.25
N SER G 23 -21.70 -20.97 58.75
CA SER G 23 -22.77 -20.30 58.03
C SER G 23 -23.12 -21.07 56.75
N ILE G 24 -22.11 -21.53 56.01
CA ILE G 24 -22.36 -22.27 54.78
C ILE G 24 -23.09 -23.57 55.08
N LEU G 25 -22.67 -24.27 56.14
CA LEU G 25 -23.36 -25.49 56.53
C LEU G 25 -24.81 -25.20 56.90
N SER G 26 -25.05 -24.13 57.64
CA SER G 26 -26.42 -23.79 58.03
C SER G 26 -27.23 -23.33 56.81
N SER G 27 -26.68 -22.42 56.02
CA SER G 27 -27.36 -21.87 54.85
C SER G 27 -28.69 -21.22 55.22
N THR G 28 -28.78 -20.70 56.44
CA THR G 28 -30.00 -20.05 56.94
C THR G 28 -29.57 -18.88 57.83
N ASP G 29 -30.52 -18.36 58.59
CA ASP G 29 -30.22 -17.26 59.51
C ASP G 29 -29.11 -17.66 60.46
N GLN G 30 -28.14 -16.76 60.65
CA GLN G 30 -26.95 -17.02 61.44
C GLN G 30 -26.71 -15.86 62.39
N ASP G 31 -25.95 -16.13 63.45
CA ASP G 31 -25.64 -15.13 64.45
C ASP G 31 -25.07 -13.87 63.81
N GLU G 32 -25.18 -12.74 64.50
CA GLU G 32 -24.74 -11.45 63.97
C GLU G 32 -23.23 -11.32 64.18
N ILE G 33 -22.49 -11.19 63.08
CA ILE G 33 -21.04 -11.03 63.14
C ILE G 33 -20.71 -9.55 63.01
N GLN G 34 -19.96 -9.03 63.98
CA GLN G 34 -19.58 -7.62 64.01
C GLN G 34 -18.06 -7.52 64.05
N ILE G 35 -17.54 -6.49 63.40
CA ILE G 35 -16.10 -6.24 63.36
C ILE G 35 -15.61 -5.92 64.76
N GLU G 36 -14.29 -5.97 64.95
CA GLU G 36 -13.67 -5.64 66.23
C GLU G 36 -12.64 -4.53 65.98
N GLY G 37 -12.78 -3.44 66.72
CA GLY G 37 -11.87 -2.31 66.59
C GLY G 37 -10.72 -2.38 67.58
N ILE G 38 -9.97 -3.47 67.55
CA ILE G 38 -8.86 -3.68 68.49
C ILE G 38 -7.51 -3.69 67.80
N ILE G 39 -7.46 -3.62 66.47
CA ILE G 39 -6.18 -3.61 65.77
C ILE G 39 -5.39 -2.35 66.12
N GLU G 40 -6.07 -1.21 66.20
CA GLU G 40 -5.51 0.01 66.78
C GLU G 40 -6.63 0.76 67.50
N ASP G 41 -6.26 1.87 68.14
CA ASP G 41 -7.22 2.68 68.89
C ASP G 41 -7.99 3.60 67.95
N ILE G 42 -8.76 2.98 67.07
CA ILE G 42 -9.57 3.75 66.11
C ILE G 42 -10.66 4.53 66.84
N ASP G 43 -11.20 3.95 67.92
CA ASP G 43 -12.27 4.59 68.70
C ASP G 43 -13.50 4.86 67.82
N ILE G 44 -14.09 3.78 67.33
CA ILE G 44 -15.27 3.89 66.49
C ILE G 44 -16.47 4.41 67.29
N LYS G 45 -16.43 4.28 68.61
CA LYS G 45 -17.53 4.72 69.48
C LYS G 45 -18.80 3.91 69.20
N ASN G 46 -18.65 2.59 69.24
CA ASN G 46 -19.76 1.65 69.09
C ASN G 46 -19.83 0.73 70.30
N SER G 47 -21.04 0.29 70.63
CA SER G 47 -21.30 -0.47 71.85
C SER G 47 -21.39 -1.97 71.63
N ASN G 48 -21.96 -2.41 70.50
CA ASN G 48 -22.20 -3.83 70.26
C ASN G 48 -20.97 -4.45 69.61
N ILE G 49 -20.04 -4.90 70.45
CA ILE G 49 -18.87 -5.65 70.00
C ILE G 49 -18.72 -6.86 70.91
N THR G 50 -18.57 -8.04 70.31
CA THR G 50 -18.46 -9.27 71.08
C THR G 50 -17.27 -10.11 70.65
N ASN G 51 -16.87 -10.03 69.38
CA ASN G 51 -15.82 -10.90 68.85
C ASN G 51 -14.50 -10.68 69.57
N ALA G 52 -13.90 -9.50 69.41
CA ALA G 52 -12.64 -9.15 70.05
C ALA G 52 -11.64 -10.30 69.92
N ILE G 53 -11.23 -10.54 68.68
CA ILE G 53 -10.34 -11.65 68.34
C ILE G 53 -8.93 -11.10 68.22
N GLN G 54 -8.06 -11.50 69.15
CA GLN G 54 -6.66 -11.10 69.17
C GLN G 54 -5.77 -12.29 69.50
N CYS G 55 -6.05 -13.42 68.87
CA CYS G 55 -5.38 -14.68 69.20
C CYS G 55 -3.98 -14.74 68.61
N LYS G 56 -3.21 -15.73 69.06
CA LYS G 56 -1.89 -15.99 68.52
C LYS G 56 -1.55 -17.46 68.80
N TYR G 57 -0.67 -18.01 67.98
CA TYR G 57 -0.26 -19.41 68.09
C TYR G 57 1.26 -19.51 68.11
N HIS G 58 1.74 -20.64 68.61
CA HIS G 58 3.16 -20.91 68.71
C HIS G 58 3.41 -22.35 68.24
N GLU G 59 4.63 -22.83 68.45
CA GLU G 59 4.98 -24.18 68.02
C GLU G 59 4.26 -25.22 68.86
N SER G 60 3.89 -26.33 68.23
CA SER G 60 3.23 -27.44 68.88
C SER G 60 3.97 -28.73 68.54
N LYS G 61 4.18 -29.57 69.55
CA LYS G 61 4.93 -30.81 69.37
C LYS G 61 4.04 -32.04 69.59
N VAL G 62 3.43 -32.18 70.77
CA VAL G 62 2.49 -33.26 71.04
C VAL G 62 1.51 -32.79 72.10
N ARG G 63 0.23 -33.07 71.88
CA ARG G 63 -0.85 -32.80 72.84
C ARG G 63 -0.80 -31.31 73.19
N HIS G 64 -0.96 -30.94 74.46
CA HIS G 64 -0.98 -29.55 74.88
C HIS G 64 -0.09 -29.38 76.11
N ASN G 65 0.40 -28.16 76.30
CA ASN G 65 1.24 -27.84 77.43
C ASN G 65 0.83 -26.48 77.99
N LEU G 66 1.15 -26.27 79.27
CA LEU G 66 0.85 -24.99 79.91
C LEU G 66 1.58 -23.83 79.24
N SER G 67 2.65 -24.11 78.50
CA SER G 67 3.42 -23.09 77.79
C SER G 67 2.90 -22.85 76.38
N ASP G 68 1.62 -23.14 76.12
CA ASP G 68 1.02 -22.92 74.82
C ASP G 68 0.22 -21.62 74.75
N ILE G 69 0.20 -20.84 75.83
CA ILE G 69 -0.55 -19.58 75.89
C ILE G 69 0.38 -18.52 76.48
N TYR G 70 1.01 -17.74 75.61
CA TYR G 70 2.01 -16.74 76.00
C TYR G 70 1.32 -15.37 76.18
N LYS G 71 2.13 -14.31 76.18
CA LYS G 71 1.74 -12.92 76.42
C LYS G 71 0.36 -12.56 75.87
N PRO G 72 -0.01 -12.96 74.64
CA PRO G 72 -1.35 -12.62 74.13
C PRO G 72 -2.45 -12.72 75.17
N ILE G 73 -2.35 -13.69 76.09
CA ILE G 73 -3.29 -13.75 77.20
C ILE G 73 -3.23 -12.47 78.00
N LEU G 74 -2.01 -12.01 78.32
CA LEU G 74 -1.85 -10.78 79.09
C LEU G 74 -2.30 -9.57 78.29
N GLN G 75 -2.05 -9.57 76.97
CA GLN G 75 -2.53 -8.47 76.15
C GLN G 75 -4.04 -8.36 76.20
N MET G 76 -4.73 -9.49 76.08
CA MET G 76 -6.18 -9.48 76.18
C MET G 76 -6.64 -9.08 77.59
N LEU G 77 -5.90 -9.52 78.61
CA LEU G 77 -6.25 -9.14 79.98
C LEU G 77 -6.18 -7.63 80.16
N LEU G 78 -5.13 -6.99 79.65
CA LEU G 78 -5.07 -5.53 79.70
C LEU G 78 -6.18 -4.90 78.86
N HIS G 79 -6.44 -5.46 77.67
CA HIS G 79 -7.50 -4.93 76.84
C HIS G 79 -8.86 -5.00 77.53
N PHE G 80 -9.04 -5.93 78.48
CA PHE G 80 -10.27 -5.94 79.26
C PHE G 80 -10.46 -4.64 80.02
N LEU G 81 -9.37 -4.01 80.43
CA LEU G 81 -9.42 -2.72 81.13
C LEU G 81 -9.38 -1.57 80.13
N GLU G 82 -10.40 -1.54 79.28
CA GLU G 82 -10.50 -0.50 78.27
C GLU G 82 -10.82 0.85 78.90
N ASN G 83 -10.45 1.92 78.19
CA ASN G 83 -10.67 3.26 78.71
C ASN G 83 -12.15 3.55 78.90
N ASP G 84 -12.99 3.12 77.95
CA ASP G 84 -14.43 3.36 78.00
C ASP G 84 -15.18 2.24 78.70
N SER G 85 -14.50 1.19 79.14
CA SER G 85 -15.14 0.06 79.82
C SER G 85 -16.24 -0.54 78.95
N LEU G 86 -15.83 -1.03 77.78
CA LEU G 86 -16.72 -1.63 76.81
C LEU G 86 -16.64 -3.16 76.88
N ASN G 87 -17.71 -3.81 76.42
CA ASN G 87 -17.75 -5.26 76.36
C ASN G 87 -16.73 -5.73 75.35
N ILE G 88 -15.60 -6.24 75.84
CA ILE G 88 -14.47 -6.60 74.99
C ILE G 88 -14.05 -8.04 75.28
N LYS G 89 -15.02 -8.87 75.67
CA LYS G 89 -14.70 -10.25 76.04
C LYS G 89 -13.92 -10.93 74.92
N TYR G 90 -12.79 -11.54 75.29
CA TYR G 90 -11.86 -12.11 74.34
C TYR G 90 -12.04 -13.62 74.26
N ALA G 91 -11.35 -14.24 73.30
CA ALA G 91 -11.45 -15.67 73.07
C ALA G 91 -10.12 -16.19 72.55
N LEU G 92 -9.92 -17.51 72.71
CA LEU G 92 -8.72 -18.17 72.21
C LEU G 92 -9.09 -19.52 71.62
N TYR G 93 -8.36 -19.92 70.59
CA TYR G 93 -8.66 -21.13 69.83
C TYR G 93 -7.35 -21.87 69.51
N ALA G 94 -6.49 -21.99 70.52
CA ALA G 94 -5.19 -22.61 70.31
C ALA G 94 -5.35 -24.03 69.78
N TYR G 95 -4.54 -24.38 68.78
CA TYR G 95 -4.61 -25.68 68.14
C TYR G 95 -3.67 -26.66 68.80
N PHE G 96 -4.16 -27.89 68.99
CA PHE G 96 -3.36 -28.98 69.53
C PHE G 96 -3.55 -30.20 68.64
N PRO G 97 -2.49 -30.99 68.42
CA PRO G 97 -2.65 -32.17 67.53
C PRO G 97 -3.75 -33.11 67.97
N ASN G 98 -3.91 -33.33 69.26
CA ASN G 98 -4.96 -34.23 69.76
C ASN G 98 -5.32 -33.81 71.19
N GLU G 99 -6.53 -33.28 71.35
CA GLU G 99 -6.99 -32.82 72.65
C GLU G 99 -8.51 -32.85 72.68
N GLN G 100 -9.07 -33.11 73.86
CA GLN G 100 -10.52 -33.06 74.01
C GLN G 100 -11.02 -31.65 73.78
N VAL G 101 -11.93 -31.50 72.82
CA VAL G 101 -12.41 -30.19 72.42
C VAL G 101 -13.37 -29.66 73.47
N GLY G 102 -13.10 -28.45 73.96
CA GLY G 102 -13.96 -27.85 74.96
C GLY G 102 -13.35 -26.55 75.46
N VAL G 103 -14.05 -25.96 76.43
CA VAL G 103 -13.61 -24.70 77.04
C VAL G 103 -12.67 -25.02 78.20
N LYS G 104 -11.79 -24.07 78.51
CA LYS G 104 -10.85 -24.23 79.60
C LYS G 104 -11.48 -23.99 80.97
N GLU G 105 -12.78 -23.73 81.03
CA GLU G 105 -13.48 -23.45 82.28
C GLU G 105 -12.99 -22.13 82.85
N VAL G 106 -13.81 -21.49 83.67
CA VAL G 106 -13.52 -20.17 84.20
C VAL G 106 -13.00 -20.24 85.63
N THR G 107 -12.42 -21.37 86.02
CA THR G 107 -11.90 -21.52 87.38
C THR G 107 -10.85 -20.45 87.66
N LYS G 108 -10.99 -19.81 88.82
CA LYS G 108 -10.06 -18.75 89.21
C LYS G 108 -8.66 -19.32 89.48
N SER G 109 -8.59 -20.50 90.08
CA SER G 109 -7.30 -21.08 90.44
C SER G 109 -6.45 -21.35 89.22
N GLN G 110 -7.05 -21.90 88.16
CA GLN G 110 -6.28 -22.19 86.95
C GLN G 110 -5.73 -20.91 86.32
N ILE G 111 -6.56 -19.87 86.25
CA ILE G 111 -6.11 -18.62 85.64
C ILE G 111 -4.99 -18.01 86.49
N GLU G 112 -5.12 -18.06 87.82
CA GLU G 112 -4.04 -17.57 88.66
C GLU G 112 -2.76 -18.37 88.45
N GLU G 113 -2.88 -19.69 88.32
CA GLU G 113 -1.70 -20.52 88.08
C GLU G 113 -1.02 -20.12 86.78
N ILE G 114 -1.80 -19.88 85.73
CA ILE G 114 -1.21 -19.43 84.46
C ILE G 114 -0.58 -18.05 84.63
N LEU G 115 -1.18 -17.20 85.46
CA LEU G 115 -0.66 -15.84 85.64
C LEU G 115 0.72 -15.84 86.28
N SER G 116 1.10 -16.91 86.98
CA SER G 116 2.40 -16.95 87.65
C SER G 116 3.50 -17.36 86.66
N SER G 117 3.62 -16.63 85.56
CA SER G 117 4.63 -16.97 84.57
C SER G 117 6.04 -16.60 85.04
N SER G 118 6.18 -15.41 85.63
CA SER G 118 7.47 -14.94 86.13
C SER G 118 8.49 -14.84 85.01
N ASN G 119 8.19 -14.00 84.02
CA ASN G 119 9.06 -13.73 82.89
C ASN G 119 9.24 -12.23 82.75
N PHE G 120 10.48 -11.80 82.50
CA PHE G 120 10.75 -10.37 82.40
C PHE G 120 9.99 -9.73 81.24
N ASP G 121 9.94 -10.39 80.09
CA ASP G 121 9.21 -9.81 78.97
C ASP G 121 7.78 -9.49 79.38
N TYR G 122 7.08 -10.46 79.96
CA TYR G 122 5.70 -10.25 80.37
C TYR G 122 5.60 -9.19 81.45
N ILE G 123 6.53 -9.22 82.42
CA ILE G 123 6.45 -8.30 83.55
C ILE G 123 6.64 -6.86 83.07
N SER G 124 7.61 -6.62 82.20
CA SER G 124 7.98 -5.27 81.78
C SER G 124 7.16 -4.77 80.60
N LYS G 125 6.42 -5.63 79.91
CA LYS G 125 5.61 -5.20 78.76
C LYS G 125 4.21 -4.79 79.18
N TYR G 126 3.45 -5.70 79.78
CA TYR G 126 2.05 -5.44 80.07
C TYR G 126 1.67 -5.69 81.52
N ILE G 127 2.27 -6.68 82.18
CA ILE G 127 1.86 -7.04 83.54
C ILE G 127 2.06 -5.85 84.48
N SER G 128 3.14 -5.09 84.28
CA SER G 128 3.40 -3.95 85.15
C SER G 128 2.22 -3.00 85.20
N LYS G 129 1.50 -2.84 84.10
CA LYS G 129 0.32 -1.97 84.10
C LYS G 129 -0.79 -2.54 84.97
N ILE G 130 -0.90 -3.87 85.05
CA ILE G 130 -1.96 -4.47 85.85
C ILE G 130 -1.81 -4.11 87.32
N LYS G 131 -0.58 -4.15 87.83
CA LYS G 131 -0.29 -3.97 89.26
C LYS G 131 0.55 -2.72 89.44
N PRO G 132 -0.06 -1.58 89.74
CA PRO G 132 0.73 -0.39 90.11
C PRO G 132 1.55 -0.66 91.36
N PRO G 133 2.88 -0.71 91.25
CA PRO G 133 3.69 -1.10 92.40
C PRO G 133 3.72 -0.02 93.48
N LYS G 134 3.78 -0.47 94.73
CA LYS G 134 4.03 0.45 95.83
C LYS G 134 5.45 0.99 95.80
N GLU G 135 6.37 0.29 95.16
CA GLU G 135 7.74 0.75 95.02
C GLU G 135 7.83 1.78 93.91
N GLN G 136 8.28 2.98 94.25
CA GLN G 136 8.47 4.04 93.24
C GLN G 136 9.75 3.86 92.45
N ILE G 137 10.65 2.97 92.88
CA ILE G 137 11.87 2.73 92.13
C ILE G 137 11.58 1.92 90.87
N ILE G 138 10.71 0.92 90.97
CA ILE G 138 10.39 0.09 89.80
C ILE G 138 9.74 0.93 88.73
N LYS G 139 8.78 1.77 89.11
CA LYS G 139 8.07 2.59 88.12
C LYS G 139 9.02 3.55 87.41
N GLU G 140 9.91 4.21 88.16
CA GLU G 140 10.82 5.15 87.53
C GLU G 140 11.86 4.43 86.69
N LEU G 141 12.29 3.24 87.10
CA LEU G 141 13.18 2.45 86.25
C LEU G 141 12.50 2.09 84.94
N LEU G 142 11.23 1.68 85.01
CA LEU G 142 10.49 1.34 83.79
C LEU G 142 10.30 2.56 82.90
N GLY G 143 10.03 3.73 83.49
CA GLY G 143 9.75 4.92 82.72
C GLY G 143 10.95 5.57 82.05
N LYS G 144 12.17 5.16 82.42
CA LYS G 144 13.38 5.70 81.82
C LYS G 144 13.80 4.98 80.55
N THR G 145 13.11 3.88 80.19
CA THR G 145 13.45 3.11 79.00
C THR G 145 14.91 2.66 79.03
N SER G 146 15.39 2.30 80.22
CA SER G 146 16.77 1.85 80.39
C SER G 146 16.83 1.00 81.64
N LYS G 147 17.02 -0.31 81.46
CA LYS G 147 17.06 -1.25 82.56
C LYS G 147 18.25 -2.19 82.39
N THR G 148 18.75 -2.70 83.51
CA THR G 148 19.90 -3.60 83.54
C THR G 148 19.50 -4.92 84.20
N THR G 149 20.46 -5.86 84.21
CA THR G 149 20.17 -7.18 84.76
C THR G 149 19.78 -7.11 86.22
N GLU G 150 20.46 -6.28 87.01
CA GLU G 150 20.13 -6.15 88.41
C GLU G 150 18.70 -5.66 88.59
N ASP G 151 18.26 -4.71 87.77
CA ASP G 151 16.89 -4.23 87.84
C ASP G 151 15.90 -5.36 87.54
N LYS G 152 16.19 -6.17 86.53
CA LYS G 152 15.29 -7.28 86.20
C LYS G 152 15.21 -8.27 87.35
N THR G 153 16.35 -8.60 87.95
CA THR G 153 16.36 -9.53 89.08
C THR G 153 15.58 -8.96 90.26
N ARG G 154 15.76 -7.66 90.53
CA ARG G 154 15.03 -7.04 91.63
C ARG G 154 13.53 -7.06 91.38
N ILE G 155 13.10 -6.76 90.16
CA ILE G 155 11.68 -6.78 89.84
C ILE G 155 11.11 -8.18 90.00
N LYS G 156 11.84 -9.19 89.50
CA LYS G 156 11.37 -10.57 89.63
C LYS G 156 11.27 -10.97 91.09
N LYS G 157 12.27 -10.62 91.91
CA LYS G 157 12.22 -10.96 93.32
C LYS G 157 11.04 -10.27 94.01
N TYR G 158 10.80 -8.99 93.68
CA TYR G 158 9.69 -8.28 94.29
C TYR G 158 8.35 -8.91 93.90
N TYR G 159 8.21 -9.30 92.63
CA TYR G 159 6.93 -9.84 92.16
C TYR G 159 6.75 -11.32 92.49
N GLU G 160 7.81 -12.01 92.95
CA GLU G 160 7.71 -13.41 93.30
C GLU G 160 7.39 -13.61 94.79
N THR G 161 8.26 -13.08 95.66
CA THR G 161 8.08 -13.24 97.09
C THR G 161 7.19 -12.17 97.70
N SER G 162 7.24 -10.95 97.18
CA SER G 162 6.43 -9.83 97.67
C SER G 162 5.26 -9.53 96.75
N LYS G 163 4.60 -10.58 96.24
CA LYS G 163 3.45 -10.44 95.37
C LYS G 163 2.54 -9.31 95.85
N LEU G 164 2.19 -8.42 94.93
CA LEU G 164 1.37 -7.25 95.23
C LEU G 164 -0.07 -7.46 94.79
N GLU G 165 -0.99 -6.88 95.54
CA GLU G 165 -2.42 -7.02 95.26
C GLU G 165 -2.83 -6.03 94.19
N THR G 166 -3.40 -6.54 93.09
CA THR G 166 -3.81 -5.69 91.99
C THR G 166 -5.04 -4.87 92.38
N ILE G 167 -5.24 -3.76 91.66
CA ILE G 167 -6.37 -2.87 91.93
C ILE G 167 -7.64 -3.28 91.20
N VAL G 168 -7.55 -4.21 90.26
CA VAL G 168 -8.72 -4.66 89.49
C VAL G 168 -9.40 -5.79 90.26
N ASP G 169 -10.72 -5.86 90.12
CA ASP G 169 -11.50 -6.90 90.78
C ASP G 169 -11.12 -8.25 90.18
N ILE G 170 -10.40 -9.07 90.95
CA ILE G 170 -9.91 -10.34 90.44
C ILE G 170 -11.07 -11.28 90.13
N ASP G 171 -12.10 -11.29 90.98
CA ASP G 171 -13.22 -12.20 90.78
C ASP G 171 -13.91 -11.94 89.45
N LYS G 172 -14.16 -10.67 89.13
CA LYS G 172 -14.81 -10.32 87.87
C LYS G 172 -13.84 -10.26 86.69
N PHE G 173 -12.54 -10.24 86.95
CA PHE G 173 -11.55 -10.09 85.89
C PHE G 173 -11.11 -11.42 85.29
N LEU G 174 -11.37 -12.54 85.97
CA LEU G 174 -10.96 -13.86 85.50
C LEU G 174 -12.11 -14.82 85.35
N ARG G 175 -13.35 -14.41 85.63
CA ARG G 175 -14.51 -15.30 85.57
C ARG G 175 -15.48 -14.92 84.47
N ASP G 176 -15.96 -13.68 84.45
CA ASP G 176 -16.93 -13.27 83.45
C ASP G 176 -16.28 -13.04 82.09
N HIS G 177 -15.04 -12.57 82.07
CA HIS G 177 -14.36 -12.24 80.83
C HIS G 177 -13.53 -13.41 80.32
N PHE G 178 -13.23 -13.37 79.03
CA PHE G 178 -12.35 -14.34 78.37
C PHE G 178 -13.01 -15.70 78.22
N VAL G 179 -12.79 -16.34 77.07
CA VAL G 179 -13.25 -17.69 76.80
C VAL G 179 -12.14 -18.43 76.06
N PHE G 180 -12.22 -19.76 76.07
CA PHE G 180 -11.21 -20.60 75.43
C PHE G 180 -11.88 -21.69 74.61
N GLU G 181 -11.15 -22.17 73.61
CA GLU G 181 -11.62 -23.28 72.77
C GLU G 181 -10.40 -24.00 72.21
N ILE G 182 -10.58 -25.28 71.89
CA ILE G 182 -9.51 -26.10 71.34
C ILE G 182 -9.45 -25.89 69.84
N GLY G 183 -8.25 -25.64 69.33
CA GLY G 183 -8.06 -25.34 67.93
C GLY G 183 -7.94 -26.59 67.06
N LEU G 184 -7.86 -26.35 65.75
CA LEU G 184 -7.74 -27.42 64.77
C LEU G 184 -6.66 -27.04 63.76
N SER G 185 -6.10 -28.07 63.12
CA SER G 185 -5.06 -27.86 62.12
C SER G 185 -5.67 -27.24 60.86
N TYR G 186 -5.39 -25.95 60.65
CA TYR G 186 -5.96 -25.26 59.50
C TYR G 186 -5.25 -25.61 58.20
N GLU G 187 -3.96 -25.96 58.26
CA GLU G 187 -3.23 -26.28 57.04
C GLU G 187 -3.88 -27.45 56.31
N GLU G 188 -4.27 -28.49 57.05
CA GLU G 188 -5.03 -29.58 56.45
C GLU G 188 -6.50 -29.23 56.28
N LEU G 189 -6.99 -28.19 56.96
CA LEU G 189 -8.37 -27.77 56.83
C LEU G 189 -8.62 -27.00 55.54
N MET G 190 -7.58 -26.43 54.92
CA MET G 190 -7.79 -25.73 53.66
C MET G 190 -8.38 -26.66 52.62
N ASN G 191 -7.79 -27.83 52.44
CA ASN G 191 -8.28 -28.78 51.44
C ASN G 191 -9.68 -29.27 51.78
N GLU G 192 -9.94 -29.51 53.07
CA GLU G 192 -11.27 -29.96 53.49
C GLU G 192 -12.31 -28.91 53.14
N THR G 193 -12.03 -27.64 53.43
CA THR G 193 -12.98 -26.58 53.10
C THR G 193 -13.15 -26.45 51.59
N LYS G 194 -12.06 -26.53 50.83
CA LYS G 194 -12.16 -26.44 49.38
C LYS G 194 -13.06 -27.54 48.84
N ASN G 195 -12.89 -28.76 49.34
CA ASN G 195 -13.74 -29.87 48.91
C ASN G 195 -15.19 -29.63 49.33
N LEU G 196 -15.40 -29.12 50.55
CA LEU G 196 -16.77 -28.94 51.06
C LEU G 196 -17.51 -27.90 50.24
N LEU G 197 -16.83 -26.86 49.77
CA LEU G 197 -17.48 -25.74 49.10
C LEU G 197 -17.69 -25.98 47.60
N MET G 198 -17.74 -27.24 47.18
CA MET G 198 -18.11 -27.59 45.81
C MET G 198 -19.49 -28.23 45.89
N LYS G 199 -20.52 -27.43 45.65
CA LYS G 199 -21.90 -27.90 45.68
C LYS G 199 -22.66 -27.57 44.40
N GLU G 200 -22.41 -26.41 43.80
CA GLU G 200 -23.02 -26.06 42.52
C GLU G 200 -22.18 -26.68 41.41
N GLY G 201 -22.46 -26.28 40.16
CA GLY G 201 -21.64 -26.72 39.05
C GLY G 201 -20.22 -26.21 39.19
N PHE G 202 -20.05 -24.89 39.09
CA PHE G 202 -18.75 -24.25 39.30
C PHE G 202 -17.70 -24.90 38.40
N SER G 203 -16.48 -25.05 38.89
CA SER G 203 -15.42 -25.68 38.12
C SER G 203 -14.42 -26.32 39.08
N LEU G 204 -13.60 -27.22 38.53
CA LEU G 204 -12.65 -27.96 39.36
C LEU G 204 -11.70 -27.02 40.08
N GLU G 205 -11.06 -26.11 39.34
CA GLU G 205 -10.13 -25.17 39.95
C GLU G 205 -10.83 -23.99 40.61
N ASP G 206 -12.04 -23.65 40.17
CA ASP G 206 -12.73 -22.50 40.73
C ASP G 206 -12.93 -22.66 42.23
N VAL G 207 -13.53 -23.78 42.66
CA VAL G 207 -13.78 -23.98 44.08
C VAL G 207 -12.46 -24.01 44.84
N LYS G 208 -11.45 -24.71 44.30
CA LYS G 208 -10.16 -24.82 44.95
C LYS G 208 -9.43 -23.49 45.02
N ASP G 209 -9.86 -22.47 44.26
CA ASP G 209 -9.19 -21.17 44.26
C ASP G 209 -10.13 -19.98 44.36
N LEU G 210 -11.43 -20.12 44.06
CA LEU G 210 -12.32 -18.98 43.92
C LEU G 210 -13.22 -18.78 45.14
N PHE G 211 -14.06 -19.78 45.46
CA PHE G 211 -15.21 -19.56 46.32
C PHE G 211 -14.88 -19.54 47.80
N TYR G 212 -13.89 -20.33 48.23
CA TYR G 212 -13.57 -20.37 49.66
C TYR G 212 -13.19 -18.99 50.17
N PRO G 213 -12.21 -18.29 49.59
CA PRO G 213 -11.95 -16.93 50.03
C PRO G 213 -13.14 -16.00 49.88
N ASN G 214 -13.97 -16.18 48.84
CA ASN G 214 -15.18 -15.40 48.72
C ASN G 214 -15.98 -15.45 50.00
N SER G 215 -16.41 -16.65 50.38
CA SER G 215 -17.24 -16.77 51.58
C SER G 215 -16.49 -16.27 52.82
N ILE G 216 -15.21 -16.64 52.94
CA ILE G 216 -14.44 -16.25 54.12
C ILE G 216 -14.44 -14.74 54.29
N GLN G 217 -13.85 -14.04 53.33
CA GLN G 217 -13.65 -12.60 53.47
C GLN G 217 -14.92 -11.80 53.24
N TYR G 218 -16.01 -12.44 52.80
CA TYR G 218 -17.30 -11.74 52.88
C TYR G 218 -17.88 -11.84 54.27
N ILE G 219 -17.71 -12.98 54.94
CA ILE G 219 -18.08 -13.09 56.34
C ILE G 219 -17.16 -12.25 57.22
N ALA G 220 -16.00 -11.86 56.69
CA ALA G 220 -15.09 -11.01 57.45
C ALA G 220 -15.61 -9.58 57.55
N GLU G 221 -15.79 -8.92 56.41
CA GLU G 221 -16.23 -7.53 56.37
C GLU G 221 -17.72 -7.48 56.03
N LEU G 222 -18.56 -7.72 57.04
CA LEU G 222 -19.99 -7.50 56.87
C LEU G 222 -20.29 -6.01 56.71
N SER G 223 -19.68 -5.18 57.56
CA SER G 223 -19.85 -3.73 57.50
C SER G 223 -18.87 -3.10 58.47
N ILE G 224 -18.29 -1.96 58.06
CA ILE G 224 -17.36 -1.22 58.91
C ILE G 224 -17.71 0.25 59.01
N LEU G 225 -18.82 0.68 58.42
CA LEU G 225 -19.21 2.08 58.51
C LEU G 225 -19.65 2.42 59.94
N PRO G 226 -19.65 3.70 60.30
CA PRO G 226 -20.05 4.07 61.67
C PRO G 226 -21.42 3.54 62.07
N GLU G 227 -22.37 3.52 61.14
CA GLU G 227 -23.70 3.00 61.45
C GLU G 227 -23.60 1.52 61.82
N ALA G 228 -24.27 1.16 62.92
CA ALA G 228 -24.24 -0.21 63.44
C ALA G 228 -25.42 -1.04 62.97
N GLU G 229 -26.33 -0.47 62.17
CA GLU G 229 -27.49 -1.20 61.69
C GLU G 229 -27.24 -1.92 60.37
N LYS G 230 -26.05 -1.76 59.78
CA LYS G 230 -25.76 -2.42 58.51
C LYS G 230 -25.55 -3.93 58.68
N ARG G 231 -25.30 -4.40 59.91
CA ARG G 231 -25.09 -5.82 60.13
C ARG G 231 -26.36 -6.64 60.00
N ILE G 232 -27.52 -6.00 59.92
CA ILE G 232 -28.79 -6.73 59.87
C ILE G 232 -28.80 -7.60 58.63
N SER G 233 -28.89 -8.92 58.82
CA SER G 233 -28.97 -9.87 57.72
C SER G 233 -30.04 -10.90 58.04
N SER G 234 -30.92 -11.15 57.08
CA SER G 234 -32.00 -12.12 57.21
C SER G 234 -31.69 -13.34 56.35
N LYS G 235 -32.62 -14.29 56.35
CA LYS G 235 -32.44 -15.51 55.57
C LYS G 235 -32.30 -15.18 54.08
N ASN G 236 -33.17 -14.30 53.58
CA ASN G 236 -33.12 -13.96 52.16
C ASN G 236 -31.78 -13.33 51.79
N LYS G 237 -31.32 -12.37 52.61
CA LYS G 237 -30.05 -11.71 52.32
C LYS G 237 -28.89 -12.70 52.37
N LEU G 238 -28.88 -13.58 53.38
CA LEU G 238 -27.78 -14.53 53.50
C LEU G 238 -27.75 -15.50 52.33
N ILE G 239 -28.91 -16.02 51.92
CA ILE G 239 -28.92 -16.93 50.78
C ILE G 239 -28.53 -16.19 49.51
N ASP G 240 -28.95 -14.93 49.37
CA ASP G 240 -28.56 -14.15 48.21
C ASP G 240 -27.04 -13.98 48.14
N TYR G 241 -26.43 -13.69 49.29
CA TYR G 241 -24.97 -13.52 49.33
C TYR G 241 -24.25 -14.84 49.07
N LEU G 242 -24.79 -15.95 49.59
CA LEU G 242 -24.08 -17.22 49.53
C LEU G 242 -24.22 -17.89 48.16
N LYS G 243 -25.46 -18.09 47.71
CA LYS G 243 -25.71 -18.74 46.42
C LYS G 243 -26.73 -17.98 45.59
N GLY G 244 -26.98 -16.71 45.91
CA GLY G 244 -27.93 -15.94 45.14
C GLY G 244 -27.46 -15.64 43.73
N ASN G 245 -26.43 -14.80 43.62
CA ASN G 245 -25.86 -14.48 42.30
C ASN G 245 -24.69 -15.40 42.00
N LYS G 246 -23.62 -15.29 42.79
CA LYS G 246 -22.40 -16.08 42.58
C LYS G 246 -22.08 -16.19 41.10
N LYS G 247 -22.38 -15.12 40.35
CA LYS G 247 -22.30 -15.17 38.89
C LYS G 247 -20.91 -14.73 38.49
N THR G 248 -20.01 -15.71 38.38
CA THR G 248 -18.56 -15.64 38.20
C THR G 248 -17.89 -15.16 39.48
N ALA G 249 -18.71 -14.72 40.45
CA ALA G 249 -18.29 -14.53 41.83
C ALA G 249 -17.34 -13.35 42.02
N MET G 250 -16.80 -12.78 40.94
CA MET G 250 -16.00 -11.56 41.04
C MET G 250 -15.03 -11.67 42.21
N SER G 251 -14.02 -12.53 42.07
CA SER G 251 -13.30 -13.13 43.18
C SER G 251 -12.97 -12.13 44.29
N ARG G 252 -12.82 -12.65 45.52
CA ARG G 252 -12.73 -11.84 46.72
C ARG G 252 -11.36 -11.84 47.38
N TRP G 253 -10.79 -13.01 47.64
CA TRP G 253 -9.48 -13.09 48.27
C TRP G 253 -8.76 -14.32 47.75
N THR G 254 -7.48 -14.43 48.09
CA THR G 254 -6.63 -15.55 47.70
C THR G 254 -6.18 -16.38 48.88
N SER G 255 -5.49 -15.77 49.85
CA SER G 255 -4.98 -16.49 51.01
C SER G 255 -4.40 -15.50 52.01
N GLU G 256 -3.92 -16.00 53.13
CA GLU G 256 -3.29 -15.15 54.12
C GLU G 256 -1.83 -15.52 54.40
N VAL G 257 -1.53 -16.81 54.48
CA VAL G 257 -0.19 -17.29 54.82
C VAL G 257 0.33 -18.15 53.68
N LEU G 258 1.50 -17.79 53.16
CA LEU G 258 2.18 -18.57 52.12
C LEU G 258 3.54 -17.95 51.85
N THR G 259 4.49 -18.74 51.35
CA THR G 259 5.83 -18.25 51.09
C THR G 259 5.77 -16.99 50.23
N ARG G 260 6.24 -15.88 50.79
CA ARG G 260 6.21 -14.58 50.11
C ARG G 260 7.45 -14.46 49.23
N LYS G 261 7.24 -14.40 47.92
CA LYS G 261 8.29 -14.16 46.93
C LYS G 261 7.85 -13.11 45.94
N GLN G 262 7.39 -11.95 46.43
CA GLN G 262 6.74 -10.92 45.65
C GLN G 262 5.33 -11.37 45.27
N LEU G 263 4.88 -12.49 45.85
CA LEU G 263 3.62 -13.11 45.48
C LEU G 263 3.38 -14.33 46.35
N LEU G 264 2.12 -14.74 46.42
CA LEU G 264 1.70 -15.90 47.22
C LEU G 264 1.23 -17.06 46.34
N LYS G 265 1.60 -17.07 45.07
CA LYS G 265 1.34 -18.22 44.21
C LYS G 265 -0.13 -18.44 43.95
N VAL G 266 -0.44 -19.44 43.11
CA VAL G 266 -1.80 -19.91 42.88
C VAL G 266 -2.73 -18.78 42.46
N ARG G 267 -3.58 -18.30 43.38
CA ARG G 267 -4.70 -17.45 43.01
C ARG G 267 -4.27 -16.09 42.50
N LYS G 268 -2.99 -15.72 42.64
CA LYS G 268 -2.49 -14.53 41.96
C LYS G 268 -2.78 -14.62 40.47
N ASN G 269 -2.70 -15.83 39.90
CA ASN G 269 -2.78 -16.03 38.46
C ASN G 269 -4.19 -16.33 37.96
N GLN G 270 -5.10 -16.82 38.82
CA GLN G 270 -6.44 -17.13 38.34
C GLN G 270 -7.15 -15.90 37.81
N LEU G 271 -6.65 -14.71 38.13
CA LEU G 271 -7.32 -13.47 37.76
C LEU G 271 -7.26 -13.19 36.26
N VAL G 272 -6.47 -13.96 35.51
CA VAL G 272 -6.18 -13.58 34.13
C VAL G 272 -7.44 -13.46 33.28
N PRO G 273 -8.35 -14.44 33.25
CA PRO G 273 -9.48 -14.34 32.30
C PRO G 273 -10.28 -13.05 32.44
N SER G 274 -10.45 -12.56 33.66
CA SER G 274 -11.19 -11.32 33.85
C SER G 274 -10.41 -10.10 33.39
N LEU G 275 -9.13 -10.25 33.03
CA LEU G 275 -8.33 -9.16 32.46
C LEU G 275 -8.12 -9.31 30.96
N ASN G 276 -7.61 -10.46 30.53
CA ASN G 276 -7.24 -10.63 29.13
C ASN G 276 -8.42 -10.37 28.21
N ILE G 277 -9.65 -10.62 28.67
CA ILE G 277 -10.83 -10.25 27.91
C ILE G 277 -10.74 -8.75 27.67
N ASN G 278 -10.66 -8.35 26.42
CA ASN G 278 -10.29 -7.00 26.06
C ASN G 278 -11.44 -6.01 26.19
N SER G 279 -12.50 -6.37 26.92
CA SER G 279 -13.59 -5.44 27.22
C SER G 279 -13.94 -5.46 28.71
N ARG G 280 -13.04 -5.94 29.55
CA ARG G 280 -13.22 -5.91 31.00
C ARG G 280 -12.73 -4.57 31.53
N SER G 281 -13.51 -3.99 32.44
CA SER G 281 -13.29 -2.63 32.94
C SER G 281 -12.90 -2.64 34.41
N ARG G 282 -11.95 -3.51 34.77
CA ARG G 282 -11.59 -3.75 36.15
C ARG G 282 -11.50 -2.46 36.95
N TYR G 283 -11.99 -2.52 38.18
CA TYR G 283 -11.79 -1.47 39.18
C TYR G 283 -10.98 -2.04 40.32
N PHE G 284 -10.30 -1.15 41.05
CA PHE G 284 -9.43 -1.55 42.15
C PHE G 284 -9.65 -0.63 43.34
N ILE G 285 -9.45 -1.18 44.53
CA ILE G 285 -9.54 -0.42 45.77
C ILE G 285 -8.23 -0.60 46.53
N ILE G 286 -7.69 0.51 47.03
CA ILE G 286 -6.35 0.56 47.60
C ILE G 286 -6.39 1.37 48.89
N ASP G 287 -5.36 1.17 49.73
CA ASP G 287 -5.25 1.89 50.99
C ASP G 287 -3.83 2.36 51.25
N PRO G 288 -3.61 3.64 51.58
CA PRO G 288 -2.26 4.06 51.99
C PRO G 288 -1.69 3.22 53.11
N ASP G 289 -2.53 2.65 53.97
CA ASP G 289 -2.04 1.70 54.96
C ASP G 289 -1.41 0.49 54.29
N THR G 290 -1.77 0.21 53.04
CA THR G 290 -1.18 -0.88 52.27
C THR G 290 -0.09 -0.39 51.31
N ILE G 291 -0.40 0.61 50.48
CA ILE G 291 0.58 1.17 49.56
C ILE G 291 1.08 2.47 50.17
N ASP G 292 2.34 2.80 49.89
CA ASP G 292 3.00 3.93 50.54
C ASP G 292 3.61 4.85 49.48
N ASN G 293 3.99 6.04 49.93
CA ASN G 293 4.72 7.00 49.11
C ASN G 293 4.10 7.13 47.73
N PHE G 294 2.86 7.63 47.67
CA PHE G 294 2.17 7.84 46.41
C PHE G 294 2.71 9.04 45.65
N ASP G 295 3.84 9.60 46.05
CA ASP G 295 4.46 10.72 45.37
C ASP G 295 5.48 10.25 44.34
N ASP G 296 6.48 9.49 44.79
CA ASP G 296 7.55 9.02 43.91
C ASP G 296 7.61 7.51 43.80
N GLU G 297 7.37 6.77 44.90
CA GLU G 297 7.47 5.32 44.84
C GLU G 297 6.37 4.73 43.98
N PHE G 298 5.22 5.39 43.89
CA PHE G 298 4.07 4.87 43.16
C PHE G 298 4.01 5.56 41.80
N ILE G 299 3.02 5.15 40.99
CA ILE G 299 2.85 5.54 39.59
C ILE G 299 3.43 4.45 38.70
N LEU G 300 4.40 3.70 39.23
CA LEU G 300 4.89 2.54 38.49
C LEU G 300 3.78 1.52 38.27
N PHE G 301 2.96 1.29 39.29
CA PHE G 301 1.74 0.51 39.10
C PHE G 301 0.95 1.05 37.91
N VAL G 302 0.72 2.36 37.91
CA VAL G 302 -0.15 2.94 36.91
C VAL G 302 0.47 2.83 35.52
N LYS G 303 1.74 3.22 35.39
CA LYS G 303 2.36 3.17 34.07
C LYS G 303 2.38 1.75 33.55
N ASP G 304 2.77 0.79 34.39
CA ASP G 304 2.94 -0.58 33.91
C ASP G 304 1.59 -1.21 33.55
N TYR G 305 0.57 -1.02 34.39
CA TYR G 305 -0.76 -1.52 34.05
C TYR G 305 -1.28 -0.88 32.78
N LEU G 306 -1.38 0.46 32.79
CA LEU G 306 -1.98 1.19 31.69
C LEU G 306 -1.23 0.98 30.38
N ASP G 307 0.06 0.68 30.42
CA ASP G 307 0.82 0.40 29.20
C ASP G 307 0.55 -0.99 28.65
N LYS G 308 -0.28 -1.79 29.33
CA LYS G 308 -0.69 -3.10 28.84
C LYS G 308 -2.18 -3.17 28.57
N TYR G 309 -3.00 -2.57 29.43
CA TYR G 309 -4.46 -2.69 29.33
C TYR G 309 -5.12 -1.44 28.78
N ASN G 310 -4.33 -0.52 28.21
CA ASN G 310 -4.90 0.40 27.22
C ASN G 310 -3.89 0.71 26.12
N SER G 311 -2.95 -0.20 25.85
CA SER G 311 -1.95 0.05 24.82
C SER G 311 -2.46 -0.33 23.43
N LYS G 312 -2.75 -1.62 23.23
CA LYS G 312 -3.29 -2.06 21.95
C LYS G 312 -4.68 -1.48 21.78
N ILE G 313 -4.80 -0.48 20.91
CA ILE G 313 -6.03 0.27 20.82
C ILE G 313 -7.15 -0.58 20.24
N LYS G 314 -6.82 -1.45 19.28
CA LYS G 314 -7.84 -2.20 18.56
C LYS G 314 -8.65 -3.11 19.50
N LEU G 315 -7.96 -3.81 20.41
CA LEU G 315 -8.59 -4.85 21.21
C LEU G 315 -9.15 -4.32 22.53
N HIS G 316 -8.30 -3.71 23.34
CA HIS G 316 -8.71 -3.29 24.68
C HIS G 316 -9.64 -2.09 24.61
N THR G 317 -10.78 -2.18 25.31
CA THR G 317 -11.84 -1.18 25.21
C THR G 317 -12.34 -0.70 26.57
N GLU G 318 -11.54 -0.85 27.63
CA GLU G 318 -11.94 -0.39 28.94
C GLU G 318 -10.70 0.07 29.71
N THR G 319 -10.94 0.85 30.77
CA THR G 319 -9.88 1.50 31.52
C THR G 319 -9.94 1.09 32.98
N PRO G 320 -8.80 0.79 33.61
CA PRO G 320 -8.80 0.49 35.03
C PRO G 320 -9.11 1.72 35.87
N CYS G 321 -9.62 1.48 37.08
CA CYS G 321 -9.86 2.55 38.04
C CYS G 321 -9.38 2.12 39.42
N PHE G 322 -9.02 3.09 40.24
CA PHE G 322 -8.50 2.85 41.57
C PHE G 322 -9.43 3.47 42.61
N ILE G 323 -9.43 2.90 43.80
CA ILE G 323 -9.99 3.54 44.99
C ILE G 323 -8.89 3.47 46.05
N LEU G 324 -8.01 4.47 46.05
CA LEU G 324 -6.86 4.48 46.96
C LEU G 324 -7.09 5.55 48.03
N LYS G 325 -7.18 5.10 49.28
CA LYS G 325 -7.76 5.90 50.36
C LYS G 325 -6.80 6.99 50.90
N THR G 326 -5.76 7.37 50.13
CA THR G 326 -4.97 8.53 50.51
C THR G 326 -5.86 9.72 50.80
N ASP G 327 -5.37 10.62 51.65
CA ASP G 327 -6.20 11.72 52.15
C ASP G 327 -6.92 12.42 51.01
N VAL G 328 -8.07 13.01 51.33
CA VAL G 328 -8.91 13.63 50.32
C VAL G 328 -8.19 14.80 49.66
N ASN G 329 -7.13 15.30 50.29
CA ASN G 329 -6.39 16.47 49.80
C ASN G 329 -5.06 16.09 49.16
N ASN G 330 -4.30 15.20 49.81
CA ASN G 330 -2.99 14.82 49.29
C ASN G 330 -3.07 14.00 48.01
N LEU G 331 -4.27 13.60 47.60
CA LEU G 331 -4.42 12.87 46.35
C LEU G 331 -4.11 13.74 45.15
N SER G 332 -4.24 15.06 45.27
CA SER G 332 -3.83 15.99 44.21
C SER G 332 -2.36 16.35 44.29
N GLU G 333 -1.66 15.95 45.36
CA GLU G 333 -0.21 16.02 45.41
C GLU G 333 0.43 14.73 44.93
N TYR G 334 -0.25 13.60 45.07
CA TYR G 334 0.13 12.40 44.34
C TYR G 334 -0.28 12.48 42.89
N HIS G 335 -1.32 13.25 42.59
CA HIS G 335 -1.70 13.50 41.21
C HIS G 335 -0.55 14.14 40.44
N LYS G 336 0.32 14.89 41.12
CA LYS G 336 1.46 15.57 40.49
C LYS G 336 2.09 14.68 39.43
N ARG G 337 2.53 13.51 39.87
CA ARG G 337 3.30 12.60 39.03
C ARG G 337 2.44 11.90 37.98
N PHE G 338 1.16 11.65 38.28
CA PHE G 338 0.31 10.93 37.34
C PHE G 338 0.24 11.60 35.99
N VAL G 339 0.41 12.92 35.94
CA VAL G 339 0.19 13.70 34.73
C VAL G 339 1.50 14.32 34.31
N SER G 340 2.58 13.56 34.51
CA SER G 340 3.94 14.00 34.21
C SER G 340 4.51 13.38 32.94
N ARG G 341 4.28 12.09 32.72
CA ARG G 341 5.12 11.28 31.84
C ARG G 341 4.31 10.32 30.98
N ASN G 342 3.28 10.84 30.32
CA ASN G 342 2.53 10.12 29.28
C ASN G 342 1.64 9.01 29.85
N ILE G 343 1.11 9.22 31.06
CA ILE G 343 0.09 8.35 31.60
C ILE G 343 -1.09 9.19 32.07
N GLN G 344 -1.34 10.31 31.38
CA GLN G 344 -2.39 11.23 31.80
C GLN G 344 -3.66 10.50 32.15
N ILE G 345 -4.22 10.81 33.32
CA ILE G 345 -5.45 10.19 33.81
C ILE G 345 -6.17 11.15 34.76
N ILE G 346 -7.39 10.79 35.12
CA ILE G 346 -8.19 11.53 36.10
C ILE G 346 -8.17 10.78 37.42
N THR G 347 -8.69 11.42 38.47
CA THR G 347 -8.25 11.10 39.83
C THR G 347 -9.36 10.76 40.82
N GLY G 348 -10.63 11.02 40.49
CA GLY G 348 -11.72 10.69 41.38
C GLY G 348 -12.00 11.73 42.45
N TYR G 349 -11.26 11.77 43.56
CA TYR G 349 -11.38 12.92 44.45
C TYR G 349 -10.69 14.12 43.83
N ILE G 350 -9.52 13.90 43.24
CA ILE G 350 -8.84 14.92 42.45
C ILE G 350 -8.23 15.97 43.37
N GLY G 351 -8.56 15.91 44.66
CA GLY G 351 -8.03 16.86 45.62
C GLY G 351 -9.00 17.35 46.68
N ASP G 352 -10.27 17.55 46.36
CA ASP G 352 -11.21 17.69 47.46
C ASP G 352 -12.51 16.92 47.30
N THR G 353 -13.05 16.85 46.08
CA THR G 353 -14.42 16.39 45.87
C THR G 353 -14.44 15.25 44.87
N PHE G 354 -15.33 14.30 45.11
CA PHE G 354 -15.36 13.04 44.36
C PHE G 354 -16.45 13.13 43.29
N TYR G 355 -16.12 13.81 42.20
CA TYR G 355 -17.04 13.92 41.07
C TYR G 355 -17.06 12.58 40.36
N PHE G 356 -17.58 11.57 41.04
CA PHE G 356 -17.54 10.20 40.54
C PHE G 356 -18.25 10.05 39.20
N LYS G 357 -19.31 10.81 38.95
CA LYS G 357 -20.13 10.52 37.79
C LYS G 357 -19.36 10.68 36.47
N GLU G 358 -18.12 11.15 36.51
CA GLU G 358 -17.17 10.95 35.43
C GLU G 358 -16.05 10.02 35.81
N PHE G 359 -15.99 9.59 37.08
CA PHE G 359 -15.11 8.52 37.49
C PHE G 359 -15.51 7.19 36.87
N ASN G 360 -16.69 7.13 36.25
CA ASN G 360 -17.13 5.95 35.51
C ASN G 360 -17.32 6.24 34.03
N LYS G 361 -16.80 7.36 33.53
CA LYS G 361 -16.89 7.64 32.11
C LYS G 361 -16.06 6.63 31.34
N GLU G 362 -16.51 6.34 30.11
CA GLU G 362 -15.82 5.34 29.30
C GLU G 362 -14.52 5.91 28.75
N PRO G 363 -13.45 5.12 28.70
CA PRO G 363 -12.26 5.53 27.95
C PRO G 363 -12.54 5.50 26.46
N LYS G 364 -11.83 6.35 25.74
CA LYS G 364 -11.99 6.47 24.30
C LYS G 364 -10.69 6.10 23.60
N ARG G 365 -10.81 5.71 22.34
CA ARG G 365 -9.73 5.03 21.63
C ARG G 365 -9.62 5.49 20.18
N ILE G 366 -8.40 5.75 19.72
CA ILE G 366 -8.08 5.92 18.31
C ILE G 366 -7.04 4.89 17.93
N ILE G 367 -7.28 4.18 16.83
CA ILE G 367 -6.40 3.10 16.39
C ILE G 367 -5.27 3.63 15.51
N LYS G 368 -5.59 4.49 14.54
CA LYS G 368 -4.59 4.91 13.56
C LYS G 368 -3.45 5.68 14.23
N ASP G 369 -3.72 6.41 15.31
CA ASP G 369 -2.71 7.16 16.01
C ASP G 369 -2.07 6.39 17.17
N ASN G 370 -2.42 5.11 17.33
CA ASN G 370 -1.90 4.29 18.42
C ASN G 370 -1.91 5.06 19.73
N TRP G 371 -2.98 5.84 19.93
CA TRP G 371 -3.08 6.81 21.01
C TRP G 371 -4.29 6.49 21.85
N VAL G 372 -4.11 6.47 23.16
CA VAL G 372 -5.19 6.21 24.11
C VAL G 372 -5.55 7.52 24.79
N GLU G 373 -6.85 7.75 24.96
CA GLU G 373 -7.31 9.08 25.35
C GLU G 373 -6.98 9.36 26.82
N PHE G 374 -7.59 8.62 27.74
CA PHE G 374 -7.15 8.67 29.14
C PHE G 374 -7.19 7.26 29.69
N LYS G 375 -6.10 6.85 30.32
CA LYS G 375 -5.80 5.44 30.51
C LYS G 375 -6.25 4.86 31.84
N ALA G 376 -6.72 5.69 32.78
CA ALA G 376 -7.13 5.16 34.08
C ALA G 376 -7.77 6.23 34.96
N ARG G 377 -8.12 5.85 36.19
CA ARG G 377 -8.75 6.76 37.12
C ARG G 377 -8.32 6.39 38.53
N ILE G 378 -8.46 7.36 39.44
CA ILE G 378 -8.04 7.20 40.83
C ILE G 378 -9.21 7.57 41.71
N SER G 379 -9.09 7.24 43.00
CA SER G 379 -10.04 7.73 43.98
C SER G 379 -9.58 7.36 45.38
N CYS G 380 -9.80 8.25 46.33
CA CYS G 380 -9.77 7.86 47.73
C CYS G 380 -11.14 7.33 48.15
N ASN G 381 -11.17 6.68 49.31
CA ASN G 381 -12.25 5.80 49.70
C ASN G 381 -13.20 6.43 50.71
N SER G 382 -13.04 7.72 51.00
CA SER G 382 -13.82 8.35 52.07
C SER G 382 -15.30 7.99 51.94
N ASP G 383 -16.02 8.00 53.07
CA ASP G 383 -17.41 7.58 53.08
C ASP G 383 -18.28 8.36 52.11
N GLU G 384 -17.77 9.44 51.53
CA GLU G 384 -18.56 10.26 50.62
C GLU G 384 -19.27 9.39 49.59
N VAL G 385 -18.50 8.73 48.72
CA VAL G 385 -19.09 7.82 47.74
C VAL G 385 -18.14 6.67 47.43
N ILE G 386 -18.52 5.46 47.82
CA ILE G 386 -17.96 4.22 47.29
C ILE G 386 -19.00 3.46 46.48
N LYS G 387 -20.14 4.10 46.20
CA LYS G 387 -21.26 3.47 45.50
C LYS G 387 -21.28 3.83 44.02
N CYS G 388 -20.21 4.45 43.52
CA CYS G 388 -19.97 4.64 42.10
C CYS G 388 -19.03 3.60 41.53
N ILE G 389 -18.87 2.47 42.23
CA ILE G 389 -17.89 1.47 41.83
C ILE G 389 -18.54 0.32 41.08
N ASN G 390 -19.81 0.01 41.37
CA ASN G 390 -20.42 -1.30 41.12
C ASN G 390 -20.93 -1.48 39.68
N TYR G 391 -20.46 -0.71 38.70
CA TYR G 391 -21.07 -0.73 37.38
C TYR G 391 -20.27 -1.55 36.37
N LYS G 392 -19.04 -1.14 36.11
CA LYS G 392 -18.19 -1.78 35.12
C LYS G 392 -17.13 -2.64 35.80
N LYS G 393 -17.53 -3.29 36.89
CA LYS G 393 -16.69 -4.17 37.66
C LYS G 393 -16.40 -5.45 36.96
N CYS G 394 -16.89 -5.54 35.72
CA CYS G 394 -16.46 -6.55 34.78
C CYS G 394 -16.61 -7.95 35.38
N ASP G 395 -15.52 -8.51 35.91
CA ASP G 395 -15.57 -9.85 36.48
C ASP G 395 -14.78 -9.97 37.78
N ASP G 396 -14.34 -8.87 38.37
CA ASP G 396 -13.68 -8.88 39.67
C ASP G 396 -13.66 -7.46 40.22
N LEU G 397 -13.48 -7.35 41.54
CA LEU G 397 -13.32 -6.06 42.20
C LEU G 397 -11.85 -5.70 42.41
N TYR G 398 -10.97 -6.70 42.42
CA TYR G 398 -9.52 -6.53 42.35
C TYR G 398 -9.02 -5.45 43.31
N ILE G 399 -9.16 -5.78 44.59
CA ILE G 399 -8.92 -4.85 45.68
C ILE G 399 -7.71 -5.33 46.49
N VAL G 400 -7.08 -4.38 47.17
CA VAL G 400 -6.01 -4.66 48.13
C VAL G 400 -6.34 -3.97 49.45
N GLY G 401 -6.21 -4.69 50.55
CA GLY G 401 -6.30 -4.06 51.85
C GLY G 401 -7.72 -3.71 52.22
N GLY G 402 -7.86 -2.57 52.90
CA GLY G 402 -9.14 -2.19 53.48
C GLY G 402 -10.06 -1.50 52.49
N VAL G 403 -11.34 -1.45 52.88
CA VAL G 403 -12.37 -0.81 52.07
C VAL G 403 -13.59 -0.59 52.96
N ASP G 404 -14.30 0.52 52.72
CA ASP G 404 -15.58 0.76 53.37
C ASP G 404 -16.58 -0.17 52.71
N VAL G 405 -16.59 -1.41 53.19
CA VAL G 405 -17.29 -2.49 52.49
C VAL G 405 -18.74 -2.14 52.23
N SER G 406 -19.32 -1.26 53.04
CA SER G 406 -20.70 -0.88 52.88
C SER G 406 -20.86 0.11 51.73
N LEU G 407 -22.12 0.37 51.37
CA LEU G 407 -22.45 1.22 50.23
C LEU G 407 -21.71 0.76 48.98
N LEU G 408 -21.63 -0.56 48.80
CA LEU G 408 -20.80 -1.13 47.75
C LEU G 408 -21.56 -2.06 46.82
N ASP G 409 -22.83 -2.35 47.08
CA ASP G 409 -23.54 -3.44 46.42
C ASP G 409 -22.88 -4.77 46.75
N THR G 410 -22.87 -5.08 48.05
CA THR G 410 -22.31 -6.33 48.52
C THR G 410 -22.93 -7.52 47.79
N ALA G 411 -24.23 -7.47 47.53
CA ALA G 411 -24.88 -8.50 46.75
C ALA G 411 -24.43 -8.40 45.29
N ASP G 412 -24.63 -9.49 44.55
CA ASP G 412 -24.25 -9.61 43.15
C ASP G 412 -22.74 -9.77 43.01
N VAL G 413 -22.03 -9.57 44.12
CA VAL G 413 -20.58 -9.71 44.13
C VAL G 413 -20.17 -10.36 45.45
N ASN G 414 -18.93 -10.83 45.49
CA ASN G 414 -18.32 -11.23 46.75
C ASN G 414 -17.43 -10.14 47.31
N ILE G 415 -17.31 -9.00 46.62
CA ILE G 415 -16.37 -7.95 46.99
C ILE G 415 -14.99 -8.55 46.82
N GLU G 416 -13.92 -7.75 46.93
CA GLU G 416 -12.60 -8.33 46.80
C GLU G 416 -11.61 -7.61 47.70
N ASN G 417 -10.51 -8.32 48.00
CA ASN G 417 -9.30 -7.75 48.54
C ASN G 417 -8.15 -8.66 48.18
N LEU G 418 -6.97 -8.06 47.97
CA LEU G 418 -5.70 -8.78 47.85
C LEU G 418 -4.80 -8.22 48.93
N GLU G 419 -4.85 -8.84 50.11
CA GLU G 419 -4.20 -8.30 51.31
C GLU G 419 -2.70 -8.58 51.24
N ILE G 420 -2.03 -7.82 50.38
CA ILE G 420 -0.59 -7.95 50.16
C ILE G 420 0.09 -6.68 50.65
N ASN G 421 1.42 -6.67 50.63
CA ASN G 421 2.17 -5.63 51.34
C ASN G 421 2.17 -4.30 50.58
N ASN G 422 2.75 -4.28 49.38
CA ASN G 422 3.07 -3.05 48.68
C ASN G 422 2.48 -3.06 47.28
N PHE G 423 2.76 -1.99 46.52
CA PHE G 423 2.23 -1.84 45.17
C PHE G 423 3.01 -2.64 44.13
N ARG G 424 4.20 -3.13 44.46
CA ARG G 424 4.91 -3.99 43.51
C ARG G 424 4.24 -5.35 43.38
N GLU G 425 3.27 -5.66 44.24
CA GLU G 425 2.40 -6.81 44.04
C GLU G 425 1.07 -6.42 43.43
N LEU G 426 0.69 -5.14 43.50
CA LEU G 426 -0.49 -4.68 42.77
C LEU G 426 -0.32 -4.88 41.28
N LYS G 427 0.90 -4.62 40.77
CA LYS G 427 1.17 -4.86 39.35
C LYS G 427 0.95 -6.32 38.99
N TYR G 428 1.58 -7.24 39.73
CA TYR G 428 1.64 -8.62 39.27
C TYR G 428 0.27 -9.28 39.34
N LEU G 429 -0.45 -9.12 40.46
CA LEU G 429 -1.79 -9.66 40.57
C LEU G 429 -2.63 -9.21 39.38
N LEU G 430 -2.52 -7.92 39.04
CA LEU G 430 -3.11 -7.36 37.82
C LEU G 430 -2.11 -7.53 36.68
N SER G 431 -1.89 -8.79 36.33
CA SER G 431 -0.72 -9.20 35.56
C SER G 431 -0.49 -8.30 34.35
N MET G 432 0.64 -7.59 34.37
CA MET G 432 1.16 -6.95 33.16
C MET G 432 2.65 -7.26 33.01
N LEU G 433 3.36 -7.44 34.12
CA LEU G 433 4.77 -7.77 34.09
C LEU G 433 4.98 -9.25 34.38
N LYS G 434 6.21 -9.71 34.18
CA LYS G 434 6.59 -11.09 34.40
C LYS G 434 7.67 -11.27 35.45
N GLU G 435 8.58 -10.31 35.60
CA GLU G 435 9.65 -10.41 36.58
C GLU G 435 9.94 -9.03 37.16
N ILE G 436 10.30 -9.00 38.43
CA ILE G 436 10.60 -7.76 39.12
C ILE G 436 12.11 -7.58 39.19
N MET H 1 10.12 59.62 3.79
CA MET H 1 11.03 60.28 2.81
C MET H 1 12.01 59.25 2.23
N MET H 2 11.75 58.83 1.00
CA MET H 2 12.61 57.85 0.35
C MET H 2 13.99 58.45 0.09
N SER H 3 15.02 57.64 0.28
CA SER H 3 16.38 58.10 0.09
C SER H 3 16.62 58.46 -1.38
N ARG H 4 17.44 59.50 -1.59
CA ARG H 4 17.73 59.93 -2.96
C ARG H 4 18.61 58.92 -3.68
N GLU H 5 19.42 58.15 -2.95
CA GLU H 5 20.23 57.13 -3.59
C GLU H 5 19.35 56.05 -4.22
N ALA H 6 18.25 55.69 -3.55
CA ALA H 6 17.32 54.73 -4.13
C ALA H 6 16.72 55.27 -5.43
N ASP H 7 16.36 56.55 -5.44
CA ASP H 7 15.85 57.16 -6.67
C ASP H 7 16.90 57.14 -7.77
N HIS H 8 18.16 57.43 -7.41
CA HIS H 8 19.23 57.36 -8.40
C HIS H 8 19.38 55.96 -8.97
N THR H 9 19.29 54.93 -8.11
CA THR H 9 19.38 53.56 -8.59
C THR H 9 18.21 53.21 -9.51
N ILE H 10 17.00 53.67 -9.15
CA ILE H 10 15.84 53.40 -9.98
C ILE H 10 16.00 54.06 -11.35
N LYS H 11 16.48 55.30 -11.38
CA LYS H 11 16.70 55.97 -12.66
C LYS H 11 17.81 55.30 -13.46
N GLY H 12 18.84 54.79 -12.78
CA GLY H 12 19.86 54.03 -13.46
C GLY H 12 19.29 52.78 -14.11
N PHE H 13 18.38 52.09 -13.42
CA PHE H 13 17.73 50.94 -14.02
C PHE H 13 16.81 51.35 -15.15
N LEU H 14 16.20 52.55 -15.07
CA LEU H 14 15.41 53.05 -16.19
C LEU H 14 16.28 53.27 -17.42
N TYR H 15 17.48 53.83 -17.22
CA TYR H 15 18.36 54.03 -18.36
C TYR H 15 18.93 52.70 -18.85
N GLN H 16 19.05 51.72 -17.96
CA GLN H 16 19.34 50.35 -18.38
C GLN H 16 18.24 49.82 -19.28
N PHE H 17 16.98 50.10 -18.92
CA PHE H 17 15.86 49.71 -19.78
C PHE H 17 15.98 50.38 -21.15
N ASN H 18 16.34 51.66 -21.17
CA ASN H 18 16.50 52.38 -22.43
C ASN H 18 17.56 51.71 -23.29
N LYS H 19 18.73 51.42 -22.71
CA LYS H 19 19.78 50.74 -23.45
C LYS H 19 19.31 49.38 -23.93
N THR H 20 18.60 48.63 -23.09
CA THR H 20 18.12 47.31 -23.46
C THR H 20 17.19 47.39 -24.66
N LEU H 21 16.25 48.33 -24.63
CA LEU H 21 15.33 48.48 -25.75
C LEU H 21 16.07 48.87 -27.02
N ASN H 22 17.02 49.78 -26.91
CA ASN H 22 17.79 50.19 -28.09
C ASN H 22 18.54 49.00 -28.68
N SER H 23 19.20 48.22 -27.82
CA SER H 23 19.97 47.07 -28.30
C SER H 23 19.06 46.02 -28.93
N ILE H 24 17.92 45.73 -28.29
CA ILE H 24 17.00 44.73 -28.82
C ILE H 24 16.45 45.17 -30.17
N LEU H 25 16.09 46.45 -30.29
CA LEU H 25 15.62 46.95 -31.57
C LEU H 25 16.70 46.84 -32.63
N SER H 26 17.94 47.20 -32.27
CA SER H 26 19.05 47.08 -33.22
C SER H 26 19.32 45.62 -33.56
N SER H 27 19.47 44.78 -32.54
CA SER H 27 19.79 43.36 -32.71
C SER H 27 21.06 43.15 -33.53
N THR H 28 21.94 44.14 -33.55
CA THR H 28 23.21 44.07 -34.27
C THR H 28 24.27 44.74 -33.40
N ASP H 29 25.45 44.98 -33.99
CA ASP H 29 26.53 45.63 -33.27
C ASP H 29 26.04 46.94 -32.67
N GLN H 30 26.03 47.04 -31.34
CA GLN H 30 25.49 48.18 -30.63
C GLN H 30 26.55 48.76 -29.71
N ASP H 31 26.32 50.00 -29.26
CA ASP H 31 27.28 50.72 -28.44
C ASP H 31 27.67 49.90 -27.21
N GLU H 32 28.79 50.26 -26.59
CA GLU H 32 29.34 49.50 -25.48
C GLU H 32 28.60 49.85 -24.18
N ILE H 33 28.49 48.85 -23.31
CA ILE H 33 27.84 49.01 -22.01
C ILE H 33 28.85 48.67 -20.92
N GLN H 34 28.98 49.55 -19.94
CA GLN H 34 29.87 49.31 -18.80
C GLN H 34 29.24 49.94 -17.57
N ILE H 35 29.30 49.22 -16.45
CA ILE H 35 28.72 49.68 -15.19
C ILE H 35 29.55 50.83 -14.65
N GLU H 36 29.00 51.56 -13.68
CA GLU H 36 29.67 52.70 -13.06
C GLU H 36 29.79 52.47 -11.56
N GLY H 37 30.97 52.76 -11.01
CA GLY H 37 31.20 52.62 -9.60
C GLY H 37 30.91 53.90 -8.84
N ILE H 38 29.65 54.33 -8.86
CA ILE H 38 29.25 55.58 -8.22
C ILE H 38 28.29 55.37 -7.06
N ILE H 39 27.67 54.20 -6.92
CA ILE H 39 26.73 53.97 -5.82
C ILE H 39 27.46 54.05 -4.49
N GLU H 40 28.67 53.51 -4.42
CA GLU H 40 29.47 53.53 -3.21
C GLU H 40 30.94 53.69 -3.59
N ASP H 41 31.78 53.92 -2.58
CA ASP H 41 33.21 54.09 -2.80
C ASP H 41 33.90 52.73 -2.96
N ILE H 42 33.47 52.02 -4.00
CA ILE H 42 34.04 50.70 -4.28
C ILE H 42 35.50 50.83 -4.71
N ASP H 43 35.82 51.88 -5.48
CA ASP H 43 37.18 52.11 -5.96
C ASP H 43 37.66 50.92 -6.80
N ILE H 44 36.94 50.67 -7.91
CA ILE H 44 37.30 49.60 -8.81
C ILE H 44 38.65 49.84 -9.48
N LYS H 45 39.10 51.10 -9.54
CA LYS H 45 40.37 51.45 -10.17
C LYS H 45 40.33 51.18 -11.68
N ASN H 46 39.23 51.62 -12.30
CA ASN H 46 39.05 51.51 -13.74
C ASN H 46 38.74 52.88 -14.32
N SER H 47 39.17 53.09 -15.56
CA SER H 47 39.02 54.38 -16.21
C SER H 47 37.99 54.40 -17.34
N ASN H 48 37.67 53.23 -17.92
CA ASN H 48 36.74 53.16 -19.05
C ASN H 48 35.30 53.21 -18.52
N ILE H 49 34.95 54.37 -17.98
CA ILE H 49 33.60 54.63 -17.48
C ILE H 49 33.10 55.91 -18.13
N THR H 50 31.94 55.85 -18.75
CA THR H 50 31.36 57.01 -19.42
C THR H 50 29.91 57.23 -19.01
N ASN H 51 29.20 56.16 -18.67
CA ASN H 51 27.78 56.24 -18.38
C ASN H 51 27.53 57.13 -17.16
N ALA H 52 27.99 56.70 -15.99
CA ALA H 52 27.82 57.45 -14.75
C ALA H 52 26.38 57.94 -14.60
N ILE H 53 25.48 56.98 -14.48
CA ILE H 53 24.04 57.25 -14.46
C ILE H 53 23.65 57.58 -13.02
N GLN H 54 23.28 58.83 -12.78
CA GLN H 54 22.83 59.30 -11.47
C GLN H 54 21.62 60.20 -11.62
N CYS H 55 20.70 59.82 -12.49
CA CYS H 55 19.53 60.64 -12.79
C CYS H 55 18.55 60.62 -11.62
N LYS H 56 17.72 61.67 -11.55
CA LYS H 56 16.64 61.72 -10.57
C LYS H 56 15.49 62.50 -11.17
N TYR H 57 14.28 62.23 -10.67
CA TYR H 57 13.06 62.84 -11.16
C TYR H 57 12.29 63.45 -10.00
N HIS H 58 11.65 64.59 -10.27
CA HIS H 58 10.84 65.31 -9.29
C HIS H 58 9.44 65.53 -9.85
N GLU H 59 8.58 66.14 -9.02
CA GLU H 59 7.21 66.40 -9.43
C GLU H 59 7.18 67.38 -10.61
N SER H 60 6.30 67.10 -11.56
CA SER H 60 6.10 67.94 -12.73
C SER H 60 4.61 68.14 -12.97
N LYS H 61 4.24 69.36 -13.37
CA LYS H 61 2.84 69.70 -13.62
C LYS H 61 2.57 69.91 -15.10
N VAL H 62 3.29 70.82 -15.74
CA VAL H 62 3.16 71.06 -17.18
C VAL H 62 4.49 71.59 -17.70
N ARG H 63 4.91 71.09 -18.85
CA ARG H 63 6.12 71.57 -19.54
C ARG H 63 7.31 71.37 -18.59
N HIS H 64 8.26 72.29 -18.56
CA HIS H 64 9.42 72.19 -17.69
C HIS H 64 9.70 73.55 -17.07
N ASN H 65 10.38 73.55 -15.93
CA ASN H 65 10.72 74.76 -15.21
C ASN H 65 12.14 74.65 -14.68
N LEU H 66 12.72 75.81 -14.36
CA LEU H 66 14.08 75.84 -13.81
C LEU H 66 14.18 75.08 -12.50
N SER H 67 13.07 74.86 -11.81
CA SER H 67 13.05 74.14 -10.55
C SER H 67 13.05 72.62 -10.72
N ASP H 68 13.42 72.12 -11.89
CA ASP H 68 13.50 70.69 -12.15
C ASP H 68 14.92 70.16 -12.07
N ILE H 69 15.89 71.00 -11.68
CA ILE H 69 17.29 70.60 -11.58
C ILE H 69 17.75 70.92 -10.16
N TYR H 70 17.67 69.92 -9.28
CA TYR H 70 18.00 70.08 -7.87
C TYR H 70 19.40 69.55 -7.59
N LYS H 71 19.69 69.33 -6.31
CA LYS H 71 20.96 68.89 -5.75
C LYS H 71 21.70 67.86 -6.62
N PRO H 72 21.02 66.82 -7.15
CA PRO H 72 21.72 65.83 -8.00
C PRO H 72 22.75 66.45 -8.94
N ILE H 73 22.45 67.62 -9.50
CA ILE H 73 23.42 68.31 -10.32
C ILE H 73 24.68 68.63 -9.51
N LEU H 74 24.48 69.15 -8.30
CA LEU H 74 25.62 69.45 -7.43
C LEU H 74 26.37 68.18 -7.03
N GLN H 75 25.64 67.09 -6.82
CA GLN H 75 26.30 65.82 -6.50
C GLN H 75 27.20 65.38 -7.65
N MET H 76 26.72 65.47 -8.88
CA MET H 76 27.55 65.14 -10.03
C MET H 76 28.73 66.11 -10.12
N LEU H 77 28.50 67.39 -9.83
CA LEU H 77 29.58 68.38 -9.88
C LEU H 77 30.70 68.00 -8.93
N LEU H 78 30.37 67.64 -7.69
CA LEU H 78 31.40 67.20 -6.75
C LEU H 78 32.04 65.90 -7.21
N HIS H 79 31.24 64.95 -7.68
CA HIS H 79 31.80 63.68 -8.14
C HIS H 79 32.76 63.85 -9.30
N PHE H 80 32.65 64.95 -10.05
CA PHE H 80 33.61 65.21 -11.11
C PHE H 80 35.01 65.39 -10.55
N LEU H 81 35.13 65.89 -9.32
CA LEU H 81 36.42 66.02 -8.65
C LEU H 81 36.73 64.74 -7.88
N GLU H 82 36.74 63.63 -8.61
CA GLU H 82 36.99 62.33 -8.00
C GLU H 82 38.43 62.24 -7.50
N ASN H 83 38.62 61.40 -6.48
CA ASN H 83 39.95 61.28 -5.87
C ASN H 83 40.98 60.79 -6.90
N ASP H 84 40.62 59.79 -7.70
CA ASP H 84 41.51 59.28 -8.73
C ASP H 84 41.32 59.98 -10.07
N SER H 85 40.31 60.84 -10.20
CA SER H 85 40.09 61.64 -11.41
C SER H 85 40.02 60.76 -12.66
N LEU H 86 39.03 59.85 -12.64
CA LEU H 86 38.75 58.99 -13.78
C LEU H 86 37.62 59.58 -14.60
N ASN H 87 37.34 58.94 -15.74
CA ASN H 87 36.26 59.37 -16.62
C ASN H 87 34.94 59.14 -15.90
N ILE H 88 34.34 60.22 -15.40
CA ILE H 88 33.14 60.13 -14.57
C ILE H 88 32.06 61.05 -15.13
N LYS H 89 32.08 61.25 -16.45
CA LYS H 89 31.13 62.17 -17.07
C LYS H 89 29.70 61.69 -16.83
N TYR H 90 28.95 62.45 -16.04
CA TYR H 90 27.61 62.08 -15.65
C TYR H 90 26.60 62.46 -16.73
N ALA H 91 25.36 62.01 -16.55
CA ALA H 91 24.30 62.33 -17.50
C ALA H 91 22.98 62.45 -16.74
N LEU H 92 22.06 63.23 -17.30
CA LEU H 92 20.74 63.42 -16.74
C LEU H 92 19.69 63.15 -17.81
N TYR H 93 18.67 62.36 -17.46
CA TYR H 93 17.63 61.96 -18.40
C TYR H 93 16.26 62.08 -17.74
N ALA H 94 16.03 63.17 -17.03
CA ALA H 94 14.75 63.37 -16.36
C ALA H 94 13.63 63.51 -17.39
N TYR H 95 12.48 62.93 -17.06
CA TYR H 95 11.32 62.99 -17.96
C TYR H 95 10.65 64.35 -17.90
N PHE H 96 10.17 64.81 -19.06
CA PHE H 96 9.46 66.07 -19.16
C PHE H 96 8.25 65.85 -20.07
N PRO H 97 7.04 66.23 -19.65
CA PRO H 97 5.86 65.97 -20.50
C PRO H 97 5.91 66.68 -21.84
N ASN H 98 6.09 67.99 -21.84
CA ASN H 98 5.98 68.82 -23.03
C ASN H 98 7.29 69.56 -23.29
N GLU H 99 7.24 70.51 -24.22
CA GLU H 99 8.36 71.36 -24.60
C GLU H 99 9.38 70.59 -25.45
N GLN H 100 10.49 71.25 -25.78
CA GLN H 100 11.43 70.71 -26.75
C GLN H 100 12.19 69.51 -26.19
N VAL H 101 12.86 68.80 -27.10
CA VAL H 101 13.69 67.65 -26.76
C VAL H 101 15.09 67.90 -27.28
N GLY H 102 16.08 67.75 -26.42
CA GLY H 102 17.46 67.97 -26.80
C GLY H 102 18.31 68.29 -25.59
N VAL H 103 19.56 68.65 -25.87
CA VAL H 103 20.52 68.97 -24.81
C VAL H 103 20.31 70.42 -24.35
N LYS H 104 20.79 70.70 -23.14
CA LYS H 104 20.66 72.04 -22.56
C LYS H 104 21.78 72.97 -22.96
N GLU H 105 22.70 72.52 -23.83
CA GLU H 105 23.83 73.33 -24.26
C GLU H 105 24.79 73.55 -23.10
N VAL H 106 26.07 73.75 -23.41
CA VAL H 106 27.11 73.84 -22.40
C VAL H 106 27.52 75.29 -22.14
N THR H 107 26.64 76.25 -22.42
CA THR H 107 26.96 77.66 -22.21
C THR H 107 27.36 77.90 -20.75
N LYS H 108 28.45 78.64 -20.58
CA LYS H 108 28.96 78.91 -19.23
C LYS H 108 27.98 79.74 -18.42
N SER H 109 27.35 80.73 -19.05
CA SER H 109 26.45 81.61 -18.31
C SER H 109 25.26 80.85 -17.75
N GLN H 110 24.70 79.93 -18.52
CA GLN H 110 23.55 79.16 -18.03
C GLN H 110 23.92 78.34 -16.81
N ILE H 111 25.09 77.69 -16.84
CA ILE H 111 25.50 76.87 -15.71
C ILE H 111 25.80 77.74 -14.50
N GLU H 112 26.39 78.92 -14.73
CA GLU H 112 26.61 79.84 -13.61
C GLU H 112 25.29 80.28 -12.99
N GLU H 113 24.29 80.58 -13.82
CA GLU H 113 22.98 80.96 -13.27
C GLU H 113 22.38 79.81 -12.49
N ILE H 114 22.51 78.57 -13.00
CA ILE H 114 21.98 77.41 -12.30
C ILE H 114 22.68 77.25 -10.95
N LEU H 115 23.98 77.50 -10.90
CA LEU H 115 24.75 77.28 -9.69
C LEU H 115 24.27 78.15 -8.53
N SER H 116 23.62 79.28 -8.81
CA SER H 116 23.15 80.19 -7.77
C SER H 116 21.83 79.70 -7.18
N SER H 117 21.87 78.46 -6.66
CA SER H 117 20.68 77.87 -6.07
C SER H 117 20.33 78.54 -4.75
N SER H 118 21.33 78.81 -3.91
CA SER H 118 21.15 79.50 -2.65
C SER H 118 20.07 78.81 -1.80
N ASN H 119 20.35 77.57 -1.43
CA ASN H 119 19.48 76.78 -0.57
C ASN H 119 20.26 76.31 0.64
N PHE H 120 19.60 76.35 1.81
CA PHE H 120 20.27 75.94 3.04
C PHE H 120 20.74 74.49 2.96
N ASP H 121 19.87 73.60 2.51
CA ASP H 121 20.24 72.19 2.42
C ASP H 121 21.40 72.00 1.45
N TYR H 122 21.30 72.60 0.26
CA TYR H 122 22.38 72.45 -0.73
C TYR H 122 23.67 73.06 -0.23
N ILE H 123 23.58 74.23 0.42
CA ILE H 123 24.77 74.90 0.94
C ILE H 123 25.45 74.03 2.00
N SER H 124 24.66 73.45 2.89
CA SER H 124 25.20 72.66 4.00
C SER H 124 25.59 71.24 3.60
N LYS H 125 25.16 70.77 2.42
CA LYS H 125 25.42 69.38 2.02
C LYS H 125 26.61 69.25 1.09
N TYR H 126 26.58 69.90 -0.07
CA TYR H 126 27.60 69.67 -1.09
C TYR H 126 28.24 70.95 -1.60
N ILE H 127 27.49 72.05 -1.62
CA ILE H 127 28.01 73.29 -2.20
C ILE H 127 29.19 73.80 -1.38
N SER H 128 29.14 73.62 -0.06
CA SER H 128 30.21 74.10 0.80
C SER H 128 31.57 73.51 0.38
N LYS H 129 31.57 72.29 -0.12
CA LYS H 129 32.83 71.66 -0.54
C LYS H 129 33.41 72.34 -1.76
N ILE H 130 32.56 72.85 -2.66
CA ILE H 130 33.05 73.47 -3.89
C ILE H 130 33.90 74.69 -3.59
N LYS H 131 33.45 75.53 -2.66
CA LYS H 131 34.10 76.80 -2.36
C LYS H 131 34.67 76.77 -0.95
N PRO H 132 35.96 76.54 -0.76
CA PRO H 132 36.54 76.59 0.59
C PRO H 132 36.64 78.02 1.08
N PRO H 133 35.84 78.39 2.07
CA PRO H 133 35.84 79.81 2.52
C PRO H 133 37.13 80.16 3.24
N LYS H 134 37.59 81.39 3.01
CA LYS H 134 38.71 81.90 3.80
C LYS H 134 38.34 82.02 5.26
N GLU H 135 37.12 82.48 5.53
CA GLU H 135 36.63 82.53 6.91
C GLU H 135 36.63 81.14 7.52
N GLN H 136 37.16 81.03 8.74
CA GLN H 136 37.18 79.76 9.45
C GLN H 136 35.96 79.57 10.34
N ILE H 137 35.22 80.64 10.64
CA ILE H 137 33.99 80.49 11.43
C ILE H 137 32.98 79.66 10.65
N ILE H 138 32.87 79.89 9.35
CA ILE H 138 31.94 79.10 8.53
C ILE H 138 32.34 77.63 8.53
N LYS H 139 33.64 77.36 8.39
CA LYS H 139 34.10 75.98 8.38
C LYS H 139 33.86 75.31 9.73
N GLU H 140 34.09 76.03 10.83
CA GLU H 140 33.83 75.48 12.15
C GLU H 140 32.34 75.20 12.33
N LEU H 141 31.48 76.11 11.87
CA LEU H 141 30.05 75.88 11.95
C LEU H 141 29.64 74.65 11.17
N LEU H 142 30.19 74.49 9.96
CA LEU H 142 29.88 73.30 9.16
C LEU H 142 30.34 72.03 9.86
N GLY H 143 31.55 72.05 10.44
CA GLY H 143 32.09 70.90 11.14
C GLY H 143 31.65 70.75 12.58
N LYS H 144 30.85 71.69 13.10
CA LYS H 144 30.40 71.60 14.48
C LYS H 144 29.23 70.63 14.66
N THR H 145 28.59 70.22 13.57
CA THR H 145 27.45 69.31 13.61
C THR H 145 26.28 69.89 14.38
N SER H 146 26.22 71.22 14.50
CA SER H 146 25.12 71.88 15.19
C SER H 146 25.05 73.32 14.70
N LYS H 147 23.98 73.67 13.99
CA LYS H 147 23.81 74.98 13.41
C LYS H 147 22.47 75.56 13.83
N THR H 148 22.37 76.88 13.74
CA THR H 148 21.18 77.63 14.12
C THR H 148 20.71 78.48 12.95
N THR H 149 19.47 78.95 13.05
CA THR H 149 18.91 79.79 11.99
C THR H 149 19.77 81.01 11.73
N GLU H 150 20.30 81.62 12.80
CA GLU H 150 21.20 82.76 12.63
C GLU H 150 22.44 82.34 11.86
N ASP H 151 23.00 81.18 12.18
CA ASP H 151 24.18 80.70 11.45
C ASP H 151 23.86 80.46 9.99
N LYS H 152 22.69 79.87 9.71
CA LYS H 152 22.31 79.61 8.32
C LYS H 152 22.14 80.92 7.55
N THR H 153 21.52 81.93 8.17
CA THR H 153 21.40 83.22 7.52
C THR H 153 22.76 83.86 7.29
N ARG H 154 23.66 83.72 8.27
CA ARG H 154 25.01 84.26 8.12
C ARG H 154 25.72 83.61 6.93
N ILE H 155 25.61 82.29 6.81
CA ILE H 155 26.24 81.59 5.69
C ILE H 155 25.59 82.00 4.37
N LYS H 156 24.27 82.14 4.35
CA LYS H 156 23.59 82.52 3.11
C LYS H 156 24.03 83.90 2.65
N LYS H 157 24.10 84.86 3.57
CA LYS H 157 24.56 86.20 3.19
C LYS H 157 26.04 86.20 2.84
N TYR H 158 26.82 85.32 3.48
CA TYR H 158 28.24 85.20 3.14
C TYR H 158 28.42 84.72 1.71
N TYR H 159 27.64 83.73 1.30
CA TYR H 159 27.75 83.16 -0.03
C TYR H 159 26.97 83.92 -1.10
N GLU H 160 26.11 84.86 -0.69
CA GLU H 160 25.33 85.65 -1.64
C GLU H 160 25.94 87.03 -1.86
N THR H 161 26.11 87.80 -0.79
CA THR H 161 26.71 89.14 -0.92
C THR H 161 28.21 89.05 -1.15
N SER H 162 28.87 88.07 -0.53
CA SER H 162 30.31 87.87 -0.63
C SER H 162 30.63 86.53 -1.28
N LYS H 163 29.92 86.21 -2.36
CA LYS H 163 30.12 84.97 -3.09
C LYS H 163 31.61 84.67 -3.25
N LEU H 164 32.00 83.45 -2.88
CA LEU H 164 33.40 83.06 -2.90
C LEU H 164 33.81 82.64 -4.32
N GLU H 165 35.12 82.47 -4.50
CA GLU H 165 35.70 81.99 -5.74
C GLU H 165 36.14 80.55 -5.55
N THR H 166 35.61 79.65 -6.36
CA THR H 166 35.94 78.24 -6.23
C THR H 166 37.37 77.97 -6.70
N ILE H 167 37.94 76.86 -6.21
CA ILE H 167 39.30 76.49 -6.56
C ILE H 167 39.38 75.63 -7.80
N VAL H 168 38.26 75.22 -8.37
CA VAL H 168 38.24 74.38 -9.57
C VAL H 168 38.17 75.28 -10.79
N ASP H 169 38.76 74.79 -11.89
CA ASP H 169 38.76 75.54 -13.15
C ASP H 169 37.33 75.63 -13.66
N ILE H 170 36.76 76.84 -13.61
CA ILE H 170 35.36 77.02 -13.97
C ILE H 170 35.14 76.67 -15.44
N ASP H 171 36.06 77.07 -16.31
CA ASP H 171 35.89 76.82 -17.74
C ASP H 171 35.75 75.33 -18.03
N LYS H 172 36.60 74.51 -17.41
CA LYS H 172 36.51 73.06 -17.56
C LYS H 172 35.42 72.45 -16.68
N PHE H 173 34.91 73.20 -15.69
CA PHE H 173 33.98 72.65 -14.72
C PHE H 173 32.53 72.82 -15.11
N LEU H 174 32.23 73.68 -16.09
CA LEU H 174 30.86 73.92 -16.53
C LEU H 174 30.63 73.62 -18.01
N ARG H 175 31.66 73.20 -18.75
CA ARG H 175 31.56 73.03 -20.19
C ARG H 175 31.79 71.59 -20.63
N ASP H 176 32.87 70.95 -20.17
CA ASP H 176 33.23 69.64 -20.68
C ASP H 176 32.42 68.53 -20.03
N HIS H 177 32.40 68.49 -18.70
CA HIS H 177 31.76 67.39 -17.99
C HIS H 177 30.24 67.54 -18.01
N PHE H 178 29.56 66.43 -17.72
CA PHE H 178 28.10 66.37 -17.61
C PHE H 178 27.43 66.51 -18.98
N VAL H 179 26.35 65.75 -19.18
CA VAL H 179 25.51 65.86 -20.35
C VAL H 179 24.06 65.85 -19.89
N PHE H 180 23.19 66.44 -20.72
CA PHE H 180 21.77 66.53 -20.41
C PHE H 180 20.95 66.13 -21.63
N GLU H 181 19.81 65.49 -21.36
CA GLU H 181 18.88 65.12 -22.42
C GLU H 181 17.50 64.97 -21.81
N ILE H 182 16.48 65.23 -22.63
CA ILE H 182 15.10 65.17 -22.17
C ILE H 182 14.63 63.73 -22.13
N GLY H 183 14.05 63.32 -21.01
CA GLY H 183 13.60 61.96 -20.82
C GLY H 183 12.21 61.72 -21.38
N LEU H 184 11.69 60.53 -21.10
CA LEU H 184 10.38 60.11 -21.56
C LEU H 184 9.62 59.46 -20.41
N SER H 185 8.30 59.46 -20.52
CA SER H 185 7.45 58.89 -19.48
C SER H 185 7.69 57.38 -19.43
N TYR H 186 8.39 56.94 -18.38
CA TYR H 186 8.72 55.52 -18.25
C TYR H 186 7.51 54.69 -17.82
N GLU H 187 6.60 55.27 -17.04
CA GLU H 187 5.41 54.53 -16.63
C GLU H 187 4.60 54.10 -17.84
N GLU H 188 4.42 55.00 -18.82
CA GLU H 188 3.77 54.64 -20.06
C GLU H 188 4.71 53.96 -21.05
N LEU H 189 6.02 54.04 -20.84
CA LEU H 189 6.98 53.39 -21.73
C LEU H 189 7.17 51.92 -21.40
N MET H 190 6.77 51.48 -20.21
CA MET H 190 6.84 50.04 -19.90
C MET H 190 5.95 49.24 -20.85
N ASN H 191 4.75 49.75 -21.14
CA ASN H 191 3.85 49.05 -22.05
C ASN H 191 4.46 48.97 -23.45
N GLU H 192 5.08 50.06 -23.92
CA GLU H 192 5.73 50.02 -25.22
C GLU H 192 6.90 49.05 -25.24
N THR H 193 7.68 49.02 -24.16
CA THR H 193 8.79 48.07 -24.08
C THR H 193 8.28 46.63 -24.14
N LYS H 194 7.19 46.33 -23.40
CA LYS H 194 6.64 44.99 -23.44
C LYS H 194 6.09 44.65 -24.82
N ASN H 195 5.43 45.61 -25.47
CA ASN H 195 4.89 45.37 -26.81
C ASN H 195 6.01 45.09 -27.80
N LEU H 196 7.10 45.85 -27.74
CA LEU H 196 8.23 45.59 -28.61
C LEU H 196 8.86 44.22 -28.29
N LEU H 197 8.93 43.88 -27.01
CA LEU H 197 9.38 42.54 -26.63
C LEU H 197 8.40 41.46 -27.07
N MET H 198 7.16 41.84 -27.36
CA MET H 198 6.16 40.90 -27.89
C MET H 198 6.27 40.79 -29.41
N LYS H 199 7.48 40.53 -29.89
CA LYS H 199 7.76 40.34 -31.30
C LYS H 199 8.25 38.94 -31.62
N GLU H 200 8.87 38.26 -30.68
CA GLU H 200 9.35 36.90 -30.85
C GLU H 200 8.25 35.93 -30.43
N GLY H 201 8.58 34.65 -30.34
CA GLY H 201 7.62 33.67 -29.85
C GLY H 201 7.18 33.99 -28.44
N PHE H 202 8.11 33.85 -27.48
CA PHE H 202 7.86 34.20 -26.09
C PHE H 202 6.51 33.66 -25.65
N SER H 203 5.73 34.43 -24.90
CA SER H 203 4.39 34.04 -24.50
C SER H 203 3.67 35.29 -24.01
N LEU H 204 2.48 35.11 -23.45
CA LEU H 204 1.68 36.24 -22.97
C LEU H 204 2.16 36.70 -21.59
N GLU H 205 2.06 35.83 -20.60
CA GLU H 205 2.46 36.20 -19.24
C GLU H 205 3.97 36.25 -19.08
N ASP H 206 4.71 35.43 -19.83
CA ASP H 206 6.16 35.38 -19.67
C ASP H 206 6.82 36.68 -20.09
N VAL H 207 6.23 37.40 -21.05
CA VAL H 207 6.79 38.69 -21.44
C VAL H 207 6.76 39.65 -20.25
N LYS H 208 5.64 39.69 -19.54
CA LYS H 208 5.49 40.57 -18.38
C LYS H 208 6.15 40.01 -17.13
N ASP H 209 6.53 38.73 -17.14
CA ASP H 209 7.04 38.08 -15.94
C ASP H 209 8.33 37.29 -16.15
N LEU H 210 8.68 36.94 -17.38
CA LEU H 210 9.82 36.07 -17.64
C LEU H 210 10.94 36.76 -18.41
N PHE H 211 10.66 37.33 -19.58
CA PHE H 211 11.74 37.72 -20.49
C PHE H 211 12.29 39.12 -20.21
N TYR H 212 11.44 40.07 -19.81
CA TYR H 212 11.94 41.41 -19.54
C TYR H 212 12.97 41.42 -18.42
N PRO H 213 12.76 40.72 -17.30
CA PRO H 213 13.84 40.57 -16.32
C PRO H 213 15.10 39.96 -16.91
N ASN H 214 14.95 38.97 -17.79
CA ASN H 214 16.12 38.39 -18.44
C ASN H 214 16.93 39.45 -19.17
N SER H 215 16.25 40.27 -19.96
CA SER H 215 16.95 41.28 -20.76
C SER H 215 17.62 42.32 -19.85
N ILE H 216 16.88 42.81 -18.85
CA ILE H 216 17.46 43.83 -17.98
C ILE H 216 18.70 43.30 -17.28
N GLN H 217 18.64 42.08 -16.75
CA GLN H 217 19.81 41.58 -16.04
C GLN H 217 20.95 41.25 -16.98
N TYR H 218 20.66 40.76 -18.19
CA TYR H 218 21.73 40.58 -19.16
C TYR H 218 22.47 41.88 -19.37
N ILE H 219 21.73 42.97 -19.63
CA ILE H 219 22.38 44.23 -19.92
C ILE H 219 23.12 44.75 -18.69
N ALA H 220 22.59 44.52 -17.49
CA ALA H 220 23.21 45.07 -16.29
C ALA H 220 24.45 44.30 -15.89
N GLU H 221 24.44 42.97 -16.05
CA GLU H 221 25.53 42.11 -15.62
C GLU H 221 26.50 41.76 -16.74
N LEU H 222 26.31 42.32 -17.95
CA LEU H 222 27.27 42.07 -19.01
C LEU H 222 28.68 42.52 -18.61
N SER H 223 28.80 43.51 -17.74
CA SER H 223 30.08 44.14 -17.43
C SER H 223 30.28 44.29 -15.93
N ILE H 224 30.04 43.22 -15.17
CA ILE H 224 30.22 43.25 -13.73
C ILE H 224 31.48 42.53 -13.26
N LEU H 225 32.05 41.64 -14.07
CA LEU H 225 33.22 40.89 -13.63
C LEU H 225 34.42 41.82 -13.50
N PRO H 226 35.39 41.46 -12.63
CA PRO H 226 36.55 42.35 -12.44
C PRO H 226 37.31 42.63 -13.73
N GLU H 227 37.42 41.64 -14.62
CA GLU H 227 38.18 41.84 -15.85
C GLU H 227 37.52 42.91 -16.71
N ALA H 228 38.34 43.82 -17.23
CA ALA H 228 37.85 44.91 -18.07
C ALA H 228 37.64 44.49 -19.51
N GLU H 229 38.12 43.32 -19.91
CA GLU H 229 37.96 42.83 -21.28
C GLU H 229 36.74 41.92 -21.44
N LYS H 230 35.99 41.66 -20.37
CA LYS H 230 34.81 40.83 -20.44
C LYS H 230 33.58 41.57 -20.97
N ARG H 231 33.67 42.89 -21.16
CA ARG H 231 32.53 43.66 -21.62
C ARG H 231 32.37 43.62 -23.14
N ILE H 232 33.30 43.00 -23.86
CA ILE H 232 33.24 43.01 -25.31
C ILE H 232 31.94 42.38 -25.78
N SER H 233 31.27 43.05 -26.71
CA SER H 233 30.02 42.57 -27.27
C SER H 233 30.02 42.81 -28.78
N SER H 234 29.56 41.82 -29.54
CA SER H 234 29.49 41.89 -30.99
C SER H 234 28.09 41.51 -31.45
N LYS H 235 27.88 41.54 -32.76
CA LYS H 235 26.58 41.18 -33.31
C LYS H 235 26.24 39.73 -32.99
N ASN H 236 27.21 38.82 -33.14
CA ASN H 236 26.96 37.42 -32.86
C ASN H 236 26.56 37.22 -31.41
N LYS H 237 27.28 37.85 -30.47
CA LYS H 237 26.94 37.71 -29.06
C LYS H 237 25.55 38.26 -28.76
N LEU H 238 25.21 39.41 -29.35
CA LEU H 238 23.92 40.01 -29.08
C LEU H 238 22.79 39.16 -29.63
N ILE H 239 22.95 38.60 -30.83
CA ILE H 239 21.90 37.73 -31.36
C ILE H 239 21.80 36.45 -30.52
N ASP H 240 22.93 35.93 -30.05
CA ASP H 240 22.91 34.73 -29.22
C ASP H 240 22.18 34.99 -27.91
N TYR H 241 22.43 36.14 -27.28
CA TYR H 241 21.79 36.48 -26.02
C TYR H 241 20.46 37.20 -26.22
N LEU H 242 19.99 37.33 -27.46
CA LEU H 242 18.62 37.74 -27.74
C LEU H 242 17.71 36.57 -28.10
N LYS H 243 18.26 35.54 -28.76
CA LYS H 243 17.49 34.34 -29.06
C LYS H 243 18.21 33.03 -28.81
N GLY H 244 19.53 33.04 -28.59
CA GLY H 244 20.25 31.78 -28.44
C GLY H 244 19.73 30.94 -27.29
N ASN H 245 19.97 31.36 -26.05
CA ASN H 245 19.37 30.68 -24.90
C ASN H 245 18.12 31.41 -24.43
N LYS H 246 18.30 32.59 -23.82
CA LYS H 246 17.24 33.54 -23.53
C LYS H 246 15.90 32.89 -23.15
N LYS H 247 15.94 31.80 -22.40
CA LYS H 247 14.72 31.18 -21.90
C LYS H 247 14.73 31.04 -20.39
N THR H 248 15.78 30.47 -19.81
CA THR H 248 15.97 30.43 -18.37
C THR H 248 17.24 31.16 -17.95
N ALA H 249 18.38 30.77 -18.53
CA ALA H 249 19.65 31.46 -18.29
C ALA H 249 19.95 31.59 -16.79
N MET H 250 19.41 30.68 -15.98
CA MET H 250 19.69 30.65 -14.55
C MET H 250 19.30 31.98 -13.90
N SER H 251 18.00 32.22 -13.92
CA SER H 251 17.41 33.49 -13.52
C SER H 251 17.95 34.05 -12.21
N ARG H 252 18.58 35.22 -12.33
CA ARG H 252 19.09 36.00 -11.21
C ARG H 252 18.59 37.44 -11.37
N TRP H 253 17.28 37.55 -11.61
CA TRP H 253 16.71 38.83 -12.05
C TRP H 253 15.20 38.99 -11.97
N THR H 254 14.76 40.08 -11.31
CA THR H 254 13.49 40.76 -11.60
C THR H 254 13.61 42.20 -11.11
N SER H 255 12.80 43.08 -11.71
CA SER H 255 12.69 44.44 -11.22
C SER H 255 11.28 44.98 -11.25
N GLU H 256 10.26 44.16 -11.48
CA GLU H 256 8.86 44.59 -11.56
C GLU H 256 8.09 44.01 -10.37
N VAL H 257 6.76 44.15 -10.42
CA VAL H 257 5.86 43.77 -9.34
C VAL H 257 6.36 44.42 -8.05
N LEU H 258 6.89 45.64 -8.19
CA LEU H 258 7.38 46.42 -7.07
C LEU H 258 6.34 47.39 -6.52
N THR H 259 5.15 47.44 -7.12
CA THR H 259 4.12 48.37 -6.66
C THR H 259 3.63 47.91 -5.30
N ARG H 260 4.11 48.57 -4.25
CA ARG H 260 3.96 48.10 -2.88
C ARG H 260 2.53 48.28 -2.36
N LYS H 261 1.67 47.27 -2.60
CA LYS H 261 0.32 47.29 -2.03
C LYS H 261 -0.14 45.83 -1.92
N GLN H 262 -0.02 45.28 -0.71
CA GLN H 262 -0.48 43.92 -0.42
C GLN H 262 -0.06 42.93 -1.51
N LEU H 263 -0.91 42.74 -2.51
CA LEU H 263 -0.63 41.87 -3.64
C LEU H 263 -0.21 42.79 -4.78
N LEU H 264 1.12 42.94 -4.97
CA LEU H 264 1.63 44.15 -5.57
C LEU H 264 1.16 44.36 -7.01
N LYS H 265 1.67 43.59 -7.98
CA LYS H 265 1.11 43.70 -9.32
C LYS H 265 0.70 42.38 -9.98
N VAL H 266 1.68 41.56 -10.36
CA VAL H 266 1.40 40.31 -11.09
C VAL H 266 2.24 39.13 -10.60
N ARG H 267 3.57 39.29 -10.59
CA ARG H 267 4.50 38.16 -10.64
C ARG H 267 4.43 37.21 -9.45
N LYS H 268 3.51 37.47 -8.51
CA LYS H 268 3.22 36.46 -7.51
C LYS H 268 2.77 35.16 -8.14
N ASN H 269 2.12 35.23 -9.31
CA ASN H 269 1.42 34.09 -9.88
C ASN H 269 2.32 33.20 -10.73
N GLN H 270 3.35 33.77 -11.37
CA GLN H 270 4.13 32.98 -12.31
C GLN H 270 4.70 31.73 -11.65
N LEU H 271 5.24 31.88 -10.45
CA LEU H 271 5.88 30.78 -9.75
C LEU H 271 4.88 29.87 -9.05
N VAL H 272 3.59 30.22 -9.03
CA VAL H 272 2.59 29.34 -8.43
C VAL H 272 2.53 28.00 -9.16
N PRO H 273 2.48 27.94 -10.51
CA PRO H 273 2.45 26.64 -11.18
C PRO H 273 3.66 25.77 -10.85
N SER H 274 4.58 26.28 -10.04
CA SER H 274 5.59 25.44 -9.40
C SER H 274 5.23 25.09 -7.97
N LEU H 275 4.64 26.03 -7.23
CA LEU H 275 4.36 25.78 -5.82
C LEU H 275 3.19 24.82 -5.65
N ASN H 276 2.14 25.01 -6.46
CA ASN H 276 1.00 24.09 -6.42
C ASN H 276 1.42 22.68 -6.80
N ILE H 277 2.25 22.54 -7.83
CA ILE H 277 2.75 21.23 -8.21
C ILE H 277 3.40 20.60 -6.99
N ASN H 278 3.38 19.28 -6.91
CA ASN H 278 3.73 18.57 -5.71
C ASN H 278 5.11 17.92 -5.79
N SER H 279 5.90 18.24 -6.81
CA SER H 279 7.24 17.69 -6.96
C SER H 279 8.22 18.77 -7.39
N ARG H 280 8.10 19.95 -6.78
CA ARG H 280 8.96 21.09 -7.11
C ARG H 280 9.73 21.48 -5.86
N SER H 281 11.05 21.39 -5.92
CA SER H 281 11.92 21.70 -4.78
C SER H 281 12.37 23.14 -4.92
N ARG H 282 11.58 24.05 -4.34
CA ARG H 282 11.83 25.47 -4.51
C ARG H 282 13.02 25.92 -3.68
N TYR H 283 13.95 26.63 -4.32
CA TYR H 283 15.18 27.08 -3.69
C TYR H 283 15.25 28.59 -3.77
N PHE H 284 15.69 29.23 -2.69
CA PHE H 284 15.67 30.68 -2.57
C PHE H 284 17.09 31.23 -2.43
N ILE H 285 17.18 32.57 -2.47
CA ILE H 285 18.40 33.30 -2.14
C ILE H 285 17.95 34.65 -1.60
N ILE H 286 18.40 35.02 -0.40
CA ILE H 286 17.85 36.17 0.31
C ILE H 286 18.99 37.01 0.89
N ASP H 287 18.66 38.26 1.23
CA ASP H 287 19.63 39.20 1.79
C ASP H 287 19.02 39.97 2.95
N PRO H 288 19.65 39.98 4.13
CA PRO H 288 19.10 40.77 5.24
C PRO H 288 19.05 42.26 4.96
N ASP H 289 19.74 42.76 3.93
CA ASP H 289 19.73 44.19 3.68
C ASP H 289 18.32 44.70 3.47
N THR H 290 17.48 43.93 2.77
CA THR H 290 16.07 44.28 2.65
C THR H 290 15.25 43.58 3.72
N ILE H 291 15.24 42.24 3.70
CA ILE H 291 14.49 41.48 4.69
C ILE H 291 15.10 41.73 6.07
N ASP H 292 14.24 41.91 7.07
CA ASP H 292 14.64 42.45 8.36
C ASP H 292 14.44 41.44 9.50
N ASN H 293 15.27 41.59 10.53
CA ASN H 293 15.14 40.85 11.78
C ASN H 293 15.22 39.33 11.54
N PHE H 294 16.40 38.90 11.09
CA PHE H 294 16.65 37.49 10.81
C PHE H 294 16.96 36.68 12.06
N ASP H 295 16.80 37.27 13.24
CA ASP H 295 16.77 36.55 14.50
C ASP H 295 15.54 36.85 15.32
N ASP H 296 14.79 37.91 14.99
CA ASP H 296 13.72 38.40 15.84
C ASP H 296 12.34 38.23 15.20
N GLU H 297 12.14 38.74 13.98
CA GLU H 297 10.79 38.85 13.42
C GLU H 297 10.72 38.30 12.00
N PHE H 298 11.72 37.56 11.56
CA PHE H 298 11.60 36.69 10.39
C PHE H 298 10.97 35.39 10.89
N ILE H 299 10.94 34.36 10.07
CA ILE H 299 10.49 33.02 10.46
C ILE H 299 8.98 32.91 10.42
N LEU H 300 8.28 34.01 10.69
CA LEU H 300 6.86 34.05 10.39
C LEU H 300 6.62 33.77 8.91
N PHE H 301 7.41 34.41 8.05
CA PHE H 301 7.45 34.03 6.64
C PHE H 301 7.70 32.54 6.49
N VAL H 302 8.72 32.04 7.21
CA VAL H 302 8.99 30.61 7.17
C VAL H 302 7.79 29.83 7.68
N LYS H 303 7.20 30.27 8.80
CA LYS H 303 6.10 29.49 9.36
C LYS H 303 4.98 29.33 8.35
N ASP H 304 4.60 30.41 7.69
CA ASP H 304 3.49 30.34 6.74
C ASP H 304 3.86 29.53 5.50
N TYR H 305 5.01 29.83 4.88
CA TYR H 305 5.43 29.07 3.71
C TYR H 305 5.43 27.58 4.02
N LEU H 306 5.90 27.21 5.20
CA LEU H 306 6.07 25.82 5.54
C LEU H 306 4.75 25.15 5.89
N ASP H 307 3.87 25.85 6.62
CA ASP H 307 2.56 25.31 6.92
C ASP H 307 1.64 25.28 5.69
N LYS H 308 2.05 25.90 4.59
CA LYS H 308 1.27 25.82 3.35
C LYS H 308 1.83 24.80 2.37
N TYR H 309 3.09 24.95 1.95
CA TYR H 309 3.63 24.17 0.85
C TYR H 309 4.37 22.92 1.31
N ASN H 310 4.35 22.59 2.58
CA ASN H 310 4.82 21.27 2.98
C ASN H 310 3.97 20.68 4.09
N SER H 311 2.69 21.08 4.19
CA SER H 311 1.82 20.61 5.24
C SER H 311 0.96 19.43 4.78
N LYS H 312 0.21 19.60 3.70
CA LYS H 312 -0.66 18.55 3.19
C LYS H 312 0.20 17.40 2.71
N ILE H 313 0.27 16.33 3.50
CA ILE H 313 1.23 15.28 3.23
C ILE H 313 0.84 14.50 1.98
N LYS H 314 -0.45 14.41 1.68
CA LYS H 314 -0.91 13.58 0.58
C LYS H 314 -0.32 14.04 -0.75
N LEU H 315 -0.47 15.33 -1.07
CA LEU H 315 -0.08 15.82 -2.39
C LEU H 315 1.38 16.25 -2.44
N HIS H 316 1.74 17.28 -1.66
CA HIS H 316 3.08 17.84 -1.75
C HIS H 316 4.13 16.79 -1.43
N THR H 317 5.33 16.95 -1.99
CA THR H 317 6.40 15.98 -1.81
C THR H 317 7.79 16.60 -1.66
N GLU H 318 7.91 17.94 -1.56
CA GLU H 318 9.20 18.60 -1.62
C GLU H 318 9.35 19.59 -0.47
N THR H 319 10.61 19.88 -0.13
CA THR H 319 10.96 20.84 0.91
C THR H 319 11.58 22.09 0.29
N PRO H 320 11.05 23.27 0.58
CA PRO H 320 11.75 24.49 0.18
C PRO H 320 13.07 24.66 0.93
N CYS H 321 13.97 25.44 0.34
CA CYS H 321 15.30 25.65 0.91
C CYS H 321 15.72 27.10 0.72
N PHE H 322 16.00 27.78 1.82
CA PHE H 322 16.28 29.21 1.85
C PHE H 322 17.78 29.48 1.83
N ILE H 323 18.19 30.39 0.95
CA ILE H 323 19.53 31.00 1.01
C ILE H 323 19.35 32.46 1.38
N LEU H 324 20.00 32.87 2.47
CA LEU H 324 20.02 34.24 2.92
C LEU H 324 21.46 34.75 2.92
N LYS H 325 21.65 36.01 3.29
CA LYS H 325 22.97 36.66 3.24
C LYS H 325 23.34 37.28 4.59
N THR H 326 23.20 36.50 5.66
CA THR H 326 23.77 36.83 6.96
C THR H 326 25.04 36.01 7.19
N ASP H 327 25.78 36.35 8.25
CA ASP H 327 27.06 35.71 8.48
C ASP H 327 26.93 34.19 8.55
N VAL H 328 28.04 33.48 8.39
CA VAL H 328 28.03 32.02 8.46
C VAL H 328 28.14 31.52 9.89
N ASN H 329 28.61 32.36 10.81
CA ASN H 329 28.74 32.00 12.22
C ASN H 329 27.50 32.39 13.01
N ASN H 330 26.82 33.44 12.59
CA ASN H 330 25.63 33.92 13.29
C ASN H 330 24.36 33.23 12.82
N LEU H 331 24.45 32.26 11.91
CA LEU H 331 23.23 31.67 11.37
C LEU H 331 22.56 30.75 12.38
N SER H 332 23.35 29.95 13.12
CA SER H 332 22.76 29.11 14.15
C SER H 332 22.11 29.94 15.25
N GLU H 333 22.44 31.22 15.35
CA GLU H 333 21.78 32.13 16.27
C GLU H 333 20.54 32.76 15.63
N TYR H 334 20.67 33.26 14.40
CA TYR H 334 19.53 33.70 13.62
C TYR H 334 18.46 32.63 13.54
N HIS H 335 18.85 31.38 13.83
CA HIS H 335 17.95 30.24 13.82
C HIS H 335 16.90 30.26 14.94
N LYS H 336 17.16 30.97 16.04
CA LYS H 336 16.31 30.88 17.24
C LYS H 336 14.84 30.76 16.93
N ARG H 337 14.33 31.66 16.08
CA ARG H 337 12.89 31.83 15.98
C ARG H 337 12.20 30.62 15.38
N PHE H 338 12.90 29.80 14.61
CA PHE H 338 12.33 28.58 14.05
C PHE H 338 11.75 27.69 15.13
N VAL H 339 12.61 27.17 16.00
CA VAL H 339 12.17 26.49 17.20
C VAL H 339 11.42 27.42 18.16
N SER H 340 11.49 28.74 17.92
CA SER H 340 10.62 29.64 18.66
C SER H 340 9.22 29.71 18.07
N ARG H 341 8.89 28.93 17.05
CA ARG H 341 7.47 28.77 16.75
C ARG H 341 7.12 27.38 16.23
N ASN H 342 7.90 26.34 16.55
CA ASN H 342 7.55 24.96 16.21
C ASN H 342 7.43 24.78 14.70
N ILE H 343 8.53 25.07 14.01
CA ILE H 343 8.56 25.05 12.55
C ILE H 343 9.72 24.17 12.11
N GLN H 344 10.01 23.14 12.90
CA GLN H 344 11.27 22.41 12.89
C GLN H 344 11.87 22.26 11.50
N ILE H 345 13.08 22.80 11.32
CA ILE H 345 13.82 22.71 10.07
C ILE H 345 15.27 23.03 10.37
N ILE H 346 16.17 22.62 9.46
CA ILE H 346 17.62 22.65 9.70
C ILE H 346 18.19 24.05 9.43
N THR H 347 19.46 24.24 9.83
CA THR H 347 20.11 25.54 9.79
C THR H 347 20.91 25.81 8.52
N GLY H 348 21.17 24.79 7.71
CA GLY H 348 21.87 24.98 6.45
C GLY H 348 23.37 25.02 6.54
N TYR H 349 23.94 26.13 6.99
CA TYR H 349 25.37 26.18 7.25
C TYR H 349 25.76 25.47 8.54
N ILE H 350 24.78 25.07 9.35
CA ILE H 350 25.04 24.16 10.45
C ILE H 350 26.02 24.77 11.44
N GLY H 351 26.22 26.09 11.34
CA GLY H 351 26.93 26.87 12.34
C GLY H 351 28.22 27.50 11.88
N ASP H 352 29.10 26.75 11.21
CA ASP H 352 30.32 27.33 10.68
C ASP H 352 30.61 26.88 9.26
N THR H 353 30.25 25.64 8.93
CA THR H 353 30.56 25.06 7.63
C THR H 353 29.37 24.25 7.14
N PHE H 354 29.27 24.13 5.83
CA PHE H 354 28.04 23.78 5.14
C PHE H 354 28.07 22.32 4.72
N TYR H 355 27.28 21.50 5.39
CA TYR H 355 27.13 20.09 5.06
C TYR H 355 25.69 19.89 4.60
N PHE H 356 25.51 19.46 3.35
CA PHE H 356 24.35 19.90 2.59
C PHE H 356 23.66 18.81 1.75
N LYS H 357 23.92 17.53 2.01
CA LYS H 357 22.96 16.56 1.54
C LYS H 357 21.61 16.84 2.15
N GLU H 358 21.61 17.16 3.44
CA GLU H 358 20.41 17.59 4.13
C GLU H 358 19.92 18.93 3.63
N PHE H 359 20.75 19.68 2.89
CA PHE H 359 20.26 20.86 2.19
C PHE H 359 19.60 20.52 0.87
N ASN H 360 19.65 19.25 0.43
CA ASN H 360 18.97 18.86 -0.81
C ASN H 360 18.29 17.51 -0.70
N LYS H 361 18.07 17.00 0.51
CA LYS H 361 17.39 15.73 0.67
C LYS H 361 15.88 15.90 0.53
N GLU H 362 15.21 14.81 0.22
CA GLU H 362 13.75 14.83 0.11
C GLU H 362 13.13 14.78 1.51
N PRO H 363 12.21 15.68 1.84
CA PRO H 363 11.55 15.58 3.14
C PRO H 363 10.69 14.34 3.23
N LYS H 364 11.09 13.37 4.03
CA LYS H 364 10.28 12.17 4.15
C LYS H 364 8.90 12.54 4.69
N ARG H 365 7.96 11.60 4.59
CA ARG H 365 6.57 11.92 4.87
C ARG H 365 5.82 10.72 5.41
N ILE H 366 4.79 11.02 6.19
CA ILE H 366 3.73 10.07 6.51
C ILE H 366 2.40 10.82 6.41
N ILE H 367 1.39 10.18 5.83
CA ILE H 367 0.12 10.83 5.58
C ILE H 367 -0.85 10.65 6.76
N LYS H 368 -0.86 9.46 7.36
CA LYS H 368 -1.87 9.16 8.37
C LYS H 368 -1.76 10.06 9.59
N ASP H 369 -0.55 10.52 9.91
CA ASP H 369 -0.33 11.35 11.10
C ASP H 369 -0.22 12.83 10.77
N ASN H 370 -0.52 13.23 9.54
CA ASN H 370 -0.43 14.64 9.12
C ASN H 370 0.91 15.22 9.56
N TRP H 371 1.98 14.50 9.25
CA TRP H 371 3.33 14.80 9.73
C TRP H 371 4.23 15.06 8.54
N VAL H 372 4.94 16.19 8.59
CA VAL H 372 5.94 16.54 7.60
C VAL H 372 7.26 16.70 8.34
N GLU H 373 8.30 16.02 7.84
CA GLU H 373 9.52 15.86 8.63
C GLU H 373 10.14 17.21 8.90
N PHE H 374 10.66 17.87 7.87
CA PHE H 374 11.10 19.24 8.00
C PHE H 374 10.55 20.01 6.81
N LYS H 375 9.89 21.12 7.10
CA LYS H 375 9.10 21.81 6.09
C LYS H 375 9.92 22.72 5.20
N ALA H 376 11.21 22.92 5.50
CA ALA H 376 12.04 23.84 4.73
C ALA H 376 13.48 23.79 5.18
N ARG H 377 14.29 24.71 4.66
CA ARG H 377 15.68 24.82 5.07
C ARG H 377 16.13 26.26 4.94
N ILE H 378 16.90 26.75 5.92
CA ILE H 378 17.71 27.94 5.73
C ILE H 378 19.17 27.54 5.60
N SER H 379 19.82 28.08 4.59
CA SER H 379 21.26 28.25 4.56
C SER H 379 21.53 29.68 4.12
N CYS H 380 22.78 30.10 4.21
CA CYS H 380 23.14 31.44 3.80
C CYS H 380 23.81 31.45 2.43
N ASN H 381 24.06 32.66 1.93
CA ASN H 381 24.52 32.88 0.56
C ASN H 381 26.03 32.74 0.40
N SER H 382 26.77 32.48 1.48
CA SER H 382 28.21 32.50 1.38
C SER H 382 28.69 31.42 0.42
N ASP H 383 29.79 31.72 -0.28
CA ASP H 383 30.26 30.88 -1.38
C ASP H 383 30.48 29.43 -0.97
N GLU H 384 30.54 29.15 0.33
CA GLU H 384 30.95 27.83 0.79
C GLU H 384 30.39 26.74 -0.13
N VAL H 385 29.09 26.77 -0.38
CA VAL H 385 28.50 26.10 -1.54
C VAL H 385 27.31 26.91 -2.02
N ILE H 386 27.45 27.53 -3.18
CA ILE H 386 26.34 28.13 -3.89
C ILE H 386 26.05 27.42 -5.19
N LYS H 387 26.70 26.28 -5.43
CA LYS H 387 26.42 25.44 -6.59
C LYS H 387 25.51 24.27 -6.25
N CYS H 388 25.02 24.19 -5.01
CA CYS H 388 23.94 23.30 -4.65
C CYS H 388 22.63 24.06 -4.50
N ILE H 389 22.58 25.29 -4.97
CA ILE H 389 21.37 26.10 -4.88
C ILE H 389 21.06 26.62 -6.28
N ASN H 390 21.65 25.97 -7.28
CA ASN H 390 21.31 26.24 -8.68
C ASN H 390 20.92 24.97 -9.42
N TYR H 391 20.80 23.85 -8.72
CA TYR H 391 20.63 22.55 -9.34
C TYR H 391 19.19 22.04 -9.26
N LYS H 392 18.62 21.96 -8.06
CA LYS H 392 17.29 21.38 -7.87
C LYS H 392 16.23 22.46 -7.90
N LYS H 393 16.40 23.43 -8.75
CA LYS H 393 15.64 24.66 -8.68
C LYS H 393 14.26 24.52 -9.10
N CYS H 394 13.76 23.31 -9.38
CA CYS H 394 12.44 23.14 -9.95
C CYS H 394 12.18 24.26 -10.96
N ASP H 395 11.99 25.47 -10.48
CA ASP H 395 11.85 26.58 -11.41
C ASP H 395 12.76 27.76 -11.14
N ASP H 396 12.99 28.13 -9.89
CA ASP H 396 13.45 29.49 -9.61
C ASP H 396 14.51 29.54 -8.51
N LEU H 397 15.47 30.45 -8.68
CA LEU H 397 16.32 30.84 -7.57
C LEU H 397 15.57 31.64 -6.51
N TYR H 398 14.35 32.10 -6.81
CA TYR H 398 13.53 32.85 -5.85
C TYR H 398 14.37 33.83 -5.06
N ILE H 399 15.26 34.55 -5.75
CA ILE H 399 16.23 35.39 -5.08
C ILE H 399 15.51 36.58 -4.47
N VAL H 400 16.03 37.07 -3.34
CA VAL H 400 15.47 38.20 -2.63
C VAL H 400 16.58 39.22 -2.44
N GLY H 401 16.65 40.22 -3.32
CA GLY H 401 17.58 41.32 -3.14
C GLY H 401 18.97 41.00 -3.64
N GLY H 402 19.88 40.73 -2.70
CA GLY H 402 21.24 40.38 -3.06
C GLY H 402 21.34 38.94 -3.54
N VAL H 403 22.51 38.61 -4.06
CA VAL H 403 22.76 37.30 -4.63
C VAL H 403 24.26 37.10 -4.73
N ASP H 404 24.69 35.85 -4.80
CA ASP H 404 26.06 35.50 -5.14
C ASP H 404 26.05 35.09 -6.61
N VAL H 405 26.47 36.01 -7.47
CA VAL H 405 26.31 35.85 -8.90
C VAL H 405 27.07 34.64 -9.44
N SER H 406 28.24 34.35 -8.90
CA SER H 406 29.16 33.39 -9.49
C SER H 406 28.98 32.01 -8.87
N LEU H 407 29.82 31.09 -9.30
CA LEU H 407 29.75 29.68 -8.86
C LEU H 407 28.34 29.15 -9.03
N LEU H 408 27.74 29.45 -10.18
CA LEU H 408 26.34 29.13 -10.47
C LEU H 408 26.22 28.75 -11.94
N ASP H 409 26.30 27.44 -12.22
CA ASP H 409 26.12 26.90 -13.56
C ASP H 409 24.95 27.61 -14.24
N THR H 410 25.17 28.12 -15.45
CA THR H 410 24.29 29.12 -16.05
C THR H 410 23.34 28.53 -17.12
N ALA H 411 22.41 27.67 -16.67
CA ALA H 411 21.28 27.32 -17.53
C ALA H 411 20.20 26.50 -16.84
N ASP H 412 18.97 26.59 -17.36
CA ASP H 412 17.92 25.61 -17.14
C ASP H 412 17.33 25.58 -15.73
N VAL H 413 17.05 26.73 -15.13
CA VAL H 413 16.20 26.76 -13.95
C VAL H 413 15.32 28.00 -13.96
N ASN H 414 14.14 27.90 -14.58
CA ASN H 414 13.21 29.00 -14.87
C ASN H 414 13.54 30.34 -14.19
N ILE H 415 12.54 31.07 -13.68
CA ILE H 415 12.74 32.48 -13.37
C ILE H 415 12.12 32.87 -12.03
N GLU H 416 12.96 33.40 -11.13
CA GLU H 416 12.51 34.31 -10.08
C GLU H 416 13.67 34.96 -9.32
N ASN H 417 13.64 36.29 -9.21
CA ASN H 417 14.52 37.05 -8.32
C ASN H 417 13.80 38.34 -7.97
N LEU H 418 13.15 38.38 -6.82
CA LEU H 418 12.38 39.54 -6.41
C LEU H 418 13.07 40.22 -5.23
N GLU H 419 13.70 41.35 -5.50
CA GLU H 419 14.23 42.21 -4.44
C GLU H 419 13.06 42.88 -3.74
N ILE H 420 12.74 42.41 -2.53
CA ILE H 420 11.53 42.80 -1.82
C ILE H 420 11.89 43.25 -0.41
N ASN H 421 11.00 44.04 0.18
CA ASN H 421 11.27 44.71 1.44
C ASN H 421 11.52 43.76 2.61
N ASN H 422 10.50 42.99 3.02
CA ASN H 422 10.56 42.29 4.30
C ASN H 422 10.07 40.85 4.13
N PHE H 423 10.20 40.10 5.23
CA PHE H 423 9.71 38.72 5.26
C PHE H 423 8.25 38.66 4.85
N ARG H 424 7.45 39.63 5.26
CA ARG H 424 6.02 39.59 5.00
C ARG H 424 5.70 39.88 3.55
N GLU H 425 6.54 40.66 2.88
CA GLU H 425 6.37 40.94 1.47
C GLU H 425 7.02 39.89 0.59
N LEU H 426 7.68 38.89 1.16
CA LEU H 426 8.06 37.70 0.40
C LEU H 426 6.95 36.68 0.32
N LYS H 427 5.93 36.81 1.16
CA LYS H 427 4.83 35.85 1.15
C LYS H 427 3.96 36.03 -0.08
N TYR H 428 3.61 37.27 -0.44
CA TYR H 428 2.65 37.46 -1.52
C TYR H 428 3.13 36.79 -2.79
N LEU H 429 4.42 36.91 -3.12
CA LEU H 429 4.97 36.20 -4.26
C LEU H 429 4.83 34.70 -4.06
N LEU H 430 5.50 34.17 -3.05
CA LEU H 430 5.39 32.78 -2.66
C LEU H 430 4.04 32.62 -1.94
N SER H 431 2.98 32.56 -2.76
CA SER H 431 1.65 32.93 -2.27
C SER H 431 1.09 31.89 -1.31
N MET H 432 1.64 31.84 -0.09
CA MET H 432 1.07 31.03 0.97
C MET H 432 0.10 31.82 1.83
N LEU H 433 0.44 33.07 2.14
CA LEU H 433 -0.40 33.96 2.92
C LEU H 433 -0.93 35.01 1.96
N LYS H 434 -2.15 34.80 1.46
CA LYS H 434 -2.72 35.69 0.46
C LYS H 434 -2.62 37.16 0.84
N GLU H 435 -2.50 37.47 2.13
CA GLU H 435 -2.42 38.83 2.61
C GLU H 435 -1.06 39.06 3.28
N ILE H 436 -0.89 40.25 3.86
CA ILE H 436 0.32 40.61 4.57
C ILE H 436 -0.04 41.08 5.98
N MET I 1 -55.33 -19.40 -33.73
CA MET I 1 -56.65 -20.11 -33.63
C MET I 1 -56.48 -21.45 -32.93
N MET I 2 -56.75 -21.46 -31.62
CA MET I 2 -56.63 -22.68 -30.84
C MET I 2 -57.66 -23.70 -31.29
N SER I 3 -57.27 -24.98 -31.26
CA SER I 3 -58.16 -26.05 -31.68
C SER I 3 -59.34 -26.17 -30.72
N ARG I 4 -60.49 -26.59 -31.26
CA ARG I 4 -61.69 -26.73 -30.45
C ARG I 4 -61.51 -27.83 -29.39
N GLU I 5 -60.74 -28.87 -29.71
CA GLU I 5 -60.48 -29.92 -28.72
C GLU I 5 -59.71 -29.37 -27.53
N ALA I 6 -58.76 -28.46 -27.79
CA ALA I 6 -58.03 -27.84 -26.70
C ALA I 6 -58.95 -27.01 -25.81
N ASP I 7 -59.88 -26.28 -26.42
CA ASP I 7 -60.85 -25.52 -25.65
C ASP I 7 -61.74 -26.45 -24.82
N HIS I 8 -62.15 -27.57 -25.41
CA HIS I 8 -62.94 -28.55 -24.66
C HIS I 8 -62.18 -29.07 -23.46
N THR I 9 -60.90 -29.41 -23.66
CA THR I 9 -60.09 -29.90 -22.55
C THR I 9 -59.92 -28.82 -21.48
N ILE I 10 -59.72 -27.57 -21.89
CA ILE I 10 -59.57 -26.49 -20.92
C ILE I 10 -60.84 -26.33 -20.10
N LYS I 11 -61.99 -26.37 -20.76
CA LYS I 11 -63.25 -26.23 -20.04
C LYS I 11 -63.49 -27.42 -19.12
N GLY I 12 -63.12 -28.62 -19.56
CA GLY I 12 -63.22 -29.78 -18.69
C GLY I 12 -62.35 -29.64 -17.44
N PHE I 13 -61.12 -29.16 -17.61
CA PHE I 13 -60.26 -28.92 -16.46
C PHE I 13 -60.82 -27.83 -15.56
N LEU I 14 -61.46 -26.81 -16.14
CA LEU I 14 -62.09 -25.77 -15.34
C LEU I 14 -63.25 -26.34 -14.52
N TYR I 15 -64.03 -27.24 -15.12
CA TYR I 15 -65.09 -27.90 -14.36
C TYR I 15 -64.51 -28.81 -13.28
N GLN I 16 -63.37 -29.44 -13.55
CA GLN I 16 -62.66 -30.17 -12.50
C GLN I 16 -62.27 -29.23 -11.36
N PHE I 17 -61.84 -28.01 -11.69
CA PHE I 17 -61.52 -27.04 -10.66
C PHE I 17 -62.75 -26.69 -9.85
N ASN I 18 -63.89 -26.51 -10.52
CA ASN I 18 -65.13 -26.21 -9.81
C ASN I 18 -65.51 -27.35 -8.87
N LYS I 19 -65.38 -28.59 -9.34
CA LYS I 19 -65.70 -29.73 -8.49
C LYS I 19 -64.76 -29.82 -7.29
N THR I 20 -63.48 -29.51 -7.51
CA THR I 20 -62.53 -29.49 -6.40
C THR I 20 -62.89 -28.42 -5.39
N LEU I 21 -63.29 -27.24 -5.86
CA LEU I 21 -63.71 -26.18 -4.94
C LEU I 21 -64.94 -26.60 -4.17
N ASN I 22 -65.90 -27.25 -4.83
CA ASN I 22 -67.08 -27.75 -4.13
C ASN I 22 -66.69 -28.78 -3.08
N SER I 23 -65.75 -29.66 -3.40
CA SER I 23 -65.28 -30.65 -2.43
C SER I 23 -64.67 -29.96 -1.21
N ILE I 24 -63.83 -28.95 -1.46
CA ILE I 24 -63.19 -28.24 -0.35
C ILE I 24 -64.24 -27.55 0.51
N LEU I 25 -65.20 -26.88 -0.13
CA LEU I 25 -66.23 -26.16 0.63
C LEU I 25 -67.08 -27.11 1.46
N SER I 26 -67.49 -28.23 0.87
CA SER I 26 -68.37 -29.15 1.59
C SER I 26 -67.69 -29.72 2.82
N SER I 27 -66.44 -30.14 2.69
CA SER I 27 -65.68 -30.72 3.80
C SER I 27 -66.39 -31.94 4.38
N THR I 28 -67.19 -32.62 3.57
CA THR I 28 -67.93 -33.81 3.99
C THR I 28 -67.98 -34.78 2.82
N ASP I 29 -68.83 -35.80 2.95
CA ASP I 29 -68.97 -36.78 1.89
C ASP I 29 -69.45 -36.13 0.61
N GLN I 30 -68.93 -36.61 -0.53
CA GLN I 30 -69.27 -36.08 -1.83
C GLN I 30 -69.58 -37.21 -2.79
N ASP I 31 -70.34 -36.90 -3.83
CA ASP I 31 -70.70 -37.89 -4.84
C ASP I 31 -69.45 -38.46 -5.50
N GLU I 32 -69.65 -39.54 -6.24
CA GLU I 32 -68.55 -40.23 -6.90
C GLU I 32 -68.21 -39.53 -8.21
N ILE I 33 -66.92 -39.30 -8.44
CA ILE I 33 -66.43 -38.65 -9.66
C ILE I 33 -65.41 -39.57 -10.31
N GLN I 34 -65.56 -39.80 -11.61
CA GLN I 34 -64.63 -40.58 -12.40
C GLN I 34 -64.33 -39.83 -13.69
N ILE I 35 -63.06 -39.88 -14.11
CA ILE I 35 -62.68 -39.21 -15.35
C ILE I 35 -63.36 -39.88 -16.55
N GLU I 36 -63.34 -39.18 -17.68
CA GLU I 36 -64.02 -39.62 -18.89
C GLU I 36 -63.01 -39.73 -20.03
N GLY I 37 -63.13 -40.79 -20.82
CA GLY I 37 -62.25 -41.00 -21.94
C GLY I 37 -62.80 -40.47 -23.26
N ILE I 38 -62.99 -39.16 -23.34
CA ILE I 38 -63.48 -38.52 -24.56
C ILE I 38 -62.40 -37.79 -25.31
N ILE I 39 -61.25 -37.49 -24.68
CA ILE I 39 -60.18 -36.79 -25.39
C ILE I 39 -59.66 -37.64 -26.54
N GLU I 40 -59.53 -38.94 -26.33
CA GLU I 40 -59.31 -39.89 -27.42
C GLU I 40 -60.04 -41.19 -27.10
N ASP I 41 -60.21 -42.02 -28.11
CA ASP I 41 -60.94 -43.28 -27.97
C ASP I 41 -60.06 -44.28 -27.22
N ILE I 42 -59.85 -43.99 -25.94
CA ILE I 42 -59.03 -44.86 -25.11
C ILE I 42 -59.74 -46.19 -24.86
N ASP I 43 -61.06 -46.14 -24.68
CA ASP I 43 -61.86 -47.34 -24.43
C ASP I 43 -61.37 -48.07 -23.19
N ILE I 44 -61.47 -47.39 -22.05
CA ILE I 44 -61.06 -47.97 -20.77
C ILE I 44 -61.98 -49.08 -20.30
N LYS I 45 -63.13 -49.26 -20.93
CA LYS I 45 -64.07 -50.33 -20.60
C LYS I 45 -64.65 -50.14 -19.20
N ASN I 46 -64.96 -48.90 -18.85
CA ASN I 46 -65.60 -48.57 -17.58
C ASN I 46 -66.99 -48.00 -17.85
N SER I 47 -68.02 -48.72 -17.42
CA SER I 47 -69.39 -48.29 -17.64
C SER I 47 -69.80 -47.13 -16.75
N ASN I 48 -69.06 -46.87 -15.68
CA ASN I 48 -69.40 -45.80 -14.74
C ASN I 48 -68.77 -44.49 -15.18
N ILE I 49 -69.35 -43.92 -16.24
CA ILE I 49 -68.94 -42.62 -16.78
C ILE I 49 -70.19 -41.77 -16.94
N THR I 50 -70.23 -40.64 -16.24
CA THR I 50 -71.40 -39.76 -16.29
C THR I 50 -70.99 -38.32 -16.56
N ASN I 51 -69.78 -37.94 -16.16
CA ASN I 51 -69.32 -36.56 -16.29
C ASN I 51 -69.36 -36.09 -17.74
N ALA I 52 -68.55 -36.71 -18.59
CA ALA I 52 -68.45 -36.34 -20.01
C ALA I 52 -68.29 -34.82 -20.15
N ILE I 53 -67.18 -34.33 -19.61
CA ILE I 53 -66.91 -32.89 -19.55
C ILE I 53 -66.35 -32.45 -20.91
N GLN I 54 -67.20 -31.81 -21.71
CA GLN I 54 -66.81 -31.32 -23.03
C GLN I 54 -67.43 -29.95 -23.29
N CYS I 55 -67.40 -29.07 -22.29
CA CYS I 55 -68.01 -27.76 -22.42
C CYS I 55 -67.15 -26.85 -23.28
N LYS I 56 -67.78 -25.80 -23.82
CA LYS I 56 -67.08 -24.81 -24.62
C LYS I 56 -67.81 -23.48 -24.52
N TYR I 57 -67.07 -22.39 -24.68
CA TYR I 57 -67.59 -21.05 -24.55
C TYR I 57 -67.22 -20.22 -25.77
N HIS I 58 -68.13 -19.36 -26.19
CA HIS I 58 -67.95 -18.48 -27.34
C HIS I 58 -68.08 -17.02 -26.88
N GLU I 59 -67.84 -16.11 -27.81
CA GLU I 59 -67.95 -14.69 -27.51
C GLU I 59 -69.40 -14.34 -27.16
N SER I 60 -69.55 -13.53 -26.10
CA SER I 60 -70.87 -13.10 -25.64
C SER I 60 -70.84 -11.58 -25.44
N LYS I 61 -71.94 -10.93 -25.85
CA LYS I 61 -72.04 -9.48 -25.76
C LYS I 61 -73.09 -9.03 -24.76
N VAL I 62 -74.35 -9.46 -24.92
CA VAL I 62 -75.42 -9.14 -23.98
C VAL I 62 -76.47 -10.23 -24.05
N ARG I 63 -76.98 -10.60 -22.87
CA ARG I 63 -78.07 -11.58 -22.75
C ARG I 63 -77.65 -12.86 -23.48
N HIS I 64 -78.62 -13.63 -23.99
CA HIS I 64 -78.36 -14.90 -24.63
C HIS I 64 -78.77 -14.84 -26.10
N ASN I 65 -78.07 -15.62 -26.93
CA ASN I 65 -78.36 -15.71 -28.35
C ASN I 65 -78.58 -17.17 -28.72
N LEU I 66 -79.47 -17.39 -29.69
CA LEU I 66 -79.75 -18.74 -30.14
C LEU I 66 -78.54 -19.37 -30.82
N SER I 67 -77.66 -18.56 -31.38
CA SER I 67 -76.50 -19.06 -32.12
C SER I 67 -75.26 -19.25 -31.23
N ASP I 68 -75.36 -18.95 -29.92
CA ASP I 68 -74.20 -19.06 -29.05
C ASP I 68 -73.73 -20.50 -28.91
N ILE I 69 -74.53 -21.48 -29.32
CA ILE I 69 -74.18 -22.89 -29.23
C ILE I 69 -73.88 -23.38 -30.64
N TYR I 70 -72.59 -23.60 -30.91
CA TYR I 70 -72.10 -24.04 -32.21
C TYR I 70 -72.02 -25.57 -32.24
N LYS I 71 -71.33 -26.10 -33.25
CA LYS I 71 -71.08 -27.53 -33.47
C LYS I 71 -70.87 -28.32 -32.18
N PRO I 72 -70.10 -27.81 -31.19
CA PRO I 72 -69.91 -28.58 -29.95
C PRO I 72 -71.16 -29.31 -29.46
N ILE I 73 -72.33 -28.68 -29.56
CA ILE I 73 -73.57 -29.39 -29.27
C ILE I 73 -73.73 -30.57 -30.23
N LEU I 74 -73.47 -30.32 -31.52
CA LEU I 74 -73.51 -31.42 -32.48
C LEU I 74 -72.40 -32.43 -32.21
N GLN I 75 -71.25 -31.98 -31.70
CA GLN I 75 -70.18 -32.89 -31.36
C GLN I 75 -70.63 -33.89 -30.30
N MET I 76 -71.20 -33.38 -29.20
CA MET I 76 -71.69 -34.28 -28.17
C MET I 76 -72.88 -35.11 -28.67
N LEU I 77 -73.71 -34.55 -29.54
CA LEU I 77 -74.81 -35.32 -30.11
C LEU I 77 -74.30 -36.54 -30.87
N LEU I 78 -73.27 -36.34 -31.69
CA LEU I 78 -72.67 -37.49 -32.40
C LEU I 78 -71.97 -38.42 -31.43
N HIS I 79 -71.30 -37.87 -30.41
CA HIS I 79 -70.61 -38.70 -29.43
C HIS I 79 -71.58 -39.54 -28.59
N PHE I 80 -72.86 -39.15 -28.55
CA PHE I 80 -73.82 -39.95 -27.81
C PHE I 80 -73.93 -41.36 -28.40
N LEU I 81 -73.92 -41.47 -29.73
CA LEU I 81 -74.01 -42.76 -30.41
C LEU I 81 -72.65 -43.43 -30.38
N GLU I 82 -72.27 -43.88 -29.19
CA GLU I 82 -71.00 -44.56 -29.01
C GLU I 82 -71.07 -45.98 -29.56
N ASN I 83 -69.90 -46.52 -29.90
CA ASN I 83 -69.84 -47.88 -30.44
C ASN I 83 -70.32 -48.90 -29.42
N ASP I 84 -69.95 -48.73 -28.16
CA ASP I 84 -70.29 -49.69 -27.11
C ASP I 84 -71.63 -49.41 -26.44
N SER I 85 -72.32 -48.33 -26.83
CA SER I 85 -73.59 -47.96 -26.22
C SER I 85 -73.43 -47.76 -24.71
N LEU I 86 -72.59 -46.77 -24.36
CA LEU I 86 -72.23 -46.49 -22.99
C LEU I 86 -72.70 -45.10 -22.60
N ASN I 87 -73.07 -44.93 -21.33
CA ASN I 87 -73.60 -43.68 -20.84
C ASN I 87 -72.56 -42.56 -20.96
N ILE I 88 -72.77 -41.64 -21.90
CA ILE I 88 -71.82 -40.58 -22.17
C ILE I 88 -72.53 -39.23 -22.14
N LYS I 89 -73.57 -39.12 -21.32
CA LYS I 89 -74.34 -37.88 -21.24
C LYS I 89 -73.43 -36.69 -20.99
N TYR I 90 -73.42 -35.76 -21.93
CA TYR I 90 -72.55 -34.59 -21.87
C TYR I 90 -73.25 -33.46 -21.12
N ALA I 91 -72.58 -32.31 -21.04
CA ALA I 91 -73.15 -31.15 -20.36
C ALA I 91 -72.47 -29.88 -20.85
N LEU I 92 -73.16 -28.76 -20.66
CA LEU I 92 -72.65 -27.44 -20.99
C LEU I 92 -72.75 -26.54 -19.77
N TYR I 93 -71.67 -25.85 -19.44
CA TYR I 93 -71.52 -25.17 -18.15
C TYR I 93 -70.98 -23.75 -18.35
N ALA I 94 -71.60 -23.01 -19.25
CA ALA I 94 -71.14 -21.67 -19.61
C ALA I 94 -72.20 -20.62 -19.28
N TYR I 95 -71.75 -19.36 -19.20
CA TYR I 95 -72.65 -18.24 -18.95
C TYR I 95 -73.49 -17.85 -20.16
N PHE I 96 -74.51 -17.06 -19.86
CA PHE I 96 -75.18 -16.19 -20.84
C PHE I 96 -75.23 -14.82 -20.16
N PRO I 97 -74.56 -13.79 -20.72
CA PRO I 97 -74.31 -12.55 -19.96
C PRO I 97 -75.43 -12.15 -19.00
N ASN I 98 -76.67 -12.12 -19.49
CA ASN I 98 -77.83 -11.79 -18.67
C ASN I 98 -78.94 -12.77 -19.03
N GLU I 99 -79.08 -13.83 -18.23
CA GLU I 99 -80.06 -14.87 -18.50
C GLU I 99 -80.40 -15.57 -17.20
N GLN I 100 -81.61 -16.13 -17.15
CA GLN I 100 -82.04 -16.87 -15.99
C GLN I 100 -81.14 -18.09 -15.77
N VAL I 101 -80.79 -18.33 -14.52
CA VAL I 101 -79.91 -19.45 -14.17
C VAL I 101 -80.76 -20.71 -14.04
N GLY I 102 -80.43 -21.72 -14.82
CA GLY I 102 -81.17 -22.97 -14.80
C GLY I 102 -80.85 -23.80 -16.02
N VAL I 103 -81.62 -24.87 -16.18
CA VAL I 103 -81.45 -25.77 -17.31
C VAL I 103 -82.25 -25.24 -18.50
N LYS I 104 -81.80 -25.59 -19.70
CA LYS I 104 -82.46 -25.16 -20.93
C LYS I 104 -83.71 -25.96 -21.24
N GLU I 105 -84.06 -26.95 -20.40
CA GLU I 105 -85.25 -27.77 -20.60
C GLU I 105 -85.06 -28.64 -21.84
N VAL I 106 -85.77 -29.76 -21.89
CA VAL I 106 -85.52 -30.79 -22.90
C VAL I 106 -86.64 -30.82 -23.94
N THR I 107 -87.28 -29.68 -24.16
CA THR I 107 -88.35 -29.62 -25.15
C THR I 107 -87.83 -30.04 -26.53
N LYS I 108 -88.58 -30.93 -27.18
CA LYS I 108 -88.16 -31.45 -28.48
C LYS I 108 -88.16 -30.36 -29.54
N SER I 109 -89.16 -29.46 -29.51
CA SER I 109 -89.28 -28.44 -30.55
C SER I 109 -88.07 -27.50 -30.55
N GLN I 110 -87.63 -27.07 -29.37
CA GLN I 110 -86.49 -26.16 -29.32
C GLN I 110 -85.23 -26.80 -29.87
N ILE I 111 -84.98 -28.06 -29.50
CA ILE I 111 -83.77 -28.73 -29.99
C ILE I 111 -83.85 -28.95 -31.49
N GLU I 112 -85.04 -29.26 -32.01
CA GLU I 112 -85.19 -29.37 -33.45
C GLU I 112 -84.94 -28.04 -34.14
N GLU I 113 -85.43 -26.95 -33.55
CA GLU I 113 -85.20 -25.63 -34.14
C GLU I 113 -83.71 -25.30 -34.17
N ILE I 114 -82.99 -25.63 -33.10
CA ILE I 114 -81.54 -25.41 -33.08
C ILE I 114 -80.86 -26.29 -34.11
N LEU I 115 -81.36 -27.52 -34.31
CA LEU I 115 -80.74 -28.44 -35.24
C LEU I 115 -80.71 -27.90 -36.67
N SER I 116 -81.59 -26.97 -37.00
CA SER I 116 -81.64 -26.40 -38.35
C SER I 116 -80.66 -25.25 -38.51
N SER I 117 -79.39 -25.50 -38.17
CA SER I 117 -78.36 -24.46 -38.31
C SER I 117 -78.15 -24.11 -39.78
N SER I 118 -78.13 -25.10 -40.66
CA SER I 118 -77.94 -24.91 -42.09
C SER I 118 -76.60 -24.22 -42.37
N ASN I 119 -75.52 -24.88 -41.92
CA ASN I 119 -74.16 -24.43 -42.15
C ASN I 119 -73.36 -25.56 -42.78
N PHE I 120 -72.58 -25.23 -43.82
CA PHE I 120 -71.82 -26.26 -44.52
C PHE I 120 -70.80 -26.92 -43.61
N ASP I 121 -70.11 -26.14 -42.78
CA ASP I 121 -69.10 -26.72 -41.90
C ASP I 121 -69.72 -27.78 -41.00
N TYR I 122 -70.81 -27.44 -40.31
CA TYR I 122 -71.45 -28.40 -39.42
C TYR I 122 -72.00 -29.58 -40.20
N ILE I 123 -72.56 -29.33 -41.38
CA ILE I 123 -73.13 -30.41 -42.18
C ILE I 123 -72.06 -31.42 -42.58
N SER I 124 -70.91 -30.94 -43.02
CA SER I 124 -69.86 -31.79 -43.54
C SER I 124 -68.93 -32.34 -42.45
N LYS I 125 -69.00 -31.81 -41.23
CA LYS I 125 -68.11 -32.27 -40.17
C LYS I 125 -68.72 -33.36 -39.30
N TYR I 126 -69.89 -33.13 -38.74
CA TYR I 126 -70.50 -34.08 -37.80
C TYR I 126 -71.92 -34.48 -38.18
N ILE I 127 -72.72 -33.56 -38.72
CA ILE I 127 -74.11 -33.87 -39.02
C ILE I 127 -74.21 -34.94 -40.10
N SER I 128 -73.28 -34.92 -41.06
CA SER I 128 -73.34 -35.88 -42.15
C SER I 128 -73.34 -37.32 -41.62
N LYS I 129 -72.50 -37.60 -40.62
CA LYS I 129 -72.50 -38.93 -40.01
C LYS I 129 -73.82 -39.23 -39.32
N ILE I 130 -74.44 -38.22 -38.70
CA ILE I 130 -75.70 -38.43 -38.01
C ILE I 130 -76.78 -38.88 -38.99
N LYS I 131 -76.84 -38.26 -40.16
CA LYS I 131 -77.86 -38.56 -41.15
C LYS I 131 -77.21 -39.21 -42.38
N PRO I 132 -77.31 -40.52 -42.55
CA PRO I 132 -76.79 -41.14 -43.77
C PRO I 132 -77.63 -40.76 -44.97
N PRO I 133 -77.12 -39.92 -45.87
CA PRO I 133 -77.95 -39.45 -46.99
C PRO I 133 -78.26 -40.57 -47.96
N LYS I 134 -79.43 -40.45 -48.61
CA LYS I 134 -79.82 -41.38 -49.65
C LYS I 134 -79.20 -41.04 -50.99
N GLU I 135 -78.66 -39.83 -51.15
CA GLU I 135 -77.93 -39.44 -52.36
C GLU I 135 -76.48 -39.85 -52.17
N GLN I 136 -76.11 -40.99 -52.75
CA GLN I 136 -74.75 -41.49 -52.60
C GLN I 136 -73.72 -40.53 -53.17
N ILE I 137 -74.12 -39.64 -54.07
CA ILE I 137 -73.19 -38.65 -54.60
C ILE I 137 -72.69 -37.74 -53.49
N ILE I 138 -73.58 -37.37 -52.56
CA ILE I 138 -73.17 -36.52 -51.44
C ILE I 138 -72.13 -37.23 -50.59
N LYS I 139 -72.36 -38.51 -50.29
CA LYS I 139 -71.40 -39.27 -49.50
C LYS I 139 -70.06 -39.39 -50.24
N GLU I 140 -70.11 -39.64 -51.55
CA GLU I 140 -68.87 -39.74 -52.32
C GLU I 140 -68.10 -38.44 -52.30
N LEU I 141 -68.80 -37.31 -52.45
CA LEU I 141 -68.14 -36.01 -52.39
C LEU I 141 -67.55 -35.76 -51.01
N LEU I 142 -68.27 -36.14 -49.95
CA LEU I 142 -67.75 -35.95 -48.60
C LEU I 142 -66.49 -36.78 -48.39
N GLY I 143 -66.48 -38.02 -48.88
CA GLY I 143 -65.32 -38.87 -48.73
C GLY I 143 -64.20 -38.60 -49.72
N LYS I 144 -64.42 -37.71 -50.67
CA LYS I 144 -63.39 -37.38 -51.66
C LYS I 144 -62.40 -36.33 -51.17
N THR I 145 -62.67 -35.70 -50.02
CA THR I 145 -61.79 -34.68 -49.47
C THR I 145 -61.56 -33.53 -50.45
N SER I 146 -62.57 -33.22 -51.26
CA SER I 146 -62.46 -32.14 -52.24
C SER I 146 -63.88 -31.71 -52.59
N LYS I 147 -64.23 -30.47 -52.25
CA LYS I 147 -65.56 -29.95 -52.48
C LYS I 147 -65.46 -28.52 -52.99
N THR I 148 -66.46 -28.10 -53.75
CA THR I 148 -66.51 -26.78 -54.37
C THR I 148 -67.74 -26.02 -53.90
N THR I 149 -67.83 -24.75 -54.33
CA THR I 149 -68.95 -23.91 -53.92
C THR I 149 -70.27 -24.48 -54.40
N GLU I 150 -70.32 -24.96 -55.64
CA GLU I 150 -71.53 -25.57 -56.15
C GLU I 150 -71.91 -26.79 -55.32
N ASP I 151 -70.93 -27.57 -54.89
CA ASP I 151 -71.22 -28.72 -54.04
C ASP I 151 -71.83 -28.29 -52.72
N LYS I 152 -71.29 -27.23 -52.11
CA LYS I 152 -71.86 -26.74 -50.85
C LYS I 152 -73.29 -26.25 -51.05
N THR I 153 -73.54 -25.52 -52.14
CA THR I 153 -74.89 -25.04 -52.40
C THR I 153 -75.86 -26.20 -52.61
N ARG I 154 -75.44 -27.22 -53.37
CA ARG I 154 -76.29 -28.38 -53.59
C ARG I 154 -76.57 -29.10 -52.27
N ILE I 155 -75.55 -29.27 -51.44
CA ILE I 155 -75.73 -29.98 -50.18
C ILE I 155 -76.70 -29.22 -49.27
N LYS I 156 -76.52 -27.90 -49.16
CA LYS I 156 -77.41 -27.12 -48.30
C LYS I 156 -78.83 -27.12 -48.84
N LYS I 157 -78.99 -27.04 -50.17
CA LYS I 157 -80.33 -27.12 -50.75
C LYS I 157 -80.98 -28.46 -50.45
N TYR I 158 -80.21 -29.55 -50.57
CA TYR I 158 -80.77 -30.87 -50.30
C TYR I 158 -81.15 -31.02 -48.84
N TYR I 159 -80.32 -30.51 -47.93
CA TYR I 159 -80.58 -30.66 -46.51
C TYR I 159 -81.55 -29.63 -45.95
N GLU I 160 -81.93 -28.64 -46.75
CA GLU I 160 -82.88 -27.61 -46.31
C GLU I 160 -84.31 -27.93 -46.72
N THR I 161 -84.53 -28.14 -48.03
CA THR I 161 -85.87 -28.42 -48.53
C THR I 161 -86.18 -29.91 -48.61
N SER I 162 -85.15 -30.73 -48.87
CA SER I 162 -85.31 -32.18 -48.98
C SER I 162 -84.76 -32.90 -47.74
N LYS I 163 -84.99 -32.32 -46.56
CA LYS I 163 -84.52 -32.92 -45.32
C LYS I 163 -84.79 -34.41 -45.29
N LEU I 164 -83.83 -35.16 -44.76
CA LEU I 164 -83.87 -36.61 -44.74
C LEU I 164 -83.90 -37.10 -43.30
N GLU I 165 -84.69 -38.15 -43.05
CA GLU I 165 -84.88 -38.66 -41.70
C GLU I 165 -83.66 -39.47 -41.27
N THR I 166 -83.15 -39.17 -40.08
CA THR I 166 -81.97 -39.86 -39.56
C THR I 166 -82.32 -41.29 -39.15
N ILE I 167 -81.28 -42.10 -38.96
CA ILE I 167 -81.46 -43.48 -38.52
C ILE I 167 -81.49 -43.62 -37.00
N VAL I 168 -81.05 -42.60 -36.27
CA VAL I 168 -81.05 -42.66 -34.81
C VAL I 168 -82.43 -42.25 -34.29
N ASP I 169 -82.87 -42.90 -33.22
CA ASP I 169 -84.18 -42.61 -32.65
C ASP I 169 -84.26 -41.13 -32.28
N ILE I 170 -85.30 -40.45 -32.78
CA ILE I 170 -85.41 -39.02 -32.57
C ILE I 170 -85.77 -38.71 -31.12
N ASP I 171 -86.63 -39.52 -30.52
CA ASP I 171 -87.17 -39.22 -29.20
C ASP I 171 -86.23 -39.59 -28.06
N LYS I 172 -85.09 -40.23 -28.35
CA LYS I 172 -84.19 -40.68 -27.30
C LYS I 172 -83.17 -39.60 -26.91
N PHE I 173 -82.37 -39.15 -27.89
CA PHE I 173 -81.30 -38.20 -27.59
C PHE I 173 -81.81 -36.79 -27.38
N LEU I 174 -83.03 -36.48 -27.81
CA LEU I 174 -83.58 -35.14 -27.64
C LEU I 174 -84.14 -34.89 -26.25
N ARG I 175 -84.34 -35.94 -25.46
CA ARG I 175 -84.93 -35.81 -24.12
C ARG I 175 -84.11 -36.46 -23.03
N ASP I 176 -83.48 -37.61 -23.31
CA ASP I 176 -82.82 -38.38 -22.28
C ASP I 176 -81.36 -38.00 -22.07
N HIS I 177 -80.74 -37.32 -23.02
CA HIS I 177 -79.32 -37.00 -22.97
C HIS I 177 -79.10 -35.50 -22.96
N PHE I 178 -77.87 -35.12 -22.62
CA PHE I 178 -77.43 -33.72 -22.65
C PHE I 178 -78.11 -32.89 -21.58
N VAL I 179 -77.39 -31.90 -21.05
CA VAL I 179 -77.92 -30.99 -20.04
C VAL I 179 -77.14 -29.68 -20.12
N PHE I 180 -77.81 -28.58 -19.78
CA PHE I 180 -77.22 -27.26 -19.84
C PHE I 180 -77.34 -26.58 -18.48
N GLU I 181 -76.32 -25.80 -18.12
CA GLU I 181 -76.34 -25.06 -16.86
C GLU I 181 -75.41 -23.86 -17.00
N ILE I 182 -75.68 -22.85 -16.16
CA ILE I 182 -74.85 -21.65 -16.12
C ILE I 182 -73.61 -21.94 -15.29
N GLY I 183 -72.44 -21.61 -15.83
CA GLY I 183 -71.18 -21.96 -15.19
C GLY I 183 -70.71 -20.97 -14.14
N LEU I 184 -69.41 -20.70 -14.13
CA LEU I 184 -68.81 -19.76 -13.21
C LEU I 184 -67.74 -18.97 -13.92
N SER I 185 -67.53 -17.73 -13.49
CA SER I 185 -66.57 -16.83 -14.13
C SER I 185 -65.16 -17.22 -13.71
N TYR I 186 -64.51 -18.09 -14.50
CA TYR I 186 -63.22 -18.62 -14.09
C TYR I 186 -62.19 -17.51 -13.93
N GLU I 187 -62.14 -16.58 -14.89
CA GLU I 187 -61.20 -15.47 -14.80
C GLU I 187 -61.40 -14.71 -13.49
N GLU I 188 -62.64 -14.49 -13.08
CA GLU I 188 -62.92 -13.87 -11.80
C GLU I 188 -63.09 -14.89 -10.67
N LEU I 189 -63.30 -16.16 -11.00
CA LEU I 189 -63.43 -17.18 -9.97
C LEU I 189 -62.08 -17.59 -9.38
N MET I 190 -60.97 -17.26 -10.06
CA MET I 190 -59.67 -17.57 -9.48
C MET I 190 -59.48 -16.87 -8.14
N ASN I 191 -59.86 -15.58 -8.06
CA ASN I 191 -59.72 -14.85 -6.81
C ASN I 191 -60.60 -15.45 -5.72
N GLU I 192 -61.84 -15.80 -6.06
CA GLU I 192 -62.73 -16.41 -5.08
C GLU I 192 -62.20 -17.75 -4.60
N THR I 193 -61.64 -18.55 -5.52
CA THR I 193 -61.06 -19.83 -5.14
C THR I 193 -59.87 -19.63 -4.22
N LYS I 194 -59.02 -18.65 -4.51
CA LYS I 194 -57.89 -18.38 -3.63
C LYS I 194 -58.36 -17.94 -2.25
N ASN I 195 -59.38 -17.07 -2.21
CA ASN I 195 -59.90 -16.62 -0.92
C ASN I 195 -60.48 -17.77 -0.12
N LEU I 196 -61.27 -18.62 -0.76
CA LEU I 196 -61.86 -19.76 -0.07
C LEU I 196 -60.81 -20.74 0.41
N LEU I 197 -59.79 -20.99 -0.41
CA LEU I 197 -58.71 -21.87 0.00
C LEU I 197 -57.99 -21.32 1.22
N MET I 198 -57.78 -20.01 1.27
CA MET I 198 -57.13 -19.35 2.41
C MET I 198 -58.14 -19.29 3.55
N LYS I 199 -58.20 -20.39 4.29
CA LYS I 199 -59.06 -20.50 5.47
C LYS I 199 -58.29 -20.95 6.70
N GLU I 200 -57.31 -21.84 6.53
CA GLU I 200 -56.45 -22.27 7.62
C GLU I 200 -55.23 -21.35 7.68
N GLY I 201 -54.22 -21.75 8.45
CA GLY I 201 -53.00 -20.97 8.53
C GLY I 201 -52.36 -20.76 7.17
N PHE I 202 -51.86 -21.85 6.59
CA PHE I 202 -51.28 -21.81 5.25
C PHE I 202 -50.28 -20.65 5.13
N SER I 203 -50.11 -20.10 3.93
CA SER I 203 -49.26 -18.94 3.74
C SER I 203 -49.87 -18.07 2.64
N LEU I 204 -49.10 -17.10 2.17
CA LEU I 204 -49.61 -16.17 1.16
C LEU I 204 -49.53 -16.77 -0.25
N GLU I 205 -48.32 -17.12 -0.69
CA GLU I 205 -48.11 -17.62 -2.04
C GLU I 205 -48.06 -19.14 -2.12
N ASP I 206 -47.88 -19.83 -0.99
CA ASP I 206 -47.79 -21.29 -1.04
C ASP I 206 -49.09 -21.90 -1.57
N VAL I 207 -50.23 -21.41 -1.09
CA VAL I 207 -51.51 -21.91 -1.58
C VAL I 207 -51.67 -21.61 -3.07
N LYS I 208 -51.31 -20.39 -3.48
CA LYS I 208 -51.45 -20.02 -4.88
C LYS I 208 -50.55 -20.85 -5.79
N ASP I 209 -49.42 -21.33 -5.26
CA ASP I 209 -48.40 -21.98 -6.07
C ASP I 209 -48.25 -23.47 -5.79
N LEU I 210 -48.37 -23.90 -4.54
CA LEU I 210 -48.05 -25.28 -4.16
C LEU I 210 -49.30 -26.10 -3.85
N PHE I 211 -50.14 -25.65 -2.92
CA PHE I 211 -51.21 -26.51 -2.42
C PHE I 211 -52.31 -26.70 -3.45
N TYR I 212 -52.75 -25.63 -4.10
CA TYR I 212 -53.85 -25.75 -5.06
C TYR I 212 -53.49 -26.65 -6.23
N PRO I 213 -52.34 -26.51 -6.88
CA PRO I 213 -51.97 -27.48 -7.92
C PRO I 213 -51.89 -28.91 -7.41
N ASN I 214 -51.44 -29.11 -6.16
CA ASN I 214 -51.41 -30.45 -5.60
C ASN I 214 -52.82 -31.02 -5.50
N SER I 215 -53.76 -30.22 -5.01
CA SER I 215 -55.14 -30.68 -4.91
C SER I 215 -55.72 -30.98 -6.29
N ILE I 216 -55.44 -30.13 -7.27
CA ILE I 216 -55.95 -30.36 -8.62
C ILE I 216 -55.37 -31.64 -9.20
N GLN I 217 -54.08 -31.87 -9.01
CA GLN I 217 -53.46 -33.10 -9.51
C GLN I 217 -54.06 -34.33 -8.83
N TYR I 218 -54.31 -34.24 -7.51
CA TYR I 218 -54.92 -35.36 -6.81
C TYR I 218 -56.31 -35.64 -7.35
N ILE I 219 -57.10 -34.59 -7.59
CA ILE I 219 -58.44 -34.79 -8.15
C ILE I 219 -58.35 -35.43 -9.51
N ALA I 220 -57.42 -34.96 -10.35
CA ALA I 220 -57.29 -35.52 -11.69
C ALA I 220 -56.89 -36.99 -11.65
N GLU I 221 -55.94 -37.34 -10.79
CA GLU I 221 -55.42 -38.71 -10.73
C GLU I 221 -56.24 -39.64 -9.85
N LEU I 222 -57.27 -39.13 -9.18
CA LEU I 222 -58.09 -39.99 -8.32
C LEU I 222 -58.72 -41.13 -9.11
N SER I 223 -59.01 -40.92 -10.40
CA SER I 223 -59.75 -41.89 -11.19
C SER I 223 -59.00 -42.34 -12.43
N ILE I 224 -57.66 -42.17 -12.46
CA ILE I 224 -56.89 -42.62 -13.61
C ILE I 224 -56.45 -44.07 -13.50
N LEU I 225 -56.48 -44.65 -12.30
CA LEU I 225 -56.02 -46.02 -12.12
C LEU I 225 -56.99 -46.99 -12.80
N PRO I 226 -56.49 -48.14 -13.26
CA PRO I 226 -57.40 -49.11 -13.91
C PRO I 226 -58.53 -49.56 -13.00
N GLU I 227 -58.27 -49.70 -11.70
CA GLU I 227 -59.31 -50.14 -10.77
C GLU I 227 -60.45 -49.13 -10.74
N ALA I 228 -61.68 -49.64 -10.78
CA ALA I 228 -62.87 -48.79 -10.76
C ALA I 228 -63.34 -48.45 -9.36
N GLU I 229 -62.76 -49.07 -8.33
CA GLU I 229 -63.16 -48.81 -6.95
C GLU I 229 -62.45 -47.62 -6.33
N LYS I 230 -61.40 -47.09 -6.99
CA LYS I 230 -60.63 -46.00 -6.41
C LYS I 230 -61.45 -44.73 -6.26
N ARG I 231 -62.57 -44.61 -6.98
CA ARG I 231 -63.38 -43.42 -6.89
C ARG I 231 -63.96 -43.21 -5.50
N ILE I 232 -64.01 -44.26 -4.68
CA ILE I 232 -64.66 -44.16 -3.38
C ILE I 232 -63.95 -43.11 -2.54
N SER I 233 -64.67 -42.05 -2.19
CA SER I 233 -64.15 -41.00 -1.32
C SER I 233 -65.24 -40.59 -0.35
N SER I 234 -64.89 -40.49 0.93
CA SER I 234 -65.82 -40.13 1.99
C SER I 234 -65.34 -38.87 2.69
N LYS I 235 -66.05 -38.49 3.75
CA LYS I 235 -65.65 -37.32 4.53
C LYS I 235 -64.27 -37.54 5.14
N ASN I 236 -64.02 -38.74 5.65
CA ASN I 236 -62.73 -39.02 6.29
C ASN I 236 -61.58 -38.80 5.32
N LYS I 237 -61.72 -39.34 4.10
CA LYS I 237 -60.64 -39.19 3.11
C LYS I 237 -60.43 -37.72 2.76
N LEU I 238 -61.52 -36.98 2.56
CA LEU I 238 -61.40 -35.58 2.18
C LEU I 238 -60.71 -34.77 3.28
N ILE I 239 -61.10 -34.98 4.53
CA ILE I 239 -60.45 -34.26 5.62
C ILE I 239 -59.00 -34.70 5.78
N ASP I 240 -58.71 -35.98 5.54
CA ASP I 240 -57.34 -36.45 5.66
C ASP I 240 -56.45 -35.79 4.62
N TYR I 241 -56.91 -35.71 3.38
CA TYR I 241 -56.12 -35.10 2.31
C TYR I 241 -56.20 -33.59 2.28
N LEU I 242 -57.11 -32.99 3.05
CA LEU I 242 -57.13 -31.53 3.16
C LEU I 242 -56.02 -31.01 4.05
N LYS I 243 -55.70 -31.74 5.12
CA LYS I 243 -54.64 -31.34 6.04
C LYS I 243 -53.82 -32.52 6.53
N GLY I 244 -53.66 -33.55 5.70
CA GLY I 244 -52.87 -34.71 6.07
C GLY I 244 -51.43 -34.35 6.38
N ASN I 245 -50.68 -33.93 5.35
CA ASN I 245 -49.33 -33.41 5.52
C ASN I 245 -49.26 -31.94 5.13
N LYS I 246 -49.63 -31.61 3.90
CA LYS I 246 -49.76 -30.23 3.43
C LYS I 246 -48.59 -29.36 3.90
N LYS I 247 -47.39 -29.90 3.78
CA LYS I 247 -46.16 -29.17 4.03
C LYS I 247 -45.31 -29.04 2.78
N THR I 248 -45.02 -30.15 2.11
CA THR I 248 -44.41 -30.14 0.79
C THR I 248 -45.26 -30.82 -0.27
N ALA I 249 -46.03 -31.85 0.10
CA ALA I 249 -47.01 -32.52 -0.75
C ALA I 249 -46.40 -33.29 -1.90
N MET I 250 -45.07 -33.28 -2.06
CA MET I 250 -44.41 -33.96 -3.17
C MET I 250 -45.09 -33.60 -4.49
N SER I 251 -45.01 -32.32 -4.82
CA SER I 251 -45.70 -31.80 -6.00
C SER I 251 -45.20 -32.47 -7.27
N ARG I 252 -46.11 -32.68 -8.22
CA ARG I 252 -45.82 -33.39 -9.45
C ARG I 252 -46.11 -32.57 -10.70
N TRP I 253 -47.04 -31.61 -10.65
CA TRP I 253 -47.41 -30.82 -11.82
C TRP I 253 -47.61 -29.38 -11.38
N THR I 254 -47.27 -28.45 -12.27
CA THR I 254 -47.20 -27.04 -11.90
C THR I 254 -47.49 -26.19 -13.15
N SER I 255 -47.03 -24.94 -13.12
CA SER I 255 -47.13 -24.02 -14.26
C SER I 255 -48.56 -23.64 -14.58
N GLU I 256 -49.23 -22.98 -13.63
CA GLU I 256 -50.50 -22.34 -13.92
C GLU I 256 -50.25 -21.12 -14.82
N VAL I 257 -51.32 -20.42 -15.18
CA VAL I 257 -51.26 -19.29 -16.10
C VAL I 257 -51.37 -17.95 -15.35
N LEU I 258 -51.05 -17.94 -14.06
CA LEU I 258 -51.15 -16.70 -13.28
C LEU I 258 -50.21 -15.63 -13.82
N THR I 259 -48.90 -15.89 -13.76
CA THR I 259 -47.90 -14.89 -14.12
C THR I 259 -46.97 -15.40 -15.21
N ARG I 260 -47.53 -16.02 -16.25
CA ARG I 260 -46.74 -16.54 -17.35
C ARG I 260 -46.41 -15.40 -18.33
N LYS I 261 -45.52 -14.51 -17.87
CA LYS I 261 -45.02 -13.42 -18.70
C LYS I 261 -43.83 -13.93 -19.53
N GLN I 262 -44.15 -14.86 -20.43
CA GLN I 262 -43.15 -15.54 -21.25
C GLN I 262 -42.13 -16.26 -20.38
N LEU I 263 -42.56 -16.78 -19.25
CA LEU I 263 -41.67 -17.46 -18.31
C LEU I 263 -42.51 -18.24 -17.30
N LEU I 264 -41.95 -19.35 -16.83
CA LEU I 264 -42.59 -20.16 -15.81
C LEU I 264 -42.19 -19.67 -14.42
N LYS I 265 -42.97 -20.07 -13.42
CA LYS I 265 -42.80 -19.57 -12.07
C LYS I 265 -42.97 -20.73 -11.10
N VAL I 266 -42.73 -20.47 -9.82
CA VAL I 266 -42.87 -21.44 -8.73
C VAL I 266 -41.58 -22.23 -8.64
N ARG I 267 -41.13 -22.79 -9.77
CA ARG I 267 -39.83 -23.42 -9.87
C ARG I 267 -38.81 -22.48 -10.51
N LYS I 268 -38.91 -21.19 -10.21
CA LYS I 268 -37.94 -20.19 -10.65
C LYS I 268 -37.13 -19.64 -9.51
N ASN I 269 -37.78 -19.12 -8.46
CA ASN I 269 -37.06 -18.68 -7.28
C ASN I 269 -36.73 -19.85 -6.36
N GLN I 270 -37.66 -20.79 -6.21
CA GLN I 270 -37.47 -21.91 -5.30
C GLN I 270 -36.29 -22.79 -5.70
N LEU I 271 -35.80 -22.68 -6.93
CA LEU I 271 -34.62 -23.44 -7.33
C LEU I 271 -33.37 -22.99 -6.59
N VAL I 272 -33.36 -21.77 -6.03
CA VAL I 272 -32.18 -21.31 -5.31
C VAL I 272 -31.83 -22.24 -4.16
N PRO I 273 -32.75 -22.62 -3.28
CA PRO I 273 -32.46 -23.70 -2.33
C PRO I 273 -32.16 -24.99 -3.07
N SER I 274 -31.20 -25.74 -2.53
CA SER I 274 -30.72 -27.02 -3.06
C SER I 274 -29.79 -26.83 -4.24
N LEU I 275 -29.54 -25.60 -4.69
CA LEU I 275 -28.66 -25.35 -5.82
C LEU I 275 -27.53 -24.37 -5.49
N ASN I 276 -27.77 -23.39 -4.64
CA ASN I 276 -26.68 -22.51 -4.21
C ASN I 276 -25.63 -23.29 -3.42
N ILE I 277 -26.04 -24.35 -2.73
CA ILE I 277 -25.09 -25.15 -1.96
C ILE I 277 -24.14 -25.86 -2.93
N ASN I 278 -22.90 -26.05 -2.48
CA ASN I 278 -21.83 -26.56 -3.31
C ASN I 278 -21.63 -28.07 -3.17
N SER I 279 -22.55 -28.76 -2.49
CA SER I 279 -22.43 -30.19 -2.21
C SER I 279 -23.71 -30.92 -2.62
N ARG I 280 -24.19 -30.65 -3.82
CA ARG I 280 -25.42 -31.24 -4.32
C ARG I 280 -25.21 -31.72 -5.75
N SER I 281 -26.02 -32.70 -6.15
CA SER I 281 -25.88 -33.40 -7.43
C SER I 281 -27.19 -33.39 -8.20
N ARG I 282 -27.79 -32.21 -8.32
CA ARG I 282 -29.10 -32.09 -8.95
C ARG I 282 -29.05 -32.59 -10.40
N TYR I 283 -30.06 -33.38 -10.78
CA TYR I 283 -30.23 -33.88 -12.14
C TYR I 283 -31.45 -33.21 -12.78
N PHE I 284 -31.48 -33.24 -14.11
CA PHE I 284 -32.58 -32.73 -14.91
C PHE I 284 -33.23 -33.88 -15.66
N ILE I 285 -34.56 -33.98 -15.56
CA ILE I 285 -35.32 -34.95 -16.33
C ILE I 285 -36.25 -34.18 -17.26
N ILE I 286 -36.09 -34.39 -18.57
CA ILE I 286 -36.94 -33.76 -19.56
C ILE I 286 -37.11 -34.74 -20.72
N ASP I 287 -37.86 -34.34 -21.75
CA ASP I 287 -38.02 -35.16 -22.94
C ASP I 287 -37.87 -34.27 -24.17
N PRO I 288 -37.14 -34.72 -25.19
CA PRO I 288 -37.01 -33.90 -26.40
C PRO I 288 -38.32 -33.72 -27.15
N ASP I 289 -39.30 -34.60 -26.94
CA ASP I 289 -40.56 -34.48 -27.65
C ASP I 289 -41.28 -33.18 -27.31
N THR I 290 -41.41 -32.88 -26.01
CA THR I 290 -42.00 -31.61 -25.61
C THR I 290 -41.16 -30.43 -26.09
N ILE I 291 -39.87 -30.64 -26.28
CA ILE I 291 -38.96 -29.59 -26.74
C ILE I 291 -39.01 -29.51 -28.25
N ASP I 292 -38.73 -28.33 -28.78
CA ASP I 292 -38.81 -28.04 -30.20
C ASP I 292 -37.50 -28.30 -30.94
N ASN I 293 -36.41 -28.60 -30.23
CA ASN I 293 -35.11 -28.67 -30.89
C ASN I 293 -34.15 -29.53 -30.08
N PHE I 294 -33.84 -30.73 -30.57
CA PHE I 294 -32.77 -31.53 -29.99
C PHE I 294 -32.15 -32.41 -31.08
N ASP I 295 -31.14 -31.89 -31.75
CA ASP I 295 -30.16 -32.69 -32.49
C ASP I 295 -28.73 -32.25 -32.23
N ASP I 296 -28.49 -30.94 -32.13
CA ASP I 296 -27.21 -30.40 -31.73
C ASP I 296 -27.38 -29.17 -30.83
N GLU I 297 -28.51 -29.07 -30.12
CA GLU I 297 -28.79 -27.89 -29.31
C GLU I 297 -28.23 -28.04 -27.90
N PHE I 298 -28.70 -29.08 -27.20
CA PHE I 298 -28.63 -29.11 -25.75
C PHE I 298 -27.23 -28.85 -25.21
N ILE I 299 -26.20 -29.27 -25.94
CA ILE I 299 -24.85 -29.17 -25.39
C ILE I 299 -24.53 -27.73 -25.00
N LEU I 300 -24.92 -26.76 -25.82
CA LEU I 300 -24.56 -25.40 -25.45
C LEU I 300 -25.36 -24.90 -24.26
N PHE I 301 -26.58 -25.39 -24.06
CA PHE I 301 -27.22 -25.15 -22.77
C PHE I 301 -26.30 -25.61 -21.66
N VAL I 302 -25.76 -26.83 -21.80
CA VAL I 302 -24.87 -27.37 -20.78
C VAL I 302 -23.76 -26.37 -20.48
N LYS I 303 -23.29 -25.65 -21.50
CA LYS I 303 -22.22 -24.69 -21.29
C LYS I 303 -22.55 -23.78 -20.11
N ASP I 304 -23.67 -23.06 -20.18
CA ASP I 304 -23.91 -22.04 -19.16
C ASP I 304 -24.08 -22.63 -17.77
N TYR I 305 -24.07 -23.95 -17.65
CA TYR I 305 -24.20 -24.62 -16.36
C TYR I 305 -22.91 -25.29 -15.89
N LEU I 306 -21.96 -25.55 -16.79
CA LEU I 306 -20.75 -26.28 -16.44
C LEU I 306 -19.57 -25.36 -16.13
N ASP I 307 -19.80 -24.06 -16.04
CA ASP I 307 -18.75 -23.12 -15.68
C ASP I 307 -19.20 -22.04 -14.70
N LYS I 308 -20.42 -22.12 -14.18
CA LYS I 308 -20.93 -21.16 -13.22
C LYS I 308 -21.31 -21.78 -11.88
N TYR I 309 -21.95 -22.95 -11.90
CA TYR I 309 -22.36 -23.63 -10.68
C TYR I 309 -21.36 -24.70 -10.23
N ASN I 310 -20.26 -24.90 -10.94
CA ASN I 310 -19.16 -25.72 -10.46
C ASN I 310 -17.82 -25.02 -10.50
N SER I 311 -17.76 -23.77 -10.98
CA SER I 311 -16.52 -23.01 -10.96
C SER I 311 -16.12 -22.74 -9.52
N LYS I 312 -14.95 -22.11 -9.32
CA LYS I 312 -14.43 -21.87 -7.97
C LYS I 312 -14.23 -23.21 -7.25
N ILE I 313 -13.31 -24.01 -7.80
CA ILE I 313 -13.11 -25.39 -7.40
C ILE I 313 -12.91 -25.51 -5.89
N LYS I 314 -12.44 -24.43 -5.26
CA LYS I 314 -12.19 -24.48 -3.82
C LYS I 314 -13.45 -24.78 -3.02
N LEU I 315 -14.63 -24.53 -3.58
CA LEU I 315 -15.90 -24.75 -2.90
C LEU I 315 -16.65 -25.96 -3.43
N HIS I 316 -16.85 -26.05 -4.75
CA HIS I 316 -17.67 -27.10 -5.31
C HIS I 316 -16.96 -28.45 -5.24
N THR I 317 -17.75 -29.50 -4.98
CA THR I 317 -17.24 -30.86 -4.88
C THR I 317 -18.09 -31.88 -5.62
N GLU I 318 -19.18 -31.47 -6.24
CA GLU I 318 -20.06 -32.36 -6.99
C GLU I 318 -20.23 -31.82 -8.41
N THR I 319 -20.83 -32.65 -9.26
CA THR I 319 -20.94 -32.35 -10.67
C THR I 319 -22.40 -32.41 -11.12
N PRO I 320 -22.87 -31.43 -11.89
CA PRO I 320 -24.21 -31.52 -12.45
C PRO I 320 -24.31 -32.61 -13.52
N CYS I 321 -25.55 -33.03 -13.77
CA CYS I 321 -25.84 -33.98 -14.84
C CYS I 321 -27.22 -33.68 -15.38
N PHE I 322 -27.48 -34.14 -16.60
CA PHE I 322 -28.70 -33.82 -17.32
C PHE I 322 -29.26 -35.09 -17.94
N ILE I 323 -30.57 -35.32 -17.74
CA ILE I 323 -31.23 -36.54 -18.19
C ILE I 323 -32.36 -36.14 -19.13
N LEU I 324 -32.53 -36.88 -20.21
CA LEU I 324 -33.65 -36.66 -21.12
C LEU I 324 -33.84 -37.89 -22.01
N LYS I 325 -35.03 -38.47 -21.98
CA LYS I 325 -35.30 -39.69 -22.73
C LYS I 325 -35.39 -39.40 -24.23
N THR I 326 -34.27 -39.55 -24.95
CA THR I 326 -34.27 -39.27 -26.37
C THR I 326 -34.50 -40.52 -27.21
N ASP I 327 -33.62 -41.50 -27.10
CA ASP I 327 -33.73 -42.74 -27.88
C ASP I 327 -32.56 -43.63 -27.49
N VAL I 328 -32.57 -44.86 -28.00
CA VAL I 328 -31.47 -45.78 -27.76
C VAL I 328 -30.22 -45.32 -28.52
N ASN I 329 -30.39 -44.82 -29.74
CA ASN I 329 -29.25 -44.48 -30.61
C ASN I 329 -29.29 -43.08 -31.20
N ASN I 330 -30.40 -42.35 -31.07
CA ASN I 330 -30.45 -41.01 -31.65
C ASN I 330 -29.43 -40.09 -31.00
N LEU I 331 -29.23 -40.22 -29.68
CA LEU I 331 -28.24 -39.41 -29.00
C LEU I 331 -26.84 -39.64 -29.55
N SER I 332 -26.63 -40.73 -30.27
CA SER I 332 -25.33 -40.96 -30.90
C SER I 332 -24.97 -39.83 -31.86
N GLU I 333 -25.96 -39.09 -32.35
CA GLU I 333 -25.65 -37.91 -33.16
C GLU I 333 -24.82 -36.91 -32.38
N TYR I 334 -25.20 -36.66 -31.12
CA TYR I 334 -24.41 -35.81 -30.24
C TYR I 334 -23.08 -36.44 -29.86
N HIS I 335 -22.89 -37.74 -30.15
CA HIS I 335 -21.75 -38.46 -29.59
C HIS I 335 -20.42 -37.97 -30.15
N LYS I 336 -20.43 -37.28 -31.28
CA LYS I 336 -19.24 -36.60 -31.80
C LYS I 336 -19.22 -35.12 -31.44
N ARG I 337 -20.38 -34.53 -31.16
CA ARG I 337 -20.45 -33.11 -30.85
C ARG I 337 -19.93 -32.80 -29.46
N PHE I 338 -20.05 -33.73 -28.51
CA PHE I 338 -20.00 -33.34 -27.11
C PHE I 338 -18.67 -32.70 -26.77
N VAL I 339 -17.57 -33.25 -27.27
CA VAL I 339 -16.27 -32.54 -27.23
C VAL I 339 -16.18 -31.77 -28.54
N SER I 340 -16.89 -30.64 -28.60
CA SER I 340 -16.70 -29.65 -29.65
C SER I 340 -16.37 -28.28 -29.08
N ARG I 341 -17.21 -27.76 -28.19
CA ARG I 341 -17.01 -26.46 -27.56
C ARG I 341 -16.33 -26.59 -26.20
N ASN I 342 -15.21 -27.31 -26.17
CA ASN I 342 -14.26 -27.28 -25.07
C ASN I 342 -14.95 -27.52 -23.73
N ILE I 343 -15.78 -28.55 -23.67
CA ILE I 343 -16.34 -29.03 -22.41
C ILE I 343 -16.14 -30.54 -22.37
N GLN I 344 -15.59 -31.04 -21.26
CA GLN I 344 -15.37 -32.47 -21.07
C GLN I 344 -16.56 -33.04 -20.33
N ILE I 345 -17.31 -33.92 -21.00
CA ILE I 345 -18.51 -34.53 -20.46
C ILE I 345 -18.64 -35.93 -21.06
N ILE I 346 -19.60 -36.70 -20.55
CA ILE I 346 -19.78 -38.09 -20.96
C ILE I 346 -21.26 -38.36 -21.20
N THR I 347 -21.55 -39.12 -22.25
CA THR I 347 -22.93 -39.48 -22.55
C THR I 347 -23.54 -40.32 -21.43
N GLY I 348 -22.76 -41.27 -20.90
CA GLY I 348 -23.20 -42.11 -19.80
C GLY I 348 -23.89 -43.38 -20.24
N TYR I 349 -24.34 -43.47 -21.49
CA TYR I 349 -25.02 -44.64 -22.02
C TYR I 349 -24.24 -45.28 -23.15
N ILE I 350 -23.89 -44.50 -24.18
CA ILE I 350 -22.99 -44.95 -25.24
C ILE I 350 -23.48 -46.29 -25.78
N GLY I 351 -24.49 -46.25 -26.64
CA GLY I 351 -24.99 -47.45 -27.28
C GLY I 351 -26.27 -47.94 -26.62
N ASP I 352 -26.34 -49.25 -26.39
CA ASP I 352 -27.53 -49.89 -25.84
C ASP I 352 -27.31 -50.40 -24.41
N THR I 353 -26.42 -49.76 -23.68
CA THR I 353 -26.08 -50.16 -22.31
C THR I 353 -26.33 -49.00 -21.36
N PHE I 354 -26.90 -49.31 -20.20
CA PHE I 354 -27.20 -48.32 -19.17
C PHE I 354 -26.16 -48.47 -18.06
N TYR I 355 -25.02 -47.80 -18.24
CA TYR I 355 -23.94 -47.91 -17.27
C TYR I 355 -24.35 -47.31 -15.93
N PHE I 356 -23.72 -47.80 -14.87
CA PHE I 356 -24.11 -47.46 -13.51
C PHE I 356 -23.03 -46.72 -12.74
N LYS I 357 -21.77 -47.09 -12.92
CA LYS I 357 -20.69 -46.50 -12.11
C LYS I 357 -20.47 -45.04 -12.46
N GLU I 358 -20.37 -44.72 -13.75
CA GLU I 358 -20.05 -43.35 -14.15
C GLU I 358 -21.14 -42.39 -13.71
N PHE I 359 -22.40 -42.80 -13.83
CA PHE I 359 -23.52 -41.89 -13.60
C PHE I 359 -23.56 -41.38 -12.16
N ASN I 360 -23.04 -42.15 -11.22
CA ASN I 360 -23.17 -41.84 -9.80
C ASN I 360 -21.86 -41.64 -9.07
N LYS I 361 -20.71 -41.81 -9.72
CA LYS I 361 -19.44 -41.62 -9.04
C LYS I 361 -19.07 -40.15 -8.97
N GLU I 362 -18.49 -39.75 -7.86
CA GLU I 362 -18.12 -38.35 -7.65
C GLU I 362 -16.75 -38.07 -8.25
N PRO I 363 -16.63 -37.11 -9.17
CA PRO I 363 -15.30 -36.78 -9.69
C PRO I 363 -14.43 -36.11 -8.64
N LYS I 364 -13.12 -36.26 -8.80
CA LYS I 364 -12.14 -35.64 -7.91
C LYS I 364 -11.69 -34.32 -8.52
N ARG I 365 -11.85 -33.24 -7.75
CA ARG I 365 -11.50 -31.90 -8.21
C ARG I 365 -10.17 -31.46 -7.61
N ILE I 366 -9.42 -30.69 -8.39
CA ILE I 366 -8.16 -30.10 -7.98
C ILE I 366 -8.33 -28.59 -8.01
N ILE I 367 -8.03 -27.94 -6.88
CA ILE I 367 -8.24 -26.50 -6.78
C ILE I 367 -7.28 -25.74 -7.67
N LYS I 368 -6.00 -26.11 -7.62
CA LYS I 368 -4.97 -25.32 -8.29
C LYS I 368 -5.14 -25.31 -9.81
N ASP I 369 -5.41 -26.48 -10.40
CA ASP I 369 -5.26 -26.65 -11.83
C ASP I 369 -6.28 -25.91 -12.67
N ASN I 370 -7.35 -25.39 -12.05
CA ASN I 370 -8.41 -24.72 -12.81
C ASN I 370 -8.97 -25.65 -13.88
N TRP I 371 -9.19 -26.91 -13.50
CA TRP I 371 -9.72 -27.89 -14.44
C TRP I 371 -10.08 -29.17 -13.68
N VAL I 372 -11.11 -29.86 -14.18
CA VAL I 372 -11.54 -31.14 -13.65
C VAL I 372 -11.79 -32.08 -14.82
N GLU I 373 -11.79 -33.38 -14.52
CA GLU I 373 -11.96 -34.39 -15.58
C GLU I 373 -13.26 -34.20 -16.34
N PHE I 374 -14.33 -33.76 -15.67
CA PHE I 374 -15.53 -33.35 -16.39
C PHE I 374 -16.35 -32.43 -15.49
N LYS I 375 -16.85 -31.32 -16.06
CA LYS I 375 -17.72 -30.44 -15.31
C LYS I 375 -19.10 -31.08 -15.09
N ALA I 376 -19.57 -31.85 -16.07
CA ALA I 376 -20.88 -32.51 -15.94
C ALA I 376 -20.96 -33.65 -16.94
N ARG I 377 -22.16 -34.24 -17.06
CA ARG I 377 -22.43 -35.27 -18.05
C ARG I 377 -23.88 -35.15 -18.49
N ILE I 378 -24.16 -35.68 -19.67
CA ILE I 378 -25.51 -35.77 -20.18
C ILE I 378 -26.02 -37.18 -19.93
N SER I 379 -27.33 -37.38 -20.06
CA SER I 379 -27.93 -38.66 -19.72
C SER I 379 -29.24 -38.82 -20.48
N CYS I 380 -29.92 -39.93 -20.22
CA CYS I 380 -31.17 -40.31 -20.88
C CYS I 380 -32.12 -40.88 -19.86
N ASN I 381 -33.38 -40.46 -19.94
CA ASN I 381 -34.43 -40.95 -19.03
C ASN I 381 -35.15 -42.15 -19.62
N SER I 382 -34.39 -43.18 -20.04
CA SER I 382 -34.99 -44.33 -20.66
C SER I 382 -35.87 -45.09 -19.67
N ASP I 383 -36.54 -46.13 -20.16
CA ASP I 383 -37.46 -46.90 -19.33
C ASP I 383 -36.75 -47.50 -18.13
N GLU I 384 -35.60 -48.13 -18.37
CA GLU I 384 -34.82 -48.74 -17.30
C GLU I 384 -33.70 -47.81 -16.85
N VAL I 385 -34.11 -46.65 -16.32
CA VAL I 385 -33.18 -45.68 -15.79
C VAL I 385 -33.73 -45.13 -14.48
N ILE I 386 -33.26 -45.67 -13.36
CA ILE I 386 -33.61 -45.16 -12.03
C ILE I 386 -32.29 -44.93 -11.30
N LYS I 387 -31.74 -43.72 -11.43
CA LYS I 387 -30.57 -43.31 -10.67
C LYS I 387 -30.66 -41.85 -10.24
N CYS I 388 -31.87 -41.29 -10.25
CA CYS I 388 -32.13 -40.00 -9.63
C CYS I 388 -32.42 -40.16 -8.15
N ILE I 389 -33.10 -41.24 -7.77
CA ILE I 389 -33.57 -41.42 -6.40
C ILE I 389 -32.65 -42.31 -5.57
N ASN I 390 -31.74 -43.05 -6.20
CA ASN I 390 -30.95 -44.03 -5.46
C ASN I 390 -29.75 -43.39 -4.76
N TYR I 391 -28.83 -42.81 -5.54
CA TYR I 391 -27.57 -42.30 -5.01
C TYR I 391 -27.30 -40.94 -5.62
N LYS I 392 -26.74 -40.03 -4.82
CA LYS I 392 -26.56 -38.64 -5.23
C LYS I 392 -27.89 -38.10 -5.77
N LYS I 393 -28.83 -37.99 -4.84
CA LYS I 393 -30.26 -38.01 -5.16
C LYS I 393 -30.76 -36.74 -5.84
N CYS I 394 -30.09 -36.34 -6.93
CA CYS I 394 -30.65 -35.35 -7.86
C CYS I 394 -31.39 -34.24 -7.12
N ASP I 395 -30.66 -33.44 -6.36
CA ASP I 395 -31.18 -32.48 -5.40
C ASP I 395 -31.92 -31.31 -6.05
N ASP I 396 -32.16 -31.34 -7.36
CA ASP I 396 -33.18 -30.48 -7.99
C ASP I 396 -33.76 -31.25 -9.17
N LEU I 397 -34.84 -31.98 -8.92
CA LEU I 397 -35.46 -32.80 -9.94
C LEU I 397 -36.47 -31.99 -10.74
N TYR I 398 -36.39 -32.10 -12.06
CA TYR I 398 -37.29 -31.40 -12.97
C TYR I 398 -37.99 -32.40 -13.88
N ILE I 399 -39.18 -32.00 -14.35
CA ILE I 399 -39.90 -32.70 -15.39
C ILE I 399 -40.56 -31.63 -16.27
N VAL I 400 -40.72 -31.93 -17.55
CA VAL I 400 -41.32 -30.99 -18.50
C VAL I 400 -42.39 -31.72 -19.30
N GLY I 401 -43.62 -31.20 -19.25
CA GLY I 401 -44.69 -31.67 -20.10
C GLY I 401 -45.20 -33.04 -19.69
N GLY I 402 -44.39 -34.06 -19.92
CA GLY I 402 -44.76 -35.42 -19.56
C GLY I 402 -43.58 -36.36 -19.69
N VAL I 403 -43.34 -37.16 -18.66
CA VAL I 403 -42.21 -38.09 -18.63
C VAL I 403 -42.71 -39.41 -18.05
N ASP I 404 -41.93 -40.46 -18.27
CA ASP I 404 -42.18 -41.73 -17.62
C ASP I 404 -41.77 -41.62 -16.17
N VAL I 405 -42.65 -41.05 -15.33
CA VAL I 405 -42.32 -40.76 -13.94
C VAL I 405 -42.85 -41.85 -13.01
N SER I 406 -43.38 -42.94 -13.55
CA SER I 406 -43.81 -44.07 -12.75
C SER I 406 -42.64 -45.02 -12.51
N LEU I 407 -42.90 -46.09 -11.76
CA LEU I 407 -41.86 -47.08 -11.42
C LEU I 407 -40.69 -46.41 -10.71
N LEU I 408 -40.99 -45.41 -9.89
CA LEU I 408 -39.98 -44.69 -9.12
C LEU I 408 -40.29 -44.81 -7.63
N ASP I 409 -39.22 -44.85 -6.83
CA ASP I 409 -39.40 -44.99 -5.39
C ASP I 409 -40.14 -43.78 -4.80
N THR I 410 -39.77 -42.58 -5.23
CA THR I 410 -40.39 -41.35 -4.75
C THR I 410 -40.33 -41.27 -3.22
N ALA I 411 -39.10 -41.25 -2.70
CA ALA I 411 -38.84 -41.21 -1.27
C ALA I 411 -37.81 -40.14 -0.97
N ASP I 412 -38.20 -39.13 -0.20
CA ASP I 412 -37.30 -38.06 0.21
C ASP I 412 -36.66 -37.37 -0.99
N VAL I 413 -37.49 -37.05 -1.97
CA VAL I 413 -37.05 -36.36 -3.19
C VAL I 413 -37.83 -35.06 -3.31
N ASN I 414 -37.09 -33.96 -3.50
CA ASN I 414 -37.71 -32.65 -3.73
C ASN I 414 -38.08 -32.54 -5.20
N ILE I 415 -39.02 -33.39 -5.62
CA ILE I 415 -39.48 -33.37 -7.00
C ILE I 415 -40.05 -32.00 -7.30
N GLU I 416 -39.42 -31.30 -8.24
CA GLU I 416 -39.84 -29.95 -8.63
C GLU I 416 -40.08 -29.96 -10.14
N ASN I 417 -41.28 -30.36 -10.52
CA ASN I 417 -41.66 -30.43 -11.93
C ASN I 417 -41.86 -29.02 -12.48
N LEU I 418 -41.72 -28.90 -13.80
CA LEU I 418 -42.05 -27.65 -14.49
C LEU I 418 -42.23 -27.95 -15.97
N GLU I 419 -43.47 -27.86 -16.45
CA GLU I 419 -43.75 -28.08 -17.86
C GLU I 419 -43.45 -26.82 -18.66
N ILE I 420 -42.67 -26.97 -19.72
CA ILE I 420 -42.20 -25.85 -20.53
C ILE I 420 -42.25 -26.26 -22.00
N ASN I 421 -41.83 -25.33 -22.87
CA ASN I 421 -41.81 -25.55 -24.30
C ASN I 421 -40.43 -25.97 -24.81
N ASN I 422 -39.38 -25.24 -24.45
CA ASN I 422 -38.04 -25.53 -24.92
C ASN I 422 -37.04 -25.22 -23.81
N PHE I 423 -35.74 -25.30 -24.12
CA PHE I 423 -34.70 -25.19 -23.11
C PHE I 423 -34.47 -23.76 -22.66
N ARG I 424 -34.61 -22.79 -23.58
CA ARG I 424 -34.30 -21.40 -23.24
C ARG I 424 -35.06 -20.96 -22.00
N GLU I 425 -36.31 -21.40 -21.87
CA GLU I 425 -37.08 -21.07 -20.67
C GLU I 425 -36.42 -21.64 -19.43
N LEU I 426 -35.91 -22.87 -19.51
CA LEU I 426 -35.20 -23.45 -18.36
C LEU I 426 -33.98 -22.62 -18.00
N LYS I 427 -33.18 -22.27 -19.01
CA LYS I 427 -31.98 -21.48 -18.74
C LYS I 427 -32.34 -20.18 -18.05
N TYR I 428 -33.45 -19.56 -18.46
CA TYR I 428 -33.94 -18.40 -17.73
C TYR I 428 -34.37 -18.78 -16.32
N LEU I 429 -35.01 -19.94 -16.16
CA LEU I 429 -35.64 -20.28 -14.90
C LEU I 429 -34.62 -20.48 -13.79
N LEU I 430 -33.51 -21.15 -14.10
CA LEU I 430 -32.50 -21.34 -13.06
C LEU I 430 -31.69 -20.08 -12.80
N SER I 431 -32.11 -18.92 -13.30
CA SER I 431 -31.42 -17.65 -13.09
C SER I 431 -30.06 -17.65 -13.78
N MET I 432 -30.01 -18.23 -14.98
CA MET I 432 -28.81 -18.19 -15.81
C MET I 432 -28.93 -17.24 -16.99
N LEU I 433 -30.12 -17.04 -17.52
CA LEU I 433 -30.36 -16.13 -18.63
C LEU I 433 -31.21 -14.95 -18.17
N LYS I 434 -30.79 -13.75 -18.59
CA LYS I 434 -31.48 -12.54 -18.15
C LYS I 434 -32.92 -12.50 -18.65
N GLU I 435 -33.16 -12.91 -19.89
CA GLU I 435 -34.47 -12.84 -20.52
C GLU I 435 -34.80 -14.19 -21.15
N ILE I 436 -36.00 -14.26 -21.73
CA ILE I 436 -36.53 -15.48 -22.36
C ILE I 436 -36.14 -16.74 -21.57
N MET J 1 -67.25 32.33 49.83
CA MET J 1 -67.11 32.86 51.22
C MET J 1 -65.84 32.30 51.87
N MET J 2 -64.77 33.07 51.81
CA MET J 2 -63.50 32.64 52.39
C MET J 2 -63.61 32.57 53.91
N SER J 3 -62.93 31.59 54.49
CA SER J 3 -62.94 31.42 55.94
C SER J 3 -62.28 32.62 56.62
N ARG J 4 -62.80 32.96 57.80
CA ARG J 4 -62.26 34.09 58.54
C ARG J 4 -60.82 33.86 58.96
N GLU J 5 -60.44 32.61 59.20
CA GLU J 5 -59.05 32.29 59.49
C GLU J 5 -58.17 32.60 58.29
N ALA J 6 -58.67 32.36 57.08
CA ALA J 6 -57.92 32.71 55.88
C ALA J 6 -57.70 34.22 55.80
N ASP J 7 -58.72 35.00 56.14
CA ASP J 7 -58.57 36.46 56.17
C ASP J 7 -57.56 36.87 57.22
N HIS J 8 -57.59 36.23 58.40
CA HIS J 8 -56.60 36.55 59.43
C HIS J 8 -55.19 36.28 58.92
N THR J 9 -54.99 35.14 58.26
CA THR J 9 -53.67 34.81 57.73
C THR J 9 -53.25 35.79 56.64
N ILE J 10 -54.19 36.20 55.79
CA ILE J 10 -53.86 37.14 54.73
C ILE J 10 -53.43 38.48 55.32
N LYS J 11 -54.16 38.97 56.32
CA LYS J 11 -53.78 40.23 56.95
C LYS J 11 -52.46 40.10 57.70
N GLY J 12 -52.20 38.94 58.30
CA GLY J 12 -50.91 38.72 58.93
C GLY J 12 -49.77 38.80 57.94
N PHE J 13 -49.94 38.15 56.78
CA PHE J 13 -48.91 38.22 55.74
C PHE J 13 -48.75 39.66 55.23
N LEU J 14 -49.85 40.39 55.09
CA LEU J 14 -49.76 41.77 54.63
C LEU J 14 -49.00 42.64 55.63
N TYR J 15 -49.27 42.47 56.93
CA TYR J 15 -48.53 43.23 57.93
C TYR J 15 -47.07 42.79 58.00
N GLN J 16 -46.79 41.52 57.75
CA GLN J 16 -45.40 41.08 57.63
C GLN J 16 -44.72 41.76 56.46
N PHE J 17 -45.44 41.91 55.35
CA PHE J 17 -44.89 42.64 54.20
C PHE J 17 -44.60 44.08 54.56
N ASN J 18 -45.50 44.71 55.33
CA ASN J 18 -45.25 46.07 55.79
C ASN J 18 -44.01 46.14 56.67
N LYS J 19 -43.83 45.16 57.57
CA LYS J 19 -42.63 45.12 58.39
C LYS J 19 -41.39 44.98 57.53
N THR J 20 -41.44 44.12 56.51
CA THR J 20 -40.30 43.95 55.62
C THR J 20 -39.97 45.25 54.90
N LEU J 21 -41.01 45.94 54.41
CA LEU J 21 -40.78 47.23 53.74
C LEU J 21 -40.16 48.24 54.68
N ASN J 22 -40.65 48.31 55.92
CA ASN J 22 -40.08 49.24 56.89
C ASN J 22 -38.62 48.90 57.17
N SER J 23 -38.31 47.61 57.32
CA SER J 23 -36.93 47.22 57.57
C SER J 23 -36.03 47.58 56.39
N ILE J 24 -36.51 47.36 55.16
CA ILE J 24 -35.73 47.72 53.98
C ILE J 24 -35.50 49.21 53.94
N LEU J 25 -36.54 50.01 54.23
CA LEU J 25 -36.39 51.45 54.22
C LEU J 25 -35.39 51.92 55.26
N SER J 26 -35.45 51.34 56.47
CA SER J 26 -34.51 51.76 57.51
C SER J 26 -33.09 51.38 57.17
N SER J 27 -32.87 50.13 56.74
CA SER J 27 -31.53 49.65 56.39
C SER J 27 -30.55 49.80 57.56
N THR J 28 -31.06 49.73 58.79
CA THR J 28 -30.24 49.83 59.99
C THR J 28 -30.81 48.86 61.03
N ASP J 29 -30.36 49.01 62.26
CA ASP J 29 -30.87 48.16 63.35
C ASP J 29 -32.38 48.31 63.44
N GLN J 30 -33.09 47.19 63.41
CA GLN J 30 -34.55 47.17 63.40
C GLN J 30 -35.05 46.19 64.43
N ASP J 31 -36.27 46.44 64.91
CA ASP J 31 -36.86 45.64 65.98
C ASP J 31 -36.88 44.16 65.61
N GLU J 32 -37.02 43.32 66.63
CA GLU J 32 -37.03 41.88 66.44
C GLU J 32 -38.34 41.44 65.79
N ILE J 33 -38.25 40.37 65.01
CA ILE J 33 -39.40 39.76 64.33
C ILE J 33 -39.48 38.31 64.76
N GLN J 34 -40.67 37.89 65.21
CA GLN J 34 -40.91 36.51 65.62
C GLN J 34 -42.21 36.03 65.01
N ILE J 35 -42.18 34.81 64.47
CA ILE J 35 -43.39 34.21 63.91
C ILE J 35 -44.29 33.75 65.05
N GLU J 36 -45.58 34.05 64.93
CA GLU J 36 -46.56 33.73 65.96
C GLU J 36 -47.28 32.44 65.58
N GLY J 37 -47.35 31.52 66.53
CA GLY J 37 -48.04 30.26 66.32
C GLY J 37 -49.50 30.32 66.70
N ILE J 38 -50.23 31.30 66.16
CA ILE J 38 -51.64 31.48 66.47
C ILE J 38 -52.56 30.92 65.39
N ILE J 39 -52.01 30.51 64.24
CA ILE J 39 -52.85 29.95 63.19
C ILE J 39 -53.51 28.66 63.65
N GLU J 40 -52.79 27.86 64.43
CA GLU J 40 -53.36 26.71 65.13
C GLU J 40 -52.64 26.55 66.47
N ASP J 41 -53.21 25.69 67.31
CA ASP J 41 -52.66 25.44 68.65
C ASP J 41 -51.41 24.58 68.54
N ILE J 42 -50.37 25.16 67.94
CA ILE J 42 -49.11 24.47 67.80
C ILE J 42 -48.46 24.24 69.16
N ASP J 43 -48.62 25.21 70.07
CA ASP J 43 -48.04 25.14 71.41
C ASP J 43 -46.51 25.02 71.31
N ILE J 44 -45.90 26.04 70.72
CA ILE J 44 -44.44 26.06 70.58
C ILE J 44 -43.75 26.15 71.94
N LYS J 45 -44.48 26.53 72.99
CA LYS J 45 -43.91 26.70 74.32
C LYS J 45 -42.88 27.83 74.35
N ASN J 46 -43.09 28.85 73.52
CA ASN J 46 -42.25 30.04 73.50
C ASN J 46 -43.04 31.23 74.04
N SER J 47 -42.36 32.10 74.77
CA SER J 47 -43.00 33.24 75.42
C SER J 47 -42.72 34.57 74.77
N ASN J 48 -41.59 34.71 74.07
CA ASN J 48 -41.20 35.98 73.45
C ASN J 48 -41.91 36.13 72.10
N ILE J 49 -43.21 36.42 72.18
CA ILE J 49 -44.03 36.71 71.01
C ILE J 49 -44.73 38.04 71.25
N THR J 50 -44.57 38.97 70.31
CA THR J 50 -45.14 40.30 70.45
C THR J 50 -46.01 40.67 69.26
N ASN J 51 -45.64 40.17 68.07
CA ASN J 51 -46.37 40.51 66.86
C ASN J 51 -47.81 40.03 66.96
N ALA J 52 -48.00 38.72 67.01
CA ALA J 52 -49.31 38.09 67.18
C ALA J 52 -50.37 38.82 66.35
N ILE J 53 -50.17 38.78 65.04
CA ILE J 53 -50.97 39.58 64.11
C ILE J 53 -52.22 38.78 63.73
N GLN J 54 -53.39 39.31 64.10
CA GLN J 54 -54.67 38.67 63.81
C GLN J 54 -55.67 39.71 63.32
N CYS J 55 -55.24 40.54 62.38
CA CYS J 55 -56.08 41.63 61.88
C CYS J 55 -57.12 41.10 60.90
N LYS J 56 -58.24 41.82 60.81
CA LYS J 56 -59.31 41.47 59.88
C LYS J 56 -60.19 42.69 59.69
N TYR J 57 -60.75 42.81 58.48
CA TYR J 57 -61.61 43.93 58.13
C TYR J 57 -62.71 43.45 57.19
N HIS J 58 -63.67 44.34 56.95
CA HIS J 58 -64.83 44.03 56.11
C HIS J 58 -65.05 45.20 55.15
N GLU J 59 -66.21 45.20 54.49
CA GLU J 59 -66.50 46.23 53.50
C GLU J 59 -66.48 47.61 54.12
N SER J 60 -65.94 48.58 53.39
CA SER J 60 -65.89 49.97 53.81
C SER J 60 -66.43 50.85 52.69
N LYS J 61 -67.26 51.83 53.07
CA LYS J 61 -67.89 52.73 52.11
C LYS J 61 -67.39 54.16 52.27
N VAL J 62 -67.55 54.75 53.45
CA VAL J 62 -67.05 56.10 53.74
C VAL J 62 -66.77 56.20 55.22
N ARG J 63 -65.62 56.78 55.57
CA ARG J 63 -65.23 56.99 56.96
C ARG J 63 -65.29 55.64 57.70
N HIS J 64 -65.53 55.66 59.00
CA HIS J 64 -65.59 54.45 59.81
C HIS J 64 -66.85 54.50 60.69
N ASN J 65 -67.29 53.31 61.09
CA ASN J 65 -68.47 53.17 61.93
C ASN J 65 -68.20 52.11 63.00
N LEU J 66 -69.03 52.14 64.04
CA LEU J 66 -68.90 51.16 65.12
C LEU J 66 -69.13 49.75 64.63
N SER J 67 -69.81 49.57 63.49
CA SER J 67 -70.06 48.26 62.92
C SER J 67 -68.93 47.79 62.00
N ASP J 68 -67.74 48.36 62.14
CA ASP J 68 -66.58 47.95 61.35
C ASP J 68 -65.74 46.90 62.04
N ILE J 69 -66.08 46.51 63.27
CA ILE J 69 -65.33 45.53 64.04
C ILE J 69 -66.28 44.42 64.46
N TYR J 70 -66.26 43.31 63.71
CA TYR J 70 -67.15 42.18 63.92
C TYR J 70 -66.48 41.15 64.84
N LYS J 71 -67.01 39.93 64.86
CA LYS J 71 -66.57 38.80 65.67
C LYS J 71 -65.06 38.75 65.88
N PRO J 72 -64.22 39.01 64.85
CA PRO J 72 -62.77 39.02 65.07
C PRO J 72 -62.33 39.64 66.39
N ILE J 73 -63.07 40.65 66.87
CA ILE J 73 -62.78 41.20 68.19
C ILE J 73 -62.95 40.13 69.26
N LEU J 74 -64.00 39.32 69.14
CA LEU J 74 -64.22 38.25 70.10
C LEU J 74 -63.14 37.18 69.99
N GLN J 75 -62.67 36.90 68.78
CA GLN J 75 -61.55 35.98 68.62
C GLN J 75 -60.30 36.54 69.30
N MET J 76 -60.06 37.84 69.15
CA MET J 76 -58.98 38.50 69.89
C MET J 76 -59.14 38.29 71.39
N LEU J 77 -60.35 38.51 71.89
CA LEU J 77 -60.60 38.42 73.34
C LEU J 77 -60.34 37.01 73.85
N LEU J 78 -60.81 36.00 73.12
CA LEU J 78 -60.58 34.62 73.56
C LEU J 78 -59.13 34.21 73.39
N HIS J 79 -58.44 34.74 72.38
CA HIS J 79 -57.02 34.46 72.22
C HIS J 79 -56.22 35.09 73.36
N PHE J 80 -56.72 36.18 73.94
CA PHE J 80 -56.05 36.78 75.09
C PHE J 80 -55.97 35.78 76.24
N LEU J 81 -57.01 34.98 76.43
CA LEU J 81 -57.04 33.97 77.49
C LEU J 81 -56.44 32.66 76.98
N GLU J 82 -55.12 32.69 76.80
CA GLU J 82 -54.40 31.50 76.35
C GLU J 82 -54.30 30.49 77.48
N ASN J 83 -54.16 29.21 77.10
CA ASN J 83 -54.07 28.15 78.10
C ASN J 83 -52.84 28.31 78.97
N ASP J 84 -51.69 28.60 78.37
CA ASP J 84 -50.44 28.73 79.11
C ASP J 84 -50.17 30.16 79.58
N SER J 85 -50.99 31.13 79.16
CA SER J 85 -50.89 32.51 79.61
C SER J 85 -49.48 33.07 79.37
N LEU J 86 -49.11 33.12 78.09
CA LEU J 86 -47.83 33.69 77.67
C LEU J 86 -48.05 35.16 77.29
N ASN J 87 -47.02 35.79 76.70
CA ASN J 87 -47.18 37.13 76.17
C ASN J 87 -48.24 37.09 75.08
N ILE J 88 -49.40 37.70 75.36
CA ILE J 88 -50.59 37.50 74.53
C ILE J 88 -51.08 38.84 73.99
N LYS J 89 -50.16 39.77 73.76
CA LYS J 89 -50.52 41.08 73.22
C LYS J 89 -50.53 41.00 71.70
N TYR J 90 -51.73 41.05 71.12
CA TYR J 90 -51.90 40.98 69.68
C TYR J 90 -51.82 42.38 69.07
N ALA J 91 -52.09 42.49 67.78
CA ALA J 91 -52.09 43.77 67.08
C ALA J 91 -53.24 43.82 66.10
N LEU J 92 -53.74 45.03 65.85
CA LEU J 92 -54.84 45.27 64.91
C LEU J 92 -54.44 46.41 63.98
N TYR J 93 -54.57 46.18 62.68
CA TYR J 93 -54.17 47.14 61.65
C TYR J 93 -55.27 47.32 60.62
N ALA J 94 -56.51 47.41 61.07
CA ALA J 94 -57.63 47.55 60.16
C ALA J 94 -57.58 48.89 59.43
N TYR J 95 -57.97 48.87 58.15
CA TYR J 95 -57.98 50.07 57.33
C TYR J 95 -59.31 50.80 57.45
N PHE J 96 -59.24 52.12 57.37
CA PHE J 96 -60.41 52.98 57.33
C PHE J 96 -60.17 54.11 56.34
N PRO J 97 -61.23 54.62 55.69
CA PRO J 97 -61.08 55.84 54.89
C PRO J 97 -60.47 56.97 55.70
N ASN J 98 -60.06 58.05 55.04
CA ASN J 98 -59.39 59.16 55.70
C ASN J 98 -60.12 59.56 56.97
N GLU J 99 -59.46 59.38 58.10
CA GLU J 99 -60.04 59.67 59.41
C GLU J 99 -58.90 59.92 60.39
N GLN J 100 -59.26 60.25 61.63
CA GLN J 100 -58.26 60.45 62.66
C GLN J 100 -57.41 59.21 62.82
N VAL J 101 -56.09 59.38 62.71
CA VAL J 101 -55.15 58.27 62.78
C VAL J 101 -54.63 58.16 64.20
N GLY J 102 -54.81 56.99 64.81
CA GLY J 102 -54.35 56.79 66.17
C GLY J 102 -54.97 55.53 66.75
N VAL J 103 -54.71 55.33 68.04
CA VAL J 103 -55.24 54.16 68.75
C VAL J 103 -56.66 54.46 69.20
N LYS J 104 -57.44 53.40 69.38
CA LYS J 104 -58.83 53.52 69.82
C LYS J 104 -58.97 53.81 71.31
N GLU J 105 -57.85 53.96 72.02
CA GLU J 105 -57.87 54.26 73.45
C GLU J 105 -58.38 53.05 74.23
N VAL J 106 -57.88 52.87 75.44
CA VAL J 106 -58.17 51.69 76.25
C VAL J 106 -59.23 51.97 77.32
N THR J 107 -60.05 53.00 77.12
CA THR J 107 -61.10 53.31 78.09
C THR J 107 -62.05 52.13 78.23
N LYS J 108 -62.45 51.86 79.47
CA LYS J 108 -63.34 50.72 79.74
C LYS J 108 -64.71 50.94 79.11
N SER J 109 -65.21 52.18 79.13
CA SER J 109 -66.56 52.43 78.65
C SER J 109 -66.71 52.09 77.17
N GLN J 110 -65.73 52.48 76.34
CA GLN J 110 -65.83 52.23 74.91
C GLN J 110 -65.84 50.75 74.61
N ILE J 111 -64.95 49.99 75.26
CA ILE J 111 -64.89 48.55 75.02
C ILE J 111 -66.16 47.88 75.53
N GLU J 112 -66.68 48.32 76.67
CA GLU J 112 -67.92 47.76 77.19
C GLU J 112 -69.08 48.00 76.23
N GLU J 113 -69.16 49.22 75.68
CA GLU J 113 -70.21 49.52 74.71
C GLU J 113 -70.05 48.65 73.46
N ILE J 114 -68.80 48.47 73.00
CA ILE J 114 -68.56 47.64 71.83
C ILE J 114 -69.01 46.20 72.10
N LEU J 115 -68.77 45.70 73.31
CA LEU J 115 -69.11 44.32 73.63
C LEU J 115 -70.60 44.05 73.53
N SER J 116 -71.44 45.08 73.62
CA SER J 116 -72.89 44.91 73.58
C SER J 116 -73.38 44.87 72.14
N SER J 117 -72.85 43.92 71.38
CA SER J 117 -73.25 43.76 69.98
C SER J 117 -74.64 43.14 69.87
N SER J 118 -74.94 42.16 70.73
CA SER J 118 -76.24 41.51 70.75
C SER J 118 -76.54 40.84 69.40
N ASN J 119 -75.66 39.92 69.02
CA ASN J 119 -75.82 39.13 67.80
C ASN J 119 -75.75 37.65 68.16
N PHE J 120 -76.60 36.85 67.52
CA PHE J 120 -76.65 35.43 67.84
C PHE J 120 -75.32 34.74 67.55
N ASP J 121 -74.73 35.02 66.40
CA ASP J 121 -73.45 34.39 66.06
C ASP J 121 -72.40 34.73 67.09
N TYR J 122 -72.31 36.00 67.49
CA TYR J 122 -71.33 36.42 68.48
C TYR J 122 -71.57 35.71 69.82
N ILE J 123 -72.83 35.62 70.23
CA ILE J 123 -73.13 35.00 71.52
C ILE J 123 -72.80 33.51 71.50
N SER J 124 -73.16 32.83 70.41
CA SER J 124 -73.08 31.38 70.34
C SER J 124 -71.72 30.86 69.91
N LYS J 125 -70.84 31.70 69.37
CA LYS J 125 -69.55 31.21 68.88
C LYS J 125 -68.45 31.31 69.93
N TYR J 126 -68.20 32.52 70.45
CA TYR J 126 -67.07 32.73 71.34
C TYR J 126 -67.46 33.40 72.65
N ILE J 127 -68.51 34.24 72.61
CA ILE J 127 -68.89 34.99 73.81
C ILE J 127 -69.32 34.03 74.92
N SER J 128 -70.04 32.97 74.57
CA SER J 128 -70.51 32.03 75.58
C SER J 128 -69.36 31.49 76.42
N LYS J 129 -68.18 31.31 75.82
CA LYS J 129 -67.03 30.85 76.58
C LYS J 129 -66.59 31.90 77.60
N ILE J 130 -66.64 33.18 77.22
CA ILE J 130 -66.21 34.25 78.12
C ILE J 130 -67.08 34.27 79.38
N LYS J 131 -68.39 34.18 79.20
CA LYS J 131 -69.34 34.23 80.30
C LYS J 131 -70.04 32.89 80.43
N PRO J 132 -69.64 32.03 81.36
CA PRO J 132 -70.37 30.77 81.56
C PRO J 132 -71.79 31.06 82.04
N PRO J 133 -72.81 30.78 81.22
CA PRO J 133 -74.18 31.15 81.62
C PRO J 133 -74.59 30.42 82.88
N LYS J 134 -75.10 31.19 83.85
CA LYS J 134 -75.59 30.59 85.09
C LYS J 134 -76.75 29.63 84.81
N GLU J 135 -77.44 29.82 83.69
CA GLU J 135 -78.49 28.89 83.27
C GLU J 135 -77.84 27.75 82.50
N GLN J 136 -77.76 26.57 83.12
CA GLN J 136 -77.12 25.42 82.48
C GLN J 136 -77.86 25.00 81.22
N ILE J 137 -79.13 25.39 81.07
CA ILE J 137 -79.86 25.08 79.84
C ILE J 137 -79.19 25.77 78.66
N ILE J 138 -78.67 26.98 78.87
CA ILE J 138 -77.99 27.69 77.79
C ILE J 138 -76.76 26.92 77.35
N LYS J 139 -75.97 26.43 78.31
CA LYS J 139 -74.79 25.65 77.97
C LYS J 139 -75.17 24.36 77.27
N GLU J 140 -76.23 23.69 77.73
CA GLU J 140 -76.67 22.46 77.08
C GLU J 140 -77.08 22.71 75.65
N LEU J 141 -77.82 23.80 75.40
CA LEU J 141 -78.22 24.14 74.04
C LEU J 141 -77.01 24.48 73.18
N LEU J 142 -76.03 25.19 73.74
CA LEU J 142 -74.83 25.52 72.98
C LEU J 142 -74.06 24.27 72.61
N GLY J 143 -73.94 23.31 73.53
CA GLY J 143 -73.19 22.09 73.30
C GLY J 143 -73.94 21.00 72.60
N LYS J 144 -75.23 21.17 72.32
CA LYS J 144 -76.02 20.15 71.65
C LYS J 144 -75.90 20.22 70.13
N THR J 145 -75.26 21.25 69.58
CA THR J 145 -75.09 21.41 68.14
C THR J 145 -76.44 21.43 67.42
N SER J 146 -77.48 21.90 68.11
CA SER J 146 -78.81 21.98 67.52
C SER J 146 -79.60 23.02 68.30
N LYS J 147 -79.94 24.13 67.64
CA LYS J 147 -80.62 25.24 68.28
C LYS J 147 -81.68 25.80 67.35
N THR J 148 -82.81 26.21 67.94
CA THR J 148 -83.95 26.73 67.20
C THR J 148 -84.12 28.22 67.47
N THR J 149 -85.05 28.83 66.71
CA THR J 149 -85.23 30.27 66.79
C THR J 149 -85.64 30.70 68.20
N GLU J 150 -86.56 29.96 68.83
CA GLU J 150 -86.95 30.27 70.19
C GLU J 150 -85.74 30.23 71.12
N ASP J 151 -84.84 29.28 70.91
CA ASP J 151 -83.64 29.21 71.73
C ASP J 151 -82.75 30.43 71.52
N LYS J 152 -82.61 30.89 70.27
CA LYS J 152 -81.82 32.09 70.02
C LYS J 152 -82.43 33.29 70.73
N THR J 153 -83.76 33.44 70.64
CA THR J 153 -84.43 34.56 71.31
C THR J 153 -84.24 34.48 72.81
N ARG J 154 -84.36 33.28 73.38
CA ARG J 154 -84.20 33.13 74.83
C ARG J 154 -82.77 33.48 75.26
N ILE J 155 -81.77 33.03 74.49
CA ILE J 155 -80.39 33.37 74.83
C ILE J 155 -80.17 34.86 74.75
N LYS J 156 -80.68 35.50 73.70
CA LYS J 156 -80.51 36.94 73.57
C LYS J 156 -81.18 37.68 74.72
N LYS J 157 -82.38 37.28 75.10
CA LYS J 157 -83.07 37.92 76.22
C LYS J 157 -82.29 37.74 77.51
N TYR J 158 -81.76 36.53 77.75
CA TYR J 158 -81.02 36.27 78.97
C TYR J 158 -79.74 37.10 79.01
N TYR J 159 -79.06 37.24 77.87
CA TYR J 159 -77.81 37.98 77.83
C TYR J 159 -78.00 39.48 77.72
N GLU J 160 -79.23 39.95 77.46
CA GLU J 160 -79.51 41.38 77.33
C GLU J 160 -80.10 41.96 78.60
N THR J 161 -81.23 41.42 79.06
CA THR J 161 -81.88 41.91 80.26
C THR J 161 -81.30 41.31 81.53
N SER J 162 -80.89 40.04 81.49
CA SER J 162 -80.27 39.37 82.63
C SER J 162 -78.77 39.26 82.47
N LYS J 163 -78.13 40.35 82.05
CA LYS J 163 -76.69 40.41 81.83
C LYS J 163 -75.93 39.68 82.93
N LEU J 164 -75.02 38.79 82.54
CA LEU J 164 -74.27 37.97 83.47
C LEU J 164 -72.90 38.58 83.74
N GLU J 165 -72.40 38.35 84.95
CA GLU J 165 -71.06 38.81 85.34
C GLU J 165 -70.03 37.77 84.95
N THR J 166 -69.00 38.20 84.23
CA THR J 166 -67.96 37.29 83.77
C THR J 166 -67.03 36.92 84.92
N ILE J 167 -66.24 35.87 84.71
CA ILE J 167 -65.29 35.39 85.70
C ILE J 167 -63.88 35.96 85.49
N VAL J 168 -63.67 36.73 84.42
CA VAL J 168 -62.37 37.31 84.12
C VAL J 168 -62.34 38.74 84.62
N ASP J 169 -61.15 39.20 85.00
CA ASP J 169 -60.97 40.57 85.47
C ASP J 169 -61.25 41.54 84.32
N ILE J 170 -62.38 42.24 84.40
CA ILE J 170 -62.77 43.14 83.31
C ILE J 170 -61.77 44.29 83.19
N ASP J 171 -61.36 44.86 84.32
CA ASP J 171 -60.47 46.02 84.28
C ASP J 171 -59.15 45.68 83.60
N LYS J 172 -58.56 44.54 83.96
CA LYS J 172 -57.29 44.14 83.37
C LYS J 172 -57.46 43.60 81.95
N PHE J 173 -58.58 42.97 81.66
CA PHE J 173 -58.77 42.31 80.37
C PHE J 173 -59.05 43.28 79.24
N LEU J 174 -59.55 44.49 79.54
CA LEU J 174 -59.91 45.46 78.51
C LEU J 174 -59.01 46.68 78.50
N ARG J 175 -58.04 46.77 79.41
CA ARG J 175 -57.19 47.95 79.52
C ARG J 175 -55.73 47.64 79.17
N ASP J 176 -55.12 46.66 79.84
CA ASP J 176 -53.71 46.38 79.60
C ASP J 176 -53.49 45.68 78.27
N HIS J 177 -54.45 44.89 77.81
CA HIS J 177 -54.31 44.12 76.58
C HIS J 177 -54.94 44.86 75.40
N PHE J 178 -54.70 44.31 74.20
CA PHE J 178 -55.31 44.80 72.96
C PHE J 178 -54.72 46.14 72.54
N VAL J 179 -54.46 46.28 71.25
CA VAL J 179 -53.98 47.54 70.68
C VAL J 179 -54.50 47.64 69.25
N PHE J 180 -54.90 48.85 68.86
CA PHE J 180 -55.49 49.09 67.54
C PHE J 180 -54.75 50.21 66.85
N GLU J 181 -54.50 50.04 65.55
CA GLU J 181 -53.84 51.04 64.73
C GLU J 181 -54.50 51.09 63.37
N ILE J 182 -54.55 52.29 62.80
CA ILE J 182 -55.19 52.47 61.50
C ILE J 182 -54.31 51.88 60.41
N GLY J 183 -54.92 51.09 59.53
CA GLY J 183 -54.21 50.51 58.41
C GLY J 183 -54.25 51.40 57.18
N LEU J 184 -53.66 50.89 56.10
CA LEU J 184 -53.65 51.57 54.81
C LEU J 184 -54.07 50.59 53.73
N SER J 185 -54.83 51.08 52.75
CA SER J 185 -55.34 50.22 51.69
C SER J 185 -54.18 49.51 50.99
N TYR J 186 -54.19 48.18 51.04
CA TYR J 186 -53.08 47.41 50.50
C TYR J 186 -53.11 47.34 48.98
N GLU J 187 -54.31 47.42 48.37
CA GLU J 187 -54.39 47.37 46.92
C GLU J 187 -53.54 48.47 46.28
N GLU J 188 -53.64 49.69 46.82
CA GLU J 188 -52.78 50.78 46.36
C GLU J 188 -51.39 50.72 46.99
N LEU J 189 -51.25 50.04 48.12
CA LEU J 189 -49.94 49.95 48.77
C LEU J 189 -48.99 49.03 48.05
N MET J 190 -49.50 48.08 47.26
CA MET J 190 -48.60 47.20 46.51
C MET J 190 -47.74 48.00 45.54
N ASN J 191 -48.34 48.97 44.85
CA ASN J 191 -47.58 49.80 43.92
C ASN J 191 -46.49 50.58 44.64
N GLU J 192 -46.82 51.16 45.80
CA GLU J 192 -45.82 51.90 46.56
C GLU J 192 -44.69 50.98 47.04
N THR J 193 -45.05 49.78 47.51
CA THR J 193 -44.04 48.84 47.95
C THR J 193 -43.11 48.45 46.81
N LYS J 194 -43.67 48.19 45.63
CA LYS J 194 -42.84 47.82 44.49
C LYS J 194 -41.95 48.98 44.06
N ASN J 195 -42.49 50.21 44.08
CA ASN J 195 -41.69 51.37 43.73
C ASN J 195 -40.53 51.55 44.71
N LEU J 196 -40.79 51.40 46.00
CA LEU J 196 -39.74 51.54 46.99
C LEU J 196 -38.72 50.40 46.91
N LEU J 197 -39.16 49.21 46.49
CA LEU J 197 -38.25 48.08 46.39
C LEU J 197 -37.14 48.36 45.37
N MET J 198 -37.50 48.97 44.24
CA MET J 198 -36.52 49.23 43.19
C MET J 198 -35.76 50.52 43.46
N LYS J 199 -35.20 50.65 44.66
CA LYS J 199 -34.39 51.83 44.97
C LYS J 199 -33.03 51.76 44.27
N GLU J 200 -32.45 50.57 44.20
CA GLU J 200 -31.18 50.36 43.50
C GLU J 200 -31.47 50.05 42.04
N GLY J 201 -30.45 49.61 41.30
CA GLY J 201 -30.62 49.26 39.91
C GLY J 201 -31.58 48.11 39.73
N PHE J 202 -31.18 46.92 40.20
CA PHE J 202 -32.00 45.71 40.12
C PHE J 202 -32.40 45.52 38.66
N SER J 203 -33.68 45.38 38.32
CA SER J 203 -34.11 45.20 36.94
C SER J 203 -35.57 45.64 36.86
N LEU J 204 -36.21 45.31 35.74
CA LEU J 204 -37.60 45.73 35.51
C LEU J 204 -38.57 44.77 36.19
N GLU J 205 -38.50 43.47 35.84
CA GLU J 205 -39.43 42.48 36.36
C GLU J 205 -38.85 41.64 37.50
N ASP J 206 -37.53 41.53 37.59
CA ASP J 206 -36.94 40.68 38.62
C ASP J 206 -37.28 41.18 40.02
N VAL J 207 -37.54 42.48 40.17
CA VAL J 207 -37.92 43.02 41.47
C VAL J 207 -39.21 42.38 41.95
N LYS J 208 -40.20 42.28 41.05
CA LYS J 208 -41.47 41.65 41.38
C LYS J 208 -41.44 40.14 41.27
N ASP J 209 -40.40 39.58 40.64
CA ASP J 209 -40.35 38.15 40.34
C ASP J 209 -39.46 37.36 41.29
N LEU J 210 -38.21 37.79 41.48
CA LEU J 210 -37.22 37.03 42.23
C LEU J 210 -36.92 37.61 43.61
N PHE J 211 -36.56 38.89 43.67
CA PHE J 211 -36.05 39.45 44.92
C PHE J 211 -37.13 39.52 45.99
N TYR J 212 -38.33 40.01 45.62
CA TYR J 212 -39.38 40.17 46.61
C TYR J 212 -39.79 38.85 47.25
N PRO J 213 -40.05 37.77 46.49
CA PRO J 213 -40.33 36.48 47.15
C PRO J 213 -39.20 36.02 48.05
N ASN J 214 -37.94 36.24 47.65
CA ASN J 214 -36.82 35.87 48.50
C ASN J 214 -36.88 36.62 49.83
N SER J 215 -37.12 37.93 49.78
CA SER J 215 -37.19 38.72 51.00
C SER J 215 -38.34 38.26 51.89
N ILE J 216 -39.51 38.00 51.28
CA ILE J 216 -40.66 37.58 52.07
C ILE J 216 -40.39 36.23 52.73
N GLN J 217 -39.84 35.28 51.98
CA GLN J 217 -39.54 33.97 52.55
C GLN J 217 -38.51 34.07 53.65
N TYR J 218 -37.48 34.91 53.46
CA TYR J 218 -36.46 35.08 54.49
C TYR J 218 -37.07 35.67 55.75
N ILE J 219 -37.94 36.68 55.61
CA ILE J 219 -38.59 37.27 56.77
C ILE J 219 -39.45 36.22 57.48
N ALA J 220 -40.21 35.43 56.71
CA ALA J 220 -41.07 34.43 57.31
C ALA J 220 -40.28 33.38 58.08
N GLU J 221 -39.16 32.93 57.50
CA GLU J 221 -38.37 31.86 58.11
C GLU J 221 -37.31 32.36 59.08
N LEU J 222 -37.19 33.67 59.25
CA LEU J 222 -36.18 34.22 60.15
C LEU J 222 -36.36 33.75 61.59
N SER J 223 -37.56 33.32 61.98
CA SER J 223 -37.82 32.92 63.36
C SER J 223 -38.60 31.61 63.46
N ILE J 224 -38.57 30.79 62.40
CA ILE J 224 -39.28 29.52 62.45
C ILE J 224 -38.46 28.42 63.11
N LEU J 225 -37.14 28.60 63.22
CA LEU J 225 -36.31 27.56 63.79
C LEU J 225 -36.64 27.36 65.27
N PRO J 226 -36.47 26.14 65.80
CA PRO J 226 -36.79 25.93 67.21
C PRO J 226 -36.03 26.85 68.15
N GLU J 227 -34.78 27.15 67.84
CA GLU J 227 -33.99 28.05 68.68
C GLU J 227 -34.62 29.43 68.70
N ALA J 228 -34.76 30.00 69.89
CA ALA J 228 -35.35 31.32 70.05
C ALA J 228 -34.37 32.46 69.80
N GLU J 229 -33.08 32.17 69.69
CA GLU J 229 -32.07 33.20 69.45
C GLU J 229 -31.81 33.44 67.97
N LYS J 230 -32.48 32.71 67.08
CA LYS J 230 -32.27 32.91 65.65
C LYS J 230 -32.87 34.21 65.15
N ARG J 231 -33.78 34.82 65.92
CA ARG J 231 -34.42 36.07 65.48
C ARG J 231 -33.49 37.27 65.59
N ILE J 232 -32.33 37.13 66.24
CA ILE J 232 -31.44 38.27 66.44
C ILE J 232 -30.98 38.77 65.07
N SER J 233 -31.26 40.04 64.78
CA SER J 233 -30.86 40.67 63.53
C SER J 233 -30.33 42.06 63.84
N SER J 234 -29.27 42.44 63.14
CA SER J 234 -28.62 43.74 63.32
C SER J 234 -28.54 44.46 61.98
N LYS J 235 -27.97 45.66 61.99
CA LYS J 235 -27.80 46.42 60.77
C LYS J 235 -26.91 45.68 59.78
N ASN J 236 -25.81 45.09 60.27
CA ASN J 236 -24.88 44.40 59.39
C ASN J 236 -25.57 43.25 58.66
N LYS J 237 -26.35 42.45 59.39
CA LYS J 237 -27.04 41.32 58.77
C LYS J 237 -28.07 41.81 57.75
N LEU J 238 -28.81 42.87 58.09
CA LEU J 238 -29.83 43.38 57.18
C LEU J 238 -29.20 43.89 55.89
N ILE J 239 -28.10 44.63 55.99
CA ILE J 239 -27.44 45.12 54.78
C ILE J 239 -26.81 43.97 54.00
N ASP J 240 -26.28 42.97 54.70
CA ASP J 240 -25.71 41.82 54.01
C ASP J 240 -26.76 41.08 53.21
N TYR J 241 -27.94 40.87 53.80
CA TYR J 241 -29.04 40.23 53.09
C TYR J 241 -29.90 41.25 52.35
N LEU J 242 -29.23 42.11 51.59
CA LEU J 242 -29.88 43.04 50.67
C LEU J 242 -29.20 43.07 49.31
N LYS J 243 -27.86 42.99 49.27
CA LYS J 243 -27.13 42.97 48.01
C LYS J 243 -25.97 41.98 48.04
N GLY J 244 -26.00 40.99 48.94
CA GLY J 244 -24.92 40.04 49.05
C GLY J 244 -24.60 39.38 47.73
N ASN J 245 -25.50 38.52 47.26
CA ASN J 245 -25.39 37.94 45.92
C ASN J 245 -26.53 38.41 45.03
N LYS J 246 -27.77 38.17 45.42
CA LYS J 246 -28.95 38.69 44.74
C LYS J 246 -28.87 38.47 43.23
N LYS J 247 -28.39 37.29 42.83
CA LYS J 247 -28.36 36.87 41.44
C LYS J 247 -29.45 35.83 41.14
N THR J 248 -29.47 34.74 41.91
CA THR J 248 -30.54 33.76 41.86
C THR J 248 -31.20 33.53 43.20
N ALA J 249 -30.49 33.78 44.30
CA ALA J 249 -31.04 33.79 45.66
C ALA J 249 -31.69 32.47 46.07
N MET J 250 -31.45 31.40 45.32
CA MET J 250 -32.04 30.08 45.59
C MET J 250 -33.47 30.22 46.11
N SER J 251 -34.29 30.90 45.31
CA SER J 251 -35.64 31.24 45.73
C SER J 251 -36.46 29.98 46.00
N ARG J 252 -37.39 30.10 46.94
CA ARG J 252 -38.22 28.98 47.38
C ARG J 252 -39.57 28.92 46.67
N TRP J 253 -40.18 30.07 46.39
CA TRP J 253 -41.49 30.11 45.74
C TRP J 253 -41.78 31.56 45.39
N THR J 254 -42.44 31.77 44.25
CA THR J 254 -42.56 33.09 43.66
C THR J 254 -43.99 33.61 43.52
N SER J 255 -44.99 32.75 43.40
CA SER J 255 -46.34 33.22 43.14
C SER J 255 -46.82 34.13 44.28
N GLU J 256 -47.58 35.15 43.92
CA GLU J 256 -48.08 36.15 44.86
C GLU J 256 -49.61 36.11 44.86
N VAL J 257 -50.21 37.01 45.64
CA VAL J 257 -51.66 37.05 45.75
C VAL J 257 -52.30 37.36 44.40
N LEU J 258 -51.74 38.33 43.67
CA LEU J 258 -52.27 38.70 42.37
C LEU J 258 -51.67 37.88 41.23
N THR J 259 -50.41 37.48 41.35
CA THR J 259 -49.75 36.74 40.29
C THR J 259 -50.07 35.26 40.29
N ARG J 260 -50.77 34.76 41.30
CA ARG J 260 -51.10 33.33 41.40
C ARG J 260 -52.50 33.13 40.84
N LYS J 261 -52.57 32.91 39.53
CA LYS J 261 -53.84 32.55 38.87
C LYS J 261 -53.94 31.02 38.77
N GLN J 262 -53.95 30.39 39.94
CA GLN J 262 -53.93 28.93 40.03
C GLN J 262 -52.69 28.37 39.34
N LEU J 263 -51.57 29.09 39.47
CA LEU J 263 -50.33 28.71 38.81
C LEU J 263 -49.17 29.41 39.50
N LEU J 264 -47.97 28.91 39.25
CA LEU J 264 -46.75 29.44 39.84
C LEU J 264 -46.00 30.23 38.77
N LYS J 265 -45.92 31.54 38.95
CA LYS J 265 -45.32 32.44 37.96
C LYS J 265 -43.81 32.48 38.16
N VAL J 266 -43.13 33.34 37.39
CA VAL J 266 -41.70 33.58 37.52
C VAL J 266 -40.93 32.34 37.07
N ARG J 267 -41.08 31.23 37.79
CA ARG J 267 -40.39 30.01 37.43
C ARG J 267 -40.86 29.43 36.10
N LYS J 268 -41.99 29.92 35.57
CA LYS J 268 -42.43 29.48 34.25
C LYS J 268 -41.50 29.98 33.16
N ASN J 269 -40.94 31.17 33.32
CA ASN J 269 -40.02 31.76 32.35
C ASN J 269 -38.60 31.91 32.86
N GLN J 270 -38.40 32.10 34.17
CA GLN J 270 -37.07 32.33 34.70
C GLN J 270 -36.15 31.12 34.52
N LEU J 271 -36.71 29.92 34.38
CA LEU J 271 -35.91 28.74 34.10
C LEU J 271 -35.53 28.61 32.64
N VAL J 272 -35.79 29.64 31.83
CA VAL J 272 -35.47 29.56 30.40
C VAL J 272 -34.00 29.29 30.15
N PRO J 273 -33.05 29.85 30.90
CA PRO J 273 -31.64 29.55 30.63
C PRO J 273 -31.37 28.06 30.79
N SER J 274 -30.57 27.51 29.89
CA SER J 274 -30.23 26.09 29.90
C SER J 274 -31.42 25.23 29.51
N LEU J 275 -32.59 25.85 29.30
CA LEU J 275 -33.82 25.10 29.02
C LEU J 275 -34.01 24.90 27.53
N ASN J 276 -34.09 26.00 26.77
CA ASN J 276 -34.17 25.88 25.32
C ASN J 276 -32.86 25.38 24.72
N ILE J 277 -31.75 25.51 25.44
CA ILE J 277 -30.47 25.03 24.92
C ILE J 277 -30.54 23.52 24.72
N ASN J 278 -29.92 23.04 23.65
CA ASN J 278 -30.08 21.67 23.19
C ASN J 278 -29.06 20.70 23.76
N SER J 279 -28.14 21.17 24.60
CA SER J 279 -27.13 20.33 25.22
C SER J 279 -27.23 20.38 26.74
N ARG J 280 -28.45 20.45 27.27
CA ARG J 280 -28.69 20.55 28.70
C ARG J 280 -29.67 19.46 29.13
N SER J 281 -29.44 18.89 30.30
CA SER J 281 -30.11 17.68 30.78
C SER J 281 -30.72 17.91 32.16
N ARG J 282 -31.57 18.93 32.26
CA ARG J 282 -32.07 19.38 33.55
C ARG J 282 -32.75 18.25 34.30
N TYR J 283 -32.14 17.75 35.37
CA TYR J 283 -32.77 16.69 36.14
C TYR J 283 -33.93 17.26 36.94
N PHE J 284 -34.86 16.38 37.31
CA PHE J 284 -36.04 16.78 38.07
C PHE J 284 -36.01 16.08 39.43
N ILE J 285 -36.07 16.87 40.49
CA ILE J 285 -36.20 16.34 41.85
C ILE J 285 -37.58 16.72 42.35
N ILE J 286 -38.44 15.73 42.55
CA ILE J 286 -39.80 15.92 43.02
C ILE J 286 -40.08 14.89 44.11
N ASP J 287 -41.32 14.89 44.60
CA ASP J 287 -41.71 14.01 45.70
C ASP J 287 -43.19 13.64 45.55
N PRO J 288 -43.50 12.49 44.95
CA PRO J 288 -44.90 12.05 44.90
C PRO J 288 -45.53 11.92 46.27
N ASP J 289 -44.75 11.67 47.30
CA ASP J 289 -45.28 11.77 48.66
C ASP J 289 -45.98 13.11 48.84
N THR J 290 -45.36 14.18 48.35
CA THR J 290 -46.02 15.49 48.36
C THR J 290 -47.05 15.61 47.23
N ILE J 291 -46.76 15.02 46.07
CA ILE J 291 -47.72 15.12 44.96
C ILE J 291 -49.00 14.39 45.33
N ASP J 292 -50.08 14.74 44.64
CA ASP J 292 -51.40 14.22 44.98
C ASP J 292 -51.46 12.70 44.84
N ASN J 293 -51.29 12.20 43.61
CA ASN J 293 -51.50 10.79 43.32
C ASN J 293 -50.31 10.22 42.57
N PHE J 294 -49.99 8.95 42.86
CA PHE J 294 -48.91 8.21 42.20
C PHE J 294 -49.47 6.86 41.77
N ASP J 295 -50.19 6.83 40.64
CA ASP J 295 -50.56 5.57 40.02
C ASP J 295 -50.10 5.48 38.57
N ASP J 296 -50.55 6.39 37.70
CA ASP J 296 -50.17 6.39 36.29
C ASP J 296 -49.97 7.77 35.70
N GLU J 297 -50.43 8.84 36.37
CA GLU J 297 -50.58 10.13 35.70
C GLU J 297 -49.24 10.64 35.16
N PHE J 298 -48.16 10.45 35.91
CA PHE J 298 -46.87 10.96 35.48
C PHE J 298 -46.48 10.42 34.10
N ILE J 299 -46.90 9.21 33.76
CA ILE J 299 -46.55 8.67 32.45
C ILE J 299 -47.12 9.57 31.36
N LEU J 300 -48.36 10.04 31.53
CA LEU J 300 -48.89 11.04 30.62
C LEU J 300 -47.93 12.21 30.50
N PHE J 301 -47.51 12.76 31.64
CA PHE J 301 -46.50 13.81 31.64
C PHE J 301 -45.30 13.39 30.80
N VAL J 302 -44.78 12.18 31.08
CA VAL J 302 -43.63 11.69 30.33
C VAL J 302 -43.83 11.95 28.84
N LYS J 303 -44.99 11.54 28.32
CA LYS J 303 -45.22 11.65 26.89
C LYS J 303 -44.91 13.06 26.39
N ASP J 304 -45.53 14.06 27.01
CA ASP J 304 -45.36 15.42 26.53
C ASP J 304 -43.90 15.85 26.67
N TYR J 305 -43.25 15.46 27.77
CA TYR J 305 -41.85 15.83 27.96
C TYR J 305 -40.93 15.05 27.04
N LEU J 306 -41.38 13.92 26.51
CA LEU J 306 -40.56 13.11 25.63
C LEU J 306 -40.87 13.34 24.15
N ASP J 307 -41.72 14.32 23.85
CA ASP J 307 -41.96 14.76 22.49
C ASP J 307 -41.62 16.23 22.26
N LYS J 308 -41.23 16.95 23.31
CA LYS J 308 -40.88 18.36 23.22
C LYS J 308 -39.43 18.61 23.62
N TYR J 309 -38.98 18.06 24.74
CA TYR J 309 -37.62 18.27 25.23
C TYR J 309 -36.62 17.25 24.72
N ASN J 310 -37.04 16.31 23.87
CA ASN J 310 -36.08 15.46 23.19
C ASN J 310 -36.47 15.27 21.73
N SER J 311 -37.30 16.14 21.17
CA SER J 311 -37.58 16.16 19.75
C SER J 311 -36.46 16.93 19.04
N LYS J 312 -36.60 17.14 17.74
CA LYS J 312 -35.59 17.85 16.96
C LYS J 312 -34.22 17.19 17.16
N ILE J 313 -34.13 15.94 16.73
CA ILE J 313 -32.92 15.15 16.96
C ILE J 313 -31.69 15.85 16.38
N LYS J 314 -31.87 16.60 15.31
CA LYS J 314 -30.75 17.32 14.71
C LYS J 314 -30.13 18.32 15.67
N LEU J 315 -30.86 18.72 16.72
CA LEU J 315 -30.38 19.71 17.68
C LEU J 315 -30.18 19.14 19.07
N HIS J 316 -31.20 18.50 19.64
CA HIS J 316 -31.10 17.99 21.00
C HIS J 316 -30.03 16.90 21.09
N THR J 317 -29.32 16.87 22.22
CA THR J 317 -28.20 15.94 22.40
C THR J 317 -28.15 15.29 23.78
N GLU J 318 -29.07 15.57 24.69
CA GLU J 318 -28.99 15.05 26.04
C GLU J 318 -30.36 14.61 26.52
N THR J 319 -30.36 13.85 27.61
CA THR J 319 -31.56 13.32 28.24
C THR J 319 -31.60 13.71 29.70
N PRO J 320 -32.72 14.30 30.20
CA PRO J 320 -32.83 14.55 31.64
C PRO J 320 -33.33 13.32 32.40
N CYS J 321 -33.51 13.45 33.71
CA CYS J 321 -34.03 12.37 34.54
C CYS J 321 -35.11 12.93 35.46
N PHE J 322 -35.74 12.05 36.23
CA PHE J 322 -36.88 12.40 37.08
C PHE J 322 -36.69 11.77 38.45
N ILE J 323 -36.00 12.48 39.34
CA ILE J 323 -35.76 11.97 40.70
C ILE J 323 -36.98 12.29 41.56
N LEU J 324 -37.94 11.37 41.61
CA LEU J 324 -39.21 11.59 42.29
C LEU J 324 -39.22 10.77 43.58
N LYS J 325 -39.37 11.46 44.71
CA LYS J 325 -39.33 10.83 46.02
C LYS J 325 -40.61 10.02 46.31
N THR J 326 -40.61 8.75 45.93
CA THR J 326 -41.73 7.86 46.23
C THR J 326 -41.37 6.79 47.25
N ASP J 327 -40.39 5.93 46.94
CA ASP J 327 -39.99 4.88 47.85
C ASP J 327 -38.81 4.10 47.25
N VAL J 328 -38.42 3.02 47.91
CA VAL J 328 -37.54 2.03 47.28
C VAL J 328 -38.34 1.01 46.47
N ASN J 329 -39.64 0.90 46.70
CA ASN J 329 -40.52 -0.06 46.03
C ASN J 329 -41.66 0.57 45.27
N ASN J 330 -42.32 1.58 45.84
CA ASN J 330 -43.49 2.17 45.19
C ASN J 330 -43.16 2.70 43.80
N LEU J 331 -41.90 3.07 43.56
CA LEU J 331 -41.54 3.62 42.26
C LEU J 331 -42.01 2.73 41.12
N SER J 332 -41.81 1.41 41.26
CA SER J 332 -42.14 0.49 40.18
C SER J 332 -43.61 0.49 39.82
N GLU J 333 -44.47 1.16 40.60
CA GLU J 333 -45.87 1.28 40.22
C GLU J 333 -46.06 2.12 38.98
N TYR J 334 -45.06 2.94 38.62
CA TYR J 334 -45.02 3.55 37.29
C TYR J 334 -44.34 2.66 36.27
N HIS J 335 -43.46 1.75 36.70
CA HIS J 335 -42.77 0.89 35.76
C HIS J 335 -43.75 0.07 34.92
N LYS J 336 -44.88 -0.34 35.52
CA LYS J 336 -45.89 -1.05 34.75
C LYS J 336 -46.41 -0.20 33.60
N ARG J 337 -46.60 1.09 33.83
CA ARG J 337 -47.32 1.95 32.89
C ARG J 337 -46.41 2.64 31.87
N PHE J 338 -45.11 2.36 31.87
CA PHE J 338 -44.21 3.04 30.94
C PHE J 338 -44.56 2.73 29.49
N VAL J 339 -44.42 1.47 29.08
CA VAL J 339 -44.47 1.10 27.66
C VAL J 339 -45.92 0.81 27.32
N SER J 340 -46.69 1.87 27.15
CA SER J 340 -48.05 1.78 26.63
C SER J 340 -48.32 2.70 25.46
N ARG J 341 -47.61 3.82 25.34
CA ARG J 341 -47.81 4.80 24.28
C ARG J 341 -46.52 5.04 23.53
N ASN J 342 -45.73 3.98 23.33
CA ASN J 342 -44.47 4.06 22.58
C ASN J 342 -43.48 5.01 23.25
N ILE J 343 -43.37 4.90 24.58
CA ILE J 343 -42.43 5.69 25.37
C ILE J 343 -41.72 4.76 26.33
N GLN J 344 -40.39 4.90 26.41
CA GLN J 344 -39.57 4.11 27.33
C GLN J 344 -38.67 5.04 28.13
N ILE J 345 -38.48 4.70 29.41
CA ILE J 345 -37.54 5.39 30.29
C ILE J 345 -37.07 4.38 31.33
N ILE J 346 -36.04 4.76 32.09
CA ILE J 346 -35.41 3.88 33.08
C ILE J 346 -35.92 4.25 34.47
N THR J 347 -36.34 3.23 35.22
CA THR J 347 -36.92 3.46 36.53
C THR J 347 -35.92 4.11 37.49
N GLY J 348 -34.63 3.88 37.28
CA GLY J 348 -33.64 4.38 38.21
C GLY J 348 -33.37 3.42 39.35
N TYR J 349 -34.30 3.29 40.30
CA TYR J 349 -34.10 2.28 41.34
C TYR J 349 -34.17 0.87 40.77
N ILE J 350 -34.96 0.66 39.72
CA ILE J 350 -34.87 -0.58 38.97
C ILE J 350 -35.13 -1.74 39.94
N GLY J 351 -36.04 -1.53 40.89
CA GLY J 351 -36.32 -2.51 41.91
C GLY J 351 -36.08 -1.97 43.31
N ASP J 352 -35.07 -2.53 43.99
CA ASP J 352 -34.73 -2.12 45.34
C ASP J 352 -33.32 -1.53 45.45
N THR J 353 -32.65 -1.26 44.33
CA THR J 353 -31.27 -0.83 44.35
C THR J 353 -31.03 0.18 43.23
N PHE J 354 -30.54 1.36 43.60
CA PHE J 354 -30.40 2.46 42.64
C PHE J 354 -29.05 2.37 41.94
N TYR J 355 -29.10 2.20 40.62
CA TYR J 355 -27.92 2.26 39.77
C TYR J 355 -27.87 3.61 39.07
N PHE J 356 -26.69 4.22 39.08
CA PHE J 356 -26.53 5.65 38.81
C PHE J 356 -26.09 5.94 37.37
N LYS J 357 -24.97 5.39 36.91
CA LYS J 357 -24.54 5.75 35.57
C LYS J 357 -25.64 5.42 34.57
N GLU J 358 -26.25 4.24 34.72
CA GLU J 358 -27.45 3.92 33.97
C GLU J 358 -28.50 4.99 34.16
N PHE J 359 -28.57 5.54 35.37
CA PHE J 359 -29.36 6.74 35.63
C PHE J 359 -28.69 7.99 35.09
N ASN J 360 -27.60 7.86 34.33
CA ASN J 360 -26.96 9.01 33.71
C ASN J 360 -26.47 8.76 32.28
N LYS J 361 -26.27 7.52 31.86
CA LYS J 361 -25.65 7.27 30.57
C LYS J 361 -26.55 7.77 29.44
N GLU J 362 -25.93 8.33 28.41
CA GLU J 362 -26.65 8.90 27.29
C GLU J 362 -27.11 7.81 26.31
N PRO J 363 -28.19 8.05 25.57
CA PRO J 363 -28.46 7.25 24.38
C PRO J 363 -27.87 7.91 23.13
N LYS J 364 -27.93 7.22 21.99
CA LYS J 364 -27.23 7.64 20.78
C LYS J 364 -28.25 7.98 19.70
N ARG J 365 -28.60 9.26 19.65
CA ARG J 365 -29.62 9.75 18.73
C ARG J 365 -29.30 9.38 17.29
N ILE J 366 -30.31 9.37 16.43
CA ILE J 366 -30.15 9.08 15.01
C ILE J 366 -30.88 10.17 14.23
N ILE J 367 -30.15 10.88 13.37
CA ILE J 367 -30.74 12.00 12.63
C ILE J 367 -31.73 11.48 11.59
N LYS J 368 -31.34 10.44 10.84
CA LYS J 368 -32.20 9.95 9.77
C LYS J 368 -33.49 9.31 10.30
N ASP J 369 -33.53 8.96 11.59
CA ASP J 369 -34.69 8.33 12.18
C ASP J 369 -35.49 9.25 13.09
N ASN J 370 -34.91 10.37 13.52
CA ASN J 370 -35.57 11.29 14.44
C ASN J 370 -36.07 10.55 15.68
N TRP J 371 -35.19 9.72 16.24
CA TRP J 371 -35.56 8.83 17.33
C TRP J 371 -34.35 8.62 18.23
N VAL J 372 -34.61 8.03 19.40
CA VAL J 372 -33.57 7.65 20.35
C VAL J 372 -34.11 6.48 21.16
N GLU J 373 -33.22 5.79 21.87
CA GLU J 373 -33.63 4.62 22.65
C GLU J 373 -34.75 4.97 23.61
N PHE J 374 -34.44 5.81 24.58
CA PHE J 374 -35.37 6.24 25.61
C PHE J 374 -35.07 7.68 25.98
N LYS J 375 -36.12 8.50 26.02
CA LYS J 375 -35.98 9.94 25.98
C LYS J 375 -35.95 10.57 27.37
N ALA J 376 -35.99 9.78 28.44
CA ALA J 376 -35.89 10.33 29.78
C ALA J 376 -35.63 9.19 30.77
N ARG J 377 -35.67 9.53 32.05
CA ARG J 377 -35.28 8.64 33.14
C ARG J 377 -35.91 9.14 34.43
N ILE J 378 -36.07 8.23 35.39
CA ILE J 378 -36.69 8.55 36.67
C ILE J 378 -35.92 7.87 37.78
N SER J 379 -36.18 8.32 39.01
CA SER J 379 -35.70 7.66 40.21
C SER J 379 -36.30 8.32 41.46
N CYS J 380 -35.99 7.78 42.62
CA CYS J 380 -36.35 8.36 43.90
C CYS J 380 -35.09 8.78 44.65
N ASN J 381 -35.26 9.71 45.58
CA ASN J 381 -34.13 10.28 46.32
C ASN J 381 -34.11 9.69 47.73
N SER J 382 -33.42 8.57 47.89
CA SER J 382 -33.04 8.11 49.22
C SER J 382 -31.78 8.88 49.62
N ASP J 383 -31.14 8.47 50.71
CA ASP J 383 -29.96 9.19 51.18
C ASP J 383 -28.83 9.19 50.16
N GLU J 384 -28.82 8.23 49.24
CA GLU J 384 -27.67 8.02 48.36
C GLU J 384 -27.82 8.67 46.98
N VAL J 385 -28.91 9.37 46.72
CA VAL J 385 -29.09 10.05 45.42
C VAL J 385 -28.48 11.43 45.58
N ILE J 386 -27.16 11.50 45.42
CA ILE J 386 -26.50 12.77 45.16
C ILE J 386 -25.82 12.63 43.81
N LYS J 387 -26.61 12.76 42.75
CA LYS J 387 -26.10 12.60 41.39
C LYS J 387 -26.78 13.62 40.48
N CYS J 388 -27.26 14.71 41.08
CA CYS J 388 -27.68 15.93 40.42
C CYS J 388 -26.55 16.95 40.46
N ILE J 389 -25.35 16.51 40.88
CA ILE J 389 -24.26 17.41 41.24
C ILE J 389 -22.91 16.98 40.66
N ASN J 390 -22.80 15.72 40.23
CA ASN J 390 -21.48 15.15 39.94
C ASN J 390 -21.23 14.83 38.46
N TYR J 391 -22.25 14.85 37.61
CA TYR J 391 -22.03 14.88 36.17
C TYR J 391 -23.20 15.58 35.53
N LYS J 392 -22.90 16.65 34.79
CA LYS J 392 -23.84 17.54 34.12
C LYS J 392 -24.77 18.17 35.14
N LYS J 393 -24.68 17.71 36.41
CA LYS J 393 -25.30 18.30 37.58
C LYS J 393 -26.59 19.00 37.23
N CYS J 394 -27.47 18.33 36.48
CA CYS J 394 -28.84 18.78 36.36
C CYS J 394 -28.90 20.28 36.12
N ASP J 395 -28.43 20.69 34.93
CA ASP J 395 -28.00 22.06 34.70
C ASP J 395 -28.92 23.10 35.32
N ASP J 396 -30.20 22.80 35.50
CA ASP J 396 -31.11 23.62 36.31
C ASP J 396 -31.78 22.67 37.30
N LEU J 397 -31.18 22.53 38.48
CA LEU J 397 -31.75 21.69 39.52
C LEU J 397 -33.13 22.20 39.91
N TYR J 398 -34.11 21.30 39.93
CA TYR J 398 -35.50 21.63 40.22
C TYR J 398 -35.89 20.99 41.56
N ILE J 399 -36.48 21.81 42.44
CA ILE J 399 -36.98 21.35 43.73
C ILE J 399 -38.43 21.81 43.85
N VAL J 400 -39.29 20.93 44.33
CA VAL J 400 -40.68 21.26 44.59
C VAL J 400 -40.99 20.89 46.04
N GLY J 401 -41.42 21.88 46.82
CA GLY J 401 -41.74 21.65 48.21
C GLY J 401 -40.53 21.52 49.10
N GLY J 402 -39.35 21.40 48.49
CA GLY J 402 -38.13 21.15 49.26
C GLY J 402 -37.90 19.65 49.26
N VAL J 403 -36.65 19.27 48.97
CA VAL J 403 -36.28 17.87 48.86
C VAL J 403 -34.99 17.61 49.63
N ASP J 404 -34.46 16.39 49.52
CA ASP J 404 -33.24 16.03 50.23
C ASP J 404 -32.05 16.73 49.60
N VAL J 405 -32.00 18.06 49.74
CA VAL J 405 -30.92 18.84 49.14
C VAL J 405 -29.61 18.59 49.85
N SER J 406 -29.66 18.18 51.12
CA SER J 406 -28.44 17.99 51.89
C SER J 406 -27.54 16.96 51.21
N LEU J 407 -26.29 16.91 51.67
CA LEU J 407 -25.27 16.01 51.14
C LEU J 407 -24.88 16.35 49.71
N LEU J 408 -25.35 17.48 49.18
CA LEU J 408 -25.11 17.86 47.80
C LEU J 408 -24.04 18.94 47.71
N ASP J 409 -23.38 18.99 46.55
CA ASP J 409 -22.34 19.98 46.32
C ASP J 409 -22.94 21.37 46.10
N THR J 410 -24.05 21.45 45.37
CA THR J 410 -24.75 22.71 45.13
C THR J 410 -23.80 23.74 44.51
N ALA J 411 -23.14 23.34 43.43
CA ALA J 411 -22.20 24.20 42.71
C ALA J 411 -22.48 24.13 41.23
N ASP J 412 -22.23 25.24 40.53
CA ASP J 412 -22.36 25.31 39.08
C ASP J 412 -23.73 24.84 38.62
N VAL J 413 -24.76 25.23 39.37
CA VAL J 413 -26.13 24.90 39.01
C VAL J 413 -27.05 25.86 39.75
N ASN J 414 -28.08 26.32 39.05
CA ASN J 414 -29.08 27.23 39.63
C ASN J 414 -30.19 26.37 40.23
N ILE J 415 -30.08 26.10 41.53
CA ILE J 415 -31.11 25.34 42.24
C ILE J 415 -32.33 26.24 42.37
N GLU J 416 -33.46 25.79 41.83
CA GLU J 416 -34.69 26.56 41.86
C GLU J 416 -35.77 25.73 42.55
N ASN J 417 -36.26 26.22 43.68
CA ASN J 417 -37.32 25.58 44.43
C ASN J 417 -38.63 26.31 44.19
N LEU J 418 -39.70 25.54 44.02
CA LEU J 418 -41.00 26.10 43.68
C LEU J 418 -42.07 25.10 44.08
N GLU J 419 -43.03 25.53 44.88
CA GLU J 419 -44.05 24.62 45.40
C GLU J 419 -45.18 24.49 44.39
N ILE J 420 -45.43 23.25 43.96
CA ILE J 420 -46.49 22.93 43.02
C ILE J 420 -47.23 21.69 43.50
N ASN J 421 -48.33 21.38 42.83
CA ASN J 421 -49.17 20.26 43.22
C ASN J 421 -48.73 18.95 42.57
N ASN J 422 -48.77 18.89 41.25
CA ASN J 422 -48.47 17.64 40.55
C ASN J 422 -47.87 17.98 39.19
N PHE J 423 -47.86 16.99 38.30
CA PHE J 423 -47.09 17.07 37.06
C PHE J 423 -47.65 18.08 36.07
N ARG J 424 -48.94 18.42 36.17
CA ARG J 424 -49.50 19.43 35.27
C ARG J 424 -48.80 20.77 35.44
N GLU J 425 -48.56 21.17 36.69
CA GLU J 425 -47.80 22.40 36.93
C GLU J 425 -46.37 22.26 36.43
N LEU J 426 -45.83 21.03 36.43
CA LEU J 426 -44.51 20.82 35.86
C LEU J 426 -44.51 21.10 34.36
N LYS J 427 -45.54 20.64 33.65
CA LYS J 427 -45.67 20.99 32.24
C LYS J 427 -45.81 22.50 32.07
N TYR J 428 -46.63 23.13 32.93
CA TYR J 428 -46.86 24.56 32.80
C TYR J 428 -45.57 25.35 32.96
N LEU J 429 -44.77 25.01 33.98
CA LEU J 429 -43.50 25.69 34.19
C LEU J 429 -42.46 25.31 33.14
N LEU J 430 -42.60 24.15 32.52
CA LEU J 430 -41.79 23.78 31.37
C LEU J 430 -42.34 24.37 30.07
N SER J 431 -43.47 25.05 30.11
CA SER J 431 -44.03 25.73 28.95
C SER J 431 -44.43 24.74 27.87
N MET J 432 -45.21 23.72 28.27
CA MET J 432 -45.80 22.80 27.30
C MET J 432 -47.26 22.48 27.61
N LEU J 433 -47.85 23.10 28.64
CA LEU J 433 -49.28 23.04 28.89
C LEU J 433 -49.82 24.47 28.90
N LYS J 434 -50.93 24.69 28.18
CA LYS J 434 -51.45 26.04 28.05
C LYS J 434 -51.91 26.60 29.38
N GLU J 435 -52.57 25.78 30.20
CA GLU J 435 -53.16 26.23 31.46
C GLU J 435 -52.71 25.31 32.58
N ILE J 436 -53.12 25.65 33.80
CA ILE J 436 -52.77 24.92 35.02
C ILE J 436 -51.34 24.38 34.97
N MET K 1 -25.44 -42.93 45.38
CA MET K 1 -26.52 -43.91 45.66
C MET K 1 -27.88 -43.30 45.35
N MET K 2 -28.35 -43.48 44.13
CA MET K 2 -29.64 -42.92 43.73
C MET K 2 -30.78 -43.60 44.49
N SER K 3 -31.81 -42.82 44.79
CA SER K 3 -32.96 -43.35 45.51
C SER K 3 -33.67 -44.39 44.66
N ARG K 4 -34.24 -45.40 45.34
CA ARG K 4 -34.92 -46.47 44.63
C ARG K 4 -36.17 -45.96 43.92
N GLU K 5 -36.81 -44.92 44.46
CA GLU K 5 -37.95 -44.33 43.77
C GLU K 5 -37.53 -43.70 42.46
N ALA K 6 -36.35 -43.07 42.43
CA ALA K 6 -35.83 -42.53 41.18
C ALA K 6 -35.59 -43.64 40.16
N ASP K 7 -35.06 -44.78 40.62
CA ASP K 7 -34.87 -45.91 39.73
C ASP K 7 -36.21 -46.41 39.19
N HIS K 8 -37.23 -46.47 40.05
CA HIS K 8 -38.55 -46.88 39.59
C HIS K 8 -39.10 -45.93 38.54
N THR K 9 -38.93 -44.62 38.76
CA THR K 9 -39.42 -43.64 37.79
C THR K 9 -38.66 -43.77 36.47
N ILE K 10 -37.35 -43.97 36.52
CA ILE K 10 -36.57 -44.15 35.30
C ILE K 10 -37.03 -45.40 34.56
N LYS K 11 -37.27 -46.49 35.29
CA LYS K 11 -37.75 -47.71 34.67
C LYS K 11 -39.11 -47.52 34.04
N GLY K 12 -39.98 -46.73 34.68
CA GLY K 12 -41.24 -46.38 34.05
C GLY K 12 -41.03 -45.59 32.76
N PHE K 13 -40.05 -44.69 32.76
CA PHE K 13 -39.73 -43.96 31.53
C PHE K 13 -39.29 -44.92 30.44
N LEU K 14 -38.46 -45.91 30.79
CA LEU K 14 -38.02 -46.87 29.78
C LEU K 14 -39.18 -47.74 29.29
N TYR K 15 -40.08 -48.12 30.20
CA TYR K 15 -41.24 -48.91 29.80
C TYR K 15 -42.12 -48.13 28.84
N GLN K 16 -42.34 -46.84 29.10
CA GLN K 16 -43.13 -46.04 28.16
C GLN K 16 -42.34 -45.77 26.88
N PHE K 17 -41.00 -45.75 26.94
CA PHE K 17 -40.21 -45.75 25.71
C PHE K 17 -40.56 -46.96 24.85
N ASN K 18 -40.57 -48.14 25.47
CA ASN K 18 -40.92 -49.36 24.73
C ASN K 18 -42.35 -49.28 24.20
N LYS K 19 -43.27 -48.78 25.02
CA LYS K 19 -44.66 -48.65 24.57
C LYS K 19 -44.77 -47.73 23.36
N THR K 20 -44.06 -46.59 23.39
CA THR K 20 -44.09 -45.66 22.27
C THR K 20 -43.48 -46.28 21.02
N LEU K 21 -42.38 -47.03 21.19
CA LEU K 21 -41.78 -47.70 20.04
C LEU K 21 -42.76 -48.70 19.42
N ASN K 22 -43.43 -49.48 20.27
CA ASN K 22 -44.42 -50.44 19.75
C ASN K 22 -45.56 -49.71 19.06
N SER K 23 -46.02 -48.59 19.64
CA SER K 23 -47.10 -47.83 19.04
C SER K 23 -46.72 -47.31 17.66
N ILE K 24 -45.50 -46.78 17.53
CA ILE K 24 -45.02 -46.31 16.23
C ILE K 24 -44.92 -47.47 15.26
N LEU K 25 -44.48 -48.63 15.75
CA LEU K 25 -44.37 -49.80 14.88
C LEU K 25 -45.73 -50.23 14.34
N SER K 26 -46.76 -50.18 15.19
CA SER K 26 -48.07 -50.71 14.80
C SER K 26 -48.84 -49.69 13.95
N SER K 27 -49.08 -48.50 14.51
CA SER K 27 -49.90 -47.48 13.85
C SER K 27 -51.30 -48.03 13.57
N THR K 28 -51.98 -48.41 14.65
CA THR K 28 -53.28 -49.07 14.57
C THR K 28 -53.87 -49.03 15.97
N ASP K 29 -55.14 -49.44 16.10
CA ASP K 29 -55.76 -49.55 17.41
C ASP K 29 -54.94 -50.48 18.30
N GLN K 30 -54.77 -50.08 19.56
CA GLN K 30 -53.88 -50.77 20.49
C GLN K 30 -54.56 -50.81 21.86
N ASP K 31 -53.78 -51.17 22.87
CA ASP K 31 -54.27 -51.23 24.24
C ASP K 31 -54.53 -49.81 24.77
N GLU K 32 -55.25 -49.75 25.88
CA GLU K 32 -55.57 -48.47 26.52
C GLU K 32 -54.50 -48.19 27.58
N ILE K 33 -53.57 -47.31 27.25
CA ILE K 33 -52.48 -46.98 28.16
C ILE K 33 -52.96 -45.91 29.13
N GLN K 34 -52.91 -46.21 30.43
CA GLN K 34 -53.24 -45.27 31.48
C GLN K 34 -52.07 -45.18 32.44
N ILE K 35 -51.65 -43.95 32.75
CA ILE K 35 -50.52 -43.77 33.66
C ILE K 35 -50.90 -44.26 35.06
N GLU K 36 -49.87 -44.46 35.89
CA GLU K 36 -50.03 -44.98 37.24
C GLU K 36 -49.63 -43.91 38.25
N GLY K 37 -50.51 -43.65 39.21
CA GLY K 37 -50.22 -42.69 40.26
C GLY K 37 -49.62 -43.36 41.49
N ILE K 38 -48.47 -43.99 41.32
CA ILE K 38 -47.80 -44.71 42.41
C ILE K 38 -46.56 -44.00 42.92
N ILE K 39 -46.10 -42.94 42.25
CA ILE K 39 -44.92 -42.23 42.71
C ILE K 39 -45.15 -41.63 44.08
N GLU K 40 -46.33 -41.06 44.31
CA GLU K 40 -46.77 -40.67 45.65
C GLU K 40 -48.27 -40.94 45.76
N ASP K 41 -48.77 -40.89 47.00
CA ASP K 41 -50.18 -41.16 47.26
C ASP K 41 -51.02 -39.96 46.83
N ILE K 42 -51.04 -39.75 45.51
CA ILE K 42 -51.83 -38.66 44.95
C ILE K 42 -53.32 -38.91 45.17
N ASP K 43 -53.74 -40.17 45.14
CA ASP K 43 -55.14 -40.55 45.35
C ASP K 43 -56.03 -39.93 44.26
N ILE K 44 -55.75 -40.33 43.02
CA ILE K 44 -56.56 -39.87 41.90
C ILE K 44 -57.96 -40.47 41.96
N LYS K 45 -58.16 -41.54 42.72
CA LYS K 45 -59.46 -42.19 42.84
C LYS K 45 -59.92 -42.78 41.51
N ASN K 46 -58.97 -43.29 40.74
CA ASN K 46 -59.25 -43.97 39.48
C ASN K 46 -58.79 -45.42 39.60
N SER K 47 -59.66 -46.35 39.19
CA SER K 47 -59.38 -47.77 39.29
C SER K 47 -58.87 -48.39 38.00
N ASN K 48 -59.10 -47.74 36.86
CA ASN K 48 -58.72 -48.28 35.56
C ASN K 48 -57.22 -48.06 35.29
N ILE K 49 -56.40 -48.69 36.13
CA ILE K 49 -54.96 -48.64 36.01
C ILE K 49 -54.44 -50.08 36.03
N THR K 50 -53.63 -50.43 35.03
CA THR K 50 -53.14 -51.80 34.90
C THR K 50 -51.63 -51.84 34.74
N ASN K 51 -51.05 -50.77 34.17
CA ASN K 51 -49.60 -50.76 33.98
C ASN K 51 -48.87 -50.84 35.31
N ALA K 52 -49.03 -49.81 36.15
CA ALA K 52 -48.46 -49.80 37.49
C ALA K 52 -46.99 -50.25 37.46
N ILE K 53 -46.18 -49.43 36.80
CA ILE K 53 -44.80 -49.77 36.49
C ILE K 53 -43.92 -49.42 37.69
N GLN K 54 -43.30 -50.43 38.30
CA GLN K 54 -42.41 -50.24 39.43
C GLN K 54 -41.19 -51.13 39.31
N CYS K 55 -40.61 -51.20 38.10
CA CYS K 55 -39.47 -52.07 37.85
C CYS K 55 -38.19 -51.44 38.40
N LYS K 56 -37.18 -52.29 38.59
CA LYS K 56 -35.87 -51.85 39.03
C LYS K 56 -34.92 -53.03 38.93
N TYR K 57 -33.65 -52.72 38.63
CA TYR K 57 -32.66 -53.75 38.34
C TYR K 57 -31.41 -53.52 39.20
N HIS K 58 -30.53 -54.52 39.21
CA HIS K 58 -29.28 -54.47 39.95
C HIS K 58 -28.12 -54.86 39.03
N GLU K 59 -26.94 -55.07 39.61
CA GLU K 59 -25.79 -55.50 38.82
C GLU K 59 -26.05 -56.85 38.18
N SER K 60 -25.53 -57.03 36.97
CA SER K 60 -25.71 -58.26 36.21
C SER K 60 -24.35 -58.82 35.83
N LYS K 61 -24.11 -60.08 36.18
CA LYS K 61 -22.85 -60.76 35.86
C LYS K 61 -23.06 -61.91 34.88
N VAL K 62 -23.90 -62.90 35.25
CA VAL K 62 -24.17 -64.04 34.39
C VAL K 62 -25.56 -64.56 34.72
N ARG K 63 -26.40 -64.69 33.69
CA ARG K 63 -27.72 -65.29 33.83
C ARG K 63 -28.48 -64.64 34.99
N HIS K 64 -29.33 -65.40 35.69
CA HIS K 64 -30.10 -64.87 36.80
C HIS K 64 -29.97 -65.80 38.00
N ASN K 65 -30.17 -65.24 39.18
CA ASN K 65 -30.10 -65.97 40.43
C ASN K 65 -31.27 -65.58 41.31
N LEU K 66 -31.48 -66.37 42.37
CA LEU K 66 -32.58 -66.08 43.29
C LEU K 66 -32.42 -64.71 43.95
N SER K 67 -31.17 -64.24 44.08
CA SER K 67 -30.89 -62.96 44.73
C SER K 67 -30.85 -61.80 43.74
N ASP K 68 -31.53 -61.92 42.60
CA ASP K 68 -31.58 -60.85 41.62
C ASP K 68 -32.78 -59.94 41.78
N ILE K 69 -33.64 -60.19 42.77
CA ILE K 69 -34.83 -59.38 43.03
C ILE K 69 -34.83 -59.00 44.50
N TYR K 70 -34.53 -57.73 44.77
CA TYR K 70 -34.43 -57.20 46.13
C TYR K 70 -35.76 -56.58 46.55
N LYS K 71 -35.72 -55.76 47.61
CA LYS K 71 -36.86 -55.13 48.27
C LYS K 71 -37.99 -54.73 47.35
N PRO K 72 -37.73 -54.11 46.17
CA PRO K 72 -38.83 -53.71 45.28
C PRO K 72 -39.97 -54.72 45.19
N ILE K 73 -39.64 -56.01 45.25
CA ILE K 73 -40.69 -57.03 45.29
C ILE K 73 -41.53 -56.87 46.55
N LEU K 74 -40.87 -56.61 47.69
CA LEU K 74 -41.62 -56.42 48.93
C LEU K 74 -42.45 -55.15 48.89
N GLN K 75 -41.93 -54.08 48.29
CA GLN K 75 -42.71 -52.86 48.12
C GLN K 75 -43.95 -53.13 47.28
N MET K 76 -43.78 -53.88 46.18
CA MET K 76 -44.93 -54.31 45.38
C MET K 76 -45.93 -55.10 46.21
N LEU K 77 -45.44 -56.05 47.00
CA LEU K 77 -46.32 -56.90 47.80
C LEU K 77 -47.14 -56.06 48.78
N LEU K 78 -46.50 -55.13 49.47
CA LEU K 78 -47.25 -54.24 50.36
C LEU K 78 -48.19 -53.34 49.59
N HIS K 79 -47.79 -52.91 48.39
CA HIS K 79 -48.62 -51.98 47.63
C HIS K 79 -49.85 -52.65 47.03
N PHE K 80 -49.87 -53.98 46.95
CA PHE K 80 -51.13 -54.64 46.59
C PHE K 80 -52.23 -54.32 47.58
N LEU K 81 -51.88 -54.04 48.84
CA LEU K 81 -52.85 -53.80 49.90
C LEU K 81 -52.79 -52.33 50.30
N GLU K 82 -53.73 -51.54 49.81
CA GLU K 82 -53.89 -50.16 50.21
C GLU K 82 -55.02 -50.06 51.24
N ASN K 83 -55.38 -48.83 51.60
CA ASN K 83 -56.50 -48.60 52.50
C ASN K 83 -57.86 -48.67 51.80
N ASP K 84 -57.88 -48.63 50.46
CA ASP K 84 -59.12 -48.68 49.70
C ASP K 84 -59.20 -49.89 48.77
N SER K 85 -58.14 -50.69 48.67
CA SER K 85 -58.12 -51.88 47.82
C SER K 85 -58.37 -51.50 46.36
N LEU K 86 -57.53 -50.60 45.86
CA LEU K 86 -57.60 -50.15 44.48
C LEU K 86 -56.82 -51.11 43.58
N ASN K 87 -57.32 -51.29 42.35
CA ASN K 87 -56.70 -52.21 41.42
C ASN K 87 -55.30 -51.72 41.09
N ILE K 88 -54.28 -52.39 41.65
CA ILE K 88 -52.92 -51.88 41.62
C ILE K 88 -51.95 -52.94 41.11
N LYS K 89 -52.44 -53.84 40.26
CA LYS K 89 -51.58 -54.91 39.74
C LYS K 89 -50.35 -54.32 39.06
N TYR K 90 -49.18 -54.52 39.66
CA TYR K 90 -47.93 -53.99 39.12
C TYR K 90 -47.41 -54.95 38.05
N ALA K 91 -46.21 -54.68 37.54
CA ALA K 91 -45.56 -55.54 36.57
C ALA K 91 -44.05 -55.38 36.72
N LEU K 92 -43.31 -56.42 36.31
CA LEU K 92 -41.86 -56.41 36.36
C LEU K 92 -41.31 -56.76 34.99
N TYR K 93 -40.28 -56.03 34.57
CA TYR K 93 -39.66 -56.18 33.27
C TYR K 93 -38.16 -56.33 33.40
N ALA K 94 -37.72 -57.13 34.37
CA ALA K 94 -36.30 -57.27 34.65
C ALA K 94 -35.58 -57.94 33.49
N TYR K 95 -34.39 -57.44 33.18
CA TYR K 95 -33.56 -57.95 32.09
C TYR K 95 -32.45 -58.83 32.65
N PHE K 96 -32.11 -59.87 31.89
CA PHE K 96 -31.03 -60.78 32.23
C PHE K 96 -30.23 -61.07 30.98
N PRO K 97 -28.95 -61.46 31.12
CA PRO K 97 -28.09 -61.62 29.94
C PRO K 97 -28.67 -62.55 28.89
N ASN K 98 -28.88 -63.82 29.25
CA ASN K 98 -29.49 -64.79 28.33
C ASN K 98 -30.12 -65.92 29.15
N GLU K 99 -31.44 -65.87 29.29
CA GLU K 99 -32.16 -66.87 30.06
C GLU K 99 -33.56 -67.01 29.49
N GLN K 100 -34.29 -68.01 29.98
CA GLN K 100 -35.64 -68.28 29.49
C GLN K 100 -36.51 -67.05 29.63
N VAL K 101 -37.21 -66.71 28.56
CA VAL K 101 -38.07 -65.53 28.51
C VAL K 101 -39.51 -66.00 28.76
N GLY K 102 -40.13 -65.46 29.81
CA GLY K 102 -41.48 -65.82 30.14
C GLY K 102 -41.82 -65.38 31.56
N VAL K 103 -42.99 -65.82 32.00
CA VAL K 103 -43.45 -65.49 33.35
C VAL K 103 -42.79 -66.41 34.37
N LYS K 104 -42.70 -65.93 35.60
CA LYS K 104 -42.10 -66.70 36.70
C LYS K 104 -43.08 -67.68 37.32
N GLU K 105 -44.29 -67.81 36.76
CA GLU K 105 -45.30 -68.73 37.29
C GLU K 105 -45.79 -68.24 38.65
N VAL K 106 -47.04 -68.53 38.96
CA VAL K 106 -47.68 -68.01 40.17
C VAL K 106 -47.74 -69.06 41.27
N THR K 107 -46.86 -70.06 41.23
CA THR K 107 -46.85 -71.09 42.25
C THR K 107 -46.59 -70.49 43.63
N LYS K 108 -47.32 -70.96 44.63
CA LYS K 108 -47.16 -70.45 45.98
C LYS K 108 -45.77 -70.75 46.53
N SER K 109 -45.24 -71.94 46.21
CA SER K 109 -43.97 -72.36 46.81
C SER K 109 -42.84 -71.42 46.42
N GLN K 110 -42.76 -71.02 45.16
CA GLN K 110 -41.66 -70.17 44.71
C GLN K 110 -41.69 -68.82 45.42
N ILE K 111 -42.86 -68.18 45.47
CA ILE K 111 -42.97 -66.88 46.11
C ILE K 111 -42.72 -66.99 47.61
N GLU K 112 -43.19 -68.08 48.23
CA GLU K 112 -42.92 -68.28 49.65
C GLU K 112 -41.43 -68.44 49.91
N GLU K 113 -40.73 -69.19 49.06
CA GLU K 113 -39.28 -69.33 49.21
C GLU K 113 -38.59 -67.99 49.05
N ILE K 114 -39.03 -67.18 48.07
CA ILE K 114 -38.46 -65.86 47.88
C ILE K 114 -38.72 -64.99 49.11
N LEU K 115 -39.87 -65.16 49.76
CA LEU K 115 -40.21 -64.34 50.90
C LEU K 115 -39.22 -64.50 52.04
N SER K 116 -38.75 -65.73 52.28
CA SER K 116 -37.85 -66.01 53.41
C SER K 116 -36.44 -65.52 53.11
N SER K 117 -36.33 -64.21 52.91
CA SER K 117 -35.02 -63.61 52.64
C SER K 117 -34.18 -63.52 53.91
N SER K 118 -34.81 -63.16 55.03
CA SER K 118 -34.12 -63.03 56.32
C SER K 118 -33.01 -61.99 56.25
N ASN K 119 -33.40 -60.77 55.89
CA ASN K 119 -32.51 -59.63 55.84
C ASN K 119 -33.07 -58.50 56.69
N PHE K 120 -32.20 -57.83 57.44
CA PHE K 120 -32.68 -56.78 58.34
C PHE K 120 -33.34 -55.64 57.59
N ASP K 121 -32.75 -55.21 56.47
CA ASP K 121 -33.36 -54.11 55.72
C ASP K 121 -34.81 -54.45 55.38
N TYR K 122 -35.03 -55.64 54.81
CA TYR K 122 -36.38 -56.04 54.43
C TYR K 122 -37.28 -56.18 55.64
N ILE K 123 -36.77 -56.76 56.73
CA ILE K 123 -37.59 -56.98 57.92
C ILE K 123 -38.05 -55.67 58.52
N SER K 124 -37.13 -54.69 58.63
CA SER K 124 -37.41 -53.45 59.33
C SER K 124 -38.03 -52.38 58.44
N LYS K 125 -38.01 -52.54 57.12
CA LYS K 125 -38.57 -51.53 56.23
C LYS K 125 -40.03 -51.82 55.88
N TYR K 126 -40.31 -52.99 55.31
CA TYR K 126 -41.65 -53.29 54.82
C TYR K 126 -42.20 -54.62 55.34
N ILE K 127 -41.36 -55.63 55.49
CA ILE K 127 -41.87 -56.95 55.87
C ILE K 127 -42.57 -56.90 57.21
N SER K 128 -42.05 -56.10 58.15
CA SER K 128 -42.66 -56.01 59.46
C SER K 128 -44.12 -55.60 59.38
N LYS K 129 -44.48 -54.79 58.37
CA LYS K 129 -45.88 -54.40 58.20
C LYS K 129 -46.75 -55.57 57.79
N ILE K 130 -46.19 -56.51 57.01
CA ILE K 130 -46.99 -57.65 56.55
C ILE K 130 -47.48 -58.47 57.73
N LYS K 131 -46.60 -58.74 58.69
CA LYS K 131 -46.91 -59.61 59.83
C LYS K 131 -46.92 -58.79 61.12
N PRO K 132 -48.09 -58.43 61.65
CA PRO K 132 -48.12 -57.75 62.94
C PRO K 132 -47.49 -58.61 64.02
N PRO K 133 -46.37 -58.20 64.61
CA PRO K 133 -45.67 -59.06 65.56
C PRO K 133 -46.50 -59.26 66.83
N LYS K 134 -46.64 -60.53 67.23
CA LYS K 134 -47.34 -60.83 68.47
C LYS K 134 -46.57 -60.35 69.70
N GLU K 135 -45.29 -60.01 69.53
CA GLU K 135 -44.50 -59.41 70.60
C GLU K 135 -44.56 -57.89 70.43
N GLN K 136 -45.26 -57.23 71.36
CA GLN K 136 -45.40 -55.78 71.27
C GLN K 136 -44.06 -55.07 71.45
N ILE K 137 -43.09 -55.71 72.09
CA ILE K 137 -41.77 -55.09 72.24
C ILE K 137 -41.14 -54.86 70.87
N ILE K 138 -41.34 -55.78 69.93
CA ILE K 138 -40.79 -55.62 68.60
C ILE K 138 -41.38 -54.39 67.92
N LYS K 139 -42.71 -54.22 68.02
CA LYS K 139 -43.34 -53.05 67.43
C LYS K 139 -42.84 -51.77 68.11
N GLU K 140 -42.69 -51.78 69.44
CA GLU K 140 -42.20 -50.61 70.14
C GLU K 140 -40.79 -50.25 69.67
N LEU K 141 -39.92 -51.25 69.52
CA LEU K 141 -38.58 -50.99 69.04
C LEU K 141 -38.59 -50.45 67.61
N LEU K 142 -39.42 -51.03 66.75
CA LEU K 142 -39.49 -50.58 65.36
C LEU K 142 -39.97 -49.13 65.29
N GLY K 143 -40.97 -48.77 66.08
CA GLY K 143 -41.49 -47.42 66.12
C GLY K 143 -40.69 -46.45 66.96
N LYS K 144 -39.66 -46.92 67.66
CA LYS K 144 -38.85 -46.05 68.49
C LYS K 144 -37.79 -45.28 67.70
N THR K 145 -37.59 -45.62 66.42
CA THR K 145 -36.59 -44.96 65.58
C THR K 145 -35.19 -45.10 66.15
N SER K 146 -34.94 -46.22 66.84
CA SER K 146 -33.62 -46.48 67.43
C SER K 146 -33.52 -47.97 67.70
N LYS K 147 -32.57 -48.62 67.05
CA LYS K 147 -32.39 -50.07 67.17
C LYS K 147 -30.91 -50.40 67.31
N THR K 148 -30.63 -51.53 67.96
CA THR K 148 -29.27 -52.00 68.20
C THR K 148 -29.10 -53.40 67.64
N THR K 149 -27.85 -53.83 67.56
CA THR K 149 -27.55 -55.12 66.95
C THR K 149 -28.27 -56.27 67.66
N GLU K 150 -28.32 -56.22 68.99
CA GLU K 150 -29.02 -57.26 69.74
C GLU K 150 -30.50 -57.29 69.37
N ASP K 151 -31.12 -56.11 69.21
CA ASP K 151 -32.52 -56.06 68.81
C ASP K 151 -32.71 -56.67 67.43
N LYS K 152 -31.81 -56.37 66.49
CA LYS K 152 -31.95 -56.93 65.15
C LYS K 152 -31.81 -58.43 65.16
N THR K 153 -30.84 -58.95 65.92
CA THR K 153 -30.68 -60.40 66.02
C THR K 153 -31.90 -61.05 66.65
N ARG K 154 -32.46 -60.42 67.69
CA ARG K 154 -33.66 -60.96 68.33
C ARG K 154 -34.82 -60.99 67.36
N ILE K 155 -35.01 -59.93 66.57
CA ILE K 155 -36.09 -59.90 65.60
C ILE K 155 -35.90 -60.98 64.55
N LYS K 156 -34.67 -61.15 64.06
CA LYS K 156 -34.41 -62.20 63.07
C LYS K 156 -34.69 -63.58 63.64
N LYS K 157 -34.26 -63.82 64.88
CA LYS K 157 -34.52 -65.12 65.51
C LYS K 157 -36.01 -65.36 65.67
N TYR K 158 -36.75 -64.33 66.10
CA TYR K 158 -38.19 -64.48 66.28
C TYR K 158 -38.89 -64.76 64.96
N TYR K 159 -38.48 -64.08 63.89
CA TYR K 159 -39.10 -64.26 62.59
C TYR K 159 -38.64 -65.52 61.88
N GLU K 160 -37.55 -66.15 62.32
CA GLU K 160 -37.04 -67.36 61.67
C GLU K 160 -37.60 -68.63 62.34
N THR K 161 -37.29 -68.81 63.63
CA THR K 161 -37.75 -70.00 64.33
C THR K 161 -39.22 -69.90 64.73
N SER K 162 -39.67 -68.71 65.13
CA SER K 162 -41.07 -68.48 65.51
C SER K 162 -41.83 -67.75 64.41
N LYS K 163 -41.64 -68.16 63.16
CA LYS K 163 -42.29 -67.54 62.01
C LYS K 163 -43.74 -67.20 62.32
N LEU K 164 -44.11 -65.96 62.05
CA LEU K 164 -45.43 -65.44 62.37
C LEU K 164 -46.42 -65.77 61.24
N GLU K 165 -47.71 -65.69 61.58
CA GLU K 165 -48.79 -65.91 60.63
C GLU K 165 -49.34 -64.54 60.21
N THR K 166 -49.26 -64.24 58.91
CA THR K 166 -49.74 -62.96 58.41
C THR K 166 -51.26 -62.92 58.41
N ILE K 167 -51.80 -61.70 58.45
CA ILE K 167 -53.24 -61.50 58.47
C ILE K 167 -53.86 -61.42 57.09
N VAL K 168 -53.04 -61.37 56.03
CA VAL K 168 -53.55 -61.28 54.66
C VAL K 168 -53.71 -62.69 54.11
N ASP K 169 -54.68 -62.85 53.21
CA ASP K 169 -54.93 -64.15 52.58
C ASP K 169 -53.74 -64.52 51.71
N ILE K 170 -52.96 -65.50 52.16
CA ILE K 170 -51.74 -65.88 51.45
C ILE K 170 -52.09 -66.45 50.07
N ASP K 171 -53.15 -67.26 50.00
CA ASP K 171 -53.51 -67.88 48.72
C ASP K 171 -53.83 -66.82 47.66
N LYS K 172 -54.60 -65.81 48.03
CA LYS K 172 -54.94 -64.74 47.10
C LYS K 172 -53.84 -63.69 46.97
N PHE K 173 -52.87 -63.67 47.89
CA PHE K 173 -51.84 -62.66 47.88
C PHE K 173 -50.62 -63.04 47.04
N LEU K 174 -50.49 -64.32 46.68
CA LEU K 174 -49.34 -64.79 45.91
C LEU K 174 -49.71 -65.48 44.60
N ARG K 175 -50.99 -65.77 44.35
CA ARG K 175 -51.41 -66.52 43.17
C ARG K 175 -52.18 -65.64 42.19
N ASP K 176 -53.25 -64.99 42.63
CA ASP K 176 -54.06 -64.18 41.72
C ASP K 176 -53.36 -62.90 41.29
N HIS K 177 -52.34 -62.47 42.03
CA HIS K 177 -51.63 -61.23 41.77
C HIS K 177 -50.22 -61.53 41.28
N PHE K 178 -49.48 -60.45 41.02
CA PHE K 178 -48.06 -60.53 40.64
C PHE K 178 -47.89 -61.10 39.24
N VAL K 179 -47.13 -60.38 38.40
CA VAL K 179 -46.80 -60.83 37.06
C VAL K 179 -45.35 -60.44 36.78
N PHE K 180 -44.61 -61.32 36.12
CA PHE K 180 -43.21 -61.11 35.83
C PHE K 180 -42.93 -61.34 34.35
N GLU K 181 -41.98 -60.59 33.81
CA GLU K 181 -41.59 -60.72 32.42
C GLU K 181 -40.12 -60.37 32.28
N ILE K 182 -39.43 -61.07 31.37
CA ILE K 182 -38.01 -60.83 31.15
C ILE K 182 -37.84 -59.66 30.19
N GLY K 183 -37.01 -58.70 30.59
CA GLY K 183 -36.74 -57.53 29.78
C GLY K 183 -35.53 -57.73 28.89
N LEU K 184 -35.08 -56.62 28.30
CA LEU K 184 -33.95 -56.61 27.39
C LEU K 184 -32.96 -55.54 27.82
N SER K 185 -31.73 -55.65 27.30
CA SER K 185 -30.69 -54.69 27.63
C SER K 185 -31.07 -53.30 27.11
N TYR K 186 -31.45 -52.40 28.01
CA TYR K 186 -31.96 -51.10 27.59
C TYR K 186 -30.87 -50.23 27.00
N GLU K 187 -29.63 -50.34 27.50
CA GLU K 187 -28.55 -49.52 26.96
C GLU K 187 -28.36 -49.78 25.46
N GLU K 188 -28.40 -51.05 25.06
CA GLU K 188 -28.36 -51.38 23.64
C GLU K 188 -29.72 -51.25 22.97
N LEU K 189 -30.81 -51.21 23.75
CA LEU K 189 -32.14 -51.08 23.18
C LEU K 189 -32.44 -49.65 22.73
N MET K 190 -31.81 -48.66 23.36
CA MET K 190 -32.06 -47.27 22.96
C MET K 190 -31.55 -47.00 21.56
N ASN K 191 -30.41 -47.59 21.20
CA ASN K 191 -29.91 -47.43 19.83
C ASN K 191 -30.88 -48.02 18.82
N GLU K 192 -31.42 -49.20 19.10
CA GLU K 192 -32.40 -49.80 18.22
C GLU K 192 -33.67 -48.95 18.15
N THR K 193 -34.08 -48.38 19.28
CA THR K 193 -35.25 -47.51 19.29
C THR K 193 -35.02 -46.30 18.38
N LYS K 194 -33.87 -45.64 18.53
CA LYS K 194 -33.56 -44.49 17.69
C LYS K 194 -33.52 -44.88 16.23
N ASN K 195 -32.94 -46.04 15.92
CA ASN K 195 -32.88 -46.49 14.53
C ASN K 195 -34.27 -46.71 13.97
N LEU K 196 -35.15 -47.33 14.76
CA LEU K 196 -36.52 -47.61 14.28
C LEU K 196 -37.32 -46.33 14.13
N LEU K 197 -37.06 -45.31 14.97
CA LEU K 197 -37.77 -44.05 14.83
C LEU K 197 -37.52 -43.42 13.47
N MET K 198 -36.28 -43.49 12.98
CA MET K 198 -35.93 -42.95 11.67
C MET K 198 -36.39 -43.92 10.58
N LYS K 199 -37.71 -44.06 10.47
CA LYS K 199 -38.33 -44.90 9.46
C LYS K 199 -38.90 -44.08 8.30
N GLU K 200 -39.60 -42.99 8.60
CA GLU K 200 -40.07 -42.08 7.56
C GLU K 200 -38.93 -41.16 7.15
N GLY K 201 -39.24 -40.11 6.40
CA GLY K 201 -38.22 -39.16 5.98
C GLY K 201 -37.52 -38.52 7.16
N PHE K 202 -38.24 -37.71 7.93
CA PHE K 202 -37.74 -37.06 9.14
C PHE K 202 -36.40 -36.40 8.78
N SER K 203 -35.36 -36.55 9.59
CA SER K 203 -34.04 -35.99 9.28
C SER K 203 -33.00 -36.77 10.08
N LEU K 204 -31.73 -36.38 9.90
CA LEU K 204 -30.64 -37.09 10.57
C LEU K 204 -30.76 -36.98 12.08
N GLU K 205 -31.06 -35.78 12.59
CA GLU K 205 -31.09 -35.53 14.02
C GLU K 205 -32.42 -35.04 14.55
N ASP K 206 -33.37 -34.67 13.67
CA ASP K 206 -34.68 -34.22 14.16
C ASP K 206 -35.38 -35.34 14.91
N VAL K 207 -35.37 -36.55 14.35
CA VAL K 207 -36.00 -37.67 15.04
C VAL K 207 -35.30 -37.93 16.36
N LYS K 208 -33.98 -37.78 16.40
CA LYS K 208 -33.24 -38.02 17.63
C LYS K 208 -33.54 -36.98 18.70
N ASP K 209 -33.78 -35.73 18.30
CA ASP K 209 -33.91 -34.63 19.25
C ASP K 209 -35.26 -33.94 19.25
N LEU K 210 -36.09 -34.13 18.21
CA LEU K 210 -37.35 -33.41 18.11
C LEU K 210 -38.56 -34.33 18.12
N PHE K 211 -38.60 -35.34 17.27
CA PHE K 211 -39.77 -36.20 17.19
C PHE K 211 -39.85 -37.17 18.36
N TYR K 212 -38.72 -37.72 18.78
CA TYR K 212 -38.73 -38.67 19.90
C TYR K 212 -39.21 -37.99 21.18
N PRO K 213 -38.68 -36.83 21.59
CA PRO K 213 -39.28 -36.15 22.76
C PRO K 213 -40.74 -35.82 22.56
N ASN K 214 -41.14 -35.41 21.36
CA ASN K 214 -42.55 -35.13 21.10
C ASN K 214 -43.41 -36.34 21.43
N SER K 215 -43.07 -37.50 20.85
CA SER K 215 -43.87 -38.69 21.07
C SER K 215 -43.87 -39.10 22.54
N ILE K 216 -42.70 -39.03 23.19
CA ILE K 216 -42.61 -39.49 24.58
C ILE K 216 -43.43 -38.58 25.49
N GLN K 217 -43.31 -37.26 25.31
CA GLN K 217 -44.07 -36.34 26.15
C GLN K 217 -45.56 -36.48 25.90
N TYR K 218 -45.96 -36.66 24.64
CA TYR K 218 -47.38 -36.86 24.35
C TYR K 218 -47.90 -38.13 25.01
N ILE K 219 -47.12 -39.22 24.96
CA ILE K 219 -47.54 -40.46 25.59
C ILE K 219 -47.66 -40.26 27.10
N ALA K 220 -46.69 -39.57 27.70
CA ALA K 220 -46.73 -39.36 29.14
C ALA K 220 -47.93 -38.52 29.55
N GLU K 221 -48.23 -37.46 28.79
CA GLU K 221 -49.30 -36.53 29.14
C GLU K 221 -50.66 -36.92 28.58
N LEU K 222 -50.75 -38.05 27.88
CA LEU K 222 -52.04 -38.49 27.36
C LEU K 222 -53.04 -38.73 28.47
N SER K 223 -52.60 -39.35 29.57
CA SER K 223 -53.50 -39.76 30.65
C SER K 223 -53.26 -39.02 31.95
N ILE K 224 -52.64 -37.84 31.89
CA ILE K 224 -52.43 -37.06 33.11
C ILE K 224 -53.64 -36.22 33.46
N LEU K 225 -54.58 -36.03 32.53
CA LEU K 225 -55.74 -35.21 32.80
C LEU K 225 -56.64 -35.89 33.83
N PRO K 226 -57.39 -35.11 34.62
CA PRO K 226 -58.27 -35.75 35.61
C PRO K 226 -59.29 -36.69 35.00
N GLU K 227 -59.80 -36.37 33.81
CA GLU K 227 -60.79 -37.21 33.17
C GLU K 227 -60.17 -38.53 32.75
N ALA K 228 -60.86 -39.64 33.04
CA ALA K 228 -60.39 -40.96 32.68
C ALA K 228 -60.78 -41.36 31.26
N GLU K 229 -61.64 -40.59 30.59
CA GLU K 229 -62.03 -40.91 29.23
C GLU K 229 -60.97 -40.55 28.20
N LYS K 230 -60.03 -39.67 28.54
CA LYS K 230 -59.02 -39.23 27.60
C LYS K 230 -58.08 -40.34 27.16
N ARG K 231 -58.05 -41.47 27.89
CA ARG K 231 -57.16 -42.57 27.52
C ARG K 231 -57.58 -43.26 26.23
N ILE K 232 -58.78 -42.99 25.72
CA ILE K 232 -59.25 -43.65 24.50
C ILE K 232 -58.33 -43.27 23.36
N SER K 233 -57.74 -44.28 22.72
CA SER K 233 -56.87 -44.10 21.57
C SER K 233 -57.30 -45.04 20.45
N SER K 234 -57.35 -44.50 19.23
CA SER K 234 -57.79 -45.26 18.06
C SER K 234 -56.76 -45.11 16.95
N LYS K 235 -56.96 -45.87 15.88
CA LYS K 235 -56.03 -45.83 14.76
C LYS K 235 -56.01 -44.45 14.11
N ASN K 236 -57.17 -43.82 13.97
CA ASN K 236 -57.23 -42.50 13.35
C ASN K 236 -56.41 -41.49 14.14
N LYS K 237 -56.58 -41.47 15.46
CA LYS K 237 -55.81 -40.55 16.29
C LYS K 237 -54.32 -40.84 16.20
N LEU K 238 -53.95 -42.13 16.21
CA LEU K 238 -52.53 -42.49 16.14
C LEU K 238 -51.91 -42.02 14.84
N ILE K 239 -52.59 -42.22 13.72
CA ILE K 239 -52.04 -41.79 12.44
C ILE K 239 -52.00 -40.26 12.37
N ASP K 240 -53.01 -39.60 12.92
CA ASP K 240 -53.04 -38.14 12.90
C ASP K 240 -51.87 -37.57 13.69
N TYR K 241 -51.58 -38.13 14.86
CA TYR K 241 -50.43 -37.69 15.65
C TYR K 241 -49.12 -38.32 15.19
N LEU K 242 -49.16 -39.22 14.22
CA LEU K 242 -47.95 -39.77 13.63
C LEU K 242 -47.47 -38.97 12.43
N LYS K 243 -48.40 -38.47 11.60
CA LYS K 243 -48.01 -37.66 10.45
C LYS K 243 -48.97 -36.50 10.18
N GLY K 244 -49.87 -36.16 11.09
CA GLY K 244 -50.79 -35.07 10.85
C GLY K 244 -50.09 -33.74 10.66
N ASN K 245 -49.50 -33.22 11.74
CA ASN K 245 -48.65 -32.04 11.66
C ASN K 245 -47.17 -32.41 11.81
N LYS K 246 -46.78 -32.90 12.99
CA LYS K 246 -45.47 -33.47 13.23
C LYS K 246 -44.34 -32.70 12.55
N LYS K 247 -44.26 -31.40 12.82
CA LYS K 247 -43.12 -30.59 12.40
C LYS K 247 -42.41 -29.96 13.59
N THR K 248 -43.15 -29.43 14.56
CA THR K 248 -42.61 -29.00 15.83
C THR K 248 -43.32 -29.63 17.02
N ALA K 249 -44.65 -29.71 16.98
CA ALA K 249 -45.49 -30.48 17.89
C ALA K 249 -45.48 -29.99 19.33
N MET K 250 -44.82 -28.89 19.65
CA MET K 250 -44.90 -28.26 20.97
C MET K 250 -44.46 -29.24 22.07
N SER K 251 -43.18 -29.60 22.02
CA SER K 251 -42.60 -30.48 23.03
C SER K 251 -42.42 -29.73 24.35
N ARG K 252 -42.07 -30.49 25.40
CA ARG K 252 -41.89 -29.93 26.73
C ARG K 252 -40.67 -30.46 27.48
N TRP K 253 -40.02 -31.53 27.02
CA TRP K 253 -38.85 -32.06 27.71
C TRP K 253 -38.12 -32.98 26.74
N THR K 254 -36.83 -33.21 27.02
CA THR K 254 -35.97 -34.02 26.16
C THR K 254 -35.49 -35.26 26.92
N SER K 255 -34.54 -35.96 26.31
CA SER K 255 -34.02 -37.20 26.87
C SER K 255 -33.38 -36.97 28.24
N GLU K 256 -33.49 -37.96 29.10
CA GLU K 256 -33.07 -37.80 30.49
C GLU K 256 -31.57 -38.01 30.65
N VAL K 257 -31.08 -39.21 30.33
CA VAL K 257 -29.66 -39.52 30.47
C VAL K 257 -29.21 -40.33 29.26
N LEU K 258 -28.03 -40.03 28.77
CA LEU K 258 -27.40 -40.76 27.69
C LEU K 258 -25.89 -40.72 27.93
N THR K 259 -25.10 -40.90 26.86
CA THR K 259 -23.65 -40.96 26.99
C THR K 259 -23.14 -39.52 27.20
N ARG K 260 -23.19 -39.08 28.46
CA ARG K 260 -22.78 -37.74 28.86
C ARG K 260 -21.46 -37.82 29.62
N LYS K 261 -20.51 -36.96 29.25
CA LYS K 261 -19.26 -36.80 30.00
C LYS K 261 -19.41 -35.57 30.89
N GLN K 262 -20.15 -35.75 31.98
CA GLN K 262 -20.49 -34.67 32.90
C GLN K 262 -21.24 -33.53 32.20
N LEU K 263 -21.87 -33.83 31.06
CA LEU K 263 -22.63 -32.84 30.32
C LEU K 263 -23.50 -33.51 29.26
N LEU K 264 -24.76 -33.11 29.16
CA LEU K 264 -25.66 -33.70 28.19
C LEU K 264 -25.15 -33.42 26.77
N LYS K 265 -25.43 -34.36 25.86
CA LYS K 265 -24.89 -34.28 24.51
C LYS K 265 -25.98 -34.38 23.45
N VAL K 266 -25.57 -34.56 22.20
CA VAL K 266 -26.45 -34.78 21.06
C VAL K 266 -27.05 -33.45 20.61
N ARG K 267 -27.84 -32.82 21.48
CA ARG K 267 -28.41 -31.52 21.20
C ARG K 267 -27.41 -30.38 21.44
N LYS K 268 -26.12 -30.71 21.59
CA LYS K 268 -25.13 -29.67 21.89
C LYS K 268 -24.71 -28.92 20.64
N ASN K 269 -24.53 -29.63 19.53
CA ASN K 269 -24.07 -29.02 18.29
C ASN K 269 -25.18 -28.77 17.28
N GLN K 270 -26.22 -29.63 17.27
CA GLN K 270 -27.35 -29.40 16.39
C GLN K 270 -27.98 -28.05 16.62
N LEU K 271 -27.82 -27.49 17.81
CA LEU K 271 -28.39 -26.19 18.12
C LEU K 271 -27.61 -25.03 17.49
N VAL K 272 -26.34 -25.24 17.14
CA VAL K 272 -25.58 -24.18 16.47
C VAL K 272 -26.21 -23.81 15.14
N PRO K 273 -26.62 -24.74 14.28
CA PRO K 273 -27.40 -24.37 13.10
C PRO K 273 -28.68 -23.65 13.50
N SER K 274 -29.15 -22.78 12.61
CA SER K 274 -30.30 -21.91 12.83
C SER K 274 -30.01 -20.83 13.86
N LEU K 275 -28.74 -20.61 14.19
CA LEU K 275 -28.32 -19.56 15.11
C LEU K 275 -27.34 -18.60 14.48
N ASN K 276 -26.36 -19.11 13.72
CA ASN K 276 -25.37 -18.23 13.10
C ASN K 276 -26.02 -17.28 12.12
N ILE K 277 -27.15 -17.68 11.52
CA ILE K 277 -27.87 -16.79 10.63
C ILE K 277 -28.35 -15.58 11.41
N ASN K 278 -28.21 -14.40 10.81
CA ASN K 278 -28.47 -13.14 11.50
C ASN K 278 -29.96 -12.82 11.63
N SER K 279 -30.85 -13.77 11.36
CA SER K 279 -32.29 -13.55 11.46
C SER K 279 -32.94 -14.71 12.21
N ARG K 280 -32.34 -15.12 13.32
CA ARG K 280 -32.83 -16.25 14.11
C ARG K 280 -33.07 -15.79 15.53
N SER K 281 -34.32 -15.88 15.98
CA SER K 281 -34.78 -15.31 17.24
C SER K 281 -35.32 -16.40 18.17
N ARG K 282 -34.60 -17.52 18.26
CA ARG K 282 -34.85 -18.54 19.27
C ARG K 282 -35.11 -17.92 20.63
N TYR K 283 -36.08 -18.48 21.35
CA TYR K 283 -36.40 -18.06 22.72
C TYR K 283 -36.03 -19.18 23.69
N PHE K 284 -36.30 -18.93 24.97
CA PHE K 284 -35.99 -19.87 26.03
C PHE K 284 -37.12 -19.87 27.05
N ILE K 285 -37.17 -20.93 27.85
CA ILE K 285 -38.14 -21.04 28.95
C ILE K 285 -37.45 -21.78 30.10
N ILE K 286 -37.56 -21.21 31.31
CA ILE K 286 -36.87 -21.70 32.49
C ILE K 286 -37.81 -21.61 33.69
N ASP K 287 -37.47 -22.36 34.74
CA ASP K 287 -38.24 -22.36 35.98
C ASP K 287 -37.30 -22.35 37.18
N PRO K 288 -37.51 -21.48 38.16
CA PRO K 288 -36.78 -21.61 39.43
C PRO K 288 -37.25 -22.78 40.27
N ASP K 289 -38.35 -23.44 39.89
CA ASP K 289 -38.81 -24.60 40.64
C ASP K 289 -37.79 -25.72 40.63
N THR K 290 -37.21 -26.02 39.46
CA THR K 290 -36.23 -27.09 39.32
C THR K 290 -34.80 -26.57 39.40
N ILE K 291 -34.52 -25.41 38.80
CA ILE K 291 -33.18 -24.84 38.88
C ILE K 291 -32.92 -24.33 40.29
N ASP K 292 -31.68 -24.47 40.74
CA ASP K 292 -31.32 -24.16 42.13
C ASP K 292 -30.68 -22.78 42.26
N ASN K 293 -29.54 -22.55 41.61
CA ASN K 293 -28.83 -21.28 41.74
C ASN K 293 -29.25 -20.30 40.65
N PHE K 294 -30.57 -20.10 40.54
CA PHE K 294 -31.13 -19.07 39.67
C PHE K 294 -31.86 -18.08 40.56
N ASP K 295 -31.10 -17.13 41.09
CA ASP K 295 -31.63 -15.96 41.77
C ASP K 295 -31.12 -14.68 41.15
N ASP K 296 -29.83 -14.63 40.81
CA ASP K 296 -29.30 -13.56 39.99
C ASP K 296 -28.21 -14.07 39.03
N GLU K 297 -28.14 -15.38 38.83
CA GLU K 297 -27.17 -15.94 37.89
C GLU K 297 -27.50 -15.50 36.46
N PHE K 298 -28.75 -15.72 36.05
CA PHE K 298 -29.28 -15.37 34.75
C PHE K 298 -28.76 -14.01 34.31
N ILE K 299 -28.58 -13.12 35.28
CA ILE K 299 -28.18 -11.74 34.98
C ILE K 299 -27.05 -11.75 33.95
N LEU K 300 -25.90 -12.32 34.33
CA LEU K 300 -24.79 -12.21 33.38
C LEU K 300 -24.90 -13.21 32.24
N PHE K 301 -25.73 -14.26 32.38
CA PHE K 301 -26.09 -15.03 31.20
C PHE K 301 -26.51 -14.07 30.11
N VAL K 302 -27.40 -13.14 30.44
CA VAL K 302 -27.78 -12.11 29.49
C VAL K 302 -26.52 -11.51 28.88
N LYS K 303 -25.69 -10.90 29.72
CA LYS K 303 -24.45 -10.31 29.23
C LYS K 303 -23.67 -11.31 28.40
N ASP K 304 -23.48 -12.52 28.93
CA ASP K 304 -22.65 -13.49 28.23
C ASP K 304 -23.28 -13.92 26.91
N TYR K 305 -24.60 -14.01 26.86
CA TYR K 305 -25.26 -14.33 25.62
C TYR K 305 -25.31 -13.14 24.67
N LEU K 306 -25.13 -11.95 25.20
CA LEU K 306 -25.34 -10.72 24.46
C LEU K 306 -24.07 -10.16 23.84
N ASP K 307 -22.93 -10.83 24.03
CA ASP K 307 -21.71 -10.52 23.29
C ASP K 307 -21.32 -11.60 22.30
N LYS K 308 -22.04 -12.72 22.29
CA LYS K 308 -21.76 -13.84 21.40
C LYS K 308 -22.67 -13.84 20.17
N TYR K 309 -23.97 -13.67 20.38
CA TYR K 309 -24.95 -13.74 19.30
C TYR K 309 -25.73 -12.45 19.16
N ASN K 310 -25.24 -11.37 19.78
CA ASN K 310 -25.80 -10.04 19.58
C ASN K 310 -24.69 -9.01 19.40
N SER K 311 -23.53 -9.46 18.94
CA SER K 311 -22.38 -8.62 18.63
C SER K 311 -22.13 -8.66 17.12
N LYS K 312 -21.04 -8.04 16.69
CA LYS K 312 -20.70 -7.96 15.27
C LYS K 312 -21.82 -7.24 14.50
N ILE K 313 -21.98 -5.96 14.82
CA ILE K 313 -23.10 -5.17 14.30
C ILE K 313 -23.20 -5.28 12.79
N LYS K 314 -22.06 -5.44 12.10
CA LYS K 314 -22.08 -5.47 10.64
C LYS K 314 -22.88 -6.64 10.09
N LEU K 315 -23.08 -7.69 10.87
CA LEU K 315 -23.78 -8.90 10.41
C LEU K 315 -25.09 -9.13 11.13
N HIS K 316 -25.09 -9.18 12.46
CA HIS K 316 -26.30 -9.52 13.20
C HIS K 316 -27.38 -8.47 12.99
N THR K 317 -28.63 -8.93 12.92
CA THR K 317 -29.76 -8.04 12.70
C THR K 317 -30.95 -8.31 13.62
N GLU K 318 -30.92 -9.35 14.44
CA GLU K 318 -32.02 -9.67 15.34
C GLU K 318 -31.46 -10.04 16.71
N THR K 319 -32.31 -9.96 17.73
CA THR K 319 -31.88 -10.19 19.09
C THR K 319 -32.73 -11.28 19.73
N PRO K 320 -32.16 -12.04 20.67
CA PRO K 320 -32.92 -13.06 21.39
C PRO K 320 -33.76 -12.42 22.49
N CYS K 321 -34.61 -13.23 23.12
CA CYS K 321 -35.22 -12.86 24.39
C CYS K 321 -35.61 -14.14 25.13
N PHE K 322 -35.71 -14.00 26.45
CA PHE K 322 -35.89 -15.13 27.36
C PHE K 322 -37.25 -15.00 28.05
N ILE K 323 -38.22 -15.81 27.63
CA ILE K 323 -39.53 -15.87 28.26
C ILE K 323 -39.47 -16.97 29.31
N LEU K 324 -39.43 -16.59 30.58
CA LEU K 324 -39.26 -17.56 31.65
C LEU K 324 -40.14 -17.22 32.84
N LYS K 325 -40.87 -18.22 33.34
CA LYS K 325 -41.78 -18.06 34.47
C LYS K 325 -40.97 -18.04 35.76
N THR K 326 -40.69 -16.86 36.29
CA THR K 326 -40.05 -16.71 37.58
C THR K 326 -41.03 -16.21 38.65
N ASP K 327 -41.68 -15.07 38.42
CA ASP K 327 -42.74 -14.60 39.31
C ASP K 327 -43.30 -13.30 38.75
N VAL K 328 -44.51 -12.97 39.19
CA VAL K 328 -45.19 -11.76 38.74
C VAL K 328 -44.37 -10.53 39.12
N ASN K 329 -43.74 -10.55 40.30
CA ASN K 329 -42.99 -9.41 40.80
C ASN K 329 -41.50 -9.69 41.02
N ASN K 330 -41.11 -10.93 41.28
CA ASN K 330 -39.70 -11.23 41.50
C ASN K 330 -38.87 -10.85 40.27
N LEU K 331 -39.49 -10.77 39.09
CA LEU K 331 -38.78 -10.31 37.91
C LEU K 331 -38.18 -8.93 38.14
N SER K 332 -38.97 -8.01 38.71
CA SER K 332 -38.43 -6.69 39.03
C SER K 332 -37.31 -6.79 40.04
N GLU K 333 -37.36 -7.76 40.95
CA GLU K 333 -36.23 -8.02 41.83
C GLU K 333 -34.99 -8.37 41.01
N TYR K 334 -35.16 -9.24 40.01
CA TYR K 334 -34.10 -9.50 39.06
C TYR K 334 -33.67 -8.22 38.35
N HIS K 335 -34.61 -7.29 38.15
CA HIS K 335 -34.35 -6.19 37.23
C HIS K 335 -33.32 -5.21 37.77
N LYS K 336 -33.19 -5.08 39.10
CA LYS K 336 -32.02 -4.44 39.66
C LYS K 336 -30.76 -4.94 38.97
N ARG K 337 -30.50 -6.23 39.10
CA ARG K 337 -29.28 -6.82 38.59
C ARG K 337 -29.15 -6.65 37.07
N PHE K 338 -30.27 -6.47 36.37
CA PHE K 338 -30.23 -6.43 34.92
C PHE K 338 -29.31 -5.33 34.42
N VAL K 339 -29.64 -4.08 34.72
CA VAL K 339 -28.88 -2.96 34.19
C VAL K 339 -27.88 -2.47 35.23
N SER K 340 -26.68 -3.03 35.20
CA SER K 340 -25.52 -2.59 35.93
C SER K 340 -24.27 -2.57 35.06
N ARG K 341 -24.14 -3.52 34.14
CA ARG K 341 -23.01 -3.63 33.23
C ARG K 341 -23.33 -3.04 31.86
N ASN K 342 -24.17 -2.01 31.83
CA ASN K 342 -24.47 -1.27 30.60
C ASN K 342 -25.15 -2.14 29.55
N ILE K 343 -25.97 -3.11 29.98
CA ILE K 343 -26.78 -3.91 29.08
C ILE K 343 -28.24 -3.58 29.39
N GLN K 344 -28.89 -2.86 28.48
CA GLN K 344 -30.25 -2.39 28.68
C GLN K 344 -31.21 -3.42 28.08
N ILE K 345 -31.83 -4.21 28.94
CA ILE K 345 -32.67 -5.33 28.54
C ILE K 345 -34.08 -5.10 29.05
N ILE K 346 -35.07 -5.29 28.18
CA ILE K 346 -36.45 -5.03 28.54
C ILE K 346 -36.93 -6.09 29.53
N THR K 347 -37.69 -5.65 30.54
CA THR K 347 -38.18 -6.56 31.56
C THR K 347 -39.14 -7.59 30.98
N GLY K 348 -40.00 -7.17 30.05
CA GLY K 348 -41.08 -8.01 29.57
C GLY K 348 -42.38 -7.70 30.30
N TYR K 349 -42.40 -7.89 31.62
CA TYR K 349 -43.48 -7.31 32.42
C TYR K 349 -43.39 -5.79 32.47
N ILE K 350 -42.21 -5.23 32.21
CA ILE K 350 -41.96 -3.81 32.45
C ILE K 350 -42.51 -3.52 33.84
N GLY K 351 -42.03 -4.26 34.83
CA GLY K 351 -42.63 -4.26 36.15
C GLY K 351 -43.37 -5.54 36.45
N ASP K 352 -44.70 -5.50 36.37
CA ASP K 352 -45.54 -6.64 36.72
C ASP K 352 -46.57 -6.99 35.66
N THR K 353 -46.57 -6.34 34.50
CA THR K 353 -47.61 -6.52 33.49
C THR K 353 -46.95 -6.68 32.13
N PHE K 354 -46.86 -7.92 31.65
CA PHE K 354 -46.37 -8.18 30.31
C PHE K 354 -47.24 -7.50 29.27
N TYR K 355 -46.58 -6.87 28.30
CA TYR K 355 -47.28 -6.17 27.22
C TYR K 355 -46.83 -6.73 25.88
N PHE K 356 -47.63 -6.45 24.85
CA PHE K 356 -47.51 -7.09 23.55
C PHE K 356 -46.74 -6.26 22.53
N LYS K 357 -46.95 -4.95 22.50
CA LYS K 357 -46.34 -4.12 21.46
C LYS K 357 -44.85 -3.93 21.70
N GLU K 358 -44.45 -3.66 22.95
CA GLU K 358 -43.06 -3.33 23.26
C GLU K 358 -42.28 -4.51 23.81
N PHE K 359 -42.70 -5.74 23.50
CA PHE K 359 -41.88 -6.91 23.71
C PHE K 359 -41.45 -7.56 22.39
N ASN K 360 -41.77 -6.94 21.25
CA ASN K 360 -41.43 -7.50 19.95
C ASN K 360 -40.77 -6.48 19.03
N LYS K 361 -40.39 -5.32 19.56
CA LYS K 361 -39.75 -4.30 18.74
C LYS K 361 -38.40 -4.78 18.24
N GLU K 362 -38.09 -4.46 16.98
CA GLU K 362 -36.84 -4.89 16.37
C GLU K 362 -35.74 -3.90 16.69
N PRO K 363 -34.64 -4.32 17.30
CA PRO K 363 -33.55 -3.37 17.60
C PRO K 363 -32.89 -2.86 16.33
N LYS K 364 -32.34 -1.65 16.42
CA LYS K 364 -31.63 -1.00 15.32
C LYS K 364 -30.15 -0.99 15.67
N ARG K 365 -29.42 -1.99 15.18
CA ARG K 365 -27.99 -2.05 15.39
C ARG K 365 -27.29 -0.94 14.63
N ILE K 366 -26.25 -0.37 15.25
CA ILE K 366 -25.55 0.79 14.72
C ILE K 366 -24.08 0.43 14.54
N ILE K 367 -23.58 0.58 13.31
CA ILE K 367 -22.22 0.14 12.99
C ILE K 367 -21.20 1.04 13.67
N LYS K 368 -21.38 2.36 13.57
CA LYS K 368 -20.34 3.29 14.00
C LYS K 368 -20.09 3.22 15.50
N ASP K 369 -20.99 2.61 16.28
CA ASP K 369 -20.83 2.52 17.72
C ASP K 369 -20.61 1.09 18.21
N ASN K 370 -20.72 0.09 17.35
CA ASN K 370 -20.53 -1.31 17.73
C ASN K 370 -21.41 -1.66 18.93
N TRP K 371 -22.69 -1.28 18.84
CA TRP K 371 -23.63 -1.47 19.93
C TRP K 371 -25.03 -1.26 19.36
N VAL K 372 -26.03 -1.61 20.16
CA VAL K 372 -27.43 -1.60 19.72
C VAL K 372 -28.27 -0.83 20.73
N GLU K 373 -29.48 -0.45 20.28
CA GLU K 373 -30.36 0.33 21.15
C GLU K 373 -30.70 -0.43 22.43
N PHE K 374 -31.04 -1.71 22.30
CA PHE K 374 -31.26 -2.57 23.45
C PHE K 374 -30.67 -3.94 23.12
N LYS K 375 -29.73 -4.40 23.94
CA LYS K 375 -28.95 -5.58 23.59
C LYS K 375 -29.70 -6.88 23.83
N ALA K 376 -30.88 -6.86 24.44
CA ALA K 376 -31.72 -8.05 24.53
C ALA K 376 -33.05 -7.67 25.15
N ARG K 377 -33.93 -8.67 25.24
CA ARG K 377 -35.23 -8.55 25.86
C ARG K 377 -35.48 -9.82 26.65
N ILE K 378 -36.42 -9.77 27.61
CA ILE K 378 -36.91 -10.95 28.30
C ILE K 378 -38.34 -10.70 28.75
N SER K 379 -39.00 -11.76 29.22
CA SER K 379 -40.33 -11.68 29.80
C SER K 379 -40.53 -12.88 30.70
N CYS K 380 -41.62 -12.83 31.46
CA CYS K 380 -41.97 -13.91 32.38
C CYS K 380 -43.37 -14.41 32.06
N ASN K 381 -43.54 -15.74 32.11
CA ASN K 381 -44.74 -16.40 31.61
C ASN K 381 -45.70 -16.68 32.76
N SER K 382 -46.78 -15.91 32.82
CA SER K 382 -47.92 -16.21 33.65
C SER K 382 -48.96 -16.92 32.80
N ASP K 383 -50.17 -17.09 33.35
CA ASP K 383 -51.23 -17.77 32.60
C ASP K 383 -51.51 -17.08 31.27
N GLU K 384 -51.70 -15.76 31.31
CA GLU K 384 -52.03 -14.99 30.10
C GLU K 384 -50.77 -14.35 29.55
N VAL K 385 -49.86 -15.20 29.07
CA VAL K 385 -48.64 -14.73 28.40
C VAL K 385 -48.35 -15.64 27.22
N ILE K 386 -48.66 -15.17 26.02
CA ILE K 386 -48.51 -15.94 24.79
C ILE K 386 -47.86 -15.02 23.76
N LYS K 387 -46.53 -15.09 23.64
CA LYS K 387 -45.83 -14.25 22.67
C LYS K 387 -44.72 -14.96 21.88
N CYS K 388 -44.38 -16.21 22.19
CA CYS K 388 -43.23 -16.82 21.53
C CYS K 388 -43.49 -16.95 20.03
N ILE K 389 -44.72 -17.31 19.64
CA ILE K 389 -45.02 -17.67 18.26
C ILE K 389 -45.61 -16.53 17.44
N ASN K 390 -46.09 -15.46 18.08
CA ASN K 390 -46.82 -14.43 17.34
C ASN K 390 -45.91 -13.68 16.38
N TYR K 391 -44.89 -13.01 16.90
CA TYR K 391 -43.99 -12.19 16.11
C TYR K 391 -42.56 -12.67 16.32
N LYS K 392 -41.81 -12.84 15.23
CA LYS K 392 -40.48 -13.44 15.30
C LYS K 392 -40.56 -14.76 16.06
N LYS K 393 -41.26 -15.70 15.44
CA LYS K 393 -41.85 -16.83 16.15
C LYS K 393 -40.81 -17.87 16.59
N CYS K 394 -39.76 -17.41 17.25
CA CYS K 394 -38.89 -18.25 18.09
C CYS K 394 -38.71 -19.64 17.48
N ASP K 395 -38.17 -19.67 16.27
CA ASP K 395 -38.00 -20.90 15.51
C ASP K 395 -37.58 -22.05 16.42
N ASP K 396 -36.66 -21.76 17.33
CA ASP K 396 -36.15 -22.74 18.27
C ASP K 396 -36.56 -22.33 19.68
N LEU K 397 -37.77 -22.72 20.06
CA LEU K 397 -38.20 -22.55 21.44
C LEU K 397 -37.42 -23.51 22.32
N TYR K 398 -36.93 -23.01 23.46
CA TYR K 398 -36.07 -23.78 24.34
C TYR K 398 -36.67 -23.86 25.75
N ILE K 399 -36.64 -25.07 26.31
CA ILE K 399 -37.17 -25.34 27.64
C ILE K 399 -36.12 -26.12 28.41
N VAL K 400 -36.27 -26.17 29.72
CA VAL K 400 -35.41 -26.97 30.59
C VAL K 400 -36.31 -27.72 31.56
N GLY K 401 -36.17 -29.05 31.60
CA GLY K 401 -36.98 -29.86 32.49
C GLY K 401 -38.42 -29.95 32.05
N GLY K 402 -39.06 -28.78 31.93
CA GLY K 402 -40.45 -28.71 31.51
C GLY K 402 -41.19 -27.58 32.21
N VAL K 403 -41.91 -26.77 31.43
CA VAL K 403 -42.62 -25.61 31.94
C VAL K 403 -43.99 -25.54 31.28
N ASP K 404 -44.88 -24.75 31.88
CA ASP K 404 -46.22 -24.56 31.35
C ASP K 404 -46.19 -24.40 29.84
N VAL K 405 -47.06 -25.15 29.16
CA VAL K 405 -47.01 -25.26 27.70
C VAL K 405 -48.39 -25.00 27.12
N SER K 406 -49.28 -24.38 27.91
CA SER K 406 -50.65 -24.20 27.49
C SER K 406 -50.81 -22.92 26.67
N LEU K 407 -51.89 -22.89 25.88
CA LEU K 407 -52.25 -21.72 25.07
C LEU K 407 -51.10 -21.35 24.13
N LEU K 408 -50.70 -22.31 23.31
CA LEU K 408 -49.59 -22.15 22.38
C LEU K 408 -50.05 -22.41 20.96
N ASP K 409 -49.59 -21.57 20.03
CA ASP K 409 -49.98 -21.74 18.63
C ASP K 409 -49.31 -22.95 18.00
N THR K 410 -48.04 -23.18 18.32
CA THR K 410 -47.30 -24.35 17.85
C THR K 410 -47.23 -24.38 16.32
N ALA K 411 -46.61 -23.32 15.77
CA ALA K 411 -46.51 -23.17 14.32
C ALA K 411 -45.09 -22.74 13.97
N ASP K 412 -44.35 -23.62 13.30
CA ASP K 412 -43.01 -23.33 12.83
C ASP K 412 -42.12 -22.86 13.98
N VAL K 413 -42.28 -23.48 15.15
CA VAL K 413 -41.53 -23.14 16.35
C VAL K 413 -40.91 -24.44 16.85
N ASN K 414 -39.71 -24.75 16.39
CA ASN K 414 -39.04 -25.98 16.82
C ASN K 414 -38.81 -25.94 18.32
N ILE K 415 -38.96 -27.09 18.96
CA ILE K 415 -38.87 -27.20 20.41
C ILE K 415 -37.64 -28.02 20.76
N GLU K 416 -36.90 -27.57 21.76
CA GLU K 416 -35.76 -28.33 22.29
C GLU K 416 -35.66 -28.08 23.79
N ASN K 417 -35.46 -29.15 24.54
CA ASN K 417 -35.28 -29.05 25.98
C ASN K 417 -33.82 -29.28 26.33
N LEU K 418 -33.31 -28.47 27.27
CA LEU K 418 -31.93 -28.59 27.74
C LEU K 418 -31.97 -28.64 29.26
N GLU K 419 -32.20 -29.83 29.80
CA GLU K 419 -32.27 -29.98 31.25
C GLU K 419 -30.96 -29.57 31.90
N ILE K 420 -31.06 -28.76 32.95
CA ILE K 420 -29.90 -28.17 33.60
C ILE K 420 -30.19 -27.97 35.08
N ASN K 421 -29.13 -27.71 35.84
CA ASN K 421 -29.25 -27.30 37.24
C ASN K 421 -28.75 -25.90 37.49
N ASN K 422 -28.04 -25.30 36.54
CA ASN K 422 -27.54 -23.93 36.66
C ASN K 422 -27.35 -23.38 35.26
N PHE K 423 -26.75 -22.19 35.16
CA PHE K 423 -26.50 -21.58 33.86
C PHE K 423 -25.21 -22.06 33.21
N ARG K 424 -24.30 -22.71 33.97
CA ARG K 424 -23.08 -23.21 33.35
C ARG K 424 -23.38 -24.28 32.32
N GLU K 425 -24.26 -25.23 32.67
CA GLU K 425 -24.61 -26.29 31.74
C GLU K 425 -25.26 -25.73 30.48
N LEU K 426 -26.20 -24.79 30.65
CA LEU K 426 -26.87 -24.22 29.49
C LEU K 426 -25.89 -23.45 28.62
N LYS K 427 -25.00 -22.67 29.24
CA LYS K 427 -24.02 -21.94 28.45
C LYS K 427 -23.10 -22.89 27.69
N TYR K 428 -22.79 -24.05 28.29
CA TYR K 428 -22.04 -25.05 27.55
C TYR K 428 -22.83 -25.54 26.35
N LEU K 429 -24.07 -25.96 26.57
CA LEU K 429 -24.86 -26.55 25.50
C LEU K 429 -25.19 -25.55 24.40
N LEU K 430 -25.17 -24.26 24.70
CA LEU K 430 -25.45 -23.25 23.69
C LEU K 430 -24.19 -22.82 22.94
N SER K 431 -23.04 -23.42 23.24
CA SER K 431 -21.81 -23.17 22.51
C SER K 431 -21.29 -21.75 22.73
N MET K 432 -21.35 -21.29 23.98
CA MET K 432 -20.75 -20.02 24.37
C MET K 432 -19.66 -20.18 25.42
N LEU K 433 -19.88 -21.06 26.40
CA LEU K 433 -18.89 -21.37 27.41
C LEU K 433 -17.91 -22.40 26.85
N LYS K 434 -16.93 -22.78 27.65
CA LYS K 434 -15.91 -23.74 27.26
C LYS K 434 -16.09 -25.10 27.93
N GLU K 435 -16.29 -25.12 29.25
CA GLU K 435 -16.38 -26.36 30.01
C GLU K 435 -17.68 -26.37 30.81
N ILE K 436 -17.93 -27.50 31.47
CA ILE K 436 -19.13 -27.74 32.26
C ILE K 436 -20.38 -27.12 31.61
N MET L 1 10.49 -73.72 -49.66
CA MET L 1 10.77 -73.63 -51.12
C MET L 1 10.40 -72.25 -51.66
N MET L 2 11.40 -71.36 -51.72
CA MET L 2 11.18 -70.02 -52.21
C MET L 2 10.82 -70.04 -53.69
N SER L 3 9.94 -69.12 -54.10
CA SER L 3 9.55 -69.03 -55.49
C SER L 3 10.75 -68.64 -56.35
N ARG L 4 10.83 -69.23 -57.54
CA ARG L 4 11.97 -68.95 -58.42
C ARG L 4 12.00 -67.49 -58.86
N GLU L 5 10.83 -66.84 -58.91
CA GLU L 5 10.82 -65.41 -59.21
C GLU L 5 11.53 -64.62 -58.12
N ALA L 6 11.34 -65.02 -56.86
CA ALA L 6 12.06 -64.37 -55.76
C ALA L 6 13.56 -64.56 -55.90
N ASP L 7 14.00 -65.76 -56.29
CA ASP L 7 15.42 -65.99 -56.50
C ASP L 7 15.95 -65.14 -57.66
N HIS L 8 15.17 -65.01 -58.73
CA HIS L 8 15.58 -64.15 -59.84
C HIS L 8 15.72 -62.70 -59.38
N THR L 9 14.78 -62.22 -58.56
CA THR L 9 14.87 -60.86 -58.05
C THR L 9 16.08 -60.69 -57.14
N ILE L 10 16.37 -61.70 -56.33
CA ILE L 10 17.54 -61.63 -55.44
C ILE L 10 18.82 -61.56 -56.27
N LYS L 11 18.90 -62.37 -57.33
CA LYS L 11 20.06 -62.33 -58.20
C LYS L 11 20.18 -60.98 -58.90
N GLY L 12 19.04 -60.41 -59.31
CA GLY L 12 19.08 -59.08 -59.90
C GLY L 12 19.60 -58.04 -58.92
N PHE L 13 19.17 -58.11 -57.67
CA PHE L 13 19.68 -57.20 -56.65
C PHE L 13 21.17 -57.41 -56.44
N LEU L 14 21.63 -58.66 -56.45
CA LEU L 14 23.05 -58.94 -56.29
C LEU L 14 23.86 -58.33 -57.43
N TYR L 15 23.37 -58.47 -58.66
CA TYR L 15 24.08 -57.89 -59.80
C TYR L 15 24.04 -56.37 -59.78
N GLN L 16 22.94 -55.79 -59.27
CA GLN L 16 22.91 -54.34 -59.09
C GLN L 16 23.93 -53.91 -58.03
N PHE L 17 24.10 -54.71 -56.99
CA PHE L 17 25.16 -54.43 -56.01
C PHE L 17 26.53 -54.47 -56.68
N ASN L 18 26.74 -55.45 -57.55
CA ASN L 18 28.00 -55.53 -58.27
C ASN L 18 28.22 -54.31 -59.16
N LYS L 19 27.16 -53.87 -59.85
CA LYS L 19 27.26 -52.67 -60.67
C LYS L 19 27.60 -51.44 -59.83
N THR L 20 26.96 -51.31 -58.66
CA THR L 20 27.25 -50.19 -57.78
C THR L 20 28.70 -50.22 -57.31
N LEU L 21 29.18 -51.41 -56.94
CA LEU L 21 30.57 -51.53 -56.52
C LEU L 21 31.53 -51.16 -57.64
N ASN L 22 31.24 -51.62 -58.86
CA ASN L 22 32.09 -51.28 -60.00
C ASN L 22 32.09 -49.78 -60.26
N SER L 23 30.91 -49.14 -60.18
CA SER L 23 30.83 -47.70 -60.37
C SER L 23 31.62 -46.95 -59.31
N ILE L 24 31.53 -47.40 -58.05
CA ILE L 24 32.28 -46.77 -56.97
C ILE L 24 33.78 -46.92 -57.22
N LEU L 25 34.20 -48.12 -57.63
CA LEU L 25 35.61 -48.35 -57.90
C LEU L 25 36.12 -47.45 -59.02
N SER L 26 35.35 -47.34 -60.11
CA SER L 26 35.78 -46.53 -61.24
C SER L 26 35.82 -45.05 -60.87
N SER L 27 34.76 -44.55 -60.26
CA SER L 27 34.66 -43.15 -59.86
C SER L 27 34.85 -42.21 -61.05
N THR L 28 34.44 -42.66 -62.24
CA THR L 28 34.55 -41.86 -63.46
C THR L 28 33.32 -42.17 -64.32
N ASP L 29 33.36 -41.71 -65.57
CA ASP L 29 32.26 -41.96 -66.49
C ASP L 29 32.05 -43.46 -66.65
N GLN L 30 30.88 -43.94 -66.23
CA GLN L 30 30.55 -45.36 -66.24
C GLN L 30 29.28 -45.57 -67.04
N ASP L 31 29.10 -46.81 -67.51
CA ASP L 31 27.97 -47.15 -68.38
C ASP L 31 26.65 -46.76 -67.74
N GLU L 32 25.59 -46.65 -68.55
CA GLU L 32 24.29 -46.23 -68.05
C GLU L 32 23.65 -47.36 -67.24
N ILE L 33 22.85 -46.96 -66.25
CA ILE L 33 22.12 -47.90 -65.41
C ILE L 33 20.63 -47.69 -65.64
N GLN L 34 19.94 -48.74 -66.05
CA GLN L 34 18.50 -48.70 -66.27
C GLN L 34 17.88 -49.98 -65.73
N ILE L 35 16.78 -49.84 -64.97
CA ILE L 35 16.09 -50.99 -64.41
C ILE L 35 15.34 -51.71 -65.53
N GLU L 36 14.90 -52.93 -65.26
CA GLU L 36 14.17 -53.74 -66.23
C GLU L 36 12.80 -54.09 -65.67
N GLY L 37 11.77 -53.91 -66.49
CA GLY L 37 10.41 -54.23 -66.08
C GLY L 37 10.04 -55.67 -66.40
N ILE L 38 10.80 -56.62 -65.87
CA ILE L 38 10.59 -58.03 -66.13
C ILE L 38 9.99 -58.77 -64.95
N ILE L 39 9.94 -58.14 -63.76
CA ILE L 39 9.37 -58.82 -62.60
C ILE L 39 7.89 -59.10 -62.81
N GLU L 40 7.17 -58.15 -63.42
CA GLU L 40 5.81 -58.41 -63.91
C GLU L 40 5.61 -57.60 -65.19
N ASP L 41 4.46 -57.81 -65.83
CA ASP L 41 4.12 -57.14 -67.08
C ASP L 41 3.67 -55.72 -66.78
N ILE L 42 4.64 -54.89 -66.37
CA ILE L 42 4.35 -53.50 -66.06
C ILE L 42 3.97 -52.74 -67.32
N ASP L 43 4.59 -53.07 -68.45
CA ASP L 43 4.32 -52.39 -69.72
C ASP L 43 4.61 -50.90 -69.61
N ILE L 44 5.80 -50.57 -69.09
CA ILE L 44 6.21 -49.17 -68.98
C ILE L 44 6.49 -48.57 -70.35
N LYS L 45 6.67 -49.40 -71.38
CA LYS L 45 6.90 -48.93 -72.74
C LYS L 45 8.19 -48.11 -72.85
N ASN L 46 9.31 -48.77 -72.53
CA ASN L 46 10.63 -48.21 -72.71
C ASN L 46 11.46 -49.14 -73.58
N SER L 47 12.26 -48.56 -74.47
CA SER L 47 13.05 -49.34 -75.43
C SER L 47 14.49 -49.52 -75.00
N ASN L 48 15.07 -48.57 -74.26
CA ASN L 48 16.48 -48.63 -73.86
C ASN L 48 16.61 -49.45 -72.58
N ILE L 49 16.51 -50.76 -72.74
CA ILE L 49 16.71 -51.71 -71.65
C ILE L 49 17.79 -52.69 -72.08
N THR L 50 18.83 -52.83 -71.27
CA THR L 50 19.96 -53.70 -71.59
C THR L 50 20.28 -54.69 -70.48
N ASN L 51 20.16 -54.29 -69.22
CA ASN L 51 20.54 -55.16 -68.11
C ASN L 51 19.70 -56.44 -68.11
N ALA L 52 18.40 -56.30 -67.86
CA ALA L 52 17.45 -57.42 -67.96
C ALA L 52 18.03 -58.67 -67.28
N ILE L 53 18.16 -58.56 -65.96
CA ILE L 53 18.87 -59.54 -65.15
C ILE L 53 17.87 -60.56 -64.61
N GLN L 54 18.05 -61.83 -64.96
CA GLN L 54 17.16 -62.91 -64.53
C GLN L 54 17.98 -64.16 -64.18
N CYS L 55 19.07 -63.97 -63.42
CA CYS L 55 19.95 -65.08 -63.09
C CYS L 55 19.37 -65.91 -61.95
N LYS L 56 19.93 -67.11 -61.78
CA LYS L 56 19.52 -68.03 -60.72
C LYS L 56 20.49 -69.20 -60.71
N TYR L 57 20.56 -69.90 -59.58
CA TYR L 57 21.51 -70.99 -59.40
C TYR L 57 20.98 -71.99 -58.38
N HIS L 58 21.60 -73.17 -58.38
CA HIS L 58 21.31 -74.22 -57.40
C HIS L 58 22.59 -74.69 -56.73
N GLU L 59 22.51 -75.78 -55.97
CA GLU L 59 23.67 -76.29 -55.25
C GLU L 59 24.79 -76.66 -56.23
N SER L 60 26.03 -76.44 -55.79
CA SER L 60 27.22 -76.78 -56.56
C SER L 60 28.08 -77.74 -55.76
N LYS L 61 28.63 -78.75 -56.43
CA LYS L 61 29.44 -79.77 -55.78
C LYS L 61 30.89 -79.71 -56.23
N VAL L 62 31.15 -79.85 -57.53
CA VAL L 62 32.51 -79.74 -58.07
C VAL L 62 32.41 -79.25 -59.51
N ARG L 63 33.14 -78.18 -59.81
CA ARG L 63 33.23 -77.64 -61.17
C ARG L 63 31.80 -77.32 -61.64
N HIS L 64 31.47 -77.59 -62.91
CA HIS L 64 30.15 -77.32 -63.45
C HIS L 64 29.65 -78.57 -64.18
N ASN L 65 28.33 -78.69 -64.27
CA ASN L 65 27.69 -79.83 -64.90
C ASN L 65 26.65 -79.34 -65.89
N LEU L 66 26.35 -80.19 -66.89
CA LEU L 66 25.36 -79.84 -67.89
C LEU L 66 23.98 -79.62 -67.26
N SER L 67 23.71 -80.27 -66.12
CA SER L 67 22.43 -80.11 -65.45
C SER L 67 22.26 -78.74 -64.82
N ASP L 68 23.32 -77.95 -64.73
CA ASP L 68 23.21 -76.61 -64.15
C ASP L 68 22.33 -75.69 -64.98
N ILE L 69 22.09 -76.02 -66.24
CA ILE L 69 21.18 -75.28 -67.10
C ILE L 69 19.81 -75.94 -67.01
N TYR L 70 18.79 -75.16 -66.67
CA TYR L 70 17.47 -75.69 -66.39
C TYR L 70 16.45 -74.64 -66.79
N LYS L 71 15.23 -74.74 -66.25
CA LYS L 71 14.09 -74.03 -66.83
C LYS L 71 14.32 -72.55 -67.10
N PRO L 72 14.95 -71.77 -66.21
CA PRO L 72 15.11 -70.33 -66.48
C PRO L 72 15.58 -70.01 -67.89
N ILE L 73 16.27 -70.95 -68.54
CA ILE L 73 16.67 -70.74 -69.93
C ILE L 73 15.44 -70.80 -70.84
N LEU L 74 14.51 -71.71 -70.57
CA LEU L 74 13.29 -71.77 -71.37
C LEU L 74 12.41 -70.54 -71.12
N GLN L 75 12.31 -70.12 -69.85
CA GLN L 75 11.62 -68.86 -69.57
C GLN L 75 12.31 -67.70 -70.28
N MET L 76 13.63 -67.75 -70.38
CA MET L 76 14.37 -66.73 -71.12
C MET L 76 13.99 -66.74 -72.60
N LEU L 77 13.89 -67.94 -73.17
CA LEU L 77 13.49 -68.05 -74.58
C LEU L 77 12.10 -67.47 -74.79
N LEU L 78 11.16 -67.78 -73.90
CA LEU L 78 9.83 -67.20 -74.01
C LEU L 78 9.87 -65.68 -73.86
N HIS L 79 10.68 -65.18 -72.91
CA HIS L 79 10.78 -63.74 -72.72
C HIS L 79 11.31 -63.06 -73.97
N PHE L 80 12.25 -63.70 -74.68
CA PHE L 80 12.73 -63.14 -75.93
C PHE L 80 11.59 -62.91 -76.92
N LEU L 81 10.56 -63.75 -76.86
CA LEU L 81 9.38 -63.61 -77.72
C LEU L 81 8.34 -62.70 -77.06
N GLU L 82 8.74 -61.45 -76.84
CA GLU L 82 7.87 -60.48 -76.21
C GLU L 82 6.72 -60.11 -77.15
N ASN L 83 5.61 -59.68 -76.54
CA ASN L 83 4.44 -59.32 -77.34
C ASN L 83 4.73 -58.15 -78.28
N ASP L 84 5.43 -57.13 -77.79
CA ASP L 84 5.77 -55.98 -78.59
C ASP L 84 7.10 -56.11 -79.32
N SER L 85 7.89 -57.13 -78.99
CA SER L 85 9.17 -57.39 -79.66
C SER L 85 10.06 -56.16 -79.62
N LEU L 86 10.40 -55.75 -78.41
CA LEU L 86 11.28 -54.61 -78.18
C LEU L 86 12.71 -55.11 -78.01
N ASN L 87 13.60 -54.22 -77.58
CA ASN L 87 14.97 -54.60 -77.25
C ASN L 87 14.91 -55.49 -76.01
N ILE L 88 15.11 -56.79 -76.20
CA ILE L 88 14.84 -57.78 -75.16
C ILE L 88 16.10 -58.57 -74.86
N LYS L 89 17.25 -57.92 -74.97
CA LYS L 89 18.51 -58.59 -74.65
C LYS L 89 18.61 -58.78 -73.14
N TYR L 90 18.97 -59.99 -72.73
CA TYR L 90 19.07 -60.37 -71.34
C TYR L 90 20.52 -60.70 -70.99
N ALA L 91 20.75 -61.07 -69.74
CA ALA L 91 22.09 -61.41 -69.26
C ALA L 91 21.98 -62.50 -68.20
N LEU L 92 23.07 -63.26 -68.05
CA LEU L 92 23.14 -64.33 -67.08
C LEU L 92 24.51 -64.31 -66.41
N TYR L 93 24.51 -64.46 -65.09
CA TYR L 93 25.73 -64.40 -64.28
C TYR L 93 25.77 -65.57 -63.30
N ALA L 94 25.49 -66.78 -63.80
CA ALA L 94 25.50 -67.96 -62.94
C ALA L 94 26.88 -68.20 -62.37
N TYR L 95 26.92 -68.49 -61.07
CA TYR L 95 28.17 -68.74 -60.37
C TYR L 95 28.59 -70.20 -60.51
N PHE L 96 29.91 -70.42 -60.56
CA PHE L 96 30.48 -71.75 -60.62
C PHE L 96 31.77 -71.75 -59.80
N PRO L 97 31.98 -72.75 -58.93
CA PRO L 97 33.21 -72.74 -58.13
C PRO L 97 34.48 -72.78 -58.98
N ASN L 98 34.57 -73.74 -59.92
CA ASN L 98 35.72 -73.87 -60.80
C ASN L 98 35.20 -74.05 -62.23
N GLU L 99 35.48 -73.08 -63.08
CA GLU L 99 35.01 -73.12 -64.46
C GLU L 99 35.74 -72.06 -65.27
N GLN L 100 36.04 -72.39 -66.53
CA GLN L 100 36.67 -71.42 -67.42
C GLN L 100 35.81 -70.17 -67.52
N VAL L 101 36.38 -69.03 -67.16
CA VAL L 101 35.63 -67.77 -67.15
C VAL L 101 35.52 -67.25 -68.57
N GLY L 102 34.29 -67.09 -69.04
CA GLY L 102 34.06 -66.60 -70.38
C GLY L 102 32.63 -66.86 -70.80
N VAL L 103 32.36 -66.57 -72.08
CA VAL L 103 31.03 -66.79 -72.63
C VAL L 103 30.89 -68.25 -73.07
N LYS L 104 29.65 -68.70 -73.17
CA LYS L 104 29.34 -70.07 -73.56
C LYS L 104 29.28 -70.25 -75.07
N GLU L 105 29.58 -69.20 -75.85
CA GLU L 105 29.56 -69.26 -77.30
C GLU L 105 28.12 -69.43 -77.79
N VAL L 106 27.83 -68.92 -78.99
CA VAL L 106 26.46 -68.87 -79.50
C VAL L 106 26.26 -69.89 -80.60
N THR L 107 27.03 -70.98 -80.56
CA THR L 107 26.86 -72.04 -81.54
C THR L 107 25.47 -72.65 -81.43
N LYS L 108 24.85 -72.92 -82.58
CA LYS L 108 23.51 -73.50 -82.59
C LYS L 108 23.49 -74.88 -81.95
N SER L 109 24.52 -75.70 -82.23
CA SER L 109 24.54 -77.06 -81.71
C SER L 109 24.57 -77.08 -80.20
N GLN L 110 25.35 -76.19 -79.58
CA GLN L 110 25.44 -76.19 -78.12
C GLN L 110 24.10 -75.92 -77.47
N ILE L 111 23.33 -74.95 -78.01
CA ILE L 111 22.03 -74.65 -77.45
C ILE L 111 21.05 -75.77 -77.74
N GLU L 112 21.09 -76.31 -78.96
CA GLU L 112 20.17 -77.38 -79.32
C GLU L 112 20.39 -78.62 -78.46
N GLU L 113 21.63 -78.85 -78.02
CA GLU L 113 21.91 -80.00 -77.18
C GLU L 113 21.14 -79.92 -75.86
N ILE L 114 21.10 -78.73 -75.25
CA ILE L 114 20.39 -78.56 -73.99
C ILE L 114 18.91 -78.27 -74.18
N LEU L 115 18.48 -77.95 -75.41
CA LEU L 115 17.06 -77.71 -75.65
C LEU L 115 16.24 -78.97 -75.38
N SER L 116 16.77 -80.15 -75.72
CA SER L 116 16.04 -81.40 -75.55
C SER L 116 16.24 -81.93 -74.13
N SER L 117 15.63 -81.21 -73.17
CA SER L 117 15.72 -81.61 -71.78
C SER L 117 14.83 -82.82 -71.51
N SER L 118 13.65 -82.87 -72.13
CA SER L 118 12.71 -83.98 -71.97
C SER L 118 12.29 -84.14 -70.51
N ASN L 119 11.65 -83.09 -69.98
CA ASN L 119 11.09 -83.09 -68.65
C ASN L 119 9.65 -82.61 -68.72
N PHE L 120 8.75 -83.28 -67.98
CA PHE L 120 7.34 -82.91 -68.05
C PHE L 120 7.11 -81.50 -67.53
N ASP L 121 7.78 -81.12 -66.44
CA ASP L 121 7.61 -79.78 -65.92
C ASP L 121 7.95 -78.74 -66.97
N TYR L 122 9.13 -78.90 -67.61
CA TYR L 122 9.54 -77.95 -68.63
C TYR L 122 8.60 -77.97 -69.82
N ILE L 123 8.17 -79.17 -70.23
CA ILE L 123 7.31 -79.29 -71.40
C ILE L 123 5.97 -78.59 -71.16
N SER L 124 5.39 -78.79 -69.98
CA SER L 124 4.05 -78.30 -69.68
C SER L 124 4.03 -76.88 -69.14
N LYS L 125 5.18 -76.31 -68.76
CA LYS L 125 5.18 -74.97 -68.18
C LYS L 125 5.36 -73.89 -69.25
N TYR L 126 6.46 -73.94 -70.00
CA TYR L 126 6.79 -72.87 -70.94
C TYR L 126 7.11 -73.40 -72.33
N ILE L 127 7.65 -74.62 -72.42
CA ILE L 127 8.06 -75.14 -73.72
C ILE L 127 6.87 -75.29 -74.65
N SER L 128 5.72 -75.73 -74.11
CA SER L 128 4.55 -75.93 -74.96
C SER L 128 4.18 -74.67 -75.73
N LYS L 129 4.40 -73.49 -75.13
CA LYS L 129 4.13 -72.25 -75.83
C LYS L 129 5.07 -72.06 -77.01
N ILE L 130 6.34 -72.47 -76.86
CA ILE L 130 7.30 -72.30 -77.94
C ILE L 130 6.88 -73.12 -79.16
N LYS L 131 6.46 -74.37 -78.93
CA LYS L 131 6.09 -75.27 -80.01
C LYS L 131 4.59 -75.54 -79.95
N PRO L 132 3.78 -74.89 -80.78
CA PRO L 132 2.34 -75.23 -80.83
C PRO L 132 2.15 -76.68 -81.24
N PRO L 133 1.63 -77.53 -80.36
CA PRO L 133 1.51 -78.95 -80.71
C PRO L 133 0.51 -79.16 -81.83
N LYS L 134 0.95 -79.87 -82.88
CA LYS L 134 0.06 -80.19 -83.99
C LYS L 134 -1.06 -81.14 -83.59
N GLU L 135 -0.95 -81.79 -82.44
CA GLU L 135 -2.03 -82.61 -81.89
C GLU L 135 -2.85 -81.73 -80.95
N GLN L 136 -4.05 -81.34 -81.39
CA GLN L 136 -4.89 -80.45 -80.60
C GLN L 136 -5.29 -81.09 -79.27
N ILE L 137 -5.24 -82.41 -79.16
CA ILE L 137 -5.54 -83.07 -77.90
C ILE L 137 -4.52 -82.66 -76.84
N ILE L 138 -3.27 -82.47 -77.24
CA ILE L 138 -2.24 -82.03 -76.29
C ILE L 138 -2.58 -80.66 -75.75
N LYS L 139 -2.98 -79.73 -76.63
CA LYS L 139 -3.37 -78.40 -76.17
C LYS L 139 -4.59 -78.47 -75.27
N GLU L 140 -5.57 -79.29 -75.62
CA GLU L 140 -6.77 -79.42 -74.79
C GLU L 140 -6.41 -79.93 -73.40
N LEU L 141 -5.52 -80.93 -73.33
CA LEU L 141 -5.09 -81.44 -72.03
C LEU L 141 -4.33 -80.37 -71.25
N LEU L 142 -3.47 -79.62 -71.93
CA LEU L 142 -2.70 -78.58 -71.25
C LEU L 142 -3.60 -77.51 -70.68
N GLY L 143 -4.62 -77.11 -71.42
CA GLY L 143 -5.56 -76.09 -70.97
C GLY L 143 -6.63 -76.59 -70.03
N LYS L 144 -6.70 -77.89 -69.77
CA LYS L 144 -7.70 -78.47 -68.89
C LYS L 144 -7.30 -78.42 -67.42
N THR L 145 -6.05 -78.06 -67.12
CA THR L 145 -5.56 -77.99 -65.74
C THR L 145 -5.73 -79.33 -65.02
N SER L 146 -5.60 -80.43 -65.75
CA SER L 146 -5.72 -81.76 -65.17
C SER L 146 -5.04 -82.75 -66.10
N LYS L 147 -4.00 -83.41 -65.62
CA LYS L 147 -3.23 -84.35 -66.43
C LYS L 147 -2.91 -85.59 -65.60
N THR L 148 -2.71 -86.71 -66.29
CA THR L 148 -2.41 -87.98 -65.68
C THR L 148 -1.05 -88.49 -66.16
N THR L 149 -0.57 -89.56 -65.50
CA THR L 149 0.75 -90.09 -65.83
C THR L 149 0.81 -90.55 -67.28
N GLU L 150 -0.25 -91.23 -67.75
CA GLU L 150 -0.27 -91.65 -69.15
C GLU L 150 -0.19 -90.45 -70.08
N ASP L 151 -0.84 -89.35 -69.72
CA ASP L 151 -0.75 -88.14 -70.53
C ASP L 151 0.68 -87.62 -70.58
N LYS L 152 1.37 -87.60 -69.43
CA LYS L 152 2.76 -87.14 -69.43
C LYS L 152 3.63 -88.03 -70.30
N THR L 153 3.44 -89.35 -70.21
CA THR L 153 4.24 -90.26 -71.03
C THR L 153 3.96 -90.04 -72.51
N ARG L 154 2.69 -89.87 -72.87
CA ARG L 154 2.34 -89.64 -74.27
C ARG L 154 2.95 -88.34 -74.78
N ILE L 155 2.88 -87.28 -73.98
CA ILE L 155 3.47 -86.00 -74.39
C ILE L 155 4.97 -86.14 -74.58
N LYS L 156 5.64 -86.82 -73.64
CA LYS L 156 7.08 -87.01 -73.76
C LYS L 156 7.42 -87.80 -75.02
N LYS L 157 6.66 -88.87 -75.30
CA LYS L 157 6.92 -89.66 -76.49
C LYS L 157 6.72 -88.82 -77.75
N TYR L 158 5.65 -88.01 -77.79
CA TYR L 158 5.39 -87.18 -78.95
C TYR L 158 6.50 -86.15 -79.15
N TYR L 159 6.98 -85.55 -78.06
CA TYR L 159 8.01 -84.52 -78.17
C TYR L 159 9.41 -85.09 -78.32
N GLU L 160 9.59 -86.40 -78.15
CA GLU L 160 10.90 -87.04 -78.28
C GLU L 160 11.09 -87.65 -79.67
N THR L 161 10.20 -88.57 -80.06
CA THR L 161 10.31 -89.22 -81.36
C THR L 161 9.68 -88.42 -82.49
N SER L 162 8.60 -87.71 -82.21
CA SER L 162 7.92 -86.87 -83.20
C SER L 162 8.23 -85.39 -82.98
N LYS L 163 9.50 -85.07 -82.74
CA LYS L 163 9.93 -83.69 -82.52
C LYS L 163 9.23 -82.75 -83.49
N LEU L 164 8.66 -81.68 -82.95
CA LEU L 164 7.88 -80.72 -83.70
C LEU L 164 8.74 -79.54 -84.13
N GLU L 165 8.44 -79.01 -85.31
CA GLU L 165 9.17 -77.87 -85.86
C GLU L 165 8.57 -76.57 -85.31
N THR L 166 9.37 -75.81 -84.57
CA THR L 166 8.89 -74.58 -83.98
C THR L 166 8.67 -73.52 -85.07
N ILE L 167 7.82 -72.54 -84.74
CA ILE L 167 7.48 -71.48 -85.68
C ILE L 167 8.42 -70.29 -85.61
N VAL L 168 9.38 -70.30 -84.69
CA VAL L 168 10.32 -69.19 -84.53
C VAL L 168 11.57 -69.49 -85.34
N ASP L 169 12.21 -68.44 -85.85
CA ASP L 169 13.43 -68.58 -86.62
C ASP L 169 14.55 -69.05 -85.69
N ILE L 170 14.93 -70.33 -85.82
CA ILE L 170 15.91 -70.91 -84.89
C ILE L 170 17.26 -70.25 -85.07
N ASP L 171 17.65 -69.96 -86.32
CA ASP L 171 18.97 -69.39 -86.57
C ASP L 171 19.15 -68.05 -85.87
N LYS L 172 18.14 -67.18 -85.95
CA LYS L 172 18.20 -65.87 -85.30
C LYS L 172 17.83 -65.91 -83.83
N PHE L 173 17.24 -67.01 -83.36
CA PHE L 173 16.73 -67.07 -81.99
C PHE L 173 17.73 -67.67 -81.01
N LEU L 174 18.76 -68.37 -81.50
CA LEU L 174 19.77 -68.97 -80.63
C LEU L 174 21.18 -68.46 -80.92
N ARG L 175 21.32 -67.40 -81.70
CA ARG L 175 22.62 -66.87 -82.08
C ARG L 175 22.84 -65.43 -81.67
N ASP L 176 21.83 -64.57 -81.82
CA ASP L 176 21.99 -63.15 -81.53
C ASP L 176 21.66 -62.81 -80.08
N HIS L 177 20.52 -63.29 -79.59
CA HIS L 177 20.08 -62.95 -78.25
C HIS L 177 20.80 -63.79 -77.20
N PHE L 178 20.63 -63.41 -75.94
CA PHE L 178 21.15 -64.14 -74.79
C PHE L 178 22.67 -64.00 -74.68
N VAL L 179 23.17 -63.88 -73.45
CA VAL L 179 24.59 -63.84 -73.18
C VAL L 179 24.83 -64.48 -71.82
N PHE L 180 25.97 -65.16 -71.68
CA PHE L 180 26.29 -65.91 -70.49
C PHE L 180 27.67 -65.51 -69.97
N GLU L 181 27.81 -65.51 -68.65
CA GLU L 181 29.09 -65.21 -68.01
C GLU L 181 29.16 -65.95 -66.69
N ILE L 182 30.38 -66.30 -66.29
CA ILE L 182 30.60 -67.04 -65.06
C ILE L 182 30.50 -66.11 -63.87
N GLY L 183 29.72 -66.50 -62.87
CA GLY L 183 29.52 -65.69 -61.68
C GLY L 183 30.57 -65.93 -60.62
N LEU L 184 30.35 -65.32 -59.46
CA LEU L 184 31.26 -65.42 -58.33
C LEU L 184 30.46 -65.71 -57.06
N SER L 185 31.11 -66.35 -56.10
CA SER L 185 30.47 -66.69 -54.84
C SER L 185 30.15 -65.40 -54.08
N TYR L 186 28.86 -65.10 -53.95
CA TYR L 186 28.45 -63.84 -53.33
C TYR L 186 28.63 -63.88 -51.81
N GLU L 187 28.57 -65.07 -51.21
CA GLU L 187 28.73 -65.17 -49.77
C GLU L 187 30.06 -64.58 -49.32
N GLU L 188 31.14 -64.92 -50.03
CA GLU L 188 32.43 -64.30 -49.76
C GLU L 188 32.57 -62.94 -50.44
N LEU L 189 31.73 -62.64 -51.44
CA LEU L 189 31.83 -61.36 -52.12
C LEU L 189 31.27 -60.22 -51.27
N MET L 190 30.37 -60.49 -50.33
CA MET L 190 29.90 -59.44 -49.44
C MET L 190 31.04 -58.86 -48.63
N ASN L 191 31.95 -59.71 -48.14
CA ASN L 191 33.10 -59.22 -47.39
C ASN L 191 33.98 -58.34 -48.26
N GLU L 192 34.23 -58.75 -49.50
CA GLU L 192 35.04 -57.94 -50.40
C GLU L 192 34.37 -56.60 -50.68
N THR L 193 33.05 -56.62 -50.89
CA THR L 193 32.33 -55.38 -51.14
C THR L 193 32.43 -54.43 -49.94
N LYS L 194 32.26 -54.98 -48.73
CA LYS L 194 32.37 -54.14 -47.54
C LYS L 194 33.77 -53.58 -47.38
N ASN L 195 34.79 -54.42 -47.64
CA ASN L 195 36.17 -53.94 -47.53
C ASN L 195 36.45 -52.83 -48.54
N LEU L 196 35.98 -53.00 -49.78
CA LEU L 196 36.22 -51.98 -50.80
C LEU L 196 35.46 -50.70 -50.49
N LEU L 197 34.25 -50.82 -49.92
CA LEU L 197 33.48 -49.63 -49.58
C LEU L 197 34.21 -48.77 -48.56
N MET L 198 34.85 -49.42 -47.57
CA MET L 198 35.57 -48.70 -46.51
C MET L 198 36.95 -48.30 -47.03
N LYS L 199 36.94 -47.34 -47.96
CA LYS L 199 38.17 -46.78 -48.51
C LYS L 199 38.48 -45.41 -47.92
N GLU L 200 37.50 -44.50 -47.90
CA GLU L 200 37.67 -43.21 -47.26
C GLU L 200 37.44 -43.37 -45.75
N GLY L 201 37.31 -42.24 -45.06
CA GLY L 201 37.14 -42.28 -43.61
C GLY L 201 35.92 -43.06 -43.18
N PHE L 202 34.73 -42.53 -43.48
CA PHE L 202 33.48 -43.16 -43.05
C PHE L 202 33.54 -43.52 -41.57
N SER L 203 33.14 -44.73 -41.21
CA SER L 203 33.21 -45.18 -39.82
C SER L 203 33.27 -46.70 -39.82
N LEU L 204 33.05 -47.30 -38.64
CA LEU L 204 33.15 -48.75 -38.52
C LEU L 204 31.89 -49.45 -39.03
N GLU L 205 30.74 -49.14 -38.42
CA GLU L 205 29.49 -49.80 -38.77
C GLU L 205 28.57 -48.93 -39.63
N ASP L 206 28.90 -47.65 -39.82
CA ASP L 206 28.02 -46.78 -40.60
C ASP L 206 27.92 -47.25 -42.04
N VAL L 207 29.04 -47.69 -42.63
CA VAL L 207 29.03 -48.15 -44.02
C VAL L 207 28.11 -49.35 -44.16
N LYS L 208 28.21 -50.31 -43.23
CA LYS L 208 27.37 -51.50 -43.29
C LYS L 208 25.93 -51.20 -42.91
N ASP L 209 25.67 -50.10 -42.22
CA ASP L 209 24.33 -49.79 -41.71
C ASP L 209 23.63 -48.69 -42.49
N LEU L 210 24.32 -47.60 -42.80
CA LEU L 210 23.70 -46.41 -43.37
C LEU L 210 24.10 -46.16 -44.82
N PHE L 211 25.41 -46.07 -45.09
CA PHE L 211 25.83 -45.64 -46.42
C PHE L 211 25.49 -46.67 -47.49
N TYR L 212 25.75 -47.94 -47.22
CA TYR L 212 25.50 -48.96 -48.24
C TYR L 212 24.03 -49.07 -48.62
N PRO L 213 23.07 -49.16 -47.69
CA PRO L 213 21.67 -49.13 -48.10
C PRO L 213 21.28 -47.88 -48.85
N ASN L 214 21.83 -46.73 -48.47
CA ASN L 214 21.54 -45.49 -49.18
C ASN L 214 22.00 -45.58 -50.63
N SER L 215 23.22 -46.06 -50.84
CA SER L 215 23.73 -46.19 -52.20
C SER L 215 22.91 -47.18 -53.01
N ILE L 216 22.52 -48.30 -52.39
CA ILE L 216 21.73 -49.29 -53.10
C ILE L 216 20.38 -48.70 -53.50
N GLN L 217 19.72 -48.00 -52.57
CA GLN L 217 18.43 -47.40 -52.90
C GLN L 217 18.57 -46.34 -53.99
N TYR L 218 19.63 -45.53 -53.93
CA TYR L 218 19.85 -44.53 -54.97
C TYR L 218 20.05 -45.19 -56.33
N ILE L 219 20.84 -46.26 -56.38
CA ILE L 219 21.06 -46.96 -57.65
C ILE L 219 19.74 -47.54 -58.16
N ALA L 220 18.95 -48.13 -57.26
CA ALA L 220 17.69 -48.73 -57.68
C ALA L 220 16.73 -47.69 -58.23
N GLU L 221 16.64 -46.53 -57.57
CA GLU L 221 15.69 -45.49 -57.97
C GLU L 221 16.24 -44.55 -59.03
N LEU L 222 17.51 -44.72 -59.43
CA LEU L 222 18.08 -43.85 -60.45
C LEU L 222 17.29 -43.91 -61.76
N SER L 223 16.67 -45.06 -62.06
CA SER L 223 16.01 -45.25 -63.35
C SER L 223 14.56 -45.72 -63.19
N ILE L 224 13.91 -45.37 -62.09
CA ILE L 224 12.50 -45.73 -61.91
C ILE L 224 11.55 -44.63 -62.38
N LEU L 225 12.05 -43.43 -62.60
CA LEU L 225 11.18 -42.33 -62.98
C LEU L 225 10.61 -42.56 -64.38
N PRO L 226 9.41 -42.03 -64.66
CA PRO L 226 8.83 -42.24 -66.00
C PRO L 226 9.73 -41.74 -67.12
N GLU L 227 10.43 -40.63 -66.91
CA GLU L 227 11.30 -40.09 -67.95
C GLU L 227 12.46 -41.04 -68.21
N ALA L 228 12.77 -41.22 -69.50
CA ALA L 228 13.85 -42.12 -69.90
C ALA L 228 15.22 -41.44 -69.87
N GLU L 229 15.27 -40.12 -69.71
CA GLU L 229 16.53 -39.39 -69.68
C GLU L 229 17.09 -39.22 -68.28
N LYS L 230 16.39 -39.71 -67.26
CA LYS L 230 16.88 -39.61 -65.88
C LYS L 230 18.05 -40.53 -65.60
N ARG L 231 18.34 -41.48 -66.50
CA ARG L 231 19.43 -42.42 -66.28
C ARG L 231 20.80 -41.81 -66.60
N ILE L 232 20.85 -40.63 -67.21
CA ILE L 232 22.12 -40.04 -67.61
C ILE L 232 22.97 -39.82 -66.36
N SER L 233 24.16 -40.40 -66.35
CA SER L 233 25.10 -40.25 -65.25
C SER L 233 26.49 -39.98 -65.82
N SER L 234 27.21 -39.07 -65.16
CA SER L 234 28.54 -38.67 -65.59
C SER L 234 29.50 -38.80 -64.41
N LYS L 235 30.79 -38.56 -64.68
CA LYS L 235 31.79 -38.63 -63.62
C LYS L 235 31.49 -37.61 -62.53
N ASN L 236 31.11 -36.39 -62.92
CA ASN L 236 30.84 -35.34 -61.93
C ASN L 236 29.73 -35.76 -60.99
N LYS L 237 28.63 -36.27 -61.53
CA LYS L 237 27.52 -36.69 -60.69
C LYS L 237 27.91 -37.85 -59.79
N LEU L 238 28.67 -38.82 -60.31
CA LEU L 238 29.07 -39.96 -59.50
C LEU L 238 29.96 -39.53 -58.34
N ILE L 239 30.92 -38.64 -58.59
CA ILE L 239 31.78 -38.17 -57.51
C ILE L 239 30.98 -37.31 -56.53
N ASP L 240 30.02 -36.52 -57.04
CA ASP L 240 29.21 -35.70 -56.15
C ASP L 240 28.39 -36.57 -55.21
N TYR L 241 27.80 -37.65 -55.72
CA TYR L 241 27.04 -38.58 -54.89
C TYR L 241 27.94 -39.69 -54.34
N LEU L 242 29.07 -39.28 -53.78
CA LEU L 242 29.96 -40.17 -53.03
C LEU L 242 30.40 -39.56 -51.71
N LYS L 243 30.65 -38.24 -51.68
CA LYS L 243 31.03 -37.55 -50.45
C LYS L 243 30.38 -36.17 -50.35
N GLY L 244 29.28 -35.93 -51.06
CA GLY L 244 28.64 -34.63 -51.04
C GLY L 244 28.21 -34.23 -49.64
N ASN L 245 27.23 -34.95 -49.09
CA ASN L 245 26.81 -34.76 -47.70
C ASN L 245 27.11 -35.99 -46.87
N LYS L 246 26.58 -37.15 -47.26
CA LYS L 246 26.91 -38.43 -46.65
C LYS L 246 26.98 -38.35 -45.14
N LYS L 247 26.00 -37.71 -44.51
CA LYS L 247 25.90 -37.64 -43.06
C LYS L 247 24.69 -38.40 -42.55
N THR L 248 23.49 -38.08 -43.05
CA THR L 248 22.28 -38.83 -42.77
C THR L 248 21.60 -39.34 -44.02
N ALA L 249 21.51 -38.53 -45.07
CA ALA L 249 21.01 -38.95 -46.37
C ALA L 249 19.54 -39.34 -46.32
N MET L 250 18.88 -39.17 -45.16
CA MET L 250 17.49 -39.55 -44.99
C MET L 250 17.23 -40.95 -45.56
N SER L 251 17.91 -41.93 -44.95
CA SER L 251 17.84 -43.29 -45.46
C SER L 251 16.40 -43.78 -45.52
N ARG L 252 16.02 -44.33 -46.67
CA ARG L 252 14.67 -44.83 -46.90
C ARG L 252 14.56 -46.33 -46.72
N TRP L 253 15.60 -47.08 -47.10
CA TRP L 253 15.63 -48.53 -46.93
C TRP L 253 16.81 -48.89 -46.03
N THR L 254 16.53 -49.68 -44.99
CA THR L 254 17.55 -50.02 -44.00
C THR L 254 17.60 -51.50 -43.65
N SER L 255 16.62 -52.30 -44.04
CA SER L 255 16.62 -53.71 -43.68
C SER L 255 17.79 -54.43 -44.33
N GLU L 256 18.41 -55.33 -43.57
CA GLU L 256 19.54 -56.12 -44.02
C GLU L 256 19.24 -57.60 -43.80
N VAL L 257 20.13 -58.45 -44.32
CA VAL L 257 19.93 -59.90 -44.26
C VAL L 257 21.16 -60.58 -43.69
N LEU L 258 22.28 -59.86 -43.64
CA LEU L 258 23.53 -60.46 -43.17
C LEU L 258 23.41 -60.91 -41.72
N THR L 259 22.79 -60.09 -40.87
CA THR L 259 22.62 -60.38 -39.45
C THR L 259 21.16 -60.64 -39.10
N ARG L 260 20.37 -61.13 -40.05
CA ARG L 260 18.95 -61.40 -39.82
C ARG L 260 18.80 -62.81 -39.26
N LYS L 261 19.24 -62.97 -38.01
CA LYS L 261 19.14 -64.23 -37.29
C LYS L 261 17.77 -64.31 -36.60
N GLN L 262 16.74 -64.45 -37.42
CA GLN L 262 15.36 -64.47 -36.95
C GLN L 262 15.01 -63.20 -36.18
N LEU L 263 15.67 -62.09 -36.55
CA LEU L 263 15.46 -60.81 -35.90
C LEU L 263 16.03 -59.73 -36.79
N LEU L 264 15.72 -58.47 -36.46
CA LEU L 264 16.14 -57.32 -37.24
C LEU L 264 17.25 -56.58 -36.48
N LYS L 265 18.32 -56.27 -37.19
CA LYS L 265 19.53 -55.65 -36.64
C LYS L 265 19.73 -54.29 -37.29
N VAL L 266 20.72 -53.55 -36.80
CA VAL L 266 21.18 -52.28 -37.36
C VAL L 266 20.32 -51.14 -36.81
N ARG L 267 19.00 -51.27 -36.94
CA ARG L 267 18.06 -50.25 -36.47
C ARG L 267 17.38 -50.66 -35.17
N LYS L 268 18.12 -51.30 -34.26
CA LYS L 268 17.59 -51.73 -32.98
C LYS L 268 18.23 -50.98 -31.81
N ASN L 269 19.56 -51.02 -31.70
CA ASN L 269 20.23 -50.39 -30.58
C ASN L 269 20.18 -48.87 -30.68
N GLN L 270 20.40 -48.34 -31.88
CA GLN L 270 20.48 -46.89 -32.06
C GLN L 270 19.17 -46.18 -31.74
N LEU L 271 18.10 -46.91 -31.44
CA LEU L 271 16.88 -46.27 -30.98
C LEU L 271 17.02 -45.70 -29.58
N VAL L 272 18.00 -46.18 -28.80
CA VAL L 272 18.20 -45.63 -27.46
C VAL L 272 18.47 -44.13 -27.49
N PRO L 273 19.39 -43.62 -28.30
CA PRO L 273 19.50 -42.17 -28.46
C PRO L 273 18.22 -41.56 -29.02
N SER L 274 17.97 -40.32 -28.62
CA SER L 274 16.81 -39.57 -29.09
C SER L 274 15.51 -40.06 -28.46
N LEU L 275 15.61 -41.15 -27.70
CA LEU L 275 14.46 -41.75 -27.02
C LEU L 275 14.68 -41.86 -25.52
N ASN L 276 15.82 -42.41 -25.09
CA ASN L 276 16.10 -42.56 -23.68
C ASN L 276 16.14 -41.23 -22.95
N ILE L 277 16.38 -40.13 -23.66
CA ILE L 277 16.31 -38.82 -23.04
C ILE L 277 14.91 -38.63 -22.46
N ASN L 278 14.85 -38.05 -21.27
CA ASN L 278 13.62 -38.02 -20.49
C ASN L 278 12.63 -36.99 -20.98
N SER L 279 12.88 -36.34 -22.12
CA SER L 279 11.95 -35.36 -22.66
C SER L 279 11.78 -35.58 -24.17
N ARG L 280 11.56 -36.82 -24.57
CA ARG L 280 11.36 -37.19 -25.96
C ARG L 280 9.91 -37.60 -26.17
N SER L 281 9.28 -37.03 -27.21
CA SER L 281 7.89 -37.33 -27.53
C SER L 281 7.77 -37.90 -28.94
N ARG L 282 8.63 -38.86 -29.28
CA ARG L 282 8.59 -39.47 -30.60
C ARG L 282 7.23 -40.10 -30.84
N TYR L 283 6.69 -39.88 -32.04
CA TYR L 283 5.44 -40.48 -32.45
C TYR L 283 5.71 -41.79 -33.19
N PHE L 284 4.81 -42.76 -33.02
CA PHE L 284 4.93 -44.06 -33.67
C PHE L 284 4.00 -44.12 -34.87
N ILE L 285 4.47 -44.74 -35.95
CA ILE L 285 3.66 -44.93 -37.16
C ILE L 285 4.01 -46.30 -37.73
N ILE L 286 3.06 -47.24 -37.65
CA ILE L 286 3.22 -48.59 -38.21
C ILE L 286 1.93 -48.96 -38.91
N ASP L 287 2.01 -49.98 -39.76
CA ASP L 287 0.85 -50.44 -40.52
C ASP L 287 0.40 -51.80 -40.00
N PRO L 288 -0.73 -51.92 -39.32
CA PRO L 288 -1.17 -53.24 -38.83
C PRO L 288 -1.55 -54.20 -39.95
N ASP L 289 -1.80 -53.70 -41.16
CA ASP L 289 -2.22 -54.59 -42.24
C ASP L 289 -1.16 -55.65 -42.53
N THR L 290 0.11 -55.27 -42.50
CA THR L 290 1.19 -56.23 -42.71
C THR L 290 1.20 -57.30 -41.63
N ILE L 291 0.59 -57.04 -40.47
CA ILE L 291 0.57 -58.02 -39.39
C ILE L 291 -0.42 -59.13 -39.71
N ASP L 292 -0.09 -60.34 -39.29
CA ASP L 292 -0.94 -61.49 -39.58
C ASP L 292 -2.33 -61.31 -38.97
N ASN L 293 -2.40 -61.26 -37.64
CA ASN L 293 -3.66 -61.06 -36.93
C ASN L 293 -3.58 -59.79 -36.11
N PHE L 294 -4.54 -58.89 -36.32
CA PHE L 294 -4.58 -57.59 -35.62
C PHE L 294 -5.99 -57.39 -35.04
N ASP L 295 -6.22 -57.95 -33.86
CA ASP L 295 -7.46 -57.71 -33.12
C ASP L 295 -7.25 -57.30 -31.68
N ASP L 296 -6.38 -57.99 -30.94
CA ASP L 296 -6.06 -57.60 -29.57
C ASP L 296 -4.58 -57.67 -29.24
N GLU L 297 -3.75 -58.30 -30.08
CA GLU L 297 -2.35 -58.51 -29.73
C GLU L 297 -1.62 -57.20 -29.56
N PHE L 298 -1.88 -56.22 -30.42
CA PHE L 298 -1.18 -54.94 -30.33
C PHE L 298 -1.34 -54.32 -28.95
N ILE L 299 -2.54 -54.41 -28.37
CA ILE L 299 -2.76 -53.85 -27.05
C ILE L 299 -1.75 -54.43 -26.06
N LEU L 300 -1.52 -55.74 -26.13
CA LEU L 300 -0.53 -56.36 -25.25
C LEU L 300 0.81 -55.65 -25.37
N PHE L 301 1.27 -55.40 -26.60
CA PHE L 301 2.50 -54.64 -26.78
C PHE L 301 2.44 -53.34 -26.00
N VAL L 302 1.37 -52.56 -26.20
CA VAL L 302 1.24 -51.29 -25.51
C VAL L 302 1.60 -51.45 -24.05
N LYS L 303 1.13 -52.54 -23.43
CA LYS L 303 1.32 -52.72 -21.99
C LYS L 303 2.78 -52.56 -21.61
N ASP L 304 3.68 -53.30 -22.28
CA ASP L 304 5.09 -53.22 -21.90
C ASP L 304 5.64 -51.83 -22.16
N TYR L 305 5.25 -51.22 -23.29
CA TYR L 305 5.69 -49.86 -23.57
C TYR L 305 5.16 -48.88 -22.54
N LEU L 306 4.08 -49.23 -21.85
CA LEU L 306 3.50 -48.42 -20.80
C LEU L 306 4.19 -48.61 -19.46
N ASP L 307 5.27 -49.39 -19.40
CA ASP L 307 5.91 -49.72 -18.13
C ASP L 307 7.01 -48.73 -17.76
N LYS L 308 7.98 -48.52 -18.64
CA LYS L 308 9.20 -47.82 -18.27
C LYS L 308 9.53 -46.63 -19.16
N TYR L 309 9.20 -46.71 -20.45
CA TYR L 309 9.64 -45.69 -21.39
C TYR L 309 9.11 -44.30 -21.05
N ASN L 310 8.05 -44.22 -20.27
CA ASN L 310 7.54 -42.93 -19.80
C ASN L 310 7.27 -42.92 -18.31
N SER L 311 7.49 -44.02 -17.60
CA SER L 311 7.29 -44.07 -16.16
C SER L 311 8.50 -43.45 -15.47
N LYS L 312 8.60 -43.59 -14.15
CA LYS L 312 9.59 -42.87 -13.36
C LYS L 312 9.31 -41.36 -13.42
N ILE L 313 8.21 -40.98 -12.78
CA ILE L 313 7.67 -39.63 -12.81
C ILE L 313 8.77 -38.58 -12.68
N LYS L 314 9.72 -38.83 -11.78
CA LYS L 314 10.74 -37.83 -11.49
C LYS L 314 11.55 -37.44 -12.72
N LEU L 315 11.58 -38.29 -13.76
CA LEU L 315 12.45 -38.06 -14.91
C LEU L 315 11.67 -37.75 -16.18
N HIS L 316 10.79 -38.65 -16.63
CA HIS L 316 10.13 -38.47 -17.92
C HIS L 316 9.12 -37.33 -17.87
N THR L 317 8.95 -36.66 -19.02
CA THR L 317 8.11 -35.47 -19.10
C THR L 317 7.28 -35.37 -20.37
N GLU L 318 7.19 -36.41 -21.19
CA GLU L 318 6.51 -36.30 -22.48
C GLU L 318 5.83 -37.62 -22.84
N THR L 319 4.89 -37.54 -23.79
CA THR L 319 4.02 -38.65 -24.13
C THR L 319 4.13 -39.00 -25.61
N PRO L 320 4.35 -40.30 -25.96
CA PRO L 320 4.31 -40.71 -27.36
C PRO L 320 2.92 -41.10 -27.83
N CYS L 321 2.82 -41.58 -29.07
CA CYS L 321 1.57 -42.07 -29.65
C CYS L 321 1.82 -43.43 -30.31
N PHE L 322 0.78 -43.96 -30.96
CA PHE L 322 0.88 -45.23 -31.68
C PHE L 322 -0.09 -45.18 -32.86
N ILE L 323 0.42 -44.88 -34.05
CA ILE L 323 -0.42 -44.75 -35.23
C ILE L 323 -0.43 -46.09 -35.96
N LEU L 324 -1.63 -46.59 -36.27
CA LEU L 324 -1.80 -47.90 -36.91
C LEU L 324 -2.93 -47.78 -37.94
N LYS L 325 -2.57 -47.67 -39.21
CA LYS L 325 -3.56 -47.43 -40.26
C LYS L 325 -4.42 -48.68 -40.44
N THR L 326 -5.67 -48.60 -40.01
CA THR L 326 -6.64 -49.65 -40.27
C THR L 326 -7.87 -49.18 -41.04
N ASP L 327 -8.58 -48.17 -40.53
CA ASP L 327 -9.75 -47.60 -41.21
C ASP L 327 -10.30 -46.50 -40.32
N VAL L 328 -11.16 -45.65 -40.91
CA VAL L 328 -11.68 -44.49 -40.20
C VAL L 328 -12.53 -44.92 -39.02
N ASN L 329 -13.44 -45.88 -39.22
CA ASN L 329 -14.47 -46.19 -38.23
C ASN L 329 -14.06 -47.28 -37.26
N ASN L 330 -13.40 -48.33 -37.73
CA ASN L 330 -13.19 -49.50 -36.89
C ASN L 330 -12.24 -49.26 -35.74
N LEU L 331 -11.55 -48.12 -35.69
CA LEU L 331 -10.64 -47.88 -34.58
C LEU L 331 -11.39 -47.93 -33.25
N SER L 332 -12.60 -47.36 -33.21
CA SER L 332 -13.37 -47.37 -31.97
C SER L 332 -13.70 -48.78 -31.52
N GLU L 333 -13.62 -49.77 -32.40
CA GLU L 333 -13.84 -51.15 -31.96
C GLU L 333 -12.82 -51.55 -30.91
N TYR L 334 -11.56 -51.11 -31.08
CA TYR L 334 -10.56 -51.35 -30.05
C TYR L 334 -10.76 -50.45 -28.85
N HIS L 335 -11.50 -49.35 -28.99
CA HIS L 335 -11.67 -48.43 -27.87
C HIS L 335 -12.33 -49.11 -26.68
N LYS L 336 -13.12 -50.16 -26.92
CA LYS L 336 -13.70 -50.90 -25.81
C LYS L 336 -12.64 -51.65 -25.02
N ARG L 337 -11.65 -52.22 -25.72
CA ARG L 337 -10.66 -53.10 -25.11
C ARG L 337 -9.48 -52.35 -24.49
N PHE L 338 -9.43 -51.02 -24.61
CA PHE L 338 -8.28 -50.29 -24.09
C PHE L 338 -8.17 -50.43 -22.58
N VAL L 339 -9.31 -50.36 -21.88
CA VAL L 339 -9.34 -50.54 -20.42
C VAL L 339 -9.50 -52.04 -20.19
N SER L 340 -8.40 -52.77 -20.31
CA SER L 340 -8.40 -54.23 -20.16
C SER L 340 -7.55 -54.69 -18.99
N ARG L 341 -6.32 -54.20 -18.87
CA ARG L 341 -5.39 -54.60 -17.81
C ARG L 341 -4.87 -53.39 -17.06
N ASN L 342 -5.76 -52.45 -16.75
CA ASN L 342 -5.38 -51.21 -16.08
C ASN L 342 -4.35 -50.43 -16.89
N ILE L 343 -4.43 -50.53 -18.22
CA ILE L 343 -3.55 -49.83 -19.14
C ILE L 343 -4.39 -48.82 -19.92
N GLN L 344 -3.85 -47.62 -20.10
CA GLN L 344 -4.62 -46.51 -20.63
C GLN L 344 -3.92 -45.89 -21.83
N ILE L 345 -4.68 -45.70 -22.91
CA ILE L 345 -4.29 -44.90 -24.07
C ILE L 345 -5.55 -44.20 -24.57
N ILE L 346 -5.38 -43.37 -25.60
CA ILE L 346 -6.46 -42.55 -26.13
C ILE L 346 -6.72 -42.94 -27.57
N THR L 347 -7.99 -43.17 -27.90
CA THR L 347 -8.37 -43.61 -29.24
C THR L 347 -7.97 -42.57 -30.28
N GLY L 348 -8.24 -41.29 -30.01
CA GLY L 348 -7.85 -40.21 -30.89
C GLY L 348 -8.86 -39.84 -31.95
N TYR L 349 -9.85 -40.69 -32.21
CA TYR L 349 -10.87 -40.42 -33.23
C TYR L 349 -12.24 -40.24 -32.62
N ILE L 350 -12.75 -41.23 -31.88
CA ILE L 350 -14.06 -41.16 -31.25
C ILE L 350 -15.11 -40.84 -32.31
N GLY L 351 -14.97 -41.43 -33.50
CA GLY L 351 -15.97 -41.27 -34.53
C GLY L 351 -15.42 -41.02 -35.92
N ASP L 352 -15.99 -40.03 -36.61
CA ASP L 352 -15.67 -39.78 -38.02
C ASP L 352 -14.63 -38.69 -38.22
N THR L 353 -14.58 -37.68 -37.36
CA THR L 353 -13.61 -36.60 -37.47
C THR L 353 -12.48 -36.81 -36.47
N PHE L 354 -11.26 -36.61 -36.92
CA PHE L 354 -10.10 -36.78 -36.04
C PHE L 354 -9.93 -35.56 -35.15
N TYR L 355 -9.54 -35.82 -33.90
CA TYR L 355 -9.35 -34.79 -32.89
C TYR L 355 -7.89 -34.76 -32.47
N PHE L 356 -7.45 -33.60 -32.00
CA PHE L 356 -6.03 -33.33 -31.82
C PHE L 356 -5.63 -33.03 -30.38
N LYS L 357 -6.42 -32.26 -29.64
CA LYS L 357 -6.08 -32.00 -28.24
C LYS L 357 -5.84 -33.31 -27.49
N GLU L 358 -6.79 -34.24 -27.57
CA GLU L 358 -6.61 -35.55 -26.97
C GLU L 358 -5.42 -36.28 -27.58
N PHE L 359 -4.97 -35.86 -28.76
CA PHE L 359 -3.81 -36.44 -29.41
C PHE L 359 -2.51 -35.72 -29.09
N ASN L 360 -2.59 -34.46 -28.65
CA ASN L 360 -1.40 -33.65 -28.43
C ASN L 360 -1.31 -33.06 -27.02
N LYS L 361 -2.28 -33.34 -26.15
CA LYS L 361 -2.28 -32.73 -24.82
C LYS L 361 -1.10 -33.21 -24.00
N GLU L 362 -0.96 -32.68 -22.79
CA GLU L 362 0.13 -33.03 -21.89
C GLU L 362 -0.44 -33.51 -20.56
N PRO L 363 -0.03 -34.67 -20.06
CA PRO L 363 -0.43 -35.08 -18.72
C PRO L 363 0.41 -34.42 -17.64
N LYS L 364 -0.17 -34.30 -16.45
CA LYS L 364 0.52 -33.77 -15.30
C LYS L 364 1.06 -34.92 -14.47
N ARG L 365 2.36 -34.88 -14.18
CA ARG L 365 3.06 -35.96 -13.48
C ARG L 365 3.27 -35.57 -12.03
N ILE L 366 2.74 -36.39 -11.12
CA ILE L 366 2.81 -36.16 -9.68
C ILE L 366 3.66 -37.26 -9.06
N ILE L 367 4.60 -36.86 -8.20
CA ILE L 367 5.59 -37.82 -7.70
C ILE L 367 4.94 -38.81 -6.73
N LYS L 368 4.10 -38.32 -5.82
CA LYS L 368 3.62 -39.16 -4.72
C LYS L 368 2.62 -40.22 -5.16
N ASP L 369 2.11 -40.18 -6.40
CA ASP L 369 1.18 -41.18 -6.88
C ASP L 369 1.76 -42.09 -7.96
N ASN L 370 2.78 -41.64 -8.68
CA ASN L 370 3.44 -42.45 -9.70
C ASN L 370 2.42 -42.95 -10.74
N TRP L 371 1.60 -42.02 -11.23
CA TRP L 371 0.59 -42.35 -12.21
C TRP L 371 0.40 -41.18 -13.17
N VAL L 372 -0.08 -41.48 -14.37
CA VAL L 372 -0.37 -40.47 -15.38
C VAL L 372 -1.80 -40.67 -15.85
N GLU L 373 -2.39 -39.59 -16.35
CA GLU L 373 -3.79 -39.65 -16.77
C GLU L 373 -3.96 -40.47 -18.05
N PHE L 374 -3.02 -40.34 -18.98
CA PHE L 374 -3.01 -41.21 -20.16
C PHE L 374 -1.57 -41.35 -20.63
N LYS L 375 -1.09 -42.60 -20.66
CA LYS L 375 0.33 -42.82 -20.87
C LYS L 375 0.74 -42.57 -22.32
N ALA L 376 -0.07 -43.04 -23.27
CA ALA L 376 0.25 -42.93 -24.69
C ALA L 376 -1.03 -42.68 -25.47
N ARG L 377 -0.93 -42.72 -26.79
CA ARG L 377 -2.05 -42.46 -27.67
C ARG L 377 -2.00 -43.43 -28.85
N ILE L 378 -3.18 -43.74 -29.40
CA ILE L 378 -3.28 -44.61 -30.55
C ILE L 378 -4.07 -43.90 -31.64
N SER L 379 -3.77 -44.22 -32.89
CA SER L 379 -4.38 -43.57 -34.05
C SER L 379 -4.13 -44.46 -35.26
N CYS L 380 -4.57 -44.00 -36.42
CA CYS L 380 -4.43 -44.76 -37.66
C CYS L 380 -4.03 -43.83 -38.80
N ASN L 381 -3.00 -44.24 -39.55
CA ASN L 381 -2.45 -43.41 -40.63
C ASN L 381 -3.31 -43.59 -41.87
N SER L 382 -4.41 -42.84 -41.91
CA SER L 382 -5.29 -42.82 -43.07
C SER L 382 -4.82 -41.76 -44.06
N ASP L 383 -5.61 -41.56 -45.12
CA ASP L 383 -5.25 -40.61 -46.17
C ASP L 383 -5.12 -39.20 -45.60
N GLU L 384 -6.09 -38.79 -44.79
CA GLU L 384 -6.02 -37.49 -44.11
C GLU L 384 -5.41 -37.66 -42.72
N VAL L 385 -4.24 -38.28 -42.66
CA VAL L 385 -3.53 -38.43 -41.39
C VAL L 385 -2.05 -38.17 -41.58
N ILE L 386 -1.64 -36.94 -41.29
CA ILE L 386 -0.22 -36.54 -41.25
C ILE L 386 -0.01 -35.92 -39.87
N LYS L 387 0.68 -36.64 -38.98
CA LYS L 387 0.57 -36.35 -37.56
C LYS L 387 1.87 -36.33 -36.78
N CYS L 388 3.03 -36.57 -37.40
CA CYS L 388 4.29 -36.46 -36.67
C CYS L 388 5.32 -35.70 -37.52
N ILE L 389 4.92 -34.56 -38.07
CA ILE L 389 5.88 -33.63 -38.66
C ILE L 389 5.55 -32.24 -38.13
N ASN L 390 4.84 -32.17 -37.00
CA ASN L 390 4.35 -30.89 -36.49
C ASN L 390 4.47 -30.77 -34.98
N TYR L 391 5.08 -31.74 -34.30
CA TYR L 391 5.39 -31.66 -32.88
C TYR L 391 6.34 -32.78 -32.48
N LYS L 392 7.49 -32.43 -31.90
CA LYS L 392 8.44 -33.43 -31.43
C LYS L 392 8.50 -34.59 -32.41
N LYS L 393 8.51 -34.24 -33.70
CA LYS L 393 8.15 -35.15 -34.79
C LYS L 393 8.94 -36.46 -34.78
N CYS L 394 8.24 -37.57 -34.50
CA CYS L 394 8.77 -38.91 -34.76
C CYS L 394 10.28 -38.97 -34.58
N ASP L 395 10.76 -38.64 -33.37
CA ASP L 395 12.19 -38.40 -33.18
C ASP L 395 13.03 -39.61 -33.58
N ASP L 396 12.44 -40.81 -33.62
CA ASP L 396 12.99 -41.96 -34.35
C ASP L 396 11.83 -42.51 -35.18
N LEU L 397 11.63 -41.94 -36.37
CA LEU L 397 10.47 -42.31 -37.15
C LEU L 397 10.59 -43.74 -37.64
N TYR L 398 9.47 -44.45 -37.64
CA TYR L 398 9.38 -45.81 -38.16
C TYR L 398 8.58 -45.80 -39.44
N ILE L 399 9.11 -46.41 -40.49
CA ILE L 399 8.36 -46.75 -41.69
C ILE L 399 8.48 -48.26 -41.87
N VAL L 400 7.54 -48.99 -41.29
CA VAL L 400 7.59 -50.44 -41.22
C VAL L 400 6.69 -51.01 -42.31
N GLY L 401 7.25 -51.87 -43.15
CA GLY L 401 6.49 -52.46 -44.24
C GLY L 401 6.21 -51.45 -45.33
N GLY L 402 5.39 -50.45 -45.01
CA GLY L 402 5.09 -49.38 -45.93
C GLY L 402 4.00 -48.48 -45.41
N VAL L 403 4.19 -47.17 -45.53
CA VAL L 403 3.21 -46.19 -45.08
C VAL L 403 3.15 -45.07 -46.11
N ASP L 404 1.96 -44.50 -46.31
CA ASP L 404 1.77 -43.47 -47.31
C ASP L 404 2.62 -42.25 -46.99
N VAL L 405 3.64 -42.01 -47.83
CA VAL L 405 4.53 -40.88 -47.62
C VAL L 405 4.05 -39.62 -48.32
N SER L 406 3.12 -39.73 -49.28
CA SER L 406 2.63 -38.54 -49.96
C SER L 406 1.99 -37.59 -48.96
N LEU L 407 2.25 -36.30 -49.17
CA LEU L 407 1.78 -35.20 -48.33
C LEU L 407 2.54 -35.09 -47.02
N LEU L 408 3.50 -35.99 -46.75
CA LEU L 408 4.32 -35.89 -45.54
C LEU L 408 5.43 -34.89 -45.79
N ASP L 409 5.46 -33.81 -44.99
CA ASP L 409 6.52 -32.82 -45.12
C ASP L 409 7.88 -33.44 -44.83
N THR L 410 7.96 -34.28 -43.80
CA THR L 410 9.19 -34.97 -43.43
C THR L 410 10.34 -33.99 -43.25
N ALA L 411 10.09 -32.93 -42.49
CA ALA L 411 11.08 -31.89 -42.25
C ALA L 411 12.14 -32.44 -41.29
N ASP L 412 13.20 -33.00 -41.86
CA ASP L 412 14.29 -33.58 -41.08
C ASP L 412 13.78 -34.58 -40.06
N VAL L 413 12.85 -35.42 -40.50
CA VAL L 413 12.34 -36.53 -39.70
C VAL L 413 13.25 -37.73 -39.93
N ASN L 414 14.11 -38.02 -38.97
CA ASN L 414 14.95 -39.21 -39.08
C ASN L 414 14.08 -40.45 -39.19
N ILE L 415 14.23 -41.18 -40.29
CA ILE L 415 13.35 -42.28 -40.66
C ILE L 415 14.16 -43.57 -40.73
N GLU L 416 13.60 -44.64 -40.15
CA GLU L 416 14.19 -45.96 -40.19
C GLU L 416 13.15 -46.93 -40.76
N ASN L 417 13.59 -47.77 -41.71
CA ASN L 417 12.73 -48.76 -42.34
C ASN L 417 13.07 -50.12 -41.74
N LEU L 418 12.40 -50.45 -40.64
CA LEU L 418 12.60 -51.71 -39.92
C LEU L 418 11.33 -52.54 -40.09
N GLU L 419 11.27 -53.30 -41.17
CA GLU L 419 10.10 -54.13 -41.45
C GLU L 419 10.01 -55.26 -40.43
N ILE L 420 8.77 -55.53 -39.98
CA ILE L 420 8.51 -56.58 -39.01
C ILE L 420 7.29 -57.38 -39.45
N ASN L 421 7.17 -58.59 -38.92
CA ASN L 421 6.05 -59.46 -39.22
C ASN L 421 4.94 -59.34 -38.18
N ASN L 422 5.31 -59.33 -36.90
CA ASN L 422 4.36 -59.17 -35.80
C ASN L 422 4.94 -58.20 -34.80
N PHE L 423 4.16 -57.88 -33.76
CA PHE L 423 4.57 -56.88 -32.78
C PHE L 423 5.65 -57.41 -31.84
N ARG L 424 5.83 -58.73 -31.75
CA ARG L 424 6.89 -59.26 -30.89
C ARG L 424 8.26 -58.80 -31.39
N GLU L 425 8.44 -58.72 -32.71
CA GLU L 425 9.66 -58.15 -33.26
C GLU L 425 9.81 -56.69 -32.85
N LEU L 426 8.70 -55.96 -32.79
CA LEU L 426 8.75 -54.57 -32.34
C LEU L 426 9.20 -54.49 -30.88
N LYS L 427 8.69 -55.37 -30.04
CA LYS L 427 9.14 -55.40 -28.65
C LYS L 427 10.62 -55.71 -28.56
N TYR L 428 11.08 -56.69 -29.34
CA TYR L 428 12.51 -57.01 -29.34
C TYR L 428 13.35 -55.84 -29.79
N LEU L 429 12.89 -55.12 -30.82
CA LEU L 429 13.61 -53.94 -31.28
C LEU L 429 13.66 -52.87 -30.21
N LEU L 430 12.58 -52.70 -29.45
CA LEU L 430 12.54 -51.76 -28.34
C LEU L 430 13.25 -52.29 -27.10
N SER L 431 13.86 -53.47 -27.19
CA SER L 431 14.72 -54.02 -26.14
C SER L 431 13.93 -54.28 -24.86
N MET L 432 12.93 -55.16 -24.97
CA MET L 432 12.27 -55.74 -23.81
C MET L 432 12.43 -57.25 -23.76
N LEU L 433 12.09 -57.94 -24.85
CA LEU L 433 12.18 -59.39 -24.90
C LEU L 433 13.58 -59.83 -25.29
N LYS L 434 14.01 -60.96 -24.70
CA LYS L 434 15.36 -61.47 -24.98
C LYS L 434 15.45 -62.13 -26.35
N GLU L 435 14.33 -62.64 -26.88
CA GLU L 435 14.32 -63.34 -28.15
C GLU L 435 13.14 -62.85 -28.99
N ILE L 436 13.08 -63.32 -30.23
CA ILE L 436 12.04 -62.94 -31.18
C ILE L 436 11.67 -61.46 -31.08
#